data_2WCY
#
_entry.id   2WCY
#
_cell.length_a   1.000
_cell.length_b   1.000
_cell.length_c   1.000
_cell.angle_alpha   90.00
_cell.angle_beta   90.00
_cell.angle_gamma   90.00
#
_symmetry.space_group_name_H-M   'P 1'
#
_entity_poly.entity_id   1
_entity_poly.type   'polypeptide(L)'
_entity_poly.pdbx_seq_one_letter_code
;GSHMNPLTQAVPKCQRWEKLQNSRCVCKMPYECGPSLDVCAQDERSKRILPLTVCKMHVLHCQGRNYTLTGRDSCTLPAS
AEKACGACPLWGKCDAESSKCVCREASECEEEGFSICVEVNGKEQTMSECEAGALRCRGQSISVTSIRPCAAETQ
;
_entity_poly.pdbx_strand_id   A
#
# COMPACT_ATOMS: atom_id res chain seq x y z
N GLY A 1 37.93 21.72 8.13
CA GLY A 1 37.86 21.36 6.73
C GLY A 1 36.45 21.13 6.32
N SER A 2 36.25 20.75 5.08
CA SER A 2 34.94 20.47 4.55
C SER A 2 34.49 19.06 4.97
N HIS A 3 33.21 18.80 4.91
CA HIS A 3 32.70 17.47 5.20
C HIS A 3 33.03 16.56 4.04
N MET A 4 33.48 15.36 4.35
CA MET A 4 33.87 14.41 3.32
C MET A 4 32.62 13.80 2.72
N ASN A 5 31.62 13.72 3.54
CA ASN A 5 30.36 13.16 3.16
C ASN A 5 29.29 14.19 3.40
N PRO A 6 28.28 14.26 2.50
CA PRO A 6 27.15 15.16 2.69
C PRO A 6 26.40 14.85 3.99
N LEU A 7 25.63 15.80 4.49
CA LEU A 7 25.02 15.69 5.81
C LEU A 7 23.87 14.70 5.87
N THR A 8 24.25 13.47 6.01
CA THR A 8 23.43 12.30 6.18
C THR A 8 24.40 11.15 6.46
N GLN A 9 25.61 11.27 5.83
CA GLN A 9 26.73 10.34 5.96
C GLN A 9 26.48 8.99 5.33
N ALA A 10 25.40 8.92 4.61
CA ALA A 10 24.96 7.76 3.89
C ALA A 10 23.93 8.25 2.90
N VAL A 11 23.30 7.37 2.18
CA VAL A 11 22.28 7.78 1.23
C VAL A 11 20.97 8.05 1.98
N PRO A 12 20.39 9.25 1.85
CA PRO A 12 19.15 9.60 2.53
C PRO A 12 18.00 8.67 2.16
N LYS A 13 17.36 8.14 3.16
CA LYS A 13 16.26 7.25 2.99
C LYS A 13 14.96 8.03 2.98
N CYS A 14 14.22 7.92 1.93
CA CYS A 14 12.97 8.62 1.82
C CYS A 14 11.84 7.64 2.02
N GLN A 15 10.66 8.12 2.34
CA GLN A 15 9.54 7.25 2.57
C GLN A 15 8.98 6.68 1.28
N ARG A 16 8.03 5.79 1.41
CA ARG A 16 7.43 5.08 0.27
C ARG A 16 6.80 6.01 -0.78
N TRP A 17 6.31 7.14 -0.32
CA TRP A 17 5.63 8.11 -1.18
C TRP A 17 6.58 9.22 -1.57
N GLU A 18 7.84 9.03 -1.24
CA GLU A 18 8.84 10.03 -1.47
C GLU A 18 9.96 9.49 -2.32
N LYS A 19 10.71 10.39 -2.92
CA LYS A 19 11.86 10.08 -3.73
C LYS A 19 12.96 11.09 -3.44
N LEU A 20 14.18 10.64 -3.46
CA LEU A 20 15.32 11.48 -3.20
C LEU A 20 15.75 12.23 -4.45
N GLN A 21 15.64 13.54 -4.41
CA GLN A 21 16.12 14.40 -5.48
C GLN A 21 16.57 15.68 -4.84
N ASN A 22 17.59 16.31 -5.40
CA ASN A 22 18.06 17.63 -4.96
C ASN A 22 18.56 17.55 -3.50
N SER A 23 19.01 16.36 -3.10
CA SER A 23 19.50 16.06 -1.76
C SER A 23 18.39 16.07 -0.69
N ARG A 24 17.15 16.02 -1.12
CA ARG A 24 16.04 16.01 -0.19
C ARG A 24 15.01 14.97 -0.60
N CYS A 25 14.12 14.67 0.28
CA CYS A 25 13.07 13.74 -0.02
C CYS A 25 11.84 14.52 -0.38
N VAL A 26 11.41 14.35 -1.59
CA VAL A 26 10.24 15.00 -2.12
C VAL A 26 9.20 13.94 -2.34
N CYS A 27 8.03 14.30 -2.69
CA CYS A 27 7.02 13.31 -2.93
C CYS A 27 7.07 12.88 -4.38
N LYS A 28 6.68 11.65 -4.64
CA LYS A 28 6.61 11.18 -5.99
C LYS A 28 5.30 11.69 -6.59
N MET A 29 4.94 11.22 -7.74
CA MET A 29 3.69 11.64 -8.31
C MET A 29 2.64 10.54 -8.12
N PRO A 30 1.36 10.90 -7.88
CA PRO A 30 0.31 9.91 -7.58
C PRO A 30 -0.01 9.01 -8.78
N TYR A 31 0.32 9.48 -9.94
CA TYR A 31 0.08 8.76 -11.18
C TYR A 31 1.25 7.85 -11.51
N GLU A 32 2.22 7.84 -10.63
CA GLU A 32 3.37 7.00 -10.72
C GLU A 32 3.17 5.77 -9.87
N CYS A 33 1.96 5.64 -9.39
CA CYS A 33 1.58 4.53 -8.59
C CYS A 33 0.40 3.79 -9.14
N GLY A 34 0.26 2.60 -8.69
CA GLY A 34 -0.79 1.71 -9.05
C GLY A 34 -0.78 0.57 -8.08
N PRO A 35 0.29 -0.25 -8.10
CA PRO A 35 0.50 -1.32 -7.12
C PRO A 35 0.53 -0.78 -5.68
N SER A 36 -0.59 -0.91 -5.00
CA SER A 36 -0.81 -0.48 -3.65
C SER A 36 -2.17 -1.00 -3.19
N LEU A 37 -2.42 -0.97 -1.90
CA LEU A 37 -3.68 -1.45 -1.34
C LEU A 37 -4.82 -0.46 -1.52
N ASP A 38 -5.91 -0.94 -2.06
CA ASP A 38 -7.11 -0.14 -2.26
C ASP A 38 -7.87 0.01 -0.99
N VAL A 39 -8.17 1.26 -0.66
CA VAL A 39 -8.83 1.63 0.58
C VAL A 39 -9.94 2.68 0.33
N CYS A 40 -10.77 2.91 1.31
CA CYS A 40 -11.86 3.86 1.20
C CYS A 40 -11.52 5.13 1.96
N ALA A 41 -11.51 6.24 1.28
CA ALA A 41 -11.20 7.49 1.90
C ALA A 41 -12.29 8.49 1.61
N GLN A 42 -12.41 9.45 2.47
CA GLN A 42 -13.39 10.48 2.34
C GLN A 42 -12.72 11.77 1.91
N ASP A 43 -13.24 12.37 0.86
CA ASP A 43 -12.73 13.64 0.36
C ASP A 43 -13.19 14.75 1.29
N GLU A 44 -12.29 15.62 1.68
CA GLU A 44 -12.62 16.67 2.63
C GLU A 44 -13.50 17.80 2.08
N ARG A 45 -13.59 17.92 0.79
CA ARG A 45 -14.38 18.99 0.21
C ARG A 45 -15.72 18.46 -0.29
N SER A 46 -15.71 17.26 -0.81
CA SER A 46 -16.90 16.66 -1.35
C SER A 46 -17.62 15.80 -0.30
N LYS A 47 -16.83 15.29 0.66
CA LYS A 47 -17.32 14.41 1.72
C LYS A 47 -17.84 13.07 1.22
N ARG A 48 -17.48 12.73 0.02
CA ARG A 48 -17.85 11.48 -0.59
C ARG A 48 -16.79 10.45 -0.24
N ILE A 49 -17.19 9.21 -0.16
CA ILE A 49 -16.25 8.17 0.07
C ILE A 49 -15.79 7.70 -1.28
N LEU A 50 -14.55 7.81 -1.55
CA LEU A 50 -14.03 7.42 -2.81
C LEU A 50 -12.93 6.40 -2.61
N PRO A 51 -12.81 5.49 -3.54
CA PRO A 51 -11.78 4.49 -3.52
C PRO A 51 -10.42 5.09 -3.84
N LEU A 52 -9.54 5.01 -2.93
CA LEU A 52 -8.20 5.44 -3.12
C LEU A 52 -7.32 4.29 -2.89
N THR A 53 -6.11 4.46 -3.15
CA THR A 53 -5.19 3.41 -2.95
C THR A 53 -4.06 4.01 -2.10
N VAL A 54 -3.35 3.17 -1.34
CA VAL A 54 -2.31 3.60 -0.38
C VAL A 54 -1.32 4.63 -0.93
N CYS A 55 -0.72 4.37 -2.08
CA CYS A 55 0.25 5.31 -2.62
C CYS A 55 -0.43 6.61 -3.02
N LYS A 56 -1.58 6.49 -3.70
CA LYS A 56 -2.38 7.62 -4.14
C LYS A 56 -2.65 8.54 -2.97
N MET A 57 -3.24 7.99 -1.92
CA MET A 57 -3.54 8.72 -0.70
C MET A 57 -2.28 9.30 -0.07
N HIS A 58 -1.22 8.52 0.01
CA HIS A 58 0.00 8.99 0.71
C HIS A 58 0.68 10.13 -0.03
N VAL A 59 0.85 9.96 -1.31
CA VAL A 59 1.48 10.96 -2.15
C VAL A 59 0.65 12.22 -2.17
N LEU A 60 -0.60 12.06 -2.50
CA LEU A 60 -1.52 13.16 -2.56
C LEU A 60 -1.62 13.87 -1.19
N HIS A 61 -1.48 13.11 -0.11
CA HIS A 61 -1.55 13.64 1.24
C HIS A 61 -0.33 14.54 1.49
N CYS A 62 0.84 14.11 1.04
CA CYS A 62 2.04 14.88 1.27
C CYS A 62 2.14 16.03 0.27
N GLN A 63 1.40 15.93 -0.84
CA GLN A 63 1.30 17.02 -1.79
C GLN A 63 0.37 18.13 -1.27
N GLY A 64 -0.29 17.87 -0.16
CA GLY A 64 -1.12 18.90 0.47
C GLY A 64 -2.59 18.67 0.31
N ARG A 65 -2.97 17.46 0.02
CA ARG A 65 -4.38 17.14 -0.10
C ARG A 65 -4.83 16.48 1.18
N ASN A 66 -6.02 16.80 1.61
CA ASN A 66 -6.52 16.29 2.87
C ASN A 66 -7.61 15.29 2.62
N TYR A 67 -7.44 14.12 3.17
CA TYR A 67 -8.39 13.04 3.06
C TYR A 67 -8.49 12.32 4.35
N THR A 68 -9.65 11.93 4.67
CA THR A 68 -9.92 11.24 5.87
C THR A 68 -10.14 9.78 5.53
N LEU A 69 -9.66 8.86 6.33
CA LEU A 69 -9.91 7.49 6.02
C LEU A 69 -11.13 6.97 6.69
N THR A 70 -11.81 6.14 5.98
CA THR A 70 -13.04 5.59 6.43
C THR A 70 -12.95 4.08 6.46
N GLY A 71 -14.05 3.42 6.69
CA GLY A 71 -14.05 2.00 6.81
C GLY A 71 -13.95 1.31 5.49
N ARG A 72 -13.71 0.03 5.53
CA ARG A 72 -13.53 -0.79 4.35
C ARG A 72 -14.89 -1.09 3.69
N ASP A 73 -15.94 -0.71 4.39
CA ASP A 73 -17.32 -0.91 3.93
C ASP A 73 -17.87 0.39 3.37
N SER A 74 -17.11 1.48 3.49
CA SER A 74 -17.60 2.78 3.08
C SER A 74 -17.65 2.93 1.55
N CYS A 75 -16.78 2.24 0.86
CA CYS A 75 -16.78 2.30 -0.59
C CYS A 75 -16.62 0.89 -1.15
N THR A 76 -16.65 0.79 -2.44
CA THR A 76 -16.42 -0.45 -3.12
C THR A 76 -15.08 -0.34 -3.83
N LEU A 77 -14.20 -1.28 -3.58
CA LEU A 77 -12.91 -1.27 -4.20
C LEU A 77 -12.86 -2.22 -5.37
N PRO A 78 -12.03 -1.88 -6.36
CA PRO A 78 -11.72 -2.73 -7.52
C PRO A 78 -11.18 -4.10 -7.05
N ALA A 79 -10.31 -4.06 -6.07
CA ALA A 79 -9.79 -5.24 -5.47
C ALA A 79 -10.01 -5.17 -3.99
N SER A 80 -11.06 -5.77 -3.59
CA SER A 80 -11.42 -5.87 -2.20
C SER A 80 -11.23 -7.30 -1.71
N ALA A 81 -11.14 -8.20 -2.65
CA ALA A 81 -11.01 -9.60 -2.40
C ALA A 81 -10.14 -10.19 -3.49
N GLU A 82 -10.23 -11.49 -3.67
CA GLU A 82 -9.44 -12.20 -4.66
C GLU A 82 -9.81 -11.81 -6.10
N LYS A 83 -8.88 -12.02 -7.00
CA LYS A 83 -9.04 -11.65 -8.40
C LYS A 83 -8.96 -12.90 -9.26
N ALA A 84 -8.97 -12.74 -10.56
CA ALA A 84 -8.88 -13.86 -11.47
C ALA A 84 -7.85 -13.57 -12.54
N CYS A 85 -7.47 -14.57 -13.30
CA CYS A 85 -6.42 -14.41 -14.31
C CYS A 85 -6.90 -13.43 -15.36
N GLY A 86 -6.08 -12.48 -15.66
CA GLY A 86 -6.41 -11.46 -16.60
C GLY A 86 -6.31 -10.11 -15.95
N ALA A 87 -6.42 -10.10 -14.63
CA ALA A 87 -6.31 -8.90 -13.84
C ALA A 87 -5.81 -9.26 -12.46
N CYS A 88 -4.55 -9.03 -12.21
CA CYS A 88 -3.95 -9.38 -10.93
C CYS A 88 -3.07 -8.24 -10.42
N PRO A 89 -3.04 -8.00 -9.10
CA PRO A 89 -2.20 -6.96 -8.48
C PRO A 89 -0.72 -7.41 -8.35
N LEU A 90 -0.02 -6.90 -7.36
CA LEU A 90 1.38 -7.27 -7.13
C LEU A 90 1.53 -8.46 -6.17
N TRP A 91 0.48 -8.73 -5.43
CA TRP A 91 0.47 -9.83 -4.46
C TRP A 91 -0.28 -11.03 -5.02
N GLY A 92 -0.72 -10.91 -6.23
CA GLY A 92 -1.46 -11.95 -6.85
C GLY A 92 -1.10 -12.00 -8.28
N LYS A 93 -0.96 -13.18 -8.82
CA LYS A 93 -0.56 -13.37 -10.20
C LYS A 93 -1.32 -14.54 -10.76
N CYS A 94 -1.34 -14.65 -12.05
CA CYS A 94 -1.98 -15.78 -12.69
C CYS A 94 -1.01 -16.95 -12.57
N ASP A 95 -1.50 -18.13 -12.24
CA ASP A 95 -0.64 -19.30 -12.02
C ASP A 95 -0.34 -20.03 -13.32
N ALA A 96 0.23 -21.22 -13.22
CA ALA A 96 0.65 -21.98 -14.38
C ALA A 96 -0.54 -22.60 -15.11
N GLU A 97 -1.05 -21.85 -16.07
CA GLU A 97 -2.15 -22.24 -16.95
C GLU A 97 -3.46 -22.48 -16.17
N SER A 98 -4.26 -21.46 -16.07
CA SER A 98 -5.52 -21.52 -15.39
C SER A 98 -6.34 -20.29 -15.79
N SER A 99 -7.47 -20.10 -15.15
CA SER A 99 -8.28 -18.94 -15.35
C SER A 99 -8.36 -18.14 -14.04
N LYS A 100 -7.64 -18.60 -13.05
CA LYS A 100 -7.70 -18.02 -11.73
C LYS A 100 -6.45 -17.21 -11.45
N CYS A 101 -6.50 -16.44 -10.42
CA CYS A 101 -5.37 -15.68 -10.00
C CYS A 101 -4.97 -16.23 -8.66
N VAL A 102 -3.73 -16.51 -8.48
CA VAL A 102 -3.28 -17.07 -7.27
C VAL A 102 -2.62 -16.00 -6.45
N CYS A 103 -2.79 -16.05 -5.19
CA CYS A 103 -2.28 -15.04 -4.35
C CYS A 103 -0.98 -15.55 -3.83
N ARG A 104 0.01 -14.74 -3.94
CA ARG A 104 1.34 -15.12 -3.60
C ARG A 104 1.49 -14.92 -2.10
N GLU A 105 2.60 -15.26 -1.56
CA GLU A 105 2.82 -15.03 -0.17
C GLU A 105 3.79 -13.88 -0.01
N ALA A 106 4.14 -13.55 1.21
CA ALA A 106 4.97 -12.38 1.50
C ALA A 106 6.39 -12.57 0.96
N SER A 107 6.79 -13.81 0.79
CA SER A 107 8.11 -14.14 0.33
C SER A 107 8.29 -13.82 -1.18
N GLU A 108 7.23 -13.37 -1.86
CA GLU A 108 7.35 -13.01 -3.27
C GLU A 108 7.14 -11.54 -3.51
N CYS A 109 7.30 -10.76 -2.47
CA CYS A 109 7.17 -9.32 -2.54
C CYS A 109 8.32 -8.75 -3.38
N GLU A 110 8.00 -8.31 -4.57
CA GLU A 110 8.99 -7.81 -5.49
C GLU A 110 8.78 -6.32 -5.73
N GLU A 111 7.55 -5.93 -5.97
CA GLU A 111 7.20 -4.53 -6.19
C GLU A 111 7.40 -3.75 -4.87
N GLU A 112 7.51 -2.40 -4.96
CA GLU A 112 7.79 -1.53 -3.81
C GLU A 112 7.01 -1.93 -2.55
N GLY A 113 5.71 -1.71 -2.58
CA GLY A 113 4.88 -2.06 -1.45
C GLY A 113 5.07 -1.11 -0.28
N PHE A 114 4.03 -0.45 0.10
CA PHE A 114 4.05 0.43 1.23
C PHE A 114 4.03 -0.33 2.55
N SER A 115 4.11 0.39 3.62
CA SER A 115 4.04 -0.17 4.92
C SER A 115 2.78 0.33 5.62
N ILE A 116 1.93 -0.58 5.99
CA ILE A 116 0.66 -0.22 6.58
C ILE A 116 0.47 -0.90 7.92
N CYS A 117 -0.53 -0.47 8.61
CA CYS A 117 -0.85 -0.97 9.90
C CYS A 117 -2.07 -1.84 9.79
N VAL A 118 -1.92 -3.09 10.09
CA VAL A 118 -3.02 -3.97 10.01
C VAL A 118 -3.10 -4.82 11.27
N GLU A 119 -4.29 -4.99 11.76
CA GLU A 119 -4.52 -5.80 12.91
C GLU A 119 -4.77 -7.23 12.47
N VAL A 120 -3.78 -8.05 12.68
CA VAL A 120 -3.85 -9.42 12.39
C VAL A 120 -3.54 -10.14 13.68
N ASN A 121 -4.14 -11.26 13.88
CA ASN A 121 -3.86 -12.10 15.05
C ASN A 121 -4.24 -11.45 16.36
N GLY A 122 -4.98 -10.36 16.28
CA GLY A 122 -5.35 -9.63 17.47
C GLY A 122 -4.32 -8.58 17.82
N LYS A 123 -3.32 -8.45 16.98
CA LYS A 123 -2.27 -7.47 17.19
C LYS A 123 -2.14 -6.55 16.01
N GLU A 124 -1.66 -5.37 16.24
CA GLU A 124 -1.44 -4.45 15.17
C GLU A 124 -0.02 -4.62 14.69
N GLN A 125 0.12 -5.14 13.52
CA GLN A 125 1.41 -5.38 12.96
C GLN A 125 1.59 -4.56 11.70
N THR A 126 2.72 -3.93 11.60
CA THR A 126 3.07 -3.22 10.43
C THR A 126 3.64 -4.22 9.48
N MET A 127 3.06 -4.34 8.38
CA MET A 127 3.55 -5.22 7.39
C MET A 127 3.60 -4.52 6.09
N SER A 128 4.18 -5.14 5.13
CA SER A 128 4.31 -4.54 3.86
C SER A 128 3.03 -4.79 3.07
N GLU A 129 2.75 -3.89 2.19
CA GLU A 129 1.57 -3.88 1.35
C GLU A 129 1.42 -5.16 0.56
N CYS A 130 2.52 -5.68 0.10
CA CYS A 130 2.57 -6.93 -0.62
C CYS A 130 2.16 -8.11 0.29
N GLU A 131 2.46 -7.97 1.56
CA GLU A 131 2.18 -8.98 2.56
C GLU A 131 0.73 -8.90 2.99
N ALA A 132 0.32 -7.72 3.45
CA ALA A 132 -1.07 -7.49 3.87
C ALA A 132 -2.02 -7.77 2.71
N GLY A 133 -1.60 -7.37 1.53
CA GLY A 133 -2.37 -7.58 0.34
C GLY A 133 -2.48 -9.02 -0.01
N ALA A 134 -1.38 -9.77 0.16
CA ALA A 134 -1.37 -11.20 -0.11
C ALA A 134 -2.34 -11.88 0.82
N LEU A 135 -2.33 -11.46 2.08
CA LEU A 135 -3.23 -11.97 3.08
C LEU A 135 -4.69 -11.73 2.70
N ARG A 136 -4.99 -10.52 2.28
CA ARG A 136 -6.35 -10.16 1.92
C ARG A 136 -6.82 -10.92 0.66
N CYS A 137 -5.86 -11.31 -0.14
CA CYS A 137 -6.13 -12.06 -1.35
C CYS A 137 -6.36 -13.55 -0.99
N ARG A 138 -5.45 -14.10 -0.18
CA ARG A 138 -5.48 -15.53 0.17
C ARG A 138 -6.64 -15.90 1.06
N GLY A 139 -7.03 -15.02 1.95
CA GLY A 139 -8.13 -15.35 2.81
C GLY A 139 -7.77 -15.21 4.27
N GLN A 140 -6.59 -14.71 4.56
CA GLN A 140 -6.21 -14.42 5.92
C GLN A 140 -7.10 -13.30 6.45
N SER A 141 -7.57 -13.43 7.66
CA SER A 141 -8.41 -12.41 8.24
C SER A 141 -7.52 -11.26 8.71
N ILE A 142 -7.68 -10.11 8.09
CA ILE A 142 -6.86 -8.95 8.39
C ILE A 142 -7.75 -7.74 8.54
N SER A 143 -7.48 -6.95 9.52
CA SER A 143 -8.21 -5.75 9.73
C SER A 143 -7.30 -4.55 9.56
N VAL A 144 -7.35 -3.93 8.40
CA VAL A 144 -6.55 -2.75 8.15
C VAL A 144 -7.04 -1.60 9.02
N THR A 145 -6.18 -1.12 9.88
CA THR A 145 -6.55 -0.09 10.80
C THR A 145 -6.29 1.26 10.18
N SER A 146 -5.21 1.34 9.42
CA SER A 146 -4.80 2.57 8.79
C SER A 146 -3.78 2.29 7.69
N ILE A 147 -3.55 3.27 6.83
CA ILE A 147 -2.60 3.12 5.76
C ILE A 147 -1.22 3.65 6.17
N ARG A 148 -1.11 3.94 7.43
CA ARG A 148 0.14 4.35 8.06
C ARG A 148 0.69 3.14 8.76
N PRO A 149 1.98 3.08 9.12
CA PRO A 149 2.52 1.93 9.85
C PRO A 149 2.00 1.87 11.32
N CYS A 150 2.17 0.72 11.95
CA CYS A 150 1.77 0.54 13.35
C CYS A 150 2.99 0.85 14.20
N ALA A 151 2.78 0.96 15.48
CA ALA A 151 3.88 1.18 16.41
C ALA A 151 4.44 -0.17 16.86
N ALA A 152 4.31 -1.16 15.99
CA ALA A 152 4.81 -2.50 16.23
C ALA A 152 6.31 -2.48 16.17
N GLU A 153 6.80 -1.64 15.32
CA GLU A 153 8.20 -1.47 15.13
C GLU A 153 8.72 -0.37 16.05
N THR A 154 9.11 -0.75 17.23
CA THR A 154 9.65 0.15 18.20
C THR A 154 10.59 -0.59 19.15
N GLN A 155 11.82 -0.24 19.08
CA GLN A 155 12.84 -0.76 19.92
C GLN A 155 13.41 0.39 20.72
N GLY A 1 26.84 2.59 2.68
CA GLY A 1 26.22 1.29 2.77
C GLY A 1 26.97 0.41 3.72
N SER A 2 26.55 -0.80 3.87
CA SER A 2 27.24 -1.76 4.70
C SER A 2 28.11 -2.64 3.81
N HIS A 3 27.88 -2.52 2.56
CA HIS A 3 28.58 -3.30 1.57
C HIS A 3 29.72 -2.48 1.00
N MET A 4 30.79 -3.15 0.59
CA MET A 4 31.93 -2.46 -0.01
C MET A 4 31.59 -2.08 -1.45
N ASN A 5 30.64 -2.78 -2.01
CA ASN A 5 30.10 -2.50 -3.32
C ASN A 5 28.77 -1.80 -3.14
N PRO A 6 28.35 -0.97 -4.10
CA PRO A 6 27.08 -0.21 -4.03
C PRO A 6 25.79 -1.08 -4.13
N LEU A 7 25.81 -2.28 -3.58
CA LEU A 7 24.61 -3.12 -3.50
C LEU A 7 23.77 -2.58 -2.37
N THR A 8 22.64 -2.03 -2.74
CA THR A 8 21.82 -1.25 -1.84
C THR A 8 22.62 -0.02 -1.43
N GLN A 9 22.62 0.96 -2.30
CA GLN A 9 23.38 2.18 -2.13
C GLN A 9 22.80 2.97 -0.96
N ALA A 10 23.66 3.61 -0.20
CA ALA A 10 23.22 4.38 0.94
C ALA A 10 22.64 5.68 0.52
N VAL A 11 21.39 5.65 0.33
CA VAL A 11 20.64 6.77 0.01
C VAL A 11 19.83 7.18 1.24
N PRO A 12 19.52 8.48 1.38
CA PRO A 12 18.65 8.97 2.45
C PRO A 12 17.36 8.16 2.51
N LYS A 13 16.90 7.92 3.71
CA LYS A 13 15.77 7.06 3.90
C LYS A 13 14.48 7.81 3.72
N CYS A 14 13.88 7.56 2.60
CA CYS A 14 12.64 8.19 2.24
C CYS A 14 11.55 7.16 2.42
N GLN A 15 10.35 7.60 2.65
CA GLN A 15 9.27 6.68 2.79
C GLN A 15 8.76 6.21 1.44
N ARG A 16 7.84 5.27 1.46
CA ARG A 16 7.30 4.63 0.25
C ARG A 16 6.60 5.62 -0.72
N TRP A 17 6.10 6.72 -0.18
CA TRP A 17 5.40 7.75 -0.94
C TRP A 17 6.34 8.91 -1.20
N GLU A 18 7.59 8.69 -0.90
CA GLU A 18 8.61 9.67 -1.07
C GLU A 18 9.67 9.14 -2.00
N LYS A 19 10.50 10.00 -2.48
CA LYS A 19 11.57 9.66 -3.35
C LYS A 19 12.72 10.63 -3.14
N LEU A 20 13.88 10.26 -3.58
CA LEU A 20 15.05 11.06 -3.39
C LEU A 20 15.28 11.97 -4.57
N GLN A 21 15.48 13.23 -4.31
CA GLN A 21 15.90 14.15 -5.32
C GLN A 21 16.80 15.13 -4.66
N ASN A 22 17.82 15.57 -5.38
CA ASN A 22 18.80 16.56 -4.92
C ASN A 22 19.69 15.96 -3.84
N SER A 23 19.16 15.88 -2.67
CA SER A 23 19.85 15.35 -1.54
C SER A 23 18.84 15.06 -0.42
N ARG A 24 17.57 15.04 -0.78
CA ARG A 24 16.52 14.92 0.20
C ARG A 24 15.37 14.10 -0.33
N CYS A 25 14.49 13.79 0.54
CA CYS A 25 13.34 13.03 0.21
C CYS A 25 12.17 13.96 0.02
N VAL A 26 11.58 13.85 -1.11
CA VAL A 26 10.43 14.62 -1.50
C VAL A 26 9.33 13.64 -1.79
N CYS A 27 8.17 14.11 -2.10
CA CYS A 27 7.09 13.21 -2.34
C CYS A 27 7.05 12.75 -3.77
N LYS A 28 6.51 11.56 -3.95
CA LYS A 28 6.27 10.97 -5.24
C LYS A 28 5.07 11.72 -5.84
N MET A 29 4.63 11.37 -7.01
CA MET A 29 3.51 12.06 -7.60
C MET A 29 2.37 11.06 -7.87
N PRO A 30 1.09 11.49 -7.76
CA PRO A 30 -0.09 10.61 -7.89
C PRO A 30 -0.20 9.86 -9.24
N TYR A 31 0.17 10.53 -10.33
CA TYR A 31 0.07 9.92 -11.68
C TYR A 31 1.18 8.86 -11.85
N GLU A 32 2.13 8.93 -10.95
CA GLU A 32 3.36 8.18 -10.99
C GLU A 32 3.21 6.93 -10.08
N CYS A 33 1.99 6.72 -9.64
CA CYS A 33 1.60 5.60 -8.81
C CYS A 33 0.97 4.48 -9.65
N GLY A 34 1.09 3.26 -9.16
CA GLY A 34 0.45 2.13 -9.81
C GLY A 34 0.00 1.10 -8.78
N PRO A 35 0.82 0.06 -8.51
CA PRO A 35 0.50 -0.98 -7.51
C PRO A 35 0.33 -0.40 -6.12
N SER A 36 -0.87 -0.55 -5.56
CA SER A 36 -1.24 -0.03 -4.24
C SER A 36 -2.55 -0.67 -3.76
N LEU A 37 -2.71 -0.74 -2.46
CA LEU A 37 -3.97 -1.14 -1.82
C LEU A 37 -5.07 -0.12 -2.08
N ASP A 38 -6.20 -0.55 -2.58
CA ASP A 38 -7.32 0.35 -2.81
C ASP A 38 -8.13 0.48 -1.55
N VAL A 39 -8.50 1.70 -1.22
CA VAL A 39 -9.18 1.99 0.04
C VAL A 39 -10.33 2.99 -0.13
N CYS A 40 -11.23 3.03 0.83
CA CYS A 40 -12.34 3.97 0.80
C CYS A 40 -12.00 5.16 1.69
N ALA A 41 -11.87 6.29 1.08
CA ALA A 41 -11.51 7.47 1.80
C ALA A 41 -12.54 8.54 1.57
N GLN A 42 -12.55 9.50 2.40
CA GLN A 42 -13.45 10.60 2.30
C GLN A 42 -12.70 11.86 1.93
N ASP A 43 -13.15 12.47 0.87
CA ASP A 43 -12.61 13.74 0.40
C ASP A 43 -13.07 14.82 1.34
N GLU A 44 -12.18 15.60 1.89
CA GLU A 44 -12.57 16.61 2.88
C GLU A 44 -13.18 17.88 2.28
N ARG A 45 -13.30 17.95 0.98
CA ARG A 45 -13.92 19.07 0.35
C ARG A 45 -15.36 18.71 0.00
N SER A 46 -15.50 17.62 -0.71
CA SER A 46 -16.79 17.15 -1.18
C SER A 46 -17.50 16.27 -0.14
N LYS A 47 -16.72 15.72 0.81
CA LYS A 47 -17.19 14.86 1.90
C LYS A 47 -17.78 13.55 1.40
N ARG A 48 -17.42 13.18 0.20
CA ARG A 48 -17.89 11.95 -0.38
C ARG A 48 -16.87 10.87 -0.15
N ILE A 49 -17.32 9.65 -0.08
CA ILE A 49 -16.43 8.54 0.09
C ILE A 49 -16.03 8.08 -1.29
N LEU A 50 -14.80 8.24 -1.61
CA LEU A 50 -14.34 7.87 -2.91
C LEU A 50 -13.30 6.77 -2.79
N PRO A 51 -13.22 5.92 -3.79
CA PRO A 51 -12.23 4.88 -3.82
C PRO A 51 -10.86 5.46 -4.18
N LEU A 52 -10.01 5.44 -3.23
CA LEU A 52 -8.68 5.89 -3.41
C LEU A 52 -7.80 4.71 -3.35
N THR A 53 -6.55 4.95 -3.45
CA THR A 53 -5.62 3.92 -3.38
C THR A 53 -4.49 4.42 -2.48
N VAL A 54 -3.74 3.53 -1.88
CA VAL A 54 -2.75 3.94 -0.92
C VAL A 54 -1.61 4.78 -1.43
N CYS A 55 -1.15 4.59 -2.68
CA CYS A 55 -0.12 5.47 -3.19
C CYS A 55 -0.70 6.86 -3.29
N LYS A 56 -1.91 6.92 -3.90
CA LYS A 56 -2.68 8.15 -4.06
C LYS A 56 -2.81 8.87 -2.75
N MET A 57 -3.52 8.26 -1.81
CA MET A 57 -3.75 8.83 -0.49
C MET A 57 -2.47 9.25 0.20
N HIS A 58 -1.45 8.40 0.18
CA HIS A 58 -0.19 8.72 0.85
C HIS A 58 0.50 9.94 0.24
N VAL A 59 0.72 9.87 -1.05
CA VAL A 59 1.37 10.93 -1.80
C VAL A 59 0.58 12.22 -1.72
N LEU A 60 -0.68 12.11 -2.02
CA LEU A 60 -1.60 13.22 -1.99
C LEU A 60 -1.70 13.81 -0.58
N HIS A 61 -1.51 12.99 0.43
CA HIS A 61 -1.58 13.44 1.79
C HIS A 61 -0.33 14.26 2.11
N CYS A 62 0.82 13.88 1.57
CA CYS A 62 2.03 14.61 1.87
C CYS A 62 2.13 15.84 0.98
N GLN A 63 1.38 15.82 -0.13
CA GLN A 63 1.26 16.99 -0.99
C GLN A 63 0.52 18.10 -0.23
N GLY A 64 -0.36 17.69 0.67
CA GLY A 64 -1.08 18.64 1.51
C GLY A 64 -2.58 18.58 1.31
N ARG A 65 -3.08 17.41 0.98
CA ARG A 65 -4.51 17.23 0.79
C ARG A 65 -5.10 16.46 1.96
N ASN A 66 -6.30 16.82 2.35
CA ASN A 66 -6.94 16.19 3.48
C ASN A 66 -7.97 15.21 3.05
N TYR A 67 -7.82 14.02 3.54
CA TYR A 67 -8.74 12.95 3.31
C TYR A 67 -8.87 12.15 4.56
N THR A 68 -10.04 11.75 4.83
CA THR A 68 -10.34 10.96 5.98
C THR A 68 -10.47 9.51 5.54
N LEU A 69 -10.08 8.58 6.37
CA LEU A 69 -10.29 7.21 6.00
C LEU A 69 -11.50 6.64 6.65
N THR A 70 -12.20 5.88 5.89
CA THR A 70 -13.43 5.30 6.33
C THR A 70 -13.35 3.79 6.26
N GLY A 71 -14.47 3.13 6.44
CA GLY A 71 -14.52 1.69 6.42
C GLY A 71 -14.40 1.11 5.03
N ARG A 72 -14.52 -0.18 4.94
CA ARG A 72 -14.41 -0.89 3.67
C ARG A 72 -15.75 -0.88 2.92
N ASP A 73 -16.77 -0.50 3.62
CA ASP A 73 -18.13 -0.58 3.09
C ASP A 73 -18.63 0.76 2.57
N SER A 74 -17.99 1.83 3.01
CA SER A 74 -18.41 3.18 2.70
C SER A 74 -18.33 3.54 1.21
N CYS A 75 -17.40 2.95 0.48
CA CYS A 75 -17.33 3.24 -0.93
C CYS A 75 -17.47 1.96 -1.70
N THR A 76 -17.66 2.09 -2.96
CA THR A 76 -17.68 0.98 -3.82
C THR A 76 -16.29 0.81 -4.39
N LEU A 77 -15.58 -0.15 -3.85
CA LEU A 77 -14.22 -0.38 -4.21
C LEU A 77 -14.19 -1.25 -5.46
N PRO A 78 -13.25 -0.98 -6.40
CA PRO A 78 -13.13 -1.75 -7.64
C PRO A 78 -12.80 -3.21 -7.38
N ALA A 79 -12.03 -3.44 -6.36
CA ALA A 79 -11.63 -4.75 -5.99
C ALA A 79 -12.36 -5.16 -4.75
N SER A 80 -13.21 -6.13 -4.89
CA SER A 80 -13.96 -6.65 -3.79
C SER A 80 -14.08 -8.17 -3.91
N ALA A 81 -13.31 -8.74 -4.81
CA ALA A 81 -13.26 -10.16 -5.02
C ALA A 81 -11.90 -10.47 -5.55
N GLU A 82 -11.53 -11.73 -5.59
CA GLU A 82 -10.24 -12.10 -6.09
C GLU A 82 -10.28 -12.10 -7.60
N LYS A 83 -9.14 -12.00 -8.19
CA LYS A 83 -9.05 -11.88 -9.62
C LYS A 83 -8.70 -13.21 -10.25
N ALA A 84 -8.96 -13.31 -11.51
CA ALA A 84 -8.59 -14.44 -12.30
C ALA A 84 -7.35 -14.08 -13.07
N CYS A 85 -6.64 -15.06 -13.58
CA CYS A 85 -5.39 -14.83 -14.28
C CYS A 85 -5.65 -14.01 -15.54
N GLY A 86 -4.86 -12.98 -15.72
CA GLY A 86 -5.03 -12.10 -16.85
C GLY A 86 -5.04 -10.67 -16.38
N ALA A 87 -5.38 -10.50 -15.12
CA ALA A 87 -5.35 -9.24 -14.45
C ALA A 87 -5.29 -9.52 -12.97
N CYS A 88 -4.15 -9.39 -12.40
CA CYS A 88 -3.96 -9.67 -11.00
C CYS A 88 -3.23 -8.52 -10.34
N PRO A 89 -3.51 -8.22 -9.06
CA PRO A 89 -2.80 -7.18 -8.32
C PRO A 89 -1.38 -7.67 -7.95
N LEU A 90 -0.58 -6.79 -7.40
CA LEU A 90 0.82 -7.09 -7.05
C LEU A 90 1.03 -8.27 -6.05
N TRP A 91 -0.02 -8.65 -5.34
CA TRP A 91 0.05 -9.79 -4.41
C TRP A 91 -0.61 -11.02 -5.05
N GLY A 92 -1.09 -10.85 -6.25
CA GLY A 92 -1.75 -11.90 -6.95
C GLY A 92 -0.97 -12.26 -8.17
N LYS A 93 -0.82 -13.51 -8.43
CA LYS A 93 -0.01 -13.93 -9.54
C LYS A 93 -0.39 -15.33 -9.94
N CYS A 94 -0.52 -15.56 -11.21
CA CYS A 94 -0.83 -16.86 -11.73
C CYS A 94 0.42 -17.49 -12.30
N ASP A 95 0.35 -18.75 -12.65
CA ASP A 95 1.50 -19.47 -13.16
C ASP A 95 1.26 -19.81 -14.60
N ALA A 96 2.00 -20.79 -15.13
CA ALA A 96 1.79 -21.27 -16.49
C ALA A 96 0.39 -21.85 -16.59
N GLU A 97 -0.06 -22.40 -15.48
CA GLU A 97 -1.43 -22.80 -15.30
C GLU A 97 -2.23 -21.52 -15.00
N SER A 98 -2.80 -20.97 -16.04
CA SER A 98 -3.42 -19.69 -16.00
C SER A 98 -4.94 -19.74 -15.75
N SER A 99 -5.43 -20.86 -15.27
CA SER A 99 -6.85 -20.95 -14.96
C SER A 99 -7.20 -20.04 -13.77
N LYS A 100 -6.44 -20.12 -12.70
CA LYS A 100 -6.73 -19.30 -11.55
C LYS A 100 -5.59 -18.35 -11.26
N CYS A 101 -5.82 -17.40 -10.41
CA CYS A 101 -4.80 -16.49 -9.98
C CYS A 101 -4.70 -16.66 -8.49
N VAL A 102 -3.52 -16.87 -7.98
CA VAL A 102 -3.41 -17.15 -6.57
C VAL A 102 -2.79 -16.01 -5.82
N CYS A 103 -2.82 -16.12 -4.54
CA CYS A 103 -2.28 -15.12 -3.68
C CYS A 103 -0.90 -15.61 -3.32
N ARG A 104 0.06 -14.77 -3.45
CA ARG A 104 1.43 -15.17 -3.24
C ARG A 104 1.86 -14.98 -1.81
N GLU A 105 3.03 -15.45 -1.50
CA GLU A 105 3.57 -15.26 -0.19
C GLU A 105 4.29 -13.93 -0.15
N ALA A 106 4.64 -13.46 1.02
CA ALA A 106 5.27 -12.15 1.16
C ALA A 106 6.70 -12.18 0.62
N SER A 107 7.25 -13.38 0.53
CA SER A 107 8.59 -13.59 -0.01
C SER A 107 8.60 -13.39 -1.53
N GLU A 108 7.42 -13.42 -2.13
CA GLU A 108 7.26 -13.30 -3.57
C GLU A 108 6.95 -11.86 -3.94
N CYS A 109 7.24 -10.96 -3.03
CA CYS A 109 6.96 -9.56 -3.23
C CYS A 109 8.06 -8.93 -4.04
N GLU A 110 7.81 -8.85 -5.32
CA GLU A 110 8.72 -8.22 -6.22
C GLU A 110 8.10 -6.93 -6.69
N GLU A 111 8.00 -6.05 -5.76
CA GLU A 111 7.42 -4.74 -5.92
C GLU A 111 7.75 -4.00 -4.64
N GLU A 112 7.48 -2.72 -4.56
CA GLU A 112 7.73 -2.01 -3.32
C GLU A 112 6.75 -2.41 -2.26
N GLY A 113 5.53 -1.98 -2.41
CA GLY A 113 4.55 -2.26 -1.43
C GLY A 113 4.57 -1.22 -0.34
N PHE A 114 3.50 -0.47 -0.24
CA PHE A 114 3.39 0.53 0.80
C PHE A 114 3.32 -0.08 2.15
N SER A 115 4.12 0.40 3.01
CA SER A 115 4.12 -0.03 4.36
C SER A 115 2.89 0.53 5.08
N ILE A 116 2.07 -0.36 5.62
CA ILE A 116 0.82 0.03 6.26
C ILE A 116 0.74 -0.62 7.64
N CYS A 117 -0.22 -0.19 8.44
CA CYS A 117 -0.38 -0.71 9.77
C CYS A 117 -1.63 -1.59 9.78
N VAL A 118 -1.48 -2.82 10.18
CA VAL A 118 -2.59 -3.76 10.17
C VAL A 118 -2.65 -4.51 11.50
N GLU A 119 -3.85 -4.65 12.05
CA GLU A 119 -4.04 -5.42 13.25
C GLU A 119 -4.13 -6.88 12.88
N VAL A 120 -3.15 -7.61 13.29
CA VAL A 120 -2.98 -9.01 13.01
C VAL A 120 -2.48 -9.67 14.28
N ASN A 121 -3.11 -10.79 14.65
CA ASN A 121 -2.77 -11.56 15.87
C ASN A 121 -3.27 -10.88 17.11
N GLY A 122 -4.04 -9.82 16.93
CA GLY A 122 -4.55 -9.07 18.05
C GLY A 122 -3.70 -7.85 18.31
N LYS A 123 -2.62 -7.75 17.59
CA LYS A 123 -1.70 -6.66 17.76
C LYS A 123 -1.58 -5.92 16.45
N GLU A 124 -1.19 -4.70 16.48
CA GLU A 124 -0.98 -3.98 15.26
C GLU A 124 0.43 -4.16 14.81
N GLN A 125 0.58 -4.38 13.55
CA GLN A 125 1.85 -4.63 12.98
C GLN A 125 1.98 -3.94 11.63
N THR A 126 3.14 -3.41 11.39
CA THR A 126 3.47 -2.74 10.18
C THR A 126 3.99 -3.76 9.21
N MET A 127 3.33 -3.89 8.15
CA MET A 127 3.66 -4.85 7.16
C MET A 127 3.68 -4.21 5.81
N SER A 128 4.15 -4.92 4.85
CA SER A 128 4.21 -4.44 3.51
C SER A 128 2.87 -4.68 2.84
N GLU A 129 2.57 -3.86 1.88
CA GLU A 129 1.35 -3.92 1.08
C GLU A 129 1.16 -5.30 0.45
N CYS A 130 2.20 -5.81 -0.16
CA CYS A 130 2.17 -7.13 -0.80
C CYS A 130 1.98 -8.24 0.23
N GLU A 131 2.40 -7.96 1.44
CA GLU A 131 2.33 -8.88 2.54
C GLU A 131 0.92 -8.90 3.09
N ALA A 132 0.42 -7.72 3.44
CA ALA A 132 -0.92 -7.57 3.95
C ALA A 132 -1.93 -8.00 2.90
N GLY A 133 -1.68 -7.60 1.66
CA GLY A 133 -2.52 -7.96 0.56
C GLY A 133 -2.58 -9.44 0.35
N ALA A 134 -1.43 -10.11 0.46
CA ALA A 134 -1.35 -11.55 0.33
C ALA A 134 -2.18 -12.22 1.40
N LEU A 135 -2.04 -11.73 2.61
CA LEU A 135 -2.76 -12.22 3.77
C LEU A 135 -4.27 -12.00 3.61
N ARG A 136 -4.63 -10.83 3.10
CA ARG A 136 -6.01 -10.44 2.84
C ARG A 136 -6.61 -11.30 1.74
N CYS A 137 -5.80 -11.63 0.78
CA CYS A 137 -6.21 -12.42 -0.37
C CYS A 137 -6.45 -13.87 0.03
N ARG A 138 -5.52 -14.43 0.78
CA ARG A 138 -5.53 -15.85 1.13
C ARG A 138 -6.65 -16.24 2.11
N GLY A 139 -6.97 -15.38 3.04
CA GLY A 139 -7.96 -15.74 4.03
C GLY A 139 -7.48 -15.55 5.45
N GLN A 140 -6.28 -15.03 5.58
CA GLN A 140 -5.71 -14.74 6.89
C GLN A 140 -6.54 -13.65 7.59
N SER A 141 -6.59 -13.69 8.89
CA SER A 141 -7.30 -12.69 9.62
C SER A 141 -6.38 -11.51 9.94
N ILE A 142 -6.65 -10.41 9.26
CA ILE A 142 -5.90 -9.16 9.35
C ILE A 142 -6.94 -8.06 9.36
N SER A 143 -6.66 -6.99 10.01
CA SER A 143 -7.52 -5.87 10.02
C SER A 143 -6.72 -4.60 9.78
N VAL A 144 -6.75 -4.10 8.55
CA VAL A 144 -6.00 -2.92 8.18
C VAL A 144 -6.49 -1.71 8.99
N THR A 145 -5.69 -1.27 9.91
CA THR A 145 -6.06 -0.19 10.76
C THR A 145 -5.70 1.15 10.12
N SER A 146 -4.58 1.18 9.44
CA SER A 146 -4.14 2.39 8.80
C SER A 146 -3.39 2.08 7.51
N ILE A 147 -3.55 2.95 6.53
CA ILE A 147 -2.79 2.89 5.29
C ILE A 147 -1.40 3.44 5.56
N ARG A 148 -1.28 4.09 6.71
CA ARG A 148 -0.02 4.61 7.18
C ARG A 148 0.71 3.50 7.91
N PRO A 149 2.02 3.43 7.81
CA PRO A 149 2.80 2.44 8.54
C PRO A 149 2.88 2.84 10.01
N CYS A 150 2.88 1.88 10.89
CA CYS A 150 3.04 2.21 12.26
C CYS A 150 4.49 1.94 12.68
N ALA A 151 4.80 2.12 13.94
CA ALA A 151 6.16 1.84 14.40
C ALA A 151 6.26 0.39 14.84
N ALA A 152 5.13 -0.30 14.72
CA ALA A 152 4.97 -1.66 15.14
C ALA A 152 5.64 -2.65 14.20
N GLU A 153 6.91 -2.76 14.32
CA GLU A 153 7.66 -3.74 13.57
C GLU A 153 8.23 -4.71 14.57
N THR A 154 7.39 -5.05 15.52
CA THR A 154 7.72 -5.92 16.58
C THR A 154 7.84 -7.37 16.07
N GLN A 155 9.03 -7.73 15.73
CA GLN A 155 9.30 -9.03 15.18
C GLN A 155 10.40 -9.68 16.01
N GLY A 1 23.08 -7.79 -17.66
CA GLY A 1 22.04 -6.78 -17.77
C GLY A 1 22.63 -5.41 -17.87
N SER A 2 21.85 -4.47 -18.35
CA SER A 2 22.27 -3.11 -18.45
C SER A 2 21.95 -2.40 -17.16
N HIS A 3 22.83 -1.52 -16.73
CA HIS A 3 22.57 -0.76 -15.54
C HIS A 3 21.79 0.49 -15.91
N MET A 4 20.47 0.36 -15.89
CA MET A 4 19.59 1.46 -16.25
C MET A 4 19.65 2.51 -15.16
N ASN A 5 19.73 2.04 -13.95
CA ASN A 5 19.83 2.89 -12.82
C ASN A 5 21.28 2.88 -12.37
N PRO A 6 21.82 4.03 -11.97
CA PRO A 6 23.14 4.08 -11.37
C PRO A 6 23.06 3.55 -9.94
N LEU A 7 24.17 3.25 -9.36
CA LEU A 7 24.18 2.75 -8.01
C LEU A 7 24.19 3.90 -7.04
N THR A 8 23.31 3.85 -6.06
CA THR A 8 23.14 4.92 -5.09
C THR A 8 24.44 5.22 -4.32
N GLN A 9 24.73 6.48 -4.19
CA GLN A 9 25.85 6.92 -3.41
C GLN A 9 25.34 7.20 -2.01
N ALA A 10 25.61 6.24 -1.12
CA ALA A 10 25.13 6.22 0.26
C ALA A 10 23.63 5.90 0.29
N VAL A 11 23.08 5.77 1.47
CA VAL A 11 21.67 5.46 1.58
C VAL A 11 20.94 6.63 2.21
N PRO A 12 20.18 7.38 1.41
CA PRO A 12 19.36 8.46 1.90
C PRO A 12 17.99 7.94 2.30
N LYS A 13 17.33 8.63 3.17
CA LYS A 13 16.06 8.16 3.62
C LYS A 13 14.93 9.05 3.15
N CYS A 14 13.99 8.42 2.53
CA CYS A 14 12.76 9.03 2.14
C CYS A 14 11.68 8.15 2.58
N GLN A 15 10.54 8.70 2.89
CA GLN A 15 9.44 7.88 3.29
C GLN A 15 8.90 7.15 2.08
N ARG A 16 8.00 6.25 2.31
CA ARG A 16 7.51 5.35 1.31
C ARG A 16 6.81 6.09 0.14
N TRP A 17 6.35 7.29 0.41
CA TRP A 17 5.67 8.13 -0.55
C TRP A 17 6.58 9.28 -0.99
N GLU A 18 7.85 9.20 -0.63
CA GLU A 18 8.81 10.21 -1.00
C GLU A 18 9.89 9.60 -1.86
N LYS A 19 10.55 10.43 -2.62
CA LYS A 19 11.58 9.99 -3.53
C LYS A 19 12.73 10.96 -3.54
N LEU A 20 13.86 10.47 -3.94
CA LEU A 20 15.05 11.25 -4.09
C LEU A 20 15.15 11.66 -5.55
N GLN A 21 14.97 12.92 -5.82
CA GLN A 21 15.12 13.44 -7.16
C GLN A 21 15.73 14.79 -7.01
N ASN A 22 16.52 15.21 -7.98
CA ASN A 22 17.17 16.54 -7.96
C ASN A 22 18.15 16.60 -6.75
N SER A 23 18.58 15.41 -6.31
CA SER A 23 19.47 15.23 -5.15
C SER A 23 18.78 15.68 -3.83
N ARG A 24 17.45 15.70 -3.84
CA ARG A 24 16.67 16.09 -2.68
C ARG A 24 15.51 15.15 -2.51
N CYS A 25 14.87 15.18 -1.38
CA CYS A 25 13.77 14.30 -1.13
C CYS A 25 12.46 15.05 -1.21
N VAL A 26 11.63 14.65 -2.13
CA VAL A 26 10.33 15.27 -2.36
C VAL A 26 9.27 14.20 -2.26
N CYS A 27 8.01 14.56 -2.37
CA CYS A 27 6.96 13.56 -2.30
C CYS A 27 6.79 13.07 -3.72
N LYS A 28 6.40 11.81 -3.88
CA LYS A 28 6.16 11.25 -5.20
C LYS A 28 4.94 11.91 -5.85
N MET A 29 4.57 11.46 -7.03
CA MET A 29 3.42 12.01 -7.69
C MET A 29 2.32 10.96 -7.74
N PRO A 30 1.05 11.35 -7.54
CA PRO A 30 -0.07 10.40 -7.37
C PRO A 30 -0.33 9.49 -8.58
N TYR A 31 0.06 9.94 -9.76
CA TYR A 31 -0.14 9.15 -10.97
C TYR A 31 0.92 8.06 -11.08
N GLU A 32 2.01 8.26 -10.35
CA GLU A 32 3.15 7.36 -10.37
C GLU A 32 2.93 6.23 -9.34
N CYS A 33 1.77 6.25 -8.74
CA CYS A 33 1.39 5.24 -7.80
C CYS A 33 0.61 4.15 -8.48
N GLY A 34 1.25 3.02 -8.61
CA GLY A 34 0.63 1.86 -9.16
C GLY A 34 0.44 0.81 -8.08
N PRO A 35 1.51 0.19 -7.59
CA PRO A 35 1.45 -0.82 -6.51
C PRO A 35 0.97 -0.22 -5.18
N SER A 36 -0.22 -0.65 -4.71
CA SER A 36 -0.81 -0.27 -3.42
C SER A 36 -2.06 -1.06 -3.07
N LEU A 37 -2.35 -1.13 -1.78
CA LEU A 37 -3.63 -1.59 -1.31
C LEU A 37 -4.65 -0.54 -1.58
N ASP A 38 -5.75 -0.92 -2.17
CA ASP A 38 -6.85 0.01 -2.35
C ASP A 38 -7.52 0.18 -1.01
N VAL A 39 -7.90 1.39 -0.73
CA VAL A 39 -8.56 1.75 0.52
C VAL A 39 -9.64 2.80 0.27
N CYS A 40 -10.60 2.88 1.14
CA CYS A 40 -11.65 3.88 1.01
C CYS A 40 -11.32 5.04 1.91
N ALA A 41 -11.20 6.19 1.32
CA ALA A 41 -10.91 7.39 2.04
C ALA A 41 -12.01 8.37 1.77
N GLN A 42 -12.13 9.34 2.60
CA GLN A 42 -13.12 10.35 2.41
C GLN A 42 -12.45 11.62 2.00
N ASP A 43 -12.94 12.18 0.95
CA ASP A 43 -12.46 13.44 0.46
C ASP A 43 -13.08 14.53 1.29
N GLU A 44 -12.28 15.42 1.83
CA GLU A 44 -12.82 16.50 2.64
C GLU A 44 -13.37 17.63 1.79
N ARG A 45 -13.06 17.60 0.50
CA ARG A 45 -13.55 18.60 -0.40
C ARG A 45 -15.00 18.33 -0.78
N SER A 46 -15.28 17.12 -1.20
CA SER A 46 -16.62 16.75 -1.64
C SER A 46 -17.37 15.95 -0.56
N LYS A 47 -16.63 15.56 0.49
CA LYS A 47 -17.15 14.76 1.63
C LYS A 47 -17.63 13.36 1.23
N ARG A 48 -17.06 12.84 0.15
CA ARG A 48 -17.47 11.53 -0.36
C ARG A 48 -16.43 10.50 -0.05
N ILE A 49 -16.86 9.26 0.06
CA ILE A 49 -15.94 8.17 0.26
C ILE A 49 -15.49 7.68 -1.10
N LEU A 50 -14.23 7.75 -1.37
CA LEU A 50 -13.73 7.32 -2.64
C LEU A 50 -12.58 6.33 -2.46
N PRO A 51 -12.49 5.39 -3.36
CA PRO A 51 -11.42 4.42 -3.39
C PRO A 51 -10.09 5.06 -3.83
N LEU A 52 -9.14 5.00 -2.96
CA LEU A 52 -7.81 5.46 -3.21
C LEU A 52 -6.89 4.31 -2.96
N THR A 53 -5.65 4.54 -3.06
CA THR A 53 -4.69 3.55 -2.75
C THR A 53 -3.73 4.11 -1.75
N VAL A 54 -3.01 3.26 -1.07
CA VAL A 54 -2.09 3.71 -0.06
C VAL A 54 -0.95 4.61 -0.57
N CYS A 55 -0.32 4.26 -1.70
CA CYS A 55 0.68 5.16 -2.31
C CYS A 55 0.01 6.43 -2.67
N LYS A 56 -1.18 6.32 -3.29
CA LYS A 56 -1.89 7.44 -3.80
C LYS A 56 -2.21 8.37 -2.67
N MET A 57 -2.97 7.90 -1.67
CA MET A 57 -3.36 8.69 -0.47
C MET A 57 -2.15 9.29 0.26
N HIS A 58 -1.06 8.55 0.38
CA HIS A 58 0.10 9.10 1.11
C HIS A 58 0.76 10.21 0.32
N VAL A 59 0.86 10.02 -0.97
CA VAL A 59 1.39 11.02 -1.84
C VAL A 59 0.41 12.21 -1.92
N LEU A 60 -0.84 11.87 -2.05
CA LEU A 60 -2.03 12.74 -2.01
C LEU A 60 -1.95 13.63 -0.76
N HIS A 61 -1.64 13.02 0.35
CA HIS A 61 -1.55 13.69 1.62
C HIS A 61 -0.26 14.51 1.69
N CYS A 62 0.79 14.03 1.03
CA CYS A 62 2.10 14.71 1.04
C CYS A 62 2.03 15.92 0.13
N GLN A 63 1.07 15.90 -0.81
CA GLN A 63 0.80 17.02 -1.70
C GLN A 63 -0.01 18.09 -0.95
N GLY A 64 -0.55 17.73 0.20
CA GLY A 64 -1.28 18.67 1.01
C GLY A 64 -2.79 18.60 0.83
N ARG A 65 -3.32 17.44 0.52
CA ARG A 65 -4.77 17.30 0.41
C ARG A 65 -5.35 16.77 1.71
N ASN A 66 -6.58 17.17 2.03
CA ASN A 66 -7.23 16.66 3.24
C ASN A 66 -8.15 15.53 2.90
N TYR A 67 -7.77 14.37 3.32
CA TYR A 67 -8.54 13.16 3.14
C TYR A 67 -8.57 12.41 4.42
N THR A 68 -9.70 11.87 4.69
CA THR A 68 -9.93 11.17 5.92
C THR A 68 -9.94 9.66 5.68
N LEU A 69 -9.28 8.92 6.52
CA LEU A 69 -9.31 7.47 6.45
C LEU A 69 -10.57 6.99 7.16
N THR A 70 -11.53 6.56 6.40
CA THR A 70 -12.78 6.11 6.94
C THR A 70 -12.80 4.62 7.16
N GLY A 71 -12.58 3.91 6.11
CA GLY A 71 -12.55 2.47 6.18
C GLY A 71 -12.99 1.85 4.90
N ARG A 72 -12.55 0.63 4.63
CA ARG A 72 -12.84 -0.05 3.37
C ARG A 72 -14.33 -0.35 3.19
N ASP A 73 -15.05 -0.41 4.29
CA ASP A 73 -16.46 -0.75 4.26
C ASP A 73 -17.30 0.45 3.80
N SER A 74 -16.65 1.61 3.75
CA SER A 74 -17.31 2.83 3.38
C SER A 74 -17.51 2.99 1.85
N CYS A 75 -16.73 2.28 1.04
CA CYS A 75 -16.91 2.38 -0.42
C CYS A 75 -16.77 1.00 -1.04
N THR A 76 -16.89 0.93 -2.36
CA THR A 76 -16.69 -0.28 -3.07
C THR A 76 -15.22 -0.35 -3.43
N LEU A 77 -14.55 -1.32 -2.89
CA LEU A 77 -13.15 -1.41 -3.06
C LEU A 77 -12.78 -2.58 -3.98
N PRO A 78 -11.97 -2.31 -5.01
CA PRO A 78 -11.55 -3.33 -5.96
C PRO A 78 -10.63 -4.39 -5.32
N ALA A 79 -9.47 -3.98 -4.84
CA ALA A 79 -8.55 -4.92 -4.24
C ALA A 79 -8.89 -5.14 -2.81
N SER A 80 -9.69 -6.12 -2.61
CA SER A 80 -10.14 -6.50 -1.32
C SER A 80 -9.92 -7.99 -1.10
N ALA A 81 -10.39 -8.77 -2.05
CA ALA A 81 -10.33 -10.21 -1.93
C ALA A 81 -9.67 -10.81 -3.17
N GLU A 82 -10.01 -12.07 -3.44
CA GLU A 82 -9.48 -12.88 -4.54
C GLU A 82 -9.61 -12.22 -5.91
N LYS A 83 -8.78 -12.68 -6.84
CA LYS A 83 -8.73 -12.17 -8.18
C LYS A 83 -8.57 -13.32 -9.17
N ALA A 84 -9.25 -13.22 -10.28
CA ALA A 84 -9.18 -14.21 -11.32
C ALA A 84 -8.11 -13.81 -12.31
N CYS A 85 -7.64 -14.74 -13.11
CA CYS A 85 -6.60 -14.45 -14.08
C CYS A 85 -7.12 -13.48 -15.12
N GLY A 86 -6.47 -12.34 -15.19
CA GLY A 86 -6.88 -11.32 -16.09
C GLY A 86 -6.95 -9.99 -15.39
N ALA A 87 -7.11 -10.06 -14.09
CA ALA A 87 -7.09 -8.89 -13.25
C ALA A 87 -6.25 -9.22 -12.04
N CYS A 88 -5.05 -8.76 -12.02
CA CYS A 88 -4.14 -9.12 -10.97
C CYS A 88 -3.41 -7.90 -10.41
N PRO A 89 -3.49 -7.70 -9.08
CA PRO A 89 -2.75 -6.63 -8.40
C PRO A 89 -1.26 -7.00 -8.35
N LEU A 90 -0.46 -6.20 -7.72
CA LEU A 90 0.98 -6.47 -7.67
C LEU A 90 1.35 -7.76 -6.90
N TRP A 91 0.56 -8.09 -5.88
CA TRP A 91 0.77 -9.32 -5.09
C TRP A 91 0.10 -10.52 -5.77
N GLY A 92 -0.44 -10.30 -6.94
CA GLY A 92 -1.09 -11.31 -7.67
C GLY A 92 -0.45 -11.48 -9.01
N LYS A 93 -0.34 -12.68 -9.46
CA LYS A 93 0.23 -12.99 -10.76
C LYS A 93 -0.51 -14.12 -11.36
N CYS A 94 -0.57 -14.16 -12.64
CA CYS A 94 -1.22 -15.25 -13.27
C CYS A 94 -0.19 -16.15 -13.89
N ASP A 95 0.33 -17.05 -13.09
CA ASP A 95 1.28 -18.01 -13.56
C ASP A 95 0.54 -19.23 -14.03
N ALA A 96 0.05 -19.14 -15.28
CA ALA A 96 -0.72 -20.19 -16.00
C ALA A 96 -1.47 -21.15 -15.09
N GLU A 97 -2.59 -20.72 -14.60
CA GLU A 97 -3.38 -21.54 -13.71
C GLU A 97 -4.45 -22.20 -14.54
N SER A 98 -5.52 -21.46 -14.79
CA SER A 98 -6.64 -21.88 -15.58
C SER A 98 -7.73 -20.85 -15.41
N SER A 99 -8.06 -20.57 -14.17
CA SER A 99 -9.14 -19.69 -13.87
C SER A 99 -8.69 -18.54 -12.96
N LYS A 100 -8.02 -18.88 -11.88
CA LYS A 100 -7.70 -17.88 -10.89
C LYS A 100 -6.36 -17.23 -11.15
N CYS A 101 -6.12 -16.19 -10.41
CA CYS A 101 -4.86 -15.53 -10.37
C CYS A 101 -4.25 -15.99 -9.07
N VAL A 102 -2.95 -16.09 -8.98
CA VAL A 102 -2.38 -16.61 -7.78
C VAL A 102 -1.83 -15.49 -6.94
N CYS A 103 -1.99 -15.63 -5.68
CA CYS A 103 -1.56 -14.64 -4.77
C CYS A 103 -0.21 -15.07 -4.26
N ARG A 104 0.70 -14.15 -4.20
CA ARG A 104 2.04 -14.45 -3.77
C ARG A 104 2.14 -14.57 -2.28
N GLU A 105 3.32 -14.91 -1.85
CA GLU A 105 3.66 -14.97 -0.47
C GLU A 105 4.27 -13.64 -0.07
N ALA A 106 4.44 -13.45 1.21
CA ALA A 106 4.89 -12.17 1.74
C ALA A 106 6.37 -11.93 1.47
N SER A 107 7.08 -12.94 1.04
CA SER A 107 8.49 -12.81 0.80
C SER A 107 8.81 -12.63 -0.68
N GLU A 108 7.80 -12.54 -1.53
CA GLU A 108 8.04 -12.37 -2.96
C GLU A 108 7.57 -10.97 -3.39
N CYS A 109 7.90 -10.00 -2.59
CA CYS A 109 7.57 -8.64 -2.86
C CYS A 109 8.73 -8.01 -3.64
N GLU A 110 8.48 -7.64 -4.87
CA GLU A 110 9.53 -7.13 -5.75
C GLU A 110 9.33 -5.65 -6.03
N GLU A 111 8.18 -5.17 -5.68
CA GLU A 111 7.83 -3.79 -5.85
C GLU A 111 8.10 -2.99 -4.58
N GLU A 112 7.67 -1.73 -4.57
CA GLU A 112 7.87 -0.84 -3.42
C GLU A 112 7.18 -1.40 -2.18
N GLY A 113 5.87 -1.50 -2.25
CA GLY A 113 5.12 -2.05 -1.15
C GLY A 113 5.02 -1.14 0.05
N PHE A 114 3.94 -0.41 0.16
CA PHE A 114 3.72 0.45 1.30
C PHE A 114 3.53 -0.31 2.58
N SER A 115 4.29 0.05 3.58
CA SER A 115 4.19 -0.64 4.85
C SER A 115 3.07 0.03 5.68
N ILE A 116 2.03 -0.74 5.95
CA ILE A 116 0.82 -0.24 6.59
C ILE A 116 0.50 -1.05 7.85
N CYS A 117 -0.57 -0.71 8.50
CA CYS A 117 -0.97 -1.35 9.73
C CYS A 117 -2.24 -2.15 9.50
N VAL A 118 -2.18 -3.41 9.82
CA VAL A 118 -3.30 -4.27 9.59
C VAL A 118 -3.68 -4.98 10.88
N GLU A 119 -4.96 -4.98 11.18
CA GLU A 119 -5.46 -5.64 12.33
C GLU A 119 -5.65 -7.10 12.00
N VAL A 120 -4.99 -7.91 12.75
CA VAL A 120 -5.02 -9.31 12.60
C VAL A 120 -5.10 -9.91 13.97
N ASN A 121 -6.12 -10.75 14.18
CA ASN A 121 -6.31 -11.45 15.46
C ASN A 121 -6.69 -10.47 16.57
N GLY A 122 -7.06 -9.27 16.17
CA GLY A 122 -7.41 -8.24 17.12
C GLY A 122 -6.22 -7.34 17.41
N LYS A 123 -5.09 -7.72 16.91
CA LYS A 123 -3.85 -6.98 17.10
C LYS A 123 -3.57 -6.19 15.85
N GLU A 124 -2.86 -5.13 15.96
CA GLU A 124 -2.51 -4.36 14.78
C GLU A 124 -1.04 -4.48 14.48
N GLN A 125 -0.74 -5.20 13.44
CA GLN A 125 0.61 -5.47 13.04
C GLN A 125 0.93 -4.79 11.73
N THR A 126 2.10 -4.24 11.65
CA THR A 126 2.57 -3.57 10.47
C THR A 126 2.97 -4.62 9.43
N MET A 127 2.46 -4.47 8.23
CA MET A 127 2.74 -5.38 7.17
C MET A 127 3.15 -4.60 5.98
N SER A 128 3.79 -5.25 5.07
CA SER A 128 4.10 -4.65 3.83
C SER A 128 2.85 -4.77 2.96
N GLU A 129 2.70 -3.88 2.04
CA GLU A 129 1.57 -3.83 1.11
C GLU A 129 1.38 -5.18 0.43
N CYS A 130 2.43 -5.62 -0.20
CA CYS A 130 2.48 -6.88 -0.89
C CYS A 130 2.21 -8.05 0.07
N GLU A 131 2.57 -7.87 1.33
CA GLU A 131 2.32 -8.86 2.37
C GLU A 131 0.83 -8.86 2.76
N ALA A 132 0.36 -7.73 3.31
CA ALA A 132 -1.02 -7.57 3.72
C ALA A 132 -1.99 -7.94 2.60
N GLY A 133 -1.65 -7.51 1.40
CA GLY A 133 -2.45 -7.82 0.24
C GLY A 133 -2.41 -9.27 -0.11
N ALA A 134 -1.24 -9.88 0.04
CA ALA A 134 -1.09 -11.31 -0.22
C ALA A 134 -1.98 -12.08 0.72
N LEU A 135 -1.96 -11.72 1.99
CA LEU A 135 -2.79 -12.37 2.99
C LEU A 135 -4.30 -12.25 2.66
N ARG A 136 -4.76 -11.06 2.22
CA ARG A 136 -6.18 -10.85 1.87
C ARG A 136 -6.57 -11.48 0.56
N CYS A 137 -5.58 -11.85 -0.20
CA CYS A 137 -5.81 -12.47 -1.49
C CYS A 137 -5.83 -13.98 -1.26
N ARG A 138 -4.90 -14.42 -0.44
CA ARG A 138 -4.71 -15.79 -0.07
C ARG A 138 -5.90 -16.34 0.73
N GLY A 139 -6.38 -15.59 1.71
CA GLY A 139 -7.49 -16.07 2.48
C GLY A 139 -7.30 -15.94 3.98
N GLN A 140 -6.30 -15.22 4.40
CA GLN A 140 -6.08 -14.96 5.80
C GLN A 140 -7.08 -13.89 6.25
N SER A 141 -7.50 -13.95 7.48
CA SER A 141 -8.41 -12.97 7.99
C SER A 141 -7.61 -11.81 8.56
N ILE A 142 -7.67 -10.69 7.87
CA ILE A 142 -7.00 -9.47 8.29
C ILE A 142 -7.88 -8.29 7.98
N SER A 143 -7.64 -7.23 8.64
CA SER A 143 -8.33 -6.02 8.42
C SER A 143 -7.33 -4.90 8.26
N VAL A 144 -7.16 -4.41 7.05
CA VAL A 144 -6.30 -3.26 6.87
C VAL A 144 -7.02 -2.09 7.50
N THR A 145 -6.58 -1.72 8.66
CA THR A 145 -7.22 -0.70 9.42
C THR A 145 -6.67 0.65 9.10
N SER A 146 -5.46 0.69 8.63
CA SER A 146 -4.86 1.94 8.32
C SER A 146 -3.77 1.81 7.30
N ILE A 147 -3.57 2.88 6.57
CA ILE A 147 -2.53 2.95 5.57
C ILE A 147 -1.23 3.49 6.18
N ARG A 148 -1.22 3.62 7.49
CA ARG A 148 -0.06 4.11 8.22
C ARG A 148 0.55 2.91 8.91
N PRO A 149 1.86 2.82 9.04
CA PRO A 149 2.49 1.71 9.76
C PRO A 149 2.32 1.86 11.28
N CYS A 150 2.12 0.77 11.96
CA CYS A 150 2.00 0.79 13.41
C CYS A 150 3.34 0.50 14.06
N ALA A 151 3.37 0.40 15.39
CA ALA A 151 4.59 0.17 16.13
C ALA A 151 5.09 -1.27 15.97
N ALA A 152 4.21 -2.17 15.65
CA ALA A 152 4.55 -3.56 15.45
C ALA A 152 5.25 -3.78 14.10
N GLU A 153 6.46 -3.26 13.98
CA GLU A 153 7.23 -3.35 12.75
C GLU A 153 8.25 -4.47 12.85
N THR A 154 7.74 -5.70 12.84
CA THR A 154 8.55 -6.90 12.93
C THR A 154 9.33 -6.89 14.27
N GLN A 155 8.62 -6.65 15.33
CA GLN A 155 9.21 -6.61 16.65
C GLN A 155 8.50 -7.62 17.51
N GLY A 1 20.84 -14.31 -8.67
CA GLY A 1 21.23 -14.66 -7.32
C GLY A 1 22.66 -14.28 -7.04
N SER A 2 22.89 -13.03 -6.76
CA SER A 2 24.20 -12.56 -6.45
C SER A 2 24.22 -11.87 -5.10
N HIS A 3 24.69 -12.59 -4.11
CA HIS A 3 24.74 -12.10 -2.75
C HIS A 3 25.96 -12.67 -2.04
N MET A 4 27.00 -12.96 -2.82
CA MET A 4 28.27 -13.49 -2.29
C MET A 4 28.90 -12.45 -1.40
N ASN A 5 28.89 -11.23 -1.88
CA ASN A 5 29.40 -10.12 -1.12
C ASN A 5 28.21 -9.31 -0.63
N PRO A 6 28.25 -8.84 0.63
CA PRO A 6 27.20 -7.97 1.17
C PRO A 6 27.10 -6.69 0.34
N LEU A 7 26.05 -6.57 -0.41
CA LEU A 7 25.87 -5.46 -1.29
C LEU A 7 25.39 -4.25 -0.53
N THR A 8 26.13 -3.19 -0.64
CA THR A 8 25.80 -1.96 -0.01
C THR A 8 24.78 -1.19 -0.83
N GLN A 9 23.52 -1.36 -0.51
CA GLN A 9 22.47 -0.69 -1.21
C GLN A 9 22.11 0.58 -0.45
N ALA A 10 22.46 1.70 -1.03
CA ALA A 10 22.15 2.97 -0.43
C ALA A 10 20.81 3.42 -0.92
N VAL A 11 19.82 3.18 -0.11
CA VAL A 11 18.47 3.53 -0.42
C VAL A 11 18.29 4.99 -0.04
N PRO A 12 17.80 5.83 -0.98
CA PRO A 12 17.52 7.23 -0.70
C PRO A 12 16.59 7.34 0.49
N LYS A 13 16.84 8.27 1.38
CA LYS A 13 16.08 8.32 2.60
C LYS A 13 14.75 9.00 2.42
N CYS A 14 13.88 8.27 1.82
CA CYS A 14 12.56 8.66 1.52
C CYS A 14 11.67 7.50 1.79
N GLN A 15 10.46 7.79 2.15
CA GLN A 15 9.51 6.76 2.36
C GLN A 15 8.89 6.36 1.03
N ARG A 16 7.97 5.45 1.06
CA ARG A 16 7.37 4.87 -0.15
C ARG A 16 6.66 5.89 -1.06
N TRP A 17 6.20 6.97 -0.47
CA TRP A 17 5.50 8.02 -1.17
C TRP A 17 6.44 9.19 -1.49
N GLU A 18 7.69 9.02 -1.16
CA GLU A 18 8.66 10.05 -1.34
C GLU A 18 9.76 9.58 -2.28
N LYS A 19 10.46 10.52 -2.84
CA LYS A 19 11.55 10.24 -3.75
C LYS A 19 12.64 11.27 -3.61
N LEU A 20 13.81 10.89 -4.03
CA LEU A 20 14.96 11.74 -3.94
C LEU A 20 15.19 12.43 -5.27
N GLN A 21 15.05 13.72 -5.29
CA GLN A 21 15.35 14.51 -6.47
C GLN A 21 16.02 15.74 -5.98
N ASN A 22 16.94 16.29 -6.75
CA ASN A 22 17.61 17.56 -6.43
C ASN A 22 18.43 17.39 -5.13
N SER A 23 18.71 16.12 -4.81
CA SER A 23 19.40 15.70 -3.60
C SER A 23 18.61 16.04 -2.31
N ARG A 24 17.30 16.17 -2.46
CA ARG A 24 16.42 16.39 -1.34
C ARG A 24 15.26 15.40 -1.45
N CYS A 25 14.56 15.19 -0.39
CA CYS A 25 13.46 14.27 -0.45
C CYS A 25 12.16 15.03 -0.60
N VAL A 26 11.37 14.61 -1.53
CA VAL A 26 10.08 15.21 -1.84
C VAL A 26 9.09 14.09 -2.08
N CYS A 27 7.86 14.41 -2.31
CA CYS A 27 6.89 13.39 -2.58
C CYS A 27 6.85 13.10 -4.06
N LYS A 28 6.56 11.87 -4.39
CA LYS A 28 6.45 11.45 -5.78
C LYS A 28 5.11 11.96 -6.33
N MET A 29 4.82 11.69 -7.55
CA MET A 29 3.56 12.12 -8.10
C MET A 29 2.58 10.95 -8.17
N PRO A 30 1.27 11.20 -7.91
CA PRO A 30 0.24 10.14 -7.84
C PRO A 30 0.01 9.42 -9.18
N TYR A 31 0.50 10.01 -10.25
CA TYR A 31 0.34 9.41 -11.56
C TYR A 31 1.52 8.50 -11.85
N GLU A 32 2.47 8.50 -10.95
CA GLU A 32 3.62 7.64 -11.03
C GLU A 32 3.49 6.55 -9.99
N CYS A 33 2.30 6.43 -9.50
CA CYS A 33 1.94 5.47 -8.51
C CYS A 33 1.37 4.24 -9.21
N GLY A 34 1.58 3.07 -8.64
CA GLY A 34 1.10 1.85 -9.24
C GLY A 34 0.78 0.80 -8.20
N PRO A 35 1.78 0.02 -7.77
CA PRO A 35 1.59 -1.01 -6.73
C PRO A 35 1.18 -0.40 -5.39
N SER A 36 -0.03 -0.77 -4.92
CA SER A 36 -0.57 -0.28 -3.68
C SER A 36 -1.88 -1.01 -3.33
N LEU A 37 -2.23 -1.02 -2.03
CA LEU A 37 -3.53 -1.56 -1.59
C LEU A 37 -4.61 -0.54 -1.79
N ASP A 38 -5.66 -0.93 -2.47
CA ASP A 38 -6.79 -0.05 -2.66
C ASP A 38 -7.60 0.02 -1.39
N VAL A 39 -7.99 1.22 -1.03
CA VAL A 39 -8.73 1.50 0.19
C VAL A 39 -9.83 2.52 -0.10
N CYS A 40 -10.82 2.58 0.74
CA CYS A 40 -11.87 3.54 0.57
C CYS A 40 -11.60 4.72 1.48
N ALA A 41 -11.55 5.92 0.95
CA ALA A 41 -11.29 7.05 1.79
C ALA A 41 -12.39 8.05 1.68
N GLN A 42 -12.56 8.82 2.70
CA GLN A 42 -13.53 9.87 2.71
C GLN A 42 -12.84 11.18 2.44
N ASP A 43 -13.31 11.85 1.43
CA ASP A 43 -12.82 13.16 1.06
C ASP A 43 -13.27 14.15 2.13
N GLU A 44 -12.34 14.89 2.69
CA GLU A 44 -12.66 15.78 3.82
C GLU A 44 -13.33 17.08 3.41
N ARG A 45 -13.46 17.35 2.15
CA ARG A 45 -14.13 18.57 1.77
C ARG A 45 -15.45 18.26 1.09
N SER A 46 -15.45 17.24 0.30
CA SER A 46 -16.62 16.85 -0.45
C SER A 46 -17.48 15.86 0.39
N LYS A 47 -16.83 15.24 1.39
CA LYS A 47 -17.44 14.28 2.33
C LYS A 47 -18.07 13.10 1.61
N ARG A 48 -17.31 12.54 0.72
CA ARG A 48 -17.70 11.43 -0.13
C ARG A 48 -16.68 10.35 0.05
N ILE A 49 -17.04 9.12 -0.18
CA ILE A 49 -16.10 8.08 -0.06
C ILE A 49 -15.74 7.52 -1.42
N LEU A 50 -14.48 7.43 -1.62
CA LEU A 50 -13.91 7.05 -2.87
C LEU A 50 -12.96 5.89 -2.75
N PRO A 51 -12.76 5.18 -3.83
CA PRO A 51 -11.71 4.20 -3.91
C PRO A 51 -10.35 4.88 -4.22
N LEU A 52 -9.50 4.83 -3.26
CA LEU A 52 -8.15 5.32 -3.38
C LEU A 52 -7.24 4.18 -3.18
N THR A 53 -6.00 4.45 -3.16
CA THR A 53 -5.04 3.45 -2.95
C THR A 53 -4.04 4.03 -1.95
N VAL A 54 -3.45 3.20 -1.07
CA VAL A 54 -2.54 3.68 -0.01
C VAL A 54 -1.42 4.61 -0.52
N CYS A 55 -0.86 4.26 -1.63
CA CYS A 55 0.14 5.06 -2.31
C CYS A 55 -0.44 6.42 -2.70
N LYS A 56 -1.54 6.43 -3.47
CA LYS A 56 -2.24 7.67 -3.87
C LYS A 56 -2.50 8.54 -2.66
N MET A 57 -3.20 7.98 -1.67
CA MET A 57 -3.54 8.65 -0.43
C MET A 57 -2.31 9.27 0.24
N HIS A 58 -1.23 8.50 0.37
CA HIS A 58 -0.01 9.02 1.03
C HIS A 58 0.60 10.16 0.27
N VAL A 59 0.77 9.98 -1.03
CA VAL A 59 1.33 11.00 -1.89
C VAL A 59 0.48 12.24 -1.82
N LEU A 60 -0.76 12.07 -2.08
CA LEU A 60 -1.72 13.13 -2.07
C LEU A 60 -1.82 13.79 -0.67
N HIS A 61 -1.62 13.00 0.36
CA HIS A 61 -1.70 13.50 1.73
C HIS A 61 -0.48 14.34 2.03
N CYS A 62 0.69 13.90 1.57
CA CYS A 62 1.90 14.65 1.82
C CYS A 62 1.99 15.85 0.88
N GLN A 63 1.21 15.80 -0.23
CA GLN A 63 1.05 16.95 -1.11
C GLN A 63 0.11 18.00 -0.48
N GLY A 64 -0.52 17.62 0.63
CA GLY A 64 -1.35 18.54 1.38
C GLY A 64 -2.83 18.37 1.14
N ARG A 65 -3.28 17.17 0.88
CA ARG A 65 -4.70 16.91 0.71
C ARG A 65 -5.24 16.20 1.94
N ASN A 66 -6.50 16.43 2.25
CA ASN A 66 -7.09 15.91 3.47
C ASN A 66 -8.07 14.80 3.17
N TYR A 67 -7.80 13.63 3.71
CA TYR A 67 -8.66 12.48 3.54
C TYR A 67 -8.69 11.66 4.80
N THR A 68 -9.83 11.10 5.06
CA THR A 68 -10.05 10.25 6.18
C THR A 68 -10.23 8.84 5.64
N LEU A 69 -9.87 7.83 6.37
CA LEU A 69 -10.08 6.49 5.86
C LEU A 69 -11.32 5.86 6.39
N THR A 70 -11.93 5.09 5.55
CA THR A 70 -13.15 4.40 5.84
C THR A 70 -12.93 2.91 5.55
N GLY A 71 -13.97 2.11 5.68
CA GLY A 71 -13.81 0.69 5.46
C GLY A 71 -13.90 0.33 4.00
N ARG A 72 -13.47 -0.88 3.64
CA ARG A 72 -13.49 -1.37 2.24
C ARG A 72 -14.95 -1.50 1.74
N ASP A 73 -15.85 -1.44 2.67
CA ASP A 73 -17.25 -1.58 2.45
C ASP A 73 -17.90 -0.23 2.20
N SER A 74 -17.14 0.83 2.33
CA SER A 74 -17.68 2.17 2.13
C SER A 74 -17.64 2.57 0.64
N CYS A 75 -16.86 1.88 -0.16
CA CYS A 75 -16.76 2.22 -1.57
C CYS A 75 -16.79 0.98 -2.42
N THR A 76 -16.82 1.17 -3.72
CA THR A 76 -16.71 0.09 -4.66
C THR A 76 -15.23 -0.06 -5.02
N LEU A 77 -14.59 -1.00 -4.38
CA LEU A 77 -13.17 -1.16 -4.48
C LEU A 77 -12.79 -2.20 -5.54
N PRO A 78 -11.85 -1.86 -6.43
CA PRO A 78 -11.40 -2.76 -7.51
C PRO A 78 -10.45 -3.88 -7.01
N ALA A 79 -9.50 -3.52 -6.19
CA ALA A 79 -8.53 -4.47 -5.67
C ALA A 79 -8.77 -4.74 -4.24
N SER A 80 -7.80 -5.40 -3.62
CA SER A 80 -7.86 -5.78 -2.24
C SER A 80 -8.90 -6.91 -2.03
N ALA A 81 -9.15 -7.62 -3.11
CA ALA A 81 -10.05 -8.75 -3.14
C ALA A 81 -9.39 -9.80 -4.00
N GLU A 82 -10.09 -10.86 -4.31
CA GLU A 82 -9.56 -11.90 -5.17
C GLU A 82 -9.59 -11.41 -6.60
N LYS A 83 -8.69 -11.90 -7.40
CA LYS A 83 -8.57 -11.44 -8.77
C LYS A 83 -8.53 -12.61 -9.74
N ALA A 84 -8.86 -12.34 -10.98
CA ALA A 84 -8.86 -13.35 -12.01
C ALA A 84 -7.60 -13.19 -12.84
N CYS A 85 -7.27 -14.20 -13.61
CA CYS A 85 -6.09 -14.15 -14.43
C CYS A 85 -6.23 -13.05 -15.48
N GLY A 86 -5.27 -12.17 -15.50
CA GLY A 86 -5.29 -11.04 -16.39
C GLY A 86 -5.21 -9.76 -15.61
N ALA A 87 -5.61 -9.81 -14.37
CA ALA A 87 -5.49 -8.69 -13.48
C ALA A 87 -4.78 -9.16 -12.25
N CYS A 88 -3.52 -8.87 -12.18
CA CYS A 88 -2.71 -9.32 -11.10
C CYS A 88 -1.78 -8.21 -10.63
N PRO A 89 -1.92 -7.79 -9.37
CA PRO A 89 -1.09 -6.75 -8.81
C PRO A 89 0.21 -7.30 -8.21
N LEU A 90 0.89 -6.46 -7.46
CA LEU A 90 2.13 -6.75 -6.73
C LEU A 90 2.14 -8.11 -5.99
N TRP A 91 1.00 -8.49 -5.42
CA TRP A 91 0.90 -9.74 -4.69
C TRP A 91 0.28 -10.83 -5.55
N GLY A 92 0.06 -10.58 -6.81
CA GLY A 92 -0.62 -11.57 -7.61
C GLY A 92 0.02 -11.84 -8.93
N LYS A 93 -0.17 -13.04 -9.42
CA LYS A 93 0.32 -13.45 -10.72
C LYS A 93 -0.50 -14.68 -11.09
N CYS A 94 -0.83 -14.87 -12.34
CA CYS A 94 -1.53 -16.06 -12.68
C CYS A 94 -0.64 -17.06 -13.39
N ASP A 95 0.09 -17.82 -12.59
CA ASP A 95 0.92 -18.91 -13.09
C ASP A 95 0.27 -20.22 -12.72
N ALA A 96 -0.82 -20.10 -12.02
CA ALA A 96 -1.57 -21.21 -11.55
C ALA A 96 -2.50 -21.70 -12.63
N GLU A 97 -2.78 -22.97 -12.63
CA GLU A 97 -3.67 -23.55 -13.61
C GLU A 97 -5.12 -23.44 -13.17
N SER A 98 -5.66 -22.25 -13.35
CA SER A 98 -6.99 -21.91 -12.97
C SER A 98 -7.35 -20.59 -13.64
N SER A 99 -8.60 -20.18 -13.52
CA SER A 99 -9.05 -18.94 -14.09
C SER A 99 -8.73 -17.78 -13.13
N LYS A 100 -8.39 -18.13 -11.90
CA LYS A 100 -8.09 -17.13 -10.90
C LYS A 100 -6.65 -16.67 -11.01
N CYS A 101 -6.36 -15.61 -10.33
CA CYS A 101 -5.03 -15.13 -10.18
C CYS A 101 -4.60 -15.58 -8.81
N VAL A 102 -3.39 -16.02 -8.66
CA VAL A 102 -2.98 -16.53 -7.38
C VAL A 102 -2.15 -15.49 -6.69
N CYS A 103 -2.40 -15.33 -5.44
CA CYS A 103 -1.73 -14.35 -4.70
C CYS A 103 -0.58 -14.94 -3.94
N ARG A 104 0.57 -14.45 -4.30
CA ARG A 104 1.82 -14.88 -3.79
C ARG A 104 2.03 -14.34 -2.42
N GLU A 105 2.60 -15.15 -1.56
CA GLU A 105 2.84 -14.78 -0.18
C GLU A 105 3.84 -13.63 -0.08
N ALA A 106 3.94 -13.06 1.11
CA ALA A 106 4.74 -11.88 1.34
C ALA A 106 6.20 -12.13 1.08
N SER A 107 6.66 -13.30 1.43
CA SER A 107 8.04 -13.65 1.23
C SER A 107 8.33 -14.01 -0.24
N GLU A 108 7.28 -14.05 -1.05
CA GLU A 108 7.40 -14.35 -2.47
C GLU A 108 6.80 -13.26 -3.30
N CYS A 109 6.55 -12.11 -2.72
CA CYS A 109 5.98 -11.05 -3.47
C CYS A 109 7.08 -10.41 -4.29
N GLU A 110 6.79 -10.14 -5.55
CA GLU A 110 7.80 -9.59 -6.42
C GLU A 110 8.00 -8.12 -6.07
N GLU A 111 6.88 -7.43 -5.92
CA GLU A 111 6.88 -6.06 -5.53
C GLU A 111 6.50 -5.98 -4.07
N GLU A 112 7.22 -5.20 -3.32
CA GLU A 112 7.09 -5.11 -1.87
C GLU A 112 5.97 -4.15 -1.46
N GLY A 113 5.85 -3.08 -2.21
CA GLY A 113 4.95 -2.04 -1.94
C GLY A 113 5.26 -1.24 -0.67
N PHE A 114 4.27 -0.50 -0.25
CA PHE A 114 4.28 0.33 0.94
C PHE A 114 4.33 -0.46 2.25
N SER A 115 4.13 0.24 3.32
CA SER A 115 4.12 -0.31 4.63
C SER A 115 2.90 0.24 5.36
N ILE A 116 2.05 -0.64 5.87
CA ILE A 116 0.79 -0.23 6.48
C ILE A 116 0.58 -0.89 7.84
N CYS A 117 -0.38 -0.40 8.57
CA CYS A 117 -0.68 -0.87 9.90
C CYS A 117 -2.02 -1.58 9.84
N VAL A 118 -2.01 -2.84 10.14
CA VAL A 118 -3.20 -3.61 10.05
C VAL A 118 -3.43 -4.43 11.31
N GLU A 119 -4.64 -4.45 11.78
CA GLU A 119 -4.99 -5.19 12.95
C GLU A 119 -5.22 -6.62 12.54
N VAL A 120 -4.42 -7.47 13.10
CA VAL A 120 -4.44 -8.87 12.82
C VAL A 120 -4.31 -9.61 14.12
N ASN A 121 -5.10 -10.65 14.31
CA ASN A 121 -5.06 -11.48 15.53
C ASN A 121 -5.60 -10.74 16.75
N GLY A 122 -5.90 -9.47 16.58
CA GLY A 122 -6.35 -8.65 17.67
C GLY A 122 -5.41 -7.49 17.90
N LYS A 123 -4.22 -7.60 17.38
CA LYS A 123 -3.21 -6.58 17.58
C LYS A 123 -2.87 -5.91 16.25
N GLU A 124 -2.40 -4.70 16.31
CA GLU A 124 -2.02 -4.01 15.11
C GLU A 124 -0.59 -4.31 14.78
N GLN A 125 -0.39 -4.83 13.61
CA GLN A 125 0.91 -5.15 13.15
C GLN A 125 1.17 -4.43 11.84
N THR A 126 2.37 -4.03 11.64
CA THR A 126 2.74 -3.35 10.44
C THR A 126 3.24 -4.36 9.44
N MET A 127 2.73 -4.27 8.25
CA MET A 127 3.10 -5.21 7.22
C MET A 127 3.49 -4.45 6.02
N SER A 128 4.10 -5.13 5.11
CA SER A 128 4.37 -4.57 3.86
C SER A 128 3.11 -4.72 3.05
N GLU A 129 2.97 -3.86 2.11
CA GLU A 129 1.82 -3.77 1.25
C GLU A 129 1.54 -5.12 0.60
N CYS A 130 2.56 -5.77 0.08
CA CYS A 130 2.36 -7.05 -0.56
C CYS A 130 1.87 -8.13 0.45
N GLU A 131 2.26 -7.98 1.73
CA GLU A 131 1.88 -8.94 2.76
C GLU A 131 0.43 -8.77 3.13
N ALA A 132 0.07 -7.55 3.53
CA ALA A 132 -1.30 -7.24 3.91
C ALA A 132 -2.26 -7.53 2.75
N GLY A 133 -1.81 -7.23 1.52
CA GLY A 133 -2.59 -7.47 0.34
C GLY A 133 -2.80 -8.93 0.05
N ALA A 134 -1.71 -9.72 0.17
CA ALA A 134 -1.76 -11.15 -0.03
C ALA A 134 -2.71 -11.78 0.97
N LEU A 135 -2.69 -11.26 2.18
CA LEU A 135 -3.55 -11.73 3.24
C LEU A 135 -5.02 -11.50 2.89
N ARG A 136 -5.35 -10.33 2.35
CA ARG A 136 -6.72 -10.04 1.92
C ARG A 136 -7.13 -11.00 0.80
N CYS A 137 -6.20 -11.29 -0.08
CA CYS A 137 -6.46 -12.15 -1.22
C CYS A 137 -6.65 -13.62 -0.82
N ARG A 138 -5.84 -14.10 0.10
CA ARG A 138 -5.91 -15.50 0.53
C ARG A 138 -7.13 -15.80 1.37
N GLY A 139 -7.58 -14.83 2.15
CA GLY A 139 -8.73 -15.08 3.00
C GLY A 139 -8.38 -14.96 4.46
N GLN A 140 -7.20 -14.45 4.75
CA GLN A 140 -6.80 -14.20 6.11
C GLN A 140 -7.64 -13.02 6.62
N SER A 141 -8.03 -13.02 7.88
CA SER A 141 -8.84 -11.95 8.39
C SER A 141 -7.94 -10.83 8.91
N ILE A 142 -8.01 -9.70 8.25
CA ILE A 142 -7.20 -8.55 8.59
C ILE A 142 -8.05 -7.29 8.54
N SER A 143 -7.75 -6.39 9.43
CA SER A 143 -8.41 -5.13 9.47
C SER A 143 -7.40 -4.01 9.34
N VAL A 144 -7.25 -3.47 8.16
CA VAL A 144 -6.31 -2.40 7.94
C VAL A 144 -6.83 -1.13 8.58
N THR A 145 -6.29 -0.82 9.74
CA THR A 145 -6.72 0.29 10.51
C THR A 145 -6.22 1.59 9.88
N SER A 146 -5.00 1.57 9.42
CA SER A 146 -4.43 2.72 8.82
C SER A 146 -3.42 2.36 7.77
N ILE A 147 -3.41 3.16 6.72
CA ILE A 147 -2.49 2.99 5.61
C ILE A 147 -1.08 3.51 5.92
N ARG A 148 -0.86 3.88 7.16
CA ARG A 148 0.44 4.35 7.61
C ARG A 148 1.15 3.20 8.27
N PRO A 149 2.46 3.15 8.25
CA PRO A 149 3.16 2.11 8.99
C PRO A 149 3.14 2.41 10.49
N CYS A 150 2.90 1.40 11.28
CA CYS A 150 2.94 1.59 12.70
C CYS A 150 4.32 1.19 13.19
N ALA A 151 4.60 1.44 14.44
CA ALA A 151 5.83 0.99 15.05
C ALA A 151 5.62 -0.44 15.56
N ALA A 152 5.09 -1.27 14.67
CA ALA A 152 4.74 -2.63 15.00
C ALA A 152 5.28 -3.57 13.95
N GLU A 153 6.54 -3.43 13.64
CA GLU A 153 7.22 -4.38 12.79
C GLU A 153 7.78 -5.47 13.68
N THR A 154 6.87 -6.23 14.18
CA THR A 154 7.05 -7.20 15.20
C THR A 154 7.76 -8.47 14.74
N GLN A 155 8.22 -9.22 15.70
CA GLN A 155 8.89 -10.46 15.47
C GLN A 155 8.02 -11.57 16.02
N GLY A 1 31.18 26.22 -4.73
CA GLY A 1 30.17 25.43 -4.03
C GLY A 1 30.80 24.66 -2.92
N SER A 2 31.39 25.36 -2.00
CA SER A 2 32.10 24.74 -0.93
C SER A 2 31.67 25.34 0.39
N HIS A 3 31.66 24.51 1.39
CA HIS A 3 31.37 24.94 2.74
C HIS A 3 32.72 25.11 3.42
N MET A 4 32.74 25.74 4.57
CA MET A 4 33.99 25.90 5.30
C MET A 4 34.39 24.56 5.86
N ASN A 5 33.44 23.89 6.47
CA ASN A 5 33.63 22.53 6.85
C ASN A 5 32.45 21.77 6.29
N PRO A 6 32.68 20.80 5.41
CA PRO A 6 31.63 19.98 4.87
C PRO A 6 31.58 18.60 5.51
N LEU A 7 30.39 18.11 5.72
CA LEU A 7 30.19 16.78 6.25
C LEU A 7 30.09 15.83 5.07
N THR A 8 29.96 14.57 5.33
CA THR A 8 29.82 13.62 4.25
C THR A 8 28.34 13.59 3.79
N GLN A 9 28.05 12.77 2.81
CA GLN A 9 26.70 12.66 2.28
C GLN A 9 25.80 11.95 3.26
N ALA A 10 24.91 12.69 3.85
CA ALA A 10 23.97 12.13 4.80
C ALA A 10 22.74 11.69 4.06
N VAL A 11 22.55 10.40 3.97
CA VAL A 11 21.39 9.84 3.30
C VAL A 11 20.16 10.04 4.18
N PRO A 12 19.19 10.85 3.73
CA PRO A 12 17.96 11.06 4.46
C PRO A 12 16.98 9.93 4.22
N LYS A 13 16.17 9.64 5.20
CA LYS A 13 15.16 8.64 5.03
C LYS A 13 13.95 9.26 4.41
N CYS A 14 13.57 8.75 3.28
CA CYS A 14 12.44 9.25 2.60
C CYS A 14 11.35 8.27 2.84
N GLN A 15 10.19 8.76 3.08
CA GLN A 15 9.06 7.94 3.40
C GLN A 15 8.60 7.20 2.15
N ARG A 16 7.59 6.37 2.30
CA ARG A 16 7.11 5.52 1.20
C ARG A 16 6.63 6.30 -0.03
N TRP A 17 6.07 7.45 0.22
CA TRP A 17 5.52 8.29 -0.84
C TRP A 17 6.59 9.21 -1.40
N GLU A 18 7.76 9.12 -0.82
CA GLU A 18 8.85 9.95 -1.18
C GLU A 18 9.87 9.13 -1.91
N LYS A 19 10.42 9.70 -2.93
CA LYS A 19 11.44 9.07 -3.68
C LYS A 19 12.67 9.93 -3.55
N LEU A 20 13.80 9.33 -3.36
CA LEU A 20 14.99 10.06 -3.23
C LEU A 20 15.62 10.24 -4.58
N GLN A 21 15.75 11.45 -4.97
CA GLN A 21 16.42 11.83 -6.17
C GLN A 21 17.09 13.11 -5.85
N ASN A 22 18.19 13.42 -6.51
CA ASN A 22 18.87 14.73 -6.32
C ASN A 22 19.33 14.85 -4.85
N SER A 23 19.63 13.69 -4.26
CA SER A 23 20.05 13.52 -2.88
C SER A 23 19.03 14.08 -1.86
N ARG A 24 17.78 14.22 -2.29
CA ARG A 24 16.72 14.77 -1.45
C ARG A 24 15.50 13.86 -1.56
N CYS A 25 14.56 14.05 -0.68
CA CYS A 25 13.32 13.28 -0.71
C CYS A 25 12.22 14.13 -1.34
N VAL A 26 11.70 13.68 -2.45
CA VAL A 26 10.59 14.36 -3.09
C VAL A 26 9.41 13.43 -3.12
N CYS A 27 8.24 13.94 -3.37
CA CYS A 27 7.07 13.10 -3.43
C CYS A 27 6.90 12.57 -4.83
N LYS A 28 6.37 11.36 -4.93
CA LYS A 28 6.01 10.77 -6.20
C LYS A 28 4.81 11.56 -6.76
N MET A 29 4.37 11.26 -7.92
CA MET A 29 3.21 11.94 -8.45
C MET A 29 2.00 11.03 -8.35
N PRO A 30 0.83 11.57 -7.95
CA PRO A 30 -0.39 10.77 -7.71
C PRO A 30 -0.88 10.03 -8.95
N TYR A 31 -0.51 10.51 -10.12
CA TYR A 31 -0.96 9.92 -11.35
C TYR A 31 0.03 8.88 -11.83
N GLU A 32 1.15 8.79 -11.14
CA GLU A 32 2.19 7.82 -11.45
C GLU A 32 2.08 6.67 -10.47
N CYS A 33 1.05 6.69 -9.68
CA CYS A 33 0.84 5.69 -8.68
C CYS A 33 0.32 4.40 -9.33
N GLY A 34 0.31 3.31 -8.57
CA GLY A 34 -0.15 2.06 -9.10
C GLY A 34 -0.12 0.96 -8.04
N PRO A 35 1.06 0.51 -7.61
CA PRO A 35 1.18 -0.57 -6.65
C PRO A 35 1.08 -0.11 -5.19
N SER A 36 -0.06 -0.43 -4.57
CA SER A 36 -0.37 -0.13 -3.19
C SER A 36 -1.65 -0.78 -2.74
N LEU A 37 -1.82 -0.86 -1.43
CA LEU A 37 -3.06 -1.32 -0.84
C LEU A 37 -4.21 -0.41 -1.15
N ASP A 38 -5.25 -0.98 -1.71
CA ASP A 38 -6.48 -0.28 -1.97
C ASP A 38 -7.22 -0.07 -0.68
N VAL A 39 -7.65 1.16 -0.46
CA VAL A 39 -8.33 1.53 0.77
C VAL A 39 -9.48 2.51 0.48
N CYS A 40 -10.37 2.67 1.43
CA CYS A 40 -11.46 3.61 1.27
C CYS A 40 -11.11 4.90 1.99
N ALA A 41 -11.27 5.99 1.32
CA ALA A 41 -10.93 7.25 1.90
C ALA A 41 -12.02 8.24 1.67
N GLN A 42 -12.09 9.21 2.50
CA GLN A 42 -13.06 10.25 2.38
C GLN A 42 -12.41 11.51 1.90
N ASP A 43 -12.96 12.08 0.88
CA ASP A 43 -12.50 13.34 0.34
C ASP A 43 -12.93 14.46 1.29
N GLU A 44 -12.00 15.27 1.76
CA GLU A 44 -12.30 16.33 2.74
C GLU A 44 -13.19 17.44 2.18
N ARG A 45 -13.32 17.53 0.88
CA ARG A 45 -14.09 18.58 0.31
C ARG A 45 -15.43 18.06 -0.19
N SER A 46 -15.40 16.93 -0.85
CA SER A 46 -16.60 16.34 -1.40
C SER A 46 -17.34 15.49 -0.35
N LYS A 47 -16.61 15.05 0.67
CA LYS A 47 -17.11 14.25 1.81
C LYS A 47 -17.51 12.83 1.37
N ARG A 48 -17.17 12.51 0.15
CA ARG A 48 -17.51 11.23 -0.43
C ARG A 48 -16.44 10.20 -0.11
N ILE A 49 -16.84 8.97 0.10
CA ILE A 49 -15.90 7.91 0.31
C ILE A 49 -15.55 7.35 -1.06
N LEU A 50 -14.31 7.36 -1.39
CA LEU A 50 -13.87 6.85 -2.66
C LEU A 50 -12.76 5.84 -2.47
N PRO A 51 -12.62 4.91 -3.40
CA PRO A 51 -11.54 3.94 -3.40
C PRO A 51 -10.22 4.60 -3.78
N LEU A 52 -9.33 4.60 -2.84
CA LEU A 52 -8.02 5.12 -3.05
C LEU A 52 -7.05 4.02 -2.80
N THR A 53 -5.84 4.36 -2.80
CA THR A 53 -4.82 3.41 -2.60
C THR A 53 -3.81 4.05 -1.65
N VAL A 54 -3.00 3.25 -0.97
CA VAL A 54 -2.06 3.80 -0.03
C VAL A 54 -1.04 4.76 -0.63
N CYS A 55 -0.42 4.38 -1.72
CA CYS A 55 0.45 5.31 -2.46
C CYS A 55 -0.33 6.52 -2.91
N LYS A 56 -1.54 6.29 -3.44
CA LYS A 56 -2.40 7.33 -3.95
C LYS A 56 -2.65 8.36 -2.88
N MET A 57 -3.27 7.92 -1.80
CA MET A 57 -3.56 8.76 -0.66
C MET A 57 -2.28 9.35 -0.09
N HIS A 58 -1.26 8.52 0.17
CA HIS A 58 -0.05 9.01 0.81
C HIS A 58 0.65 10.13 0.01
N VAL A 59 0.81 9.90 -1.28
CA VAL A 59 1.42 10.87 -2.19
C VAL A 59 0.55 12.10 -2.29
N LEU A 60 -0.70 11.89 -2.59
CA LEU A 60 -1.69 12.93 -2.70
C LEU A 60 -1.72 13.78 -1.42
N HIS A 61 -1.54 13.12 -0.29
CA HIS A 61 -1.53 13.73 1.01
C HIS A 61 -0.34 14.69 1.13
N CYS A 62 0.85 14.26 0.70
CA CYS A 62 2.03 15.11 0.83
C CYS A 62 2.01 16.19 -0.23
N GLN A 63 1.26 15.96 -1.31
CA GLN A 63 1.13 16.96 -2.34
C GLN A 63 0.21 18.10 -1.90
N GLY A 64 -0.44 17.95 -0.74
CA GLY A 64 -1.26 19.01 -0.18
C GLY A 64 -2.70 18.60 0.05
N ARG A 65 -3.09 17.47 -0.48
CA ARG A 65 -4.47 17.02 -0.40
C ARG A 65 -4.75 16.38 0.96
N ASN A 66 -5.90 16.71 1.52
CA ASN A 66 -6.33 16.11 2.77
C ASN A 66 -7.45 15.15 2.51
N TYR A 67 -7.32 13.96 3.03
CA TYR A 67 -8.34 12.94 2.95
C TYR A 67 -8.37 12.20 4.26
N THR A 68 -9.49 11.64 4.57
CA THR A 68 -9.65 10.91 5.80
C THR A 68 -9.75 9.41 5.51
N LEU A 69 -9.11 8.60 6.33
CA LEU A 69 -9.18 7.16 6.17
C LEU A 69 -10.47 6.63 6.72
N THR A 70 -11.05 5.70 6.02
CA THR A 70 -12.28 5.08 6.40
C THR A 70 -12.15 3.57 6.20
N GLY A 71 -13.13 2.84 6.65
CA GLY A 71 -13.07 1.40 6.58
C GLY A 71 -13.34 0.89 5.20
N ARG A 72 -12.91 -0.34 4.95
CA ARG A 72 -13.08 -1.03 3.65
C ARG A 72 -14.55 -1.09 3.22
N ASP A 73 -15.42 -0.99 4.19
CA ASP A 73 -16.85 -1.12 4.02
C ASP A 73 -17.47 0.18 3.53
N SER A 74 -16.72 1.26 3.62
CA SER A 74 -17.24 2.56 3.27
C SER A 74 -17.29 2.76 1.75
N CYS A 75 -16.45 2.07 1.03
CA CYS A 75 -16.47 2.13 -0.40
C CYS A 75 -16.51 0.72 -0.98
N THR A 76 -16.54 0.62 -2.27
CA THR A 76 -16.47 -0.65 -2.93
C THR A 76 -15.01 -0.89 -3.31
N LEU A 77 -14.34 -1.66 -2.50
CA LEU A 77 -12.93 -1.86 -2.67
C LEU A 77 -12.67 -3.01 -3.65
N PRO A 78 -11.70 -2.83 -4.58
CA PRO A 78 -11.38 -3.80 -5.65
C PRO A 78 -10.90 -5.16 -5.16
N ALA A 79 -10.19 -5.20 -4.08
CA ALA A 79 -9.69 -6.45 -3.60
C ALA A 79 -10.49 -6.98 -2.43
N SER A 80 -10.98 -8.16 -2.59
CA SER A 80 -11.64 -8.89 -1.56
C SER A 80 -11.39 -10.36 -1.84
N ALA A 81 -11.73 -10.78 -3.05
CA ALA A 81 -11.55 -12.15 -3.52
C ALA A 81 -11.88 -12.20 -4.99
N GLU A 82 -11.88 -13.41 -5.56
CA GLU A 82 -12.25 -13.67 -6.96
C GLU A 82 -11.31 -13.00 -7.94
N LYS A 83 -10.04 -13.06 -7.68
CA LYS A 83 -9.11 -12.47 -8.60
C LYS A 83 -8.94 -13.39 -9.80
N ALA A 84 -9.11 -12.84 -10.96
CA ALA A 84 -8.98 -13.58 -12.20
C ALA A 84 -7.96 -12.90 -13.06
N CYS A 85 -7.25 -13.67 -13.86
CA CYS A 85 -6.15 -13.14 -14.63
C CYS A 85 -6.65 -12.17 -15.70
N GLY A 86 -6.08 -11.00 -15.72
CA GLY A 86 -6.48 -9.95 -16.61
C GLY A 86 -6.66 -8.69 -15.83
N ALA A 87 -6.91 -8.88 -14.54
CA ALA A 87 -6.99 -7.80 -13.60
C ALA A 87 -6.53 -8.35 -12.28
N CYS A 88 -5.32 -8.05 -11.94
CA CYS A 88 -4.72 -8.54 -10.73
C CYS A 88 -3.81 -7.47 -10.16
N PRO A 89 -3.70 -7.39 -8.83
CA PRO A 89 -2.76 -6.48 -8.18
C PRO A 89 -1.30 -7.01 -8.32
N LEU A 90 -0.47 -6.62 -7.41
CA LEU A 90 0.95 -7.02 -7.42
C LEU A 90 1.17 -8.29 -6.58
N TRP A 91 0.44 -8.41 -5.51
CA TRP A 91 0.53 -9.56 -4.63
C TRP A 91 -0.28 -10.73 -5.16
N GLY A 92 -1.22 -10.42 -5.98
CA GLY A 92 -2.05 -11.42 -6.58
C GLY A 92 -1.87 -11.32 -8.03
N LYS A 93 -1.33 -12.34 -8.64
CA LYS A 93 -0.98 -12.30 -10.05
C LYS A 93 -1.20 -13.64 -10.72
N CYS A 94 -0.93 -13.66 -11.98
CA CYS A 94 -1.03 -14.83 -12.78
C CYS A 94 0.21 -14.91 -13.65
N ASP A 95 1.04 -15.89 -13.37
CA ASP A 95 2.31 -16.01 -14.08
C ASP A 95 2.43 -17.36 -14.76
N ALA A 96 2.07 -18.40 -14.06
CA ALA A 96 2.12 -19.74 -14.60
C ALA A 96 0.73 -20.29 -14.64
N GLU A 97 0.38 -20.98 -15.75
CA GLU A 97 -0.98 -21.54 -16.00
C GLU A 97 -2.09 -20.63 -15.51
N SER A 98 -2.23 -19.52 -16.18
CA SER A 98 -3.14 -18.47 -15.80
C SER A 98 -4.58 -18.74 -16.23
N SER A 99 -5.30 -19.44 -15.39
CA SER A 99 -6.71 -19.68 -15.59
C SER A 99 -7.49 -18.98 -14.45
N LYS A 100 -6.76 -18.64 -13.41
CA LYS A 100 -7.26 -17.89 -12.29
C LYS A 100 -6.14 -16.99 -11.83
N CYS A 101 -6.39 -16.12 -10.92
CA CYS A 101 -5.35 -15.29 -10.40
C CYS A 101 -5.09 -15.76 -8.98
N VAL A 102 -3.84 -16.00 -8.68
CA VAL A 102 -3.48 -16.57 -7.40
C VAL A 102 -2.82 -15.50 -6.54
N CYS A 103 -3.04 -15.59 -5.27
CA CYS A 103 -2.49 -14.64 -4.38
C CYS A 103 -1.22 -15.20 -3.81
N ARG A 104 -0.14 -14.53 -4.09
CA ARG A 104 1.17 -14.99 -3.74
C ARG A 104 1.51 -14.61 -2.32
N GLU A 105 2.62 -15.10 -1.82
CA GLU A 105 3.03 -14.79 -0.47
C GLU A 105 3.86 -13.52 -0.47
N ALA A 106 4.23 -13.05 0.71
CA ALA A 106 4.96 -11.78 0.86
C ALA A 106 6.33 -11.82 0.23
N SER A 107 6.83 -13.02 0.05
CA SER A 107 8.12 -13.26 -0.57
C SER A 107 8.12 -12.75 -2.02
N GLU A 108 6.94 -12.74 -2.61
CA GLU A 108 6.74 -12.35 -3.99
C GLU A 108 6.48 -10.84 -4.10
N CYS A 109 7.00 -10.09 -3.16
CA CYS A 109 6.86 -8.66 -3.19
C CYS A 109 7.94 -8.08 -4.08
N GLU A 110 7.56 -7.82 -5.31
CA GLU A 110 8.47 -7.34 -6.34
C GLU A 110 8.56 -5.82 -6.34
N GLU A 111 7.47 -5.20 -6.00
CA GLU A 111 7.33 -3.76 -6.08
C GLU A 111 7.98 -3.00 -4.95
N GLU A 112 7.80 -1.66 -5.00
CA GLU A 112 8.25 -0.73 -3.99
C GLU A 112 7.69 -1.19 -2.66
N GLY A 113 6.38 -1.37 -2.63
CA GLY A 113 5.70 -1.84 -1.46
C GLY A 113 5.74 -0.91 -0.26
N PHE A 114 4.62 -0.30 0.02
CA PHE A 114 4.48 0.52 1.22
C PHE A 114 4.49 -0.33 2.49
N SER A 115 4.46 0.34 3.60
CA SER A 115 4.39 -0.28 4.88
C SER A 115 3.20 0.28 5.62
N ILE A 116 2.31 -0.60 6.04
CA ILE A 116 1.03 -0.17 6.60
C ILE A 116 0.77 -0.90 7.91
N CYS A 117 -0.35 -0.64 8.51
CA CYS A 117 -0.71 -1.24 9.77
C CYS A 117 -2.02 -1.99 9.60
N VAL A 118 -2.00 -3.25 9.96
CA VAL A 118 -3.12 -4.10 9.78
C VAL A 118 -3.46 -4.78 11.12
N GLU A 119 -4.71 -4.69 11.49
CA GLU A 119 -5.20 -5.29 12.70
C GLU A 119 -5.49 -6.76 12.40
N VAL A 120 -4.70 -7.59 12.97
CA VAL A 120 -4.78 -9.01 12.79
C VAL A 120 -4.64 -9.63 14.15
N ASN A 121 -5.50 -10.58 14.49
CA ASN A 121 -5.49 -11.27 15.78
C ASN A 121 -5.89 -10.33 16.91
N GLY A 122 -6.38 -9.16 16.55
CA GLY A 122 -6.72 -8.16 17.52
C GLY A 122 -5.61 -7.15 17.66
N LYS A 123 -4.46 -7.48 17.11
CA LYS A 123 -3.29 -6.65 17.21
C LYS A 123 -3.03 -5.89 15.95
N GLU A 124 -2.57 -4.69 16.07
CA GLU A 124 -2.23 -3.88 14.93
C GLU A 124 -0.78 -4.10 14.59
N GLN A 125 -0.56 -4.91 13.61
CA GLN A 125 0.75 -5.31 13.16
C GLN A 125 1.12 -4.57 11.88
N THR A 126 2.34 -4.16 11.80
CA THR A 126 2.86 -3.50 10.61
C THR A 126 3.21 -4.55 9.59
N MET A 127 2.75 -4.38 8.38
CA MET A 127 3.06 -5.30 7.33
C MET A 127 3.57 -4.56 6.15
N SER A 128 4.14 -5.28 5.25
CA SER A 128 4.53 -4.74 4.02
C SER A 128 3.31 -4.78 3.11
N GLU A 129 3.27 -3.91 2.16
CA GLU A 129 2.16 -3.75 1.23
C GLU A 129 1.75 -5.09 0.59
N CYS A 130 2.71 -5.74 -0.06
CA CYS A 130 2.47 -7.01 -0.72
C CYS A 130 2.03 -8.06 0.27
N GLU A 131 2.47 -7.91 1.49
CA GLU A 131 2.20 -8.85 2.52
C GLU A 131 0.76 -8.73 2.97
N ALA A 132 0.38 -7.56 3.48
CA ALA A 132 -0.97 -7.32 3.93
C ALA A 132 -1.98 -7.60 2.84
N GLY A 133 -1.62 -7.21 1.62
CA GLY A 133 -2.46 -7.44 0.49
C GLY A 133 -2.61 -8.90 0.18
N ALA A 134 -1.53 -9.65 0.34
CA ALA A 134 -1.51 -11.07 0.09
C ALA A 134 -2.48 -11.78 1.03
N LEU A 135 -2.45 -11.39 2.32
CA LEU A 135 -3.37 -11.96 3.28
C LEU A 135 -4.83 -11.67 2.91
N ARG A 136 -5.11 -10.43 2.48
CA ARG A 136 -6.46 -10.04 2.04
C ARG A 136 -6.90 -10.89 0.88
N CYS A 137 -6.05 -10.98 -0.10
CA CYS A 137 -6.30 -11.66 -1.34
C CYS A 137 -6.60 -13.14 -1.11
N ARG A 138 -5.83 -13.77 -0.24
CA ARG A 138 -5.94 -15.21 -0.02
C ARG A 138 -7.16 -15.62 0.81
N GLY A 139 -7.57 -14.76 1.72
CA GLY A 139 -8.67 -15.14 2.59
C GLY A 139 -8.28 -15.21 4.04
N GLN A 140 -7.08 -14.77 4.34
CA GLN A 140 -6.62 -14.73 5.71
C GLN A 140 -7.35 -13.60 6.43
N SER A 141 -7.56 -13.74 7.71
CA SER A 141 -8.27 -12.77 8.48
C SER A 141 -7.32 -11.66 8.96
N ILE A 142 -7.46 -10.49 8.37
CA ILE A 142 -6.68 -9.31 8.68
C ILE A 142 -7.60 -8.12 8.46
N SER A 143 -7.32 -7.03 9.06
CA SER A 143 -8.06 -5.84 8.85
C SER A 143 -7.14 -4.65 8.67
N VAL A 144 -7.03 -4.13 7.45
CA VAL A 144 -6.17 -2.97 7.21
C VAL A 144 -6.81 -1.77 7.88
N THR A 145 -6.22 -1.35 8.96
CA THR A 145 -6.75 -0.30 9.75
C THR A 145 -6.11 1.03 9.45
N SER A 146 -4.88 1.00 9.03
CA SER A 146 -4.17 2.22 8.75
C SER A 146 -3.20 2.03 7.60
N ILE A 147 -3.03 3.08 6.84
CA ILE A 147 -2.13 3.09 5.70
C ILE A 147 -0.75 3.49 6.17
N ARG A 148 -0.70 3.86 7.42
CA ARG A 148 0.51 4.25 8.08
C ARG A 148 1.04 3.04 8.79
N PRO A 149 2.34 2.84 8.85
CA PRO A 149 2.91 1.73 9.57
C PRO A 149 2.74 1.93 11.07
N CYS A 150 2.58 0.86 11.80
CA CYS A 150 2.46 0.96 13.23
C CYS A 150 3.80 0.75 13.90
N ALA A 151 3.86 0.95 15.19
CA ALA A 151 5.08 0.82 15.96
C ALA A 151 5.31 -0.65 16.35
N ALA A 152 4.93 -1.54 15.45
CA ALA A 152 5.09 -2.96 15.64
C ALA A 152 6.47 -3.41 15.16
N GLU A 153 7.17 -2.49 14.52
CA GLU A 153 8.49 -2.79 14.01
C GLU A 153 9.54 -2.39 15.00
N THR A 154 9.71 -1.11 15.13
CA THR A 154 10.72 -0.52 15.94
C THR A 154 10.22 -0.39 17.38
N GLN A 155 10.15 -1.54 18.00
CA GLN A 155 9.78 -1.80 19.38
C GLN A 155 9.66 -3.30 19.52
N GLY A 1 23.46 12.28 9.74
CA GLY A 1 24.56 11.40 9.39
C GLY A 1 24.70 10.26 10.36
N SER A 2 24.01 9.19 10.09
CA SER A 2 24.06 8.03 10.91
C SER A 2 23.79 6.81 10.04
N HIS A 3 24.53 5.75 10.26
CA HIS A 3 24.32 4.53 9.53
C HIS A 3 23.33 3.67 10.30
N MET A 4 22.07 3.88 10.04
CA MET A 4 20.99 3.18 10.72
C MET A 4 20.98 1.71 10.33
N ASN A 5 20.98 1.48 9.07
CA ASN A 5 20.88 0.15 8.51
C ASN A 5 21.88 0.05 7.36
N PRO A 6 22.11 -1.15 6.78
CA PRO A 6 22.94 -1.31 5.58
C PRO A 6 22.55 -0.31 4.48
N LEU A 7 23.49 0.02 3.62
CA LEU A 7 23.26 1.00 2.57
C LEU A 7 22.20 0.47 1.62
N THR A 8 21.18 1.24 1.42
CA THR A 8 20.10 0.85 0.59
C THR A 8 19.68 2.01 -0.27
N GLN A 9 19.20 1.73 -1.44
CA GLN A 9 18.72 2.76 -2.33
C GLN A 9 17.24 2.59 -2.59
N ALA A 10 16.63 1.70 -1.80
CA ALA A 10 15.20 1.50 -1.84
C ALA A 10 14.52 2.64 -1.16
N VAL A 11 14.90 2.80 0.05
CA VAL A 11 14.39 3.83 0.91
C VAL A 11 15.56 4.40 1.72
N PRO A 12 16.02 5.61 1.39
CA PRO A 12 17.06 6.27 2.13
C PRO A 12 16.50 7.07 3.30
N LYS A 13 16.30 8.36 3.11
CA LYS A 13 15.69 9.18 4.15
C LYS A 13 14.46 9.89 3.64
N CYS A 14 14.01 9.44 2.53
CA CYS A 14 12.78 9.91 1.98
C CYS A 14 11.88 8.70 2.03
N GLN A 15 10.67 8.87 2.42
CA GLN A 15 9.77 7.77 2.55
C GLN A 15 9.25 7.33 1.22
N ARG A 16 8.49 6.26 1.23
CA ARG A 16 7.98 5.66 0.00
C ARG A 16 6.97 6.53 -0.76
N TRP A 17 6.47 7.55 -0.14
CA TRP A 17 5.58 8.48 -0.79
C TRP A 17 6.35 9.72 -1.21
N GLU A 18 7.63 9.67 -0.98
CA GLU A 18 8.51 10.71 -1.31
C GLU A 18 9.46 10.26 -2.39
N LYS A 19 10.03 11.20 -3.09
CA LYS A 19 11.03 10.92 -4.09
C LYS A 19 12.29 11.61 -3.68
N LEU A 20 13.38 10.93 -3.85
CA LEU A 20 14.66 11.54 -3.66
C LEU A 20 15.08 12.10 -5.00
N GLN A 21 14.87 13.36 -5.19
CA GLN A 21 15.22 13.98 -6.43
C GLN A 21 15.97 15.24 -6.10
N ASN A 22 17.00 15.53 -6.86
CA ASN A 22 17.79 16.77 -6.67
C ASN A 22 18.36 16.81 -5.27
N SER A 23 18.70 15.62 -4.76
CA SER A 23 19.27 15.39 -3.44
C SER A 23 18.35 15.81 -2.27
N ARG A 24 17.07 16.00 -2.55
CA ARG A 24 16.11 16.38 -1.54
C ARG A 24 14.92 15.42 -1.56
N CYS A 25 14.17 15.39 -0.50
CA CYS A 25 13.01 14.52 -0.45
C CYS A 25 11.77 15.35 -0.73
N VAL A 26 11.10 15.02 -1.79
CA VAL A 26 9.88 15.70 -2.17
C VAL A 26 8.78 14.68 -2.21
N CYS A 27 7.57 15.11 -2.40
CA CYS A 27 6.50 14.15 -2.50
C CYS A 27 6.35 13.69 -3.92
N LYS A 28 5.94 12.47 -4.06
CA LYS A 28 5.70 11.84 -5.33
C LYS A 28 4.34 12.37 -5.88
N MET A 29 3.84 11.84 -6.97
CA MET A 29 2.54 12.25 -7.46
C MET A 29 1.57 11.08 -7.38
N PRO A 30 0.29 11.33 -7.06
CA PRO A 30 -0.72 10.28 -6.86
C PRO A 30 -0.95 9.37 -8.07
N TYR A 31 -0.67 9.87 -9.27
CA TYR A 31 -0.88 9.08 -10.48
C TYR A 31 0.32 8.16 -10.76
N GLU A 32 1.44 8.45 -10.10
CA GLU A 32 2.65 7.63 -10.21
C GLU A 32 2.39 6.30 -9.52
N CYS A 33 1.59 6.39 -8.49
CA CYS A 33 1.24 5.28 -7.65
C CYS A 33 0.37 4.26 -8.37
N GLY A 34 1.01 3.22 -8.83
CA GLY A 34 0.33 2.12 -9.44
C GLY A 34 0.26 0.95 -8.47
N PRO A 35 1.38 0.25 -8.22
CA PRO A 35 1.41 -0.86 -7.28
C PRO A 35 1.35 -0.37 -5.84
N SER A 36 0.20 -0.49 -5.24
CA SER A 36 -0.06 -0.12 -3.91
C SER A 36 -1.26 -0.93 -3.45
N LEU A 37 -1.53 -0.92 -2.18
CA LEU A 37 -2.65 -1.61 -1.65
C LEU A 37 -3.87 -0.73 -1.85
N ASP A 38 -4.89 -1.30 -2.44
CA ASP A 38 -6.11 -0.58 -2.70
C ASP A 38 -6.92 -0.45 -1.41
N VAL A 39 -7.28 0.78 -1.08
CA VAL A 39 -8.03 1.10 0.14
C VAL A 39 -9.18 2.10 -0.20
N CYS A 40 -10.16 2.18 0.67
CA CYS A 40 -11.27 3.10 0.48
C CYS A 40 -11.03 4.35 1.29
N ALA A 41 -11.12 5.48 0.67
CA ALA A 41 -10.88 6.70 1.36
C ALA A 41 -12.01 7.66 1.15
N GLN A 42 -12.18 8.54 2.09
CA GLN A 42 -13.19 9.53 2.01
C GLN A 42 -12.56 10.87 1.80
N ASP A 43 -12.94 11.50 0.76
CA ASP A 43 -12.48 12.82 0.41
C ASP A 43 -13.17 13.84 1.27
N GLU A 44 -12.38 14.71 1.88
CA GLU A 44 -12.90 15.74 2.75
C GLU A 44 -13.42 16.94 1.95
N ARG A 45 -12.99 17.08 0.70
CA ARG A 45 -13.39 18.19 -0.12
C ARG A 45 -14.83 18.05 -0.60
N SER A 46 -15.15 16.94 -1.20
CA SER A 46 -16.48 16.73 -1.72
C SER A 46 -17.30 15.80 -0.82
N LYS A 47 -16.68 15.26 0.23
CA LYS A 47 -17.31 14.32 1.18
C LYS A 47 -17.82 13.10 0.42
N ARG A 48 -16.89 12.35 -0.12
CA ARG A 48 -17.22 11.22 -0.99
C ARG A 48 -16.25 10.10 -0.75
N ILE A 49 -16.70 8.89 -0.92
CA ILE A 49 -15.83 7.76 -0.77
C ILE A 49 -15.29 7.40 -2.14
N LEU A 50 -14.01 7.34 -2.27
CA LEU A 50 -13.41 6.96 -3.51
C LEU A 50 -12.33 5.93 -3.26
N PRO A 51 -12.08 5.07 -4.24
CA PRO A 51 -11.04 4.07 -4.15
C PRO A 51 -9.67 4.71 -4.36
N LEU A 52 -8.80 4.52 -3.41
CA LEU A 52 -7.47 5.03 -3.51
C LEU A 52 -6.50 3.93 -3.23
N THR A 53 -5.27 4.28 -3.16
CA THR A 53 -4.26 3.39 -2.82
C THR A 53 -3.39 4.00 -1.78
N VAL A 54 -2.67 3.16 -1.07
CA VAL A 54 -1.75 3.56 -0.02
C VAL A 54 -0.82 4.66 -0.50
N CYS A 55 -0.13 4.42 -1.58
CA CYS A 55 0.76 5.40 -2.16
C CYS A 55 0.01 6.66 -2.53
N LYS A 56 -1.08 6.51 -3.28
CA LYS A 56 -1.85 7.65 -3.81
C LYS A 56 -2.32 8.57 -2.69
N MET A 57 -2.93 7.98 -1.68
CA MET A 57 -3.38 8.68 -0.50
C MET A 57 -2.20 9.29 0.27
N HIS A 58 -1.15 8.48 0.51
CA HIS A 58 0.03 8.95 1.28
C HIS A 58 0.66 10.16 0.63
N VAL A 59 0.76 10.08 -0.67
CA VAL A 59 1.30 11.13 -1.48
C VAL A 59 0.46 12.38 -1.39
N LEU A 60 -0.83 12.29 -1.70
CA LEU A 60 -1.68 13.46 -1.65
C LEU A 60 -1.79 14.00 -0.22
N HIS A 61 -1.57 13.14 0.73
CA HIS A 61 -1.66 13.48 2.12
C HIS A 61 -0.46 14.35 2.51
N CYS A 62 0.74 14.00 2.00
CA CYS A 62 1.92 14.81 2.30
C CYS A 62 1.90 16.08 1.45
N GLN A 63 1.23 16.00 0.30
CA GLN A 63 1.05 17.17 -0.57
C GLN A 63 0.19 18.24 0.11
N GLY A 64 -0.65 17.81 1.04
CA GLY A 64 -1.48 18.74 1.78
C GLY A 64 -2.95 18.58 1.50
N ARG A 65 -3.39 17.34 1.32
CA ARG A 65 -4.80 17.07 1.08
C ARG A 65 -5.35 16.24 2.21
N ASN A 66 -6.50 16.60 2.73
CA ASN A 66 -7.10 15.86 3.81
C ASN A 66 -8.08 14.89 3.26
N TYR A 67 -7.86 13.66 3.58
CA TYR A 67 -8.71 12.57 3.24
C TYR A 67 -8.79 11.70 4.45
N THR A 68 -9.91 11.09 4.64
CA THR A 68 -10.13 10.20 5.74
C THR A 68 -10.11 8.79 5.19
N LEU A 69 -9.82 7.79 5.97
CA LEU A 69 -9.89 6.46 5.47
C LEU A 69 -11.15 5.79 5.92
N THR A 70 -11.65 4.95 5.09
CA THR A 70 -12.91 4.30 5.33
C THR A 70 -12.77 2.81 5.08
N GLY A 71 -13.83 2.08 5.29
CA GLY A 71 -13.74 0.65 5.18
C GLY A 71 -14.06 0.18 3.79
N ARG A 72 -13.84 -1.11 3.55
CA ARG A 72 -14.09 -1.76 2.25
C ARG A 72 -15.56 -1.64 1.86
N ASP A 73 -16.39 -1.42 2.85
CA ASP A 73 -17.81 -1.26 2.68
C ASP A 73 -18.15 0.03 1.98
N SER A 74 -17.32 1.03 2.19
CA SER A 74 -17.61 2.36 1.74
C SER A 74 -17.36 2.54 0.24
N CYS A 75 -16.26 2.03 -0.30
CA CYS A 75 -15.97 2.31 -1.71
C CYS A 75 -16.15 1.09 -2.55
N THR A 76 -16.15 1.30 -3.82
CA THR A 76 -16.12 0.22 -4.76
C THR A 76 -14.67 0.04 -5.17
N LEU A 77 -14.02 -0.86 -4.50
CA LEU A 77 -12.62 -1.10 -4.63
C LEU A 77 -12.39 -2.23 -5.62
N PRO A 78 -11.33 -2.16 -6.43
CA PRO A 78 -11.01 -3.22 -7.36
C PRO A 78 -10.55 -4.49 -6.63
N ALA A 79 -9.41 -4.41 -5.98
CA ALA A 79 -8.85 -5.54 -5.30
C ALA A 79 -8.90 -5.35 -3.80
N SER A 80 -9.79 -6.06 -3.17
CA SER A 80 -9.90 -6.07 -1.74
C SER A 80 -9.74 -7.51 -1.29
N ALA A 81 -10.64 -8.36 -1.78
CA ALA A 81 -10.59 -9.78 -1.51
C ALA A 81 -10.03 -10.48 -2.74
N GLU A 82 -10.18 -11.81 -2.81
CA GLU A 82 -9.72 -12.62 -3.95
C GLU A 82 -10.26 -12.09 -5.27
N LYS A 83 -9.46 -12.20 -6.31
CA LYS A 83 -9.78 -11.62 -7.59
C LYS A 83 -9.60 -12.60 -8.73
N ALA A 84 -10.30 -12.32 -9.80
CA ALA A 84 -10.00 -12.88 -11.07
C ALA A 84 -9.01 -11.87 -11.61
N CYS A 85 -8.00 -12.27 -12.30
CA CYS A 85 -7.00 -11.29 -12.62
C CYS A 85 -7.38 -10.29 -13.70
N GLY A 86 -6.55 -9.29 -13.84
CA GLY A 86 -6.84 -8.15 -14.65
C GLY A 86 -6.53 -6.91 -13.85
N ALA A 87 -6.53 -7.07 -12.54
CA ALA A 87 -6.10 -6.04 -11.62
C ALA A 87 -5.61 -6.71 -10.34
N CYS A 88 -4.27 -6.81 -10.24
CA CYS A 88 -3.52 -7.38 -9.11
C CYS A 88 -2.08 -7.69 -9.58
N PRO A 89 -1.16 -6.72 -9.45
CA PRO A 89 0.23 -6.92 -9.85
C PRO A 89 1.19 -7.36 -8.70
N LEU A 90 0.92 -6.94 -7.47
CA LEU A 90 1.87 -7.22 -6.38
C LEU A 90 1.58 -8.48 -5.55
N TRP A 91 0.47 -8.49 -4.81
CA TRP A 91 0.14 -9.65 -3.95
C TRP A 91 -0.53 -10.75 -4.74
N GLY A 92 -1.00 -10.38 -5.90
CA GLY A 92 -1.71 -11.28 -6.72
C GLY A 92 -0.95 -11.52 -7.97
N LYS A 93 -0.99 -12.72 -8.43
CA LYS A 93 -0.30 -13.08 -9.60
C LYS A 93 -1.26 -13.60 -10.65
N CYS A 94 -1.07 -13.13 -11.85
CA CYS A 94 -1.83 -13.56 -12.99
C CYS A 94 -0.84 -14.13 -13.96
N ASP A 95 -1.12 -15.27 -14.52
CA ASP A 95 -0.17 -15.90 -15.42
C ASP A 95 -0.72 -16.02 -16.83
N ALA A 96 -1.71 -16.87 -17.01
CA ALA A 96 -2.31 -17.08 -18.32
C ALA A 96 -3.57 -16.22 -18.47
N GLU A 97 -4.27 -16.38 -19.59
CA GLU A 97 -5.55 -15.70 -19.79
C GLU A 97 -6.65 -16.63 -19.28
N SER A 98 -7.80 -16.07 -18.86
CA SER A 98 -8.89 -16.84 -18.25
C SER A 98 -8.42 -17.42 -16.91
N SER A 99 -7.48 -16.73 -16.31
CA SER A 99 -6.90 -17.11 -15.09
C SER A 99 -7.47 -16.28 -13.98
N LYS A 100 -7.54 -16.86 -12.82
CA LYS A 100 -7.90 -16.15 -11.64
C LYS A 100 -6.64 -15.51 -11.11
N CYS A 101 -6.78 -14.71 -10.11
CA CYS A 101 -5.64 -14.09 -9.53
C CYS A 101 -5.31 -14.89 -8.30
N VAL A 102 -4.11 -15.35 -8.23
CA VAL A 102 -3.70 -16.17 -7.14
C VAL A 102 -2.91 -15.32 -6.18
N CYS A 103 -3.07 -15.57 -4.93
CA CYS A 103 -2.47 -14.77 -3.93
C CYS A 103 -1.20 -15.45 -3.49
N ARG A 104 -0.10 -14.79 -3.71
CA ARG A 104 1.19 -15.33 -3.41
C ARG A 104 1.54 -15.14 -1.95
N GLU A 105 2.65 -15.69 -1.56
CA GLU A 105 3.19 -15.44 -0.26
C GLU A 105 3.86 -14.08 -0.26
N ALA A 106 4.03 -13.51 0.91
CA ALA A 106 4.59 -12.18 1.06
C ALA A 106 6.01 -12.14 0.54
N SER A 107 6.71 -13.24 0.73
CA SER A 107 8.08 -13.33 0.32
C SER A 107 8.20 -13.56 -1.20
N GLU A 108 7.12 -14.01 -1.84
CA GLU A 108 7.16 -14.27 -3.27
C GLU A 108 6.51 -13.08 -4.01
N CYS A 109 6.24 -12.04 -3.27
CA CYS A 109 5.74 -10.82 -3.83
C CYS A 109 6.84 -10.19 -4.69
N GLU A 110 6.52 -9.90 -5.93
CA GLU A 110 7.46 -9.31 -6.87
C GLU A 110 7.37 -7.77 -6.82
N GLU A 111 7.21 -7.28 -5.62
CA GLU A 111 7.06 -5.89 -5.34
C GLU A 111 7.37 -5.70 -3.84
N GLU A 112 7.45 -4.48 -3.38
CA GLU A 112 7.67 -4.23 -1.97
C GLU A 112 6.57 -3.39 -1.40
N GLY A 113 5.93 -2.62 -2.28
CA GLY A 113 4.97 -1.66 -1.91
C GLY A 113 5.40 -0.76 -0.79
N PHE A 114 4.45 -0.37 -0.01
CA PHE A 114 4.65 0.38 1.19
C PHE A 114 4.60 -0.54 2.40
N SER A 115 4.52 0.06 3.55
CA SER A 115 4.36 -0.65 4.77
C SER A 115 3.19 -0.02 5.51
N ILE A 116 2.28 -0.84 5.96
CA ILE A 116 1.06 -0.37 6.58
C ILE A 116 0.85 -1.03 7.92
N CYS A 117 -0.16 -0.61 8.64
CA CYS A 117 -0.47 -1.15 9.92
C CYS A 117 -1.85 -1.76 9.85
N VAL A 118 -1.92 -3.00 10.14
CA VAL A 118 -3.16 -3.69 10.04
C VAL A 118 -3.43 -4.44 11.35
N GLU A 119 -4.68 -4.44 11.77
CA GLU A 119 -5.04 -5.13 12.95
C GLU A 119 -5.27 -6.58 12.59
N VAL A 120 -4.47 -7.40 13.16
CA VAL A 120 -4.46 -8.80 12.94
C VAL A 120 -4.26 -9.45 14.27
N ASN A 121 -5.05 -10.46 14.57
CA ASN A 121 -4.90 -11.22 15.82
C ASN A 121 -5.24 -10.36 17.03
N GLY A 122 -5.90 -9.25 16.78
CA GLY A 122 -6.27 -8.36 17.84
C GLY A 122 -5.27 -7.23 18.02
N LYS A 123 -4.15 -7.33 17.34
CA LYS A 123 -3.11 -6.33 17.48
C LYS A 123 -2.77 -5.68 16.16
N GLU A 124 -2.27 -4.50 16.22
CA GLU A 124 -1.89 -3.78 15.04
C GLU A 124 -0.46 -4.11 14.68
N GLN A 125 -0.28 -4.75 13.59
CA GLN A 125 1.00 -5.17 13.12
C GLN A 125 1.34 -4.48 11.80
N THR A 126 2.58 -4.16 11.63
CA THR A 126 3.06 -3.53 10.43
C THR A 126 3.39 -4.61 9.43
N MET A 127 2.83 -4.53 8.28
CA MET A 127 3.09 -5.47 7.26
C MET A 127 3.51 -4.76 6.03
N SER A 128 4.10 -5.48 5.13
CA SER A 128 4.41 -4.95 3.87
C SER A 128 3.12 -4.90 3.07
N GLU A 129 3.06 -4.01 2.13
CA GLU A 129 1.87 -3.77 1.35
C GLU A 129 1.31 -5.04 0.73
N CYS A 130 2.15 -5.83 0.12
CA CYS A 130 1.68 -7.07 -0.45
C CYS A 130 1.65 -8.22 0.54
N GLU A 131 2.07 -7.98 1.77
CA GLU A 131 1.97 -8.99 2.82
C GLU A 131 0.56 -8.98 3.32
N ALA A 132 0.15 -7.81 3.80
CA ALA A 132 -1.21 -7.61 4.29
C ALA A 132 -2.19 -7.86 3.15
N GLY A 133 -1.78 -7.43 1.96
CA GLY A 133 -2.57 -7.58 0.77
C GLY A 133 -2.77 -9.02 0.39
N ALA A 134 -1.72 -9.83 0.50
CA ALA A 134 -1.79 -11.24 0.17
C ALA A 134 -2.69 -11.93 1.14
N LEU A 135 -2.58 -11.55 2.40
CA LEU A 135 -3.37 -12.10 3.47
C LEU A 135 -4.87 -11.87 3.23
N ARG A 136 -5.24 -10.68 2.71
CA ARG A 136 -6.65 -10.35 2.37
C ARG A 136 -7.18 -11.28 1.29
N CYS A 137 -6.28 -11.67 0.41
CA CYS A 137 -6.62 -12.44 -0.76
C CYS A 137 -6.68 -13.91 -0.38
N ARG A 138 -5.71 -14.29 0.42
CA ARG A 138 -5.52 -15.62 0.90
C ARG A 138 -6.64 -16.09 1.81
N GLY A 139 -7.07 -15.27 2.73
CA GLY A 139 -8.12 -15.71 3.63
C GLY A 139 -7.82 -15.44 5.08
N GLN A 140 -6.70 -14.80 5.35
CA GLN A 140 -6.40 -14.39 6.71
C GLN A 140 -7.28 -13.20 7.05
N SER A 141 -7.76 -13.16 8.25
CA SER A 141 -8.62 -12.09 8.68
C SER A 141 -7.79 -10.94 9.23
N ILE A 142 -7.83 -9.82 8.55
CA ILE A 142 -7.08 -8.64 8.93
C ILE A 142 -7.93 -7.40 8.74
N SER A 143 -7.69 -6.42 9.55
CA SER A 143 -8.41 -5.19 9.46
C SER A 143 -7.43 -4.03 9.29
N VAL A 144 -7.41 -3.43 8.12
CA VAL A 144 -6.50 -2.32 7.89
C VAL A 144 -6.95 -1.08 8.65
N THR A 145 -6.23 -0.80 9.68
CA THR A 145 -6.52 0.31 10.50
C THR A 145 -5.86 1.55 9.93
N SER A 146 -4.61 1.42 9.54
CA SER A 146 -3.86 2.54 9.09
C SER A 146 -2.96 2.16 7.93
N ILE A 147 -2.89 3.03 6.95
CA ILE A 147 -1.96 2.82 5.84
C ILE A 147 -0.57 3.29 6.25
N ARG A 148 -0.50 3.84 7.44
CA ARG A 148 0.73 4.26 8.03
C ARG A 148 1.31 3.09 8.75
N PRO A 149 2.61 2.90 8.71
CA PRO A 149 3.23 1.79 9.43
C PRO A 149 3.15 2.01 10.94
N CYS A 150 2.99 0.95 11.68
CA CYS A 150 3.00 1.04 13.12
C CYS A 150 4.40 0.75 13.64
N ALA A 151 4.57 0.79 14.94
CA ALA A 151 5.87 0.50 15.55
C ALA A 151 6.01 -1.01 15.78
N ALA A 152 5.45 -1.78 14.88
CA ALA A 152 5.54 -3.22 14.95
C ALA A 152 6.69 -3.70 14.08
N GLU A 153 7.42 -2.75 13.51
CA GLU A 153 8.61 -3.07 12.74
C GLU A 153 9.84 -2.94 13.65
N THR A 154 9.65 -2.17 14.69
CA THR A 154 10.61 -1.90 15.75
C THR A 154 9.80 -1.22 16.85
N GLN A 155 9.74 -1.82 18.01
CA GLN A 155 8.92 -1.30 19.08
C GLN A 155 9.76 -0.73 20.21
N GLY A 1 25.50 8.80 22.32
CA GLY A 1 24.16 8.66 22.87
C GLY A 1 23.26 7.87 21.96
N SER A 2 22.65 8.56 21.03
CA SER A 2 21.74 7.95 20.11
C SER A 2 22.53 7.29 18.98
N HIS A 3 22.05 6.14 18.52
CA HIS A 3 22.70 5.39 17.43
C HIS A 3 21.81 5.37 16.19
N MET A 4 20.70 6.07 16.24
CA MET A 4 19.71 6.05 15.16
C MET A 4 20.05 7.01 14.03
N ASN A 5 20.92 7.96 14.29
CA ASN A 5 21.18 9.02 13.32
C ASN A 5 22.36 8.69 12.44
N PRO A 6 22.29 9.07 11.16
CA PRO A 6 23.37 8.83 10.19
C PRO A 6 24.49 9.87 10.32
N LEU A 7 25.63 9.54 9.74
CA LEU A 7 26.77 10.43 9.71
C LEU A 7 26.91 10.98 8.30
N THR A 8 26.54 12.25 8.13
CA THR A 8 26.51 12.91 6.83
C THR A 8 25.39 12.34 5.99
N GLN A 9 24.38 13.15 5.76
CA GLN A 9 23.23 12.69 5.03
C GLN A 9 23.47 12.75 3.54
N ALA A 10 24.32 11.85 3.06
CA ALA A 10 24.58 11.72 1.64
C ALA A 10 23.47 10.93 1.04
N VAL A 11 22.91 10.13 1.87
CA VAL A 11 21.77 9.36 1.58
C VAL A 11 20.84 9.52 2.78
N PRO A 12 19.77 10.29 2.63
CA PRO A 12 18.79 10.44 3.67
C PRO A 12 17.68 9.40 3.50
N LYS A 13 16.81 9.32 4.45
CA LYS A 13 15.73 8.39 4.39
C LYS A 13 14.44 9.11 4.16
N CYS A 14 13.76 8.71 3.15
CA CYS A 14 12.48 9.27 2.86
C CYS A 14 11.41 8.30 3.26
N GLN A 15 10.24 8.82 3.53
CA GLN A 15 9.13 7.97 3.86
C GLN A 15 8.63 7.31 2.58
N ARG A 16 7.73 6.36 2.71
CA ARG A 16 7.22 5.60 1.55
C ARG A 16 6.63 6.49 0.44
N TRP A 17 6.07 7.61 0.83
CA TRP A 17 5.43 8.54 -0.10
C TRP A 17 6.39 9.66 -0.49
N GLU A 18 7.62 9.54 -0.07
CA GLU A 18 8.60 10.54 -0.36
C GLU A 18 9.70 9.93 -1.19
N LYS A 19 10.32 10.74 -2.00
CA LYS A 19 11.36 10.29 -2.89
C LYS A 19 12.50 11.28 -2.88
N LEU A 20 13.71 10.78 -2.99
CA LEU A 20 14.87 11.61 -3.07
C LEU A 20 15.14 11.97 -4.52
N GLN A 21 14.92 13.21 -4.86
CA GLN A 21 15.16 13.70 -6.21
C GLN A 21 15.61 15.12 -6.08
N ASN A 22 16.39 15.59 -7.03
CA ASN A 22 16.83 17.00 -7.08
C ASN A 22 17.62 17.35 -5.81
N SER A 23 18.27 16.31 -5.24
CA SER A 23 19.09 16.40 -4.03
C SER A 23 18.26 16.75 -2.78
N ARG A 24 16.96 16.54 -2.84
CA ARG A 24 16.07 16.85 -1.74
C ARG A 24 15.05 15.72 -1.59
N CYS A 25 14.34 15.70 -0.50
CA CYS A 25 13.32 14.71 -0.33
C CYS A 25 11.97 15.38 -0.53
N VAL A 26 11.24 14.90 -1.49
CA VAL A 26 9.95 15.45 -1.87
C VAL A 26 8.93 14.35 -1.85
N CYS A 27 7.71 14.67 -2.15
CA CYS A 27 6.69 13.67 -2.22
C CYS A 27 6.72 13.07 -3.60
N LYS A 28 6.50 11.79 -3.62
CA LYS A 28 6.50 11.03 -4.84
C LYS A 28 5.29 11.41 -5.67
N MET A 29 5.24 11.00 -6.89
CA MET A 29 4.13 11.36 -7.72
C MET A 29 3.06 10.28 -7.61
N PRO A 30 1.76 10.66 -7.59
CA PRO A 30 0.66 9.69 -7.40
C PRO A 30 0.55 8.73 -8.59
N TYR A 31 1.17 9.12 -9.67
CA TYR A 31 1.15 8.35 -10.89
C TYR A 31 2.33 7.41 -10.96
N GLU A 32 3.22 7.52 -9.98
CA GLU A 32 4.32 6.61 -9.84
C GLU A 32 3.90 5.44 -8.97
N CYS A 33 2.72 5.57 -8.40
CA CYS A 33 2.18 4.56 -7.55
C CYS A 33 1.53 3.47 -8.37
N GLY A 34 2.31 2.53 -8.81
CA GLY A 34 1.78 1.38 -9.51
C GLY A 34 1.28 0.38 -8.51
N PRO A 35 2.18 -0.30 -7.78
CA PRO A 35 1.79 -1.21 -6.72
C PRO A 35 1.33 -0.43 -5.49
N SER A 36 0.15 -0.76 -4.97
CA SER A 36 -0.43 -0.13 -3.77
C SER A 36 -1.65 -0.95 -3.31
N LEU A 37 -1.84 -1.02 -2.01
CA LEU A 37 -3.05 -1.60 -1.43
C LEU A 37 -4.25 -0.71 -1.71
N ASP A 38 -5.30 -1.33 -2.18
CA ASP A 38 -6.55 -0.65 -2.52
C ASP A 38 -7.32 -0.38 -1.24
N VAL A 39 -7.74 0.86 -1.05
CA VAL A 39 -8.48 1.26 0.15
C VAL A 39 -9.58 2.28 -0.21
N CYS A 40 -10.56 2.39 0.65
CA CYS A 40 -11.61 3.37 0.46
C CYS A 40 -11.34 4.57 1.34
N ALA A 41 -11.34 5.71 0.75
CA ALA A 41 -11.07 6.92 1.47
C ALA A 41 -12.21 7.88 1.26
N GLN A 42 -12.40 8.75 2.18
CA GLN A 42 -13.41 9.74 2.08
C GLN A 42 -12.77 11.06 1.81
N ASP A 43 -13.17 11.67 0.74
CA ASP A 43 -12.67 12.97 0.38
C ASP A 43 -13.25 14.03 1.29
N GLU A 44 -12.44 14.98 1.67
CA GLU A 44 -12.87 16.03 2.56
C GLU A 44 -13.44 17.25 1.86
N ARG A 45 -13.28 17.33 0.56
CA ARG A 45 -13.79 18.45 -0.15
C ARG A 45 -15.19 18.15 -0.66
N SER A 46 -15.32 16.99 -1.24
CA SER A 46 -16.56 16.54 -1.81
C SER A 46 -17.40 15.81 -0.76
N LYS A 47 -16.70 15.24 0.23
CA LYS A 47 -17.29 14.42 1.29
C LYS A 47 -18.00 13.21 0.72
N ARG A 48 -17.22 12.24 0.26
CA ARG A 48 -17.73 10.99 -0.27
C ARG A 48 -16.65 9.96 -0.27
N ILE A 49 -17.02 8.70 -0.29
CA ILE A 49 -16.04 7.65 -0.28
C ILE A 49 -15.65 7.34 -1.71
N LEU A 50 -14.38 7.32 -1.97
CA LEU A 50 -13.86 6.97 -3.27
C LEU A 50 -12.73 5.96 -3.12
N PRO A 51 -12.54 5.12 -4.12
CA PRO A 51 -11.47 4.14 -4.16
C PRO A 51 -10.10 4.78 -4.38
N LEU A 52 -9.20 4.56 -3.46
CA LEU A 52 -7.86 5.05 -3.55
C LEU A 52 -6.91 3.93 -3.25
N THR A 53 -5.67 4.28 -3.20
CA THR A 53 -4.64 3.37 -2.89
C THR A 53 -3.71 3.99 -1.88
N VAL A 54 -3.07 3.17 -1.09
CA VAL A 54 -2.17 3.62 -0.05
C VAL A 54 -1.08 4.60 -0.51
N CYS A 55 -0.42 4.31 -1.62
CA CYS A 55 0.60 5.20 -2.13
C CYS A 55 -0.03 6.52 -2.56
N LYS A 56 -1.13 6.44 -3.35
CA LYS A 56 -1.78 7.65 -3.85
C LYS A 56 -2.27 8.53 -2.71
N MET A 57 -2.96 7.92 -1.75
CA MET A 57 -3.48 8.61 -0.55
C MET A 57 -2.37 9.34 0.20
N HIS A 58 -1.25 8.67 0.43
CA HIS A 58 -0.17 9.29 1.22
C HIS A 58 0.45 10.42 0.48
N VAL A 59 0.66 10.19 -0.79
CA VAL A 59 1.22 11.16 -1.65
C VAL A 59 0.32 12.38 -1.75
N LEU A 60 -0.95 12.18 -2.06
CA LEU A 60 -1.86 13.30 -2.16
C LEU A 60 -2.02 14.00 -0.81
N HIS A 61 -1.86 13.23 0.26
CA HIS A 61 -2.01 13.74 1.60
C HIS A 61 -0.88 14.72 1.89
N CYS A 62 0.34 14.38 1.49
CA CYS A 62 1.47 15.26 1.74
C CYS A 62 1.52 16.39 0.71
N GLN A 63 0.88 16.17 -0.45
CA GLN A 63 0.75 17.22 -1.45
C GLN A 63 -0.25 18.30 -1.01
N GLY A 64 -1.09 17.96 -0.05
CA GLY A 64 -2.02 18.93 0.49
C GLY A 64 -3.48 18.58 0.23
N ARG A 65 -3.77 17.33 0.08
CA ARG A 65 -5.14 16.91 -0.12
C ARG A 65 -5.65 16.26 1.15
N ASN A 66 -6.73 16.78 1.67
CA ASN A 66 -7.32 16.24 2.87
C ASN A 66 -8.28 15.15 2.54
N TYR A 67 -8.00 13.99 3.05
CA TYR A 67 -8.80 12.82 2.90
C TYR A 67 -8.86 12.10 4.22
N THR A 68 -9.92 11.41 4.44
CA THR A 68 -10.12 10.63 5.60
C THR A 68 -10.16 9.18 5.15
N LEU A 69 -9.83 8.26 5.98
CA LEU A 69 -9.91 6.89 5.58
C LEU A 69 -11.08 6.22 6.19
N THR A 70 -11.61 5.29 5.46
CA THR A 70 -12.75 4.57 5.87
C THR A 70 -12.44 3.08 5.75
N GLY A 71 -13.43 2.23 5.87
CA GLY A 71 -13.17 0.82 5.79
C GLY A 71 -13.16 0.35 4.35
N ARG A 72 -12.88 -0.93 4.15
CA ARG A 72 -12.89 -1.53 2.84
C ARG A 72 -14.28 -1.47 2.24
N ASP A 73 -15.25 -1.67 3.06
CA ASP A 73 -16.60 -1.65 2.62
C ASP A 73 -17.19 -0.26 2.81
N SER A 74 -16.71 0.66 2.03
CA SER A 74 -17.25 1.99 1.98
C SER A 74 -17.30 2.50 0.53
N CYS A 75 -16.52 1.90 -0.35
CA CYS A 75 -16.52 2.28 -1.74
C CYS A 75 -16.51 1.04 -2.58
N THR A 76 -16.72 1.20 -3.85
CA THR A 76 -16.62 0.11 -4.77
C THR A 76 -15.18 0.03 -5.20
N LEU A 77 -14.51 -0.94 -4.66
CA LEU A 77 -13.12 -1.11 -4.88
C LEU A 77 -12.95 -2.04 -6.08
N PRO A 78 -11.87 -1.88 -6.88
CA PRO A 78 -11.59 -2.74 -8.04
C PRO A 78 -11.59 -4.23 -7.66
N ALA A 79 -11.20 -4.50 -6.44
CA ALA A 79 -11.23 -5.83 -5.90
C ALA A 79 -11.92 -5.80 -4.57
N SER A 80 -13.18 -6.11 -4.61
CA SER A 80 -14.00 -6.13 -3.44
C SER A 80 -14.48 -7.56 -3.18
N ALA A 81 -14.79 -8.26 -4.26
CA ALA A 81 -15.25 -9.62 -4.21
C ALA A 81 -14.05 -10.53 -4.40
N GLU A 82 -14.27 -11.71 -4.95
CA GLU A 82 -13.20 -12.66 -5.18
C GLU A 82 -12.15 -12.13 -6.14
N LYS A 83 -10.98 -12.74 -6.09
CA LYS A 83 -9.86 -12.25 -6.82
C LYS A 83 -9.92 -12.71 -8.27
N ALA A 84 -10.04 -11.78 -9.14
CA ALA A 84 -10.17 -12.06 -10.54
C ALA A 84 -9.20 -11.20 -11.30
N CYS A 85 -8.90 -11.58 -12.51
CA CYS A 85 -7.98 -10.82 -13.34
C CYS A 85 -8.59 -9.45 -13.67
N GLY A 86 -7.78 -8.44 -13.52
CA GLY A 86 -8.22 -7.09 -13.75
C GLY A 86 -7.84 -6.24 -12.57
N ALA A 87 -7.68 -6.88 -11.42
CA ALA A 87 -7.26 -6.19 -10.22
C ALA A 87 -6.52 -7.15 -9.33
N CYS A 88 -5.20 -7.06 -9.37
CA CYS A 88 -4.25 -7.87 -8.61
C CYS A 88 -2.84 -7.68 -9.22
N PRO A 89 -2.07 -6.70 -8.74
CA PRO A 89 -0.76 -6.43 -9.31
C PRO A 89 0.37 -7.29 -8.72
N LEU A 90 0.67 -7.08 -7.45
CA LEU A 90 1.82 -7.70 -6.81
C LEU A 90 1.51 -9.00 -6.07
N TRP A 91 0.49 -8.99 -5.24
CA TRP A 91 0.10 -10.16 -4.44
C TRP A 91 -0.69 -11.18 -5.24
N GLY A 92 -0.96 -10.87 -6.47
CA GLY A 92 -1.74 -11.73 -7.27
C GLY A 92 -1.18 -11.84 -8.64
N LYS A 93 -1.40 -12.95 -9.26
CA LYS A 93 -0.94 -13.19 -10.59
C LYS A 93 -2.03 -13.76 -11.45
N CYS A 94 -2.10 -13.25 -12.62
CA CYS A 94 -2.99 -13.74 -13.63
C CYS A 94 -2.08 -14.25 -14.72
N ASP A 95 -1.86 -15.55 -14.73
CA ASP A 95 -0.83 -16.11 -15.60
C ASP A 95 -1.28 -17.42 -16.23
N ALA A 96 -1.47 -18.43 -15.39
CA ALA A 96 -1.96 -19.71 -15.88
C ALA A 96 -3.45 -19.61 -16.05
N GLU A 97 -4.09 -19.08 -15.05
CA GLU A 97 -5.49 -18.82 -15.08
C GLU A 97 -5.67 -17.37 -15.53
N SER A 98 -6.62 -17.15 -16.41
CA SER A 98 -6.84 -15.85 -17.00
C SER A 98 -8.20 -15.26 -16.58
N SER A 99 -8.95 -16.00 -15.80
CA SER A 99 -10.21 -15.50 -15.28
C SER A 99 -10.02 -15.10 -13.81
N LYS A 100 -9.59 -16.05 -13.03
CA LYS A 100 -9.38 -15.89 -11.61
C LYS A 100 -7.93 -15.51 -11.36
N CYS A 101 -7.70 -14.68 -10.39
CA CYS A 101 -6.37 -14.29 -10.08
C CYS A 101 -5.94 -15.08 -8.86
N VAL A 102 -4.71 -15.54 -8.85
CA VAL A 102 -4.24 -16.34 -7.77
C VAL A 102 -3.34 -15.49 -6.88
N CYS A 103 -3.45 -15.69 -5.60
CA CYS A 103 -2.74 -14.89 -4.65
C CYS A 103 -1.49 -15.60 -4.21
N ARG A 104 -0.40 -14.88 -4.18
CA ARG A 104 0.86 -15.41 -3.71
C ARG A 104 0.97 -15.13 -2.23
N GLU A 105 2.03 -15.55 -1.61
CA GLU A 105 2.22 -15.25 -0.22
C GLU A 105 3.27 -14.15 -0.08
N ALA A 106 3.67 -13.87 1.14
CA ALA A 106 4.62 -12.79 1.39
C ALA A 106 6.03 -13.25 1.08
N SER A 107 6.19 -14.54 0.95
CA SER A 107 7.44 -15.17 0.68
C SER A 107 7.92 -14.84 -0.73
N GLU A 108 6.99 -14.76 -1.66
CA GLU A 108 7.35 -14.48 -3.02
C GLU A 108 7.00 -13.04 -3.32
N CYS A 109 7.63 -12.18 -2.61
CA CYS A 109 7.46 -10.78 -2.78
C CYS A 109 8.78 -10.11 -3.05
N GLU A 110 8.93 -9.62 -4.25
CA GLU A 110 10.11 -8.88 -4.64
C GLU A 110 9.80 -7.38 -4.61
N GLU A 111 8.54 -7.07 -4.87
CA GLU A 111 8.07 -5.70 -4.95
C GLU A 111 8.15 -5.02 -3.59
N GLU A 112 8.54 -3.79 -3.58
CA GLU A 112 8.64 -3.04 -2.39
C GLU A 112 7.77 -1.83 -2.46
N GLY A 113 6.54 -2.05 -2.10
CA GLY A 113 5.57 -0.99 -2.03
C GLY A 113 5.67 -0.23 -0.72
N PHE A 114 4.54 0.00 -0.10
CA PHE A 114 4.49 0.67 1.17
C PHE A 114 4.59 -0.29 2.35
N SER A 115 4.53 0.28 3.51
CA SER A 115 4.49 -0.43 4.72
C SER A 115 3.25 0.07 5.42
N ILE A 116 2.43 -0.82 5.91
CA ILE A 116 1.15 -0.43 6.47
C ILE A 116 0.94 -1.06 7.82
N CYS A 117 -0.11 -0.67 8.48
CA CYS A 117 -0.44 -1.14 9.78
C CYS A 117 -1.75 -1.87 9.72
N VAL A 118 -1.72 -3.09 10.09
CA VAL A 118 -2.87 -3.89 10.03
C VAL A 118 -3.04 -4.68 11.32
N GLU A 119 -4.24 -4.68 11.85
CA GLU A 119 -4.52 -5.39 13.05
C GLU A 119 -4.77 -6.83 12.69
N VAL A 120 -3.98 -7.66 13.27
CA VAL A 120 -4.01 -9.06 13.06
C VAL A 120 -3.64 -9.69 14.39
N ASN A 121 -4.31 -10.76 14.77
CA ASN A 121 -4.00 -11.44 16.05
C ASN A 121 -4.33 -10.54 17.25
N GLY A 122 -5.10 -9.50 17.01
CA GLY A 122 -5.45 -8.60 18.06
C GLY A 122 -4.54 -7.39 18.13
N LYS A 123 -3.44 -7.45 17.42
CA LYS A 123 -2.46 -6.39 17.48
C LYS A 123 -2.20 -5.77 16.12
N GLU A 124 -1.84 -4.51 16.11
CA GLU A 124 -1.53 -3.82 14.89
C GLU A 124 -0.09 -4.08 14.49
N GLN A 125 0.09 -4.93 13.53
CA GLN A 125 1.38 -5.27 13.03
C GLN A 125 1.62 -4.53 11.74
N THR A 126 2.82 -4.10 11.56
CA THR A 126 3.22 -3.44 10.36
C THR A 126 3.66 -4.49 9.36
N MET A 127 3.13 -4.42 8.19
CA MET A 127 3.49 -5.35 7.17
C MET A 127 3.91 -4.60 5.95
N SER A 128 4.56 -5.26 5.06
CA SER A 128 4.85 -4.69 3.79
C SER A 128 3.60 -4.81 2.93
N GLU A 129 3.48 -3.93 1.97
CA GLU A 129 2.34 -3.83 1.09
C GLU A 129 1.92 -5.19 0.51
N CYS A 130 2.90 -5.96 0.05
CA CYS A 130 2.62 -7.26 -0.53
C CYS A 130 2.17 -8.26 0.51
N GLU A 131 2.69 -8.14 1.73
CA GLU A 131 2.38 -9.08 2.79
C GLU A 131 0.94 -8.94 3.21
N ALA A 132 0.58 -7.76 3.70
CA ALA A 132 -0.80 -7.51 4.15
C ALA A 132 -1.78 -7.76 3.01
N GLY A 133 -1.36 -7.39 1.81
CA GLY A 133 -2.16 -7.58 0.62
C GLY A 133 -2.39 -9.03 0.32
N ALA A 134 -1.37 -9.85 0.45
CA ALA A 134 -1.48 -11.26 0.17
C ALA A 134 -2.30 -11.96 1.25
N LEU A 135 -2.16 -11.54 2.51
CA LEU A 135 -3.00 -12.09 3.57
C LEU A 135 -4.47 -11.77 3.31
N ARG A 136 -4.72 -10.59 2.78
CA ARG A 136 -6.08 -10.17 2.48
C ARG A 136 -6.57 -10.83 1.19
N CYS A 137 -5.65 -11.16 0.32
CA CYS A 137 -5.96 -11.80 -0.94
C CYS A 137 -6.37 -13.26 -0.71
N ARG A 138 -5.67 -13.94 0.18
CA ARG A 138 -5.91 -15.36 0.46
C ARG A 138 -7.16 -15.60 1.28
N GLY A 139 -7.50 -14.68 2.17
CA GLY A 139 -8.65 -14.90 2.99
C GLY A 139 -8.37 -14.85 4.46
N GLN A 140 -7.13 -14.54 4.81
CA GLN A 140 -6.74 -14.42 6.22
C GLN A 140 -7.46 -13.24 6.86
N SER A 141 -7.74 -13.33 8.12
CA SER A 141 -8.44 -12.29 8.82
C SER A 141 -7.50 -11.19 9.27
N ILE A 142 -7.65 -10.05 8.66
CA ILE A 142 -6.84 -8.90 8.99
C ILE A 142 -7.71 -7.67 8.93
N SER A 143 -7.39 -6.71 9.71
CA SER A 143 -8.09 -5.48 9.71
C SER A 143 -7.12 -4.35 9.41
N VAL A 144 -7.15 -3.83 8.20
CA VAL A 144 -6.27 -2.73 7.83
C VAL A 144 -6.68 -1.50 8.60
N THR A 145 -5.93 -1.19 9.61
CA THR A 145 -6.25 -0.13 10.49
C THR A 145 -5.69 1.20 9.99
N SER A 146 -4.58 1.13 9.29
CA SER A 146 -3.99 2.30 8.73
C SER A 146 -3.08 1.94 7.56
N ILE A 147 -3.05 2.82 6.59
CA ILE A 147 -2.22 2.66 5.42
C ILE A 147 -0.81 3.20 5.70
N ARG A 148 -0.56 3.57 6.93
CA ARG A 148 0.75 3.97 7.35
C ARG A 148 1.25 2.90 8.27
N PRO A 149 2.56 2.71 8.39
CA PRO A 149 3.10 1.71 9.28
C PRO A 149 2.91 2.08 10.75
N CYS A 150 2.89 1.08 11.61
CA CYS A 150 2.82 1.31 13.02
C CYS A 150 4.16 1.00 13.68
N ALA A 151 4.26 1.21 14.98
CA ALA A 151 5.48 0.92 15.71
C ALA A 151 5.54 -0.56 16.06
N ALA A 152 5.50 -1.37 15.04
CA ALA A 152 5.62 -2.80 15.16
C ALA A 152 6.79 -3.27 14.33
N GLU A 153 7.34 -2.35 13.54
CA GLU A 153 8.49 -2.65 12.69
C GLU A 153 9.76 -2.16 13.37
N THR A 154 9.59 -1.73 14.57
CA THR A 154 10.64 -1.21 15.36
C THR A 154 11.44 -2.34 16.00
N GLN A 155 12.69 -2.43 15.64
CA GLN A 155 13.57 -3.43 16.17
C GLN A 155 14.91 -2.81 16.47
N GLY A 1 22.83 16.12 -18.35
CA GLY A 1 23.90 15.99 -17.37
C GLY A 1 23.73 14.75 -16.56
N SER A 2 24.82 14.19 -16.11
CA SER A 2 24.79 13.01 -15.34
C SER A 2 25.77 13.16 -14.18
N HIS A 3 25.56 12.41 -13.14
CA HIS A 3 26.39 12.45 -11.96
C HIS A 3 26.95 11.06 -11.69
N MET A 4 28.21 10.99 -11.35
CA MET A 4 28.90 9.72 -11.15
C MET A 4 28.64 9.16 -9.77
N ASN A 5 28.22 10.01 -8.85
CA ASN A 5 27.99 9.57 -7.50
C ASN A 5 26.69 10.12 -6.99
N PRO A 6 26.05 9.40 -6.09
CA PRO A 6 24.91 9.89 -5.38
C PRO A 6 25.36 10.33 -3.97
N LEU A 7 24.44 10.44 -3.06
CA LEU A 7 24.78 10.79 -1.70
C LEU A 7 25.03 9.52 -0.93
N THR A 8 26.28 9.20 -0.78
CA THR A 8 26.70 8.02 -0.09
C THR A 8 27.02 8.31 1.37
N GLN A 9 27.64 9.44 1.62
CA GLN A 9 27.89 9.86 2.97
C GLN A 9 26.72 10.64 3.44
N ALA A 10 25.88 9.95 4.19
CA ALA A 10 24.57 10.39 4.63
C ALA A 10 23.57 10.23 3.49
N VAL A 11 23.09 9.00 3.36
CA VAL A 11 22.14 8.64 2.34
C VAL A 11 20.75 8.96 2.86
N PRO A 12 20.04 9.89 2.23
CA PRO A 12 18.71 10.24 2.65
C PRO A 12 17.71 9.18 2.24
N LYS A 13 16.94 8.76 3.19
CA LYS A 13 15.92 7.79 2.98
C LYS A 13 14.62 8.50 2.80
N CYS A 14 13.98 8.23 1.73
CA CYS A 14 12.75 8.85 1.43
C CYS A 14 11.66 7.85 1.71
N GLN A 15 10.54 8.32 2.21
CA GLN A 15 9.45 7.44 2.52
C GLN A 15 8.80 6.93 1.24
N ARG A 16 7.87 6.00 1.38
CA ARG A 16 7.21 5.36 0.24
C ARG A 16 6.54 6.38 -0.70
N TRP A 17 6.05 7.45 -0.12
CA TRP A 17 5.34 8.50 -0.85
C TRP A 17 6.28 9.63 -1.19
N GLU A 18 7.55 9.39 -0.99
CA GLU A 18 8.56 10.36 -1.27
C GLU A 18 9.51 9.80 -2.32
N LYS A 19 10.13 10.66 -3.05
CA LYS A 19 11.07 10.26 -4.08
C LYS A 19 12.34 11.06 -3.96
N LEU A 20 13.43 10.46 -4.37
CA LEU A 20 14.72 11.07 -4.25
C LEU A 20 15.10 11.77 -5.56
N GLN A 21 14.94 13.05 -5.59
CA GLN A 21 15.30 13.85 -6.74
C GLN A 21 16.02 15.04 -6.23
N ASN A 22 16.93 15.58 -7.02
CA ASN A 22 17.66 16.80 -6.70
C ASN A 22 18.50 16.58 -5.43
N SER A 23 18.81 15.30 -5.20
CA SER A 23 19.59 14.85 -4.06
C SER A 23 18.84 15.04 -2.73
N ARG A 24 17.52 15.12 -2.79
CA ARG A 24 16.72 15.26 -1.59
C ARG A 24 15.47 14.42 -1.70
N CYS A 25 14.75 14.33 -0.64
CA CYS A 25 13.51 13.61 -0.63
C CYS A 25 12.37 14.59 -0.76
N VAL A 26 11.61 14.43 -1.79
CA VAL A 26 10.45 15.24 -2.05
C VAL A 26 9.26 14.32 -2.08
N CYS A 27 8.09 14.83 -2.24
CA CYS A 27 6.95 13.97 -2.31
C CYS A 27 6.72 13.52 -3.72
N LYS A 28 6.23 12.31 -3.84
CA LYS A 28 5.93 11.70 -5.10
C LYS A 28 4.67 12.40 -5.68
N MET A 29 4.29 12.03 -6.87
CA MET A 29 3.11 12.60 -7.47
C MET A 29 2.04 11.53 -7.58
N PRO A 30 0.74 11.88 -7.47
CA PRO A 30 -0.37 10.89 -7.48
C PRO A 30 -0.40 10.06 -8.76
N TYR A 31 -0.13 10.70 -9.88
CA TYR A 31 -0.16 10.05 -11.19
C TYR A 31 1.12 9.23 -11.43
N GLU A 32 2.01 9.27 -10.47
CA GLU A 32 3.28 8.56 -10.58
C GLU A 32 3.18 7.25 -9.79
N CYS A 33 2.08 7.10 -9.07
CA CYS A 33 1.85 5.94 -8.23
C CYS A 33 1.60 4.68 -9.01
N GLY A 34 1.82 3.56 -8.33
CA GLY A 34 1.58 2.28 -8.88
C GLY A 34 1.32 1.27 -7.79
N PRO A 35 2.34 0.47 -7.42
CA PRO A 35 2.20 -0.62 -6.43
C PRO A 35 1.74 -0.13 -5.05
N SER A 36 0.48 -0.44 -4.72
CA SER A 36 -0.14 -0.05 -3.45
C SER A 36 -1.51 -0.74 -3.27
N LEU A 37 -1.91 -0.95 -2.02
CA LEU A 37 -3.22 -1.51 -1.65
C LEU A 37 -4.32 -0.52 -1.92
N ASP A 38 -5.39 -0.97 -2.55
CA ASP A 38 -6.54 -0.13 -2.80
C ASP A 38 -7.40 -0.04 -1.58
N VAL A 39 -7.82 1.15 -1.29
CA VAL A 39 -8.59 1.45 -0.10
C VAL A 39 -9.66 2.45 -0.47
N CYS A 40 -10.55 2.74 0.41
CA CYS A 40 -11.54 3.70 0.08
C CYS A 40 -11.48 4.81 1.07
N ALA A 41 -11.57 6.01 0.61
CA ALA A 41 -11.39 7.13 1.46
C ALA A 41 -12.49 8.12 1.27
N GLN A 42 -12.68 8.92 2.25
CA GLN A 42 -13.62 9.96 2.21
C GLN A 42 -12.89 11.25 2.02
N ASP A 43 -13.20 11.90 0.97
CA ASP A 43 -12.67 13.21 0.65
C ASP A 43 -13.17 14.19 1.66
N GLU A 44 -12.29 14.88 2.34
CA GLU A 44 -12.71 15.77 3.39
C GLU A 44 -13.29 17.09 2.88
N ARG A 45 -13.26 17.30 1.59
CA ARG A 45 -13.79 18.49 1.02
C ARG A 45 -15.29 18.34 0.80
N SER A 46 -15.66 17.42 -0.05
CA SER A 46 -17.07 17.22 -0.35
C SER A 46 -17.68 16.09 0.50
N LYS A 47 -16.84 15.50 1.37
CA LYS A 47 -17.22 14.42 2.31
C LYS A 47 -17.72 13.19 1.55
N ARG A 48 -17.18 13.02 0.38
CA ARG A 48 -17.59 11.98 -0.56
C ARG A 48 -16.67 10.78 -0.44
N ILE A 49 -17.23 9.60 -0.55
CA ILE A 49 -16.46 8.39 -0.50
C ILE A 49 -15.92 8.10 -1.89
N LEU A 50 -14.63 8.02 -2.04
CA LEU A 50 -14.06 7.71 -3.32
C LEU A 50 -12.98 6.63 -3.19
N PRO A 51 -12.82 5.80 -4.23
CA PRO A 51 -11.80 4.77 -4.25
C PRO A 51 -10.38 5.34 -4.42
N LEU A 52 -9.47 4.91 -3.59
CA LEU A 52 -8.10 5.34 -3.63
C LEU A 52 -7.18 4.17 -3.46
N THR A 53 -5.93 4.46 -3.40
CA THR A 53 -4.94 3.48 -3.20
C THR A 53 -3.95 4.11 -2.21
N VAL A 54 -3.32 3.31 -1.35
CA VAL A 54 -2.41 3.83 -0.30
C VAL A 54 -1.33 4.79 -0.81
N CYS A 55 -0.77 4.54 -2.00
CA CYS A 55 0.22 5.46 -2.57
C CYS A 55 -0.41 6.82 -2.79
N LYS A 56 -1.52 6.84 -3.55
CA LYS A 56 -2.25 8.06 -3.88
C LYS A 56 -2.57 8.85 -2.62
N MET A 57 -3.19 8.16 -1.66
CA MET A 57 -3.58 8.74 -0.38
C MET A 57 -2.40 9.36 0.36
N HIS A 58 -1.27 8.69 0.42
CA HIS A 58 -0.12 9.24 1.15
C HIS A 58 0.49 10.39 0.42
N VAL A 59 0.58 10.25 -0.87
CA VAL A 59 1.11 11.28 -1.71
C VAL A 59 0.28 12.54 -1.60
N LEU A 60 -1.02 12.41 -1.80
CA LEU A 60 -1.90 13.55 -1.69
C LEU A 60 -1.88 14.11 -0.26
N HIS A 61 -1.67 13.24 0.71
CA HIS A 61 -1.68 13.61 2.10
C HIS A 61 -0.47 14.46 2.42
N CYS A 62 0.66 14.19 1.77
CA CYS A 62 1.84 14.98 2.02
C CYS A 62 1.82 16.21 1.12
N GLN A 63 1.11 16.13 -0.02
CA GLN A 63 0.93 17.27 -0.91
C GLN A 63 0.02 18.32 -0.27
N GLY A 64 -0.61 17.95 0.84
CA GLY A 64 -1.42 18.89 1.59
C GLY A 64 -2.90 18.66 1.44
N ARG A 65 -3.30 17.46 1.10
CA ARG A 65 -4.71 17.13 0.98
C ARG A 65 -5.15 16.32 2.19
N ASN A 66 -6.41 16.40 2.56
CA ASN A 66 -6.90 15.72 3.73
C ASN A 66 -8.01 14.77 3.34
N TYR A 67 -7.89 13.54 3.75
CA TYR A 67 -8.83 12.49 3.44
C TYR A 67 -9.00 11.60 4.66
N THR A 68 -10.15 11.03 4.80
CA THR A 68 -10.45 10.15 5.90
C THR A 68 -10.55 8.70 5.39
N LEU A 69 -10.10 7.73 6.17
CA LEU A 69 -10.17 6.32 5.76
C LEU A 69 -11.46 5.72 6.23
N THR A 70 -12.33 5.43 5.31
CA THR A 70 -13.61 4.89 5.64
C THR A 70 -13.62 3.37 5.56
N GLY A 71 -13.87 2.87 4.39
CA GLY A 71 -13.91 1.46 4.18
C GLY A 71 -14.35 1.13 2.80
N ARG A 72 -14.09 -0.09 2.37
CA ARG A 72 -14.42 -0.51 1.03
C ARG A 72 -15.92 -0.63 0.85
N ASP A 73 -16.62 -0.83 1.95
CA ASP A 73 -18.08 -0.99 1.96
C ASP A 73 -18.77 0.31 1.57
N SER A 74 -18.09 1.41 1.82
CA SER A 74 -18.64 2.72 1.56
C SER A 74 -18.65 3.04 0.06
N CYS A 75 -17.92 2.28 -0.73
CA CYS A 75 -17.85 2.51 -2.16
C CYS A 75 -17.73 1.18 -2.91
N THR A 76 -17.33 1.27 -4.15
CA THR A 76 -17.04 0.14 -4.94
C THR A 76 -15.55 0.19 -5.24
N LEU A 77 -14.83 -0.71 -4.66
CA LEU A 77 -13.40 -0.75 -4.80
C LEU A 77 -13.09 -1.51 -6.08
N PRO A 78 -12.07 -1.08 -6.86
CA PRO A 78 -11.70 -1.71 -8.13
C PRO A 78 -11.31 -3.18 -7.98
N ALA A 79 -10.66 -3.51 -6.89
CA ALA A 79 -10.25 -4.86 -6.64
C ALA A 79 -10.19 -5.14 -5.15
N SER A 80 -10.94 -6.13 -4.72
CA SER A 80 -10.88 -6.59 -3.36
C SER A 80 -10.86 -8.12 -3.35
N ALA A 81 -12.03 -8.73 -3.50
CA ALA A 81 -12.17 -10.19 -3.53
C ALA A 81 -12.01 -10.69 -4.94
N GLU A 82 -11.55 -9.83 -5.76
CA GLU A 82 -11.44 -10.04 -7.16
C GLU A 82 -10.01 -10.32 -7.51
N LYS A 83 -9.80 -11.40 -8.21
CA LYS A 83 -8.48 -11.80 -8.63
C LYS A 83 -8.57 -12.01 -10.13
N ALA A 84 -7.61 -11.54 -10.87
CA ALA A 84 -7.67 -11.68 -12.30
C ALA A 84 -6.32 -12.08 -12.85
N CYS A 85 -6.30 -13.12 -13.65
CA CYS A 85 -5.07 -13.60 -14.27
C CYS A 85 -4.60 -12.56 -15.26
N GLY A 86 -3.57 -11.86 -14.88
CA GLY A 86 -3.05 -10.82 -15.70
C GLY A 86 -3.06 -9.50 -14.98
N ALA A 87 -3.83 -9.41 -13.90
CA ALA A 87 -3.86 -8.19 -13.12
C ALA A 87 -4.14 -8.48 -11.65
N CYS A 88 -3.06 -8.46 -10.90
CA CYS A 88 -3.00 -8.60 -9.44
C CYS A 88 -1.52 -8.81 -9.02
N PRO A 89 -0.48 -8.21 -9.75
CA PRO A 89 0.93 -8.64 -9.62
C PRO A 89 1.65 -8.04 -8.42
N LEU A 90 0.89 -7.73 -7.42
CA LEU A 90 1.39 -7.14 -6.22
C LEU A 90 1.67 -8.27 -5.22
N TRP A 91 0.63 -9.00 -4.91
CA TRP A 91 0.66 -10.12 -3.98
C TRP A 91 0.16 -11.39 -4.66
N GLY A 92 -0.09 -11.28 -5.92
CA GLY A 92 -0.66 -12.35 -6.63
C GLY A 92 0.00 -12.55 -7.93
N LYS A 93 -0.15 -13.73 -8.44
CA LYS A 93 0.43 -14.14 -9.67
C LYS A 93 -0.49 -15.12 -10.32
N CYS A 94 -0.40 -15.24 -11.60
CA CYS A 94 -1.14 -16.24 -12.25
C CYS A 94 -0.20 -17.38 -12.54
N ASP A 95 0.00 -18.23 -11.52
CA ASP A 95 0.88 -19.37 -11.66
C ASP A 95 0.03 -20.62 -11.78
N ALA A 96 -1.12 -20.55 -11.18
CA ALA A 96 -2.13 -21.54 -11.35
C ALA A 96 -3.17 -20.91 -12.26
N GLU A 97 -2.96 -21.11 -13.54
CA GLU A 97 -3.73 -20.48 -14.59
C GLU A 97 -5.19 -20.79 -14.53
N SER A 98 -5.95 -19.74 -14.59
CA SER A 98 -7.39 -19.73 -14.61
C SER A 98 -7.75 -18.32 -15.09
N SER A 99 -9.00 -17.96 -15.04
CA SER A 99 -9.35 -16.58 -15.34
C SER A 99 -8.99 -15.72 -14.13
N LYS A 100 -9.07 -16.30 -12.95
CA LYS A 100 -8.67 -15.64 -11.74
C LYS A 100 -7.17 -15.82 -11.57
N CYS A 101 -6.61 -15.16 -10.60
CA CYS A 101 -5.22 -15.35 -10.27
C CYS A 101 -5.18 -15.80 -8.84
N VAL A 102 -4.04 -16.20 -8.37
CA VAL A 102 -3.91 -16.65 -7.02
C VAL A 102 -2.87 -15.84 -6.32
N CYS A 103 -3.01 -15.70 -5.06
CA CYS A 103 -2.08 -14.92 -4.34
C CYS A 103 -1.06 -15.79 -3.70
N ARG A 104 0.17 -15.42 -3.86
CA ARG A 104 1.28 -16.16 -3.32
C ARG A 104 1.47 -15.83 -1.88
N GLU A 105 2.43 -16.45 -1.24
CA GLU A 105 2.65 -16.24 0.17
C GLU A 105 3.09 -14.82 0.45
N ALA A 106 2.87 -14.39 1.66
CA ALA A 106 3.08 -13.03 2.06
C ALA A 106 4.53 -12.63 1.97
N SER A 107 5.41 -13.57 2.22
CA SER A 107 6.82 -13.32 2.13
C SER A 107 7.40 -13.97 0.85
N GLU A 108 6.51 -14.29 -0.08
CA GLU A 108 6.87 -14.89 -1.35
C GLU A 108 6.30 -13.98 -2.45
N CYS A 109 6.25 -12.72 -2.16
CA CYS A 109 5.71 -11.76 -3.08
C CYS A 109 6.83 -11.19 -3.93
N GLU A 110 6.50 -10.65 -5.08
CA GLU A 110 7.51 -10.11 -5.96
C GLU A 110 7.54 -8.59 -5.95
N GLU A 111 6.43 -7.97 -5.60
CA GLU A 111 6.31 -6.54 -5.68
C GLU A 111 6.47 -5.92 -4.29
N GLU A 112 6.94 -4.69 -4.26
CA GLU A 112 7.20 -3.98 -3.05
C GLU A 112 6.52 -2.63 -3.09
N GLY A 113 5.30 -2.60 -2.64
CA GLY A 113 4.55 -1.37 -2.56
C GLY A 113 4.93 -0.54 -1.33
N PHE A 114 3.97 -0.20 -0.53
CA PHE A 114 4.18 0.57 0.68
C PHE A 114 4.29 -0.31 1.92
N SER A 115 4.43 0.33 3.03
CA SER A 115 4.42 -0.30 4.32
C SER A 115 3.20 0.23 5.08
N ILE A 116 2.31 -0.67 5.44
CA ILE A 116 1.04 -0.29 6.07
C ILE A 116 0.91 -0.94 7.45
N CYS A 117 -0.15 -0.61 8.15
CA CYS A 117 -0.38 -1.11 9.50
C CYS A 117 -1.63 -1.96 9.52
N VAL A 118 -1.48 -3.21 9.90
CA VAL A 118 -2.58 -4.13 9.88
C VAL A 118 -2.72 -4.83 11.23
N GLU A 119 -3.89 -4.75 11.81
CA GLU A 119 -4.19 -5.38 13.07
C GLU A 119 -4.51 -6.84 12.84
N VAL A 120 -3.59 -7.65 13.22
CA VAL A 120 -3.68 -9.07 13.05
C VAL A 120 -3.14 -9.67 14.32
N ASN A 121 -3.75 -10.73 14.81
CA ASN A 121 -3.33 -11.38 16.07
C ASN A 121 -3.58 -10.46 17.25
N GLY A 122 -4.46 -9.49 17.06
CA GLY A 122 -4.79 -8.58 18.13
C GLY A 122 -3.89 -7.38 18.17
N LYS A 123 -2.83 -7.40 17.38
CA LYS A 123 -1.89 -6.30 17.37
C LYS A 123 -1.73 -5.71 15.98
N GLU A 124 -1.42 -4.44 15.92
CA GLU A 124 -1.22 -3.78 14.65
C GLU A 124 0.21 -3.92 14.19
N GLN A 125 0.45 -4.87 13.32
CA GLN A 125 1.75 -5.11 12.80
C GLN A 125 1.95 -4.36 11.49
N THR A 126 3.12 -3.82 11.31
CA THR A 126 3.44 -3.12 10.10
C THR A 126 3.84 -4.13 9.06
N MET A 127 3.14 -4.14 7.99
CA MET A 127 3.40 -5.11 6.97
C MET A 127 3.79 -4.44 5.72
N SER A 128 4.38 -5.18 4.85
CA SER A 128 4.65 -4.71 3.55
C SER A 128 3.37 -4.90 2.73
N GLU A 129 3.16 -4.04 1.75
CA GLU A 129 1.97 -4.04 0.89
C GLU A 129 1.56 -5.45 0.46
N CYS A 130 2.54 -6.18 -0.05
CA CYS A 130 2.29 -7.49 -0.61
C CYS A 130 1.97 -8.51 0.47
N GLU A 131 2.50 -8.29 1.66
CA GLU A 131 2.31 -9.18 2.78
C GLU A 131 0.88 -9.09 3.24
N ALA A 132 0.46 -7.88 3.57
CA ALA A 132 -0.88 -7.62 4.01
C ALA A 132 -1.87 -8.04 2.92
N GLY A 133 -1.53 -7.71 1.67
CA GLY A 133 -2.38 -8.03 0.54
C GLY A 133 -2.57 -9.50 0.34
N ALA A 134 -1.48 -10.27 0.45
CA ALA A 134 -1.54 -11.72 0.30
C ALA A 134 -2.39 -12.30 1.39
N LEU A 135 -2.27 -11.75 2.57
CA LEU A 135 -3.04 -12.17 3.71
C LEU A 135 -4.53 -11.94 3.49
N ARG A 136 -4.89 -10.77 2.93
CA ARG A 136 -6.27 -10.43 2.58
C ARG A 136 -6.78 -11.34 1.48
N CYS A 137 -5.88 -11.94 0.76
CA CYS A 137 -6.22 -12.73 -0.39
C CYS A 137 -6.36 -14.22 -0.05
N ARG A 138 -5.55 -14.69 0.88
CA ARG A 138 -5.53 -16.13 1.23
C ARG A 138 -6.64 -16.51 2.21
N GLY A 139 -7.20 -15.54 2.88
CA GLY A 139 -8.22 -15.85 3.85
C GLY A 139 -7.74 -15.64 5.26
N GLN A 140 -6.56 -15.08 5.38
CA GLN A 140 -6.01 -14.73 6.69
C GLN A 140 -6.86 -13.61 7.24
N SER A 141 -7.15 -13.66 8.51
CA SER A 141 -7.96 -12.64 9.10
C SER A 141 -7.06 -11.55 9.64
N ILE A 142 -7.11 -10.45 8.96
CA ILE A 142 -6.29 -9.29 9.21
C ILE A 142 -7.19 -8.11 9.16
N SER A 143 -6.81 -7.06 9.77
CA SER A 143 -7.57 -5.87 9.71
C SER A 143 -6.67 -4.71 9.35
N VAL A 144 -6.75 -4.25 8.11
CA VAL A 144 -5.95 -3.11 7.71
C VAL A 144 -6.52 -1.89 8.37
N THR A 145 -5.90 -1.50 9.44
CA THR A 145 -6.39 -0.42 10.23
C THR A 145 -5.88 0.92 9.76
N SER A 146 -4.70 0.92 9.18
CA SER A 146 -4.15 2.14 8.67
C SER A 146 -3.28 1.89 7.47
N ILE A 147 -3.36 2.79 6.50
CA ILE A 147 -2.50 2.73 5.33
C ILE A 147 -1.14 3.38 5.68
N ARG A 148 -1.05 3.82 6.91
CA ARG A 148 0.18 4.36 7.46
C ARG A 148 0.89 3.22 8.12
N PRO A 149 2.21 3.21 8.18
CA PRO A 149 2.93 2.18 8.90
C PRO A 149 2.84 2.43 10.42
N CYS A 150 2.94 1.37 11.21
CA CYS A 150 2.90 1.52 12.65
C CYS A 150 4.28 1.30 13.26
N ALA A 151 4.39 1.48 14.56
CA ALA A 151 5.63 1.26 15.29
C ALA A 151 5.80 -0.24 15.59
N ALA A 152 5.60 -1.04 14.57
CA ALA A 152 5.69 -2.48 14.65
C ALA A 152 6.46 -2.97 13.45
N GLU A 153 7.62 -2.38 13.24
CA GLU A 153 8.46 -2.74 12.17
C GLU A 153 9.09 -4.07 12.48
N THR A 154 8.66 -5.02 11.70
CA THR A 154 8.98 -6.46 11.74
C THR A 154 10.37 -6.79 12.32
N GLN A 155 10.34 -7.41 13.48
CA GLN A 155 11.53 -7.84 14.18
C GLN A 155 11.53 -9.35 14.23
N GLY A 1 24.59 -12.07 -1.84
CA GLY A 1 24.41 -10.74 -1.28
C GLY A 1 23.61 -9.88 -2.22
N SER A 2 23.12 -8.77 -1.75
CA SER A 2 22.35 -7.87 -2.54
C SER A 2 22.83 -6.47 -2.26
N HIS A 3 23.12 -5.71 -3.29
CA HIS A 3 23.59 -4.37 -3.11
C HIS A 3 22.50 -3.43 -2.74
N MET A 4 22.23 -3.39 -1.45
CA MET A 4 21.26 -2.48 -0.88
C MET A 4 21.78 -1.05 -0.98
N ASN A 5 23.08 -0.92 -1.00
CA ASN A 5 23.72 0.34 -1.10
C ASN A 5 24.56 0.43 -2.37
N PRO A 6 24.27 1.40 -3.24
CA PRO A 6 25.11 1.71 -4.39
C PRO A 6 26.24 2.62 -3.96
N LEU A 7 26.01 3.35 -2.90
CA LEU A 7 26.96 4.23 -2.30
C LEU A 7 26.75 4.17 -0.80
N THR A 8 27.80 4.33 -0.04
CA THR A 8 27.65 4.34 1.41
C THR A 8 28.03 5.71 1.95
N GLN A 9 28.79 6.44 1.19
CA GLN A 9 29.24 7.74 1.61
C GLN A 9 28.24 8.78 1.14
N ALA A 10 27.58 9.42 2.10
CA ALA A 10 26.55 10.45 1.84
C ALA A 10 25.34 9.87 1.12
N VAL A 11 24.44 9.27 1.88
CA VAL A 11 23.27 8.64 1.31
C VAL A 11 22.02 9.32 1.84
N PRO A 12 21.35 10.11 1.01
CA PRO A 12 20.07 10.69 1.37
C PRO A 12 18.90 9.91 0.80
N LYS A 13 17.97 9.60 1.65
CA LYS A 13 16.76 8.91 1.22
C LYS A 13 15.54 9.48 1.87
N CYS A 14 14.44 9.30 1.22
CA CYS A 14 13.21 9.93 1.59
C CYS A 14 12.17 8.87 1.89
N GLN A 15 10.96 9.30 2.22
CA GLN A 15 9.87 8.39 2.50
C GLN A 15 9.44 7.67 1.22
N ARG A 16 8.68 6.62 1.35
CA ARG A 16 8.26 5.79 0.21
C ARG A 16 7.32 6.52 -0.76
N TRP A 17 6.66 7.55 -0.28
CA TRP A 17 5.79 8.37 -1.12
C TRP A 17 6.58 9.59 -1.60
N GLU A 18 7.85 9.57 -1.32
CA GLU A 18 8.73 10.62 -1.69
C GLU A 18 9.77 10.08 -2.64
N LYS A 19 10.48 10.97 -3.26
CA LYS A 19 11.53 10.63 -4.15
C LYS A 19 12.60 11.71 -4.05
N LEU A 20 13.83 11.29 -4.12
CA LEU A 20 14.96 12.19 -4.01
C LEU A 20 15.24 12.84 -5.35
N GLN A 21 14.99 14.12 -5.44
CA GLN A 21 15.30 14.88 -6.61
C GLN A 21 15.63 16.25 -6.14
N ASN A 22 16.49 16.96 -6.88
CA ASN A 22 16.84 18.35 -6.56
C ASN A 22 17.59 18.39 -5.21
N SER A 23 18.17 17.22 -4.86
CA SER A 23 18.93 17.00 -3.64
C SER A 23 18.03 17.14 -2.39
N ARG A 24 16.73 17.03 -2.59
CA ARG A 24 15.77 17.19 -1.53
C ARG A 24 14.75 16.07 -1.61
N CYS A 25 13.93 15.98 -0.62
CA CYS A 25 12.88 15.01 -0.59
C CYS A 25 11.59 15.67 -0.98
N VAL A 26 11.01 15.20 -2.05
CA VAL A 26 9.73 15.69 -2.50
C VAL A 26 8.80 14.53 -2.60
N CYS A 27 7.53 14.79 -2.55
CA CYS A 27 6.60 13.73 -2.68
C CYS A 27 6.29 13.52 -4.13
N LYS A 28 6.20 12.28 -4.52
CA LYS A 28 6.02 11.92 -5.91
C LYS A 28 4.59 12.15 -6.36
N MET A 29 4.26 11.62 -7.50
CA MET A 29 2.92 11.65 -8.00
C MET A 29 2.33 10.24 -7.98
N PRO A 30 1.03 10.11 -7.65
CA PRO A 30 0.40 8.81 -7.34
C PRO A 30 0.33 7.82 -8.50
N TYR A 31 0.53 8.30 -9.71
CA TYR A 31 0.50 7.43 -10.87
C TYR A 31 1.80 6.65 -11.02
N GLU A 32 2.81 7.07 -10.27
CA GLU A 32 4.10 6.43 -10.27
C GLU A 32 4.06 5.22 -9.31
N CYS A 33 3.00 5.15 -8.52
CA CYS A 33 2.84 4.09 -7.55
C CYS A 33 2.55 2.76 -8.21
N GLY A 34 3.58 1.97 -8.39
CA GLY A 34 3.43 0.62 -8.81
C GLY A 34 2.80 -0.18 -7.70
N PRO A 35 3.46 -0.24 -6.52
CA PRO A 35 2.86 -0.83 -5.35
C PRO A 35 1.77 0.10 -4.80
N SER A 36 0.62 -0.48 -4.44
CA SER A 36 -0.48 0.25 -3.89
C SER A 36 -1.57 -0.71 -3.39
N LEU A 37 -1.78 -0.71 -2.10
CA LEU A 37 -2.82 -1.53 -1.48
C LEU A 37 -4.13 -0.76 -1.45
N ASP A 38 -5.22 -1.38 -1.87
CA ASP A 38 -6.53 -0.72 -1.88
C ASP A 38 -7.08 -0.49 -0.48
N VAL A 39 -7.42 0.77 -0.21
CA VAL A 39 -7.99 1.20 1.06
C VAL A 39 -9.12 2.21 0.79
N CYS A 40 -9.93 2.49 1.75
CA CYS A 40 -11.00 3.43 1.55
C CYS A 40 -10.76 4.70 2.30
N ALA A 41 -11.04 5.79 1.64
CA ALA A 41 -10.80 7.07 2.19
C ALA A 41 -11.99 7.97 1.95
N GLN A 42 -11.94 9.11 2.52
CA GLN A 42 -12.96 10.10 2.36
C GLN A 42 -12.33 11.39 1.95
N ASP A 43 -12.81 11.90 0.86
CA ASP A 43 -12.38 13.16 0.33
C ASP A 43 -12.97 14.29 1.14
N GLU A 44 -12.18 15.28 1.44
CA GLU A 44 -12.62 16.41 2.22
C GLU A 44 -13.37 17.43 1.36
N ARG A 45 -12.96 17.51 0.09
CA ARG A 45 -13.50 18.48 -0.84
C ARG A 45 -14.98 18.23 -1.10
N SER A 46 -15.31 17.03 -1.47
CA SER A 46 -16.66 16.70 -1.77
C SER A 46 -17.31 15.87 -0.65
N LYS A 47 -16.53 15.53 0.40
CA LYS A 47 -17.02 14.70 1.50
C LYS A 47 -17.58 13.38 1.00
N ARG A 48 -16.86 12.75 0.09
CA ARG A 48 -17.29 11.51 -0.49
C ARG A 48 -16.36 10.39 -0.12
N ILE A 49 -16.90 9.20 0.03
CA ILE A 49 -16.10 8.06 0.35
C ILE A 49 -15.60 7.50 -0.97
N LEU A 50 -14.34 7.24 -1.06
CA LEU A 50 -13.80 6.66 -2.24
C LEU A 50 -12.88 5.49 -1.94
N PRO A 51 -12.71 4.59 -2.88
CA PRO A 51 -11.66 3.64 -2.84
C PRO A 51 -10.36 4.27 -3.40
N LEU A 52 -9.36 4.33 -2.57
CA LEU A 52 -8.06 4.84 -2.95
C LEU A 52 -7.04 3.79 -2.67
N THR A 53 -5.84 4.07 -2.92
CA THR A 53 -4.81 3.16 -2.64
C THR A 53 -3.86 3.77 -1.65
N VAL A 54 -3.14 2.98 -0.91
CA VAL A 54 -2.25 3.49 0.12
C VAL A 54 -1.08 4.34 -0.41
N CYS A 55 -0.32 3.84 -1.39
CA CYS A 55 0.74 4.67 -1.99
C CYS A 55 0.09 5.92 -2.57
N LYS A 56 -1.06 5.72 -3.24
CA LYS A 56 -1.83 6.77 -3.87
C LYS A 56 -2.14 7.84 -2.83
N MET A 57 -2.95 7.48 -1.81
CA MET A 57 -3.36 8.37 -0.69
C MET A 57 -2.18 9.04 0.00
N HIS A 58 -1.12 8.30 0.33
CA HIS A 58 0.05 8.93 0.98
C HIS A 58 0.64 10.06 0.11
N VAL A 59 0.79 9.78 -1.17
CA VAL A 59 1.28 10.76 -2.14
C VAL A 59 0.25 11.89 -2.29
N LEU A 60 -0.97 11.47 -2.52
CA LEU A 60 -2.19 12.28 -2.63
C LEU A 60 -2.25 13.28 -1.46
N HIS A 61 -1.98 12.78 -0.28
CA HIS A 61 -2.04 13.53 0.95
C HIS A 61 -0.89 14.51 1.01
N CYS A 62 0.30 14.06 0.60
CA CYS A 62 1.48 14.88 0.68
C CYS A 62 1.47 15.96 -0.40
N GLN A 63 0.70 15.71 -1.47
CA GLN A 63 0.45 16.69 -2.53
C GLN A 63 -0.28 17.94 -1.99
N GLY A 64 -0.84 17.81 -0.80
CA GLY A 64 -1.51 18.93 -0.18
C GLY A 64 -2.98 18.68 -0.04
N ARG A 65 -3.43 17.56 -0.57
CA ARG A 65 -4.83 17.23 -0.56
C ARG A 65 -5.17 16.60 0.77
N ASN A 66 -6.25 17.04 1.33
CA ASN A 66 -6.69 16.54 2.62
C ASN A 66 -7.71 15.50 2.41
N TYR A 67 -7.41 14.32 2.84
CA TYR A 67 -8.29 13.20 2.77
C TYR A 67 -8.27 12.52 4.09
N THR A 68 -9.38 11.98 4.44
CA THR A 68 -9.57 11.28 5.66
C THR A 68 -9.64 9.80 5.29
N LEU A 69 -9.40 8.91 6.20
CA LEU A 69 -9.59 7.53 5.89
C LEU A 69 -10.84 7.01 6.50
N THR A 70 -11.41 6.02 5.89
CA THR A 70 -12.67 5.47 6.34
C THR A 70 -12.63 3.95 6.33
N GLY A 71 -13.72 3.32 6.69
CA GLY A 71 -13.78 1.90 6.72
C GLY A 71 -14.26 1.32 5.42
N ARG A 72 -13.98 0.06 5.21
CA ARG A 72 -14.32 -0.69 4.00
C ARG A 72 -15.83 -0.77 3.75
N ASP A 73 -16.58 -0.49 4.77
CA ASP A 73 -18.01 -0.57 4.75
C ASP A 73 -18.62 0.65 4.08
N SER A 74 -17.89 1.72 4.08
CA SER A 74 -18.37 2.97 3.54
C SER A 74 -18.17 3.04 2.01
N CYS A 75 -17.39 2.14 1.51
CA CYS A 75 -16.97 2.14 0.13
C CYS A 75 -17.22 0.79 -0.52
N THR A 76 -16.86 0.70 -1.77
CA THR A 76 -16.76 -0.53 -2.47
C THR A 76 -15.32 -0.64 -2.92
N LEU A 77 -14.60 -1.58 -2.37
CA LEU A 77 -13.20 -1.67 -2.64
C LEU A 77 -12.95 -2.60 -3.83
N PRO A 78 -12.14 -2.17 -4.81
CA PRO A 78 -11.83 -2.98 -5.96
C PRO A 78 -11.10 -4.27 -5.59
N ALA A 79 -9.90 -4.18 -5.04
CA ALA A 79 -9.21 -5.37 -4.61
C ALA A 79 -9.55 -5.71 -3.20
N SER A 80 -10.67 -6.30 -3.07
CA SER A 80 -11.15 -6.78 -1.83
C SER A 80 -10.96 -8.30 -1.77
N ALA A 81 -10.79 -8.88 -2.95
CA ALA A 81 -10.58 -10.28 -3.14
C ALA A 81 -9.88 -10.46 -4.48
N GLU A 82 -9.63 -11.69 -4.85
CA GLU A 82 -8.92 -12.06 -6.07
C GLU A 82 -9.71 -11.70 -7.32
N LYS A 83 -9.02 -11.68 -8.45
CA LYS A 83 -9.62 -11.36 -9.74
C LYS A 83 -9.17 -12.35 -10.78
N ALA A 84 -9.58 -12.13 -12.00
CA ALA A 84 -9.20 -12.96 -13.11
C ALA A 84 -7.91 -12.42 -13.70
N CYS A 85 -7.34 -13.15 -14.63
CA CYS A 85 -6.11 -12.74 -15.24
C CYS A 85 -6.40 -11.54 -16.14
N GLY A 86 -5.66 -10.48 -15.93
CA GLY A 86 -5.86 -9.27 -16.69
C GLY A 86 -5.96 -8.09 -15.77
N ALA A 87 -6.32 -8.37 -14.54
CA ALA A 87 -6.31 -7.39 -13.50
C ALA A 87 -5.77 -8.07 -12.28
N CYS A 88 -4.53 -7.82 -12.00
CA CYS A 88 -3.85 -8.47 -10.92
C CYS A 88 -2.91 -7.49 -10.26
N PRO A 89 -3.20 -7.09 -9.02
CA PRO A 89 -2.34 -6.16 -8.30
C PRO A 89 -1.04 -6.83 -7.84
N LEU A 90 -0.34 -6.17 -6.96
CA LEU A 90 0.97 -6.57 -6.42
C LEU A 90 1.00 -8.04 -6.00
N TRP A 91 0.03 -8.39 -5.21
CA TRP A 91 -0.10 -9.70 -4.61
C TRP A 91 -0.76 -10.72 -5.53
N GLY A 92 -1.16 -10.29 -6.69
CA GLY A 92 -1.89 -11.13 -7.59
C GLY A 92 -1.11 -11.36 -8.84
N LYS A 93 -0.90 -12.58 -9.19
CA LYS A 93 -0.11 -12.90 -10.34
C LYS A 93 -0.85 -13.84 -11.26
N CYS A 94 -0.42 -13.87 -12.48
CA CYS A 94 -1.02 -14.73 -13.49
C CYS A 94 0.08 -15.36 -14.32
N ASP A 95 0.00 -16.65 -14.49
CA ASP A 95 0.96 -17.39 -15.28
C ASP A 95 0.20 -18.15 -16.36
N ALA A 96 0.89 -18.67 -17.36
CA ALA A 96 0.26 -19.42 -18.44
C ALA A 96 -0.45 -20.67 -17.91
N GLU A 97 -0.03 -21.16 -16.77
CA GLU A 97 -0.65 -22.34 -16.19
C GLU A 97 -1.74 -21.98 -15.17
N SER A 98 -2.00 -20.72 -15.00
CA SER A 98 -3.06 -20.27 -14.13
C SER A 98 -4.06 -19.42 -14.90
N SER A 99 -5.21 -20.00 -15.17
CA SER A 99 -6.28 -19.34 -15.91
C SER A 99 -6.82 -18.16 -15.12
N LYS A 100 -7.05 -18.39 -13.85
CA LYS A 100 -7.52 -17.37 -12.96
C LYS A 100 -6.29 -16.70 -12.37
N CYS A 101 -6.45 -15.66 -11.61
CA CYS A 101 -5.30 -14.99 -11.07
C CYS A 101 -5.12 -15.50 -9.65
N VAL A 102 -3.91 -15.67 -9.26
CA VAL A 102 -3.60 -16.24 -7.99
C VAL A 102 -2.84 -15.25 -7.13
N CYS A 103 -3.15 -15.22 -5.89
CA CYS A 103 -2.50 -14.34 -4.99
C CYS A 103 -1.42 -15.05 -4.23
N ARG A 104 -0.27 -14.42 -4.22
CA ARG A 104 0.88 -14.89 -3.51
C ARG A 104 0.69 -14.62 -2.03
N GLU A 105 1.61 -15.07 -1.22
CA GLU A 105 1.55 -14.76 0.18
C GLU A 105 2.66 -13.80 0.57
N ALA A 106 2.71 -13.44 1.84
CA ALA A 106 3.57 -12.36 2.33
C ALA A 106 5.04 -12.64 2.06
N SER A 107 5.42 -13.88 2.14
CA SER A 107 6.79 -14.26 1.94
C SER A 107 7.19 -14.36 0.45
N GLU A 108 6.22 -14.18 -0.42
CA GLU A 108 6.47 -14.30 -1.86
C GLU A 108 6.43 -12.93 -2.53
N CYS A 109 6.16 -11.91 -1.75
CA CYS A 109 6.09 -10.57 -2.26
C CYS A 109 7.46 -9.96 -2.47
N GLU A 110 7.83 -9.84 -3.71
CA GLU A 110 9.10 -9.26 -4.13
C GLU A 110 8.96 -7.79 -4.44
N GLU A 111 7.72 -7.35 -4.53
CA GLU A 111 7.39 -5.97 -4.83
C GLU A 111 7.98 -5.01 -3.78
N GLU A 112 7.76 -5.33 -2.50
CA GLU A 112 8.20 -4.50 -1.37
C GLU A 112 7.67 -3.08 -1.50
N GLY A 113 6.38 -2.93 -1.25
CA GLY A 113 5.73 -1.64 -1.33
C GLY A 113 5.83 -0.90 -0.03
N PHE A 114 4.76 -0.25 0.32
CA PHE A 114 4.68 0.48 1.56
C PHE A 114 4.55 -0.47 2.76
N SER A 115 4.41 0.11 3.90
CA SER A 115 4.23 -0.61 5.12
C SER A 115 3.05 -0.03 5.88
N ILE A 116 2.09 -0.87 6.22
CA ILE A 116 0.89 -0.43 6.87
C ILE A 116 0.68 -1.22 8.16
N CYS A 117 -0.28 -0.83 8.94
CA CYS A 117 -0.55 -1.45 10.21
C CYS A 117 -1.80 -2.30 10.05
N VAL A 118 -1.70 -3.57 10.37
CA VAL A 118 -2.82 -4.46 10.20
C VAL A 118 -3.10 -5.24 11.46
N GLU A 119 -4.35 -5.28 11.84
CA GLU A 119 -4.80 -6.03 12.96
C GLU A 119 -4.98 -7.48 12.53
N VAL A 120 -4.14 -8.31 13.04
CA VAL A 120 -4.13 -9.71 12.76
C VAL A 120 -4.21 -10.46 14.07
N ASN A 121 -5.22 -11.33 14.18
CA ASN A 121 -5.43 -12.12 15.40
C ASN A 121 -5.88 -11.24 16.55
N GLY A 122 -6.23 -10.01 16.25
CA GLY A 122 -6.60 -9.07 17.25
C GLY A 122 -5.47 -8.13 17.62
N LYS A 123 -4.28 -8.43 17.14
CA LYS A 123 -3.11 -7.63 17.45
C LYS A 123 -2.64 -6.91 16.21
N GLU A 124 -2.09 -5.76 16.37
CA GLU A 124 -1.64 -5.02 15.22
C GLU A 124 -0.18 -5.33 14.91
N GLN A 125 0.08 -5.69 13.69
CA GLN A 125 1.41 -5.98 13.21
C GLN A 125 1.60 -5.29 11.86
N THR A 126 2.77 -4.72 11.66
CA THR A 126 3.11 -4.01 10.44
C THR A 126 3.34 -5.00 9.30
N MET A 127 2.73 -4.76 8.17
CA MET A 127 2.96 -5.60 7.02
C MET A 127 3.26 -4.71 5.85
N SER A 128 3.87 -5.27 4.88
CA SER A 128 4.09 -4.60 3.66
C SER A 128 2.79 -4.50 2.89
N GLU A 129 2.74 -3.56 2.00
CA GLU A 129 1.62 -3.26 1.14
C GLU A 129 1.20 -4.48 0.31
N CYS A 130 2.12 -5.40 0.11
CA CYS A 130 1.82 -6.57 -0.68
C CYS A 130 1.37 -7.66 0.26
N GLU A 131 2.11 -7.78 1.37
CA GLU A 131 1.86 -8.76 2.41
C GLU A 131 0.41 -8.73 2.86
N ALA A 132 -0.02 -7.59 3.38
CA ALA A 132 -1.37 -7.42 3.90
C ALA A 132 -2.41 -7.77 2.82
N GLY A 133 -2.15 -7.32 1.61
CA GLY A 133 -3.07 -7.53 0.50
C GLY A 133 -3.14 -8.98 0.09
N ALA A 134 -2.02 -9.64 0.14
CA ALA A 134 -1.90 -11.03 -0.18
C ALA A 134 -2.74 -11.85 0.77
N LEU A 135 -2.64 -11.53 2.04
CA LEU A 135 -3.44 -12.19 3.05
C LEU A 135 -4.93 -11.91 2.83
N ARG A 136 -5.28 -10.64 2.50
CA ARG A 136 -6.67 -10.26 2.22
C ARG A 136 -7.20 -11.04 1.02
N CYS A 137 -6.34 -11.24 0.03
CA CYS A 137 -6.73 -11.92 -1.18
C CYS A 137 -6.95 -13.42 -0.96
N ARG A 138 -6.09 -14.08 -0.18
CA ARG A 138 -6.24 -15.52 0.02
C ARG A 138 -7.46 -15.86 0.85
N GLY A 139 -7.92 -14.93 1.65
CA GLY A 139 -9.07 -15.18 2.47
C GLY A 139 -8.75 -15.11 3.92
N GLN A 140 -7.52 -14.76 4.24
CA GLN A 140 -7.14 -14.56 5.61
C GLN A 140 -7.89 -13.35 6.15
N SER A 141 -8.25 -13.39 7.40
CA SER A 141 -9.00 -12.32 7.96
C SER A 141 -8.10 -11.39 8.75
N ILE A 142 -7.89 -10.23 8.20
CA ILE A 142 -7.05 -9.22 8.76
C ILE A 142 -7.69 -7.87 8.54
N SER A 143 -7.50 -6.99 9.44
CA SER A 143 -8.05 -5.69 9.35
C SER A 143 -6.95 -4.64 9.26
N VAL A 144 -6.76 -4.09 8.09
CA VAL A 144 -5.81 -3.00 7.92
C VAL A 144 -6.35 -1.80 8.68
N THR A 145 -5.66 -1.44 9.73
CA THR A 145 -6.12 -0.41 10.62
C THR A 145 -5.72 0.96 10.11
N SER A 146 -4.52 1.06 9.63
CA SER A 146 -3.99 2.30 9.16
C SER A 146 -3.02 2.05 8.03
N ILE A 147 -2.84 3.06 7.19
CA ILE A 147 -1.92 2.98 6.07
C ILE A 147 -0.51 3.36 6.53
N ARG A 148 -0.43 3.64 7.79
CA ARG A 148 0.79 3.94 8.47
C ARG A 148 1.18 2.67 9.20
N PRO A 149 2.48 2.34 9.34
CA PRO A 149 2.95 1.11 10.03
C PRO A 149 2.53 1.08 11.51
N CYS A 150 2.72 -0.06 12.14
CA CYS A 150 2.39 -0.20 13.55
C CYS A 150 3.67 0.08 14.35
N ALA A 151 3.55 0.06 15.67
CA ALA A 151 4.71 0.14 16.54
C ALA A 151 5.28 -1.27 16.70
N ALA A 152 4.46 -2.23 16.32
CA ALA A 152 4.81 -3.62 16.28
C ALA A 152 5.63 -3.88 15.06
N GLU A 153 6.90 -3.75 15.24
CA GLU A 153 7.83 -3.96 14.19
C GLU A 153 8.26 -5.39 14.17
N THR A 154 7.69 -6.09 13.27
CA THR A 154 7.93 -7.49 13.10
C THR A 154 9.30 -7.70 12.43
N GLN A 155 9.98 -8.72 12.86
CA GLN A 155 11.26 -9.07 12.32
C GLN A 155 11.08 -10.36 11.57
N GLY A 1 35.79 8.47 -14.89
CA GLY A 1 35.43 7.16 -15.38
C GLY A 1 34.23 7.22 -16.27
N SER A 2 33.21 6.43 -15.97
CA SER A 2 32.02 6.41 -16.77
C SER A 2 30.79 6.21 -15.89
N HIS A 3 29.91 7.19 -15.87
CA HIS A 3 28.62 7.03 -15.26
C HIS A 3 27.55 7.41 -16.26
N MET A 4 27.45 6.60 -17.29
CA MET A 4 26.53 6.85 -18.36
C MET A 4 25.14 6.44 -17.96
N ASN A 5 25.04 5.30 -17.34
CA ASN A 5 23.78 4.85 -16.83
C ASN A 5 23.71 5.20 -15.34
N PRO A 6 22.56 5.70 -14.86
CA PRO A 6 22.37 6.00 -13.44
C PRO A 6 22.59 4.75 -12.59
N LEU A 7 23.49 4.85 -11.65
CA LEU A 7 23.86 3.71 -10.86
C LEU A 7 22.85 3.38 -9.76
N THR A 8 22.61 2.11 -9.59
CA THR A 8 21.68 1.60 -8.62
C THR A 8 22.46 1.25 -7.32
N GLN A 9 23.75 1.59 -7.32
CA GLN A 9 24.64 1.29 -6.20
C GLN A 9 24.25 2.06 -4.94
N ALA A 10 23.68 3.20 -5.13
CA ALA A 10 23.27 4.03 -4.03
C ALA A 10 21.76 3.98 -3.88
N VAL A 11 21.30 3.95 -2.64
CA VAL A 11 19.89 3.87 -2.35
C VAL A 11 19.44 5.14 -1.63
N PRO A 12 18.64 6.00 -2.28
CA PRO A 12 18.11 7.19 -1.64
C PRO A 12 17.10 6.82 -0.56
N LYS A 13 17.34 7.29 0.63
CA LYS A 13 16.46 6.97 1.74
C LYS A 13 15.32 7.95 1.85
N CYS A 14 14.22 7.51 1.37
CA CYS A 14 13.00 8.26 1.35
C CYS A 14 11.90 7.32 1.71
N GLN A 15 10.78 7.84 2.14
CA GLN A 15 9.68 6.96 2.45
C GLN A 15 9.02 6.46 1.18
N ARG A 16 8.07 5.59 1.32
CA ARG A 16 7.38 4.94 0.20
C ARG A 16 6.73 5.94 -0.76
N TRP A 17 6.31 7.04 -0.23
CA TRP A 17 5.63 8.07 -0.97
C TRP A 17 6.60 9.18 -1.37
N GLU A 18 7.88 8.95 -1.15
CA GLU A 18 8.88 9.96 -1.41
C GLU A 18 9.98 9.42 -2.33
N LYS A 19 10.73 10.33 -2.92
CA LYS A 19 11.87 10.03 -3.77
C LYS A 19 12.82 11.20 -3.83
N LEU A 20 14.00 10.93 -4.32
CA LEU A 20 15.06 11.91 -4.41
C LEU A 20 15.05 12.57 -5.78
N GLN A 21 14.78 13.84 -5.81
CA GLN A 21 14.86 14.61 -7.02
C GLN A 21 15.45 15.92 -6.64
N ASN A 22 16.21 16.51 -7.54
CA ASN A 22 16.77 17.85 -7.33
C ASN A 22 17.70 17.87 -6.10
N SER A 23 18.24 16.69 -5.77
CA SER A 23 19.15 16.48 -4.66
C SER A 23 18.43 16.62 -3.30
N ARG A 24 17.11 16.51 -3.31
CA ARG A 24 16.31 16.56 -2.10
C ARG A 24 15.24 15.48 -2.14
N CYS A 25 14.68 15.16 -1.02
CA CYS A 25 13.64 14.17 -0.98
C CYS A 25 12.29 14.86 -0.96
N VAL A 26 11.46 14.50 -1.88
CA VAL A 26 10.13 15.07 -2.05
C VAL A 26 9.17 13.92 -2.23
N CYS A 27 7.91 14.21 -2.36
CA CYS A 27 6.95 13.16 -2.56
C CYS A 27 6.87 12.84 -4.02
N LYS A 28 6.65 11.58 -4.32
CA LYS A 28 6.51 11.12 -5.68
C LYS A 28 5.19 11.62 -6.25
N MET A 29 4.86 11.28 -7.45
CA MET A 29 3.63 11.78 -7.99
C MET A 29 2.51 10.76 -7.77
N PRO A 30 1.26 11.21 -7.50
CA PRO A 30 0.13 10.30 -7.24
C PRO A 30 -0.25 9.48 -8.47
N TYR A 31 -0.08 10.08 -9.63
CA TYR A 31 -0.40 9.42 -10.90
C TYR A 31 0.74 8.48 -11.29
N GLU A 32 1.81 8.55 -10.53
CA GLU A 32 3.00 7.74 -10.71
C GLU A 32 2.86 6.50 -9.82
N CYS A 33 1.71 6.36 -9.22
CA CYS A 33 1.42 5.22 -8.38
C CYS A 33 0.59 4.24 -9.15
N GLY A 34 0.66 3.01 -8.74
CA GLY A 34 -0.11 1.97 -9.33
C GLY A 34 -0.25 0.84 -8.33
N PRO A 35 0.78 -0.01 -8.20
CA PRO A 35 0.78 -1.10 -7.23
C PRO A 35 0.77 -0.59 -5.79
N SER A 36 -0.38 -0.72 -5.16
CA SER A 36 -0.63 -0.36 -3.80
C SER A 36 -2.03 -0.86 -3.41
N LEU A 37 -2.34 -0.91 -2.14
CA LEU A 37 -3.68 -1.34 -1.71
C LEU A 37 -4.71 -0.24 -1.97
N ASP A 38 -5.81 -0.59 -2.62
CA ASP A 38 -6.85 0.40 -2.87
C ASP A 38 -7.71 0.44 -1.66
N VAL A 39 -7.97 1.62 -1.17
CA VAL A 39 -8.70 1.77 0.07
C VAL A 39 -9.78 2.87 -0.01
N CYS A 40 -10.63 2.95 1.00
CA CYS A 40 -11.68 3.95 1.06
C CYS A 40 -11.23 5.12 1.92
N ALA A 41 -11.16 6.27 1.35
CA ALA A 41 -10.77 7.44 2.06
C ALA A 41 -11.85 8.49 1.95
N GLN A 42 -11.89 9.39 2.88
CA GLN A 42 -12.81 10.46 2.84
C GLN A 42 -12.13 11.72 2.44
N ASP A 43 -12.65 12.33 1.42
CA ASP A 43 -12.16 13.57 0.89
C ASP A 43 -12.56 14.68 1.82
N GLU A 44 -11.61 15.44 2.30
CA GLU A 44 -11.90 16.50 3.26
C GLU A 44 -12.40 17.80 2.62
N ARG A 45 -12.69 17.78 1.35
CA ARG A 45 -13.19 18.94 0.70
C ARG A 45 -14.70 18.78 0.50
N SER A 46 -15.08 17.66 -0.07
CA SER A 46 -16.46 17.37 -0.38
C SER A 46 -17.08 16.42 0.67
N LYS A 47 -16.22 15.87 1.54
CA LYS A 47 -16.61 14.92 2.62
C LYS A 47 -17.09 13.58 2.07
N ARG A 48 -16.76 13.32 0.83
CA ARG A 48 -17.18 12.13 0.13
C ARG A 48 -16.20 11.00 0.35
N ILE A 49 -16.70 9.79 0.37
CA ILE A 49 -15.84 8.64 0.49
C ILE A 49 -15.48 8.19 -0.91
N LEU A 50 -14.22 8.11 -1.19
CA LEU A 50 -13.78 7.69 -2.50
C LEU A 50 -12.68 6.63 -2.39
N PRO A 51 -12.57 5.77 -3.40
CA PRO A 51 -11.51 4.77 -3.48
C PRO A 51 -10.16 5.44 -3.85
N LEU A 52 -9.22 5.36 -2.96
CA LEU A 52 -7.90 5.88 -3.14
C LEU A 52 -6.94 4.83 -2.78
N THR A 53 -5.91 4.71 -3.50
CA THR A 53 -4.94 3.70 -3.23
C THR A 53 -3.88 4.28 -2.28
N VAL A 54 -3.28 3.39 -1.46
CA VAL A 54 -2.27 3.74 -0.44
C VAL A 54 -1.22 4.72 -0.95
N CYS A 55 -0.64 4.40 -2.09
CA CYS A 55 0.41 5.24 -2.66
C CYS A 55 -0.12 6.63 -2.95
N LYS A 56 -1.27 6.69 -3.61
CA LYS A 56 -1.86 7.95 -4.03
C LYS A 56 -2.27 8.80 -2.84
N MET A 57 -2.95 8.16 -1.90
CA MET A 57 -3.41 8.80 -0.67
C MET A 57 -2.22 9.31 0.17
N HIS A 58 -1.15 8.53 0.24
CA HIS A 58 0.02 8.95 1.04
C HIS A 58 0.71 10.12 0.40
N VAL A 59 0.83 10.05 -0.90
CA VAL A 59 1.43 11.08 -1.68
C VAL A 59 0.66 12.36 -1.60
N LEU A 60 -0.63 12.30 -1.91
CA LEU A 60 -1.44 13.49 -1.86
C LEU A 60 -1.48 14.07 -0.44
N HIS A 61 -1.40 13.19 0.56
CA HIS A 61 -1.40 13.58 1.95
C HIS A 61 -0.15 14.39 2.26
N CYS A 62 0.99 13.93 1.78
CA CYS A 62 2.23 14.61 2.08
C CYS A 62 2.38 15.87 1.23
N GLN A 63 1.65 15.93 0.11
CA GLN A 63 1.63 17.12 -0.72
C GLN A 63 0.84 18.23 -0.04
N GLY A 64 -0.05 17.85 0.88
CA GLY A 64 -0.81 18.85 1.60
C GLY A 64 -2.31 18.59 1.57
N ARG A 65 -2.71 17.50 0.97
CA ARG A 65 -4.11 17.16 0.88
C ARG A 65 -4.54 16.40 2.13
N ASN A 66 -5.74 16.65 2.58
CA ASN A 66 -6.25 15.97 3.74
C ASN A 66 -7.29 14.99 3.36
N TYR A 67 -7.07 13.77 3.74
CA TYR A 67 -7.98 12.71 3.52
C TYR A 67 -8.04 11.87 4.74
N THR A 68 -9.21 11.60 5.15
CA THR A 68 -9.46 10.84 6.32
C THR A 68 -9.60 9.36 5.95
N LEU A 69 -9.11 8.49 6.78
CA LEU A 69 -9.26 7.08 6.55
C LEU A 69 -10.58 6.62 7.07
N THR A 70 -11.27 5.89 6.26
CA THR A 70 -12.55 5.36 6.60
C THR A 70 -12.51 3.86 6.41
N GLY A 71 -13.61 3.21 6.66
CA GLY A 71 -13.65 1.78 6.55
C GLY A 71 -13.86 1.34 5.12
N ARG A 72 -13.47 0.11 4.84
CA ARG A 72 -13.61 -0.50 3.50
C ARG A 72 -15.08 -0.60 3.08
N ASP A 73 -15.96 -0.44 4.03
CA ASP A 73 -17.40 -0.52 3.84
C ASP A 73 -17.95 0.79 3.29
N SER A 74 -17.19 1.85 3.42
CA SER A 74 -17.66 3.17 3.06
C SER A 74 -17.65 3.45 1.54
N CYS A 75 -16.82 2.77 0.78
CA CYS A 75 -16.80 3.01 -0.65
C CYS A 75 -16.89 1.70 -1.41
N THR A 76 -17.05 1.79 -2.69
CA THR A 76 -17.03 0.63 -3.52
C THR A 76 -15.59 0.37 -3.91
N LEU A 77 -15.00 -0.55 -3.24
CA LEU A 77 -13.63 -0.83 -3.41
C LEU A 77 -13.44 -2.01 -4.36
N PRO A 78 -12.51 -1.89 -5.33
CA PRO A 78 -12.24 -2.97 -6.27
C PRO A 78 -11.38 -4.07 -5.67
N ALA A 79 -10.48 -3.68 -4.80
CA ALA A 79 -9.57 -4.63 -4.23
C ALA A 79 -10.02 -5.11 -2.91
N SER A 80 -10.93 -6.01 -2.99
CA SER A 80 -11.50 -6.75 -1.89
C SER A 80 -12.22 -7.97 -2.46
N ALA A 81 -11.75 -8.43 -3.59
CA ALA A 81 -12.35 -9.54 -4.29
C ALA A 81 -11.26 -10.47 -4.78
N GLU A 82 -11.65 -11.51 -5.47
CA GLU A 82 -10.74 -12.47 -6.01
C GLU A 82 -10.28 -12.01 -7.38
N LYS A 83 -9.12 -12.45 -7.79
CA LYS A 83 -8.60 -12.07 -9.08
C LYS A 83 -8.18 -13.30 -9.85
N ALA A 84 -8.28 -13.24 -11.14
CA ALA A 84 -7.95 -14.34 -11.99
C ALA A 84 -6.96 -13.91 -13.04
N CYS A 85 -6.44 -14.85 -13.81
CA CYS A 85 -5.46 -14.56 -14.84
C CYS A 85 -6.04 -13.57 -15.84
N GLY A 86 -5.39 -12.45 -15.97
CA GLY A 86 -5.84 -11.38 -16.79
C GLY A 86 -5.81 -10.10 -16.02
N ALA A 87 -5.88 -10.22 -14.71
CA ALA A 87 -5.74 -9.10 -13.83
C ALA A 87 -5.25 -9.59 -12.48
N CYS A 88 -3.99 -9.41 -12.24
CA CYS A 88 -3.39 -9.85 -11.01
C CYS A 88 -2.49 -8.74 -10.49
N PRO A 89 -2.80 -8.17 -9.32
CA PRO A 89 -1.98 -7.12 -8.72
C PRO A 89 -0.63 -7.67 -8.25
N LEU A 90 0.13 -6.87 -7.52
CA LEU A 90 1.47 -7.25 -7.06
C LEU A 90 1.50 -8.48 -6.13
N TRP A 91 0.36 -8.78 -5.53
CA TRP A 91 0.24 -9.94 -4.65
C TRP A 91 -0.38 -11.13 -5.40
N GLY A 92 -0.70 -10.91 -6.65
CA GLY A 92 -1.32 -11.95 -7.45
C GLY A 92 -0.34 -12.54 -8.41
N LYS A 93 -0.54 -13.76 -8.80
CA LYS A 93 0.37 -14.42 -9.69
C LYS A 93 -0.36 -15.52 -10.47
N CYS A 94 -0.34 -15.42 -11.75
CA CYS A 94 -0.85 -16.49 -12.59
C CYS A 94 0.35 -17.35 -12.93
N ASP A 95 0.56 -18.37 -12.13
CA ASP A 95 1.80 -19.13 -12.16
C ASP A 95 1.91 -20.10 -13.34
N ALA A 96 0.85 -20.77 -13.68
CA ALA A 96 0.96 -21.79 -14.70
C ALA A 96 -0.04 -21.64 -15.81
N GLU A 97 -1.26 -22.02 -15.55
CA GLU A 97 -2.28 -22.00 -16.56
C GLU A 97 -3.14 -20.80 -16.41
N SER A 98 -3.52 -20.21 -17.53
CA SER A 98 -4.37 -19.08 -17.53
C SER A 98 -5.78 -19.54 -17.14
N SER A 99 -6.07 -19.40 -15.88
CA SER A 99 -7.32 -19.80 -15.31
C SER A 99 -7.54 -19.05 -14.01
N LYS A 100 -6.92 -19.52 -12.96
CA LYS A 100 -7.04 -18.90 -11.68
C LYS A 100 -5.73 -18.23 -11.33
N CYS A 101 -5.80 -17.18 -10.60
CA CYS A 101 -4.62 -16.46 -10.21
C CYS A 101 -4.36 -16.83 -8.76
N VAL A 102 -3.14 -17.10 -8.41
CA VAL A 102 -2.83 -17.48 -7.06
C VAL A 102 -2.22 -16.30 -6.35
N CYS A 103 -1.98 -16.42 -5.09
CA CYS A 103 -1.48 -15.33 -4.34
C CYS A 103 -0.04 -15.60 -3.97
N ARG A 104 0.75 -14.58 -4.02
CA ARG A 104 2.17 -14.70 -3.71
C ARG A 104 2.34 -14.65 -2.21
N GLU A 105 3.44 -15.13 -1.72
CA GLU A 105 3.71 -15.06 -0.31
C GLU A 105 4.47 -13.77 0.01
N ALA A 106 4.55 -13.43 1.28
CA ALA A 106 5.15 -12.17 1.72
C ALA A 106 6.65 -12.15 1.48
N SER A 107 7.24 -13.33 1.44
CA SER A 107 8.65 -13.46 1.19
C SER A 107 8.99 -13.30 -0.31
N GLU A 108 7.96 -13.14 -1.14
CA GLU A 108 8.16 -12.95 -2.56
C GLU A 108 7.80 -11.50 -2.91
N CYS A 109 7.93 -10.63 -1.91
CA CYS A 109 7.66 -9.22 -2.08
C CYS A 109 8.78 -8.56 -2.87
N GLU A 110 8.60 -8.56 -4.16
CA GLU A 110 9.53 -7.97 -5.09
C GLU A 110 9.14 -6.51 -5.33
N GLU A 111 7.90 -6.30 -5.77
CA GLU A 111 7.37 -4.96 -5.98
C GLU A 111 7.46 -4.16 -4.68
N GLU A 112 7.64 -2.83 -4.81
CA GLU A 112 7.87 -1.91 -3.69
C GLU A 112 7.00 -2.18 -2.46
N GLY A 113 5.72 -1.84 -2.55
CA GLY A 113 4.84 -2.06 -1.44
C GLY A 113 5.07 -1.09 -0.28
N PHE A 114 4.03 -0.43 0.12
CA PHE A 114 4.05 0.44 1.28
C PHE A 114 3.99 -0.37 2.57
N SER A 115 3.81 0.31 3.66
CA SER A 115 3.65 -0.31 4.92
C SER A 115 2.40 0.27 5.56
N ILE A 116 1.52 -0.60 5.99
CA ILE A 116 0.25 -0.20 6.54
C ILE A 116 0.02 -0.92 7.85
N CYS A 117 -1.01 -0.58 8.55
CA CYS A 117 -1.30 -1.25 9.80
C CYS A 117 -2.55 -2.05 9.61
N VAL A 118 -2.52 -3.26 10.07
CA VAL A 118 -3.63 -4.10 9.92
C VAL A 118 -3.87 -4.89 11.20
N GLU A 119 -5.09 -4.96 11.62
CA GLU A 119 -5.44 -5.68 12.79
C GLU A 119 -5.56 -7.13 12.42
N VAL A 120 -4.80 -7.93 13.08
CA VAL A 120 -4.74 -9.32 12.83
C VAL A 120 -4.67 -10.05 14.14
N ASN A 121 -5.55 -11.01 14.32
CA ASN A 121 -5.60 -11.84 15.51
C ASN A 121 -6.01 -11.05 16.74
N GLY A 122 -6.43 -9.82 16.54
CA GLY A 122 -6.85 -9.00 17.63
C GLY A 122 -5.89 -7.86 17.88
N LYS A 123 -4.70 -7.98 17.38
CA LYS A 123 -3.68 -6.97 17.57
C LYS A 123 -3.34 -6.31 16.25
N GLU A 124 -2.81 -5.12 16.29
CA GLU A 124 -2.43 -4.45 15.06
C GLU A 124 -0.98 -4.70 14.75
N GLN A 125 -0.73 -5.09 13.54
CA GLN A 125 0.61 -5.32 13.09
C GLN A 125 0.85 -4.54 11.79
N THR A 126 2.04 -4.02 11.65
CA THR A 126 2.41 -3.31 10.48
C THR A 126 2.88 -4.30 9.45
N MET A 127 2.30 -4.28 8.31
CA MET A 127 2.70 -5.19 7.30
C MET A 127 3.09 -4.44 6.09
N SER A 128 3.81 -5.08 5.26
CA SER A 128 4.12 -4.52 4.01
C SER A 128 2.88 -4.70 3.15
N GLU A 129 2.69 -3.82 2.23
CA GLU A 129 1.54 -3.80 1.35
C GLU A 129 1.43 -5.13 0.60
N CYS A 130 2.56 -5.62 0.16
CA CYS A 130 2.64 -6.91 -0.51
C CYS A 130 2.26 -8.06 0.44
N GLU A 131 2.59 -7.90 1.72
CA GLU A 131 2.30 -8.92 2.74
C GLU A 131 0.83 -8.92 3.09
N ALA A 132 0.34 -7.76 3.54
CA ALA A 132 -1.06 -7.59 3.89
C ALA A 132 -1.95 -7.97 2.72
N GLY A 133 -1.57 -7.49 1.52
CA GLY A 133 -2.31 -7.77 0.31
C GLY A 133 -2.33 -9.25 -0.04
N ALA A 134 -1.19 -9.91 0.13
CA ALA A 134 -1.08 -11.33 -0.13
C ALA A 134 -2.00 -12.09 0.80
N LEU A 135 -2.02 -11.66 2.03
CA LEU A 135 -2.87 -12.24 3.04
C LEU A 135 -4.34 -12.03 2.70
N ARG A 136 -4.70 -10.84 2.20
CA ARG A 136 -6.08 -10.57 1.79
C ARG A 136 -6.46 -11.44 0.59
N CYS A 137 -5.47 -11.78 -0.21
CA CYS A 137 -5.69 -12.57 -1.41
C CYS A 137 -5.89 -14.02 -1.00
N ARG A 138 -4.98 -14.48 -0.14
CA ARG A 138 -4.97 -15.82 0.40
C ARG A 138 -6.27 -16.16 1.13
N GLY A 139 -6.83 -15.19 1.79
CA GLY A 139 -8.02 -15.43 2.53
C GLY A 139 -7.73 -15.44 4.00
N GLN A 140 -6.73 -14.70 4.39
CA GLN A 140 -6.38 -14.56 5.76
C GLN A 140 -7.38 -13.58 6.36
N SER A 141 -7.61 -13.67 7.63
CA SER A 141 -8.49 -12.75 8.25
C SER A 141 -7.68 -11.59 8.80
N ILE A 142 -7.79 -10.46 8.16
CA ILE A 142 -7.04 -9.28 8.51
C ILE A 142 -7.93 -8.08 8.36
N SER A 143 -7.86 -7.19 9.28
CA SER A 143 -8.66 -6.02 9.25
C SER A 143 -7.79 -4.78 9.07
N VAL A 144 -7.74 -4.28 7.86
CA VAL A 144 -6.96 -3.08 7.57
C VAL A 144 -7.58 -1.89 8.30
N THR A 145 -6.88 -1.41 9.29
CA THR A 145 -7.36 -0.34 10.10
C THR A 145 -6.96 1.00 9.50
N SER A 146 -5.77 1.06 8.95
CA SER A 146 -5.27 2.26 8.36
C SER A 146 -4.18 1.93 7.37
N ILE A 147 -3.91 2.87 6.51
CA ILE A 147 -2.88 2.74 5.52
C ILE A 147 -1.58 3.33 6.02
N ARG A 148 -1.60 3.74 7.25
CA ARG A 148 -0.45 4.29 7.89
C ARG A 148 0.17 3.16 8.69
N PRO A 149 1.49 2.99 8.65
CA PRO A 149 2.16 1.94 9.42
C PRO A 149 2.01 2.23 10.91
N CYS A 150 1.84 1.21 11.71
CA CYS A 150 1.71 1.44 13.11
C CYS A 150 3.02 1.32 13.84
N ALA A 151 3.01 1.62 15.12
CA ALA A 151 4.17 1.50 15.97
C ALA A 151 4.22 0.08 16.51
N ALA A 152 3.85 -0.84 15.67
CA ALA A 152 3.83 -2.22 15.99
C ALA A 152 5.16 -2.86 15.62
N GLU A 153 6.05 -2.91 16.56
CA GLU A 153 7.32 -3.57 16.37
C GLU A 153 7.43 -4.74 17.31
N THR A 154 7.59 -4.41 18.54
CA THR A 154 7.80 -5.38 19.58
C THR A 154 6.50 -5.80 20.24
N GLN A 155 5.41 -5.24 19.79
CA GLN A 155 4.12 -5.57 20.32
C GLN A 155 3.40 -6.53 19.37
N GLY A 1 27.12 -4.60 -8.39
CA GLY A 1 26.35 -3.43 -8.05
C GLY A 1 27.18 -2.18 -8.23
N SER A 2 27.17 -1.31 -7.21
CA SER A 2 27.91 -0.04 -7.18
C SER A 2 27.29 1.01 -8.11
N HIS A 3 27.28 2.27 -7.65
CA HIS A 3 26.81 3.44 -8.42
C HIS A 3 25.27 3.47 -8.51
N MET A 4 24.62 2.47 -7.94
CA MET A 4 23.16 2.39 -7.98
C MET A 4 22.56 3.26 -6.89
N ASN A 5 23.37 3.61 -5.95
CA ASN A 5 23.01 4.53 -4.90
C ASN A 5 24.01 5.64 -4.98
N PRO A 6 23.60 6.90 -4.77
CA PRO A 6 24.53 8.03 -4.82
C PRO A 6 25.60 7.94 -3.73
N LEU A 7 26.78 7.52 -4.13
CA LEU A 7 27.88 7.36 -3.22
C LEU A 7 28.53 8.70 -2.96
N THR A 8 28.10 9.33 -1.92
CA THR A 8 28.60 10.62 -1.54
C THR A 8 28.88 10.57 -0.04
N GLN A 9 27.87 10.18 0.67
CA GLN A 9 27.82 10.01 2.10
C GLN A 9 26.45 9.38 2.29
N ALA A 10 26.00 9.16 3.52
CA ALA A 10 24.66 8.60 3.78
C ALA A 10 23.62 9.39 3.01
N VAL A 11 23.07 8.75 2.00
CA VAL A 11 22.12 9.38 1.16
C VAL A 11 20.78 9.40 1.89
N PRO A 12 20.09 10.56 1.92
CA PRO A 12 18.83 10.73 2.62
C PRO A 12 17.82 9.65 2.25
N LYS A 13 17.28 9.02 3.25
CA LYS A 13 16.29 8.01 3.05
C LYS A 13 14.96 8.68 2.83
N CYS A 14 14.38 8.41 1.72
CA CYS A 14 13.12 9.00 1.42
C CYS A 14 12.07 7.96 1.62
N GLN A 15 10.93 8.37 2.11
CA GLN A 15 9.83 7.48 2.38
C GLN A 15 9.27 6.98 1.03
N ARG A 16 8.44 5.97 1.06
CA ARG A 16 7.90 5.36 -0.16
C ARG A 16 7.02 6.31 -0.97
N TRP A 17 6.45 7.28 -0.32
CA TRP A 17 5.65 8.30 -1.00
C TRP A 17 6.52 9.47 -1.40
N GLU A 18 7.76 9.41 -1.00
CA GLU A 18 8.74 10.38 -1.33
C GLU A 18 9.60 9.86 -2.48
N LYS A 19 10.53 10.67 -2.90
CA LYS A 19 11.51 10.31 -3.90
C LYS A 19 12.70 11.22 -3.72
N LEU A 20 13.84 10.77 -4.17
CA LEU A 20 15.06 11.51 -4.04
C LEU A 20 15.35 12.31 -5.30
N GLN A 21 15.35 13.62 -5.19
CA GLN A 21 15.74 14.50 -6.27
C GLN A 21 16.34 15.72 -5.64
N ASN A 22 17.24 16.38 -6.35
CA ASN A 22 17.82 17.66 -5.87
C ASN A 22 18.59 17.43 -4.55
N SER A 23 19.01 16.18 -4.34
CA SER A 23 19.75 15.75 -3.17
C SER A 23 18.89 15.90 -1.89
N ARG A 24 17.58 15.82 -2.06
CA ARG A 24 16.64 15.92 -0.96
C ARG A 24 15.50 14.95 -1.22
N CYS A 25 14.66 14.74 -0.26
CA CYS A 25 13.53 13.89 -0.43
C CYS A 25 12.28 14.73 -0.57
N VAL A 26 11.61 14.56 -1.67
CA VAL A 26 10.38 15.27 -1.95
C VAL A 26 9.30 14.24 -2.14
N CYS A 27 8.08 14.64 -2.33
CA CYS A 27 7.04 13.67 -2.55
C CYS A 27 6.96 13.34 -4.02
N LYS A 28 6.65 12.10 -4.34
CA LYS A 28 6.49 11.73 -5.73
C LYS A 28 5.13 12.22 -6.24
N MET A 29 4.85 12.00 -7.47
CA MET A 29 3.60 12.43 -8.05
C MET A 29 2.54 11.36 -7.83
N PRO A 30 1.30 11.75 -7.46
CA PRO A 30 0.21 10.77 -7.18
C PRO A 30 -0.23 10.02 -8.43
N TYR A 31 0.06 10.58 -9.57
CA TYR A 31 -0.30 10.00 -10.85
C TYR A 31 0.82 9.11 -11.38
N GLU A 32 1.90 9.03 -10.61
CA GLU A 32 3.04 8.19 -10.91
C GLU A 32 2.99 6.97 -10.02
N CYS A 33 1.86 6.79 -9.42
CA CYS A 33 1.62 5.73 -8.50
C CYS A 33 1.13 4.49 -9.23
N GLY A 34 1.63 3.35 -8.80
CA GLY A 34 1.25 2.11 -9.41
C GLY A 34 0.72 1.12 -8.40
N PRO A 35 1.48 0.06 -8.10
CA PRO A 35 1.04 -1.00 -7.18
C PRO A 35 0.86 -0.50 -5.75
N SER A 36 -0.34 -0.68 -5.21
CA SER A 36 -0.67 -0.28 -3.88
C SER A 36 -1.99 -0.90 -3.46
N LEU A 37 -2.22 -1.01 -2.17
CA LEU A 37 -3.47 -1.53 -1.65
C LEU A 37 -4.58 -0.51 -1.82
N ASP A 38 -5.66 -0.93 -2.42
CA ASP A 38 -6.82 -0.08 -2.60
C ASP A 38 -7.53 0.05 -1.29
N VAL A 39 -7.93 1.25 -0.95
CA VAL A 39 -8.65 1.54 0.30
C VAL A 39 -9.70 2.62 0.05
N CYS A 40 -10.62 2.79 0.96
CA CYS A 40 -11.61 3.82 0.83
C CYS A 40 -11.25 4.98 1.73
N ALA A 41 -11.27 6.16 1.18
CA ALA A 41 -10.95 7.36 1.93
C ALA A 41 -12.02 8.39 1.68
N GLN A 42 -12.15 9.33 2.56
CA GLN A 42 -13.11 10.36 2.39
C GLN A 42 -12.44 11.64 1.95
N ASP A 43 -12.93 12.16 0.88
CA ASP A 43 -12.49 13.40 0.31
C ASP A 43 -13.02 14.56 1.17
N GLU A 44 -12.13 15.37 1.71
CA GLU A 44 -12.51 16.49 2.59
C GLU A 44 -12.89 17.74 1.81
N ARG A 45 -12.87 17.65 0.52
CA ARG A 45 -13.18 18.79 -0.30
C ARG A 45 -14.67 18.75 -0.65
N SER A 46 -15.14 17.60 -1.02
CA SER A 46 -16.50 17.42 -1.48
C SER A 46 -17.34 16.56 -0.49
N LYS A 47 -16.66 15.84 0.42
CA LYS A 47 -17.30 14.87 1.31
C LYS A 47 -17.91 13.71 0.54
N ARG A 48 -17.05 12.79 0.19
CA ARG A 48 -17.41 11.62 -0.57
C ARG A 48 -16.37 10.55 -0.26
N ILE A 49 -16.79 9.31 -0.17
CA ILE A 49 -15.84 8.25 0.01
C ILE A 49 -15.39 7.81 -1.36
N LEU A 50 -14.13 7.91 -1.63
CA LEU A 50 -13.63 7.53 -2.93
C LEU A 50 -12.59 6.44 -2.78
N PRO A 51 -12.46 5.59 -3.78
CA PRO A 51 -11.47 4.54 -3.79
C PRO A 51 -10.07 5.09 -4.06
N LEU A 52 -9.24 4.99 -3.09
CA LEU A 52 -7.88 5.40 -3.19
C LEU A 52 -6.98 4.23 -2.99
N THR A 53 -5.74 4.50 -2.90
CA THR A 53 -4.75 3.51 -2.66
C THR A 53 -3.78 4.05 -1.64
N VAL A 54 -3.09 3.16 -0.96
CA VAL A 54 -2.10 3.49 0.06
C VAL A 54 -1.14 4.54 -0.47
N CYS A 55 -0.53 4.19 -1.57
CA CYS A 55 0.40 5.01 -2.28
C CYS A 55 -0.19 6.39 -2.62
N LYS A 56 -1.34 6.43 -3.30
CA LYS A 56 -1.95 7.71 -3.68
C LYS A 56 -2.25 8.57 -2.46
N MET A 57 -2.94 7.99 -1.47
CA MET A 57 -3.29 8.67 -0.22
C MET A 57 -2.05 9.22 0.48
N HIS A 58 -1.01 8.43 0.59
CA HIS A 58 0.20 8.88 1.28
C HIS A 58 0.86 10.03 0.54
N VAL A 59 0.90 9.93 -0.78
CA VAL A 59 1.47 10.96 -1.61
C VAL A 59 0.66 12.24 -1.49
N LEU A 60 -0.64 12.15 -1.71
CA LEU A 60 -1.49 13.31 -1.64
C LEU A 60 -1.52 13.90 -0.22
N HIS A 61 -1.32 13.06 0.77
CA HIS A 61 -1.34 13.50 2.14
C HIS A 61 -0.08 14.31 2.43
N CYS A 62 1.03 13.97 1.78
CA CYS A 62 2.25 14.73 2.00
C CYS A 62 2.29 15.95 1.07
N GLN A 63 1.56 15.85 -0.07
CA GLN A 63 1.38 16.99 -0.98
C GLN A 63 0.66 18.12 -0.27
N GLY A 64 -0.24 17.75 0.62
CA GLY A 64 -0.99 18.73 1.35
C GLY A 64 -2.46 18.66 1.04
N ARG A 65 -2.94 17.46 0.82
CA ARG A 65 -4.35 17.23 0.60
C ARG A 65 -4.92 16.58 1.84
N ASN A 66 -6.15 16.86 2.13
CA ASN A 66 -6.79 16.33 3.31
C ASN A 66 -7.79 15.26 2.95
N TYR A 67 -7.58 14.09 3.46
CA TYR A 67 -8.46 12.98 3.26
C TYR A 67 -8.58 12.23 4.54
N THR A 68 -9.76 11.84 4.85
CA THR A 68 -10.02 11.12 6.04
C THR A 68 -10.05 9.65 5.67
N LEU A 69 -9.68 8.78 6.57
CA LEU A 69 -9.70 7.40 6.26
C LEU A 69 -10.89 6.72 6.78
N THR A 70 -11.40 5.85 6.00
CA THR A 70 -12.55 5.12 6.32
C THR A 70 -12.21 3.64 6.15
N GLY A 71 -13.20 2.79 6.08
CA GLY A 71 -12.93 1.39 5.94
C GLY A 71 -13.19 0.94 4.52
N ARG A 72 -12.86 -0.31 4.19
CA ARG A 72 -13.07 -0.85 2.83
C ARG A 72 -14.58 -0.94 2.53
N ASP A 73 -15.35 -0.88 3.60
CA ASP A 73 -16.79 -0.96 3.56
C ASP A 73 -17.42 0.33 3.05
N SER A 74 -16.69 1.42 3.17
CA SER A 74 -17.20 2.74 2.87
C SER A 74 -17.39 2.98 1.35
N CYS A 75 -16.61 2.35 0.50
CA CYS A 75 -16.75 2.58 -0.93
C CYS A 75 -16.77 1.27 -1.69
N THR A 76 -17.00 1.36 -2.98
CA THR A 76 -16.93 0.22 -3.84
C THR A 76 -15.48 0.04 -4.27
N LEU A 77 -14.82 -0.88 -3.64
CA LEU A 77 -13.43 -1.08 -3.84
C LEU A 77 -13.19 -2.33 -4.68
N PRO A 78 -12.20 -2.29 -5.61
CA PRO A 78 -11.83 -3.45 -6.41
C PRO A 78 -11.15 -4.53 -5.57
N ALA A 79 -10.16 -4.12 -4.79
CA ALA A 79 -9.43 -5.04 -3.96
C ALA A 79 -10.14 -5.25 -2.66
N SER A 80 -11.01 -6.21 -2.71
CA SER A 80 -11.80 -6.62 -1.61
C SER A 80 -12.25 -8.07 -1.85
N ALA A 81 -12.66 -8.35 -3.08
CA ALA A 81 -13.15 -9.66 -3.45
C ALA A 81 -12.08 -10.48 -4.18
N GLU A 82 -12.37 -11.75 -4.41
CA GLU A 82 -11.49 -12.70 -5.09
C GLU A 82 -11.14 -12.27 -6.51
N LYS A 83 -9.92 -12.54 -6.92
CA LYS A 83 -9.42 -12.14 -8.23
C LYS A 83 -9.15 -13.36 -9.09
N ALA A 84 -9.73 -13.38 -10.26
CA ALA A 84 -9.52 -14.42 -11.22
C ALA A 84 -8.47 -13.95 -12.22
N CYS A 85 -8.01 -14.84 -13.08
CA CYS A 85 -6.99 -14.50 -14.05
C CYS A 85 -7.54 -13.47 -15.03
N GLY A 86 -6.83 -12.40 -15.19
CA GLY A 86 -7.30 -11.28 -15.98
C GLY A 86 -7.11 -10.03 -15.18
N ALA A 87 -7.06 -10.20 -13.88
CA ALA A 87 -6.79 -9.14 -12.96
C ALA A 87 -6.06 -9.72 -11.79
N CYS A 88 -4.79 -9.53 -11.77
CA CYS A 88 -3.96 -10.03 -10.72
C CYS A 88 -2.95 -8.97 -10.35
N PRO A 89 -3.08 -8.37 -9.16
CA PRO A 89 -2.13 -7.36 -8.70
C PRO A 89 -0.79 -7.99 -8.30
N LEU A 90 0.08 -7.19 -7.73
CA LEU A 90 1.40 -7.63 -7.23
C LEU A 90 1.35 -8.92 -6.37
N TRP A 91 0.32 -9.06 -5.55
CA TRP A 91 0.15 -10.25 -4.71
C TRP A 91 -0.66 -11.35 -5.40
N GLY A 92 -0.80 -11.27 -6.70
CA GLY A 92 -1.53 -12.27 -7.42
C GLY A 92 -0.87 -12.61 -8.73
N LYS A 93 -1.01 -13.82 -9.18
CA LYS A 93 -0.47 -14.23 -10.46
C LYS A 93 -1.14 -15.49 -10.96
N CYS A 94 -1.56 -15.48 -12.19
CA CYS A 94 -2.10 -16.65 -12.82
C CYS A 94 -1.10 -17.17 -13.83
N ASP A 95 -0.17 -17.94 -13.34
CA ASP A 95 0.90 -18.47 -14.16
C ASP A 95 0.65 -19.93 -14.51
N ALA A 96 0.47 -20.73 -13.50
CA ALA A 96 0.19 -22.15 -13.66
C ALA A 96 -1.29 -22.40 -13.36
N GLU A 97 -2.09 -21.40 -13.61
CA GLU A 97 -3.50 -21.39 -13.28
C GLU A 97 -4.38 -21.52 -14.50
N SER A 98 -5.59 -21.98 -14.27
CA SER A 98 -6.60 -22.05 -15.26
C SER A 98 -7.80 -21.22 -14.80
N SER A 99 -7.93 -20.01 -15.35
CA SER A 99 -9.04 -19.07 -15.08
C SER A 99 -8.95 -18.41 -13.68
N LYS A 100 -8.52 -19.15 -12.72
CA LYS A 100 -8.33 -18.65 -11.37
C LYS A 100 -6.94 -17.96 -11.30
N CYS A 101 -6.68 -17.25 -10.23
CA CYS A 101 -5.41 -16.59 -10.02
C CYS A 101 -4.94 -17.00 -8.63
N VAL A 102 -3.65 -17.22 -8.41
CA VAL A 102 -3.20 -17.57 -7.06
C VAL A 102 -2.59 -16.37 -6.42
N CYS A 103 -2.35 -16.49 -5.16
CA CYS A 103 -1.84 -15.41 -4.40
C CYS A 103 -0.35 -15.60 -4.23
N ARG A 104 0.37 -14.53 -4.31
CA ARG A 104 1.79 -14.54 -4.15
C ARG A 104 2.09 -14.19 -2.73
N GLU A 105 3.16 -14.69 -2.20
CA GLU A 105 3.54 -14.37 -0.85
C GLU A 105 4.28 -13.08 -0.77
N ALA A 106 4.44 -12.58 0.45
CA ALA A 106 5.13 -11.34 0.70
C ALA A 106 6.58 -11.45 0.28
N SER A 107 7.11 -12.66 0.41
CA SER A 107 8.46 -12.96 0.05
C SER A 107 8.65 -13.04 -1.48
N GLU A 108 7.56 -13.03 -2.23
CA GLU A 108 7.63 -13.09 -3.67
C GLU A 108 7.68 -11.68 -4.27
N CYS A 109 7.11 -10.74 -3.58
CA CYS A 109 7.07 -9.36 -4.06
C CYS A 109 8.40 -8.66 -3.90
N GLU A 110 8.96 -8.21 -5.02
CA GLU A 110 10.20 -7.46 -5.01
C GLU A 110 9.86 -5.99 -4.84
N GLU A 111 8.58 -5.69 -5.05
CA GLU A 111 8.05 -4.35 -4.98
C GLU A 111 8.24 -3.80 -3.58
N GLU A 112 8.73 -2.58 -3.49
CA GLU A 112 8.93 -1.93 -2.21
C GLU A 112 7.62 -1.29 -1.80
N GLY A 113 6.62 -2.12 -1.63
CA GLY A 113 5.32 -1.70 -1.24
C GLY A 113 5.33 -1.03 0.11
N PHE A 114 4.34 -0.23 0.34
CA PHE A 114 4.22 0.57 1.54
C PHE A 114 4.04 -0.25 2.80
N SER A 115 4.02 0.44 3.89
CA SER A 115 3.81 -0.13 5.16
C SER A 115 2.50 0.41 5.73
N ILE A 116 1.64 -0.49 6.15
CA ILE A 116 0.33 -0.15 6.67
C ILE A 116 0.10 -0.93 7.95
N CYS A 117 -0.91 -0.57 8.70
CA CYS A 117 -1.19 -1.23 9.93
C CYS A 117 -2.47 -2.04 9.77
N VAL A 118 -2.41 -3.31 10.08
CA VAL A 118 -3.53 -4.21 9.91
C VAL A 118 -3.80 -4.95 11.22
N GLU A 119 -5.05 -5.00 11.63
CA GLU A 119 -5.42 -5.69 12.83
C GLU A 119 -5.65 -7.15 12.48
N VAL A 120 -4.82 -7.99 12.98
CA VAL A 120 -4.88 -9.39 12.74
C VAL A 120 -4.71 -10.08 14.06
N ASN A 121 -5.59 -11.03 14.35
CA ASN A 121 -5.57 -11.79 15.61
C ASN A 121 -5.96 -10.94 16.80
N GLY A 122 -6.34 -9.72 16.55
CA GLY A 122 -6.68 -8.81 17.60
C GLY A 122 -5.68 -7.72 17.76
N LYS A 123 -4.50 -7.97 17.26
CA LYS A 123 -3.40 -7.04 17.40
C LYS A 123 -3.09 -6.37 16.07
N GLU A 124 -2.59 -5.18 16.11
CA GLU A 124 -2.26 -4.47 14.90
C GLU A 124 -0.82 -4.74 14.51
N GLN A 125 -0.66 -5.36 13.39
CA GLN A 125 0.62 -5.64 12.85
C GLN A 125 0.82 -4.80 11.61
N THR A 126 1.99 -4.28 11.47
CA THR A 126 2.33 -3.51 10.35
C THR A 126 2.86 -4.44 9.32
N MET A 127 2.35 -4.33 8.16
CA MET A 127 2.75 -5.21 7.11
C MET A 127 3.22 -4.42 5.98
N SER A 128 3.85 -5.07 5.08
CA SER A 128 4.19 -4.49 3.85
C SER A 128 2.98 -4.67 2.95
N GLU A 129 2.81 -3.75 2.07
CA GLU A 129 1.70 -3.66 1.13
C GLU A 129 1.40 -4.99 0.42
N CYS A 130 2.44 -5.67 -0.03
CA CYS A 130 2.24 -6.96 -0.68
C CYS A 130 1.67 -7.98 0.31
N GLU A 131 2.21 -7.98 1.51
CA GLU A 131 1.89 -8.94 2.55
C GLU A 131 0.42 -8.81 2.96
N ALA A 132 0.02 -7.59 3.30
CA ALA A 132 -1.34 -7.29 3.72
C ALA A 132 -2.35 -7.47 2.60
N GLY A 133 -1.86 -7.66 1.39
CA GLY A 133 -2.73 -7.94 0.28
C GLY A 133 -2.77 -9.43 0.03
N ALA A 134 -1.60 -10.04 0.05
CA ALA A 134 -1.41 -11.47 -0.16
C ALA A 134 -2.22 -12.28 0.81
N LEU A 135 -2.12 -11.90 2.07
CA LEU A 135 -2.82 -12.58 3.15
C LEU A 135 -4.34 -12.58 2.94
N ARG A 136 -4.87 -11.55 2.27
CA ARG A 136 -6.31 -11.45 2.03
C ARG A 136 -6.72 -12.48 1.01
N CYS A 137 -5.81 -12.77 0.12
CA CYS A 137 -6.07 -13.66 -0.97
C CYS A 137 -5.84 -15.07 -0.49
N ARG A 138 -4.89 -15.20 0.42
CA ARG A 138 -4.45 -16.48 0.92
C ARG A 138 -5.46 -17.11 1.86
N GLY A 139 -6.26 -16.29 2.51
CA GLY A 139 -7.27 -16.83 3.42
C GLY A 139 -6.98 -16.52 4.88
N GLN A 140 -6.13 -15.53 5.11
CA GLN A 140 -5.79 -15.10 6.44
C GLN A 140 -6.89 -14.15 6.93
N SER A 141 -7.09 -14.05 8.22
CA SER A 141 -8.03 -13.12 8.73
C SER A 141 -7.28 -11.87 9.07
N ILE A 142 -7.54 -10.84 8.35
CA ILE A 142 -6.86 -9.61 8.54
C ILE A 142 -7.89 -8.50 8.45
N SER A 143 -7.67 -7.47 9.16
CA SER A 143 -8.53 -6.33 9.13
C SER A 143 -7.68 -5.07 9.02
N VAL A 144 -7.58 -4.54 7.82
CA VAL A 144 -6.77 -3.36 7.59
C VAL A 144 -7.44 -2.15 8.20
N THR A 145 -6.83 -1.66 9.27
CA THR A 145 -7.37 -0.56 10.01
C THR A 145 -7.07 0.75 9.32
N SER A 146 -5.86 0.91 8.83
CA SER A 146 -5.48 2.11 8.16
C SER A 146 -4.25 1.86 7.30
N ILE A 147 -3.93 2.85 6.48
CA ILE A 147 -2.80 2.78 5.59
C ILE A 147 -1.58 3.37 6.26
N ARG A 148 -1.74 3.79 7.48
CA ARG A 148 -0.67 4.35 8.25
C ARG A 148 0.05 3.20 8.88
N PRO A 149 1.37 3.14 8.79
CA PRO A 149 2.11 2.08 9.41
C PRO A 149 2.14 2.24 10.92
N CYS A 150 2.11 1.14 11.61
CA CYS A 150 2.28 1.18 13.02
C CYS A 150 3.76 0.93 13.31
N ALA A 151 4.14 0.92 14.56
CA ALA A 151 5.52 0.67 14.92
C ALA A 151 5.77 -0.84 15.01
N ALA A 152 4.88 -1.62 14.42
CA ALA A 152 4.97 -3.05 14.43
C ALA A 152 5.93 -3.56 13.35
N GLU A 153 6.42 -2.64 12.52
CA GLU A 153 7.45 -3.00 11.53
C GLU A 153 8.82 -2.87 12.21
N THR A 154 8.78 -2.29 13.39
CA THR A 154 9.92 -2.11 14.23
C THR A 154 9.85 -3.18 15.34
N GLN A 155 8.82 -3.99 15.27
CA GLN A 155 8.53 -5.05 16.20
C GLN A 155 8.99 -6.36 15.56
N GLY A 1 27.38 -4.43 -16.21
CA GLY A 1 27.09 -3.25 -15.42
C GLY A 1 25.63 -2.92 -15.47
N SER A 2 24.88 -3.52 -14.58
CA SER A 2 23.47 -3.29 -14.52
C SER A 2 23.17 -1.95 -13.89
N HIS A 3 22.71 -1.02 -14.70
CA HIS A 3 22.31 0.28 -14.21
C HIS A 3 21.07 0.75 -14.95
N MET A 4 19.96 0.20 -14.55
CA MET A 4 18.67 0.56 -15.10
C MET A 4 18.16 1.75 -14.32
N ASN A 5 18.48 1.74 -13.06
CA ASN A 5 18.08 2.77 -12.14
C ASN A 5 19.33 3.23 -11.46
N PRO A 6 19.34 4.44 -10.88
CA PRO A 6 20.49 4.92 -10.12
C PRO A 6 20.78 3.98 -8.95
N LEU A 7 22.05 3.66 -8.77
CA LEU A 7 22.45 2.73 -7.74
C LEU A 7 22.41 3.37 -6.38
N THR A 8 21.27 3.28 -5.76
CA THR A 8 21.03 3.74 -4.43
C THR A 8 21.99 3.01 -3.47
N GLN A 9 22.95 3.74 -2.92
CA GLN A 9 23.91 3.16 -2.00
C GLN A 9 23.15 2.76 -0.75
N ALA A 10 22.67 3.75 -0.08
CA ALA A 10 21.91 3.58 1.12
C ALA A 10 20.51 3.99 0.86
N VAL A 11 19.61 3.29 1.48
CA VAL A 11 18.23 3.52 1.35
C VAL A 11 17.86 4.97 1.74
N PRO A 12 17.14 5.68 0.86
CA PRO A 12 16.78 7.07 1.08
C PRO A 12 15.96 7.26 2.32
N LYS A 13 16.43 8.12 3.18
CA LYS A 13 15.76 8.36 4.42
C LYS A 13 14.74 9.45 4.23
N CYS A 14 13.68 9.07 3.62
CA CYS A 14 12.56 9.94 3.34
C CYS A 14 11.31 9.15 3.61
N GLN A 15 10.19 9.81 3.67
CA GLN A 15 8.93 9.16 3.87
C GLN A 15 8.56 8.31 2.66
N ARG A 16 7.66 7.35 2.85
CA ARG A 16 7.24 6.42 1.78
C ARG A 16 6.69 7.15 0.57
N TRP A 17 6.08 8.27 0.83
CA TRP A 17 5.44 9.07 -0.18
C TRP A 17 6.39 10.16 -0.69
N GLU A 18 7.62 10.04 -0.31
CA GLU A 18 8.63 10.96 -0.72
C GLU A 18 9.66 10.26 -1.56
N LYS A 19 10.42 11.02 -2.28
CA LYS A 19 11.47 10.51 -3.12
C LYS A 19 12.70 11.38 -2.98
N LEU A 20 13.84 10.77 -3.08
CA LEU A 20 15.11 11.43 -2.91
C LEU A 20 15.58 12.06 -4.21
N GLN A 21 15.70 13.35 -4.21
CA GLN A 21 16.24 14.09 -5.33
C GLN A 21 16.92 15.28 -4.75
N ASN A 22 17.99 15.75 -5.39
CA ASN A 22 18.67 17.00 -4.98
C ASN A 22 19.15 16.88 -3.53
N SER A 23 19.45 15.64 -3.14
CA SER A 23 19.93 15.24 -1.82
C SER A 23 18.90 15.56 -0.69
N ARG A 24 17.66 15.78 -1.07
CA ARG A 24 16.62 16.07 -0.11
C ARG A 24 15.42 15.18 -0.37
N CYS A 25 14.41 15.33 0.43
CA CYS A 25 13.21 14.57 0.28
C CYS A 25 12.12 15.47 -0.23
N VAL A 26 11.51 15.09 -1.30
CA VAL A 26 10.37 15.80 -1.84
C VAL A 26 9.28 14.79 -2.02
N CYS A 27 8.11 15.19 -2.41
CA CYS A 27 7.04 14.23 -2.52
C CYS A 27 7.05 13.56 -3.87
N LYS A 28 6.56 12.35 -3.86
CA LYS A 28 6.41 11.52 -5.03
C LYS A 28 5.14 12.00 -5.76
N MET A 29 4.68 11.31 -6.77
CA MET A 29 3.44 11.72 -7.43
C MET A 29 2.42 10.60 -7.32
N PRO A 30 1.13 10.93 -7.10
CA PRO A 30 0.07 9.91 -6.88
C PRO A 30 -0.24 9.11 -8.16
N TYR A 31 0.09 9.68 -9.28
CA TYR A 31 -0.15 9.02 -10.56
C TYR A 31 1.07 8.20 -10.95
N GLU A 32 2.17 8.44 -10.26
CA GLU A 32 3.40 7.72 -10.50
C GLU A 32 3.49 6.52 -9.63
N CYS A 33 2.68 6.49 -8.60
CA CYS A 33 2.65 5.37 -7.73
C CYS A 33 1.64 4.40 -8.31
N GLY A 34 1.89 3.14 -8.20
CA GLY A 34 0.99 2.17 -8.76
C GLY A 34 0.73 1.02 -7.82
N PRO A 35 1.74 0.18 -7.58
CA PRO A 35 1.60 -0.97 -6.68
C PRO A 35 1.49 -0.59 -5.18
N SER A 36 0.25 -0.56 -4.69
CA SER A 36 -0.07 -0.26 -3.31
C SER A 36 -1.45 -0.83 -2.95
N LEU A 37 -1.78 -0.87 -1.66
CA LEU A 37 -3.07 -1.37 -1.20
C LEU A 37 -4.22 -0.46 -1.54
N ASP A 38 -5.26 -1.02 -2.10
CA ASP A 38 -6.48 -0.29 -2.39
C ASP A 38 -7.29 -0.13 -1.14
N VAL A 39 -7.62 1.09 -0.84
CA VAL A 39 -8.35 1.39 0.37
C VAL A 39 -9.53 2.36 0.09
N CYS A 40 -10.47 2.46 1.02
CA CYS A 40 -11.59 3.37 0.86
C CYS A 40 -11.31 4.63 1.62
N ALA A 41 -11.46 5.73 0.97
CA ALA A 41 -11.22 6.98 1.60
C ALA A 41 -12.38 7.91 1.37
N GLN A 42 -12.43 8.94 2.11
CA GLN A 42 -13.42 9.93 1.95
C GLN A 42 -12.78 11.24 1.65
N ASP A 43 -13.24 11.84 0.60
CA ASP A 43 -12.78 13.13 0.18
C ASP A 43 -13.36 14.17 1.11
N GLU A 44 -12.60 15.18 1.41
CA GLU A 44 -13.03 16.20 2.35
C GLU A 44 -13.58 17.45 1.68
N ARG A 45 -13.56 17.50 0.37
CA ARG A 45 -14.06 18.63 -0.32
C ARG A 45 -15.49 18.36 -0.77
N SER A 46 -15.67 17.27 -1.47
CA SER A 46 -16.97 16.86 -1.96
C SER A 46 -17.62 15.85 -1.00
N LYS A 47 -16.83 15.43 0.02
CA LYS A 47 -17.28 14.51 1.10
C LYS A 47 -17.71 13.14 0.56
N ARG A 48 -17.14 12.80 -0.56
CA ARG A 48 -17.47 11.58 -1.28
C ARG A 48 -16.55 10.44 -0.87
N ILE A 49 -17.09 9.25 -0.82
CA ILE A 49 -16.30 8.09 -0.52
C ILE A 49 -15.74 7.57 -1.83
N LEU A 50 -14.46 7.49 -1.92
CA LEU A 50 -13.85 7.04 -3.15
C LEU A 50 -12.79 6.00 -2.87
N PRO A 51 -12.58 5.09 -3.82
CA PRO A 51 -11.51 4.12 -3.74
C PRO A 51 -10.17 4.81 -4.03
N LEU A 52 -9.28 4.67 -3.12
CA LEU A 52 -7.96 5.20 -3.26
C LEU A 52 -6.98 4.11 -3.07
N THR A 53 -5.77 4.44 -3.08
CA THR A 53 -4.74 3.51 -2.87
C THR A 53 -3.74 4.16 -1.92
N VAL A 54 -3.15 3.37 -1.04
CA VAL A 54 -2.20 3.83 0.02
C VAL A 54 -1.19 4.86 -0.48
N CYS A 55 -0.49 4.52 -1.54
CA CYS A 55 0.53 5.38 -2.09
C CYS A 55 -0.06 6.72 -2.51
N LYS A 56 -1.17 6.65 -3.27
CA LYS A 56 -1.84 7.82 -3.77
C LYS A 56 -2.24 8.72 -2.61
N MET A 57 -2.98 8.13 -1.67
CA MET A 57 -3.46 8.81 -0.46
C MET A 57 -2.35 9.53 0.30
N HIS A 58 -1.21 8.89 0.47
CA HIS A 58 -0.12 9.49 1.21
C HIS A 58 0.56 10.61 0.45
N VAL A 59 0.79 10.39 -0.82
CA VAL A 59 1.42 11.38 -1.65
C VAL A 59 0.52 12.58 -1.80
N LEU A 60 -0.70 12.31 -2.11
CA LEU A 60 -1.73 13.28 -2.26
C LEU A 60 -1.92 14.05 -0.93
N HIS A 61 -1.66 13.37 0.17
CA HIS A 61 -1.74 13.95 1.49
C HIS A 61 -0.66 15.01 1.66
N CYS A 62 0.56 14.72 1.20
CA CYS A 62 1.64 15.69 1.36
C CYS A 62 1.60 16.74 0.26
N GLN A 63 0.92 16.42 -0.85
CA GLN A 63 0.68 17.40 -1.92
C GLN A 63 -0.18 18.56 -1.37
N GLY A 64 -1.11 18.21 -0.51
CA GLY A 64 -1.99 19.20 0.08
C GLY A 64 -3.43 18.90 -0.16
N ARG A 65 -3.78 17.63 -0.13
CA ARG A 65 -5.14 17.20 -0.30
C ARG A 65 -5.62 16.61 1.02
N ASN A 66 -6.87 16.82 1.36
CA ASN A 66 -7.40 16.35 2.64
C ASN A 66 -8.32 15.16 2.45
N TYR A 67 -8.00 14.06 3.08
CA TYR A 67 -8.83 12.86 2.99
C TYR A 67 -8.93 12.17 4.32
N THR A 68 -10.01 11.49 4.49
CA THR A 68 -10.30 10.72 5.66
C THR A 68 -10.39 9.27 5.18
N LEU A 69 -10.21 8.29 6.04
CA LEU A 69 -10.40 6.94 5.60
C LEU A 69 -11.71 6.39 6.08
N THR A 70 -12.25 5.48 5.34
CA THR A 70 -13.55 4.93 5.62
C THR A 70 -13.58 3.41 5.49
N GLY A 71 -14.73 2.83 5.75
CA GLY A 71 -14.88 1.40 5.66
C GLY A 71 -15.02 0.94 4.23
N ARG A 72 -14.74 -0.33 3.97
CA ARG A 72 -14.78 -0.89 2.62
C ARG A 72 -16.18 -0.84 2.05
N ASP A 73 -17.16 -0.90 2.94
CA ASP A 73 -18.59 -0.89 2.59
C ASP A 73 -18.98 0.42 1.93
N SER A 74 -18.29 1.47 2.32
CA SER A 74 -18.60 2.79 1.87
C SER A 74 -18.10 3.05 0.44
N CYS A 75 -17.00 2.44 0.03
CA CYS A 75 -16.50 2.73 -1.28
C CYS A 75 -16.69 1.55 -2.19
N THR A 76 -16.39 1.73 -3.43
CA THR A 76 -16.40 0.67 -4.35
C THR A 76 -14.97 0.21 -4.54
N LEU A 77 -14.60 -0.75 -3.75
CA LEU A 77 -13.26 -1.23 -3.75
C LEU A 77 -13.21 -2.50 -4.58
N PRO A 78 -12.18 -2.65 -5.43
CA PRO A 78 -12.03 -3.80 -6.33
C PRO A 78 -11.70 -5.10 -5.60
N ALA A 79 -11.14 -5.00 -4.46
CA ALA A 79 -10.67 -6.17 -3.76
C ALA A 79 -11.56 -6.61 -2.61
N SER A 80 -11.99 -7.84 -2.70
CA SER A 80 -12.75 -8.49 -1.67
C SER A 80 -12.44 -9.98 -1.75
N ALA A 81 -12.63 -10.56 -2.96
CA ALA A 81 -12.35 -11.96 -3.27
C ALA A 81 -12.67 -12.19 -4.74
N GLU A 82 -12.53 -13.44 -5.20
CA GLU A 82 -12.85 -13.88 -6.56
C GLU A 82 -12.08 -13.15 -7.65
N LYS A 83 -10.90 -13.63 -7.99
CA LYS A 83 -10.13 -13.00 -9.05
C LYS A 83 -9.79 -14.00 -10.14
N ALA A 84 -9.95 -13.57 -11.36
CA ALA A 84 -9.70 -14.40 -12.50
C ALA A 84 -8.48 -13.91 -13.23
N CYS A 85 -7.95 -14.75 -14.07
CA CYS A 85 -6.78 -14.45 -14.86
C CYS A 85 -7.09 -13.29 -15.80
N GLY A 86 -6.37 -12.21 -15.64
CA GLY A 86 -6.64 -11.04 -16.42
C GLY A 86 -6.75 -9.81 -15.57
N ALA A 87 -7.06 -10.00 -14.30
CA ALA A 87 -7.15 -8.89 -13.38
C ALA A 87 -6.61 -9.32 -12.02
N CYS A 88 -5.40 -8.92 -11.74
CA CYS A 88 -4.74 -9.31 -10.52
C CYS A 88 -3.87 -8.17 -10.03
N PRO A 89 -3.71 -7.99 -8.71
CA PRO A 89 -2.79 -6.99 -8.18
C PRO A 89 -1.35 -7.52 -8.23
N LEU A 90 -0.41 -6.79 -7.67
CA LEU A 90 0.99 -7.23 -7.65
C LEU A 90 1.25 -8.37 -6.66
N TRP A 91 0.24 -8.71 -5.88
CA TRP A 91 0.30 -9.85 -4.97
C TRP A 91 -0.59 -10.98 -5.47
N GLY A 92 -1.08 -10.84 -6.67
CA GLY A 92 -1.91 -11.84 -7.27
C GLY A 92 -1.38 -12.14 -8.64
N LYS A 93 -1.42 -13.36 -9.05
CA LYS A 93 -0.86 -13.67 -10.32
C LYS A 93 -1.59 -14.85 -10.93
N CYS A 94 -1.61 -14.87 -12.23
CA CYS A 94 -2.21 -15.93 -12.98
C CYS A 94 -1.11 -16.91 -13.38
N ASP A 95 -1.32 -18.17 -13.05
CA ASP A 95 -0.40 -19.21 -13.45
C ASP A 95 -0.78 -19.71 -14.84
N ALA A 96 0.03 -20.57 -15.42
CA ALA A 96 -0.12 -20.99 -16.81
C ALA A 96 -1.48 -21.68 -17.10
N GLU A 97 -1.84 -22.63 -16.28
CA GLU A 97 -3.06 -23.39 -16.52
C GLU A 97 -4.18 -22.91 -15.59
N SER A 98 -3.99 -21.76 -15.03
CA SER A 98 -4.96 -21.24 -14.12
C SER A 98 -5.86 -20.23 -14.81
N SER A 99 -7.16 -20.47 -14.76
CA SER A 99 -8.14 -19.53 -15.24
C SER A 99 -8.44 -18.56 -14.10
N LYS A 100 -8.19 -19.05 -12.90
CA LYS A 100 -8.36 -18.30 -11.69
C LYS A 100 -7.05 -17.62 -11.35
N CYS A 101 -7.14 -16.53 -10.67
CA CYS A 101 -5.98 -15.82 -10.22
C CYS A 101 -5.80 -16.12 -8.76
N VAL A 102 -4.61 -16.48 -8.38
CA VAL A 102 -4.34 -16.83 -7.01
C VAL A 102 -3.42 -15.77 -6.41
N CYS A 103 -3.45 -15.65 -5.13
CA CYS A 103 -2.68 -14.66 -4.46
C CYS A 103 -1.41 -15.31 -3.96
N ARG A 104 -0.30 -14.66 -4.21
CA ARG A 104 0.98 -15.16 -3.79
C ARG A 104 1.16 -14.91 -2.31
N GLU A 105 2.07 -15.60 -1.70
CA GLU A 105 2.32 -15.41 -0.28
C GLU A 105 3.25 -14.22 -0.06
N ALA A 106 3.43 -13.85 1.19
CA ALA A 106 4.23 -12.69 1.58
C ALA A 106 5.67 -12.85 1.16
N SER A 107 6.08 -14.10 1.03
CA SER A 107 7.40 -14.47 0.61
C SER A 107 7.74 -13.89 -0.79
N GLU A 108 6.72 -13.75 -1.63
CA GLU A 108 6.92 -13.36 -3.02
C GLU A 108 6.94 -11.84 -3.21
N CYS A 109 7.19 -11.11 -2.17
CA CYS A 109 7.18 -9.67 -2.23
C CYS A 109 8.43 -9.14 -2.93
N GLU A 110 8.26 -8.82 -4.20
CA GLU A 110 9.36 -8.27 -5.00
C GLU A 110 9.24 -6.75 -5.08
N GLU A 111 8.02 -6.28 -5.05
CA GLU A 111 7.74 -4.88 -5.24
C GLU A 111 7.83 -4.12 -3.93
N GLU A 112 7.38 -4.78 -2.86
CA GLU A 112 7.41 -4.26 -1.49
C GLU A 112 6.31 -3.24 -1.19
N GLY A 113 5.97 -2.42 -2.19
CA GLY A 113 5.06 -1.32 -2.03
C GLY A 113 5.49 -0.42 -0.89
N PHE A 114 4.57 -0.09 -0.08
CA PHE A 114 4.79 0.61 1.14
C PHE A 114 4.84 -0.36 2.30
N SER A 115 4.86 0.19 3.45
CA SER A 115 4.78 -0.54 4.64
C SER A 115 3.69 0.08 5.45
N ILE A 116 2.74 -0.72 5.86
CA ILE A 116 1.56 -0.23 6.51
C ILE A 116 1.34 -0.99 7.81
N CYS A 117 0.66 -0.36 8.75
CA CYS A 117 0.40 -1.00 10.01
C CYS A 117 -0.94 -1.69 9.95
N VAL A 118 -0.94 -2.99 10.11
CA VAL A 118 -2.17 -3.72 10.08
C VAL A 118 -2.31 -4.58 11.33
N GLU A 119 -3.52 -4.67 11.84
CA GLU A 119 -3.78 -5.49 12.97
C GLU A 119 -3.95 -6.92 12.46
N VAL A 120 -3.07 -7.74 12.90
CA VAL A 120 -3.00 -9.13 12.54
C VAL A 120 -2.61 -9.90 13.78
N ASN A 121 -3.36 -10.95 14.07
CA ASN A 121 -3.10 -11.81 15.22
C ASN A 121 -3.34 -11.04 16.53
N GLY A 122 -4.09 -9.95 16.44
CA GLY A 122 -4.37 -9.14 17.61
C GLY A 122 -3.30 -8.08 17.82
N LYS A 123 -2.25 -8.19 17.07
CA LYS A 123 -1.13 -7.31 17.13
C LYS A 123 -1.20 -6.37 15.96
N GLU A 124 -0.51 -5.29 16.03
CA GLU A 124 -0.38 -4.43 14.90
C GLU A 124 1.01 -4.56 14.38
N GLN A 125 1.13 -5.07 13.20
CA GLN A 125 2.41 -5.25 12.62
C GLN A 125 2.52 -4.47 11.35
N THR A 126 3.64 -3.89 11.13
CA THR A 126 3.89 -3.23 9.92
C THR A 126 4.40 -4.27 8.97
N MET A 127 3.78 -4.37 7.88
CA MET A 127 4.17 -5.30 6.89
C MET A 127 4.27 -4.62 5.58
N SER A 128 4.78 -5.31 4.63
CA SER A 128 4.97 -4.77 3.33
C SER A 128 3.67 -4.88 2.60
N GLU A 129 3.52 -4.08 1.61
CA GLU A 129 2.31 -3.99 0.87
C GLU A 129 1.93 -5.31 0.18
N CYS A 130 2.93 -6.09 -0.25
CA CYS A 130 2.65 -7.39 -0.86
C CYS A 130 2.06 -8.31 0.20
N GLU A 131 2.54 -8.16 1.42
CA GLU A 131 2.18 -9.03 2.52
C GLU A 131 0.75 -8.77 2.93
N ALA A 132 0.47 -7.55 3.34
CA ALA A 132 -0.88 -7.19 3.76
C ALA A 132 -1.89 -7.46 2.65
N GLY A 133 -1.46 -7.19 1.42
CA GLY A 133 -2.28 -7.43 0.28
C GLY A 133 -2.57 -8.90 0.08
N ALA A 134 -1.54 -9.72 0.22
CA ALA A 134 -1.66 -11.16 0.03
C ALA A 134 -2.60 -11.77 1.05
N LEU A 135 -2.44 -11.41 2.31
CA LEU A 135 -3.32 -11.94 3.36
C LEU A 135 -4.77 -11.53 3.14
N ARG A 136 -4.96 -10.29 2.69
CA ARG A 136 -6.31 -9.79 2.44
C ARG A 136 -6.86 -10.40 1.13
N CYS A 137 -5.96 -10.86 0.30
CA CYS A 137 -6.32 -11.46 -0.97
C CYS A 137 -6.73 -12.92 -0.75
N ARG A 138 -6.05 -13.60 0.16
CA ARG A 138 -6.33 -15.00 0.41
C ARG A 138 -7.52 -15.22 1.34
N GLY A 139 -7.93 -14.21 2.06
CA GLY A 139 -9.09 -14.39 2.90
C GLY A 139 -8.78 -14.35 4.37
N GLN A 140 -7.52 -14.17 4.70
CA GLN A 140 -7.10 -14.06 6.09
C GLN A 140 -7.74 -12.82 6.73
N SER A 141 -7.96 -12.88 8.02
CA SER A 141 -8.56 -11.80 8.74
C SER A 141 -7.47 -10.83 9.23
N ILE A 142 -7.52 -9.63 8.73
CA ILE A 142 -6.58 -8.57 9.06
C ILE A 142 -7.35 -7.28 9.13
N SER A 143 -6.86 -6.35 9.86
CA SER A 143 -7.50 -5.08 9.97
C SER A 143 -6.49 -3.96 9.80
N VAL A 144 -6.46 -3.36 8.64
CA VAL A 144 -5.56 -2.25 8.38
C VAL A 144 -6.01 -1.08 9.23
N THR A 145 -5.24 -0.76 10.23
CA THR A 145 -5.58 0.27 11.15
C THR A 145 -5.37 1.62 10.52
N SER A 146 -4.27 1.76 9.82
CA SER A 146 -3.97 2.93 9.07
C SER A 146 -3.04 2.51 7.95
N ILE A 147 -3.05 3.23 6.84
CA ILE A 147 -2.18 2.83 5.73
C ILE A 147 -0.75 3.43 5.94
N ARG A 148 -0.47 3.82 7.15
CA ARG A 148 0.82 4.30 7.56
C ARG A 148 1.51 3.21 8.35
N PRO A 149 2.83 3.11 8.30
CA PRO A 149 3.56 2.08 9.03
C PRO A 149 3.62 2.36 10.53
N CYS A 150 3.72 1.33 11.33
CA CYS A 150 3.95 1.50 12.73
C CYS A 150 5.41 1.17 13.05
N ALA A 151 5.81 1.35 14.30
CA ALA A 151 7.19 1.07 14.71
C ALA A 151 7.47 -0.43 14.69
N ALA A 152 6.41 -1.17 14.52
CA ALA A 152 6.40 -2.61 14.39
C ALA A 152 6.89 -3.06 12.99
N GLU A 153 7.77 -2.28 12.38
CA GLU A 153 8.32 -2.59 11.07
C GLU A 153 9.58 -3.42 11.22
N THR A 154 10.04 -3.48 12.44
CA THR A 154 11.19 -4.23 12.79
C THR A 154 10.77 -5.62 13.28
N GLN A 155 11.74 -6.44 13.55
CA GLN A 155 11.50 -7.77 14.09
C GLN A 155 11.37 -7.66 15.59
N GLY A 1 20.21 8.27 22.39
CA GLY A 1 20.17 7.91 20.98
C GLY A 1 18.78 8.08 20.44
N SER A 2 18.66 8.17 19.15
CA SER A 2 17.39 8.30 18.53
C SER A 2 17.03 7.01 17.84
N HIS A 3 15.77 6.67 17.85
CA HIS A 3 15.27 5.54 17.11
C HIS A 3 14.20 6.00 16.15
N MET A 4 14.10 7.31 16.04
CA MET A 4 13.25 7.95 15.04
C MET A 4 14.01 7.76 13.73
N ASN A 5 15.30 7.92 13.87
CA ASN A 5 16.29 7.57 12.89
C ASN A 5 17.56 7.37 13.72
N PRO A 6 18.20 6.19 13.66
CA PRO A 6 19.39 5.92 14.46
C PRO A 6 20.56 6.88 14.15
N LEU A 7 21.07 6.80 12.94
CA LEU A 7 22.13 7.69 12.53
C LEU A 7 21.98 8.05 11.07
N THR A 8 22.12 9.31 10.76
CA THR A 8 21.96 9.77 9.41
C THR A 8 23.00 10.84 9.09
N GLN A 9 24.06 10.42 8.44
CA GLN A 9 25.09 11.34 8.05
C GLN A 9 24.75 11.96 6.72
N ALA A 10 24.94 11.22 5.68
CA ALA A 10 24.67 11.70 4.34
C ALA A 10 23.61 10.85 3.69
N VAL A 11 22.97 10.07 4.50
CA VAL A 11 21.93 9.21 4.03
C VAL A 11 20.60 9.95 4.22
N PRO A 12 19.90 10.24 3.11
CA PRO A 12 18.67 11.04 3.13
C PRO A 12 17.52 10.41 3.89
N LYS A 13 17.06 9.29 3.39
CA LYS A 13 15.92 8.56 3.91
C LYS A 13 14.65 9.36 3.76
N CYS A 14 14.03 9.12 2.68
CA CYS A 14 12.77 9.76 2.37
C CYS A 14 11.69 8.71 2.61
N GLN A 15 10.48 9.13 2.86
CA GLN A 15 9.40 8.21 3.20
C GLN A 15 8.92 7.43 1.96
N ARG A 16 8.03 6.46 2.19
CA ARG A 16 7.48 5.58 1.12
C ARG A 16 6.80 6.38 0.00
N TRP A 17 6.26 7.52 0.35
CA TRP A 17 5.54 8.35 -0.57
C TRP A 17 6.42 9.45 -1.14
N GLU A 18 7.69 9.36 -0.87
CA GLU A 18 8.62 10.34 -1.31
C GLU A 18 9.68 9.74 -2.21
N LYS A 19 10.17 10.55 -3.12
CA LYS A 19 11.22 10.16 -4.03
C LYS A 19 12.34 11.17 -3.89
N LEU A 20 13.52 10.78 -4.19
CA LEU A 20 14.60 11.67 -4.16
C LEU A 20 14.98 12.10 -5.56
N GLN A 21 14.97 13.37 -5.77
CA GLN A 21 15.39 13.99 -7.00
C GLN A 21 15.95 15.32 -6.59
N ASN A 22 16.90 15.85 -7.35
CA ASN A 22 17.50 17.17 -7.07
C ASN A 22 18.24 17.14 -5.73
N SER A 23 18.55 15.90 -5.30
CA SER A 23 19.24 15.60 -4.06
C SER A 23 18.39 15.94 -2.81
N ARG A 24 17.09 16.06 -3.00
CA ARG A 24 16.17 16.34 -1.91
C ARG A 24 15.04 15.30 -1.92
N CYS A 25 14.28 15.22 -0.86
CA CYS A 25 13.15 14.30 -0.82
C CYS A 25 11.88 15.07 -1.15
N VAL A 26 11.28 14.69 -2.24
CA VAL A 26 10.03 15.29 -2.71
C VAL A 26 9.02 14.17 -2.72
N CYS A 27 7.81 14.44 -3.06
CA CYS A 27 6.81 13.40 -3.07
C CYS A 27 6.82 12.66 -4.38
N LYS A 28 6.31 11.44 -4.39
CA LYS A 28 6.20 10.68 -5.60
C LYS A 28 5.01 11.18 -6.36
N MET A 29 4.67 10.53 -7.41
CA MET A 29 3.50 10.87 -8.14
C MET A 29 2.49 9.75 -7.92
N PRO A 30 1.19 10.07 -7.76
CA PRO A 30 0.16 9.07 -7.42
C PRO A 30 -0.06 8.03 -8.51
N TYR A 31 0.47 8.29 -9.68
CA TYR A 31 0.32 7.40 -10.80
C TYR A 31 1.46 6.39 -10.84
N GLU A 32 2.40 6.57 -9.95
CA GLU A 32 3.50 5.64 -9.79
C GLU A 32 3.09 4.58 -8.80
N CYS A 33 2.00 4.86 -8.13
CA CYS A 33 1.48 4.04 -7.09
C CYS A 33 0.75 2.82 -7.58
N GLY A 34 1.50 1.92 -8.13
CA GLY A 34 0.98 0.64 -8.50
C GLY A 34 0.95 -0.24 -7.27
N PRO A 35 2.13 -0.62 -6.74
CA PRO A 35 2.22 -1.40 -5.51
C PRO A 35 1.66 -0.66 -4.30
N SER A 36 0.39 -0.91 -4.00
CA SER A 36 -0.30 -0.32 -2.87
C SER A 36 -1.68 -0.94 -2.63
N LEU A 37 -2.06 -1.08 -1.36
CA LEU A 37 -3.37 -1.56 -0.95
C LEU A 37 -4.44 -0.53 -1.17
N ASP A 38 -5.53 -0.97 -1.75
CA ASP A 38 -6.67 -0.10 -1.99
C ASP A 38 -7.45 0.09 -0.72
N VAL A 39 -7.88 1.30 -0.49
CA VAL A 39 -8.63 1.69 0.71
C VAL A 39 -9.67 2.76 0.35
N CYS A 40 -10.64 2.94 1.19
CA CYS A 40 -11.63 3.98 0.96
C CYS A 40 -11.26 5.17 1.80
N ALA A 41 -11.27 6.36 1.22
CA ALA A 41 -10.97 7.53 2.00
C ALA A 41 -12.10 8.51 1.86
N GLN A 42 -12.11 9.49 2.70
CA GLN A 42 -13.10 10.48 2.60
C GLN A 42 -12.49 11.78 2.16
N ASP A 43 -13.03 12.29 1.09
CA ASP A 43 -12.62 13.54 0.48
C ASP A 43 -12.97 14.69 1.43
N GLU A 44 -12.00 15.49 1.79
CA GLU A 44 -12.23 16.59 2.71
C GLU A 44 -12.62 17.89 2.03
N ARG A 45 -12.84 17.84 0.75
CA ARG A 45 -13.25 18.99 0.02
C ARG A 45 -14.75 18.91 -0.22
N SER A 46 -15.18 17.82 -0.81
CA SER A 46 -16.57 17.62 -1.15
C SER A 46 -17.31 16.82 -0.07
N LYS A 47 -16.54 16.11 0.79
CA LYS A 47 -17.06 15.23 1.83
C LYS A 47 -17.81 14.04 1.21
N ARG A 48 -17.05 13.06 0.76
CA ARG A 48 -17.56 11.87 0.07
C ARG A 48 -16.57 10.74 0.26
N ILE A 49 -17.01 9.49 0.15
CA ILE A 49 -16.11 8.37 0.28
C ILE A 49 -15.66 7.92 -1.11
N LEU A 50 -14.40 7.67 -1.27
CA LEU A 50 -13.84 7.21 -2.53
C LEU A 50 -12.92 6.02 -2.42
N PRO A 51 -12.79 5.26 -3.48
CA PRO A 51 -11.78 4.21 -3.58
C PRO A 51 -10.41 4.80 -3.97
N LEU A 52 -9.51 4.74 -3.06
CA LEU A 52 -8.14 5.19 -3.26
C LEU A 52 -7.21 4.06 -2.97
N THR A 53 -5.96 4.36 -2.90
CA THR A 53 -4.99 3.38 -2.61
C THR A 53 -3.97 4.04 -1.65
N VAL A 54 -3.42 3.28 -0.69
CA VAL A 54 -2.49 3.81 0.34
C VAL A 54 -1.39 4.73 -0.20
N CYS A 55 -0.67 4.29 -1.22
CA CYS A 55 0.39 5.09 -1.82
C CYS A 55 -0.18 6.38 -2.38
N LYS A 56 -1.29 6.25 -3.14
CA LYS A 56 -1.95 7.41 -3.75
C LYS A 56 -2.34 8.42 -2.68
N MET A 57 -3.03 7.92 -1.65
CA MET A 57 -3.47 8.72 -0.50
C MET A 57 -2.30 9.45 0.17
N HIS A 58 -1.19 8.77 0.34
CA HIS A 58 -0.03 9.39 1.02
C HIS A 58 0.64 10.42 0.14
N VAL A 59 0.87 10.06 -1.10
CA VAL A 59 1.48 10.95 -2.08
C VAL A 59 0.63 12.19 -2.24
N LEU A 60 -0.63 11.98 -2.52
CA LEU A 60 -1.60 13.02 -2.66
C LEU A 60 -1.71 13.85 -1.37
N HIS A 61 -1.51 13.21 -0.23
CA HIS A 61 -1.57 13.87 1.05
C HIS A 61 -0.39 14.82 1.20
N CYS A 62 0.80 14.37 0.82
CA CYS A 62 1.97 15.18 1.00
C CYS A 62 2.07 16.24 -0.10
N GLN A 63 1.36 16.01 -1.21
CA GLN A 63 1.22 17.02 -2.25
C GLN A 63 0.40 18.19 -1.72
N GLY A 64 -0.39 17.94 -0.68
CA GLY A 64 -1.16 18.97 -0.05
C GLY A 64 -2.65 18.75 -0.11
N ARG A 65 -3.08 17.50 -0.12
CA ARG A 65 -4.49 17.18 -0.16
C ARG A 65 -4.90 16.54 1.15
N ASN A 66 -6.08 16.85 1.61
CA ASN A 66 -6.57 16.31 2.87
C ASN A 66 -7.64 15.28 2.62
N TYR A 67 -7.42 14.11 3.13
CA TYR A 67 -8.37 13.04 3.05
C TYR A 67 -8.40 12.34 4.37
N THR A 68 -9.56 11.95 4.75
CA THR A 68 -9.76 11.28 5.98
C THR A 68 -9.83 9.78 5.72
N LEU A 69 -9.30 8.99 6.63
CA LEU A 69 -9.35 7.55 6.47
C LEU A 69 -10.67 7.01 6.95
N THR A 70 -11.21 6.14 6.17
CA THR A 70 -12.41 5.47 6.49
C THR A 70 -12.20 3.97 6.34
N GLY A 71 -13.22 3.20 6.47
CA GLY A 71 -13.08 1.79 6.34
C GLY A 71 -13.21 1.35 4.91
N ARG A 72 -13.05 0.08 4.67
CA ARG A 72 -13.13 -0.48 3.31
C ARG A 72 -14.55 -0.82 2.95
N ASP A 73 -15.40 -0.65 3.92
CA ASP A 73 -16.80 -1.00 3.79
C ASP A 73 -17.60 0.11 3.14
N SER A 74 -17.06 1.31 3.17
CA SER A 74 -17.78 2.47 2.70
C SER A 74 -17.79 2.61 1.17
N CYS A 75 -16.70 2.29 0.53
CA CYS A 75 -16.66 2.39 -0.90
C CYS A 75 -16.65 1.00 -1.49
N THR A 76 -16.80 0.92 -2.78
CA THR A 76 -16.69 -0.33 -3.45
C THR A 76 -15.22 -0.53 -3.79
N LEU A 77 -14.56 -1.31 -2.99
CA LEU A 77 -13.15 -1.48 -3.09
C LEU A 77 -12.80 -2.69 -3.98
N PRO A 78 -11.81 -2.54 -4.88
CA PRO A 78 -11.36 -3.61 -5.77
C PRO A 78 -10.58 -4.72 -5.04
N ALA A 79 -9.59 -4.33 -4.27
CA ALA A 79 -8.67 -5.26 -3.61
C ALA A 79 -9.24 -5.84 -2.31
N SER A 80 -10.53 -5.85 -2.21
CA SER A 80 -11.21 -6.35 -1.04
C SER A 80 -11.32 -7.88 -1.08
N ALA A 81 -11.15 -8.46 -2.25
CA ALA A 81 -11.29 -9.89 -2.43
C ALA A 81 -10.28 -10.39 -3.46
N GLU A 82 -10.21 -11.71 -3.63
CA GLU A 82 -9.32 -12.33 -4.62
C GLU A 82 -9.89 -12.09 -6.01
N LYS A 83 -9.04 -12.08 -7.01
CA LYS A 83 -9.47 -11.76 -8.36
C LYS A 83 -8.96 -12.77 -9.36
N ALA A 84 -9.33 -12.58 -10.60
CA ALA A 84 -8.97 -13.46 -11.68
C ALA A 84 -8.23 -12.68 -12.76
N CYS A 85 -7.95 -13.32 -13.88
CA CYS A 85 -7.17 -12.71 -14.94
C CYS A 85 -7.92 -11.55 -15.60
N GLY A 86 -7.19 -10.50 -15.84
CA GLY A 86 -7.71 -9.32 -16.48
C GLY A 86 -7.43 -8.11 -15.65
N ALA A 87 -7.29 -8.32 -14.37
CA ALA A 87 -6.90 -7.28 -13.46
C ALA A 87 -6.38 -7.93 -12.19
N CYS A 88 -5.10 -7.97 -12.07
CA CYS A 88 -4.46 -8.50 -10.89
C CYS A 88 -3.49 -7.49 -10.37
N PRO A 89 -3.61 -7.11 -9.10
CA PRO A 89 -2.68 -6.20 -8.45
C PRO A 89 -1.35 -6.91 -8.17
N LEU A 90 -0.41 -6.18 -7.59
CA LEU A 90 0.95 -6.66 -7.25
C LEU A 90 1.01 -8.13 -6.74
N TRP A 91 0.25 -8.44 -5.69
CA TRP A 91 0.24 -9.78 -5.07
C TRP A 91 -0.53 -10.82 -5.91
N GLY A 92 -1.12 -10.40 -6.98
CA GLY A 92 -1.89 -11.29 -7.80
C GLY A 92 -1.20 -11.52 -9.12
N LYS A 93 -1.22 -12.72 -9.60
CA LYS A 93 -0.58 -13.02 -10.84
C LYS A 93 -1.35 -14.03 -11.63
N CYS A 94 -1.72 -13.66 -12.83
CA CYS A 94 -2.35 -14.59 -13.73
C CYS A 94 -1.26 -15.43 -14.35
N ASP A 95 -1.08 -16.61 -13.84
CA ASP A 95 -0.01 -17.47 -14.28
C ASP A 95 -0.60 -18.67 -15.01
N ALA A 96 0.26 -19.51 -15.54
CA ALA A 96 -0.15 -20.62 -16.40
C ALA A 96 -0.61 -21.85 -15.62
N GLU A 97 -0.94 -21.65 -14.34
CA GLU A 97 -1.47 -22.70 -13.46
C GLU A 97 -2.68 -23.35 -14.15
N SER A 98 -3.64 -22.52 -14.45
CA SER A 98 -4.83 -22.89 -15.20
C SER A 98 -5.36 -21.63 -15.85
N SER A 99 -4.44 -20.67 -16.02
CA SER A 99 -4.76 -19.32 -16.46
C SER A 99 -5.80 -18.68 -15.55
N LYS A 100 -5.37 -18.45 -14.34
CA LYS A 100 -6.16 -17.87 -13.29
C LYS A 100 -5.22 -16.98 -12.51
N CYS A 101 -5.72 -16.22 -11.60
CA CYS A 101 -4.87 -15.33 -10.88
C CYS A 101 -4.59 -15.97 -9.55
N VAL A 102 -3.33 -16.15 -9.28
CA VAL A 102 -2.88 -16.76 -8.05
C VAL A 102 -2.37 -15.68 -7.12
N CYS A 103 -2.40 -15.94 -5.85
CA CYS A 103 -1.95 -14.99 -4.88
C CYS A 103 -0.53 -15.35 -4.49
N ARG A 104 0.37 -14.43 -4.73
CA ARG A 104 1.78 -14.59 -4.43
C ARG A 104 1.95 -14.74 -2.93
N GLU A 105 2.95 -15.48 -2.50
CA GLU A 105 3.22 -15.64 -1.09
C GLU A 105 3.63 -14.32 -0.48
N ALA A 106 3.53 -14.21 0.82
CA ALA A 106 3.87 -12.98 1.52
C ALA A 106 5.37 -12.73 1.49
N SER A 107 6.09 -13.79 1.23
CA SER A 107 7.50 -13.79 1.14
C SER A 107 7.90 -13.29 -0.25
N GLU A 108 6.97 -13.41 -1.16
CA GLU A 108 7.16 -13.03 -2.52
C GLU A 108 6.73 -11.57 -2.71
N CYS A 109 7.44 -10.73 -2.02
CA CYS A 109 7.29 -9.29 -2.15
C CYS A 109 8.53 -8.80 -2.89
N GLU A 110 8.34 -7.94 -3.87
CA GLU A 110 9.44 -7.51 -4.72
C GLU A 110 9.37 -6.00 -4.96
N GLU A 111 8.19 -5.54 -5.18
CA GLU A 111 7.90 -4.18 -5.48
C GLU A 111 7.96 -3.30 -4.22
N GLU A 112 7.98 -2.01 -4.44
CA GLU A 112 8.09 -1.07 -3.36
C GLU A 112 6.74 -0.57 -2.93
N GLY A 113 6.03 -1.43 -2.28
CA GLY A 113 4.77 -1.08 -1.69
C GLY A 113 5.01 -0.32 -0.40
N PHE A 114 3.98 -0.06 0.33
CA PHE A 114 4.11 0.63 1.57
C PHE A 114 4.14 -0.33 2.72
N SER A 115 4.43 0.20 3.86
CA SER A 115 4.29 -0.52 5.08
C SER A 115 3.02 -0.02 5.72
N ILE A 116 2.12 -0.90 5.98
CA ILE A 116 0.83 -0.55 6.51
C ILE A 116 0.61 -1.22 7.84
N CYS A 117 -0.38 -0.77 8.54
CA CYS A 117 -0.69 -1.29 9.85
C CYS A 117 -1.99 -2.03 9.74
N VAL A 118 -1.95 -3.29 10.01
CA VAL A 118 -3.11 -4.06 9.86
C VAL A 118 -3.41 -4.89 11.11
N GLU A 119 -4.64 -4.81 11.56
CA GLU A 119 -5.10 -5.52 12.72
C GLU A 119 -5.45 -6.93 12.30
N VAL A 120 -4.65 -7.82 12.74
CA VAL A 120 -4.79 -9.21 12.45
C VAL A 120 -4.63 -9.91 13.78
N ASN A 121 -5.47 -10.89 14.05
CA ASN A 121 -5.49 -11.59 15.34
C ASN A 121 -5.97 -10.69 16.48
N GLY A 122 -6.43 -9.52 16.11
CA GLY A 122 -6.88 -8.54 17.07
C GLY A 122 -5.79 -7.53 17.37
N LYS A 123 -4.59 -7.78 16.89
CA LYS A 123 -3.46 -6.91 17.14
C LYS A 123 -2.98 -6.25 15.85
N GLU A 124 -2.44 -5.07 15.95
CA GLU A 124 -2.00 -4.33 14.79
C GLU A 124 -0.53 -4.61 14.50
N GLN A 125 -0.29 -5.32 13.44
CA GLN A 125 1.05 -5.65 13.00
C GLN A 125 1.34 -4.93 11.69
N THR A 126 2.56 -4.51 11.52
CA THR A 126 2.96 -3.79 10.33
C THR A 126 3.33 -4.81 9.27
N MET A 127 2.83 -4.62 8.09
CA MET A 127 3.17 -5.50 7.01
C MET A 127 3.60 -4.70 5.84
N SER A 128 4.25 -5.34 4.93
CA SER A 128 4.55 -4.76 3.69
C SER A 128 3.34 -5.02 2.80
N GLU A 129 3.07 -4.13 1.88
CA GLU A 129 1.91 -4.16 0.98
C GLU A 129 1.63 -5.57 0.44
N CYS A 130 2.68 -6.19 -0.12
CA CYS A 130 2.59 -7.52 -0.74
C CYS A 130 2.01 -8.51 0.25
N GLU A 131 2.46 -8.41 1.49
CA GLU A 131 2.09 -9.32 2.53
C GLU A 131 0.64 -9.12 2.93
N ALA A 132 0.32 -7.91 3.36
CA ALA A 132 -1.03 -7.57 3.80
C ALA A 132 -2.08 -7.80 2.69
N GLY A 133 -1.61 -7.80 1.45
CA GLY A 133 -2.45 -8.07 0.33
C GLY A 133 -2.54 -9.56 0.02
N ALA A 134 -1.42 -10.26 0.14
CA ALA A 134 -1.35 -11.69 -0.12
C ALA A 134 -2.25 -12.47 0.82
N LEU A 135 -2.20 -12.10 2.10
CA LEU A 135 -3.06 -12.71 3.12
C LEU A 135 -4.54 -12.47 2.77
N ARG A 136 -4.80 -11.31 2.24
CA ARG A 136 -6.15 -10.89 1.89
C ARG A 136 -6.64 -11.67 0.67
N CYS A 137 -5.75 -11.84 -0.28
CA CYS A 137 -6.03 -12.54 -1.51
C CYS A 137 -6.32 -14.01 -1.22
N ARG A 138 -5.58 -14.59 -0.30
CA ARG A 138 -5.73 -16.00 0.01
C ARG A 138 -7.00 -16.31 0.82
N GLY A 139 -7.39 -15.40 1.69
CA GLY A 139 -8.58 -15.64 2.48
C GLY A 139 -8.37 -15.37 3.95
N GLN A 140 -7.15 -15.04 4.32
CA GLN A 140 -6.84 -14.69 5.71
C GLN A 140 -7.59 -13.39 6.09
N SER A 141 -7.97 -13.28 7.34
CA SER A 141 -8.66 -12.12 7.83
C SER A 141 -7.65 -11.12 8.42
N ILE A 142 -7.66 -9.93 7.88
CA ILE A 142 -6.77 -8.84 8.24
C ILE A 142 -7.61 -7.57 8.17
N SER A 143 -7.41 -6.66 9.07
CA SER A 143 -8.16 -5.44 9.08
C SER A 143 -7.24 -4.23 9.03
N VAL A 144 -7.17 -3.56 7.91
CA VAL A 144 -6.32 -2.37 7.77
C VAL A 144 -6.84 -1.24 8.65
N THR A 145 -6.11 -0.98 9.69
CA THR A 145 -6.48 0.04 10.62
C THR A 145 -5.88 1.36 10.22
N SER A 146 -4.73 1.30 9.58
CA SER A 146 -4.05 2.47 9.14
C SER A 146 -3.26 2.16 7.90
N ILE A 147 -3.19 3.13 6.99
CA ILE A 147 -2.40 2.99 5.77
C ILE A 147 -0.99 3.53 6.06
N ARG A 148 -0.73 3.67 7.33
CA ARG A 148 0.53 4.07 7.86
C ARG A 148 1.00 2.86 8.64
N PRO A 149 2.29 2.61 8.76
CA PRO A 149 2.78 1.45 9.50
C PRO A 149 2.48 1.54 11.00
N CYS A 150 2.61 0.44 11.71
CA CYS A 150 2.40 0.46 13.14
C CYS A 150 3.80 0.66 13.75
N ALA A 151 3.89 0.62 15.04
CA ALA A 151 5.19 0.62 15.69
C ALA A 151 5.70 -0.83 15.77
N ALA A 152 4.80 -1.74 15.40
CA ALA A 152 5.08 -3.16 15.33
C ALA A 152 5.99 -3.49 14.15
N GLU A 153 7.25 -3.09 14.24
CA GLU A 153 8.25 -3.42 13.24
C GLU A 153 9.21 -4.43 13.80
N THR A 154 9.38 -4.37 15.07
CA THR A 154 10.24 -5.27 15.80
C THR A 154 9.38 -6.41 16.37
N GLN A 155 8.15 -6.43 15.91
CA GLN A 155 7.17 -7.36 16.35
C GLN A 155 6.67 -8.11 15.15
N GLY A 1 31.85 18.79 12.78
CA GLY A 1 30.52 18.55 12.23
C GLY A 1 30.62 18.08 10.82
N SER A 2 29.51 17.56 10.29
CA SER A 2 29.39 17.01 8.94
C SER A 2 30.34 15.82 8.71
N HIS A 3 30.36 15.31 7.50
CA HIS A 3 31.24 14.22 7.16
C HIS A 3 32.56 14.78 6.69
N MET A 4 33.63 14.26 7.18
CA MET A 4 34.95 14.69 6.76
C MET A 4 35.29 14.02 5.46
N ASN A 5 34.85 12.80 5.32
CA ASN A 5 35.02 12.04 4.10
C ASN A 5 33.71 12.17 3.30
N PRO A 6 33.71 11.91 1.98
CA PRO A 6 32.49 12.00 1.18
C PRO A 6 31.46 10.95 1.62
N LEU A 7 30.19 11.25 1.42
CA LEU A 7 29.11 10.37 1.81
C LEU A 7 29.12 9.15 0.86
N THR A 8 29.78 8.09 1.29
CA THR A 8 29.92 6.89 0.50
C THR A 8 28.58 6.15 0.33
N GLN A 9 27.85 5.90 1.41
CA GLN A 9 26.53 5.29 1.27
C GLN A 9 25.50 6.37 1.18
N ALA A 10 25.46 7.04 0.06
CA ALA A 10 24.55 8.14 -0.11
C ALA A 10 23.21 7.67 -0.57
N VAL A 11 22.49 7.23 0.40
CA VAL A 11 21.18 6.84 0.25
C VAL A 11 20.30 8.03 0.56
N PRO A 12 19.19 8.21 -0.13
CA PRO A 12 18.30 9.31 0.13
C PRO A 12 17.40 9.04 1.31
N LYS A 13 17.21 10.02 2.14
CA LYS A 13 16.39 9.87 3.32
C LYS A 13 15.01 10.38 3.03
N CYS A 14 14.33 9.66 2.19
CA CYS A 14 13.02 10.02 1.76
C CYS A 14 12.09 8.91 2.22
N GLN A 15 10.87 9.24 2.53
CA GLN A 15 9.89 8.24 2.90
C GLN A 15 9.41 7.45 1.69
N ARG A 16 8.54 6.48 1.94
CA ARG A 16 8.11 5.55 0.87
C ARG A 16 7.25 6.25 -0.19
N TRP A 17 6.69 7.38 0.17
CA TRP A 17 5.86 8.17 -0.72
C TRP A 17 6.64 9.37 -1.26
N GLU A 18 7.94 9.35 -1.00
CA GLU A 18 8.83 10.40 -1.41
C GLU A 18 9.91 9.83 -2.31
N LYS A 19 10.58 10.71 -3.01
CA LYS A 19 11.65 10.35 -3.89
C LYS A 19 12.68 11.47 -3.94
N LEU A 20 13.90 11.11 -4.30
CA LEU A 20 14.99 12.05 -4.39
C LEU A 20 14.84 12.92 -5.63
N GLN A 21 14.74 14.18 -5.40
CA GLN A 21 14.53 15.17 -6.36
C GLN A 21 15.40 16.24 -6.06
N ASN A 22 16.10 16.72 -7.02
CA ASN A 22 16.77 18.02 -6.88
C ASN A 22 17.66 18.06 -5.63
N SER A 23 18.27 16.92 -5.30
CA SER A 23 19.09 16.74 -4.11
C SER A 23 18.25 16.80 -2.78
N ARG A 24 16.92 16.64 -2.87
CA ARG A 24 16.07 16.66 -1.68
C ARG A 24 15.05 15.55 -1.80
N CYS A 25 14.16 15.45 -0.86
CA CYS A 25 13.11 14.49 -0.95
C CYS A 25 11.78 15.21 -1.10
N VAL A 26 11.12 14.96 -2.18
CA VAL A 26 9.80 15.50 -2.42
C VAL A 26 8.88 14.32 -2.60
N CYS A 27 7.62 14.55 -2.78
CA CYS A 27 6.70 13.45 -2.82
C CYS A 27 6.66 12.93 -4.25
N LYS A 28 6.29 11.67 -4.41
CA LYS A 28 6.18 11.04 -5.73
C LYS A 28 4.96 11.62 -6.48
N MET A 29 4.56 10.96 -7.53
CA MET A 29 3.36 11.36 -8.24
C MET A 29 2.27 10.35 -7.94
N PRO A 30 1.09 10.80 -7.48
CA PRO A 30 0.01 9.88 -7.06
C PRO A 30 -0.55 9.03 -8.20
N TYR A 31 -0.36 9.51 -9.41
CA TYR A 31 -0.86 8.85 -10.59
C TYR A 31 0.12 7.80 -11.09
N GLU A 32 1.29 7.79 -10.51
CA GLU A 32 2.31 6.82 -10.84
C GLU A 32 2.21 5.62 -9.92
N CYS A 33 1.30 5.72 -9.00
CA CYS A 33 1.10 4.70 -8.02
C CYS A 33 0.21 3.59 -8.51
N GLY A 34 0.82 2.60 -9.10
CA GLY A 34 0.12 1.43 -9.52
C GLY A 34 0.13 0.38 -8.42
N PRO A 35 1.26 -0.34 -8.23
CA PRO A 35 1.38 -1.38 -7.20
C PRO A 35 1.28 -0.81 -5.78
N SER A 36 0.12 -1.00 -5.17
CA SER A 36 -0.20 -0.56 -3.84
C SER A 36 -1.55 -1.14 -3.42
N LEU A 37 -1.82 -1.14 -2.14
CA LEU A 37 -3.10 -1.66 -1.63
C LEU A 37 -4.22 -0.66 -1.79
N ASP A 38 -5.28 -1.05 -2.44
CA ASP A 38 -6.44 -0.18 -2.52
C ASP A 38 -7.13 -0.17 -1.21
N VAL A 39 -7.34 1.01 -0.68
CA VAL A 39 -7.98 1.19 0.57
C VAL A 39 -9.11 2.22 0.40
N CYS A 40 -9.91 2.41 1.40
CA CYS A 40 -10.97 3.37 1.30
C CYS A 40 -10.62 4.60 2.08
N ALA A 41 -10.74 5.71 1.45
CA ALA A 41 -10.45 6.95 2.06
C ALA A 41 -11.64 7.84 1.93
N GLN A 42 -11.80 8.71 2.84
CA GLN A 42 -12.88 9.64 2.82
C GLN A 42 -12.36 10.97 2.37
N ASP A 43 -12.99 11.46 1.34
CA ASP A 43 -12.67 12.74 0.76
C ASP A 43 -13.05 13.83 1.74
N GLU A 44 -12.19 14.77 2.00
CA GLU A 44 -12.49 15.82 2.98
C GLU A 44 -13.43 16.88 2.44
N ARG A 45 -13.39 17.09 1.16
CA ARG A 45 -14.22 18.08 0.52
C ARG A 45 -15.65 17.55 0.39
N SER A 46 -15.77 16.38 -0.16
CA SER A 46 -17.05 15.78 -0.45
C SER A 46 -17.59 14.92 0.72
N LYS A 47 -16.69 14.32 1.50
CA LYS A 47 -17.02 13.36 2.57
C LYS A 47 -17.55 12.05 2.03
N ARG A 48 -17.24 11.78 0.79
CA ARG A 48 -17.58 10.52 0.17
C ARG A 48 -16.42 9.56 0.38
N ILE A 49 -16.70 8.31 0.50
CA ILE A 49 -15.68 7.33 0.66
C ILE A 49 -15.28 6.87 -0.73
N LEU A 50 -14.07 7.07 -1.11
CA LEU A 50 -13.62 6.67 -2.41
C LEU A 50 -12.40 5.76 -2.28
N PRO A 51 -12.17 4.91 -3.27
CA PRO A 51 -11.03 4.03 -3.28
C PRO A 51 -9.73 4.76 -3.64
N LEU A 52 -8.90 4.90 -2.67
CA LEU A 52 -7.61 5.47 -2.82
C LEU A 52 -6.62 4.46 -2.43
N THR A 53 -5.67 4.23 -3.24
CA THR A 53 -4.70 3.25 -2.98
C THR A 53 -3.62 3.83 -2.04
N VAL A 54 -2.96 2.98 -1.27
CA VAL A 54 -1.92 3.39 -0.28
C VAL A 54 -0.94 4.37 -0.87
N CYS A 55 -0.27 3.95 -1.94
CA CYS A 55 0.71 4.79 -2.59
C CYS A 55 0.06 6.08 -3.06
N LYS A 56 -1.11 5.93 -3.73
CA LYS A 56 -1.84 7.08 -4.25
C LYS A 56 -2.13 8.08 -3.13
N MET A 57 -2.97 7.67 -2.18
CA MET A 57 -3.42 8.50 -1.06
C MET A 57 -2.22 9.03 -0.22
N HIS A 58 -1.17 8.21 0.02
CA HIS A 58 0.03 8.69 0.77
C HIS A 58 0.71 9.83 0.02
N VAL A 59 0.94 9.63 -1.26
CA VAL A 59 1.57 10.62 -2.08
C VAL A 59 0.66 11.83 -2.24
N LEU A 60 -0.58 11.54 -2.46
CA LEU A 60 -1.71 12.48 -2.54
C LEU A 60 -1.78 13.31 -1.23
N HIS A 61 -1.50 12.67 -0.13
CA HIS A 61 -1.45 13.29 1.18
C HIS A 61 -0.25 14.23 1.23
N CYS A 62 0.86 13.77 0.68
CA CYS A 62 2.12 14.51 0.69
C CYS A 62 2.02 15.70 -0.28
N GLN A 63 1.18 15.55 -1.31
CA GLN A 63 0.89 16.62 -2.27
C GLN A 63 0.23 17.79 -1.55
N GLY A 64 -0.43 17.50 -0.43
CA GLY A 64 -1.10 18.53 0.32
C GLY A 64 -2.59 18.36 0.29
N ARG A 65 -3.06 17.27 -0.26
CA ARG A 65 -4.49 17.01 -0.35
C ARG A 65 -4.94 16.36 0.94
N ASN A 66 -6.12 16.70 1.38
CA ASN A 66 -6.61 16.25 2.66
C ASN A 66 -7.57 15.12 2.49
N TYR A 67 -7.27 14.01 3.11
CA TYR A 67 -8.09 12.83 3.09
C TYR A 67 -8.04 12.13 4.42
N THR A 68 -9.11 11.47 4.75
CA THR A 68 -9.22 10.72 5.96
C THR A 68 -9.28 9.25 5.57
N LEU A 69 -8.80 8.36 6.38
CA LEU A 69 -8.88 6.96 6.03
C LEU A 69 -10.05 6.30 6.68
N THR A 70 -10.59 5.32 6.01
CA THR A 70 -11.76 4.62 6.44
C THR A 70 -11.60 3.13 6.17
N GLY A 71 -12.57 2.34 6.55
CA GLY A 71 -12.48 0.91 6.35
C GLY A 71 -12.68 0.51 4.89
N ARG A 72 -12.08 -0.62 4.52
CA ARG A 72 -12.07 -1.16 3.12
C ARG A 72 -13.48 -1.51 2.62
N ASP A 73 -14.42 -1.56 3.53
CA ASP A 73 -15.78 -1.92 3.21
C ASP A 73 -16.65 -0.65 2.99
N SER A 74 -16.12 0.50 3.36
CA SER A 74 -16.88 1.74 3.24
C SER A 74 -16.97 2.23 1.78
N CYS A 75 -15.95 1.97 0.98
CA CYS A 75 -15.99 2.41 -0.41
C CYS A 75 -16.23 1.22 -1.28
N THR A 76 -16.41 1.45 -2.54
CA THR A 76 -16.51 0.39 -3.47
C THR A 76 -15.11 0.14 -4.01
N LEU A 77 -14.46 -0.81 -3.43
CA LEU A 77 -13.10 -1.09 -3.71
C LEU A 77 -13.03 -2.04 -4.91
N PRO A 78 -12.05 -1.88 -5.79
CA PRO A 78 -11.90 -2.76 -6.95
C PRO A 78 -11.56 -4.20 -6.55
N ALA A 79 -10.80 -4.34 -5.49
CA ALA A 79 -10.40 -5.64 -5.03
C ALA A 79 -10.65 -5.83 -3.54
N SER A 80 -11.75 -6.46 -3.24
CA SER A 80 -12.09 -6.81 -1.89
C SER A 80 -12.50 -8.28 -1.88
N ALA A 81 -13.65 -8.60 -2.45
CA ALA A 81 -14.09 -9.97 -2.53
C ALA A 81 -13.85 -10.46 -3.93
N GLU A 82 -13.34 -11.69 -4.04
CA GLU A 82 -12.95 -12.32 -5.30
C GLU A 82 -11.77 -11.61 -5.91
N LYS A 83 -10.65 -12.26 -5.93
CA LYS A 83 -9.46 -11.64 -6.46
C LYS A 83 -9.43 -12.01 -7.93
N ALA A 84 -9.04 -11.12 -8.78
CA ALA A 84 -9.03 -11.40 -10.20
C ALA A 84 -8.04 -10.50 -10.90
N CYS A 85 -7.73 -10.86 -12.13
CA CYS A 85 -6.86 -10.05 -12.99
C CYS A 85 -7.43 -8.64 -13.09
N GLY A 86 -6.59 -7.67 -12.96
CA GLY A 86 -7.03 -6.31 -13.05
C GLY A 86 -6.53 -5.49 -11.91
N ALA A 87 -6.24 -6.15 -10.80
CA ALA A 87 -5.60 -5.50 -9.68
C ALA A 87 -4.95 -6.53 -8.79
N CYS A 88 -3.64 -6.67 -8.97
CA CYS A 88 -2.74 -7.55 -8.19
C CYS A 88 -1.43 -7.76 -8.94
N PRO A 89 -0.46 -6.83 -8.79
CA PRO A 89 0.89 -6.99 -9.35
C PRO A 89 1.98 -7.45 -8.32
N LEU A 90 1.86 -7.01 -7.07
CA LEU A 90 2.92 -7.24 -6.07
C LEU A 90 2.72 -8.47 -5.21
N TRP A 91 1.48 -8.74 -4.84
CA TRP A 91 1.18 -9.88 -3.98
C TRP A 91 0.66 -11.04 -4.78
N GLY A 92 0.65 -10.88 -6.06
CA GLY A 92 0.13 -11.90 -6.92
C GLY A 92 0.11 -11.38 -8.30
N LYS A 93 -0.40 -12.15 -9.23
CA LYS A 93 -0.48 -11.73 -10.60
C LYS A 93 -1.48 -12.55 -11.40
N CYS A 94 -1.59 -12.19 -12.66
CA CYS A 94 -2.39 -12.87 -13.63
C CYS A 94 -1.54 -12.96 -14.90
N ASP A 95 -1.75 -13.96 -15.73
CA ASP A 95 -1.02 -14.07 -16.99
C ASP A 95 -1.68 -13.21 -18.04
N ALA A 96 -1.29 -13.41 -19.28
CA ALA A 96 -1.87 -12.72 -20.43
C ALA A 96 -3.25 -13.30 -20.78
N GLU A 97 -3.74 -14.17 -19.93
CA GLU A 97 -5.05 -14.77 -20.03
C GLU A 97 -5.83 -14.25 -18.84
N SER A 98 -6.88 -13.53 -19.09
CA SER A 98 -7.65 -12.96 -18.02
C SER A 98 -8.63 -13.98 -17.45
N SER A 99 -8.33 -14.49 -16.28
CA SER A 99 -9.17 -15.48 -15.66
C SER A 99 -9.12 -15.34 -14.12
N LYS A 100 -7.95 -15.50 -13.54
CA LYS A 100 -7.81 -15.48 -12.09
C LYS A 100 -6.50 -14.81 -11.69
N CYS A 101 -6.33 -14.59 -10.43
CA CYS A 101 -5.14 -14.01 -9.90
C CYS A 101 -4.58 -14.94 -8.83
N VAL A 102 -3.34 -15.31 -8.98
CA VAL A 102 -2.70 -16.18 -8.03
C VAL A 102 -1.80 -15.35 -7.15
N CYS A 103 -1.96 -15.51 -5.89
CA CYS A 103 -1.26 -14.71 -4.94
C CYS A 103 -0.19 -15.45 -4.22
N ARG A 104 0.80 -14.69 -3.85
CA ARG A 104 1.98 -15.15 -3.18
C ARG A 104 1.74 -14.96 -1.70
N GLU A 105 2.70 -15.33 -0.91
CA GLU A 105 2.63 -15.05 0.49
C GLU A 105 3.66 -13.98 0.84
N ALA A 106 3.78 -13.67 2.12
CA ALA A 106 4.57 -12.53 2.56
C ALA A 106 6.06 -12.69 2.35
N SER A 107 6.49 -13.89 2.08
CA SER A 107 7.89 -14.13 1.89
C SER A 107 8.26 -14.19 0.41
N GLU A 108 7.29 -13.90 -0.46
CA GLU A 108 7.52 -13.93 -1.89
C GLU A 108 6.85 -12.70 -2.53
N CYS A 109 7.10 -11.54 -1.96
CA CYS A 109 6.59 -10.32 -2.52
C CYS A 109 7.35 -10.01 -3.80
N GLU A 110 6.66 -9.77 -4.89
CA GLU A 110 7.33 -9.50 -6.16
C GLU A 110 7.54 -7.99 -6.37
N GLU A 111 7.36 -7.26 -5.29
CA GLU A 111 7.54 -5.82 -5.22
C GLU A 111 7.56 -5.46 -3.73
N GLU A 112 8.22 -4.37 -3.41
CA GLU A 112 8.38 -3.93 -2.07
C GLU A 112 7.57 -2.67 -1.89
N GLY A 113 6.36 -2.89 -1.56
CA GLY A 113 5.41 -1.83 -1.32
C GLY A 113 5.59 -1.13 0.03
N PHE A 114 4.57 -0.41 0.42
CA PHE A 114 4.54 0.36 1.65
C PHE A 114 4.49 -0.50 2.91
N SER A 115 4.45 0.17 4.03
CA SER A 115 4.29 -0.42 5.31
C SER A 115 3.06 0.20 5.98
N ILE A 116 2.07 -0.62 6.26
CA ILE A 116 0.79 -0.14 6.76
C ILE A 116 0.41 -0.87 8.03
N CYS A 117 -0.69 -0.48 8.62
CA CYS A 117 -1.19 -1.10 9.82
C CYS A 117 -2.48 -1.79 9.49
N VAL A 118 -2.58 -3.01 9.87
CA VAL A 118 -3.72 -3.75 9.63
C VAL A 118 -4.09 -4.56 10.87
N GLU A 119 -5.34 -4.53 11.21
CA GLU A 119 -5.81 -5.23 12.36
C GLU A 119 -6.04 -6.68 11.98
N VAL A 120 -5.38 -7.54 12.70
CA VAL A 120 -5.38 -8.96 12.48
C VAL A 120 -5.21 -9.63 13.82
N ASN A 121 -5.91 -10.73 14.05
CA ASN A 121 -5.82 -11.49 15.32
C ASN A 121 -6.32 -10.67 16.52
N GLY A 122 -7.03 -9.59 16.24
CA GLY A 122 -7.49 -8.72 17.30
C GLY A 122 -6.41 -7.72 17.69
N LYS A 123 -5.32 -7.76 16.98
CA LYS A 123 -4.18 -6.88 17.22
C LYS A 123 -3.99 -6.01 16.00
N GLU A 124 -3.27 -4.95 16.13
CA GLU A 124 -2.93 -4.16 14.97
C GLU A 124 -1.49 -4.40 14.62
N GLN A 125 -1.29 -5.06 13.52
CA GLN A 125 0.00 -5.46 13.08
C GLN A 125 0.41 -4.68 11.86
N THR A 126 1.62 -4.22 11.88
CA THR A 126 2.18 -3.52 10.78
C THR A 126 2.66 -4.55 9.80
N MET A 127 2.27 -4.42 8.57
CA MET A 127 2.69 -5.36 7.57
C MET A 127 3.22 -4.62 6.41
N SER A 128 3.83 -5.33 5.53
CA SER A 128 4.23 -4.77 4.31
C SER A 128 3.01 -4.79 3.41
N GLU A 129 2.96 -3.91 2.47
CA GLU A 129 1.86 -3.78 1.55
C GLU A 129 1.63 -5.09 0.79
N CYS A 130 2.71 -5.71 0.37
CA CYS A 130 2.65 -6.96 -0.33
C CYS A 130 2.13 -8.06 0.60
N GLU A 131 2.53 -7.96 1.86
CA GLU A 131 2.18 -8.91 2.88
C GLU A 131 0.69 -8.83 3.18
N ALA A 132 0.24 -7.66 3.62
CA ALA A 132 -1.15 -7.43 3.94
C ALA A 132 -2.03 -7.76 2.74
N GLY A 133 -1.55 -7.42 1.55
CA GLY A 133 -2.26 -7.69 0.33
C GLY A 133 -2.33 -9.15 0.01
N ALA A 134 -1.25 -9.86 0.30
CA ALA A 134 -1.20 -11.28 0.07
C ALA A 134 -2.17 -11.98 1.00
N LEU A 135 -2.26 -11.52 2.25
CA LEU A 135 -3.26 -12.02 3.20
C LEU A 135 -4.67 -11.75 2.69
N ARG A 136 -4.86 -10.55 2.12
CA ARG A 136 -6.14 -10.12 1.51
C ARG A 136 -6.50 -10.94 0.27
N CYS A 137 -5.61 -11.78 -0.15
CA CYS A 137 -5.85 -12.58 -1.32
C CYS A 137 -5.91 -14.04 -0.92
N ARG A 138 -5.05 -14.40 0.01
CA ARG A 138 -4.92 -15.72 0.54
C ARG A 138 -6.21 -16.11 1.28
N GLY A 139 -6.80 -15.17 1.97
CA GLY A 139 -8.02 -15.46 2.68
C GLY A 139 -7.92 -15.24 4.16
N GLN A 140 -7.08 -14.32 4.56
CA GLN A 140 -6.97 -13.98 5.95
C GLN A 140 -7.98 -12.90 6.27
N SER A 141 -8.44 -12.86 7.47
CA SER A 141 -9.36 -11.85 7.88
C SER A 141 -8.57 -10.71 8.45
N ILE A 142 -8.50 -9.63 7.73
CA ILE A 142 -7.72 -8.50 8.14
C ILE A 142 -8.50 -7.21 7.90
N SER A 143 -8.24 -6.24 8.72
CA SER A 143 -8.86 -4.98 8.61
C SER A 143 -7.79 -3.90 8.50
N VAL A 144 -7.59 -3.37 7.30
CA VAL A 144 -6.59 -2.33 7.11
C VAL A 144 -7.09 -1.06 7.79
N THR A 145 -6.44 -0.69 8.85
CA THR A 145 -6.87 0.41 9.63
C THR A 145 -6.27 1.72 9.13
N SER A 146 -5.05 1.67 8.66
CA SER A 146 -4.41 2.84 8.12
C SER A 146 -3.23 2.44 7.27
N ILE A 147 -2.80 3.39 6.50
CA ILE A 147 -1.66 3.28 5.65
C ILE A 147 -0.40 3.68 6.43
N ARG A 148 -0.61 4.06 7.67
CA ARG A 148 0.46 4.36 8.58
C ARG A 148 0.79 3.12 9.36
N PRO A 149 2.07 2.85 9.58
CA PRO A 149 2.50 1.70 10.36
C PRO A 149 2.14 1.84 11.84
N CYS A 150 1.79 0.75 12.49
CA CYS A 150 1.50 0.77 13.90
C CYS A 150 2.72 0.37 14.72
N ALA A 151 2.56 0.33 16.04
CA ALA A 151 3.63 0.02 16.96
C ALA A 151 3.92 -1.49 17.07
N ALA A 152 3.65 -2.22 15.99
CA ALA A 152 3.97 -3.63 15.93
C ALA A 152 5.38 -3.80 15.39
N GLU A 153 5.73 -2.87 14.49
CA GLU A 153 7.07 -2.68 13.89
C GLU A 153 7.61 -3.81 13.00
N THR A 154 7.21 -5.02 13.26
CA THR A 154 7.76 -6.21 12.68
C THR A 154 9.27 -6.29 12.94
N GLN A 155 9.57 -6.73 14.12
CA GLN A 155 10.89 -6.77 14.64
C GLN A 155 11.44 -8.18 14.58
N GLY A 1 36.05 -8.72 5.92
CA GLY A 1 36.15 -8.01 7.19
C GLY A 1 34.83 -7.91 7.86
N SER A 2 34.81 -7.57 9.11
CA SER A 2 33.60 -7.44 9.87
C SER A 2 33.19 -5.97 9.89
N HIS A 3 31.94 -5.70 9.67
CA HIS A 3 31.46 -4.35 9.70
C HIS A 3 30.81 -4.04 11.02
N MET A 4 31.22 -2.98 11.62
CA MET A 4 30.68 -2.54 12.89
C MET A 4 29.54 -1.59 12.60
N ASN A 5 29.68 -0.91 11.49
CA ASN A 5 28.70 0.04 11.03
C ASN A 5 27.80 -0.67 10.04
N PRO A 6 26.55 -0.25 9.92
CA PRO A 6 25.63 -0.81 8.94
C PRO A 6 25.96 -0.25 7.54
N LEU A 7 25.02 -0.35 6.63
CA LEU A 7 25.20 0.20 5.29
C LEU A 7 25.32 1.72 5.42
N THR A 8 26.52 2.21 5.31
CA THR A 8 26.80 3.58 5.49
C THR A 8 26.97 4.28 4.14
N GLN A 9 25.88 4.76 3.64
CA GLN A 9 25.79 5.53 2.42
C GLN A 9 24.74 6.58 2.63
N ALA A 10 24.68 7.55 1.77
CA ALA A 10 23.65 8.55 1.87
C ALA A 10 22.41 8.05 1.22
N VAL A 11 21.76 7.22 1.97
CA VAL A 11 20.57 6.63 1.60
C VAL A 11 19.43 7.59 1.88
N PRO A 12 18.54 7.76 0.90
CA PRO A 12 17.44 8.71 0.99
C PRO A 12 16.59 8.55 2.24
N LYS A 13 16.49 9.63 2.96
CA LYS A 13 15.68 9.71 4.16
C LYS A 13 14.30 10.21 3.79
N CYS A 14 13.87 9.74 2.65
CA CYS A 14 12.60 10.07 2.12
C CYS A 14 11.74 8.85 2.35
N GLN A 15 10.50 9.05 2.66
CA GLN A 15 9.60 7.96 2.83
C GLN A 15 9.20 7.39 1.47
N ARG A 16 8.32 6.44 1.47
CA ARG A 16 8.03 5.72 0.22
C ARG A 16 7.09 6.50 -0.71
N TRP A 17 6.46 7.53 -0.17
CA TRP A 17 5.62 8.43 -0.95
C TRP A 17 6.45 9.63 -1.38
N GLU A 18 7.72 9.57 -1.04
CA GLU A 18 8.65 10.61 -1.36
C GLU A 18 9.70 10.07 -2.28
N LYS A 19 10.38 10.97 -2.93
CA LYS A 19 11.46 10.64 -3.80
C LYS A 19 12.57 11.64 -3.59
N LEU A 20 13.77 11.21 -3.87
CA LEU A 20 14.93 12.03 -3.71
C LEU A 20 15.25 12.69 -5.04
N GLN A 21 15.11 13.98 -5.10
CA GLN A 21 15.48 14.75 -6.28
C GLN A 21 15.93 16.08 -5.79
N ASN A 22 16.82 16.71 -6.52
CA ASN A 22 17.29 18.07 -6.21
C ASN A 22 18.01 18.06 -4.84
N SER A 23 18.48 16.87 -4.45
CA SER A 23 19.17 16.59 -3.19
C SER A 23 18.19 16.63 -1.98
N ARG A 24 16.91 16.62 -2.25
CA ARG A 24 15.91 16.69 -1.20
C ARG A 24 14.83 15.64 -1.38
N CYS A 25 14.04 15.45 -0.37
CA CYS A 25 12.94 14.54 -0.43
C CYS A 25 11.67 15.30 -0.70
N VAL A 26 11.08 15.03 -1.82
CA VAL A 26 9.84 15.65 -2.21
C VAL A 26 8.83 14.57 -2.39
N CYS A 27 7.59 14.89 -2.37
CA CYS A 27 6.59 13.89 -2.52
C CYS A 27 6.25 13.66 -3.97
N LYS A 28 5.97 12.41 -4.28
CA LYS A 28 5.73 11.92 -5.63
C LYS A 28 4.40 12.42 -6.23
N MET A 29 4.00 11.80 -7.30
CA MET A 29 2.72 12.05 -7.92
C MET A 29 1.81 10.92 -7.46
N PRO A 30 0.48 11.13 -7.30
CA PRO A 30 -0.43 10.07 -6.80
C PRO A 30 -0.58 8.92 -7.80
N TYR A 31 -0.13 9.16 -9.01
CA TYR A 31 -0.17 8.18 -10.07
C TYR A 31 1.21 7.57 -10.30
N GLU A 32 2.14 7.91 -9.42
CA GLU A 32 3.52 7.45 -9.55
C GLU A 32 3.70 6.24 -8.63
N CYS A 33 2.61 5.67 -8.26
CA CYS A 33 2.62 4.61 -7.32
C CYS A 33 2.63 3.26 -7.99
N GLY A 34 1.48 2.80 -8.46
CA GLY A 34 1.41 1.49 -9.08
C GLY A 34 1.04 0.41 -8.06
N PRO A 35 2.01 -0.36 -7.55
CA PRO A 35 1.76 -1.38 -6.54
C PRO A 35 1.57 -0.78 -5.15
N SER A 36 0.32 -0.73 -4.70
CA SER A 36 -0.06 -0.24 -3.42
C SER A 36 -1.43 -0.85 -3.07
N LEU A 37 -1.76 -0.84 -1.80
CA LEU A 37 -3.05 -1.34 -1.31
C LEU A 37 -4.13 -0.32 -1.54
N ASP A 38 -5.20 -0.75 -2.13
CA ASP A 38 -6.31 0.14 -2.35
C ASP A 38 -7.14 0.23 -1.10
N VAL A 39 -7.52 1.42 -0.77
CA VAL A 39 -8.24 1.69 0.47
C VAL A 39 -9.40 2.65 0.20
N CYS A 40 -10.34 2.69 1.11
CA CYS A 40 -11.45 3.60 0.99
C CYS A 40 -11.15 4.82 1.83
N ALA A 41 -11.30 5.96 1.25
CA ALA A 41 -11.05 7.19 1.93
C ALA A 41 -12.17 8.15 1.65
N GLN A 42 -12.30 9.12 2.45
CA GLN A 42 -13.28 10.13 2.24
C GLN A 42 -12.64 11.34 1.65
N ASP A 43 -13.15 11.72 0.53
CA ASP A 43 -12.71 12.86 -0.20
C ASP A 43 -13.23 14.11 0.45
N GLU A 44 -12.35 14.94 0.97
CA GLU A 44 -12.78 16.16 1.64
C GLU A 44 -13.26 17.22 0.68
N ARG A 45 -13.09 16.96 -0.60
CA ARG A 45 -13.53 17.88 -1.61
C ARG A 45 -15.05 17.78 -1.76
N SER A 46 -15.57 16.57 -1.94
CA SER A 46 -17.01 16.39 -2.12
C SER A 46 -17.70 15.57 -0.98
N LYS A 47 -16.90 15.09 0.00
CA LYS A 47 -17.38 14.26 1.12
C LYS A 47 -17.86 12.87 0.71
N ARG A 48 -17.29 12.39 -0.37
CA ARG A 48 -17.61 11.10 -0.96
C ARG A 48 -16.59 10.08 -0.51
N ILE A 49 -17.00 8.84 -0.41
CA ILE A 49 -16.06 7.79 -0.12
C ILE A 49 -15.52 7.31 -1.45
N LEU A 50 -14.25 7.43 -1.64
CA LEU A 50 -13.63 7.01 -2.85
C LEU A 50 -12.66 5.87 -2.63
N PRO A 51 -12.38 5.08 -3.65
CA PRO A 51 -11.32 4.12 -3.59
C PRO A 51 -9.98 4.74 -4.01
N LEU A 52 -9.15 4.95 -3.05
CA LEU A 52 -7.83 5.47 -3.26
C LEU A 52 -6.85 4.38 -2.99
N THR A 53 -5.62 4.70 -2.95
CA THR A 53 -4.63 3.71 -2.73
C THR A 53 -3.65 4.27 -1.69
N VAL A 54 -3.00 3.40 -0.90
CA VAL A 54 -2.04 3.79 0.16
C VAL A 54 -1.07 4.85 -0.28
N CYS A 55 -0.27 4.54 -1.28
CA CYS A 55 0.69 5.47 -1.82
C CYS A 55 0.01 6.73 -2.33
N LYS A 56 -1.04 6.54 -3.10
CA LYS A 56 -1.78 7.62 -3.74
C LYS A 56 -2.23 8.64 -2.69
N MET A 57 -2.90 8.14 -1.67
CA MET A 57 -3.35 8.93 -0.53
C MET A 57 -2.16 9.57 0.18
N HIS A 58 -1.14 8.77 0.53
CA HIS A 58 0.04 9.30 1.25
C HIS A 58 0.70 10.44 0.47
N VAL A 59 0.78 10.25 -0.81
CA VAL A 59 1.33 11.22 -1.71
C VAL A 59 0.48 12.49 -1.74
N LEU A 60 -0.80 12.37 -2.04
CA LEU A 60 -1.68 13.54 -2.12
C LEU A 60 -1.82 14.22 -0.75
N HIS A 61 -1.69 13.43 0.29
CA HIS A 61 -1.75 13.89 1.66
C HIS A 61 -0.56 14.80 1.91
N CYS A 62 0.57 14.41 1.37
CA CYS A 62 1.79 15.19 1.47
C CYS A 62 1.72 16.40 0.55
N GLN A 63 1.04 16.26 -0.58
CA GLN A 63 0.88 17.37 -1.52
C GLN A 63 0.03 18.49 -0.94
N GLY A 64 -0.86 18.14 -0.03
CA GLY A 64 -1.69 19.15 0.60
C GLY A 64 -3.16 18.93 0.34
N ARG A 65 -3.52 17.71 -0.01
CA ARG A 65 -4.90 17.37 -0.22
C ARG A 65 -5.41 16.75 1.07
N ASN A 66 -6.62 17.05 1.44
CA ASN A 66 -7.17 16.53 2.67
C ASN A 66 -8.05 15.36 2.39
N TYR A 67 -7.77 14.28 3.04
CA TYR A 67 -8.54 13.06 2.92
C TYR A 67 -8.60 12.38 4.24
N THR A 68 -9.76 11.97 4.58
CA THR A 68 -10.02 11.30 5.80
C THR A 68 -10.12 9.80 5.50
N LEU A 69 -9.63 8.94 6.35
CA LEU A 69 -9.80 7.53 6.06
C LEU A 69 -11.02 6.95 6.70
N THR A 70 -11.62 6.05 6.00
CA THR A 70 -12.84 5.45 6.40
C THR A 70 -12.72 3.92 6.36
N GLY A 71 -13.84 3.23 6.48
CA GLY A 71 -13.82 1.79 6.44
C GLY A 71 -13.67 1.28 5.03
N ARG A 72 -13.13 0.08 4.89
CA ARG A 72 -12.87 -0.50 3.59
C ARG A 72 -14.16 -1.04 2.96
N ASP A 73 -15.22 -1.06 3.76
CA ASP A 73 -16.52 -1.49 3.29
C ASP A 73 -17.32 -0.28 2.78
N SER A 74 -16.74 0.90 2.88
CA SER A 74 -17.42 2.12 2.49
C SER A 74 -17.35 2.40 0.98
N CYS A 75 -16.32 1.95 0.32
CA CYS A 75 -16.23 2.19 -1.10
C CYS A 75 -16.25 0.88 -1.84
N THR A 76 -16.42 0.97 -3.12
CA THR A 76 -16.30 -0.17 -3.96
C THR A 76 -14.86 -0.18 -4.46
N LEU A 77 -14.07 -1.02 -3.86
CA LEU A 77 -12.66 -1.08 -4.13
C LEU A 77 -12.45 -1.79 -5.48
N PRO A 78 -11.46 -1.34 -6.29
CA PRO A 78 -11.21 -1.88 -7.64
C PRO A 78 -11.03 -3.39 -7.66
N ALA A 79 -10.23 -3.90 -6.76
CA ALA A 79 -10.01 -5.32 -6.65
C ALA A 79 -10.18 -5.73 -5.23
N SER A 80 -11.30 -6.29 -4.94
CA SER A 80 -11.62 -6.70 -3.62
C SER A 80 -12.09 -8.15 -3.59
N ALA A 81 -13.25 -8.41 -4.12
CA ALA A 81 -13.81 -9.74 -4.11
C ALA A 81 -13.27 -10.56 -5.27
N GLU A 82 -12.96 -11.83 -4.96
CA GLU A 82 -12.52 -12.90 -5.89
C GLU A 82 -11.68 -12.46 -7.11
N LYS A 83 -10.39 -12.74 -7.04
CA LYS A 83 -9.50 -12.33 -8.11
C LYS A 83 -9.66 -13.24 -9.31
N ALA A 84 -9.81 -12.65 -10.45
CA ALA A 84 -9.94 -13.36 -11.69
C ALA A 84 -8.88 -12.82 -12.61
N CYS A 85 -8.33 -13.64 -13.47
CA CYS A 85 -7.25 -13.21 -14.35
C CYS A 85 -7.75 -12.10 -15.27
N GLY A 86 -7.19 -10.95 -15.09
CA GLY A 86 -7.65 -9.76 -15.74
C GLY A 86 -7.83 -8.66 -14.74
N ALA A 87 -7.99 -9.05 -13.49
CA ALA A 87 -7.99 -8.14 -12.39
C ALA A 87 -7.20 -8.76 -11.28
N CYS A 88 -5.97 -8.35 -11.17
CA CYS A 88 -5.07 -8.89 -10.21
C CYS A 88 -3.97 -7.85 -9.98
N PRO A 89 -3.80 -7.35 -8.75
CA PRO A 89 -2.69 -6.44 -8.43
C PRO A 89 -1.40 -7.24 -8.23
N LEU A 90 -0.40 -6.62 -7.65
CA LEU A 90 0.91 -7.26 -7.36
C LEU A 90 0.78 -8.64 -6.66
N TRP A 91 -0.07 -8.74 -5.65
CA TRP A 91 -0.28 -9.98 -4.89
C TRP A 91 -1.14 -11.00 -5.63
N GLY A 92 -1.66 -10.61 -6.76
CA GLY A 92 -2.48 -11.49 -7.54
C GLY A 92 -1.82 -11.80 -8.83
N LYS A 93 -1.60 -13.04 -9.09
CA LYS A 93 -0.96 -13.41 -10.30
C LYS A 93 -1.64 -14.62 -10.89
N CYS A 94 -2.11 -14.49 -12.08
CA CYS A 94 -2.74 -15.61 -12.73
C CYS A 94 -1.74 -16.44 -13.49
N ASP A 95 -2.12 -17.66 -13.82
CA ASP A 95 -1.23 -18.61 -14.47
C ASP A 95 -0.93 -18.26 -15.95
N ALA A 96 -1.71 -18.78 -16.84
CA ALA A 96 -1.58 -18.52 -18.24
C ALA A 96 -2.97 -18.36 -18.84
N GLU A 97 -3.94 -19.06 -18.26
CA GLU A 97 -5.29 -18.93 -18.71
C GLU A 97 -5.90 -17.71 -18.01
N SER A 98 -6.81 -17.09 -18.67
CA SER A 98 -7.40 -15.86 -18.21
C SER A 98 -8.61 -16.10 -17.26
N SER A 99 -8.63 -17.26 -16.63
CA SER A 99 -9.73 -17.60 -15.77
C SER A 99 -9.45 -17.25 -14.29
N LYS A 100 -8.63 -18.04 -13.62
CA LYS A 100 -8.42 -17.84 -12.20
C LYS A 100 -7.22 -16.94 -11.94
N CYS A 101 -7.06 -16.56 -10.71
CA CYS A 101 -5.93 -15.76 -10.31
C CYS A 101 -5.45 -16.30 -8.96
N VAL A 102 -4.16 -16.41 -8.79
CA VAL A 102 -3.60 -16.95 -7.57
C VAL A 102 -3.06 -15.83 -6.72
N CYS A 103 -3.26 -15.92 -5.46
CA CYS A 103 -2.76 -14.93 -4.55
C CYS A 103 -1.49 -15.41 -3.93
N ARG A 104 -0.54 -14.54 -3.86
CA ARG A 104 0.76 -14.82 -3.33
C ARG A 104 0.74 -14.77 -1.80
N GLU A 105 1.89 -15.03 -1.19
CA GLU A 105 1.98 -14.97 0.25
C GLU A 105 3.06 -13.97 0.68
N ALA A 106 3.04 -13.60 1.95
CA ALA A 106 3.82 -12.48 2.50
C ALA A 106 5.33 -12.70 2.48
N SER A 107 5.74 -13.91 2.30
CA SER A 107 7.11 -14.23 2.36
C SER A 107 7.71 -14.27 0.97
N GLU A 108 6.88 -14.01 -0.02
CA GLU A 108 7.33 -13.99 -1.37
C GLU A 108 6.86 -12.71 -2.03
N CYS A 109 7.35 -11.60 -1.52
CA CYS A 109 7.10 -10.29 -2.09
C CYS A 109 8.38 -9.49 -2.34
N GLU A 110 8.73 -9.35 -3.60
CA GLU A 110 9.91 -8.65 -4.07
C GLU A 110 9.65 -7.18 -4.36
N GLU A 111 8.45 -6.88 -4.73
CA GLU A 111 8.06 -5.54 -5.08
C GLU A 111 8.03 -4.62 -3.88
N GLU A 112 8.20 -3.37 -4.16
CA GLU A 112 8.44 -2.37 -3.17
C GLU A 112 7.20 -1.55 -2.92
N GLY A 113 6.32 -2.12 -2.17
CA GLY A 113 5.19 -1.39 -1.69
C GLY A 113 5.54 -0.71 -0.39
N PHE A 114 4.58 -0.10 0.22
CA PHE A 114 4.76 0.59 1.48
C PHE A 114 4.75 -0.37 2.66
N SER A 115 4.76 0.20 3.82
CA SER A 115 4.63 -0.52 5.04
C SER A 115 3.42 0.06 5.75
N ILE A 116 2.50 -0.78 6.13
CA ILE A 116 1.25 -0.34 6.74
C ILE A 116 1.03 -1.08 8.04
N CYS A 117 0.00 -0.72 8.75
CA CYS A 117 -0.29 -1.33 10.02
C CYS A 117 -1.58 -2.12 9.90
N VAL A 118 -1.49 -3.38 10.22
CA VAL A 118 -2.61 -4.26 10.10
C VAL A 118 -2.87 -4.94 11.43
N GLU A 119 -4.11 -4.97 11.82
CA GLU A 119 -4.53 -5.65 12.98
C GLU A 119 -4.68 -7.12 12.64
N VAL A 120 -3.91 -7.92 13.31
CA VAL A 120 -3.85 -9.33 13.10
C VAL A 120 -3.60 -9.97 14.44
N ASN A 121 -4.35 -11.02 14.76
CA ASN A 121 -4.16 -11.76 16.03
C ASN A 121 -4.50 -10.90 17.25
N GLY A 122 -5.24 -9.83 17.00
CA GLY A 122 -5.56 -8.91 18.06
C GLY A 122 -4.45 -7.88 18.28
N LYS A 123 -3.40 -7.98 17.48
CA LYS A 123 -2.28 -7.05 17.56
C LYS A 123 -2.32 -6.15 16.37
N GLU A 124 -1.44 -5.21 16.33
CA GLU A 124 -1.26 -4.36 15.17
C GLU A 124 0.17 -4.53 14.69
N GLN A 125 0.33 -5.21 13.60
CA GLN A 125 1.62 -5.51 13.07
C GLN A 125 1.84 -4.78 11.77
N THR A 126 3.00 -4.25 11.61
CA THR A 126 3.40 -3.60 10.41
C THR A 126 3.78 -4.66 9.39
N MET A 127 3.23 -4.58 8.22
CA MET A 127 3.60 -5.51 7.18
C MET A 127 3.92 -4.72 5.98
N SER A 128 4.46 -5.35 5.02
CA SER A 128 4.66 -4.74 3.76
C SER A 128 3.33 -4.72 3.05
N GLU A 129 3.19 -3.82 2.17
CA GLU A 129 2.00 -3.62 1.40
C GLU A 129 1.63 -4.87 0.59
N CYS A 130 2.63 -5.63 0.19
CA CYS A 130 2.37 -6.80 -0.62
C CYS A 130 1.94 -7.89 0.28
N GLU A 131 2.58 -7.93 1.43
CA GLU A 131 2.32 -8.87 2.47
C GLU A 131 0.87 -8.82 2.91
N ALA A 132 0.47 -7.68 3.43
CA ALA A 132 -0.88 -7.48 3.91
C ALA A 132 -1.90 -7.76 2.79
N GLY A 133 -1.57 -7.31 1.58
CA GLY A 133 -2.43 -7.49 0.44
C GLY A 133 -2.55 -8.94 0.03
N ALA A 134 -1.47 -9.67 0.12
CA ALA A 134 -1.45 -11.06 -0.23
C ALA A 134 -2.33 -11.87 0.69
N LEU A 135 -2.22 -11.63 1.99
CA LEU A 135 -3.07 -12.28 2.98
C LEU A 135 -4.54 -11.89 2.75
N ARG A 136 -4.73 -10.63 2.38
CA ARG A 136 -6.05 -10.07 2.09
C ARG A 136 -6.65 -10.70 0.84
N CYS A 137 -5.79 -11.20 -0.03
CA CYS A 137 -6.19 -11.77 -1.31
C CYS A 137 -6.55 -13.22 -1.09
N ARG A 138 -5.68 -13.89 -0.34
CA ARG A 138 -5.82 -15.27 0.03
C ARG A 138 -7.14 -15.56 0.74
N GLY A 139 -7.48 -14.74 1.69
CA GLY A 139 -8.66 -14.97 2.48
C GLY A 139 -8.33 -15.06 3.94
N GLN A 140 -7.22 -14.47 4.31
CA GLN A 140 -6.81 -14.41 5.68
C GLN A 140 -7.58 -13.28 6.33
N SER A 141 -7.90 -13.40 7.56
CA SER A 141 -8.62 -12.38 8.22
C SER A 141 -7.67 -11.42 8.92
N ILE A 142 -7.58 -10.25 8.35
CA ILE A 142 -6.75 -9.19 8.85
C ILE A 142 -7.54 -7.92 8.74
N SER A 143 -7.13 -6.92 9.43
CA SER A 143 -7.77 -5.66 9.35
C SER A 143 -6.75 -4.56 9.20
N VAL A 144 -6.62 -3.99 8.03
CA VAL A 144 -5.69 -2.89 7.83
C VAL A 144 -6.23 -1.68 8.57
N THR A 145 -5.63 -1.39 9.70
CA THR A 145 -6.09 -0.33 10.53
C THR A 145 -5.58 1.01 10.07
N SER A 146 -4.36 1.05 9.63
CA SER A 146 -3.77 2.27 9.22
C SER A 146 -2.86 2.04 8.02
N ILE A 147 -2.80 3.03 7.14
CA ILE A 147 -1.93 2.96 5.98
C ILE A 147 -0.53 3.43 6.38
N ARG A 148 -0.45 3.83 7.61
CA ARG A 148 0.76 4.23 8.26
C ARG A 148 1.36 3.02 8.92
N PRO A 149 2.68 2.85 8.90
CA PRO A 149 3.32 1.73 9.55
C PRO A 149 3.33 1.89 11.07
N CYS A 150 3.16 0.79 11.78
CA CYS A 150 3.17 0.81 13.22
C CYS A 150 4.56 0.49 13.73
N ALA A 151 4.71 0.41 15.04
CA ALA A 151 5.97 0.10 15.63
C ALA A 151 6.22 -1.39 15.62
N ALA A 152 5.21 -2.16 16.05
CA ALA A 152 5.28 -3.63 16.19
C ALA A 152 6.43 -4.04 17.12
N GLU A 153 6.81 -3.09 17.94
CA GLU A 153 7.96 -3.14 18.86
C GLU A 153 7.90 -4.29 19.87
N THR A 154 6.73 -4.72 20.15
CA THR A 154 6.51 -5.72 21.16
C THR A 154 6.61 -7.15 20.55
N GLN A 155 6.84 -7.21 19.27
CA GLN A 155 6.97 -8.47 18.58
C GLN A 155 8.40 -8.59 18.12
N GLY A 1 37.78 26.24 -8.06
CA GLY A 1 36.90 26.33 -6.90
C GLY A 1 36.31 24.98 -6.62
N SER A 2 35.72 24.83 -5.43
CA SER A 2 35.13 23.57 -4.98
C SER A 2 36.19 22.48 -4.78
N HIS A 3 35.77 21.32 -4.39
CA HIS A 3 36.66 20.20 -4.24
C HIS A 3 36.39 19.24 -5.35
N MET A 4 37.32 18.34 -5.63
CA MET A 4 37.18 17.41 -6.74
C MET A 4 36.03 16.45 -6.50
N ASN A 5 36.07 15.80 -5.37
CA ASN A 5 35.05 14.84 -5.01
C ASN A 5 34.50 15.16 -3.63
N PRO A 6 33.19 15.36 -3.50
CA PRO A 6 32.56 15.55 -2.21
C PRO A 6 32.49 14.22 -1.45
N LEU A 7 33.27 14.11 -0.41
CA LEU A 7 33.32 12.91 0.38
C LEU A 7 32.32 13.01 1.51
N THR A 8 31.43 12.03 1.56
CA THR A 8 30.38 11.91 2.55
C THR A 8 29.37 13.05 2.47
N GLN A 9 28.33 12.79 1.74
CA GLN A 9 27.24 13.72 1.60
C GLN A 9 26.01 13.10 2.22
N ALA A 10 25.31 13.86 3.00
CA ALA A 10 24.08 13.39 3.59
C ALA A 10 22.98 13.39 2.55
N VAL A 11 22.68 12.23 2.06
CA VAL A 11 21.65 12.07 1.08
C VAL A 11 20.37 11.76 1.83
N PRO A 12 19.35 12.59 1.69
CA PRO A 12 18.09 12.39 2.40
C PRO A 12 17.38 11.14 1.94
N LYS A 13 16.87 10.44 2.89
CA LYS A 13 16.15 9.23 2.63
C LYS A 13 14.71 9.57 2.41
N CYS A 14 14.11 8.91 1.47
CA CYS A 14 12.76 9.19 1.15
C CYS A 14 11.87 8.06 1.49
N GLN A 15 10.71 8.41 1.92
CA GLN A 15 9.66 7.47 2.13
C GLN A 15 9.20 6.98 0.79
N ARG A 16 8.45 5.93 0.80
CA ARG A 16 8.00 5.28 -0.44
C ARG A 16 7.09 6.15 -1.28
N TRP A 17 6.53 7.13 -0.66
CA TRP A 17 5.68 8.09 -1.32
C TRP A 17 6.46 9.39 -1.60
N GLU A 18 7.75 9.35 -1.35
CA GLU A 18 8.63 10.46 -1.59
C GLU A 18 9.66 10.08 -2.65
N LYS A 19 10.37 11.05 -3.14
CA LYS A 19 11.36 10.84 -4.17
C LYS A 19 12.52 11.82 -4.00
N LEU A 20 13.65 11.43 -4.50
CA LEU A 20 14.86 12.21 -4.41
C LEU A 20 15.08 12.97 -5.71
N GLN A 21 14.98 14.28 -5.65
CA GLN A 21 15.22 15.12 -6.81
C GLN A 21 15.87 16.35 -6.31
N ASN A 22 16.71 16.99 -7.14
CA ASN A 22 17.35 18.28 -6.78
C ASN A 22 18.26 18.08 -5.54
N SER A 23 18.65 16.82 -5.31
CA SER A 23 19.48 16.37 -4.18
C SER A 23 18.71 16.55 -2.83
N ARG A 24 17.40 16.72 -2.92
CA ARG A 24 16.56 16.90 -1.75
C ARG A 24 15.45 15.85 -1.81
N CYS A 25 14.69 15.74 -0.77
CA CYS A 25 13.62 14.79 -0.78
C CYS A 25 12.29 15.52 -0.80
N VAL A 26 11.44 15.11 -1.69
CA VAL A 26 10.13 15.70 -1.86
C VAL A 26 9.13 14.58 -1.99
N CYS A 27 7.87 14.89 -2.10
CA CYS A 27 6.88 13.84 -2.24
C CYS A 27 6.78 13.58 -3.73
N LYS A 28 6.49 12.36 -4.13
CA LYS A 28 6.44 12.05 -5.55
C LYS A 28 5.13 12.54 -6.19
N MET A 29 4.90 12.14 -7.41
CA MET A 29 3.70 12.51 -8.12
C MET A 29 2.65 11.41 -7.92
N PRO A 30 1.38 11.77 -7.64
CA PRO A 30 0.32 10.79 -7.36
C PRO A 30 -0.10 10.01 -8.60
N TYR A 31 0.20 10.57 -9.76
CA TYR A 31 -0.13 9.93 -11.02
C TYR A 31 0.97 8.98 -11.44
N GLU A 32 2.08 9.06 -10.73
CA GLU A 32 3.25 8.23 -10.97
C GLU A 32 3.28 7.12 -9.91
N CYS A 33 2.11 6.84 -9.40
CA CYS A 33 1.90 5.82 -8.41
C CYS A 33 1.25 4.61 -9.09
N GLY A 34 1.35 3.47 -8.46
CA GLY A 34 0.80 2.28 -9.02
C GLY A 34 0.64 1.17 -8.00
N PRO A 35 1.75 0.57 -7.52
CA PRO A 35 1.70 -0.56 -6.60
C PRO A 35 1.34 -0.14 -5.18
N SER A 36 0.12 -0.51 -4.77
CA SER A 36 -0.37 -0.26 -3.43
C SER A 36 -1.72 -0.94 -3.17
N LEU A 37 -2.02 -1.16 -1.89
CA LEU A 37 -3.34 -1.61 -1.45
C LEU A 37 -4.33 -0.51 -1.70
N ASP A 38 -5.42 -0.84 -2.31
CA ASP A 38 -6.40 0.16 -2.65
C ASP A 38 -7.36 0.26 -1.52
N VAL A 39 -7.61 1.45 -1.06
CA VAL A 39 -8.45 1.62 0.10
C VAL A 39 -9.51 2.69 -0.15
N CYS A 40 -10.47 2.75 0.73
CA CYS A 40 -11.51 3.75 0.63
C CYS A 40 -11.20 4.90 1.54
N ALA A 41 -11.00 6.02 0.96
CA ALA A 41 -10.69 7.19 1.70
C ALA A 41 -11.78 8.20 1.49
N GLN A 42 -11.98 9.00 2.47
CA GLN A 42 -12.98 10.02 2.41
C GLN A 42 -12.31 11.33 2.14
N ASP A 43 -12.83 12.01 1.14
CA ASP A 43 -12.35 13.31 0.76
C ASP A 43 -12.77 14.30 1.82
N GLU A 44 -11.84 15.06 2.36
CA GLU A 44 -12.17 16.00 3.41
C GLU A 44 -12.87 17.24 2.94
N ARG A 45 -12.92 17.46 1.66
CA ARG A 45 -13.53 18.65 1.16
C ARG A 45 -14.97 18.34 0.74
N SER A 46 -15.13 17.25 0.04
CA SER A 46 -16.41 16.84 -0.51
C SER A 46 -17.15 15.82 0.39
N LYS A 47 -16.40 15.21 1.32
CA LYS A 47 -16.94 14.21 2.26
C LYS A 47 -17.44 12.91 1.61
N ARG A 48 -17.07 12.66 0.37
CA ARG A 48 -17.46 11.44 -0.30
C ARG A 48 -16.37 10.40 -0.13
N ILE A 49 -16.75 9.15 -0.26
CA ILE A 49 -15.80 8.07 -0.16
C ILE A 49 -15.31 7.73 -1.56
N LEU A 50 -14.02 7.74 -1.76
CA LEU A 50 -13.43 7.43 -3.04
C LEU A 50 -12.27 6.45 -2.85
N PRO A 51 -11.99 5.65 -3.88
CA PRO A 51 -10.86 4.72 -3.87
C PRO A 51 -9.52 5.47 -4.01
N LEU A 52 -8.74 5.39 -2.99
CA LEU A 52 -7.42 5.94 -2.97
C LEU A 52 -6.52 4.88 -2.48
N THR A 53 -5.51 4.64 -3.18
CA THR A 53 -4.62 3.57 -2.88
C THR A 53 -3.58 4.06 -1.86
N VAL A 54 -3.02 3.15 -1.03
CA VAL A 54 -2.03 3.53 0.01
C VAL A 54 -0.89 4.42 -0.50
N CYS A 55 -0.31 4.05 -1.61
CA CYS A 55 0.73 4.84 -2.25
C CYS A 55 0.18 6.18 -2.65
N LYS A 56 -0.95 6.16 -3.34
CA LYS A 56 -1.55 7.32 -3.91
C LYS A 56 -1.91 8.32 -2.84
N MET A 57 -2.75 7.90 -1.89
CA MET A 57 -3.25 8.75 -0.80
C MET A 57 -2.09 9.21 0.11
N HIS A 58 -0.98 8.45 0.14
CA HIS A 58 0.22 8.88 0.93
C HIS A 58 0.96 9.99 0.23
N VAL A 59 1.14 9.84 -1.08
CA VAL A 59 1.78 10.87 -1.90
C VAL A 59 0.96 12.12 -1.80
N LEU A 60 -0.28 11.91 -2.07
CA LEU A 60 -1.36 12.86 -2.01
C LEU A 60 -1.39 13.52 -0.58
N HIS A 61 -1.16 12.73 0.44
CA HIS A 61 -1.14 13.20 1.83
C HIS A 61 0.10 14.06 2.06
N CYS A 62 1.22 13.59 1.53
CA CYS A 62 2.52 14.26 1.67
C CYS A 62 2.48 15.60 0.93
N GLN A 63 1.79 15.63 -0.23
CA GLN A 63 1.65 16.86 -1.02
C GLN A 63 0.89 17.93 -0.24
N GLY A 64 0.00 17.50 0.62
CA GLY A 64 -0.75 18.43 1.43
C GLY A 64 -2.24 18.32 1.22
N ARG A 65 -2.71 17.13 0.90
CA ARG A 65 -4.13 16.91 0.70
C ARG A 65 -4.66 16.14 1.89
N ASN A 66 -5.77 16.58 2.43
CA ASN A 66 -6.32 15.97 3.63
C ASN A 66 -7.33 14.93 3.28
N TYR A 67 -7.08 13.71 3.71
CA TYR A 67 -7.96 12.61 3.46
C TYR A 67 -8.08 11.74 4.66
N THR A 68 -9.26 11.29 4.88
CA THR A 68 -9.59 10.48 5.99
C THR A 68 -9.76 9.06 5.47
N LEU A 69 -9.53 8.05 6.27
CA LEU A 69 -9.76 6.72 5.81
C LEU A 69 -11.05 6.20 6.31
N THR A 70 -11.65 5.34 5.53
CA THR A 70 -12.93 4.79 5.88
C THR A 70 -12.92 3.29 5.65
N GLY A 71 -14.01 2.63 6.00
CA GLY A 71 -14.10 1.18 5.88
C GLY A 71 -13.94 0.68 4.44
N ARG A 72 -13.44 -0.54 4.33
CA ARG A 72 -13.14 -1.20 3.05
C ARG A 72 -14.27 -1.19 2.02
N ASP A 73 -15.47 -1.33 2.47
CA ASP A 73 -16.59 -1.39 1.56
C ASP A 73 -17.39 -0.10 1.49
N SER A 74 -16.77 1.00 1.86
CA SER A 74 -17.44 2.29 1.79
C SER A 74 -17.42 2.86 0.35
N CYS A 75 -16.42 2.48 -0.42
CA CYS A 75 -16.30 2.99 -1.79
C CYS A 75 -16.36 1.84 -2.76
N THR A 76 -16.33 2.15 -4.03
CA THR A 76 -16.28 1.13 -5.02
C THR A 76 -14.82 0.81 -5.31
N LEU A 77 -14.35 -0.25 -4.73
CA LEU A 77 -12.99 -0.65 -4.83
C LEU A 77 -12.91 -1.78 -5.86
N PRO A 78 -11.88 -1.80 -6.72
CA PRO A 78 -11.71 -2.85 -7.74
C PRO A 78 -11.45 -4.21 -7.11
N ALA A 79 -10.70 -4.23 -6.06
CA ALA A 79 -10.38 -5.44 -5.39
C ALA A 79 -11.28 -5.63 -4.22
N SER A 80 -12.38 -6.21 -4.49
CA SER A 80 -13.39 -6.45 -3.52
C SER A 80 -13.41 -7.92 -3.09
N ALA A 81 -12.83 -8.77 -3.93
CA ALA A 81 -12.83 -10.20 -3.74
C ALA A 81 -11.73 -10.79 -4.61
N GLU A 82 -11.77 -12.12 -4.79
CA GLU A 82 -10.80 -12.87 -5.60
C GLU A 82 -10.84 -12.44 -7.08
N LYS A 83 -9.77 -12.72 -7.81
CA LYS A 83 -9.65 -12.26 -9.18
C LYS A 83 -9.34 -13.41 -10.15
N ALA A 84 -9.65 -13.18 -11.40
CA ALA A 84 -9.36 -14.12 -12.47
C ALA A 84 -8.03 -13.72 -13.10
N CYS A 85 -7.56 -14.48 -14.06
CA CYS A 85 -6.27 -14.20 -14.65
C CYS A 85 -6.42 -13.10 -15.70
N GLY A 86 -5.40 -12.28 -15.81
CA GLY A 86 -5.42 -11.20 -16.79
C GLY A 86 -5.51 -9.86 -16.10
N ALA A 87 -6.03 -9.88 -14.91
CA ALA A 87 -6.10 -8.71 -14.10
C ALA A 87 -5.90 -9.15 -12.68
N CYS A 88 -4.73 -8.95 -12.19
CA CYS A 88 -4.38 -9.35 -10.88
C CYS A 88 -3.78 -8.20 -10.15
N PRO A 89 -3.99 -8.10 -8.85
CA PRO A 89 -3.32 -7.10 -8.06
C PRO A 89 -1.87 -7.53 -7.86
N LEU A 90 -1.08 -6.70 -7.26
CA LEU A 90 0.36 -6.98 -7.09
C LEU A 90 0.63 -8.22 -6.18
N TRP A 91 -0.36 -8.63 -5.39
CA TRP A 91 -0.27 -9.82 -4.55
C TRP A 91 -0.87 -11.03 -5.25
N GLY A 92 -1.35 -10.81 -6.45
CA GLY A 92 -1.97 -11.83 -7.22
C GLY A 92 -1.16 -12.13 -8.44
N LYS A 93 -1.08 -13.37 -8.78
CA LYS A 93 -0.29 -13.81 -9.90
C LYS A 93 -0.77 -15.19 -10.30
N CYS A 94 -0.87 -15.43 -11.56
CA CYS A 94 -1.18 -16.75 -12.05
C CYS A 94 0.13 -17.54 -12.08
N ASP A 95 0.10 -18.79 -11.63
CA ASP A 95 1.32 -19.62 -11.57
C ASP A 95 1.90 -19.83 -12.93
N ALA A 96 1.19 -20.53 -13.76
CA ALA A 96 1.66 -20.80 -15.09
C ALA A 96 0.54 -20.58 -16.07
N GLU A 97 -0.54 -21.27 -15.86
CA GLU A 97 -1.69 -21.21 -16.73
C GLU A 97 -2.44 -19.92 -16.54
N SER A 98 -2.70 -19.28 -17.63
CA SER A 98 -3.45 -18.08 -17.61
C SER A 98 -4.94 -18.41 -17.63
N SER A 99 -5.50 -18.61 -16.45
CA SER A 99 -6.90 -18.92 -16.30
C SER A 99 -7.39 -18.35 -14.97
N LYS A 100 -6.87 -18.86 -13.87
CA LYS A 100 -7.24 -18.37 -12.57
C LYS A 100 -6.05 -17.68 -11.95
N CYS A 101 -6.30 -16.64 -11.20
CA CYS A 101 -5.26 -15.90 -10.55
C CYS A 101 -5.24 -16.30 -9.10
N VAL A 102 -4.08 -16.44 -8.53
CA VAL A 102 -3.99 -16.83 -7.15
C VAL A 102 -3.11 -15.81 -6.43
N CYS A 103 -3.22 -15.73 -5.15
CA CYS A 103 -2.44 -14.79 -4.43
C CYS A 103 -1.25 -15.45 -3.82
N ARG A 104 -0.17 -14.75 -3.85
CA ARG A 104 1.08 -15.22 -3.33
C ARG A 104 1.17 -14.95 -1.86
N GLU A 105 2.27 -15.34 -1.28
CA GLU A 105 2.53 -15.04 0.09
C GLU A 105 3.61 -13.96 0.14
N ALA A 106 3.84 -13.38 1.30
CA ALA A 106 4.74 -12.24 1.47
C ALA A 106 6.15 -12.57 1.03
N SER A 107 6.50 -13.83 1.18
CA SER A 107 7.82 -14.31 0.86
C SER A 107 8.08 -14.38 -0.67
N GLU A 108 7.05 -14.15 -1.47
CA GLU A 108 7.19 -14.20 -2.91
C GLU A 108 7.09 -12.77 -3.47
N CYS A 109 6.74 -11.85 -2.62
CA CYS A 109 6.46 -10.50 -3.01
C CYS A 109 7.70 -9.67 -3.25
N GLU A 110 7.86 -9.23 -4.48
CA GLU A 110 8.92 -8.37 -4.92
C GLU A 110 8.33 -7.28 -5.78
N GLU A 111 7.83 -6.30 -5.12
CA GLU A 111 7.19 -5.14 -5.71
C GLU A 111 7.60 -3.94 -4.85
N GLU A 112 7.17 -2.70 -5.20
CA GLU A 112 7.49 -1.50 -4.41
C GLU A 112 7.22 -1.70 -2.92
N GLY A 113 6.00 -2.00 -2.57
CA GLY A 113 5.67 -2.43 -1.24
C GLY A 113 5.76 -1.40 -0.15
N PHE A 114 4.66 -0.74 0.09
CA PHE A 114 4.55 0.16 1.21
C PHE A 114 4.35 -0.64 2.49
N SER A 115 4.34 0.03 3.59
CA SER A 115 4.08 -0.62 4.84
C SER A 115 2.84 0.00 5.46
N ILE A 116 1.97 -0.85 5.94
CA ILE A 116 0.71 -0.44 6.50
C ILE A 116 0.52 -1.09 7.86
N CYS A 117 -0.49 -0.69 8.56
CA CYS A 117 -0.75 -1.22 9.87
C CYS A 117 -2.06 -1.96 9.83
N VAL A 118 -2.03 -3.15 10.32
CA VAL A 118 -3.16 -4.01 10.25
C VAL A 118 -3.44 -4.71 11.60
N GLU A 119 -4.68 -4.65 12.04
CA GLU A 119 -5.10 -5.24 13.27
C GLU A 119 -5.37 -6.70 13.05
N VAL A 120 -4.55 -7.50 13.64
CA VAL A 120 -4.62 -8.93 13.52
C VAL A 120 -4.46 -9.48 14.90
N ASN A 121 -5.32 -10.40 15.29
CA ASN A 121 -5.27 -11.03 16.63
C ASN A 121 -5.62 -10.00 17.70
N GLY A 122 -6.21 -8.90 17.28
CA GLY A 122 -6.55 -7.84 18.19
C GLY A 122 -5.45 -6.82 18.28
N LYS A 123 -4.30 -7.13 17.72
CA LYS A 123 -3.15 -6.22 17.77
C LYS A 123 -2.81 -5.68 16.40
N GLU A 124 -2.41 -4.45 16.34
CA GLU A 124 -2.05 -3.83 15.10
C GLU A 124 -0.58 -4.03 14.80
N GLN A 125 -0.30 -4.85 13.83
CA GLN A 125 1.04 -5.14 13.40
C GLN A 125 1.30 -4.45 12.06
N THR A 126 2.51 -4.05 11.83
CA THR A 126 2.89 -3.45 10.58
C THR A 126 3.21 -4.55 9.59
N MET A 127 2.66 -4.47 8.42
CA MET A 127 2.99 -5.42 7.39
C MET A 127 3.36 -4.70 6.16
N SER A 128 3.91 -5.43 5.24
CA SER A 128 4.21 -4.91 3.98
C SER A 128 2.94 -4.99 3.15
N GLU A 129 2.86 -4.14 2.19
CA GLU A 129 1.75 -4.01 1.26
C GLU A 129 1.30 -5.37 0.71
N CYS A 130 2.17 -6.00 -0.06
CA CYS A 130 1.85 -7.28 -0.68
C CYS A 130 1.58 -8.34 0.37
N GLU A 131 2.19 -8.17 1.53
CA GLU A 131 2.02 -9.06 2.65
C GLU A 131 0.59 -9.00 3.16
N ALA A 132 0.19 -7.85 3.71
CA ALA A 132 -1.17 -7.68 4.24
C ALA A 132 -2.23 -8.00 3.18
N GLY A 133 -1.93 -7.62 1.94
CA GLY A 133 -2.80 -7.88 0.82
C GLY A 133 -2.92 -9.37 0.54
N ALA A 134 -1.80 -10.07 0.58
CA ALA A 134 -1.77 -11.50 0.36
C ALA A 134 -2.54 -12.21 1.45
N LEU A 135 -2.35 -11.79 2.69
CA LEU A 135 -3.11 -12.35 3.80
C LEU A 135 -4.63 -12.15 3.59
N ARG A 136 -5.02 -10.93 3.16
CA ARG A 136 -6.43 -10.64 2.87
C ARG A 136 -6.96 -11.49 1.75
N CYS A 137 -6.17 -11.67 0.73
CA CYS A 137 -6.59 -12.42 -0.42
C CYS A 137 -6.74 -13.89 -0.10
N ARG A 138 -5.80 -14.44 0.67
CA ARG A 138 -5.81 -15.85 0.97
C ARG A 138 -6.96 -16.26 1.87
N GLY A 139 -7.37 -15.38 2.76
CA GLY A 139 -8.43 -15.74 3.64
C GLY A 139 -8.09 -15.53 5.09
N GLN A 140 -6.85 -15.15 5.35
CA GLN A 140 -6.40 -14.90 6.72
C GLN A 140 -7.14 -13.68 7.30
N SER A 141 -7.44 -13.71 8.58
CA SER A 141 -8.14 -12.62 9.21
C SER A 141 -7.17 -11.57 9.74
N ILE A 142 -7.13 -10.45 9.05
CA ILE A 142 -6.30 -9.30 9.35
C ILE A 142 -7.13 -8.07 8.97
N SER A 143 -7.20 -7.12 9.79
CA SER A 143 -7.98 -5.96 9.52
C SER A 143 -7.13 -4.71 9.37
N VAL A 144 -6.91 -4.29 8.14
CA VAL A 144 -6.11 -3.10 7.88
C VAL A 144 -6.79 -1.87 8.47
N THR A 145 -6.12 -1.25 9.41
CA THR A 145 -6.65 -0.12 10.09
C THR A 145 -6.11 1.18 9.49
N SER A 146 -4.84 1.16 9.12
CA SER A 146 -4.19 2.34 8.61
C SER A 146 -3.27 2.01 7.47
N ILE A 147 -3.19 2.91 6.52
CA ILE A 147 -2.31 2.78 5.38
C ILE A 147 -0.91 3.26 5.68
N ARG A 148 -0.68 3.61 6.91
CA ARG A 148 0.61 4.01 7.37
C ARG A 148 1.11 2.95 8.33
N PRO A 149 2.43 2.80 8.50
CA PRO A 149 2.97 1.74 9.34
C PRO A 149 2.73 2.00 10.84
N CYS A 150 2.83 0.98 11.63
CA CYS A 150 2.74 1.12 13.05
C CYS A 150 4.11 0.98 13.68
N ALA A 151 4.19 1.21 14.97
CA ALA A 151 5.43 1.04 15.72
C ALA A 151 5.44 -0.34 16.36
N ALA A 152 4.86 -1.30 15.67
CA ALA A 152 4.74 -2.64 16.19
C ALA A 152 5.94 -3.45 15.80
N GLU A 153 6.02 -3.74 14.52
CA GLU A 153 7.02 -4.51 13.88
C GLU A 153 7.01 -5.94 14.38
N THR A 154 7.75 -6.73 13.73
CA THR A 154 7.96 -8.08 14.16
C THR A 154 8.98 -8.06 15.31
N GLN A 155 8.46 -7.82 16.46
CA GLN A 155 9.22 -7.59 17.64
C GLN A 155 8.70 -8.55 18.70
N GLY A 1 25.35 -3.78 -15.62
CA GLY A 1 24.23 -4.64 -15.96
C GLY A 1 23.01 -3.80 -16.21
N SER A 2 22.14 -4.27 -17.08
CA SER A 2 20.97 -3.53 -17.47
C SER A 2 19.87 -3.63 -16.41
N HIS A 3 19.77 -2.60 -15.61
CA HIS A 3 18.72 -2.44 -14.63
C HIS A 3 18.24 -1.02 -14.70
N MET A 4 16.98 -0.80 -14.43
CA MET A 4 16.45 0.55 -14.48
C MET A 4 16.91 1.35 -13.26
N ASN A 5 17.23 0.64 -12.20
CA ASN A 5 17.75 1.26 -11.01
C ASN A 5 19.28 1.17 -11.04
N PRO A 6 19.96 2.33 -10.97
CA PRO A 6 21.43 2.36 -10.96
C PRO A 6 21.98 2.12 -9.57
N LEU A 7 21.14 2.38 -8.59
CA LEU A 7 21.47 2.27 -7.21
C LEU A 7 20.25 1.77 -6.52
N THR A 8 20.43 0.98 -5.49
CA THR A 8 19.31 0.64 -4.64
C THR A 8 19.23 1.72 -3.56
N GLN A 9 20.33 2.49 -3.49
CA GLN A 9 20.53 3.61 -2.62
C GLN A 9 20.57 3.15 -1.15
N ALA A 10 19.47 3.33 -0.46
CA ALA A 10 19.26 3.00 0.94
C ALA A 10 17.97 3.67 1.30
N VAL A 11 17.49 3.44 2.48
CA VAL A 11 16.33 4.15 2.97
C VAL A 11 16.85 5.31 3.81
N PRO A 12 16.77 6.56 3.30
CA PRO A 12 17.30 7.71 4.00
C PRO A 12 16.31 8.25 5.05
N LYS A 13 15.77 9.43 4.84
CA LYS A 13 14.83 9.98 5.80
C LYS A 13 13.50 10.25 5.13
N CYS A 14 13.34 9.71 3.96
CA CYS A 14 12.13 9.90 3.19
C CYS A 14 11.37 8.60 3.23
N GLN A 15 10.13 8.67 2.90
CA GLN A 15 9.30 7.51 2.85
C GLN A 15 9.09 7.08 1.42
N ARG A 16 8.23 6.10 1.22
CA ARG A 16 8.07 5.48 -0.10
C ARG A 16 7.21 6.28 -1.06
N TRP A 17 6.56 7.29 -0.55
CA TRP A 17 5.78 8.20 -1.37
C TRP A 17 6.62 9.40 -1.74
N GLU A 18 7.88 9.33 -1.34
CA GLU A 18 8.82 10.36 -1.55
C GLU A 18 9.99 9.89 -2.38
N LYS A 19 10.66 10.82 -2.98
CA LYS A 19 11.85 10.60 -3.74
C LYS A 19 12.94 11.47 -3.18
N LEU A 20 14.16 11.06 -3.38
CA LEU A 20 15.29 11.79 -2.90
C LEU A 20 15.95 12.55 -4.04
N GLN A 21 15.79 13.84 -4.04
CA GLN A 21 16.41 14.69 -5.01
C GLN A 21 16.66 15.98 -4.31
N ASN A 22 17.68 16.72 -4.75
CA ASN A 22 17.97 18.06 -4.20
C ASN A 22 18.30 17.95 -2.70
N SER A 23 18.81 16.77 -2.32
CA SER A 23 19.17 16.43 -0.95
C SER A 23 17.95 16.46 -0.02
N ARG A 24 16.77 16.31 -0.57
CA ARG A 24 15.56 16.37 0.20
C ARG A 24 14.56 15.34 -0.24
N CYS A 25 13.51 15.24 0.51
CA CYS A 25 12.47 14.32 0.25
C CYS A 25 11.32 15.08 -0.39
N VAL A 26 11.02 14.71 -1.60
CA VAL A 26 9.93 15.32 -2.34
C VAL A 26 8.85 14.29 -2.56
N CYS A 27 7.65 14.70 -2.77
CA CYS A 27 6.56 13.75 -2.95
C CYS A 27 6.50 13.42 -4.43
N LYS A 28 6.36 12.15 -4.76
CA LYS A 28 6.32 11.73 -6.16
C LYS A 28 4.94 12.00 -6.76
N MET A 29 4.59 11.37 -7.87
CA MET A 29 3.30 11.65 -8.49
C MET A 29 2.25 10.61 -8.07
N PRO A 30 1.01 11.05 -7.71
CA PRO A 30 -0.03 10.15 -7.17
C PRO A 30 -0.55 9.16 -8.21
N TYR A 31 -0.56 9.57 -9.45
CA TYR A 31 -1.06 8.75 -10.53
C TYR A 31 0.05 7.85 -11.10
N GLU A 32 1.23 7.98 -10.55
CA GLU A 32 2.38 7.26 -11.06
C GLU A 32 2.69 6.06 -10.16
N CYS A 33 1.81 5.77 -9.24
CA CYS A 33 2.06 4.66 -8.37
C CYS A 33 1.51 3.35 -8.97
N GLY A 34 0.20 3.17 -8.95
CA GLY A 34 -0.41 1.98 -9.54
C GLY A 34 -0.59 0.84 -8.53
N PRO A 35 0.30 -0.18 -8.55
CA PRO A 35 0.28 -1.33 -7.60
C PRO A 35 0.20 -0.91 -6.12
N SER A 36 -0.95 -1.18 -5.49
CA SER A 36 -1.20 -0.81 -4.13
C SER A 36 -2.53 -1.47 -3.66
N LEU A 37 -2.74 -1.46 -2.36
CA LEU A 37 -3.98 -1.89 -1.76
C LEU A 37 -5.01 -0.80 -1.95
N ASP A 38 -6.15 -1.18 -2.44
CA ASP A 38 -7.26 -0.27 -2.63
C ASP A 38 -7.92 -0.01 -1.30
N VAL A 39 -8.18 1.25 -1.01
CA VAL A 39 -8.79 1.66 0.24
C VAL A 39 -9.87 2.72 -0.01
N CYS A 40 -10.79 2.86 0.91
CA CYS A 40 -11.83 3.86 0.81
C CYS A 40 -11.45 5.05 1.62
N ALA A 41 -11.28 6.15 0.97
CA ALA A 41 -10.91 7.35 1.64
C ALA A 41 -11.94 8.41 1.38
N GLN A 42 -12.12 9.23 2.35
CA GLN A 42 -13.05 10.31 2.27
C GLN A 42 -12.33 11.57 1.92
N ASP A 43 -12.75 12.18 0.86
CA ASP A 43 -12.22 13.46 0.42
C ASP A 43 -12.70 14.52 1.39
N GLU A 44 -11.82 15.25 2.02
CA GLU A 44 -12.21 16.24 3.02
C GLU A 44 -12.92 17.45 2.46
N ARG A 45 -12.83 17.66 1.18
CA ARG A 45 -13.41 18.82 0.59
C ARG A 45 -14.80 18.50 0.06
N SER A 46 -14.92 17.37 -0.57
CA SER A 46 -16.16 16.96 -1.18
C SER A 46 -16.97 16.03 -0.26
N LYS A 47 -16.30 15.45 0.74
CA LYS A 47 -16.89 14.52 1.71
C LYS A 47 -17.43 13.24 1.10
N ARG A 48 -16.96 12.92 -0.08
CA ARG A 48 -17.33 11.70 -0.75
C ARG A 48 -16.34 10.62 -0.39
N ILE A 49 -16.76 9.40 -0.46
CA ILE A 49 -15.87 8.32 -0.20
C ILE A 49 -15.42 7.77 -1.54
N LEU A 50 -14.17 7.86 -1.81
CA LEU A 50 -13.67 7.39 -3.07
C LEU A 50 -12.58 6.37 -2.87
N PRO A 51 -12.53 5.41 -3.77
CA PRO A 51 -11.50 4.42 -3.80
C PRO A 51 -10.16 5.03 -4.21
N LEU A 52 -9.26 5.00 -3.29
CA LEU A 52 -7.90 5.41 -3.49
C LEU A 52 -7.07 4.20 -3.26
N THR A 53 -5.82 4.35 -3.39
CA THR A 53 -4.94 3.30 -3.03
C THR A 53 -4.02 3.81 -1.98
N VAL A 54 -3.32 2.90 -1.35
CA VAL A 54 -2.34 3.24 -0.34
C VAL A 54 -1.32 4.18 -0.95
N CYS A 55 -0.88 3.80 -2.11
CA CYS A 55 0.12 4.52 -2.84
C CYS A 55 -0.33 5.91 -3.18
N LYS A 56 -1.52 5.99 -3.74
CA LYS A 56 -2.07 7.21 -4.17
C LYS A 56 -2.28 8.11 -2.99
N MET A 57 -3.13 7.66 -2.03
CA MET A 57 -3.45 8.42 -0.78
C MET A 57 -2.19 8.91 -0.06
N HIS A 58 -1.13 8.13 -0.07
CA HIS A 58 0.11 8.55 0.60
C HIS A 58 0.75 9.73 -0.10
N VAL A 59 0.87 9.64 -1.41
CA VAL A 59 1.44 10.72 -2.19
C VAL A 59 0.48 11.91 -2.17
N LEU A 60 -0.78 11.58 -2.32
CA LEU A 60 -1.95 12.45 -2.23
C LEU A 60 -1.86 13.29 -0.94
N HIS A 61 -1.59 12.61 0.16
CA HIS A 61 -1.48 13.24 1.46
C HIS A 61 -0.21 14.07 1.54
N CYS A 62 0.84 13.63 0.87
CA CYS A 62 2.14 14.31 0.86
C CYS A 62 2.03 15.61 0.06
N GLN A 63 1.17 15.58 -0.96
CA GLN A 63 0.88 16.76 -1.79
C GLN A 63 0.14 17.83 -0.98
N GLY A 64 -0.42 17.45 0.15
CA GLY A 64 -1.12 18.41 0.99
C GLY A 64 -2.62 18.30 0.86
N ARG A 65 -3.09 17.18 0.40
CA ARG A 65 -4.50 16.95 0.28
C ARG A 65 -4.99 16.27 1.53
N ASN A 66 -6.04 16.80 2.12
CA ASN A 66 -6.59 16.26 3.35
C ASN A 66 -7.62 15.23 3.05
N TYR A 67 -7.38 14.03 3.51
CA TYR A 67 -8.28 12.91 3.31
C TYR A 67 -8.39 12.13 4.56
N THR A 68 -9.55 11.62 4.81
CA THR A 68 -9.83 10.86 5.97
C THR A 68 -10.06 9.41 5.56
N LEU A 69 -9.67 8.46 6.35
CA LEU A 69 -9.91 7.10 5.98
C LEU A 69 -11.19 6.55 6.53
N THR A 70 -11.80 5.71 5.76
CA THR A 70 -13.07 5.11 6.08
C THR A 70 -12.97 3.59 5.81
N GLY A 71 -14.03 2.86 6.07
CA GLY A 71 -14.01 1.42 5.85
C GLY A 71 -14.21 1.07 4.40
N ARG A 72 -13.89 -0.18 4.03
CA ARG A 72 -13.99 -0.66 2.63
C ARG A 72 -15.45 -0.68 2.15
N ASP A 73 -16.35 -0.53 3.08
CA ASP A 73 -17.77 -0.56 2.81
C ASP A 73 -18.27 0.81 2.41
N SER A 74 -17.46 1.82 2.67
CA SER A 74 -17.86 3.17 2.40
C SER A 74 -17.74 3.53 0.91
N CYS A 75 -16.89 2.83 0.18
CA CYS A 75 -16.76 3.08 -1.23
C CYS A 75 -16.93 1.79 -2.01
N THR A 76 -16.87 1.88 -3.32
CA THR A 76 -16.93 0.73 -4.15
C THR A 76 -15.51 0.31 -4.50
N LEU A 77 -14.99 -0.59 -3.72
CA LEU A 77 -13.62 -0.98 -3.81
C LEU A 77 -13.48 -2.20 -4.73
N PRO A 78 -12.56 -2.14 -5.71
CA PRO A 78 -12.38 -3.20 -6.71
C PRO A 78 -11.75 -4.50 -6.16
N ALA A 79 -10.48 -4.43 -5.77
CA ALA A 79 -9.70 -5.62 -5.34
C ALA A 79 -10.08 -6.09 -3.92
N SER A 80 -11.24 -5.73 -3.49
CA SER A 80 -11.74 -6.14 -2.22
C SER A 80 -12.34 -7.53 -2.36
N ALA A 81 -13.22 -7.70 -3.32
CA ALA A 81 -13.92 -8.94 -3.48
C ALA A 81 -13.49 -9.66 -4.74
N GLU A 82 -13.30 -10.97 -4.58
CA GLU A 82 -12.96 -11.93 -5.63
C GLU A 82 -11.66 -11.66 -6.35
N LYS A 83 -10.68 -12.47 -6.04
CA LYS A 83 -9.39 -12.33 -6.64
C LYS A 83 -9.33 -13.16 -7.90
N ALA A 84 -9.10 -12.50 -8.99
CA ALA A 84 -9.05 -13.12 -10.28
C ALA A 84 -8.16 -12.28 -11.13
N CYS A 85 -7.85 -12.76 -12.31
CA CYS A 85 -7.00 -12.02 -13.20
C CYS A 85 -7.74 -10.78 -13.65
N GLY A 86 -7.16 -9.65 -13.40
CA GLY A 86 -7.82 -8.40 -13.61
C GLY A 86 -7.64 -7.54 -12.39
N ALA A 87 -7.38 -8.18 -11.26
CA ALA A 87 -6.98 -7.48 -10.04
C ALA A 87 -6.27 -8.47 -9.13
N CYS A 88 -4.94 -8.40 -9.15
CA CYS A 88 -4.04 -9.26 -8.37
C CYS A 88 -2.59 -9.05 -8.90
N PRO A 89 -2.00 -7.84 -8.71
CA PRO A 89 -0.70 -7.53 -9.29
C PRO A 89 0.53 -7.97 -8.45
N LEU A 90 0.66 -7.43 -7.26
CA LEU A 90 1.84 -7.66 -6.41
C LEU A 90 1.78 -9.04 -5.79
N TRP A 91 0.74 -9.23 -5.03
CA TRP A 91 0.51 -10.43 -4.24
C TRP A 91 -0.13 -11.54 -5.06
N GLY A 92 -0.30 -11.32 -6.32
CA GLY A 92 -0.96 -12.28 -7.12
C GLY A 92 -0.23 -12.56 -8.38
N LYS A 93 -0.48 -13.71 -8.91
CA LYS A 93 0.07 -14.13 -10.15
C LYS A 93 -1.02 -14.86 -10.88
N CYS A 94 -1.35 -14.37 -12.03
CA CYS A 94 -2.39 -14.97 -12.81
C CYS A 94 -1.87 -16.21 -13.49
N ASP A 95 -2.62 -17.30 -13.40
CA ASP A 95 -2.22 -18.54 -14.04
C ASP A 95 -2.49 -18.42 -15.52
N ALA A 96 -3.72 -18.04 -15.83
CA ALA A 96 -4.20 -17.77 -17.17
C ALA A 96 -5.56 -17.14 -17.05
N GLU A 97 -5.93 -16.29 -17.97
CA GLU A 97 -7.21 -15.63 -17.91
C GLU A 97 -8.31 -16.52 -18.42
N SER A 98 -8.62 -17.49 -17.62
CA SER A 98 -9.64 -18.51 -17.82
C SER A 98 -9.81 -19.16 -16.46
N SER A 99 -8.69 -19.31 -15.80
CA SER A 99 -8.60 -19.86 -14.51
C SER A 99 -8.57 -18.69 -13.51
N LYS A 100 -8.31 -18.97 -12.26
CA LYS A 100 -8.26 -17.95 -11.25
C LYS A 100 -6.84 -17.40 -11.12
N CYS A 101 -6.71 -16.36 -10.32
CA CYS A 101 -5.43 -15.78 -10.06
C CYS A 101 -5.02 -16.29 -8.70
N VAL A 102 -3.77 -16.64 -8.54
CA VAL A 102 -3.34 -17.20 -7.28
C VAL A 102 -2.57 -16.19 -6.48
N CYS A 103 -2.65 -16.32 -5.20
CA CYS A 103 -2.02 -15.40 -4.31
C CYS A 103 -0.72 -15.97 -3.88
N ARG A 104 0.26 -15.16 -3.90
CA ARG A 104 1.58 -15.58 -3.57
C ARG A 104 1.87 -15.26 -2.13
N GLU A 105 3.00 -15.68 -1.67
CA GLU A 105 3.40 -15.40 -0.32
C GLU A 105 4.09 -14.05 -0.29
N ALA A 106 4.35 -13.55 0.90
CA ALA A 106 5.00 -12.26 1.07
C ALA A 106 6.45 -12.31 0.57
N SER A 107 6.93 -13.52 0.34
CA SER A 107 8.24 -13.75 -0.22
C SER A 107 8.29 -13.20 -1.65
N GLU A 108 7.18 -13.32 -2.38
CA GLU A 108 7.12 -12.78 -3.72
C GLU A 108 6.60 -11.37 -3.67
N CYS A 109 7.34 -10.56 -2.96
CA CYS A 109 7.08 -9.16 -2.87
C CYS A 109 7.68 -8.51 -4.11
N GLU A 110 6.93 -8.69 -5.17
CA GLU A 110 7.31 -8.27 -6.51
C GLU A 110 7.35 -6.75 -6.59
N GLU A 111 6.57 -6.11 -5.77
CA GLU A 111 6.59 -4.69 -5.62
C GLU A 111 6.46 -4.49 -4.12
N GLU A 112 7.12 -3.49 -3.60
CA GLU A 112 7.18 -3.24 -2.18
C GLU A 112 5.85 -2.72 -1.66
N GLY A 113 5.28 -1.81 -2.41
CA GLY A 113 4.19 -1.04 -1.92
C GLY A 113 4.68 -0.17 -0.80
N PHE A 114 3.88 0.01 0.19
CA PHE A 114 4.21 0.78 1.34
C PHE A 114 4.21 -0.07 2.59
N SER A 115 4.30 0.58 3.69
CA SER A 115 4.20 -0.07 4.95
C SER A 115 2.93 0.46 5.60
N ILE A 116 2.03 -0.43 5.94
CA ILE A 116 0.74 -0.06 6.50
C ILE A 116 0.52 -0.78 7.81
N CYS A 117 -0.45 -0.35 8.56
CA CYS A 117 -0.73 -0.90 9.87
C CYS A 117 -1.97 -1.77 9.76
N VAL A 118 -1.81 -3.04 10.07
CA VAL A 118 -2.89 -3.98 9.94
C VAL A 118 -3.12 -4.71 11.26
N GLU A 119 -4.37 -4.82 11.64
CA GLU A 119 -4.75 -5.53 12.82
C GLU A 119 -4.81 -7.01 12.49
N VAL A 120 -4.07 -7.77 13.23
CA VAL A 120 -3.97 -9.18 13.07
C VAL A 120 -3.73 -9.78 14.43
N ASN A 121 -4.47 -10.83 14.77
CA ASN A 121 -4.32 -11.52 16.06
C ASN A 121 -4.67 -10.60 17.23
N GLY A 122 -5.40 -9.55 16.94
CA GLY A 122 -5.74 -8.58 17.93
C GLY A 122 -4.66 -7.52 18.11
N LYS A 123 -3.57 -7.67 17.40
CA LYS A 123 -2.48 -6.71 17.48
C LYS A 123 -2.52 -5.87 16.23
N GLU A 124 -1.70 -4.87 16.18
CA GLU A 124 -1.60 -4.03 15.00
C GLU A 124 -0.18 -4.05 14.50
N GLN A 125 0.07 -4.82 13.49
CA GLN A 125 1.39 -5.00 12.96
C GLN A 125 1.55 -4.26 11.65
N THR A 126 2.67 -3.63 11.50
CA THR A 126 3.01 -2.96 10.29
C THR A 126 3.49 -3.99 9.29
N MET A 127 2.90 -4.00 8.16
CA MET A 127 3.28 -4.95 7.15
C MET A 127 3.64 -4.20 5.93
N SER A 128 4.39 -4.81 5.08
CA SER A 128 4.63 -4.26 3.79
C SER A 128 3.37 -4.51 2.99
N GLU A 129 3.12 -3.70 2.04
CA GLU A 129 1.93 -3.76 1.26
C GLU A 129 1.83 -5.07 0.49
N CYS A 130 2.94 -5.52 -0.04
CA CYS A 130 3.02 -6.81 -0.71
C CYS A 130 2.69 -7.93 0.28
N GLU A 131 3.16 -7.76 1.50
CA GLU A 131 2.97 -8.70 2.59
C GLU A 131 1.49 -8.75 2.97
N ALA A 132 0.96 -7.62 3.45
CA ALA A 132 -0.42 -7.52 3.88
C ALA A 132 -1.37 -7.96 2.77
N GLY A 133 -1.05 -7.53 1.54
CA GLY A 133 -1.84 -7.86 0.39
C GLY A 133 -1.90 -9.34 0.13
N ALA A 134 -0.78 -10.00 0.26
CA ALA A 134 -0.70 -11.44 0.04
C ALA A 134 -1.51 -12.17 1.08
N LEU A 135 -1.37 -11.75 2.33
CA LEU A 135 -2.15 -12.33 3.41
C LEU A 135 -3.65 -12.17 3.17
N ARG A 136 -4.06 -10.97 2.69
CA ARG A 136 -5.48 -10.72 2.36
C ARG A 136 -5.94 -11.70 1.32
N CYS A 137 -5.18 -11.73 0.24
CA CYS A 137 -5.48 -12.51 -0.93
C CYS A 137 -5.60 -14.00 -0.61
N ARG A 138 -4.65 -14.52 0.17
CA ARG A 138 -4.59 -15.95 0.45
C ARG A 138 -5.71 -16.43 1.35
N GLY A 139 -6.31 -15.55 2.10
CA GLY A 139 -7.36 -15.98 2.97
C GLY A 139 -7.09 -15.68 4.43
N GLN A 140 -5.90 -15.16 4.71
CA GLN A 140 -5.56 -14.79 6.10
C GLN A 140 -6.51 -13.71 6.59
N SER A 141 -6.88 -13.77 7.82
CA SER A 141 -7.76 -12.79 8.39
C SER A 141 -6.97 -11.66 8.95
N ILE A 142 -7.05 -10.55 8.30
CA ILE A 142 -6.39 -9.36 8.74
C ILE A 142 -7.29 -8.18 8.50
N SER A 143 -7.07 -7.13 9.23
CA SER A 143 -7.86 -5.94 9.11
C SER A 143 -6.95 -4.72 9.01
N VAL A 144 -6.82 -4.14 7.82
CA VAL A 144 -6.00 -2.94 7.69
C VAL A 144 -6.68 -1.77 8.42
N THR A 145 -6.08 -1.35 9.50
CA THR A 145 -6.67 -0.32 10.32
C THR A 145 -6.33 1.06 9.81
N SER A 146 -5.17 1.20 9.23
CA SER A 146 -4.73 2.45 8.64
C SER A 146 -3.67 2.18 7.61
N ILE A 147 -3.62 3.01 6.59
CA ILE A 147 -2.61 2.88 5.55
C ILE A 147 -1.28 3.48 6.00
N ARG A 148 -1.28 3.99 7.20
CA ARG A 148 -0.11 4.56 7.81
C ARG A 148 0.62 3.45 8.50
N PRO A 149 1.94 3.44 8.46
CA PRO A 149 2.70 2.42 9.15
C PRO A 149 2.66 2.65 10.67
N CYS A 150 2.56 1.60 11.42
CA CYS A 150 2.60 1.71 12.84
C CYS A 150 4.03 1.48 13.30
N ALA A 151 4.31 1.65 14.56
CA ALA A 151 5.64 1.42 15.09
C ALA A 151 5.79 -0.03 15.52
N ALA A 152 5.03 -0.90 14.89
CA ALA A 152 5.04 -2.30 15.20
C ALA A 152 5.52 -3.12 14.02
N GLU A 153 6.79 -3.07 13.79
CA GLU A 153 7.44 -3.84 12.77
C GLU A 153 8.57 -4.60 13.41
N THR A 154 8.33 -5.87 13.59
CA THR A 154 9.18 -6.74 14.36
C THR A 154 10.56 -6.96 13.74
N GLN A 155 11.47 -6.17 14.21
CA GLN A 155 12.86 -6.24 13.91
C GLN A 155 13.47 -5.30 14.90
N GLY A 1 42.45 24.92 -5.68
CA GLY A 1 42.92 23.55 -5.40
C GLY A 1 41.80 22.73 -4.85
N SER A 2 41.46 21.63 -5.54
CA SER A 2 40.32 20.77 -5.19
C SER A 2 39.01 21.57 -5.36
N HIS A 3 37.91 21.01 -4.93
CA HIS A 3 36.67 21.74 -4.92
C HIS A 3 36.57 22.42 -3.59
N MET A 4 36.16 23.69 -3.60
CA MET A 4 36.06 24.46 -2.37
C MET A 4 35.07 23.82 -1.41
N ASN A 5 34.03 23.23 -1.95
CA ASN A 5 33.13 22.46 -1.15
C ASN A 5 33.15 21.01 -1.62
N PRO A 6 33.38 20.06 -0.70
CA PRO A 6 33.34 18.64 -1.02
C PRO A 6 31.93 18.24 -1.47
N LEU A 7 31.81 17.92 -2.73
CA LEU A 7 30.54 17.53 -3.30
C LEU A 7 30.16 16.16 -2.79
N THR A 8 29.22 16.15 -1.89
CA THR A 8 28.77 14.96 -1.25
C THR A 8 27.36 14.64 -1.72
N GLN A 9 27.07 13.38 -1.93
CA GLN A 9 25.75 12.99 -2.37
C GLN A 9 24.86 12.69 -1.19
N ALA A 10 23.60 13.09 -1.30
CA ALA A 10 22.63 12.90 -0.25
C ALA A 10 22.26 11.44 -0.13
N VAL A 11 21.88 11.08 1.05
CA VAL A 11 21.54 9.76 1.35
C VAL A 11 20.02 9.59 1.29
N PRO A 12 19.54 8.41 0.85
CA PRO A 12 18.12 8.12 0.83
C PRO A 12 17.58 7.94 2.24
N LYS A 13 16.71 8.82 2.58
CA LYS A 13 16.10 8.87 3.89
C LYS A 13 14.65 9.34 3.77
N CYS A 14 14.09 9.11 2.62
CA CYS A 14 12.75 9.56 2.30
C CYS A 14 11.81 8.37 2.31
N GLN A 15 10.53 8.60 2.52
CA GLN A 15 9.53 7.53 2.54
C GLN A 15 9.24 6.99 1.15
N ARG A 16 8.34 6.03 1.07
CA ARG A 16 8.05 5.37 -0.21
C ARG A 16 7.19 6.26 -1.11
N TRP A 17 6.52 7.23 -0.54
CA TRP A 17 5.72 8.17 -1.29
C TRP A 17 6.53 9.42 -1.57
N GLU A 18 7.79 9.38 -1.18
CA GLU A 18 8.71 10.46 -1.35
C GLU A 18 9.92 9.98 -2.13
N LYS A 19 10.53 10.84 -2.88
CA LYS A 19 11.72 10.50 -3.63
C LYS A 19 12.82 11.48 -3.27
N LEU A 20 14.05 11.10 -3.48
CA LEU A 20 15.19 11.94 -3.16
C LEU A 20 15.68 12.65 -4.43
N GLN A 21 15.46 13.93 -4.49
CA GLN A 21 15.93 14.73 -5.61
C GLN A 21 16.29 16.08 -5.06
N ASN A 22 17.22 16.77 -5.70
CA ASN A 22 17.62 18.15 -5.33
C ASN A 22 18.14 18.13 -3.88
N SER A 23 18.69 16.98 -3.53
CA SER A 23 19.27 16.65 -2.23
C SER A 23 18.25 16.73 -1.07
N ARG A 24 16.96 16.66 -1.41
CA ARG A 24 15.89 16.70 -0.42
C ARG A 24 14.88 15.60 -0.72
N CYS A 25 13.90 15.48 0.13
CA CYS A 25 12.83 14.55 -0.08
C CYS A 25 11.65 15.29 -0.65
N VAL A 26 11.17 14.83 -1.75
CA VAL A 26 10.01 15.40 -2.38
C VAL A 26 9.00 14.31 -2.51
N CYS A 27 7.79 14.62 -2.86
CA CYS A 27 6.81 13.58 -3.01
C CYS A 27 6.84 13.06 -4.41
N LYS A 28 6.39 11.83 -4.56
CA LYS A 28 6.30 11.21 -5.85
C LYS A 28 5.11 11.86 -6.57
N MET A 29 4.93 11.58 -7.83
CA MET A 29 3.81 12.17 -8.52
C MET A 29 2.59 11.29 -8.34
N PRO A 30 1.40 11.88 -8.09
CA PRO A 30 0.16 11.11 -7.82
C PRO A 30 -0.28 10.28 -9.02
N TYR A 31 0.11 10.72 -10.19
CA TYR A 31 -0.24 10.05 -11.43
C TYR A 31 0.77 8.96 -11.76
N GLU A 32 1.76 8.83 -10.90
CA GLU A 32 2.77 7.79 -10.99
C GLU A 32 2.40 6.65 -10.07
N CYS A 33 1.17 6.64 -9.66
CA CYS A 33 0.71 5.62 -8.76
C CYS A 33 0.27 4.39 -9.54
N GLY A 34 0.39 3.22 -8.93
CA GLY A 34 0.01 1.99 -9.56
C GLY A 34 -0.24 0.87 -8.56
N PRO A 35 0.78 0.04 -8.28
CA PRO A 35 0.65 -1.14 -7.40
C PRO A 35 0.41 -0.80 -5.90
N SER A 36 -0.83 -1.04 -5.44
CA SER A 36 -1.26 -0.80 -4.07
C SER A 36 -2.61 -1.41 -3.76
N LEU A 37 -2.81 -1.66 -2.48
CA LEU A 37 -4.06 -2.08 -1.91
C LEU A 37 -5.12 -1.02 -2.07
N ASP A 38 -6.25 -1.41 -2.59
CA ASP A 38 -7.36 -0.48 -2.83
C ASP A 38 -8.09 -0.22 -1.52
N VAL A 39 -8.27 1.05 -1.18
CA VAL A 39 -8.87 1.45 0.11
C VAL A 39 -9.89 2.58 -0.07
N CYS A 40 -10.66 2.82 0.97
CA CYS A 40 -11.65 3.88 0.96
C CYS A 40 -11.13 5.09 1.71
N ALA A 41 -11.32 6.24 1.14
CA ALA A 41 -10.91 7.46 1.77
C ALA A 41 -12.00 8.47 1.61
N GLN A 42 -12.06 9.39 2.49
CA GLN A 42 -13.06 10.41 2.45
C GLN A 42 -12.42 11.72 2.10
N ASP A 43 -13.01 12.40 1.17
CA ASP A 43 -12.57 13.70 0.75
C ASP A 43 -13.06 14.73 1.75
N GLU A 44 -12.25 15.73 2.04
CA GLU A 44 -12.63 16.72 3.03
C GLU A 44 -13.35 17.95 2.46
N ARG A 45 -13.59 17.97 1.17
CA ARG A 45 -14.29 19.09 0.56
C ARG A 45 -15.74 18.69 0.32
N SER A 46 -15.92 17.62 -0.41
CA SER A 46 -17.25 17.15 -0.73
C SER A 46 -17.71 16.04 0.22
N LYS A 47 -16.80 15.66 1.15
CA LYS A 47 -17.05 14.64 2.18
C LYS A 47 -17.46 13.29 1.61
N ARG A 48 -17.07 13.06 0.40
CA ARG A 48 -17.40 11.85 -0.31
C ARG A 48 -16.44 10.76 0.03
N ILE A 49 -16.91 9.55 0.10
CA ILE A 49 -16.05 8.43 0.27
C ILE A 49 -15.66 7.98 -1.12
N LEU A 50 -14.42 8.07 -1.43
CA LEU A 50 -13.96 7.70 -2.73
C LEU A 50 -12.92 6.62 -2.63
N PRO A 51 -12.90 5.75 -3.59
CA PRO A 51 -11.95 4.67 -3.67
C PRO A 51 -10.56 5.16 -4.07
N LEU A 52 -9.63 5.03 -3.18
CA LEU A 52 -8.27 5.38 -3.42
C LEU A 52 -7.44 4.12 -3.33
N THR A 53 -6.17 4.28 -3.32
CA THR A 53 -5.27 3.20 -3.18
C THR A 53 -4.23 3.67 -2.16
N VAL A 54 -3.59 2.77 -1.42
CA VAL A 54 -2.58 3.17 -0.42
C VAL A 54 -1.47 4.07 -0.99
N CYS A 55 -0.89 3.67 -2.10
CA CYS A 55 0.06 4.47 -2.88
C CYS A 55 -0.48 5.87 -3.11
N LYS A 56 -1.70 5.93 -3.64
CA LYS A 56 -2.36 7.16 -3.99
C LYS A 56 -2.45 8.05 -2.80
N MET A 57 -3.22 7.64 -1.81
CA MET A 57 -3.49 8.40 -0.59
C MET A 57 -2.23 8.92 0.08
N HIS A 58 -1.17 8.16 0.03
CA HIS A 58 0.08 8.60 0.66
C HIS A 58 0.68 9.79 -0.07
N VAL A 59 0.84 9.66 -1.37
CA VAL A 59 1.36 10.75 -2.20
C VAL A 59 0.36 11.92 -2.15
N LEU A 60 -0.89 11.56 -2.30
CA LEU A 60 -2.08 12.41 -2.21
C LEU A 60 -2.01 13.30 -0.94
N HIS A 61 -1.70 12.66 0.17
CA HIS A 61 -1.71 13.32 1.44
C HIS A 61 -0.48 14.19 1.63
N CYS A 62 0.65 13.77 1.08
CA CYS A 62 1.86 14.55 1.28
C CYS A 62 1.92 15.71 0.28
N GLN A 63 1.14 15.58 -0.79
CA GLN A 63 0.96 16.67 -1.74
C GLN A 63 0.20 17.82 -1.11
N GLY A 64 -0.55 17.52 -0.06
CA GLY A 64 -1.27 18.55 0.65
C GLY A 64 -2.76 18.43 0.50
N ARG A 65 -3.24 17.26 0.13
CA ARG A 65 -4.66 17.06 -0.03
C ARG A 65 -5.24 16.44 1.23
N ASN A 66 -6.33 17.00 1.69
CA ASN A 66 -6.95 16.58 2.93
C ASN A 66 -7.93 15.47 2.70
N TYR A 67 -7.58 14.33 3.17
CA TYR A 67 -8.38 13.13 3.07
C TYR A 67 -8.34 12.38 4.36
N THR A 68 -9.44 11.81 4.69
CA THR A 68 -9.62 11.03 5.88
C THR A 68 -9.74 9.56 5.47
N LEU A 69 -9.31 8.63 6.29
CA LEU A 69 -9.48 7.23 5.97
C LEU A 69 -10.82 6.72 6.46
N THR A 70 -11.43 5.88 5.68
CA THR A 70 -12.70 5.32 6.03
C THR A 70 -12.69 3.81 5.82
N GLY A 71 -13.69 3.13 6.34
CA GLY A 71 -13.77 1.70 6.24
C GLY A 71 -14.01 1.24 4.82
N ARG A 72 -13.64 -0.01 4.54
CA ARG A 72 -13.74 -0.59 3.19
C ARG A 72 -15.21 -0.72 2.76
N ASP A 73 -16.11 -0.63 3.72
CA ASP A 73 -17.54 -0.74 3.46
C ASP A 73 -18.09 0.58 2.95
N SER A 74 -17.38 1.65 3.24
CA SER A 74 -17.85 2.99 2.92
C SER A 74 -17.79 3.29 1.42
N CYS A 75 -16.89 2.65 0.70
CA CYS A 75 -16.82 2.86 -0.73
C CYS A 75 -16.81 1.52 -1.41
N THR A 76 -16.88 1.53 -2.70
CA THR A 76 -16.80 0.35 -3.47
C THR A 76 -15.51 0.35 -4.27
N LEU A 77 -14.57 -0.46 -3.84
CA LEU A 77 -13.33 -0.60 -4.54
C LEU A 77 -13.52 -1.39 -5.81
N PRO A 78 -12.64 -1.14 -6.78
CA PRO A 78 -12.59 -1.87 -8.06
C PRO A 78 -12.60 -3.38 -7.83
N ALA A 79 -11.73 -3.83 -6.94
CA ALA A 79 -11.67 -5.20 -6.55
C ALA A 79 -11.84 -5.28 -5.07
N SER A 80 -12.99 -5.70 -4.66
CA SER A 80 -13.33 -5.68 -3.29
C SER A 80 -12.79 -6.92 -2.56
N ALA A 81 -13.38 -8.07 -2.81
CA ALA A 81 -13.00 -9.29 -2.12
C ALA A 81 -11.94 -10.03 -2.86
N GLU A 82 -12.02 -10.00 -4.16
CA GLU A 82 -11.12 -10.72 -5.00
C GLU A 82 -10.50 -9.80 -5.99
N LYS A 83 -9.26 -10.03 -6.26
CA LYS A 83 -8.47 -9.12 -7.03
C LYS A 83 -8.34 -9.60 -8.47
N ALA A 84 -8.64 -8.72 -9.39
CA ALA A 84 -8.67 -9.03 -10.80
C ALA A 84 -7.36 -8.67 -11.47
N CYS A 85 -7.09 -9.30 -12.61
CA CYS A 85 -5.89 -9.09 -13.40
C CYS A 85 -5.75 -7.63 -13.81
N GLY A 86 -4.53 -7.14 -13.81
CA GLY A 86 -4.26 -5.77 -14.14
C GLY A 86 -3.98 -4.97 -12.90
N ALA A 87 -4.01 -5.65 -11.79
CA ALA A 87 -3.75 -5.08 -10.52
C ALA A 87 -3.13 -6.18 -9.71
N CYS A 88 -2.98 -5.94 -8.42
CA CYS A 88 -2.50 -6.93 -7.42
C CYS A 88 -1.17 -7.74 -7.78
N PRO A 89 -0.17 -7.22 -8.61
CA PRO A 89 0.98 -8.05 -9.01
C PRO A 89 2.07 -8.11 -7.94
N LEU A 90 1.78 -7.53 -6.79
CA LEU A 90 2.72 -7.46 -5.69
C LEU A 90 2.76 -8.79 -4.95
N TRP A 91 1.61 -9.39 -4.82
CA TRP A 91 1.46 -10.63 -4.09
C TRP A 91 0.78 -11.67 -4.93
N GLY A 92 0.61 -11.37 -6.19
CA GLY A 92 -0.12 -12.23 -7.03
C GLY A 92 0.32 -12.10 -8.43
N LYS A 93 -0.12 -12.99 -9.24
CA LYS A 93 0.22 -13.03 -10.63
C LYS A 93 -1.02 -13.25 -11.47
N CYS A 94 -0.93 -12.81 -12.69
CA CYS A 94 -1.93 -13.00 -13.69
C CYS A 94 -1.25 -13.63 -14.87
N ASP A 95 -1.14 -14.93 -14.83
CA ASP A 95 -0.43 -15.66 -15.85
C ASP A 95 -1.30 -16.74 -16.44
N ALA A 96 -1.27 -16.83 -17.76
CA ALA A 96 -1.97 -17.84 -18.55
C ALA A 96 -3.49 -17.86 -18.36
N GLU A 97 -3.96 -18.62 -17.41
CA GLU A 97 -5.40 -18.83 -17.21
C GLU A 97 -6.01 -17.77 -16.33
N SER A 98 -5.23 -17.30 -15.40
CA SER A 98 -5.68 -16.38 -14.37
C SER A 98 -6.32 -15.11 -14.94
N SER A 99 -7.61 -14.98 -14.72
CA SER A 99 -8.35 -13.79 -15.05
C SER A 99 -8.41 -12.92 -13.79
N LYS A 100 -8.44 -13.60 -12.66
CA LYS A 100 -8.21 -12.97 -11.39
C LYS A 100 -6.74 -13.16 -11.11
N CYS A 101 -6.21 -12.57 -10.09
CA CYS A 101 -4.82 -12.84 -9.83
C CYS A 101 -4.73 -13.86 -8.72
N VAL A 102 -3.76 -14.73 -8.82
CA VAL A 102 -3.58 -15.75 -7.83
C VAL A 102 -2.44 -15.34 -6.95
N CYS A 103 -2.65 -15.45 -5.70
CA CYS A 103 -1.77 -14.89 -4.73
C CYS A 103 -0.81 -15.90 -4.17
N ARG A 104 0.37 -15.43 -3.89
CA ARG A 104 1.46 -16.18 -3.37
C ARG A 104 1.58 -15.87 -1.89
N GLU A 105 2.54 -16.48 -1.24
CA GLU A 105 2.82 -16.18 0.16
C GLU A 105 3.57 -14.85 0.29
N ALA A 106 3.61 -14.33 1.50
CA ALA A 106 4.29 -13.09 1.81
C ALA A 106 5.78 -13.24 1.60
N SER A 107 6.23 -14.46 1.75
CA SER A 107 7.59 -14.84 1.58
C SER A 107 7.98 -14.80 0.08
N GLU A 108 6.97 -14.73 -0.78
CA GLU A 108 7.14 -14.73 -2.22
C GLU A 108 6.81 -13.35 -2.78
N CYS A 109 6.96 -12.33 -1.93
CA CYS A 109 6.70 -10.92 -2.26
C CYS A 109 7.38 -10.50 -3.57
N GLU A 110 6.59 -10.09 -4.53
CA GLU A 110 7.12 -9.74 -5.84
C GLU A 110 7.28 -8.24 -6.03
N GLU A 111 6.54 -7.47 -5.27
CA GLU A 111 6.66 -6.02 -5.35
C GLU A 111 6.55 -5.45 -3.97
N GLU A 112 7.40 -4.51 -3.69
CA GLU A 112 7.50 -3.94 -2.40
C GLU A 112 6.67 -2.70 -2.37
N GLY A 113 5.45 -2.94 -2.04
CA GLY A 113 4.50 -1.89 -1.81
C GLY A 113 4.82 -1.08 -0.55
N PHE A 114 3.84 -0.41 -0.07
CA PHE A 114 3.97 0.41 1.09
C PHE A 114 3.85 -0.38 2.37
N SER A 115 4.30 0.23 3.42
CA SER A 115 4.20 -0.35 4.72
C SER A 115 2.90 0.14 5.36
N ILE A 116 2.02 -0.77 5.67
CA ILE A 116 0.72 -0.42 6.24
C ILE A 116 0.54 -1.08 7.60
N CYS A 117 -0.27 -0.50 8.43
CA CYS A 117 -0.54 -1.07 9.71
C CYS A 117 -1.81 -1.90 9.60
N VAL A 118 -1.70 -3.15 9.89
CA VAL A 118 -2.82 -4.04 9.79
C VAL A 118 -3.03 -4.78 11.13
N GLU A 119 -4.28 -4.91 11.54
CA GLU A 119 -4.63 -5.60 12.76
C GLU A 119 -4.69 -7.09 12.50
N VAL A 120 -3.77 -7.80 13.05
CA VAL A 120 -3.63 -9.21 12.87
C VAL A 120 -3.33 -9.84 14.22
N ASN A 121 -3.97 -10.97 14.54
CA ASN A 121 -3.75 -11.70 15.82
C ASN A 121 -4.34 -10.94 17.00
N GLY A 122 -5.05 -9.88 16.68
CA GLY A 122 -5.63 -9.03 17.69
C GLY A 122 -4.73 -7.85 17.97
N LYS A 123 -3.57 -7.86 17.36
CA LYS A 123 -2.59 -6.82 17.54
C LYS A 123 -2.47 -6.06 16.24
N GLU A 124 -1.89 -4.93 16.27
CA GLU A 124 -1.66 -4.23 15.05
C GLU A 124 -0.20 -4.31 14.74
N GLN A 125 0.11 -4.71 13.55
CA GLN A 125 1.46 -4.85 13.11
C GLN A 125 1.61 -4.20 11.74
N THR A 126 2.79 -3.74 11.43
CA THR A 126 3.07 -3.13 10.17
C THR A 126 3.75 -4.13 9.27
N MET A 127 3.19 -4.35 8.17
CA MET A 127 3.75 -5.25 7.22
C MET A 127 3.76 -4.58 5.87
N SER A 128 4.36 -5.22 4.92
CA SER A 128 4.44 -4.66 3.61
C SER A 128 3.19 -5.07 2.81
N GLU A 129 2.82 -4.27 1.84
CA GLU A 129 1.66 -4.53 0.97
C GLU A 129 1.60 -5.92 0.37
N CYS A 130 2.71 -6.42 -0.15
CA CYS A 130 2.75 -7.76 -0.74
C CYS A 130 2.47 -8.82 0.31
N GLU A 131 2.86 -8.51 1.51
CA GLU A 131 2.73 -9.37 2.65
C GLU A 131 1.28 -9.36 3.08
N ALA A 132 0.77 -8.18 3.43
CA ALA A 132 -0.60 -8.02 3.89
C ALA A 132 -1.58 -8.53 2.85
N GLY A 133 -1.33 -8.18 1.60
CA GLY A 133 -2.17 -8.58 0.50
C GLY A 133 -2.21 -10.07 0.32
N ALA A 134 -1.06 -10.72 0.47
CA ALA A 134 -0.98 -12.17 0.33
C ALA A 134 -1.84 -12.86 1.38
N LEU A 135 -1.64 -12.46 2.64
CA LEU A 135 -2.43 -13.00 3.75
C LEU A 135 -3.93 -12.72 3.54
N ARG A 136 -4.22 -11.53 3.03
CA ARG A 136 -5.58 -11.10 2.74
C ARG A 136 -6.23 -11.97 1.69
N CYS A 137 -5.47 -12.27 0.68
CA CYS A 137 -5.94 -12.98 -0.47
C CYS A 137 -6.14 -14.47 -0.18
N ARG A 138 -5.32 -15.03 0.73
CA ARG A 138 -5.40 -16.45 1.06
C ARG A 138 -6.55 -16.76 2.02
N GLY A 139 -6.95 -15.79 2.80
CA GLY A 139 -8.02 -16.03 3.74
C GLY A 139 -7.53 -16.05 5.17
N GLN A 140 -6.35 -15.52 5.38
CA GLN A 140 -5.80 -15.34 6.73
C GLN A 140 -6.57 -14.16 7.36
N SER A 141 -6.68 -14.14 8.68
CA SER A 141 -7.37 -13.06 9.32
C SER A 141 -6.42 -11.90 9.65
N ILE A 142 -6.64 -10.79 8.98
CA ILE A 142 -5.87 -9.54 9.12
C ILE A 142 -6.90 -8.43 8.88
N SER A 143 -6.70 -7.27 9.40
CA SER A 143 -7.60 -6.17 9.14
C SER A 143 -6.80 -4.92 8.83
N VAL A 144 -6.79 -4.48 7.60
CA VAL A 144 -6.05 -3.25 7.28
C VAL A 144 -6.75 -2.06 7.92
N THR A 145 -6.17 -1.62 9.00
CA THR A 145 -6.70 -0.55 9.77
C THR A 145 -6.18 0.79 9.28
N SER A 146 -4.96 0.79 8.83
CA SER A 146 -4.34 2.01 8.37
C SER A 146 -3.41 1.75 7.19
N ILE A 147 -3.38 2.66 6.22
CA ILE A 147 -2.48 2.52 5.08
C ILE A 147 -1.12 3.06 5.49
N ARG A 148 -1.10 3.68 6.65
CA ARG A 148 0.09 4.21 7.25
C ARG A 148 0.71 3.16 8.14
N PRO A 149 2.05 3.12 8.25
CA PRO A 149 2.73 2.17 9.12
C PRO A 149 2.55 2.52 10.60
N CYS A 150 2.60 1.53 11.45
CA CYS A 150 2.50 1.80 12.85
C CYS A 150 3.83 1.58 13.56
N ALA A 151 3.96 2.13 14.77
CA ALA A 151 5.21 2.01 15.55
C ALA A 151 5.39 0.59 16.05
N ALA A 152 4.35 -0.20 15.89
CA ALA A 152 4.35 -1.61 16.19
C ALA A 152 5.44 -2.31 15.42
N GLU A 153 5.53 -1.95 14.16
CA GLU A 153 6.43 -2.54 13.18
C GLU A 153 6.17 -4.02 13.05
N THR A 154 6.81 -4.79 13.84
CA THR A 154 6.64 -6.22 13.78
C THR A 154 6.55 -6.82 15.19
N GLN A 155 6.60 -5.96 16.16
CA GLN A 155 6.57 -6.37 17.53
C GLN A 155 5.13 -6.34 18.04
N GLY A 1 26.85 -14.17 0.01
CA GLY A 1 27.64 -13.79 1.18
C GLY A 1 27.49 -12.33 1.45
N SER A 2 28.60 -11.63 1.51
CA SER A 2 28.59 -10.22 1.77
C SER A 2 27.98 -9.47 0.58
N HIS A 3 26.77 -8.98 0.79
CA HIS A 3 25.94 -8.33 -0.22
C HIS A 3 25.32 -9.37 -1.13
N MET A 4 24.10 -9.73 -0.81
CA MET A 4 23.37 -10.75 -1.54
C MET A 4 22.79 -10.18 -2.82
N ASN A 5 22.55 -8.89 -2.82
CA ASN A 5 21.97 -8.21 -3.95
C ASN A 5 22.46 -6.76 -3.94
N PRO A 6 22.49 -6.06 -5.09
CA PRO A 6 22.84 -4.65 -5.13
C PRO A 6 21.70 -3.82 -4.56
N LEU A 7 21.94 -3.21 -3.41
CA LEU A 7 20.90 -2.45 -2.71
C LEU A 7 20.53 -1.21 -3.48
N THR A 8 19.52 -1.33 -4.29
CA THR A 8 19.01 -0.23 -5.01
C THR A 8 17.84 0.37 -4.23
N GLN A 9 17.11 -0.50 -3.54
CA GLN A 9 15.99 -0.09 -2.75
C GLN A 9 16.46 0.34 -1.39
N ALA A 10 16.91 1.54 -1.35
CA ALA A 10 17.34 2.19 -0.15
C ALA A 10 17.03 3.62 -0.32
N VAL A 11 16.09 4.05 0.43
CA VAL A 11 15.65 5.36 0.35
C VAL A 11 16.46 6.24 1.29
N PRO A 12 16.70 7.50 0.92
CA PRO A 12 17.35 8.47 1.79
C PRO A 12 16.38 8.93 2.88
N LYS A 13 16.71 10.02 3.53
CA LYS A 13 15.89 10.48 4.62
C LYS A 13 14.68 11.28 4.15
N CYS A 14 13.80 10.60 3.50
CA CYS A 14 12.55 11.13 3.02
C CYS A 14 11.52 10.09 3.35
N GLN A 15 10.26 10.42 3.28
CA GLN A 15 9.25 9.43 3.51
C GLN A 15 9.03 8.66 2.23
N ARG A 16 8.42 7.50 2.31
CA ARG A 16 8.22 6.62 1.13
C ARG A 16 7.33 7.22 0.04
N TRP A 17 6.56 8.22 0.40
CA TRP A 17 5.72 8.94 -0.55
C TRP A 17 6.47 10.16 -1.11
N GLU A 18 7.70 10.28 -0.71
CA GLU A 18 8.57 11.34 -1.12
C GLU A 18 9.79 10.71 -1.77
N LYS A 19 10.49 11.47 -2.56
CA LYS A 19 11.69 10.98 -3.20
C LYS A 19 12.74 12.06 -3.24
N LEU A 20 13.98 11.65 -3.14
CA LEU A 20 15.09 12.56 -3.08
C LEU A 20 15.56 12.93 -4.48
N GLN A 21 15.31 14.14 -4.88
CA GLN A 21 15.79 14.65 -6.12
C GLN A 21 16.44 15.96 -5.81
N ASN A 22 17.50 16.31 -6.51
CA ASN A 22 18.16 17.61 -6.35
C ASN A 22 18.65 17.77 -4.88
N SER A 23 18.95 16.64 -4.25
CA SER A 23 19.40 16.57 -2.86
C SER A 23 18.31 17.05 -1.86
N ARG A 24 17.04 17.02 -2.26
CA ARG A 24 15.95 17.43 -1.39
C ARG A 24 14.84 16.39 -1.51
N CYS A 25 13.95 16.36 -0.57
CA CYS A 25 12.86 15.40 -0.62
C CYS A 25 11.62 16.06 -1.15
N VAL A 26 11.15 15.63 -2.28
CA VAL A 26 9.93 16.17 -2.84
C VAL A 26 8.88 15.09 -2.79
N CYS A 27 7.65 15.43 -3.06
CA CYS A 27 6.58 14.46 -3.04
C CYS A 27 6.48 13.81 -4.41
N LYS A 28 6.28 12.51 -4.39
CA LYS A 28 6.19 11.66 -5.59
C LYS A 28 4.84 11.94 -6.28
N MET A 29 4.63 11.43 -7.47
CA MET A 29 3.35 11.61 -8.11
C MET A 29 2.44 10.40 -7.93
N PRO A 30 1.10 10.62 -7.80
CA PRO A 30 0.13 9.54 -7.56
C PRO A 30 0.09 8.50 -8.68
N TYR A 31 0.18 8.95 -9.93
CA TYR A 31 0.12 8.04 -11.10
C TYR A 31 1.46 7.29 -11.23
N GLU A 32 2.41 7.76 -10.48
CA GLU A 32 3.75 7.29 -10.52
C GLU A 32 3.96 6.25 -9.40
N CYS A 33 2.90 5.97 -8.65
CA CYS A 33 3.00 5.00 -7.59
C CYS A 33 1.99 3.89 -7.81
N GLY A 34 2.44 2.81 -8.39
CA GLY A 34 1.59 1.68 -8.69
C GLY A 34 1.43 0.71 -7.52
N PRO A 35 2.51 -0.02 -7.14
CA PRO A 35 2.47 -1.03 -6.06
C PRO A 35 2.02 -0.47 -4.69
N SER A 36 0.76 -0.75 -4.33
CA SER A 36 0.16 -0.32 -3.09
C SER A 36 -1.13 -1.11 -2.85
N LEU A 37 -1.57 -1.19 -1.62
CA LEU A 37 -2.84 -1.77 -1.25
C LEU A 37 -3.99 -0.80 -1.46
N ASP A 38 -5.07 -1.27 -2.05
CA ASP A 38 -6.26 -0.43 -2.23
C ASP A 38 -7.01 -0.29 -0.93
N VAL A 39 -7.49 0.92 -0.69
CA VAL A 39 -8.23 1.28 0.53
C VAL A 39 -9.38 2.26 0.20
N CYS A 40 -10.28 2.45 1.14
CA CYS A 40 -11.37 3.39 0.95
C CYS A 40 -11.04 4.70 1.62
N ALA A 41 -11.18 5.76 0.90
CA ALA A 41 -10.88 7.05 1.42
C ALA A 41 -12.01 8.01 1.17
N GLN A 42 -12.20 8.91 2.07
CA GLN A 42 -13.20 9.91 1.94
C GLN A 42 -12.57 11.19 1.49
N ASP A 43 -13.10 11.76 0.44
CA ASP A 43 -12.66 13.07 -0.01
C ASP A 43 -13.20 14.10 0.95
N GLU A 44 -12.39 15.00 1.41
CA GLU A 44 -12.83 15.98 2.38
C GLU A 44 -13.79 17.03 1.85
N ARG A 45 -13.61 17.43 0.64
CA ARG A 45 -14.41 18.50 0.11
C ARG A 45 -15.76 18.02 -0.39
N SER A 46 -15.77 16.88 -1.00
CA SER A 46 -16.97 16.31 -1.56
C SER A 46 -17.62 15.33 -0.56
N LYS A 47 -16.85 14.94 0.47
CA LYS A 47 -17.27 13.99 1.53
C LYS A 47 -17.67 12.61 1.01
N ARG A 48 -17.25 12.29 -0.19
CA ARG A 48 -17.61 11.03 -0.79
C ARG A 48 -16.51 10.02 -0.56
N ILE A 49 -16.87 8.78 -0.46
CA ILE A 49 -15.90 7.76 -0.28
C ILE A 49 -15.51 7.25 -1.65
N LEU A 50 -14.25 7.21 -1.92
CA LEU A 50 -13.74 6.72 -3.15
C LEU A 50 -12.60 5.75 -2.88
N PRO A 51 -12.46 4.76 -3.73
CA PRO A 51 -11.37 3.80 -3.65
C PRO A 51 -10.04 4.45 -4.02
N LEU A 52 -9.13 4.38 -3.14
CA LEU A 52 -7.80 4.85 -3.37
C LEU A 52 -6.86 3.75 -3.08
N THR A 53 -5.63 4.04 -3.17
CA THR A 53 -4.65 3.08 -2.89
C THR A 53 -3.66 3.79 -1.95
N VAL A 54 -3.07 3.05 -1.01
CA VAL A 54 -2.22 3.61 0.05
C VAL A 54 -1.14 4.63 -0.41
N CYS A 55 -0.32 4.29 -1.40
CA CYS A 55 0.69 5.23 -1.84
C CYS A 55 0.04 6.45 -2.46
N LYS A 56 -0.97 6.24 -3.34
CA LYS A 56 -1.75 7.37 -3.92
C LYS A 56 -2.16 8.35 -2.85
N MET A 57 -2.92 7.87 -1.85
CA MET A 57 -3.38 8.69 -0.71
C MET A 57 -2.21 9.43 -0.02
N HIS A 58 -1.16 8.70 0.34
CA HIS A 58 -0.01 9.32 1.04
C HIS A 58 0.67 10.38 0.19
N VAL A 59 0.84 10.06 -1.07
CA VAL A 59 1.41 10.96 -2.03
C VAL A 59 0.49 12.16 -2.24
N LEU A 60 -0.76 11.88 -2.38
CA LEU A 60 -1.81 12.86 -2.48
C LEU A 60 -1.80 13.77 -1.22
N HIS A 61 -1.43 13.19 -0.11
CA HIS A 61 -1.32 13.89 1.14
C HIS A 61 -0.08 14.81 1.14
N CYS A 62 0.99 14.40 0.45
CA CYS A 62 2.18 15.26 0.36
C CYS A 62 2.04 16.28 -0.74
N GLN A 63 1.15 16.00 -1.70
CA GLN A 63 0.82 16.94 -2.74
C GLN A 63 -0.03 18.05 -2.15
N GLY A 64 -0.70 17.75 -1.06
CA GLY A 64 -1.47 18.75 -0.35
C GLY A 64 -2.96 18.56 -0.46
N ARG A 65 -3.40 17.33 -0.46
CA ARG A 65 -4.81 17.05 -0.53
C ARG A 65 -5.31 16.54 0.81
N ASN A 66 -6.57 16.79 1.10
CA ASN A 66 -7.17 16.42 2.37
C ASN A 66 -8.15 15.30 2.16
N TYR A 67 -7.83 14.15 2.66
CA TYR A 67 -8.67 12.98 2.57
C TYR A 67 -8.68 12.27 3.91
N THR A 68 -9.66 11.46 4.13
CA THR A 68 -9.83 10.73 5.37
C THR A 68 -9.90 9.22 5.08
N LEU A 69 -9.35 8.41 5.96
CA LEU A 69 -9.40 6.96 5.79
C LEU A 69 -10.60 6.38 6.50
N THR A 70 -11.50 5.83 5.74
CA THR A 70 -12.68 5.22 6.26
C THR A 70 -12.55 3.69 6.24
N GLY A 71 -13.64 2.98 6.52
CA GLY A 71 -13.58 1.53 6.56
C GLY A 71 -13.56 0.93 5.18
N ARG A 72 -13.21 -0.33 5.06
CA ARG A 72 -13.08 -0.99 3.76
C ARG A 72 -14.47 -1.17 3.14
N ASP A 73 -15.50 -1.04 3.96
CA ASP A 73 -16.88 -1.19 3.51
C ASP A 73 -17.52 0.14 3.16
N SER A 74 -16.73 1.18 3.08
CA SER A 74 -17.31 2.47 2.75
C SER A 74 -17.28 2.72 1.24
N CYS A 75 -16.40 2.06 0.54
CA CYS A 75 -16.32 2.20 -0.89
C CYS A 75 -16.40 0.85 -1.52
N THR A 76 -16.45 0.81 -2.81
CA THR A 76 -16.39 -0.42 -3.52
C THR A 76 -14.94 -0.63 -3.93
N LEU A 77 -14.26 -1.47 -3.22
CA LEU A 77 -12.87 -1.69 -3.44
C LEU A 77 -12.70 -2.76 -4.50
N PRO A 78 -11.86 -2.50 -5.53
CA PRO A 78 -11.68 -3.40 -6.69
C PRO A 78 -11.19 -4.79 -6.27
N ALA A 79 -10.38 -4.83 -5.24
CA ALA A 79 -9.91 -6.07 -4.70
C ALA A 79 -10.09 -6.08 -3.23
N SER A 80 -11.18 -6.65 -2.84
CA SER A 80 -11.55 -6.80 -1.46
C SER A 80 -12.04 -8.22 -1.22
N ALA A 81 -13.16 -8.56 -1.83
CA ALA A 81 -13.69 -9.90 -1.79
C ALA A 81 -13.85 -10.39 -3.21
N GLU A 82 -13.65 -11.70 -3.41
CA GLU A 82 -13.68 -12.36 -4.71
C GLU A 82 -12.52 -11.88 -5.60
N LYS A 83 -11.46 -12.66 -5.59
CA LYS A 83 -10.20 -12.29 -6.23
C LYS A 83 -10.21 -12.78 -7.66
N ALA A 84 -10.05 -11.89 -8.58
CA ALA A 84 -10.11 -12.23 -9.97
C ALA A 84 -9.03 -11.52 -10.70
N CYS A 85 -8.81 -11.91 -11.94
CA CYS A 85 -7.84 -11.26 -12.77
C CYS A 85 -8.35 -9.86 -13.06
N GLY A 86 -7.52 -8.88 -12.86
CA GLY A 86 -7.95 -7.53 -13.08
C GLY A 86 -7.74 -6.68 -11.87
N ALA A 87 -7.67 -7.30 -10.71
CA ALA A 87 -7.39 -6.57 -9.49
C ALA A 87 -6.69 -7.46 -8.47
N CYS A 88 -5.37 -7.29 -8.40
CA CYS A 88 -4.41 -7.97 -7.51
C CYS A 88 -3.01 -7.84 -8.13
N PRO A 89 -2.33 -6.71 -7.92
CA PRO A 89 -1.08 -6.40 -8.62
C PRO A 89 0.17 -7.17 -8.15
N LEU A 90 0.48 -7.10 -6.87
CA LEU A 90 1.71 -7.73 -6.34
C LEU A 90 1.42 -9.15 -5.92
N TRP A 91 0.55 -9.22 -4.93
CA TRP A 91 0.17 -10.41 -4.20
C TRP A 91 -0.70 -11.37 -4.99
N GLY A 92 -1.01 -11.02 -6.20
CA GLY A 92 -1.86 -11.84 -6.97
C GLY A 92 -1.35 -11.97 -8.35
N LYS A 93 -1.61 -13.08 -8.95
CA LYS A 93 -1.19 -13.31 -10.28
C LYS A 93 -2.24 -14.12 -11.02
N CYS A 94 -2.64 -13.61 -12.14
CA CYS A 94 -3.48 -14.31 -13.04
C CYS A 94 -2.73 -14.52 -14.33
N ASP A 95 -2.60 -15.74 -14.73
CA ASP A 95 -1.89 -16.06 -15.95
C ASP A 95 -2.91 -16.48 -17.03
N ALA A 96 -2.44 -17.01 -18.13
CA ALA A 96 -3.28 -17.34 -19.31
C ALA A 96 -4.52 -18.19 -19.01
N GLU A 97 -4.35 -19.30 -18.32
CA GLU A 97 -5.50 -20.18 -18.02
C GLU A 97 -6.08 -19.95 -16.62
N SER A 98 -5.82 -18.79 -16.07
CA SER A 98 -6.33 -18.46 -14.76
C SER A 98 -7.13 -17.15 -14.80
N SER A 99 -8.45 -17.28 -14.80
CA SER A 99 -9.36 -16.14 -14.77
C SER A 99 -9.43 -15.61 -13.34
N LYS A 100 -9.19 -16.52 -12.41
CA LYS A 100 -9.17 -16.20 -11.01
C LYS A 100 -7.81 -15.63 -10.68
N CYS A 101 -7.69 -15.06 -9.53
CA CYS A 101 -6.43 -14.56 -9.10
C CYS A 101 -5.83 -15.55 -8.12
N VAL A 102 -4.59 -15.90 -8.35
CA VAL A 102 -3.90 -16.78 -7.45
C VAL A 102 -2.97 -15.92 -6.64
N CYS A 103 -2.95 -16.15 -5.38
CA CYS A 103 -2.25 -15.27 -4.49
C CYS A 103 -0.87 -15.81 -4.16
N ARG A 104 0.08 -14.94 -4.21
CA ARG A 104 1.48 -15.26 -3.96
C ARG A 104 1.79 -15.09 -2.49
N GLU A 105 2.96 -15.53 -2.08
CA GLU A 105 3.42 -15.34 -0.73
C GLU A 105 4.05 -13.96 -0.59
N ALA A 106 4.20 -13.52 0.64
CA ALA A 106 4.68 -12.19 0.95
C ALA A 106 6.07 -11.96 0.40
N SER A 107 6.90 -12.97 0.45
CA SER A 107 8.26 -12.83 -0.01
C SER A 107 8.42 -13.08 -1.52
N GLU A 108 7.31 -13.28 -2.22
CA GLU A 108 7.38 -13.48 -3.66
C GLU A 108 7.15 -12.16 -4.38
N CYS A 109 6.89 -11.12 -3.62
CA CYS A 109 6.72 -9.81 -4.20
C CYS A 109 8.01 -9.03 -4.13
N GLU A 110 8.40 -8.65 -2.89
CA GLU A 110 9.61 -7.85 -2.63
C GLU A 110 9.55 -6.54 -3.42
N GLU A 111 8.34 -6.05 -3.59
CA GLU A 111 8.11 -4.90 -4.42
C GLU A 111 8.11 -3.63 -3.59
N GLU A 112 8.35 -2.51 -4.25
CA GLU A 112 8.46 -1.21 -3.61
C GLU A 112 7.10 -0.63 -3.19
N GLY A 113 6.50 -1.31 -2.29
CA GLY A 113 5.28 -0.87 -1.68
C GLY A 113 5.58 -0.28 -0.32
N PHE A 114 4.57 0.03 0.43
CA PHE A 114 4.77 0.61 1.74
C PHE A 114 4.68 -0.44 2.83
N SER A 115 4.70 0.05 4.04
CA SER A 115 4.52 -0.74 5.20
C SER A 115 3.28 -0.22 5.89
N ILE A 116 2.30 -1.05 6.04
CA ILE A 116 1.01 -0.64 6.55
C ILE A 116 0.69 -1.40 7.83
N CYS A 117 -0.23 -0.90 8.61
CA CYS A 117 -0.57 -1.57 9.84
C CYS A 117 -1.82 -2.39 9.66
N VAL A 118 -1.78 -3.62 10.06
CA VAL A 118 -2.90 -4.49 9.90
C VAL A 118 -3.18 -5.23 11.20
N GLU A 119 -4.43 -5.33 11.55
CA GLU A 119 -4.86 -6.08 12.67
C GLU A 119 -4.94 -7.53 12.25
N VAL A 120 -4.22 -8.35 12.95
CA VAL A 120 -4.13 -9.74 12.69
C VAL A 120 -4.20 -10.47 14.01
N ASN A 121 -5.09 -11.45 14.10
CA ASN A 121 -5.27 -12.27 15.31
C ASN A 121 -5.91 -11.49 16.46
N GLY A 122 -6.08 -10.21 16.26
CA GLY A 122 -6.65 -9.36 17.26
C GLY A 122 -5.70 -8.25 17.64
N LYS A 123 -4.46 -8.40 17.26
CA LYS A 123 -3.46 -7.40 17.53
C LYS A 123 -3.00 -6.75 16.26
N GLU A 124 -2.24 -5.71 16.37
CA GLU A 124 -1.78 -5.01 15.19
C GLU A 124 -0.36 -5.34 14.86
N GLN A 125 -0.14 -5.59 13.61
CA GLN A 125 1.15 -5.88 13.10
C GLN A 125 1.39 -5.05 11.84
N THR A 126 2.57 -4.56 11.71
CA THR A 126 2.95 -3.84 10.54
C THR A 126 3.39 -4.83 9.50
N MET A 127 2.81 -4.74 8.35
CA MET A 127 3.11 -5.68 7.31
C MET A 127 3.63 -4.94 6.13
N SER A 128 4.26 -5.65 5.26
CA SER A 128 4.69 -5.10 4.01
C SER A 128 3.47 -5.11 3.10
N GLU A 129 3.43 -4.22 2.13
CA GLU A 129 2.31 -4.09 1.19
C GLU A 129 1.83 -5.47 0.67
N CYS A 130 2.78 -6.26 0.20
CA CYS A 130 2.48 -7.57 -0.34
C CYS A 130 1.94 -8.52 0.70
N GLU A 131 2.46 -8.43 1.89
CA GLU A 131 2.11 -9.36 2.94
C GLU A 131 0.66 -9.23 3.31
N ALA A 132 0.28 -8.00 3.66
CA ALA A 132 -1.09 -7.72 4.03
C ALA A 132 -2.03 -8.02 2.87
N GLY A 133 -1.56 -7.70 1.66
CA GLY A 133 -2.33 -7.93 0.47
C GLY A 133 -2.54 -9.40 0.18
N ALA A 134 -1.46 -10.17 0.32
CA ALA A 134 -1.49 -11.59 0.08
C ALA A 134 -2.42 -12.24 1.07
N LEU A 135 -2.39 -11.75 2.29
CA LEU A 135 -3.26 -12.23 3.33
C LEU A 135 -4.74 -11.95 2.99
N ARG A 136 -5.03 -10.73 2.50
CA ARG A 136 -6.41 -10.37 2.08
C ARG A 136 -6.80 -11.17 0.83
N CYS A 137 -5.82 -11.62 0.09
CA CYS A 137 -6.07 -12.37 -1.10
C CYS A 137 -6.38 -13.84 -0.77
N ARG A 138 -5.50 -14.46 0.01
CA ARG A 138 -5.58 -15.89 0.34
C ARG A 138 -6.80 -16.26 1.18
N GLY A 139 -7.27 -15.35 2.00
CA GLY A 139 -8.40 -15.67 2.82
C GLY A 139 -8.10 -15.56 4.29
N GLN A 140 -6.92 -15.07 4.63
CA GLN A 140 -6.53 -14.87 6.03
C GLN A 140 -7.44 -13.81 6.66
N SER A 141 -7.70 -13.91 7.94
CA SER A 141 -8.54 -12.95 8.61
C SER A 141 -7.69 -11.80 9.11
N ILE A 142 -7.79 -10.65 8.45
CA ILE A 142 -7.02 -9.48 8.82
C ILE A 142 -7.84 -8.25 8.58
N SER A 143 -7.52 -7.21 9.27
CA SER A 143 -8.15 -5.95 9.10
C SER A 143 -7.10 -4.87 8.97
N VAL A 144 -6.95 -4.31 7.79
CA VAL A 144 -5.99 -3.23 7.59
C VAL A 144 -6.50 -2.00 8.35
N THR A 145 -5.89 -1.74 9.47
CA THR A 145 -6.32 -0.70 10.35
C THR A 145 -5.78 0.65 9.93
N SER A 146 -4.59 0.66 9.42
CA SER A 146 -3.98 1.90 9.03
C SER A 146 -3.09 1.72 7.81
N ILE A 147 -3.08 2.73 6.95
CA ILE A 147 -2.24 2.75 5.75
C ILE A 147 -0.86 3.28 6.14
N ARG A 148 -0.76 3.61 7.39
CA ARG A 148 0.46 4.06 7.99
C ARG A 148 1.01 2.87 8.75
N PRO A 149 2.32 2.73 8.88
CA PRO A 149 2.90 1.63 9.66
C PRO A 149 2.60 1.85 11.14
N CYS A 150 2.61 0.82 11.93
CA CYS A 150 2.38 1.01 13.33
C CYS A 150 3.64 0.85 14.14
N ALA A 151 3.53 1.09 15.43
CA ALA A 151 4.64 0.92 16.35
C ALA A 151 4.76 -0.56 16.73
N ALA A 152 4.31 -1.41 15.82
CA ALA A 152 4.30 -2.83 16.01
C ALA A 152 5.63 -3.44 15.60
N GLU A 153 6.45 -2.64 14.93
CA GLU A 153 7.78 -3.10 14.54
C GLU A 153 8.74 -2.94 15.71
N THR A 154 8.33 -2.15 16.67
CA THR A 154 9.10 -1.92 17.82
C THR A 154 8.43 -2.58 19.02
N GLN A 155 9.00 -3.65 19.41
CA GLN A 155 8.51 -4.45 20.50
C GLN A 155 9.72 -5.02 21.15
N GLY A 1 31.22 4.29 5.83
CA GLY A 1 32.67 4.45 5.76
C GLY A 1 33.05 5.75 5.11
N SER A 2 34.26 5.81 4.55
CA SER A 2 34.83 7.00 3.91
C SER A 2 35.18 8.04 4.96
N HIS A 3 36.40 7.96 5.43
CA HIS A 3 36.86 8.77 6.53
C HIS A 3 37.45 10.09 6.03
N MET A 4 37.90 10.12 4.81
CA MET A 4 38.52 11.32 4.28
C MET A 4 37.54 12.17 3.50
N ASN A 5 36.96 11.60 2.48
CA ASN A 5 36.04 12.37 1.65
C ASN A 5 34.68 12.39 2.32
N PRO A 6 34.15 13.60 2.61
CA PRO A 6 32.84 13.73 3.23
C PRO A 6 31.69 13.58 2.24
N LEU A 7 31.98 13.74 0.97
CA LEU A 7 30.97 13.65 -0.05
C LEU A 7 30.90 12.23 -0.53
N THR A 8 30.12 11.45 0.15
CA THR A 8 29.99 10.05 -0.12
C THR A 8 28.79 9.78 -1.01
N GLN A 9 27.79 10.63 -0.86
CA GLN A 9 26.50 10.53 -1.50
C GLN A 9 25.77 9.28 -1.00
N ALA A 10 25.29 9.35 0.20
CA ALA A 10 24.56 8.25 0.80
C ALA A 10 23.11 8.51 0.70
N VAL A 11 22.39 7.44 0.49
CA VAL A 11 20.98 7.47 0.37
C VAL A 11 20.32 8.04 1.63
N PRO A 12 19.47 9.05 1.48
CA PRO A 12 18.79 9.69 2.59
C PRO A 12 17.65 8.84 3.13
N LYS A 13 17.26 9.12 4.34
CA LYS A 13 16.22 8.38 4.96
C LYS A 13 14.88 9.05 4.71
N CYS A 14 14.24 8.65 3.65
CA CYS A 14 12.94 9.18 3.31
C CYS A 14 11.91 8.13 3.50
N GLN A 15 10.69 8.52 3.34
CA GLN A 15 9.64 7.55 3.35
C GLN A 15 9.39 7.15 1.89
N ARG A 16 8.65 6.09 1.67
CA ARG A 16 8.45 5.53 0.32
C ARG A 16 7.56 6.39 -0.59
N TRP A 17 6.95 7.40 -0.03
CA TRP A 17 6.14 8.36 -0.79
C TRP A 17 6.95 9.63 -1.01
N GLU A 18 8.21 9.57 -0.61
CA GLU A 18 9.14 10.65 -0.77
C GLU A 18 10.28 10.21 -1.68
N LYS A 19 10.80 11.13 -2.44
CA LYS A 19 11.83 10.85 -3.41
C LYS A 19 12.96 11.86 -3.27
N LEU A 20 14.11 11.47 -3.72
CA LEU A 20 15.29 12.30 -3.71
C LEU A 20 15.42 12.97 -5.05
N GLN A 21 15.34 14.28 -5.06
CA GLN A 21 15.58 15.05 -6.25
C GLN A 21 16.15 16.37 -5.82
N ASN A 22 17.03 16.94 -6.62
CA ASN A 22 17.58 18.29 -6.37
C ASN A 22 18.41 18.26 -5.08
N SER A 23 18.90 17.06 -4.76
CA SER A 23 19.72 16.77 -3.60
C SER A 23 18.91 16.88 -2.28
N ARG A 24 17.60 16.91 -2.39
CA ARG A 24 16.72 17.03 -1.23
C ARG A 24 15.63 15.96 -1.29
N CYS A 25 14.91 15.78 -0.21
CA CYS A 25 13.83 14.82 -0.19
C CYS A 25 12.50 15.56 -0.31
N VAL A 26 11.71 15.18 -1.27
CA VAL A 26 10.42 15.78 -1.54
C VAL A 26 9.40 14.67 -1.74
N CYS A 27 8.16 15.00 -1.94
CA CYS A 27 7.16 13.97 -2.14
C CYS A 27 7.03 13.59 -3.60
N LYS A 28 6.56 12.41 -3.78
CA LYS A 28 6.22 11.84 -5.07
C LYS A 28 4.84 12.41 -5.43
N MET A 29 4.39 12.26 -6.65
CA MET A 29 3.04 12.67 -7.01
C MET A 29 2.12 11.46 -7.14
N PRO A 30 0.80 11.63 -6.83
CA PRO A 30 -0.16 10.51 -6.76
C PRO A 30 -0.39 9.85 -8.10
N TYR A 31 -0.19 10.58 -9.16
CA TYR A 31 -0.34 10.09 -10.51
C TYR A 31 0.90 9.34 -10.98
N GLU A 32 1.95 9.39 -10.18
CA GLU A 32 3.21 8.73 -10.50
C GLU A 32 3.27 7.43 -9.65
N CYS A 33 2.09 7.07 -9.15
CA CYS A 33 1.84 5.90 -8.32
C CYS A 33 2.33 4.58 -8.95
N GLY A 34 2.76 3.68 -8.09
CA GLY A 34 3.18 2.37 -8.48
C GLY A 34 2.48 1.30 -7.63
N PRO A 35 3.17 0.22 -7.27
CA PRO A 35 2.60 -0.87 -6.47
C PRO A 35 2.19 -0.38 -5.08
N SER A 36 0.93 -0.59 -4.75
CA SER A 36 0.36 -0.13 -3.51
C SER A 36 -1.00 -0.79 -3.24
N LEU A 37 -1.36 -0.85 -1.99
CA LEU A 37 -2.61 -1.43 -1.54
C LEU A 37 -3.80 -0.52 -1.80
N ASP A 38 -4.89 -1.09 -2.26
CA ASP A 38 -6.12 -0.33 -2.50
C ASP A 38 -6.75 0.00 -1.18
N VAL A 39 -7.20 1.22 -1.01
CA VAL A 39 -7.85 1.65 0.23
C VAL A 39 -9.06 2.53 -0.06
N CYS A 40 -9.99 2.55 0.83
CA CYS A 40 -11.16 3.37 0.68
C CYS A 40 -11.01 4.59 1.52
N ALA A 41 -11.14 5.73 0.92
CA ALA A 41 -10.94 6.92 1.63
C ALA A 41 -12.07 7.87 1.43
N GLN A 42 -12.18 8.76 2.35
CA GLN A 42 -13.14 9.79 2.31
C GLN A 42 -12.43 11.08 2.01
N ASP A 43 -12.90 11.76 1.01
CA ASP A 43 -12.35 13.04 0.64
C ASP A 43 -12.86 14.07 1.64
N GLU A 44 -11.99 14.88 2.20
CA GLU A 44 -12.41 15.85 3.22
C GLU A 44 -12.92 17.16 2.64
N ARG A 45 -12.79 17.34 1.36
CA ARG A 45 -13.27 18.54 0.72
C ARG A 45 -14.65 18.26 0.14
N SER A 46 -14.77 17.12 -0.50
CA SER A 46 -16.00 16.72 -1.12
C SER A 46 -16.91 15.98 -0.14
N LYS A 47 -16.29 15.28 0.82
CA LYS A 47 -16.99 14.40 1.76
C LYS A 47 -17.72 13.32 0.99
N ARG A 48 -16.93 12.39 0.48
CA ARG A 48 -17.43 11.28 -0.27
C ARG A 48 -16.45 10.15 -0.10
N ILE A 49 -16.92 8.95 -0.28
CA ILE A 49 -16.08 7.79 -0.15
C ILE A 49 -15.63 7.35 -1.53
N LEU A 50 -14.36 7.33 -1.76
CA LEU A 50 -13.84 6.93 -3.04
C LEU A 50 -12.72 5.91 -2.88
N PRO A 51 -12.61 5.00 -3.83
CA PRO A 51 -11.55 4.01 -3.89
C PRO A 51 -10.22 4.66 -4.27
N LEU A 52 -9.24 4.56 -3.42
CA LEU A 52 -7.93 5.08 -3.66
C LEU A 52 -6.92 3.96 -3.54
N THR A 53 -5.70 4.31 -3.58
CA THR A 53 -4.65 3.40 -3.39
C THR A 53 -3.70 4.06 -2.41
N VAL A 54 -2.95 3.27 -1.65
CA VAL A 54 -2.07 3.84 -0.66
C VAL A 54 -0.96 4.70 -1.25
N CYS A 55 -0.59 4.47 -2.49
CA CYS A 55 0.41 5.29 -3.18
C CYS A 55 -0.11 6.72 -3.26
N LYS A 56 -1.26 6.81 -3.83
CA LYS A 56 -1.99 8.00 -4.10
C LYS A 56 -2.26 8.71 -2.80
N MET A 57 -2.95 8.01 -1.92
CA MET A 57 -3.32 8.50 -0.61
C MET A 57 -2.07 8.96 0.21
N HIS A 58 -1.02 8.13 0.27
CA HIS A 58 0.20 8.49 1.07
C HIS A 58 0.82 9.76 0.54
N VAL A 59 0.98 9.76 -0.73
CA VAL A 59 1.56 10.84 -1.43
C VAL A 59 0.72 12.12 -1.31
N LEU A 60 -0.57 12.04 -1.57
CA LEU A 60 -1.41 13.20 -1.46
C LEU A 60 -1.48 13.69 -0.02
N HIS A 61 -1.31 12.76 0.90
CA HIS A 61 -1.38 13.04 2.31
C HIS A 61 -0.18 13.89 2.72
N CYS A 62 0.97 13.66 2.08
CA CYS A 62 2.13 14.47 2.38
C CYS A 62 2.16 15.73 1.52
N GLN A 63 1.43 15.70 0.40
CA GLN A 63 1.30 16.85 -0.46
C GLN A 63 0.51 17.95 0.24
N GLY A 64 -0.41 17.55 1.09
CA GLY A 64 -1.21 18.52 1.82
C GLY A 64 -2.70 18.24 1.70
N ARG A 65 -3.02 17.08 1.17
CA ARG A 65 -4.40 16.67 1.02
C ARG A 65 -4.83 15.91 2.27
N ASN A 66 -6.06 16.08 2.65
CA ASN A 66 -6.58 15.45 3.85
C ASN A 66 -7.62 14.44 3.48
N TYR A 67 -7.41 13.22 3.88
CA TYR A 67 -8.32 12.15 3.60
C TYR A 67 -8.46 11.26 4.79
N THR A 68 -9.64 10.77 4.97
CA THR A 68 -9.95 9.92 6.06
C THR A 68 -10.11 8.50 5.51
N LEU A 69 -9.78 7.48 6.26
CA LEU A 69 -9.96 6.15 5.74
C LEU A 69 -11.24 5.52 6.20
N THR A 70 -11.83 4.77 5.32
CA THR A 70 -13.11 4.16 5.55
C THR A 70 -13.08 2.69 5.14
N GLY A 71 -14.11 1.95 5.48
CA GLY A 71 -14.12 0.55 5.23
C GLY A 71 -14.73 0.18 3.89
N ARG A 72 -14.56 -1.10 3.55
CA ARG A 72 -15.01 -1.72 2.27
C ARG A 72 -16.53 -1.58 2.04
N ASP A 73 -17.22 -1.24 3.09
CA ASP A 73 -18.66 -1.18 3.11
C ASP A 73 -19.14 0.17 2.58
N SER A 74 -18.28 1.15 2.60
CA SER A 74 -18.66 2.48 2.19
C SER A 74 -18.21 2.76 0.74
N CYS A 75 -17.36 1.92 0.25
CA CYS A 75 -16.72 2.10 -1.05
C CYS A 75 -16.86 0.83 -1.89
N THR A 76 -16.20 0.83 -3.02
CA THR A 76 -15.99 -0.36 -3.76
C THR A 76 -14.47 -0.50 -3.88
N LEU A 77 -13.96 -1.65 -3.58
CA LEU A 77 -12.57 -1.87 -3.68
C LEU A 77 -12.33 -3.13 -4.51
N PRO A 78 -11.49 -3.05 -5.54
CA PRO A 78 -11.29 -4.15 -6.49
C PRO A 78 -10.68 -5.43 -5.88
N ALA A 79 -9.48 -5.34 -5.34
CA ALA A 79 -8.77 -6.53 -4.87
C ALA A 79 -8.94 -6.79 -3.42
N SER A 80 -10.07 -6.51 -2.98
CA SER A 80 -10.47 -6.86 -1.68
C SER A 80 -11.04 -8.25 -1.69
N ALA A 81 -11.75 -8.56 -2.74
CA ALA A 81 -12.31 -9.86 -2.91
C ALA A 81 -11.35 -10.69 -3.70
N GLU A 82 -11.59 -11.96 -3.77
CA GLU A 82 -10.73 -12.82 -4.52
C GLU A 82 -10.99 -12.69 -6.00
N LYS A 83 -9.96 -12.37 -6.70
CA LYS A 83 -9.98 -12.18 -8.12
C LYS A 83 -9.60 -13.46 -8.86
N ALA A 84 -9.50 -13.32 -10.14
CA ALA A 84 -9.13 -14.40 -11.03
C ALA A 84 -8.32 -13.82 -12.17
N CYS A 85 -7.82 -14.66 -13.06
CA CYS A 85 -7.05 -14.19 -14.21
C CYS A 85 -7.89 -13.25 -15.06
N GLY A 86 -7.23 -12.32 -15.69
CA GLY A 86 -7.92 -11.28 -16.41
C GLY A 86 -7.79 -10.00 -15.61
N ALA A 87 -7.50 -10.20 -14.35
CA ALA A 87 -7.27 -9.17 -13.38
C ALA A 87 -6.12 -9.66 -12.51
N CYS A 88 -6.04 -9.15 -11.28
CA CYS A 88 -5.02 -9.52 -10.25
C CYS A 88 -3.72 -8.71 -10.37
N PRO A 89 -3.39 -7.94 -9.29
CA PRO A 89 -2.19 -7.09 -9.24
C PRO A 89 -0.92 -7.86 -8.81
N LEU A 90 0.09 -7.14 -8.32
CA LEU A 90 1.39 -7.71 -7.87
C LEU A 90 1.27 -8.96 -6.96
N TRP A 91 0.35 -8.93 -6.01
CA TRP A 91 0.17 -10.07 -5.11
C TRP A 91 -0.78 -11.12 -5.66
N GLY A 92 -1.29 -10.88 -6.83
CA GLY A 92 -2.20 -11.81 -7.46
C GLY A 92 -1.61 -12.26 -8.78
N LYS A 93 -0.97 -13.37 -8.77
CA LYS A 93 -0.23 -13.81 -9.91
C LYS A 93 -1.01 -14.83 -10.68
N CYS A 94 -1.29 -14.54 -11.92
CA CYS A 94 -1.87 -15.53 -12.78
C CYS A 94 -0.72 -16.30 -13.37
N ASP A 95 -0.49 -17.46 -12.80
CA ASP A 95 0.67 -18.27 -13.16
C ASP A 95 0.30 -19.72 -13.24
N ALA A 96 -0.43 -20.16 -12.25
CA ALA A 96 -0.95 -21.52 -12.23
C ALA A 96 -2.22 -21.58 -13.08
N GLU A 97 -3.01 -22.62 -12.90
CA GLU A 97 -4.28 -22.82 -13.59
C GLU A 97 -5.14 -21.55 -13.53
N SER A 98 -5.46 -21.03 -14.70
CA SER A 98 -6.11 -19.73 -14.87
C SER A 98 -7.60 -19.68 -14.49
N SER A 99 -8.02 -20.52 -13.57
CA SER A 99 -9.37 -20.47 -13.08
C SER A 99 -9.44 -19.32 -12.07
N LYS A 100 -8.34 -19.10 -11.38
CA LYS A 100 -8.19 -18.06 -10.40
C LYS A 100 -6.76 -17.57 -10.52
N CYS A 101 -6.41 -16.54 -9.82
CA CYS A 101 -5.03 -16.19 -9.74
C CYS A 101 -4.52 -16.66 -8.39
N VAL A 102 -3.24 -16.79 -8.24
CA VAL A 102 -2.67 -17.27 -7.01
C VAL A 102 -2.11 -16.09 -6.27
N CYS A 103 -2.27 -16.08 -4.99
CA CYS A 103 -1.86 -14.97 -4.22
C CYS A 103 -0.48 -15.25 -3.68
N ARG A 104 0.46 -14.45 -4.09
CA ARG A 104 1.84 -14.61 -3.74
C ARG A 104 2.09 -14.06 -2.36
N GLU A 105 2.89 -14.76 -1.60
CA GLU A 105 3.24 -14.35 -0.26
C GLU A 105 4.09 -13.08 -0.28
N ALA A 106 4.31 -12.51 0.90
CA ALA A 106 5.01 -11.27 1.06
C ALA A 106 6.44 -11.39 0.57
N SER A 107 7.02 -12.52 0.85
CA SER A 107 8.40 -12.79 0.53
C SER A 107 8.58 -13.21 -0.93
N GLU A 108 7.49 -13.37 -1.64
CA GLU A 108 7.53 -13.86 -3.00
C GLU A 108 7.17 -12.70 -3.93
N CYS A 109 7.31 -11.52 -3.39
CA CYS A 109 7.00 -10.29 -4.07
C CYS A 109 8.27 -9.47 -4.16
N GLU A 110 8.46 -8.81 -5.26
CA GLU A 110 9.70 -8.10 -5.52
C GLU A 110 9.56 -6.57 -5.39
N GLU A 111 8.34 -6.07 -5.41
CA GLU A 111 8.14 -4.63 -5.30
C GLU A 111 8.19 -4.17 -3.87
N GLU A 112 7.49 -4.93 -3.03
CA GLU A 112 7.27 -4.68 -1.62
C GLU A 112 6.18 -3.63 -1.39
N GLY A 113 5.91 -2.79 -2.41
CA GLY A 113 5.01 -1.65 -2.24
C GLY A 113 5.42 -0.75 -1.06
N PHE A 114 4.44 -0.30 -0.31
CA PHE A 114 4.65 0.44 0.90
C PHE A 114 4.60 -0.50 2.09
N SER A 115 4.47 0.07 3.24
CA SER A 115 4.26 -0.62 4.42
C SER A 115 3.17 0.11 5.16
N ILE A 116 2.19 -0.61 5.64
CA ILE A 116 0.99 -0.04 6.23
C ILE A 116 0.71 -0.74 7.56
N CYS A 117 -0.20 -0.22 8.34
CA CYS A 117 -0.52 -0.85 9.60
C CYS A 117 -1.85 -1.56 9.45
N VAL A 118 -1.88 -2.84 9.73
CA VAL A 118 -3.09 -3.59 9.56
C VAL A 118 -3.42 -4.35 10.83
N GLU A 119 -4.64 -4.27 11.26
CA GLU A 119 -5.08 -4.98 12.41
C GLU A 119 -5.41 -6.39 11.98
N VAL A 120 -4.73 -7.31 12.58
CA VAL A 120 -4.83 -8.69 12.28
C VAL A 120 -4.78 -9.46 13.58
N ASN A 121 -5.69 -10.41 13.74
CA ASN A 121 -5.74 -11.24 14.95
C ASN A 121 -6.12 -10.41 16.17
N GLY A 122 -6.61 -9.22 15.93
CA GLY A 122 -6.98 -8.35 17.02
C GLY A 122 -5.99 -7.23 17.23
N LYS A 123 -4.77 -7.45 16.83
CA LYS A 123 -3.72 -6.47 17.06
C LYS A 123 -3.22 -5.87 15.76
N GLU A 124 -2.64 -4.71 15.84
CA GLU A 124 -2.12 -4.06 14.67
C GLU A 124 -0.72 -4.53 14.38
N GLN A 125 -0.47 -4.90 13.16
CA GLN A 125 0.83 -5.28 12.72
C GLN A 125 1.17 -4.58 11.41
N THR A 126 2.36 -4.07 11.32
CA THR A 126 2.85 -3.39 10.15
C THR A 126 3.15 -4.41 9.08
N MET A 127 2.53 -4.29 7.96
CA MET A 127 2.75 -5.22 6.90
C MET A 127 3.29 -4.51 5.72
N SER A 128 3.94 -5.24 4.86
CA SER A 128 4.36 -4.68 3.61
C SER A 128 3.16 -4.80 2.67
N GLU A 129 3.14 -4.07 1.57
CA GLU A 129 1.99 -4.11 0.68
C GLU A 129 1.69 -5.53 0.21
N CYS A 130 2.73 -6.19 -0.26
CA CYS A 130 2.61 -7.54 -0.78
C CYS A 130 2.11 -8.51 0.29
N GLU A 131 2.27 -8.13 1.54
CA GLU A 131 1.91 -8.94 2.67
C GLU A 131 0.44 -8.75 2.95
N ALA A 132 0.04 -7.51 3.22
CA ALA A 132 -1.34 -7.18 3.51
C ALA A 132 -2.23 -7.56 2.32
N GLY A 133 -1.68 -7.35 1.13
CA GLY A 133 -2.36 -7.69 -0.09
C GLY A 133 -2.53 -9.17 -0.24
N ALA A 134 -1.48 -9.94 0.07
CA ALA A 134 -1.53 -11.38 0.00
C ALA A 134 -2.60 -11.89 0.93
N LEU A 135 -2.62 -11.36 2.15
CA LEU A 135 -3.62 -11.72 3.11
C LEU A 135 -5.03 -11.41 2.64
N ARG A 136 -5.21 -10.25 2.04
CA ARG A 136 -6.53 -9.86 1.60
C ARG A 136 -6.96 -10.73 0.41
N CYS A 137 -5.98 -11.14 -0.39
CA CYS A 137 -6.21 -12.00 -1.55
C CYS A 137 -6.62 -13.42 -1.10
N ARG A 138 -5.87 -14.00 -0.14
CA ARG A 138 -6.16 -15.37 0.37
C ARG A 138 -7.47 -15.42 1.14
N GLY A 139 -7.91 -14.30 1.63
CA GLY A 139 -9.13 -14.28 2.38
C GLY A 139 -8.86 -14.27 3.86
N GLN A 140 -7.71 -13.78 4.22
CA GLN A 140 -7.38 -13.59 5.59
C GLN A 140 -8.14 -12.39 6.10
N SER A 141 -8.65 -12.46 7.28
CA SER A 141 -9.39 -11.38 7.83
C SER A 141 -8.45 -10.33 8.39
N ILE A 142 -8.35 -9.21 7.71
CA ILE A 142 -7.48 -8.13 8.10
C ILE A 142 -8.22 -6.82 8.05
N SER A 143 -7.85 -5.93 8.90
CA SER A 143 -8.41 -4.62 8.92
C SER A 143 -7.33 -3.57 8.82
N VAL A 144 -7.14 -3.01 7.65
CA VAL A 144 -6.15 -1.96 7.45
C VAL A 144 -6.56 -0.74 8.27
N THR A 145 -5.79 -0.43 9.28
CA THR A 145 -6.12 0.64 10.16
C THR A 145 -5.68 1.96 9.57
N SER A 146 -4.52 1.95 8.97
CA SER A 146 -3.99 3.11 8.35
C SER A 146 -2.97 2.71 7.33
N ILE A 147 -2.74 3.59 6.40
CA ILE A 147 -1.72 3.44 5.39
C ILE A 147 -0.36 3.62 6.06
N ARG A 148 -0.38 4.25 7.22
CA ARG A 148 0.80 4.53 7.97
C ARG A 148 1.33 3.26 8.57
N PRO A 149 2.60 2.95 8.34
CA PRO A 149 3.21 1.79 8.95
C PRO A 149 3.37 2.04 10.43
N CYS A 150 3.00 1.10 11.25
CA CYS A 150 3.07 1.32 12.64
C CYS A 150 4.40 0.82 13.18
N ALA A 151 4.60 0.95 14.48
CA ALA A 151 5.83 0.45 15.09
C ALA A 151 5.64 -1.00 15.49
N ALA A 152 4.59 -1.59 14.94
CA ALA A 152 4.24 -2.96 15.21
C ALA A 152 5.08 -3.90 14.36
N GLU A 153 6.32 -3.95 14.73
CA GLU A 153 7.32 -4.81 14.13
C GLU A 153 7.94 -5.59 15.27
N THR A 154 7.09 -5.86 16.23
CA THR A 154 7.41 -6.46 17.49
C THR A 154 8.03 -7.86 17.40
N GLN A 155 9.34 -7.87 17.42
CA GLN A 155 10.17 -9.03 17.46
C GLN A 155 11.35 -8.72 18.34
N GLY A 1 31.82 15.93 -17.15
CA GLY A 1 30.97 15.94 -15.98
C GLY A 1 31.71 15.39 -14.81
N SER A 2 31.53 15.99 -13.67
CA SER A 2 32.13 15.53 -12.46
C SER A 2 31.19 15.82 -11.32
N HIS A 3 31.02 14.84 -10.42
CA HIS A 3 30.10 14.92 -9.28
C HIS A 3 28.66 14.98 -9.78
N MET A 4 28.11 13.83 -10.07
CA MET A 4 26.77 13.72 -10.62
C MET A 4 25.72 13.98 -9.56
N ASN A 5 25.81 13.26 -8.47
CA ASN A 5 24.85 13.42 -7.40
C ASN A 5 25.62 13.83 -6.17
N PRO A 6 25.20 14.91 -5.48
CA PRO A 6 25.86 15.36 -4.25
C PRO A 6 25.79 14.26 -3.18
N LEU A 7 26.94 13.89 -2.66
CA LEU A 7 27.01 12.83 -1.68
C LEU A 7 26.57 13.32 -0.33
N THR A 8 25.49 12.76 0.13
CA THR A 8 24.91 13.08 1.39
C THR A 8 25.78 12.55 2.56
N GLN A 9 25.43 12.91 3.79
CA GLN A 9 26.22 12.54 4.97
C GLN A 9 26.15 11.05 5.22
N ALA A 10 25.03 10.49 4.90
CA ALA A 10 24.80 9.07 5.03
C ALA A 10 24.04 8.63 3.81
N VAL A 11 23.72 7.35 3.72
CA VAL A 11 22.93 6.86 2.61
C VAL A 11 21.49 7.30 2.84
N PRO A 12 20.96 8.15 1.97
CA PRO A 12 19.67 8.79 2.19
C PRO A 12 18.47 7.86 2.05
N LYS A 13 17.45 8.17 2.82
CA LYS A 13 16.20 7.45 2.80
C LYS A 13 15.08 8.43 2.58
N CYS A 14 14.22 8.10 1.67
CA CYS A 14 13.04 8.88 1.44
C CYS A 14 11.89 7.96 1.68
N GLN A 15 10.72 8.48 1.88
CA GLN A 15 9.58 7.63 2.04
C GLN A 15 9.17 7.04 0.72
N ARG A 16 8.25 6.12 0.74
CA ARG A 16 7.85 5.42 -0.46
C ARG A 16 6.89 6.25 -1.31
N TRP A 17 6.34 7.29 -0.71
CA TRP A 17 5.51 8.26 -1.44
C TRP A 17 6.40 9.43 -1.85
N GLU A 18 7.68 9.27 -1.61
CA GLU A 18 8.67 10.25 -1.88
C GLU A 18 9.67 9.70 -2.89
N LYS A 19 10.43 10.58 -3.46
CA LYS A 19 11.44 10.24 -4.43
C LYS A 19 12.64 11.12 -4.14
N LEU A 20 13.78 10.76 -4.62
CA LEU A 20 14.94 11.52 -4.35
C LEU A 20 15.46 12.18 -5.61
N GLN A 21 15.66 13.47 -5.52
CA GLN A 21 16.23 14.24 -6.57
C GLN A 21 17.06 15.29 -5.92
N ASN A 22 18.15 15.67 -6.55
CA ASN A 22 18.96 16.82 -6.10
C ASN A 22 19.46 16.60 -4.65
N SER A 23 19.75 15.33 -4.36
CA SER A 23 20.24 14.81 -3.06
C SER A 23 19.20 14.91 -1.91
N ARG A 24 17.99 15.31 -2.24
CA ARG A 24 16.96 15.49 -1.25
C ARG A 24 15.72 14.68 -1.59
N CYS A 25 14.84 14.54 -0.66
CA CYS A 25 13.65 13.77 -0.87
C CYS A 25 12.46 14.70 -1.06
N VAL A 26 11.75 14.49 -2.11
CA VAL A 26 10.55 15.24 -2.43
C VAL A 26 9.43 14.25 -2.64
N CYS A 27 8.23 14.69 -2.87
CA CYS A 27 7.12 13.75 -3.04
C CYS A 27 6.97 13.33 -4.48
N LYS A 28 6.47 12.12 -4.64
CA LYS A 28 6.15 11.60 -5.94
C LYS A 28 4.80 12.17 -6.32
N MET A 29 4.53 12.19 -7.57
CA MET A 29 3.24 12.65 -8.05
C MET A 29 2.32 11.44 -8.23
N PRO A 30 0.98 11.64 -8.22
CA PRO A 30 -0.01 10.53 -8.31
C PRO A 30 0.17 9.59 -9.52
N TYR A 31 0.89 10.03 -10.54
CA TYR A 31 1.08 9.21 -11.73
C TYR A 31 2.34 8.37 -11.62
N GLU A 32 3.09 8.63 -10.58
CA GLU A 32 4.27 7.84 -10.25
C GLU A 32 3.85 6.79 -9.25
N CYS A 33 2.58 6.79 -8.94
CA CYS A 33 2.01 5.92 -7.96
C CYS A 33 1.21 4.81 -8.61
N GLY A 34 1.19 3.67 -7.96
CA GLY A 34 0.46 2.54 -8.45
C GLY A 34 0.35 1.44 -7.40
N PRO A 35 1.46 0.72 -7.11
CA PRO A 35 1.46 -0.42 -6.19
C PRO A 35 1.14 -0.05 -4.75
N SER A 36 -0.07 -0.39 -4.31
CA SER A 36 -0.51 -0.19 -2.96
C SER A 36 -1.85 -0.87 -2.73
N LEU A 37 -2.20 -1.03 -1.48
CA LEU A 37 -3.45 -1.59 -1.07
C LEU A 37 -4.59 -0.63 -1.35
N ASP A 38 -5.62 -1.15 -1.96
CA ASP A 38 -6.81 -0.38 -2.25
C ASP A 38 -7.57 -0.14 -0.96
N VAL A 39 -7.93 1.11 -0.71
CA VAL A 39 -8.63 1.53 0.50
C VAL A 39 -9.67 2.62 0.16
N CYS A 40 -10.71 2.72 0.94
CA CYS A 40 -11.72 3.74 0.72
C CYS A 40 -11.48 4.91 1.67
N ALA A 41 -11.58 6.13 1.17
CA ALA A 41 -11.39 7.27 2.03
C ALA A 41 -12.53 8.24 1.85
N GLN A 42 -12.60 9.22 2.68
CA GLN A 42 -13.55 10.27 2.57
C GLN A 42 -12.84 11.56 2.20
N ASP A 43 -13.29 12.20 1.15
CA ASP A 43 -12.75 13.49 0.73
C ASP A 43 -13.21 14.55 1.71
N GLU A 44 -12.32 15.42 2.16
CA GLU A 44 -12.69 16.45 3.14
C GLU A 44 -13.60 17.56 2.61
N ARG A 45 -13.63 17.74 1.32
CA ARG A 45 -14.47 18.77 0.75
C ARG A 45 -15.77 18.16 0.29
N SER A 46 -15.67 17.09 -0.45
CA SER A 46 -16.81 16.45 -1.02
C SER A 46 -17.55 15.58 0.01
N LYS A 47 -16.81 15.08 1.03
CA LYS A 47 -17.34 14.22 2.09
C LYS A 47 -17.89 12.90 1.59
N ARG A 48 -17.55 12.55 0.39
CA ARG A 48 -17.96 11.32 -0.19
C ARG A 48 -16.87 10.29 0.00
N ILE A 49 -17.25 9.04 0.05
CA ILE A 49 -16.31 7.98 0.12
C ILE A 49 -15.81 7.67 -1.28
N LEU A 50 -14.53 7.55 -1.43
CA LEU A 50 -13.91 7.22 -2.69
C LEU A 50 -12.97 6.03 -2.61
N PRO A 51 -12.82 5.32 -3.73
CA PRO A 51 -11.84 4.25 -3.86
C PRO A 51 -10.43 4.81 -4.12
N LEU A 52 -9.56 4.64 -3.19
CA LEU A 52 -8.20 5.09 -3.32
C LEU A 52 -7.26 3.94 -3.08
N THR A 53 -6.02 4.24 -3.03
CA THR A 53 -5.01 3.28 -2.78
C THR A 53 -4.06 3.94 -1.78
N VAL A 54 -3.43 3.15 -0.90
CA VAL A 54 -2.51 3.67 0.17
C VAL A 54 -1.51 4.67 -0.37
N CYS A 55 -0.86 4.29 -1.43
CA CYS A 55 0.13 5.12 -2.07
C CYS A 55 -0.47 6.43 -2.53
N LYS A 56 -1.55 6.37 -3.31
CA LYS A 56 -2.24 7.54 -3.82
C LYS A 56 -2.64 8.46 -2.69
N MET A 57 -3.28 7.91 -1.67
CA MET A 57 -3.66 8.66 -0.47
C MET A 57 -2.45 9.34 0.16
N HIS A 58 -1.34 8.63 0.23
CA HIS A 58 -0.12 9.19 0.87
C HIS A 58 0.51 10.26 0.01
N VAL A 59 0.65 9.98 -1.26
CA VAL A 59 1.19 10.90 -2.24
C VAL A 59 0.34 12.16 -2.27
N LEU A 60 -0.92 11.96 -2.51
CA LEU A 60 -1.88 13.03 -2.58
C LEU A 60 -1.98 13.79 -1.25
N HIS A 61 -1.72 13.11 -0.16
CA HIS A 61 -1.78 13.73 1.14
C HIS A 61 -0.56 14.59 1.35
N CYS A 62 0.62 14.13 0.90
CA CYS A 62 1.82 14.89 1.08
C CYS A 62 1.87 16.03 0.07
N GLN A 63 1.11 15.85 -1.02
CA GLN A 63 0.89 16.92 -2.00
C GLN A 63 0.04 18.04 -1.40
N GLY A 64 -0.66 17.76 -0.30
CA GLY A 64 -1.44 18.77 0.37
C GLY A 64 -2.93 18.58 0.23
N ARG A 65 -3.39 17.35 0.18
CA ARG A 65 -4.82 17.07 0.11
C ARG A 65 -5.22 16.32 1.37
N ASN A 66 -6.38 16.61 1.90
CA ASN A 66 -6.80 16.00 3.16
C ASN A 66 -7.90 15.02 2.93
N TYR A 67 -7.68 13.81 3.41
CA TYR A 67 -8.63 12.74 3.27
C TYR A 67 -8.71 11.98 4.55
N THR A 68 -9.90 11.66 4.91
CA THR A 68 -10.18 10.91 6.09
C THR A 68 -10.29 9.43 5.73
N LEU A 69 -9.72 8.56 6.53
CA LEU A 69 -9.80 7.14 6.26
C LEU A 69 -11.13 6.59 6.71
N THR A 70 -11.66 5.70 5.94
CA THR A 70 -12.92 5.08 6.23
C THR A 70 -12.81 3.56 6.09
N GLY A 71 -13.91 2.88 6.19
CA GLY A 71 -13.88 1.44 6.12
C GLY A 71 -13.80 0.93 4.69
N ARG A 72 -13.59 -0.35 4.57
CA ARG A 72 -13.45 -1.04 3.32
C ARG A 72 -14.76 -0.97 2.59
N ASP A 73 -15.74 -1.44 3.26
CA ASP A 73 -17.08 -1.61 2.74
C ASP A 73 -17.82 -0.25 2.61
N SER A 74 -17.04 0.81 2.58
CA SER A 74 -17.60 2.12 2.38
C SER A 74 -17.62 2.48 0.88
N CYS A 75 -16.70 1.90 0.13
CA CYS A 75 -16.70 2.11 -1.31
C CYS A 75 -16.59 0.81 -2.02
N THR A 76 -16.88 0.82 -3.28
CA THR A 76 -16.74 -0.33 -4.09
C THR A 76 -15.31 -0.37 -4.59
N LEU A 77 -14.50 -1.12 -3.89
CA LEU A 77 -13.08 -1.17 -4.10
C LEU A 77 -12.77 -1.78 -5.49
N PRO A 78 -11.87 -1.17 -6.24
CA PRO A 78 -11.55 -1.59 -7.61
C PRO A 78 -10.41 -2.62 -7.68
N ALA A 79 -9.73 -2.63 -8.82
CA ALA A 79 -8.67 -3.51 -9.09
C ALA A 79 -7.71 -2.85 -10.05
N SER A 80 -6.62 -3.53 -10.29
CA SER A 80 -5.58 -3.07 -11.16
C SER A 80 -6.03 -3.04 -12.65
N ALA A 81 -6.44 -4.21 -13.16
CA ALA A 81 -6.85 -4.37 -14.54
C ALA A 81 -7.39 -5.77 -14.71
N GLU A 82 -7.90 -6.08 -15.89
CA GLU A 82 -8.45 -7.40 -16.16
C GLU A 82 -7.36 -8.40 -16.50
N LYS A 83 -7.43 -9.53 -15.85
CA LYS A 83 -6.40 -10.56 -15.87
C LYS A 83 -7.04 -11.92 -15.64
N ALA A 84 -6.19 -12.92 -15.46
CA ALA A 84 -6.56 -14.24 -14.96
C ALA A 84 -7.35 -14.03 -13.67
N CYS A 85 -8.47 -14.73 -13.51
CA CYS A 85 -9.39 -14.53 -12.41
C CYS A 85 -9.92 -13.11 -12.36
N GLY A 86 -9.87 -12.43 -13.47
CA GLY A 86 -10.38 -11.10 -13.59
C GLY A 86 -9.43 -10.01 -13.09
N ALA A 87 -8.52 -10.34 -12.18
CA ALA A 87 -7.63 -9.34 -11.60
C ALA A 87 -6.40 -9.98 -10.98
N CYS A 88 -5.24 -9.48 -11.36
CA CYS A 88 -3.97 -9.91 -10.77
C CYS A 88 -3.17 -8.69 -10.34
N PRO A 89 -3.20 -8.36 -9.05
CA PRO A 89 -2.42 -7.26 -8.53
C PRO A 89 -1.03 -7.72 -8.09
N LEU A 90 -0.26 -6.79 -7.57
CA LEU A 90 1.11 -7.00 -7.08
C LEU A 90 1.25 -8.18 -6.09
N TRP A 91 0.30 -8.33 -5.19
CA TRP A 91 0.34 -9.41 -4.19
C TRP A 91 -0.34 -10.68 -4.70
N GLY A 92 -0.87 -10.60 -5.90
CA GLY A 92 -1.56 -11.72 -6.48
C GLY A 92 -2.95 -11.91 -5.90
N LYS A 93 -3.84 -12.40 -6.72
CA LYS A 93 -5.21 -12.67 -6.35
C LYS A 93 -5.83 -13.61 -7.32
N CYS A 94 -6.99 -14.03 -7.01
CA CYS A 94 -7.91 -14.61 -7.92
C CYS A 94 -9.19 -13.83 -7.56
N ASP A 95 -10.26 -13.85 -8.32
CA ASP A 95 -11.37 -12.95 -7.98
C ASP A 95 -12.63 -13.36 -8.71
N ALA A 96 -12.55 -13.33 -10.00
CA ALA A 96 -13.63 -13.69 -10.87
C ALA A 96 -13.15 -14.84 -11.77
N GLU A 97 -13.75 -15.00 -12.91
CA GLU A 97 -13.37 -16.05 -13.84
C GLU A 97 -12.56 -15.48 -14.99
N SER A 98 -12.43 -16.27 -16.07
CA SER A 98 -11.66 -15.92 -17.26
C SER A 98 -10.16 -15.95 -16.96
N SER A 99 -9.57 -17.10 -17.23
CA SER A 99 -8.21 -17.42 -16.89
C SER A 99 -8.06 -17.52 -15.37
N LYS A 100 -6.91 -17.88 -14.87
CA LYS A 100 -6.83 -18.18 -13.46
C LYS A 100 -5.59 -17.57 -12.83
N CYS A 101 -5.82 -16.84 -11.78
CA CYS A 101 -4.80 -16.14 -11.07
C CYS A 101 -4.68 -16.74 -9.68
N VAL A 102 -3.84 -16.20 -8.86
CA VAL A 102 -3.51 -16.82 -7.61
C VAL A 102 -2.89 -15.75 -6.71
N CYS A 103 -2.73 -16.04 -5.45
CA CYS A 103 -2.17 -15.11 -4.52
C CYS A 103 -0.72 -15.42 -4.37
N ARG A 104 0.08 -14.42 -4.39
CA ARG A 104 1.49 -14.56 -4.15
C ARG A 104 1.63 -14.36 -2.67
N GLU A 105 2.77 -14.56 -2.14
CA GLU A 105 2.93 -14.28 -0.75
C GLU A 105 4.01 -13.27 -0.55
N ALA A 106 4.26 -12.92 0.70
CA ALA A 106 5.21 -11.88 1.06
C ALA A 106 6.58 -12.18 0.53
N SER A 107 6.85 -13.44 0.40
CA SER A 107 8.08 -13.94 -0.09
C SER A 107 8.35 -13.54 -1.56
N GLU A 108 7.31 -13.35 -2.36
CA GLU A 108 7.47 -12.98 -3.77
C GLU A 108 7.26 -11.48 -3.96
N CYS A 109 7.31 -10.75 -2.89
CA CYS A 109 7.01 -9.34 -2.95
C CYS A 109 8.25 -8.47 -3.15
N GLU A 110 8.54 -8.23 -4.41
CA GLU A 110 9.64 -7.35 -4.82
C GLU A 110 9.07 -6.05 -5.39
N GLU A 111 7.80 -5.86 -5.16
CA GLU A 111 7.12 -4.68 -5.58
C GLU A 111 7.35 -3.55 -4.56
N GLU A 112 7.25 -2.31 -5.01
CA GLU A 112 7.47 -1.13 -4.18
C GLU A 112 6.22 -0.81 -3.38
N GLY A 113 5.93 -1.65 -2.45
CA GLY A 113 4.80 -1.43 -1.58
C GLY A 113 5.17 -0.70 -0.29
N PHE A 114 4.20 -0.05 0.31
CA PHE A 114 4.37 0.69 1.55
C PHE A 114 4.32 -0.22 2.76
N SER A 115 4.20 0.38 3.90
CA SER A 115 4.02 -0.31 5.12
C SER A 115 2.76 0.24 5.79
N ILE A 116 1.92 -0.65 6.25
CA ILE A 116 0.63 -0.27 6.80
C ILE A 116 0.40 -0.99 8.12
N CYS A 117 -0.65 -0.62 8.81
CA CYS A 117 -0.98 -1.18 10.11
C CYS A 117 -2.20 -2.08 9.93
N VAL A 118 -2.06 -3.32 10.31
CA VAL A 118 -3.09 -4.29 10.11
C VAL A 118 -3.43 -5.00 11.42
N GLU A 119 -4.69 -5.00 11.77
CA GLU A 119 -5.17 -5.68 12.95
C GLU A 119 -5.36 -7.13 12.61
N VAL A 120 -4.60 -7.96 13.24
CA VAL A 120 -4.60 -9.37 13.05
C VAL A 120 -4.50 -9.98 14.41
N ASN A 121 -5.34 -10.97 14.68
CA ASN A 121 -5.40 -11.65 15.99
C ASN A 121 -5.93 -10.71 17.06
N GLY A 122 -6.53 -9.61 16.62
CA GLY A 122 -7.02 -8.61 17.52
C GLY A 122 -5.96 -7.57 17.83
N LYS A 123 -4.76 -7.80 17.35
CA LYS A 123 -3.65 -6.91 17.60
C LYS A 123 -3.22 -6.23 16.32
N GLU A 124 -2.71 -5.04 16.41
CA GLU A 124 -2.30 -4.34 15.22
C GLU A 124 -0.82 -4.50 15.00
N GLN A 125 -0.47 -5.04 13.86
CA GLN A 125 0.90 -5.22 13.48
C GLN A 125 1.14 -4.53 12.14
N THR A 126 2.30 -3.96 12.01
CA THR A 126 2.70 -3.29 10.81
C THR A 126 3.31 -4.29 9.84
N MET A 127 2.82 -4.30 8.63
CA MET A 127 3.32 -5.21 7.62
C MET A 127 3.61 -4.40 6.40
N SER A 128 4.20 -5.03 5.43
CA SER A 128 4.41 -4.40 4.20
C SER A 128 3.16 -4.56 3.33
N GLU A 129 2.97 -3.66 2.39
CA GLU A 129 1.81 -3.58 1.49
C GLU A 129 1.45 -4.92 0.89
N CYS A 130 2.39 -5.48 0.15
CA CYS A 130 2.21 -6.72 -0.58
C CYS A 130 2.00 -7.86 0.38
N GLU A 131 2.68 -7.77 1.51
CA GLU A 131 2.60 -8.76 2.54
C GLU A 131 1.19 -8.84 3.07
N ALA A 132 0.71 -7.74 3.67
CA ALA A 132 -0.65 -7.67 4.20
C ALA A 132 -1.68 -8.02 3.12
N GLY A 133 -1.43 -7.54 1.91
CA GLY A 133 -2.30 -7.80 0.78
C GLY A 133 -2.36 -9.27 0.41
N ALA A 134 -1.24 -9.93 0.50
CA ALA A 134 -1.15 -11.33 0.20
C ALA A 134 -1.93 -12.15 1.22
N LEU A 135 -1.88 -11.73 2.49
CA LEU A 135 -2.71 -12.37 3.52
C LEU A 135 -4.20 -12.19 3.18
N ARG A 136 -4.54 -10.97 2.68
CA ARG A 136 -5.90 -10.63 2.23
C ARG A 136 -6.36 -11.54 1.10
N CYS A 137 -5.43 -12.10 0.38
CA CYS A 137 -5.79 -12.96 -0.71
C CYS A 137 -5.90 -14.41 -0.26
N ARG A 138 -4.92 -14.88 0.51
CA ARG A 138 -4.89 -16.28 0.93
C ARG A 138 -6.04 -16.67 1.85
N GLY A 139 -6.53 -15.73 2.64
CA GLY A 139 -7.67 -16.04 3.49
C GLY A 139 -7.37 -15.86 4.94
N GLN A 140 -6.13 -15.53 5.24
CA GLN A 140 -5.70 -15.25 6.59
C GLN A 140 -6.49 -14.05 7.07
N SER A 141 -7.02 -14.13 8.25
CA SER A 141 -7.85 -13.07 8.75
C SER A 141 -7.01 -11.92 9.30
N ILE A 142 -7.00 -10.83 8.57
CA ILE A 142 -6.26 -9.62 8.89
C ILE A 142 -7.18 -8.45 8.55
N SER A 143 -7.03 -7.36 9.20
CA SER A 143 -7.82 -6.21 8.94
C SER A 143 -6.94 -4.96 8.83
N VAL A 144 -6.78 -4.42 7.63
CA VAL A 144 -6.00 -3.20 7.49
C VAL A 144 -6.73 -2.02 8.15
N THR A 145 -6.24 -1.64 9.30
CA THR A 145 -6.89 -0.62 10.09
C THR A 145 -6.45 0.78 9.69
N SER A 146 -5.24 0.91 9.26
CA SER A 146 -4.70 2.17 8.85
C SER A 146 -3.65 1.96 7.80
N ILE A 147 -3.55 2.87 6.85
CA ILE A 147 -2.53 2.73 5.83
C ILE A 147 -1.24 3.44 6.30
N ARG A 148 -1.25 3.78 7.56
CA ARG A 148 -0.15 4.33 8.28
C ARG A 148 0.49 3.18 9.02
N PRO A 149 1.80 3.04 8.99
CA PRO A 149 2.48 2.01 9.75
C PRO A 149 2.37 2.29 11.26
N CYS A 150 2.11 1.28 12.04
CA CYS A 150 2.00 1.46 13.46
C CYS A 150 3.33 1.19 14.12
N ALA A 151 3.48 1.59 15.37
CA ALA A 151 4.68 1.30 16.13
C ALA A 151 4.57 -0.13 16.69
N ALA A 152 4.41 -1.05 15.78
CA ALA A 152 4.28 -2.45 16.08
C ALA A 152 4.91 -3.27 14.98
N GLU A 153 6.19 -3.45 15.11
CA GLU A 153 6.96 -4.22 14.19
C GLU A 153 7.34 -5.54 14.84
N THR A 154 6.94 -5.68 16.09
CA THR A 154 7.15 -6.87 16.85
C THR A 154 5.95 -7.80 16.67
N GLN A 155 6.18 -9.08 16.74
CA GLN A 155 5.13 -10.04 16.68
C GLN A 155 5.31 -11.05 17.78
N GLY A 1 34.50 -7.33 -7.58
CA GLY A 1 33.66 -6.42 -8.37
C GLY A 1 33.21 -5.25 -7.54
N SER A 2 34.12 -4.36 -7.23
CA SER A 2 33.83 -3.23 -6.39
C SER A 2 32.95 -2.24 -7.13
N HIS A 3 31.80 -1.94 -6.56
CA HIS A 3 30.78 -1.07 -7.15
C HIS A 3 30.17 -1.65 -8.39
N MET A 4 29.25 -2.56 -8.21
CA MET A 4 28.48 -3.12 -9.31
C MET A 4 27.29 -2.23 -9.53
N ASN A 5 26.90 -1.58 -8.47
CA ASN A 5 25.84 -0.64 -8.47
C ASN A 5 26.39 0.69 -8.03
N PRO A 6 25.95 1.78 -8.64
CA PRO A 6 26.37 3.12 -8.23
C PRO A 6 25.81 3.48 -6.86
N LEU A 7 24.70 2.88 -6.52
CA LEU A 7 24.08 3.08 -5.25
C LEU A 7 24.18 1.77 -4.48
N THR A 8 24.95 1.77 -3.43
CA THR A 8 25.11 0.57 -2.61
C THR A 8 25.40 0.98 -1.16
N GLN A 9 26.26 1.96 -1.02
CA GLN A 9 26.69 2.50 0.26
C GLN A 9 25.64 3.42 0.90
N ALA A 10 24.53 3.58 0.24
CA ALA A 10 23.47 4.40 0.73
C ALA A 10 22.18 3.96 0.11
N VAL A 11 21.11 4.28 0.76
CA VAL A 11 19.76 4.08 0.29
C VAL A 11 19.08 5.39 0.64
N PRO A 12 18.39 6.05 -0.31
CA PRO A 12 17.77 7.35 -0.06
C PRO A 12 16.86 7.34 1.16
N LYS A 13 17.12 8.24 2.05
CA LYS A 13 16.35 8.33 3.25
C LYS A 13 15.15 9.21 3.03
N CYS A 14 14.16 8.61 2.46
CA CYS A 14 12.90 9.21 2.24
C CYS A 14 11.83 8.22 2.58
N GLN A 15 10.63 8.67 2.69
CA GLN A 15 9.54 7.79 2.94
C GLN A 15 9.07 7.17 1.65
N ARG A 16 8.15 6.25 1.74
CA ARG A 16 7.65 5.51 0.60
C ARG A 16 6.96 6.43 -0.43
N TRP A 17 6.40 7.50 0.07
CA TRP A 17 5.69 8.47 -0.75
C TRP A 17 6.61 9.63 -1.15
N GLU A 18 7.88 9.51 -0.79
CA GLU A 18 8.84 10.55 -1.06
C GLU A 18 9.95 10.03 -1.96
N LYS A 19 10.59 10.93 -2.66
CA LYS A 19 11.64 10.63 -3.61
C LYS A 19 12.80 11.54 -3.31
N LEU A 20 13.96 11.18 -3.80
CA LEU A 20 15.14 11.99 -3.67
C LEU A 20 15.52 12.52 -5.05
N GLN A 21 15.36 13.81 -5.25
CA GLN A 21 15.73 14.45 -6.50
C GLN A 21 16.24 15.82 -6.16
N ASN A 22 17.16 16.34 -6.94
CA ASN A 22 17.69 17.72 -6.77
C ASN A 22 18.44 17.82 -5.42
N SER A 23 18.80 16.64 -4.88
CA SER A 23 19.47 16.47 -3.60
C SER A 23 18.53 16.79 -2.41
N ARG A 24 17.24 16.86 -2.68
CA ARG A 24 16.25 17.14 -1.65
C ARG A 24 15.22 16.02 -1.67
N CYS A 25 14.45 15.91 -0.63
CA CYS A 25 13.46 14.88 -0.56
C CYS A 25 12.09 15.48 -0.84
N VAL A 26 11.45 15.04 -1.89
CA VAL A 26 10.15 15.55 -2.33
C VAL A 26 9.14 14.42 -2.35
N CYS A 27 7.90 14.72 -2.61
CA CYS A 27 6.87 13.69 -2.71
C CYS A 27 6.75 13.17 -4.15
N LYS A 28 6.19 11.98 -4.27
CA LYS A 28 5.84 11.35 -5.56
C LYS A 28 4.51 12.03 -6.03
N MET A 29 3.92 11.59 -7.13
CA MET A 29 2.60 12.10 -7.50
C MET A 29 1.58 10.97 -7.29
N PRO A 30 0.35 11.26 -6.79
CA PRO A 30 -0.62 10.22 -6.42
C PRO A 30 -1.10 9.39 -7.62
N TYR A 31 -1.18 10.01 -8.78
CA TYR A 31 -1.63 9.33 -9.99
C TYR A 31 -0.49 8.51 -10.58
N GLU A 32 0.68 8.71 -10.03
CA GLU A 32 1.88 8.06 -10.46
C GLU A 32 2.26 6.95 -9.50
N CYS A 33 1.32 6.57 -8.68
CA CYS A 33 1.51 5.48 -7.76
C CYS A 33 1.05 4.19 -8.37
N GLY A 34 1.98 3.34 -8.72
CA GLY A 34 1.63 2.07 -9.31
C GLY A 34 1.24 1.00 -8.29
N PRO A 35 2.19 0.50 -7.47
CA PRO A 35 1.94 -0.59 -6.55
C PRO A 35 1.59 -0.17 -5.11
N SER A 36 0.35 -0.45 -4.69
CA SER A 36 -0.11 -0.19 -3.33
C SER A 36 -1.40 -0.98 -3.06
N LEU A 37 -1.80 -1.05 -1.79
CA LEU A 37 -3.09 -1.61 -1.40
C LEU A 37 -4.19 -0.61 -1.65
N ASP A 38 -5.23 -1.02 -2.35
CA ASP A 38 -6.37 -0.15 -2.56
C ASP A 38 -7.25 -0.16 -1.35
N VAL A 39 -7.65 1.01 -0.95
CA VAL A 39 -8.44 1.20 0.26
C VAL A 39 -9.58 2.20 0.01
N CYS A 40 -10.51 2.25 0.92
CA CYS A 40 -11.57 3.25 0.84
C CYS A 40 -11.24 4.43 1.70
N ALA A 41 -11.33 5.58 1.13
CA ALA A 41 -11.03 6.77 1.82
C ALA A 41 -12.15 7.75 1.62
N GLN A 42 -12.15 8.79 2.37
CA GLN A 42 -13.16 9.78 2.26
C GLN A 42 -12.54 11.10 1.97
N ASP A 43 -12.97 11.69 0.90
CA ASP A 43 -12.59 13.00 0.47
C ASP A 43 -13.16 13.99 1.47
N GLU A 44 -12.35 14.85 2.04
CA GLU A 44 -12.82 15.77 3.05
C GLU A 44 -13.40 17.06 2.49
N ARG A 45 -13.51 17.16 1.18
CA ARG A 45 -14.02 18.36 0.57
C ARG A 45 -15.47 18.09 0.11
N SER A 46 -15.65 17.03 -0.63
CA SER A 46 -16.95 16.65 -1.14
C SER A 46 -17.61 15.61 -0.23
N LYS A 47 -16.85 15.10 0.76
CA LYS A 47 -17.31 14.13 1.77
C LYS A 47 -17.70 12.79 1.14
N ARG A 48 -17.17 12.57 -0.04
CA ARG A 48 -17.45 11.39 -0.84
C ARG A 48 -16.50 10.27 -0.45
N ILE A 49 -17.01 9.07 -0.38
CA ILE A 49 -16.18 7.92 -0.13
C ILE A 49 -15.61 7.49 -1.48
N LEU A 50 -14.33 7.48 -1.61
CA LEU A 50 -13.74 7.12 -2.87
C LEU A 50 -12.63 6.09 -2.69
N PRO A 51 -12.39 5.26 -3.70
CA PRO A 51 -11.33 4.27 -3.66
C PRO A 51 -9.94 4.91 -3.89
N LEU A 52 -9.10 4.78 -2.92
CA LEU A 52 -7.74 5.24 -3.01
C LEU A 52 -6.82 4.09 -2.87
N THR A 53 -5.58 4.38 -2.84
CA THR A 53 -4.60 3.38 -2.69
C THR A 53 -3.57 3.99 -1.72
N VAL A 54 -2.90 3.16 -0.95
CA VAL A 54 -1.94 3.60 0.10
C VAL A 54 -0.99 4.71 -0.37
N CYS A 55 -0.26 4.46 -1.46
CA CYS A 55 0.64 5.46 -2.01
C CYS A 55 -0.09 6.75 -2.32
N LYS A 56 -1.20 6.64 -3.07
CA LYS A 56 -1.99 7.80 -3.49
C LYS A 56 -2.34 8.66 -2.30
N MET A 57 -2.97 8.03 -1.31
CA MET A 57 -3.37 8.69 -0.07
C MET A 57 -2.17 9.35 0.63
N HIS A 58 -1.09 8.62 0.78
CA HIS A 58 0.09 9.15 1.48
C HIS A 58 0.69 10.31 0.73
N VAL A 59 0.78 10.16 -0.56
CA VAL A 59 1.33 11.17 -1.42
C VAL A 59 0.44 12.41 -1.41
N LEU A 60 -0.85 12.24 -1.64
CA LEU A 60 -1.75 13.38 -1.66
C LEU A 60 -1.81 14.03 -0.28
N HIS A 61 -1.55 13.26 0.75
CA HIS A 61 -1.56 13.75 2.09
C HIS A 61 -0.34 14.64 2.33
N CYS A 62 0.79 14.30 1.71
CA CYS A 62 1.97 15.13 1.86
C CYS A 62 1.91 16.31 0.88
N GLN A 63 1.13 16.12 -0.21
CA GLN A 63 0.86 17.20 -1.18
C GLN A 63 0.02 18.29 -0.50
N GLY A 64 -0.76 17.88 0.49
CA GLY A 64 -1.57 18.81 1.24
C GLY A 64 -3.06 18.63 1.03
N ARG A 65 -3.48 17.40 0.78
CA ARG A 65 -4.89 17.10 0.61
C ARG A 65 -5.44 16.51 1.90
N ASN A 66 -6.73 16.59 2.07
CA ASN A 66 -7.37 16.10 3.28
C ASN A 66 -8.27 14.95 2.95
N TYR A 67 -7.95 13.81 3.50
CA TYR A 67 -8.73 12.63 3.33
C TYR A 67 -8.80 11.85 4.62
N THR A 68 -9.92 11.29 4.86
CA THR A 68 -10.15 10.45 5.99
C THR A 68 -10.15 9.02 5.45
N LEU A 69 -9.95 8.02 6.27
CA LEU A 69 -10.13 6.69 5.78
C LEU A 69 -11.42 6.13 6.24
N THR A 70 -11.97 5.27 5.47
CA THR A 70 -13.23 4.69 5.77
C THR A 70 -13.17 3.19 5.54
N GLY A 71 -14.25 2.51 5.86
CA GLY A 71 -14.30 1.10 5.69
C GLY A 71 -14.40 0.71 4.24
N ARG A 72 -13.91 -0.49 3.91
CA ARG A 72 -13.90 -1.01 2.53
C ARG A 72 -15.33 -1.20 2.01
N ASP A 73 -16.26 -1.17 2.93
CA ASP A 73 -17.66 -1.38 2.66
C ASP A 73 -18.30 -0.09 2.12
N SER A 74 -17.66 1.03 2.35
CA SER A 74 -18.21 2.31 1.98
C SER A 74 -17.92 2.70 0.52
N CYS A 75 -16.86 2.15 -0.06
CA CYS A 75 -16.57 2.48 -1.44
C CYS A 75 -16.54 1.23 -2.27
N THR A 76 -16.40 1.42 -3.55
CA THR A 76 -16.20 0.34 -4.45
C THR A 76 -14.73 0.38 -4.83
N LEU A 77 -13.96 -0.62 -4.41
CA LEU A 77 -12.56 -0.69 -4.81
C LEU A 77 -12.46 -0.75 -6.34
N PRO A 78 -11.39 -0.15 -6.93
CA PRO A 78 -11.32 0.16 -8.35
C PRO A 78 -11.32 -1.04 -9.29
N ALA A 79 -11.29 -0.72 -10.57
CA ALA A 79 -11.41 -1.63 -11.67
C ALA A 79 -12.78 -2.28 -11.70
N SER A 80 -12.97 -3.27 -10.85
CA SER A 80 -14.24 -4.02 -10.70
C SER A 80 -14.65 -4.64 -12.06
N ALA A 81 -13.66 -4.86 -12.87
CA ALA A 81 -13.86 -5.29 -14.22
C ALA A 81 -13.59 -6.78 -14.37
N GLU A 82 -13.56 -7.24 -15.60
CA GLU A 82 -13.35 -8.64 -15.96
C GLU A 82 -11.88 -9.06 -15.86
N LYS A 83 -11.20 -8.52 -14.89
CA LYS A 83 -9.83 -8.86 -14.61
C LYS A 83 -9.87 -9.91 -13.54
N ALA A 84 -8.78 -10.63 -13.34
CA ALA A 84 -8.69 -11.70 -12.33
C ALA A 84 -9.11 -11.17 -10.94
N CYS A 85 -10.29 -11.58 -10.52
CA CYS A 85 -11.03 -10.96 -9.41
C CYS A 85 -10.75 -9.45 -9.23
N GLY A 86 -10.91 -8.72 -10.34
CA GLY A 86 -10.77 -7.27 -10.31
C GLY A 86 -9.38 -6.73 -10.68
N ALA A 87 -8.33 -7.52 -10.52
CA ALA A 87 -6.98 -7.01 -10.73
C ALA A 87 -6.04 -8.17 -10.98
N CYS A 88 -4.77 -7.95 -10.73
CA CYS A 88 -3.72 -8.97 -10.70
C CYS A 88 -2.36 -8.29 -10.47
N PRO A 89 -2.13 -7.79 -9.21
CA PRO A 89 -0.95 -7.04 -8.84
C PRO A 89 0.18 -7.89 -8.17
N LEU A 90 0.97 -7.20 -7.31
CA LEU A 90 2.18 -7.70 -6.59
C LEU A 90 2.01 -9.10 -6.02
N TRP A 91 1.13 -9.22 -5.05
CA TRP A 91 0.89 -10.44 -4.29
C TRP A 91 0.02 -11.42 -5.06
N GLY A 92 -0.43 -10.97 -6.20
CA GLY A 92 -1.30 -11.75 -6.98
C GLY A 92 -2.71 -11.31 -6.79
N LYS A 93 -3.60 -12.04 -7.32
CA LYS A 93 -5.01 -11.77 -7.27
C LYS A 93 -5.61 -13.07 -7.63
N CYS A 94 -6.87 -13.20 -7.74
CA CYS A 94 -7.43 -14.51 -7.89
C CYS A 94 -8.38 -14.68 -9.10
N ASP A 95 -9.27 -15.68 -9.03
CA ASP A 95 -10.22 -16.00 -10.09
C ASP A 95 -11.35 -14.99 -10.24
N ALA A 96 -11.67 -14.72 -11.48
CA ALA A 96 -12.79 -13.90 -11.83
C ALA A 96 -13.82 -14.77 -12.51
N GLU A 97 -13.49 -15.16 -13.74
CA GLU A 97 -14.35 -15.99 -14.59
C GLU A 97 -13.67 -16.14 -15.94
N SER A 98 -13.30 -15.00 -16.51
CA SER A 98 -12.62 -14.94 -17.78
C SER A 98 -11.21 -15.53 -17.64
N SER A 99 -10.46 -14.95 -16.75
CA SER A 99 -9.14 -15.38 -16.44
C SER A 99 -9.04 -15.43 -14.94
N LYS A 100 -8.08 -16.16 -14.41
CA LYS A 100 -7.93 -16.21 -13.01
C LYS A 100 -6.48 -16.00 -12.63
N CYS A 101 -6.29 -15.32 -11.56
CA CYS A 101 -5.01 -15.21 -10.97
C CYS A 101 -4.91 -16.07 -9.74
N VAL A 102 -3.82 -15.96 -9.05
CA VAL A 102 -3.51 -16.76 -7.92
C VAL A 102 -2.74 -15.84 -6.97
N CYS A 103 -2.78 -16.13 -5.70
CA CYS A 103 -2.13 -15.28 -4.73
C CYS A 103 -0.96 -15.97 -4.10
N ARG A 104 0.13 -15.27 -4.07
CA ARG A 104 1.37 -15.74 -3.54
C ARG A 104 1.46 -15.34 -2.10
N GLU A 105 2.54 -15.71 -1.45
CA GLU A 105 2.76 -15.29 -0.10
C GLU A 105 3.63 -14.04 -0.10
N ALA A 106 3.97 -13.57 1.08
CA ALA A 106 4.69 -12.32 1.24
C ALA A 106 6.11 -12.39 0.72
N SER A 107 6.67 -13.58 0.70
CA SER A 107 8.05 -13.74 0.31
C SER A 107 8.22 -13.61 -1.20
N GLU A 108 7.17 -13.89 -1.96
CA GLU A 108 7.24 -13.88 -3.42
C GLU A 108 6.88 -12.50 -3.99
N CYS A 109 7.38 -11.48 -3.37
CA CYS A 109 7.12 -10.14 -3.83
C CYS A 109 8.40 -9.33 -3.71
N GLU A 110 8.79 -8.69 -4.79
CA GLU A 110 10.00 -7.89 -4.80
C GLU A 110 9.65 -6.42 -4.91
N GLU A 111 8.41 -6.14 -5.28
CA GLU A 111 7.96 -4.80 -5.55
C GLU A 111 7.99 -3.93 -4.30
N GLU A 112 8.23 -2.67 -4.51
CA GLU A 112 8.38 -1.72 -3.48
C GLU A 112 7.08 -1.05 -3.18
N GLY A 113 6.25 -1.76 -2.48
CA GLY A 113 5.08 -1.17 -1.95
C GLY A 113 5.38 -0.48 -0.63
N PHE A 114 4.36 -0.17 0.08
CA PHE A 114 4.45 0.53 1.33
C PHE A 114 4.41 -0.42 2.52
N SER A 115 4.35 0.17 3.68
CA SER A 115 4.22 -0.54 4.91
C SER A 115 2.97 0.01 5.57
N ILE A 116 2.07 -0.86 5.95
CA ILE A 116 0.81 -0.44 6.50
C ILE A 116 0.58 -1.10 7.84
N CYS A 117 -0.43 -0.69 8.52
CA CYS A 117 -0.75 -1.22 9.81
C CYS A 117 -2.05 -1.94 9.72
N VAL A 118 -2.06 -3.15 10.10
CA VAL A 118 -3.22 -3.92 10.00
C VAL A 118 -3.47 -4.67 11.29
N GLU A 119 -4.68 -4.65 11.73
CA GLU A 119 -5.07 -5.28 12.93
C GLU A 119 -5.29 -6.75 12.63
N VAL A 120 -4.51 -7.55 13.28
CA VAL A 120 -4.54 -8.97 13.15
C VAL A 120 -4.35 -9.52 14.54
N ASN A 121 -5.12 -10.53 14.89
CA ASN A 121 -5.05 -11.15 16.22
C ASN A 121 -5.56 -10.18 17.29
N GLY A 122 -6.18 -9.10 16.86
CA GLY A 122 -6.64 -8.09 17.77
C GLY A 122 -5.58 -7.03 18.03
N LYS A 123 -4.44 -7.18 17.38
CA LYS A 123 -3.34 -6.25 17.55
C LYS A 123 -2.92 -5.67 16.21
N GLU A 124 -2.47 -4.47 16.21
CA GLU A 124 -2.10 -3.81 14.98
C GLU A 124 -0.64 -4.06 14.65
N GLN A 125 -0.41 -4.85 13.65
CA GLN A 125 0.91 -5.18 13.23
C GLN A 125 1.20 -4.53 11.89
N THR A 126 2.41 -4.08 11.73
CA THR A 126 2.84 -3.48 10.50
C THR A 126 3.24 -4.57 9.54
N MET A 127 2.71 -4.53 8.37
CA MET A 127 3.07 -5.49 7.36
C MET A 127 3.49 -4.76 6.16
N SER A 128 4.19 -5.44 5.33
CA SER A 128 4.54 -4.90 4.07
C SER A 128 3.31 -5.02 3.19
N GLU A 129 3.23 -4.17 2.20
CA GLU A 129 2.08 -4.12 1.32
C GLU A 129 1.82 -5.47 0.63
N CYS A 130 2.88 -6.16 0.24
CA CYS A 130 2.73 -7.47 -0.38
C CYS A 130 2.16 -8.47 0.63
N GLU A 131 2.64 -8.38 1.86
CA GLU A 131 2.28 -9.27 2.95
C GLU A 131 0.80 -9.14 3.30
N ALA A 132 0.40 -7.94 3.70
CA ALA A 132 -0.99 -7.68 4.08
C ALA A 132 -1.95 -8.04 2.93
N GLY A 133 -1.53 -7.69 1.71
CA GLY A 133 -2.33 -7.96 0.52
C GLY A 133 -2.53 -9.44 0.30
N ALA A 134 -1.47 -10.21 0.46
CA ALA A 134 -1.52 -11.64 0.27
C ALA A 134 -2.43 -12.28 1.32
N LEU A 135 -2.33 -11.82 2.57
CA LEU A 135 -3.21 -12.29 3.63
C LEU A 135 -4.66 -12.04 3.28
N ARG A 136 -4.94 -10.86 2.74
CA ARG A 136 -6.27 -10.49 2.29
C ARG A 136 -6.81 -11.47 1.26
N CYS A 137 -5.95 -11.91 0.38
CA CYS A 137 -6.35 -12.80 -0.68
C CYS A 137 -6.49 -14.25 -0.22
N ARG A 138 -5.56 -14.71 0.61
CA ARG A 138 -5.60 -16.11 1.08
C ARG A 138 -6.78 -16.38 1.99
N GLY A 139 -7.27 -15.36 2.66
CA GLY A 139 -8.40 -15.56 3.51
C GLY A 139 -8.09 -15.30 4.94
N GLN A 140 -6.90 -14.79 5.21
CA GLN A 140 -6.55 -14.43 6.55
C GLN A 140 -7.38 -13.23 6.95
N SER A 141 -7.93 -13.26 8.13
CA SER A 141 -8.80 -12.20 8.55
C SER A 141 -7.99 -11.10 9.21
N ILE A 142 -7.88 -10.01 8.51
CA ILE A 142 -7.15 -8.87 8.96
C ILE A 142 -7.97 -7.62 8.74
N SER A 143 -7.72 -6.62 9.52
CA SER A 143 -8.40 -5.38 9.41
C SER A 143 -7.43 -4.25 9.17
N VAL A 144 -7.40 -3.70 7.98
CA VAL A 144 -6.52 -2.58 7.72
C VAL A 144 -7.09 -1.35 8.39
N THR A 145 -6.52 -1.00 9.49
CA THR A 145 -6.99 0.09 10.28
C THR A 145 -6.38 1.39 9.80
N SER A 146 -5.12 1.33 9.46
CA SER A 146 -4.40 2.49 9.08
C SER A 146 -3.46 2.17 7.91
N ILE A 147 -3.35 3.08 6.99
CA ILE A 147 -2.47 2.91 5.88
C ILE A 147 -1.07 3.41 6.21
N ARG A 148 -0.94 3.87 7.45
CA ARG A 148 0.32 4.32 7.98
C ARG A 148 0.90 3.20 8.83
N PRO A 149 2.21 2.94 8.74
CA PRO A 149 2.86 1.85 9.48
C PRO A 149 2.79 2.06 11.00
N CYS A 150 2.65 0.98 11.72
CA CYS A 150 2.57 1.04 13.17
C CYS A 150 3.91 0.76 13.82
N ALA A 151 3.99 0.96 15.11
CA ALA A 151 5.17 0.68 15.86
C ALA A 151 5.04 -0.72 16.42
N ALA A 152 5.11 -1.64 15.52
CA ALA A 152 5.00 -3.05 15.81
C ALA A 152 6.13 -3.78 15.13
N GLU A 153 7.21 -3.09 14.94
CA GLU A 153 8.34 -3.64 14.29
C GLU A 153 9.59 -3.36 15.12
N THR A 154 10.03 -4.36 15.80
CA THR A 154 11.21 -4.27 16.60
C THR A 154 12.45 -4.36 15.72
N GLN A 155 12.97 -3.22 15.38
CA GLN A 155 14.11 -3.09 14.52
C GLN A 155 15.23 -2.53 15.35
N GLY A 1 36.19 -2.86 -2.65
CA GLY A 1 36.34 -4.14 -3.31
C GLY A 1 35.51 -4.18 -4.56
N SER A 2 36.12 -3.74 -5.66
CA SER A 2 35.48 -3.70 -6.95
C SER A 2 34.27 -2.74 -6.95
N HIS A 3 33.28 -3.02 -7.81
CA HIS A 3 32.11 -2.18 -8.03
C HIS A 3 32.54 -0.92 -8.75
N MET A 4 32.62 -1.04 -10.08
CA MET A 4 33.09 0.04 -10.95
C MET A 4 32.16 1.22 -10.84
N ASN A 5 30.89 0.90 -10.80
CA ASN A 5 29.86 1.89 -10.66
C ASN A 5 29.52 1.98 -9.19
N PRO A 6 29.64 3.18 -8.59
CA PRO A 6 29.33 3.38 -7.18
C PRO A 6 27.86 3.20 -6.89
N LEU A 7 27.55 2.16 -6.16
CA LEU A 7 26.19 1.87 -5.80
C LEU A 7 26.08 1.69 -4.31
N THR A 8 25.74 2.76 -3.66
CA THR A 8 25.51 2.73 -2.26
C THR A 8 24.07 2.37 -2.02
N GLN A 9 23.82 1.15 -1.69
CA GLN A 9 22.50 0.69 -1.46
C GLN A 9 22.11 1.00 -0.04
N ALA A 10 21.43 2.10 0.13
CA ALA A 10 21.01 2.56 1.42
C ALA A 10 19.63 3.15 1.30
N VAL A 11 18.84 3.01 2.34
CA VAL A 11 17.49 3.53 2.37
C VAL A 11 17.55 5.05 2.57
N PRO A 12 16.96 5.83 1.67
CA PRO A 12 16.95 7.28 1.81
C PRO A 12 16.05 7.72 2.96
N LYS A 13 16.17 8.97 3.34
CA LYS A 13 15.39 9.52 4.45
C LYS A 13 14.06 10.07 3.96
N CYS A 14 13.60 9.53 2.88
CA CYS A 14 12.37 9.96 2.29
C CYS A 14 11.33 8.94 2.65
N GLN A 15 10.11 9.37 2.81
CA GLN A 15 9.05 8.48 3.18
C GLN A 15 8.60 7.65 1.97
N ARG A 16 7.69 6.71 2.22
CA ARG A 16 7.19 5.78 1.18
C ARG A 16 6.54 6.49 -0.01
N TRP A 17 5.96 7.62 0.25
CA TRP A 17 5.26 8.39 -0.76
C TRP A 17 6.19 9.45 -1.35
N GLU A 18 7.43 9.40 -0.95
CA GLU A 18 8.42 10.31 -1.42
C GLU A 18 9.43 9.58 -2.26
N LYS A 19 10.10 10.30 -3.08
CA LYS A 19 11.15 9.79 -3.90
C LYS A 19 12.32 10.73 -3.77
N LEU A 20 13.51 10.23 -3.87
CA LEU A 20 14.65 11.06 -3.76
C LEU A 20 15.17 11.39 -5.13
N GLN A 21 15.15 12.64 -5.44
CA GLN A 21 15.65 13.15 -6.68
C GLN A 21 16.20 14.51 -6.38
N ASN A 22 17.16 14.96 -7.17
CA ASN A 22 17.72 16.30 -7.03
C ASN A 22 18.43 16.41 -5.66
N SER A 23 18.84 15.23 -5.15
CA SER A 23 19.52 15.08 -3.85
C SER A 23 18.55 15.39 -2.67
N ARG A 24 17.26 15.38 -2.93
CA ARG A 24 16.28 15.72 -1.90
C ARG A 24 15.08 14.78 -1.97
N CYS A 25 14.24 14.84 -0.97
CA CYS A 25 13.05 14.02 -0.90
C CYS A 25 11.85 14.83 -1.34
N VAL A 26 11.23 14.42 -2.42
CA VAL A 26 10.05 15.09 -2.94
C VAL A 26 8.92 14.07 -2.98
N CYS A 27 7.72 14.51 -3.23
CA CYS A 27 6.59 13.60 -3.19
C CYS A 27 6.41 12.97 -4.57
N LYS A 28 5.92 11.75 -4.61
CA LYS A 28 5.59 11.08 -5.86
C LYS A 28 4.36 11.78 -6.48
N MET A 29 4.03 11.42 -7.69
CA MET A 29 2.87 11.99 -8.36
C MET A 29 1.72 10.98 -8.21
N PRO A 30 0.44 11.40 -8.21
CA PRO A 30 -0.71 10.47 -8.06
C PRO A 30 -0.75 9.40 -9.16
N TYR A 31 -0.32 9.79 -10.34
CA TYR A 31 -0.29 8.91 -11.52
C TYR A 31 0.99 8.09 -11.56
N GLU A 32 1.91 8.46 -10.69
CA GLU A 32 3.20 7.81 -10.53
C GLU A 32 3.06 6.82 -9.36
N CYS A 33 1.82 6.58 -9.02
CA CYS A 33 1.51 5.75 -7.92
C CYS A 33 0.46 4.76 -8.32
N GLY A 34 0.69 3.52 -8.01
CA GLY A 34 -0.22 2.47 -8.36
C GLY A 34 -0.17 1.34 -7.37
N PRO A 35 0.88 0.47 -7.46
CA PRO A 35 1.05 -0.69 -6.57
C PRO A 35 0.99 -0.33 -5.09
N SER A 36 -0.17 -0.58 -4.50
CA SER A 36 -0.47 -0.36 -3.12
C SER A 36 -1.83 -0.98 -2.79
N LEU A 37 -2.18 -1.05 -1.52
CA LEU A 37 -3.46 -1.59 -1.13
C LEU A 37 -4.60 -0.64 -1.34
N ASP A 38 -5.70 -1.19 -1.80
CA ASP A 38 -6.94 -0.47 -2.06
C ASP A 38 -7.67 -0.19 -0.78
N VAL A 39 -8.10 1.05 -0.62
CA VAL A 39 -8.82 1.48 0.57
C VAL A 39 -9.94 2.50 0.22
N CYS A 40 -10.97 2.60 1.06
CA CYS A 40 -12.03 3.58 0.86
C CYS A 40 -11.74 4.78 1.72
N ALA A 41 -11.64 5.92 1.11
CA ALA A 41 -11.32 7.10 1.83
C ALA A 41 -12.35 8.17 1.61
N GLN A 42 -12.47 9.02 2.57
CA GLN A 42 -13.37 10.10 2.51
C GLN A 42 -12.61 11.36 2.19
N ASP A 43 -13.07 12.03 1.18
CA ASP A 43 -12.50 13.29 0.76
C ASP A 43 -12.88 14.38 1.76
N GLU A 44 -11.91 15.08 2.29
CA GLU A 44 -12.20 16.13 3.27
C GLU A 44 -12.89 17.33 2.69
N ARG A 45 -12.80 17.52 1.40
CA ARG A 45 -13.36 18.69 0.79
C ARG A 45 -14.87 18.54 0.58
N SER A 46 -15.27 17.51 -0.12
CA SER A 46 -16.66 17.30 -0.45
C SER A 46 -17.34 16.30 0.49
N LYS A 47 -16.53 15.60 1.29
CA LYS A 47 -17.00 14.59 2.26
C LYS A 47 -17.63 13.37 1.60
N ARG A 48 -17.20 13.05 0.39
CA ARG A 48 -17.68 11.88 -0.30
C ARG A 48 -16.68 10.76 -0.10
N ILE A 49 -17.12 9.54 -0.25
CA ILE A 49 -16.24 8.42 -0.13
C ILE A 49 -15.77 8.06 -1.52
N LEU A 50 -14.50 7.89 -1.68
CA LEU A 50 -13.93 7.47 -2.94
C LEU A 50 -12.93 6.34 -2.73
N PRO A 51 -12.85 5.45 -3.69
CA PRO A 51 -11.89 4.36 -3.69
C PRO A 51 -10.47 4.85 -4.00
N LEU A 52 -9.61 4.71 -3.05
CA LEU A 52 -8.24 5.09 -3.19
C LEU A 52 -7.35 3.91 -2.98
N THR A 53 -6.10 4.18 -2.97
CA THR A 53 -5.12 3.19 -2.75
C THR A 53 -4.09 3.84 -1.79
N VAL A 54 -3.47 3.05 -0.91
CA VAL A 54 -2.53 3.53 0.13
C VAL A 54 -1.53 4.54 -0.37
N CYS A 55 -0.84 4.20 -1.44
CA CYS A 55 0.23 5.04 -1.88
C CYS A 55 -0.32 6.36 -2.38
N LYS A 56 -1.39 6.29 -3.18
CA LYS A 56 -2.05 7.46 -3.72
C LYS A 56 -2.49 8.39 -2.60
N MET A 57 -3.10 7.82 -1.57
CA MET A 57 -3.55 8.55 -0.38
C MET A 57 -2.39 9.31 0.28
N HIS A 58 -1.26 8.66 0.42
CA HIS A 58 -0.13 9.30 1.06
C HIS A 58 0.52 10.31 0.13
N VAL A 59 0.52 9.99 -1.14
CA VAL A 59 1.05 10.85 -2.16
C VAL A 59 0.22 12.13 -2.26
N LEU A 60 -1.09 11.99 -2.34
CA LEU A 60 -1.96 13.15 -2.40
C LEU A 60 -1.87 13.96 -1.10
N HIS A 61 -1.58 13.26 -0.01
CA HIS A 61 -1.41 13.91 1.27
C HIS A 61 -0.14 14.76 1.24
N CYS A 62 0.88 14.26 0.57
CA CYS A 62 2.15 14.97 0.44
C CYS A 62 1.96 16.12 -0.55
N GLN A 63 0.99 15.95 -1.45
CA GLN A 63 0.62 16.97 -2.42
C GLN A 63 -0.17 18.11 -1.79
N GLY A 64 -0.62 17.92 -0.56
CA GLY A 64 -1.36 18.96 0.13
C GLY A 64 -2.86 18.70 0.16
N ARG A 65 -3.24 17.45 0.09
CA ARG A 65 -4.65 17.09 0.16
C ARG A 65 -4.93 16.33 1.44
N ASN A 66 -6.06 16.60 2.06
CA ASN A 66 -6.43 15.91 3.29
C ASN A 66 -7.58 14.99 3.01
N TYR A 67 -7.44 13.78 3.48
CA TYR A 67 -8.45 12.76 3.34
C TYR A 67 -8.58 12.03 4.66
N THR A 68 -9.68 11.39 4.84
CA THR A 68 -9.95 10.60 6.02
C THR A 68 -10.22 9.20 5.56
N LEU A 69 -9.98 8.20 6.36
CA LEU A 69 -10.31 6.87 5.95
C LEU A 69 -11.61 6.43 6.53
N THR A 70 -12.25 5.54 5.83
CA THR A 70 -13.54 5.07 6.20
C THR A 70 -13.56 3.54 6.07
N GLY A 71 -14.73 2.94 6.12
CA GLY A 71 -14.82 1.50 6.03
C GLY A 71 -14.69 1.05 4.60
N ARG A 72 -14.48 -0.24 4.39
CA ARG A 72 -14.33 -0.77 3.03
C ARG A 72 -15.71 -0.86 2.36
N ASP A 73 -16.71 -0.73 3.18
CA ASP A 73 -18.10 -0.78 2.79
C ASP A 73 -18.55 0.58 2.28
N SER A 74 -17.80 1.62 2.63
CA SER A 74 -18.15 2.97 2.31
C SER A 74 -18.01 3.28 0.80
N CYS A 75 -17.14 2.57 0.12
CA CYS A 75 -16.96 2.81 -1.30
C CYS A 75 -17.15 1.52 -2.06
N THR A 76 -16.99 1.59 -3.35
CA THR A 76 -16.97 0.44 -4.19
C THR A 76 -15.53 0.30 -4.66
N LEU A 77 -14.83 -0.58 -4.02
CA LEU A 77 -13.42 -0.71 -4.22
C LEU A 77 -13.17 -1.64 -5.43
N PRO A 78 -12.09 -1.40 -6.22
CA PRO A 78 -11.77 -2.19 -7.42
C PRO A 78 -11.59 -3.66 -7.11
N ALA A 79 -11.02 -3.95 -5.98
CA ALA A 79 -10.74 -5.32 -5.60
C ALA A 79 -11.83 -5.90 -4.79
N SER A 80 -12.95 -5.34 -4.95
CA SER A 80 -14.12 -5.90 -4.45
C SER A 80 -14.83 -6.63 -5.59
N ALA A 81 -14.42 -6.29 -6.81
CA ALA A 81 -14.89 -6.96 -7.99
C ALA A 81 -13.96 -8.11 -8.24
N GLU A 82 -14.14 -8.85 -9.29
CA GLU A 82 -13.27 -9.96 -9.52
C GLU A 82 -12.04 -9.56 -10.27
N LYS A 83 -10.94 -10.04 -9.82
CA LYS A 83 -9.70 -9.84 -10.48
C LYS A 83 -9.33 -11.13 -11.16
N ALA A 84 -8.29 -11.12 -11.92
CA ALA A 84 -7.80 -12.32 -12.53
C ALA A 84 -7.21 -13.19 -11.46
N CYS A 85 -7.90 -14.28 -11.14
CA CYS A 85 -7.64 -15.21 -10.03
C CYS A 85 -7.55 -14.64 -8.60
N GLY A 86 -7.63 -13.32 -8.43
CA GLY A 86 -7.79 -12.78 -7.07
C GLY A 86 -6.85 -11.67 -6.66
N ALA A 87 -5.70 -11.58 -7.28
CA ALA A 87 -4.71 -10.59 -6.93
C ALA A 87 -4.23 -9.94 -8.18
N CYS A 88 -3.00 -9.37 -8.14
CA CYS A 88 -2.28 -8.81 -9.31
C CYS A 88 -0.82 -8.33 -9.03
N PRO A 89 0.07 -8.18 -10.10
CA PRO A 89 1.49 -8.03 -10.06
C PRO A 89 2.27 -8.25 -8.76
N LEU A 90 2.33 -7.26 -7.91
CA LEU A 90 3.26 -7.33 -6.79
C LEU A 90 2.93 -8.32 -5.65
N TRP A 91 1.70 -8.81 -5.62
CA TRP A 91 1.34 -9.92 -4.73
C TRP A 91 0.47 -10.88 -5.50
N GLY A 92 0.51 -10.75 -6.81
CA GLY A 92 -0.37 -11.51 -7.65
C GLY A 92 0.27 -12.05 -8.91
N LYS A 93 0.28 -13.34 -9.02
CA LYS A 93 0.84 -14.03 -10.17
C LYS A 93 0.23 -15.41 -10.29
N CYS A 94 -0.41 -15.69 -11.38
CA CYS A 94 -0.98 -17.03 -11.61
C CYS A 94 -0.15 -17.74 -12.65
N ASP A 95 -0.54 -18.97 -12.97
CA ASP A 95 0.05 -19.74 -14.06
C ASP A 95 -0.35 -19.08 -15.36
N ALA A 96 0.53 -18.20 -15.83
CA ALA A 96 0.39 -17.39 -17.02
C ALA A 96 1.52 -16.40 -17.00
N GLU A 97 1.50 -15.43 -17.87
CA GLU A 97 2.53 -14.40 -17.88
C GLU A 97 2.21 -13.38 -16.77
N SER A 98 1.23 -12.57 -17.02
CA SER A 98 0.71 -11.62 -16.07
C SER A 98 -0.77 -11.46 -16.43
N SER A 99 -1.25 -12.50 -17.11
CA SER A 99 -2.59 -12.59 -17.63
C SER A 99 -3.58 -12.79 -16.47
N LYS A 100 -3.13 -13.51 -15.48
CA LYS A 100 -3.87 -13.75 -14.27
C LYS A 100 -2.96 -13.57 -13.12
N CYS A 101 -3.51 -13.39 -11.97
CA CYS A 101 -2.76 -13.13 -10.80
C CYS A 101 -3.33 -13.93 -9.60
N VAL A 102 -2.56 -14.79 -8.98
CA VAL A 102 -3.09 -15.58 -7.89
C VAL A 102 -2.58 -14.88 -6.65
N CYS A 103 -2.92 -15.31 -5.47
CA CYS A 103 -2.43 -14.58 -4.32
C CYS A 103 -1.16 -15.24 -3.95
N ARG A 104 -0.12 -14.49 -4.05
CA ARG A 104 1.19 -14.99 -3.89
C ARG A 104 1.61 -14.77 -2.46
N GLU A 105 2.51 -15.58 -2.03
CA GLU A 105 3.02 -15.56 -0.70
C GLU A 105 3.82 -14.29 -0.50
N ALA A 106 3.88 -13.84 0.75
CA ALA A 106 4.47 -12.55 1.12
C ALA A 106 5.95 -12.48 0.80
N SER A 107 6.57 -13.63 0.73
CA SER A 107 7.95 -13.73 0.42
C SER A 107 8.26 -13.33 -1.03
N GLU A 108 7.28 -13.48 -1.92
CA GLU A 108 7.49 -13.14 -3.31
C GLU A 108 6.90 -11.75 -3.60
N CYS A 109 7.32 -10.82 -2.78
CA CYS A 109 6.96 -9.43 -2.90
C CYS A 109 7.87 -8.82 -3.95
N GLU A 110 7.29 -8.47 -5.07
CA GLU A 110 8.04 -8.02 -6.24
C GLU A 110 8.00 -6.49 -6.40
N GLU A 111 7.87 -5.80 -5.30
CA GLU A 111 7.83 -4.34 -5.25
C GLU A 111 8.15 -4.00 -3.80
N GLU A 112 7.98 -2.78 -3.39
CA GLU A 112 8.17 -2.45 -2.01
C GLU A 112 6.86 -2.16 -1.34
N GLY A 113 5.98 -1.49 -2.09
CA GLY A 113 4.79 -0.97 -1.55
C GLY A 113 5.07 -0.07 -0.38
N PHE A 114 4.11 0.08 0.43
CA PHE A 114 4.23 0.77 1.65
C PHE A 114 4.30 -0.22 2.78
N SER A 115 4.50 0.30 3.93
CA SER A 115 4.40 -0.50 5.09
C SER A 115 3.20 0.04 5.86
N ILE A 116 2.29 -0.85 6.18
CA ILE A 116 1.03 -0.48 6.75
C ILE A 116 0.77 -1.24 8.03
N CYS A 117 -0.20 -0.80 8.75
CA CYS A 117 -0.55 -1.38 10.01
C CYS A 117 -1.82 -2.15 9.87
N VAL A 118 -1.79 -3.37 10.29
CA VAL A 118 -2.93 -4.21 10.19
C VAL A 118 -3.09 -5.05 11.46
N GLU A 119 -4.27 -5.02 12.00
CA GLU A 119 -4.57 -5.73 13.22
C GLU A 119 -4.88 -7.18 12.91
N VAL A 120 -3.94 -8.02 13.24
CA VAL A 120 -4.04 -9.40 13.08
C VAL A 120 -3.71 -10.02 14.40
N ASN A 121 -4.33 -11.12 14.69
CA ASN A 121 -4.06 -11.91 15.90
C ASN A 121 -4.48 -11.20 17.18
N GLY A 122 -5.04 -10.02 17.04
CA GLY A 122 -5.43 -9.27 18.16
C GLY A 122 -4.58 -8.03 18.34
N LYS A 123 -3.52 -7.95 17.59
CA LYS A 123 -2.60 -6.82 17.68
C LYS A 123 -2.38 -6.17 16.32
N GLU A 124 -2.04 -4.92 16.34
CA GLU A 124 -1.73 -4.19 15.14
C GLU A 124 -0.29 -4.42 14.77
N GLN A 125 -0.09 -5.15 13.70
CA GLN A 125 1.19 -5.49 13.22
C GLN A 125 1.47 -4.74 11.95
N THR A 126 2.66 -4.29 11.81
CA THR A 126 3.07 -3.56 10.65
C THR A 126 3.61 -4.53 9.61
N MET A 127 3.06 -4.47 8.43
CA MET A 127 3.48 -5.36 7.38
C MET A 127 3.86 -4.57 6.17
N SER A 128 4.42 -5.24 5.21
CA SER A 128 4.72 -4.66 3.95
C SER A 128 3.47 -4.80 3.08
N GLU A 129 3.37 -4.02 2.06
CA GLU A 129 2.19 -3.96 1.23
C GLU A 129 1.87 -5.31 0.55
N CYS A 130 2.89 -5.97 -0.02
CA CYS A 130 2.66 -7.29 -0.64
C CYS A 130 2.18 -8.27 0.41
N GLU A 131 2.69 -8.09 1.61
CA GLU A 131 2.44 -8.96 2.74
C GLU A 131 0.99 -8.86 3.18
N ALA A 132 0.58 -7.69 3.66
CA ALA A 132 -0.79 -7.49 4.14
C ALA A 132 -1.81 -7.77 3.03
N GLY A 133 -1.43 -7.41 1.80
CA GLY A 133 -2.26 -7.65 0.65
C GLY A 133 -2.45 -9.12 0.39
N ALA A 134 -1.38 -9.89 0.56
CA ALA A 134 -1.40 -11.32 0.40
C ALA A 134 -2.34 -11.95 1.43
N LEU A 135 -2.29 -11.46 2.68
CA LEU A 135 -3.20 -11.95 3.71
C LEU A 135 -4.66 -11.66 3.34
N ARG A 136 -4.93 -10.46 2.81
CA ARG A 136 -6.27 -10.11 2.34
C ARG A 136 -6.71 -11.03 1.23
N CYS A 137 -5.81 -11.22 0.29
CA CYS A 137 -6.08 -11.99 -0.90
C CYS A 137 -6.41 -13.44 -0.57
N ARG A 138 -5.63 -14.05 0.33
CA ARG A 138 -5.87 -15.44 0.72
C ARG A 138 -7.17 -15.60 1.51
N GLY A 139 -7.49 -14.61 2.31
CA GLY A 139 -8.68 -14.69 3.10
C GLY A 139 -8.40 -14.78 4.58
N GLN A 140 -7.19 -14.45 4.96
CA GLN A 140 -6.80 -14.40 6.36
C GLN A 140 -7.57 -13.26 7.03
N SER A 141 -7.87 -13.42 8.30
CA SER A 141 -8.56 -12.40 9.02
C SER A 141 -7.58 -11.31 9.42
N ILE A 142 -7.68 -10.17 8.76
CA ILE A 142 -6.82 -9.05 9.05
C ILE A 142 -7.65 -7.78 9.02
N SER A 143 -7.36 -6.88 9.89
CA SER A 143 -8.06 -5.64 9.94
C SER A 143 -7.11 -4.47 9.67
N VAL A 144 -7.19 -3.89 8.49
CA VAL A 144 -6.35 -2.75 8.17
C VAL A 144 -6.90 -1.55 8.92
N THR A 145 -6.24 -1.18 9.98
CA THR A 145 -6.67 -0.11 10.83
C THR A 145 -6.37 1.25 10.18
N SER A 146 -5.20 1.37 9.58
CA SER A 146 -4.80 2.56 8.87
C SER A 146 -3.69 2.19 7.91
N ILE A 147 -3.53 2.95 6.84
CA ILE A 147 -2.52 2.63 5.84
C ILE A 147 -1.16 3.27 6.23
N ARG A 148 -0.96 3.42 7.52
CA ARG A 148 0.24 3.98 8.10
C ARG A 148 0.96 2.85 8.80
N PRO A 149 2.28 2.90 8.96
CA PRO A 149 2.99 1.87 9.67
C PRO A 149 2.86 2.06 11.19
N CYS A 150 2.65 0.98 11.91
CA CYS A 150 2.59 1.06 13.36
C CYS A 150 3.94 0.75 13.97
N ALA A 151 4.06 0.91 15.26
CA ALA A 151 5.25 0.56 15.98
C ALA A 151 5.16 -0.92 16.34
N ALA A 152 5.19 -1.71 15.32
CA ALA A 152 5.09 -3.15 15.42
C ALA A 152 6.01 -3.78 14.41
N GLU A 153 7.09 -3.09 14.13
CA GLU A 153 8.09 -3.55 13.20
C GLU A 153 9.16 -4.38 13.90
N THR A 154 8.98 -4.53 15.18
CA THR A 154 9.79 -5.33 16.01
C THR A 154 9.26 -6.76 16.01
N GLN A 155 10.12 -7.69 15.73
CA GLN A 155 9.75 -9.08 15.66
C GLN A 155 10.30 -9.82 16.85
N GLY A 1 31.80 24.53 -0.49
CA GLY A 1 30.60 23.71 -0.61
C GLY A 1 29.44 24.39 0.06
N SER A 2 28.29 23.78 -0.03
CA SER A 2 27.07 24.31 0.54
C SER A 2 27.14 24.31 2.07
N HIS A 3 27.35 25.47 2.64
CA HIS A 3 27.40 25.57 4.08
C HIS A 3 26.51 26.72 4.56
N MET A 4 25.81 27.35 3.64
CA MET A 4 24.90 28.43 4.02
C MET A 4 23.67 27.81 4.66
N ASN A 5 23.14 26.80 4.00
CA ASN A 5 22.00 26.05 4.49
C ASN A 5 22.51 24.82 5.21
N PRO A 6 22.05 24.54 6.44
CA PRO A 6 22.41 23.32 7.16
C PRO A 6 21.69 22.12 6.55
N LEU A 7 22.44 21.25 5.97
CA LEU A 7 21.89 20.06 5.36
C LEU A 7 22.45 18.85 6.04
N THR A 8 21.72 17.76 5.98
CA THR A 8 22.17 16.58 6.61
C THR A 8 23.24 15.89 5.77
N GLN A 9 24.35 15.54 6.39
CA GLN A 9 25.41 14.83 5.68
C GLN A 9 25.23 13.34 5.80
N ALA A 10 24.14 12.95 6.41
CA ALA A 10 23.76 11.56 6.50
C ALA A 10 22.98 11.22 5.29
N VAL A 11 22.91 9.97 4.98
CA VAL A 11 22.23 9.54 3.84
C VAL A 11 20.72 9.73 4.03
N PRO A 12 20.06 10.44 3.13
CA PRO A 12 18.67 10.77 3.26
C PRO A 12 17.76 9.58 3.07
N LYS A 13 17.01 9.32 4.09
CA LYS A 13 16.05 8.26 4.08
C LYS A 13 14.73 8.86 3.71
N CYS A 14 14.24 8.50 2.59
CA CYS A 14 13.01 9.05 2.12
C CYS A 14 11.95 7.99 2.32
N GLN A 15 10.79 8.40 2.76
CA GLN A 15 9.70 7.48 3.03
C GLN A 15 9.13 6.92 1.73
N ARG A 16 8.19 6.00 1.84
CA ARG A 16 7.57 5.33 0.66
C ARG A 16 6.96 6.33 -0.33
N TRP A 17 6.42 7.40 0.19
CA TRP A 17 5.74 8.42 -0.60
C TRP A 17 6.71 9.51 -1.04
N GLU A 18 7.93 9.36 -0.60
CA GLU A 18 8.96 10.26 -0.91
C GLU A 18 9.91 9.59 -1.86
N LYS A 19 10.60 10.37 -2.61
CA LYS A 19 11.59 9.90 -3.51
C LYS A 19 12.77 10.83 -3.45
N LEU A 20 13.93 10.30 -3.71
CA LEU A 20 15.13 11.05 -3.66
C LEU A 20 15.42 11.66 -5.02
N GLN A 21 15.25 12.95 -5.12
CA GLN A 21 15.56 13.68 -6.31
C GLN A 21 16.18 14.95 -5.85
N ASN A 22 17.00 15.55 -6.67
CA ASN A 22 17.56 16.87 -6.40
C ASN A 22 18.39 16.84 -5.11
N SER A 23 18.89 15.63 -4.78
CA SER A 23 19.67 15.35 -3.59
C SER A 23 18.86 15.51 -2.29
N ARG A 24 17.54 15.44 -2.41
CA ARG A 24 16.65 15.61 -1.26
C ARG A 24 15.47 14.65 -1.36
N CYS A 25 14.71 14.55 -0.29
CA CYS A 25 13.54 13.70 -0.29
C CYS A 25 12.31 14.57 -0.51
N VAL A 26 11.62 14.32 -1.58
CA VAL A 26 10.40 15.05 -1.89
C VAL A 26 9.31 14.04 -2.08
N CYS A 27 8.10 14.48 -2.19
CA CYS A 27 7.02 13.57 -2.47
C CYS A 27 6.92 13.43 -3.95
N LYS A 28 6.64 12.24 -4.42
CA LYS A 28 6.53 12.03 -5.84
C LYS A 28 5.13 12.53 -6.32
N MET A 29 4.68 12.10 -7.45
CA MET A 29 3.39 12.50 -7.95
C MET A 29 2.39 11.41 -7.59
N PRO A 30 1.12 11.76 -7.27
CA PRO A 30 0.11 10.78 -6.83
C PRO A 30 -0.42 9.87 -7.94
N TYR A 31 0.21 9.93 -9.09
CA TYR A 31 -0.15 9.09 -10.22
C TYR A 31 1.01 8.18 -10.62
N GLU A 32 2.06 8.19 -9.83
CA GLU A 32 3.27 7.37 -10.08
C GLU A 32 3.13 6.07 -9.30
N CYS A 33 1.97 5.88 -8.77
CA CYS A 33 1.67 4.79 -7.90
C CYS A 33 1.27 3.55 -8.65
N GLY A 34 2.13 2.56 -8.59
CA GLY A 34 1.85 1.29 -9.18
C GLY A 34 1.53 0.25 -8.12
N PRO A 35 2.54 -0.23 -7.37
CA PRO A 35 2.32 -1.25 -6.38
C PRO A 35 1.83 -0.69 -5.04
N SER A 36 0.51 -0.65 -4.88
CA SER A 36 -0.11 -0.23 -3.64
C SER A 36 -1.51 -0.83 -3.48
N LEU A 37 -1.95 -0.98 -2.24
CA LEU A 37 -3.28 -1.44 -1.90
C LEU A 37 -4.31 -0.38 -2.20
N ASP A 38 -5.33 -0.74 -2.95
CA ASP A 38 -6.43 0.17 -3.17
C ASP A 38 -7.31 0.15 -1.95
N VAL A 39 -7.65 1.30 -1.50
CA VAL A 39 -8.41 1.47 -0.28
C VAL A 39 -9.52 2.47 -0.51
N CYS A 40 -10.52 2.43 0.33
CA CYS A 40 -11.58 3.41 0.23
C CYS A 40 -11.33 4.50 1.22
N ALA A 41 -11.37 5.71 0.76
CA ALA A 41 -11.13 6.83 1.58
C ALA A 41 -12.27 7.79 1.44
N GLN A 42 -12.36 8.70 2.34
CA GLN A 42 -13.34 9.70 2.28
C GLN A 42 -12.66 11.00 1.93
N ASP A 43 -13.13 11.60 0.89
CA ASP A 43 -12.62 12.87 0.42
C ASP A 43 -13.10 13.93 1.39
N GLU A 44 -12.21 14.66 2.01
CA GLU A 44 -12.62 15.64 3.01
C GLU A 44 -13.36 16.83 2.45
N ARG A 45 -13.22 17.10 1.17
CA ARG A 45 -13.88 18.23 0.62
C ARG A 45 -15.25 17.86 0.07
N SER A 46 -15.33 16.72 -0.56
CA SER A 46 -16.56 16.25 -1.19
C SER A 46 -17.38 15.37 -0.21
N LYS A 47 -16.68 14.83 0.78
CA LYS A 47 -17.23 13.95 1.83
C LYS A 47 -17.71 12.59 1.35
N ARG A 48 -17.36 12.21 0.14
CA ARG A 48 -17.75 10.93 -0.39
C ARG A 48 -16.66 9.93 -0.19
N ILE A 49 -17.02 8.68 -0.22
CA ILE A 49 -16.06 7.62 -0.16
C ILE A 49 -15.60 7.37 -1.58
N LEU A 50 -14.34 7.52 -1.81
CA LEU A 50 -13.79 7.30 -3.12
C LEU A 50 -12.69 6.26 -3.03
N PRO A 51 -12.43 5.57 -4.11
CA PRO A 51 -11.35 4.62 -4.16
C PRO A 51 -10.00 5.33 -4.33
N LEU A 52 -9.11 5.05 -3.44
CA LEU A 52 -7.78 5.56 -3.49
C LEU A 52 -6.83 4.41 -3.37
N THR A 53 -5.60 4.71 -3.30
CA THR A 53 -4.60 3.72 -3.16
C THR A 53 -3.61 4.24 -2.14
N VAL A 54 -2.97 3.36 -1.39
CA VAL A 54 -1.99 3.71 -0.31
C VAL A 54 -1.01 4.79 -0.77
N CYS A 55 -0.31 4.52 -1.86
CA CYS A 55 0.63 5.47 -2.43
C CYS A 55 -0.04 6.82 -2.70
N LYS A 56 -1.16 6.79 -3.45
CA LYS A 56 -1.88 8.02 -3.81
C LYS A 56 -2.22 8.82 -2.58
N MET A 57 -2.88 8.18 -1.64
CA MET A 57 -3.26 8.80 -0.37
C MET A 57 -2.06 9.39 0.36
N HIS A 58 -0.98 8.66 0.47
CA HIS A 58 0.20 9.14 1.21
C HIS A 58 0.87 10.32 0.52
N VAL A 59 1.07 10.19 -0.77
CA VAL A 59 1.69 11.24 -1.57
C VAL A 59 0.83 12.48 -1.54
N LEU A 60 -0.42 12.30 -1.84
CA LEU A 60 -1.38 13.34 -1.85
C LEU A 60 -1.53 13.98 -0.44
N HIS A 61 -1.33 13.17 0.59
CA HIS A 61 -1.42 13.65 1.96
C HIS A 61 -0.21 14.52 2.29
N CYS A 62 0.98 14.12 1.83
CA CYS A 62 2.17 14.91 2.10
C CYS A 62 2.21 16.13 1.18
N GLN A 63 1.46 16.07 0.07
CA GLN A 63 1.29 17.24 -0.77
C GLN A 63 0.35 18.26 -0.09
N GLY A 64 -0.43 17.78 0.86
CA GLY A 64 -1.26 18.68 1.65
C GLY A 64 -2.75 18.40 1.56
N ARG A 65 -3.13 17.34 0.90
CA ARG A 65 -4.55 17.02 0.75
C ARG A 65 -5.06 16.31 2.01
N ASN A 66 -6.32 16.51 2.31
CA ASN A 66 -6.94 15.93 3.48
C ASN A 66 -7.95 14.87 3.10
N TYR A 67 -7.74 13.70 3.63
CA TYR A 67 -8.61 12.57 3.39
C TYR A 67 -8.75 11.75 4.65
N THR A 68 -9.80 11.01 4.74
CA THR A 68 -10.03 10.15 5.85
C THR A 68 -10.10 8.74 5.31
N LEU A 69 -9.75 7.74 6.08
CA LEU A 69 -9.84 6.40 5.56
C LEU A 69 -11.03 5.68 6.09
N THR A 70 -11.55 4.81 5.26
CA THR A 70 -12.75 4.09 5.56
C THR A 70 -12.56 2.62 5.16
N GLY A 71 -13.56 1.80 5.37
CA GLY A 71 -13.49 0.40 4.98
C GLY A 71 -13.52 0.25 3.46
N ARG A 72 -12.97 -0.84 2.96
CA ARG A 72 -12.87 -1.06 1.49
C ARG A 72 -14.24 -1.39 0.89
N ASP A 73 -15.19 -1.57 1.76
CA ASP A 73 -16.53 -1.92 1.39
C ASP A 73 -17.39 -0.66 1.29
N SER A 74 -16.80 0.48 1.61
CA SER A 74 -17.51 1.74 1.57
C SER A 74 -17.49 2.37 0.16
N CYS A 75 -16.53 1.99 -0.65
CA CYS A 75 -16.48 2.49 -2.01
C CYS A 75 -16.43 1.33 -2.96
N THR A 76 -16.53 1.61 -4.22
CA THR A 76 -16.39 0.64 -5.23
C THR A 76 -14.91 0.64 -5.65
N LEU A 77 -14.19 -0.37 -5.22
CA LEU A 77 -12.77 -0.43 -5.44
C LEU A 77 -12.47 -0.81 -6.91
N PRO A 78 -11.44 -0.18 -7.54
CA PRO A 78 -11.14 -0.37 -8.97
C PRO A 78 -10.60 -1.77 -9.32
N ALA A 79 -10.18 -1.89 -10.59
CA ALA A 79 -9.70 -3.13 -11.20
C ALA A 79 -10.78 -4.18 -11.22
N SER A 80 -11.50 -4.21 -12.31
CA SER A 80 -12.60 -5.09 -12.48
C SER A 80 -12.91 -5.16 -13.95
N ALA A 81 -12.64 -6.28 -14.53
CA ALA A 81 -12.90 -6.53 -15.92
C ALA A 81 -12.80 -8.01 -16.16
N GLU A 82 -13.04 -8.48 -17.36
CA GLU A 82 -12.97 -9.90 -17.60
C GLU A 82 -11.55 -10.39 -17.82
N LYS A 83 -10.81 -10.41 -16.74
CA LYS A 83 -9.43 -10.81 -16.69
C LYS A 83 -9.30 -11.87 -15.61
N ALA A 84 -8.08 -12.29 -15.32
CA ALA A 84 -7.80 -13.26 -14.26
C ALA A 84 -8.39 -12.77 -12.94
N CYS A 85 -9.46 -13.42 -12.55
CA CYS A 85 -10.27 -13.08 -11.39
C CYS A 85 -10.77 -11.63 -11.36
N GLY A 86 -10.77 -10.97 -12.49
CA GLY A 86 -11.28 -9.62 -12.59
C GLY A 86 -10.22 -8.56 -12.33
N ALA A 87 -9.20 -8.94 -11.62
CA ALA A 87 -8.17 -8.02 -11.25
C ALA A 87 -6.90 -8.77 -10.97
N CYS A 88 -5.83 -8.30 -11.54
CA CYS A 88 -4.53 -8.86 -11.32
C CYS A 88 -3.70 -7.84 -10.54
N PRO A 89 -3.73 -7.90 -9.20
CA PRO A 89 -2.98 -7.00 -8.37
C PRO A 89 -1.65 -7.61 -7.93
N LEU A 90 -0.97 -6.92 -7.04
CA LEU A 90 0.34 -7.30 -6.52
C LEU A 90 0.23 -8.66 -5.82
N TRP A 91 -0.62 -8.67 -4.80
CA TRP A 91 -0.85 -9.81 -3.90
C TRP A 91 -1.64 -10.91 -4.56
N GLY A 92 -2.21 -10.62 -5.70
CA GLY A 92 -3.01 -11.60 -6.40
C GLY A 92 -4.40 -11.70 -5.84
N LYS A 93 -5.24 -12.38 -6.52
CA LYS A 93 -6.60 -12.60 -6.14
C LYS A 93 -7.09 -13.84 -6.81
N CYS A 94 -7.94 -14.55 -6.19
CA CYS A 94 -8.62 -15.67 -6.79
C CYS A 94 -10.09 -15.39 -6.47
N ASP A 95 -10.95 -15.17 -7.47
CA ASP A 95 -12.31 -14.69 -7.20
C ASP A 95 -13.27 -14.89 -8.38
N ALA A 96 -13.10 -14.11 -9.42
CA ALA A 96 -13.98 -14.21 -10.59
C ALA A 96 -13.55 -15.36 -11.49
N GLU A 97 -14.50 -15.90 -12.22
CA GLU A 97 -14.28 -17.05 -13.08
C GLU A 97 -13.94 -16.64 -14.51
N SER A 98 -14.00 -15.33 -14.78
CA SER A 98 -13.68 -14.77 -16.11
C SER A 98 -12.36 -15.32 -16.66
N SER A 99 -11.40 -15.45 -15.79
CA SER A 99 -10.13 -16.07 -16.01
C SER A 99 -9.60 -16.38 -14.63
N LYS A 100 -8.65 -17.22 -14.52
CA LYS A 100 -8.16 -17.71 -13.25
C LYS A 100 -7.00 -16.89 -12.74
N CYS A 101 -7.02 -16.62 -11.46
CA CYS A 101 -5.96 -15.93 -10.78
C CYS A 101 -5.74 -16.62 -9.44
N VAL A 102 -4.89 -16.08 -8.62
CA VAL A 102 -4.41 -16.76 -7.46
C VAL A 102 -3.97 -15.71 -6.43
N CYS A 103 -4.00 -16.05 -5.17
CA CYS A 103 -3.55 -15.15 -4.14
C CYS A 103 -2.12 -15.58 -3.83
N ARG A 104 -1.21 -14.67 -3.93
CA ARG A 104 0.20 -14.95 -3.74
C ARG A 104 0.51 -14.96 -2.25
N GLU A 105 1.63 -15.52 -1.88
CA GLU A 105 2.01 -15.51 -0.49
C GLU A 105 2.65 -14.17 -0.13
N ALA A 106 2.77 -13.89 1.15
CA ALA A 106 3.27 -12.62 1.65
C ALA A 106 4.70 -12.39 1.18
N SER A 107 5.48 -13.43 1.17
CA SER A 107 6.85 -13.32 0.78
C SER A 107 7.05 -13.66 -0.71
N GLU A 108 5.96 -13.77 -1.44
CA GLU A 108 6.01 -14.19 -2.84
C GLU A 108 6.06 -12.99 -3.77
N CYS A 109 5.68 -11.83 -3.28
CA CYS A 109 5.67 -10.63 -4.09
C CYS A 109 7.05 -10.06 -4.34
N GLU A 110 7.15 -9.27 -5.37
CA GLU A 110 8.40 -8.77 -5.90
C GLU A 110 8.41 -7.24 -6.06
N GLU A 111 7.23 -6.67 -6.15
CA GLU A 111 7.05 -5.27 -6.41
C GLU A 111 7.25 -4.41 -5.17
N GLU A 112 7.49 -3.13 -5.39
CA GLU A 112 7.82 -2.22 -4.33
C GLU A 112 6.59 -1.58 -3.70
N GLY A 113 5.89 -2.40 -3.01
CA GLY A 113 4.75 -1.93 -2.28
C GLY A 113 5.17 -1.23 -1.01
N PHE A 114 4.25 -0.52 -0.42
CA PHE A 114 4.49 0.22 0.79
C PHE A 114 4.45 -0.69 2.01
N SER A 115 4.55 -0.07 3.14
CA SER A 115 4.41 -0.74 4.39
C SER A 115 3.22 -0.12 5.10
N ILE A 116 2.26 -0.95 5.42
CA ILE A 116 1.01 -0.51 6.00
C ILE A 116 0.78 -1.18 7.34
N CYS A 117 -0.07 -0.60 8.15
CA CYS A 117 -0.33 -1.13 9.46
C CYS A 117 -1.64 -1.88 9.45
N VAL A 118 -1.61 -3.06 9.96
CA VAL A 118 -2.78 -3.84 10.04
C VAL A 118 -2.85 -4.54 11.41
N GLU A 119 -3.98 -4.40 12.06
CA GLU A 119 -4.22 -4.98 13.36
C GLU A 119 -4.62 -6.41 13.16
N VAL A 120 -3.76 -7.28 13.55
CA VAL A 120 -3.95 -8.68 13.37
C VAL A 120 -3.57 -9.35 14.66
N ASN A 121 -4.37 -10.29 15.11
CA ASN A 121 -4.12 -11.02 16.36
C ASN A 121 -4.25 -10.09 17.54
N GLY A 122 -4.90 -8.98 17.32
CA GLY A 122 -5.07 -8.00 18.34
C GLY A 122 -3.88 -7.11 18.47
N LYS A 123 -2.92 -7.27 17.60
CA LYS A 123 -1.74 -6.43 17.62
C LYS A 123 -1.53 -5.80 16.27
N GLU A 124 -1.10 -4.58 16.27
CA GLU A 124 -0.87 -3.88 15.04
C GLU A 124 0.49 -4.23 14.53
N GLN A 125 0.53 -4.86 13.41
CA GLN A 125 1.77 -5.19 12.78
C GLN A 125 1.86 -4.49 11.44
N THR A 126 3.02 -4.01 11.11
CA THR A 126 3.24 -3.37 9.85
C THR A 126 3.70 -4.43 8.87
N MET A 127 3.05 -4.52 7.76
CA MET A 127 3.43 -5.50 6.77
C MET A 127 3.69 -4.79 5.49
N SER A 128 4.12 -5.52 4.54
CA SER A 128 4.29 -5.00 3.25
C SER A 128 2.96 -5.03 2.52
N GLU A 129 2.83 -4.18 1.54
CA GLU A 129 1.64 -3.97 0.71
C GLU A 129 1.01 -5.30 0.24
N CYS A 130 1.86 -6.23 -0.17
CA CYS A 130 1.39 -7.46 -0.75
C CYS A 130 0.93 -8.35 0.32
N GLU A 131 1.72 -8.36 1.35
CA GLU A 131 1.56 -9.21 2.48
C GLU A 131 0.19 -9.04 3.12
N ALA A 132 -0.11 -7.82 3.52
CA ALA A 132 -1.40 -7.52 4.13
C ALA A 132 -2.55 -7.89 3.18
N GLY A 133 -2.36 -7.60 1.89
CA GLY A 133 -3.37 -7.89 0.90
C GLY A 133 -3.55 -9.37 0.65
N ALA A 134 -2.45 -10.08 0.64
CA ALA A 134 -2.42 -11.52 0.40
C ALA A 134 -3.13 -12.26 1.50
N LEU A 135 -2.85 -11.86 2.74
CA LEU A 135 -3.50 -12.47 3.87
C LEU A 135 -5.02 -12.27 3.85
N ARG A 136 -5.47 -11.20 3.22
CA ARG A 136 -6.90 -10.96 3.06
C ARG A 136 -7.48 -12.00 2.11
N CYS A 137 -6.76 -12.20 1.02
CA CYS A 137 -7.19 -13.06 -0.08
C CYS A 137 -7.23 -14.53 0.36
N ARG A 138 -6.33 -14.91 1.25
CA ARG A 138 -6.25 -16.30 1.70
C ARG A 138 -7.31 -16.65 2.74
N GLY A 139 -7.64 -15.72 3.61
CA GLY A 139 -8.58 -16.04 4.64
C GLY A 139 -8.12 -15.69 6.03
N GLN A 140 -6.96 -15.08 6.14
CA GLN A 140 -6.47 -14.60 7.43
C GLN A 140 -7.37 -13.47 7.93
N SER A 141 -7.53 -13.37 9.22
CA SER A 141 -8.30 -12.30 9.80
C SER A 141 -7.34 -11.17 10.19
N ILE A 142 -7.42 -10.10 9.46
CA ILE A 142 -6.56 -8.93 9.62
C ILE A 142 -7.46 -7.70 9.52
N SER A 143 -7.19 -6.71 10.31
CA SER A 143 -7.94 -5.49 10.27
C SER A 143 -7.05 -4.30 9.93
N VAL A 144 -7.24 -3.74 8.76
CA VAL A 144 -6.44 -2.61 8.34
C VAL A 144 -6.82 -1.35 9.13
N THR A 145 -5.89 -0.85 9.88
CA THR A 145 -6.09 0.30 10.71
C THR A 145 -5.87 1.59 9.94
N SER A 146 -4.89 1.56 9.04
CA SER A 146 -4.55 2.65 8.19
C SER A 146 -3.51 2.17 7.21
N ILE A 147 -3.26 2.92 6.17
CA ILE A 147 -2.28 2.52 5.19
C ILE A 147 -0.90 3.08 5.59
N ARG A 148 -0.84 3.70 6.73
CA ARG A 148 0.41 4.21 7.24
C ARG A 148 1.01 3.20 8.18
N PRO A 149 2.35 3.02 8.12
CA PRO A 149 3.05 2.02 8.95
C PRO A 149 2.96 2.34 10.44
N CYS A 150 2.90 1.31 11.25
CA CYS A 150 2.84 1.48 12.68
C CYS A 150 4.23 1.39 13.29
N ALA A 151 4.31 1.50 14.62
CA ALA A 151 5.56 1.39 15.36
C ALA A 151 5.94 -0.08 15.56
N ALA A 152 5.47 -0.89 14.67
CA ALA A 152 5.76 -2.28 14.63
C ALA A 152 6.67 -2.47 13.47
N GLU A 153 7.93 -2.60 13.75
CA GLU A 153 8.91 -2.71 12.71
C GLU A 153 9.55 -4.07 12.68
N THR A 154 8.77 -5.08 12.94
CA THR A 154 9.23 -6.43 12.78
C THR A 154 9.08 -6.76 11.31
N GLN A 155 10.10 -6.48 10.58
CA GLN A 155 10.09 -6.63 9.15
C GLN A 155 11.49 -6.95 8.69
N GLY A 1 33.36 -10.95 -5.59
CA GLY A 1 34.00 -9.84 -4.93
C GLY A 1 33.00 -8.90 -4.31
N SER A 2 32.59 -9.18 -3.10
CA SER A 2 31.56 -8.40 -2.43
C SER A 2 32.10 -7.07 -1.92
N HIS A 3 33.37 -6.88 -2.08
CA HIS A 3 34.04 -5.65 -1.69
C HIS A 3 33.97 -4.65 -2.86
N MET A 4 33.53 -5.14 -4.00
CA MET A 4 33.40 -4.31 -5.19
C MET A 4 31.99 -3.74 -5.27
N ASN A 5 31.04 -4.54 -4.85
CA ASN A 5 29.62 -4.18 -4.92
C ASN A 5 29.26 -3.21 -3.81
N PRO A 6 28.48 -2.17 -4.12
CA PRO A 6 28.01 -1.23 -3.13
C PRO A 6 26.86 -1.79 -2.28
N LEU A 7 27.18 -2.33 -1.12
CA LEU A 7 26.18 -2.87 -0.23
C LEU A 7 25.51 -1.77 0.56
N THR A 8 24.19 -1.73 0.46
CA THR A 8 23.33 -0.79 1.17
C THR A 8 23.70 0.68 0.91
N GLN A 9 23.65 1.05 -0.35
CA GLN A 9 23.87 2.41 -0.75
C GLN A 9 22.56 3.03 -1.20
N ALA A 10 21.65 2.17 -1.58
CA ALA A 10 20.34 2.60 -2.00
C ALA A 10 19.38 2.53 -0.82
N VAL A 11 19.42 3.53 -0.02
CA VAL A 11 18.55 3.62 1.13
C VAL A 11 17.97 5.02 1.23
N PRO A 12 16.69 5.18 0.92
CA PRO A 12 16.01 6.45 1.04
C PRO A 12 15.70 6.81 2.48
N LYS A 13 15.97 8.04 2.84
CA LYS A 13 15.68 8.59 4.17
C LYS A 13 14.39 9.36 4.08
N CYS A 14 13.63 8.94 3.15
CA CYS A 14 12.41 9.57 2.79
C CYS A 14 11.27 8.74 3.31
N GLN A 15 10.13 9.36 3.50
CA GLN A 15 8.95 8.65 3.89
C GLN A 15 8.44 7.85 2.70
N ARG A 16 7.45 7.03 2.92
CA ARG A 16 6.97 6.14 1.86
C ARG A 16 6.41 6.88 0.65
N TRP A 17 5.90 8.07 0.86
CA TRP A 17 5.29 8.86 -0.22
C TRP A 17 6.31 9.81 -0.84
N GLU A 18 7.50 9.73 -0.32
CA GLU A 18 8.57 10.53 -0.76
C GLU A 18 9.54 9.64 -1.47
N LYS A 19 9.92 10.02 -2.61
CA LYS A 19 10.81 9.21 -3.36
C LYS A 19 12.11 9.95 -3.50
N LEU A 20 13.18 9.22 -3.57
CA LEU A 20 14.49 9.80 -3.64
C LEU A 20 14.82 10.14 -5.08
N GLN A 21 14.85 11.43 -5.36
CA GLN A 21 15.20 11.91 -6.66
C GLN A 21 15.88 13.23 -6.48
N ASN A 22 16.82 13.55 -7.36
CA ASN A 22 17.56 14.84 -7.31
C ASN A 22 18.32 14.91 -5.97
N SER A 23 18.67 13.72 -5.50
CA SER A 23 19.36 13.45 -4.24
C SER A 23 18.57 13.91 -3.00
N ARG A 24 17.28 14.17 -3.18
CA ARG A 24 16.46 14.63 -2.09
C ARG A 24 15.20 13.79 -2.01
N CYS A 25 14.43 14.06 -1.02
CA CYS A 25 13.19 13.40 -0.82
C CYS A 25 12.08 14.34 -1.22
N VAL A 26 11.31 13.95 -2.20
CA VAL A 26 10.17 14.71 -2.64
C VAL A 26 8.96 13.87 -2.57
N CYS A 27 7.82 14.45 -2.46
CA CYS A 27 6.62 13.68 -2.49
C CYS A 27 6.30 13.56 -3.93
N LYS A 28 6.14 12.34 -4.40
CA LYS A 28 6.00 12.15 -5.82
C LYS A 28 4.55 12.46 -6.30
N MET A 29 4.13 11.92 -7.41
CA MET A 29 2.80 12.22 -7.92
C MET A 29 1.88 11.03 -7.65
N PRO A 30 0.59 11.28 -7.31
CA PRO A 30 -0.34 10.20 -6.94
C PRO A 30 -0.60 9.20 -8.07
N TYR A 31 -0.51 9.68 -9.31
CA TYR A 31 -0.77 8.82 -10.47
C TYR A 31 0.44 7.94 -10.81
N GLU A 32 1.53 8.18 -10.12
CA GLU A 32 2.77 7.42 -10.29
C GLU A 32 2.61 6.09 -9.56
N CYS A 33 1.81 6.12 -8.52
CA CYS A 33 1.57 4.97 -7.71
C CYS A 33 0.73 3.95 -8.45
N GLY A 34 1.32 2.85 -8.80
CA GLY A 34 0.60 1.78 -9.44
C GLY A 34 0.25 0.71 -8.42
N PRO A 35 1.22 -0.09 -7.97
CA PRO A 35 1.00 -1.13 -7.01
C PRO A 35 1.04 -0.61 -5.56
N SER A 36 -0.12 -0.49 -4.96
CA SER A 36 -0.29 -0.05 -3.61
C SER A 36 -1.63 -0.60 -3.14
N LEU A 37 -1.82 -0.77 -1.85
CA LEU A 37 -3.03 -1.35 -1.31
C LEU A 37 -4.23 -0.41 -1.48
N ASP A 38 -5.27 -0.91 -2.09
CA ASP A 38 -6.49 -0.12 -2.27
C ASP A 38 -7.29 -0.05 -0.99
N VAL A 39 -7.81 1.13 -0.72
CA VAL A 39 -8.59 1.44 0.49
C VAL A 39 -9.74 2.42 0.13
N CYS A 40 -10.74 2.54 0.98
CA CYS A 40 -11.80 3.50 0.74
C CYS A 40 -11.50 4.73 1.53
N ALA A 41 -11.64 5.85 0.92
CA ALA A 41 -11.34 7.07 1.56
C ALA A 41 -12.48 8.02 1.48
N GLN A 42 -12.45 9.00 2.30
CA GLN A 42 -13.43 10.03 2.31
C GLN A 42 -12.77 11.35 2.08
N ASP A 43 -13.30 12.06 1.14
CA ASP A 43 -12.83 13.37 0.80
C ASP A 43 -13.29 14.37 1.85
N GLU A 44 -12.45 15.28 2.23
CA GLU A 44 -12.77 16.22 3.27
C GLU A 44 -13.42 17.51 2.78
N ARG A 45 -13.71 17.59 1.52
CA ARG A 45 -14.40 18.74 0.98
C ARG A 45 -15.87 18.40 0.74
N SER A 46 -16.11 17.44 -0.11
CA SER A 46 -17.46 17.07 -0.46
C SER A 46 -17.95 15.95 0.45
N LYS A 47 -17.04 15.42 1.30
CA LYS A 47 -17.32 14.36 2.27
C LYS A 47 -17.76 13.08 1.58
N ARG A 48 -17.35 12.93 0.34
CA ARG A 48 -17.70 11.79 -0.48
C ARG A 48 -16.74 10.66 -0.25
N ILE A 49 -17.20 9.46 -0.41
CA ILE A 49 -16.37 8.31 -0.29
C ILE A 49 -15.85 7.95 -1.68
N LEU A 50 -14.58 7.82 -1.82
CA LEU A 50 -13.99 7.46 -3.07
C LEU A 50 -12.95 6.36 -2.84
N PRO A 51 -12.67 5.56 -3.86
CA PRO A 51 -11.65 4.53 -3.79
C PRO A 51 -10.27 5.15 -3.95
N LEU A 52 -9.41 4.89 -3.02
CA LEU A 52 -8.07 5.37 -3.08
C LEU A 52 -7.13 4.24 -2.83
N THR A 53 -5.89 4.54 -2.84
CA THR A 53 -4.91 3.57 -2.66
C THR A 53 -3.84 4.16 -1.75
N VAL A 54 -3.19 3.33 -0.93
CA VAL A 54 -2.17 3.73 0.07
C VAL A 54 -1.21 4.82 -0.43
N CYS A 55 -0.42 4.48 -1.43
CA CYS A 55 0.56 5.41 -2.00
C CYS A 55 -0.12 6.68 -2.44
N LYS A 56 -1.18 6.53 -3.22
CA LYS A 56 -1.93 7.65 -3.78
C LYS A 56 -2.40 8.60 -2.70
N MET A 57 -3.10 8.06 -1.71
CA MET A 57 -3.60 8.81 -0.55
C MET A 57 -2.46 9.54 0.18
N HIS A 58 -1.39 8.82 0.47
CA HIS A 58 -0.25 9.42 1.19
C HIS A 58 0.38 10.52 0.36
N VAL A 59 0.55 10.25 -0.91
CA VAL A 59 1.13 11.18 -1.83
C VAL A 59 0.26 12.40 -2.01
N LEU A 60 -1.03 12.20 -2.27
CA LEU A 60 -1.94 13.32 -2.44
C LEU A 60 -2.07 14.11 -1.16
N HIS A 61 -1.85 13.45 -0.03
CA HIS A 61 -1.84 14.08 1.26
C HIS A 61 -0.69 15.06 1.32
N CYS A 62 0.47 14.65 0.83
CA CYS A 62 1.64 15.51 0.83
C CYS A 62 1.50 16.58 -0.26
N GLN A 63 0.71 16.25 -1.29
CA GLN A 63 0.43 17.18 -2.37
C GLN A 63 -0.46 18.33 -1.88
N GLY A 64 -1.07 18.17 -0.71
CA GLY A 64 -1.86 19.24 -0.13
C GLY A 64 -3.31 18.87 0.09
N ARG A 65 -3.67 17.65 -0.25
CA ARG A 65 -5.06 17.23 -0.11
C ARG A 65 -5.31 16.64 1.29
N ASN A 66 -6.56 16.65 1.70
CA ASN A 66 -6.98 16.08 2.98
C ASN A 66 -8.03 15.03 2.73
N TYR A 67 -7.82 13.86 3.27
CA TYR A 67 -8.73 12.76 3.12
C TYR A 67 -8.76 11.95 4.39
N THR A 68 -9.84 11.29 4.61
CA THR A 68 -10.05 10.44 5.73
C THR A 68 -10.23 9.02 5.17
N LEU A 69 -10.15 8.00 5.97
CA LEU A 69 -10.40 6.69 5.46
C LEU A 69 -11.68 6.14 5.98
N THR A 70 -12.29 5.29 5.21
CA THR A 70 -13.59 4.76 5.54
C THR A 70 -13.68 3.26 5.29
N GLY A 71 -14.84 2.69 5.59
CA GLY A 71 -15.07 1.27 5.46
C GLY A 71 -15.06 0.78 4.04
N ARG A 72 -14.76 -0.50 3.89
CA ARG A 72 -14.61 -1.19 2.62
C ARG A 72 -15.82 -1.07 1.69
N ASP A 73 -16.99 -1.17 2.24
CA ASP A 73 -18.19 -1.13 1.40
C ASP A 73 -18.70 0.28 1.16
N SER A 74 -18.01 1.29 1.70
CA SER A 74 -18.41 2.64 1.50
C SER A 74 -18.04 3.11 0.09
N CYS A 75 -16.92 2.60 -0.43
CA CYS A 75 -16.53 2.93 -1.78
C CYS A 75 -16.67 1.70 -2.60
N THR A 76 -16.44 1.81 -3.86
CA THR A 76 -16.44 0.64 -4.69
C THR A 76 -14.99 0.27 -4.94
N LEU A 77 -14.52 -0.64 -4.14
CA LEU A 77 -13.16 -1.04 -4.22
C LEU A 77 -13.08 -2.25 -5.14
N PRO A 78 -12.21 -2.20 -6.13
CA PRO A 78 -12.08 -3.26 -7.12
C PRO A 78 -11.07 -4.34 -6.64
N ALA A 79 -10.42 -4.95 -7.59
CA ALA A 79 -9.41 -5.92 -7.35
C ALA A 79 -8.09 -5.32 -7.76
N SER A 80 -7.03 -5.97 -7.37
CA SER A 80 -5.72 -5.51 -7.68
C SER A 80 -5.33 -5.91 -9.12
N ALA A 81 -6.11 -6.79 -9.73
CA ALA A 81 -5.92 -7.19 -11.11
C ALA A 81 -7.15 -7.84 -11.62
N GLU A 82 -7.18 -8.03 -12.91
CA GLU A 82 -8.26 -8.68 -13.58
C GLU A 82 -7.70 -9.63 -14.62
N LYS A 83 -6.46 -9.95 -14.45
CA LYS A 83 -5.72 -10.78 -15.34
C LYS A 83 -5.54 -12.13 -14.72
N ALA A 84 -5.82 -13.17 -15.49
CA ALA A 84 -5.75 -14.55 -15.01
C ALA A 84 -4.33 -14.94 -14.63
N CYS A 85 -4.21 -16.00 -13.86
CA CYS A 85 -2.92 -16.53 -13.38
C CYS A 85 -1.88 -16.62 -14.51
N GLY A 86 -0.72 -16.06 -14.27
CA GLY A 86 0.33 -16.02 -15.25
C GLY A 86 0.79 -14.60 -15.46
N ALA A 87 -0.09 -13.69 -15.12
CA ALA A 87 0.18 -12.28 -15.13
C ALA A 87 -0.53 -11.70 -13.94
N CYS A 88 0.20 -11.43 -12.90
CA CYS A 88 -0.41 -11.00 -11.69
C CYS A 88 0.53 -10.06 -10.91
N PRO A 89 -0.03 -8.97 -10.32
CA PRO A 89 0.73 -8.01 -9.48
C PRO A 89 1.35 -8.66 -8.24
N LEU A 90 2.13 -7.85 -7.53
CA LEU A 90 2.90 -8.22 -6.32
C LEU A 90 2.17 -9.11 -5.31
N TRP A 91 0.97 -8.72 -4.87
CA TRP A 91 0.20 -9.58 -3.94
C TRP A 91 -0.97 -10.23 -4.70
N GLY A 92 -1.28 -9.66 -5.85
CA GLY A 92 -2.35 -10.13 -6.71
C GLY A 92 -3.75 -10.08 -6.10
N LYS A 93 -4.62 -10.89 -6.62
CA LYS A 93 -5.96 -11.04 -6.12
C LYS A 93 -6.44 -12.33 -6.71
N CYS A 94 -7.11 -13.19 -6.01
CA CYS A 94 -7.56 -14.38 -6.68
C CYS A 94 -8.99 -14.26 -7.19
N ASP A 95 -9.41 -15.25 -7.97
CA ASP A 95 -10.76 -15.33 -8.55
C ASP A 95 -11.80 -15.25 -7.44
N ALA A 96 -12.52 -14.16 -7.39
CA ALA A 96 -13.53 -13.96 -6.36
C ALA A 96 -14.75 -13.20 -6.89
N GLU A 97 -14.57 -12.47 -7.96
CA GLU A 97 -15.64 -11.68 -8.51
C GLU A 97 -16.02 -12.17 -9.90
N SER A 98 -15.10 -12.09 -10.83
CA SER A 98 -15.37 -12.49 -12.20
C SER A 98 -14.06 -12.74 -12.94
N SER A 99 -13.09 -11.90 -12.69
CA SER A 99 -11.81 -12.03 -13.31
C SER A 99 -11.00 -13.13 -12.61
N LYS A 100 -10.35 -13.96 -13.39
CA LYS A 100 -9.51 -14.97 -12.84
C LYS A 100 -8.21 -14.31 -12.53
N CYS A 101 -7.68 -14.59 -11.38
CA CYS A 101 -6.43 -14.06 -10.94
C CYS A 101 -5.98 -14.92 -9.76
N VAL A 102 -4.92 -14.56 -9.09
CA VAL A 102 -4.34 -15.40 -8.05
C VAL A 102 -3.61 -14.48 -7.05
N CYS A 103 -3.31 -14.95 -5.85
CA CYS A 103 -2.62 -14.12 -4.88
C CYS A 103 -1.16 -14.51 -4.81
N ARG A 104 -0.29 -13.57 -5.07
CA ARG A 104 1.13 -13.78 -4.94
C ARG A 104 1.51 -13.41 -3.53
N GLU A 105 2.17 -14.30 -2.84
CA GLU A 105 2.42 -14.09 -1.44
C GLU A 105 3.64 -13.22 -1.16
N ALA A 106 3.93 -13.03 0.13
CA ALA A 106 4.92 -12.07 0.63
C ALA A 106 6.35 -12.40 0.20
N SER A 107 6.56 -13.55 -0.33
CA SER A 107 7.85 -13.90 -0.79
C SER A 107 7.97 -13.66 -2.31
N GLU A 108 6.83 -13.58 -2.97
CA GLU A 108 6.75 -13.52 -4.43
C GLU A 108 6.30 -12.13 -4.89
N CYS A 109 6.49 -11.13 -4.05
CA CYS A 109 6.00 -9.79 -4.33
C CYS A 109 6.68 -9.16 -5.57
N GLU A 110 7.97 -8.88 -5.44
CA GLU A 110 8.76 -8.16 -6.46
C GLU A 110 8.14 -6.78 -6.78
N GLU A 111 8.34 -5.85 -5.86
CA GLU A 111 7.86 -4.47 -5.92
C GLU A 111 8.15 -3.84 -4.56
N GLU A 112 8.14 -2.50 -4.46
CA GLU A 112 8.43 -1.82 -3.19
C GLU A 112 7.40 -2.19 -2.10
N GLY A 113 6.22 -1.58 -2.16
CA GLY A 113 5.25 -1.80 -1.15
C GLY A 113 5.51 -0.96 0.09
N PHE A 114 4.52 -0.22 0.49
CA PHE A 114 4.58 0.59 1.67
C PHE A 114 4.60 -0.24 2.95
N SER A 115 4.66 0.44 4.05
CA SER A 115 4.59 -0.17 5.33
C SER A 115 3.34 0.34 6.03
N ILE A 116 2.43 -0.55 6.31
CA ILE A 116 1.14 -0.17 6.84
C ILE A 116 0.91 -0.83 8.21
N CYS A 117 -0.15 -0.42 8.85
CA CYS A 117 -0.45 -0.87 10.18
C CYS A 117 -1.65 -1.77 10.11
N VAL A 118 -1.50 -2.99 10.48
CA VAL A 118 -2.61 -3.87 10.42
C VAL A 118 -2.77 -4.63 11.74
N GLU A 119 -3.99 -4.66 12.22
CA GLU A 119 -4.31 -5.34 13.42
C GLU A 119 -4.49 -6.83 13.14
N VAL A 120 -3.52 -7.56 13.53
CA VAL A 120 -3.46 -8.96 13.37
C VAL A 120 -3.09 -9.53 14.73
N ASN A 121 -3.90 -10.47 15.23
CA ASN A 121 -3.69 -11.10 16.55
C ASN A 121 -4.07 -10.12 17.65
N GLY A 122 -4.87 -9.13 17.27
CA GLY A 122 -5.32 -8.12 18.20
C GLY A 122 -4.33 -7.00 18.33
N LYS A 123 -3.16 -7.21 17.76
CA LYS A 123 -2.08 -6.27 17.83
C LYS A 123 -1.94 -5.61 16.50
N GLU A 124 -1.49 -4.41 16.51
CA GLU A 124 -1.24 -3.73 15.27
C GLU A 124 0.20 -3.95 14.94
N GLN A 125 0.44 -4.64 13.88
CA GLN A 125 1.76 -4.93 13.44
C GLN A 125 2.01 -4.28 12.10
N THR A 126 3.14 -3.65 11.99
CA THR A 126 3.52 -3.03 10.76
C THR A 126 4.07 -4.11 9.86
N MET A 127 3.49 -4.24 8.74
CA MET A 127 3.97 -5.18 7.76
C MET A 127 4.06 -4.50 6.42
N SER A 128 4.58 -5.20 5.46
CA SER A 128 4.76 -4.64 4.16
C SER A 128 3.45 -4.72 3.38
N GLU A 129 3.31 -3.84 2.42
CA GLU A 129 2.13 -3.72 1.61
C GLU A 129 1.81 -5.00 0.87
N CYS A 130 2.82 -5.62 0.26
CA CYS A 130 2.54 -6.85 -0.47
C CYS A 130 2.19 -7.96 0.49
N GLU A 131 2.76 -7.88 1.68
CA GLU A 131 2.55 -8.86 2.70
C GLU A 131 1.11 -8.79 3.18
N ALA A 132 0.70 -7.63 3.69
CA ALA A 132 -0.65 -7.42 4.17
C ALA A 132 -1.67 -7.73 3.08
N GLY A 133 -1.34 -7.30 1.86
CA GLY A 133 -2.19 -7.53 0.73
C GLY A 133 -2.37 -9.00 0.42
N ALA A 134 -1.27 -9.73 0.44
CA ALA A 134 -1.28 -11.14 0.11
C ALA A 134 -2.04 -11.94 1.15
N LEU A 135 -1.84 -11.62 2.43
CA LEU A 135 -2.58 -12.30 3.49
C LEU A 135 -4.08 -11.98 3.38
N ARG A 136 -4.38 -10.75 2.98
CA ARG A 136 -5.77 -10.28 2.82
C ARG A 136 -6.38 -10.84 1.53
N CYS A 137 -5.55 -11.40 0.70
CA CYS A 137 -6.00 -11.97 -0.53
C CYS A 137 -6.26 -13.44 -0.30
N ARG A 138 -5.37 -14.02 0.48
CA ARG A 138 -5.35 -15.41 0.77
C ARG A 138 -6.54 -15.82 1.62
N GLY A 139 -6.80 -15.06 2.65
CA GLY A 139 -7.90 -15.40 3.53
C GLY A 139 -7.48 -15.43 4.98
N GLN A 140 -6.51 -14.64 5.31
CA GLN A 140 -6.00 -14.56 6.65
C GLN A 140 -6.75 -13.47 7.39
N SER A 141 -6.81 -13.58 8.69
CA SER A 141 -7.47 -12.61 9.48
C SER A 141 -6.47 -11.50 9.88
N ILE A 142 -6.66 -10.36 9.27
CA ILE A 142 -5.87 -9.17 9.48
C ILE A 142 -6.87 -8.03 9.39
N SER A 143 -6.61 -6.94 10.04
CA SER A 143 -7.49 -5.82 9.98
C SER A 143 -6.69 -4.56 9.76
N VAL A 144 -6.72 -4.03 8.56
CA VAL A 144 -5.92 -2.83 8.24
C VAL A 144 -6.51 -1.62 8.95
N THR A 145 -5.86 -1.21 10.01
CA THR A 145 -6.32 -0.13 10.81
C THR A 145 -5.85 1.20 10.24
N SER A 146 -4.63 1.21 9.73
CA SER A 146 -4.06 2.40 9.17
C SER A 146 -3.13 2.07 8.02
N ILE A 147 -3.09 2.95 7.04
CA ILE A 147 -2.20 2.81 5.89
C ILE A 147 -0.81 3.37 6.26
N ARG A 148 -0.73 3.82 7.48
CA ARG A 148 0.47 4.37 8.09
C ARG A 148 1.09 3.26 8.94
N PRO A 149 2.41 3.18 9.09
CA PRO A 149 3.05 2.14 9.93
C PRO A 149 2.67 2.26 11.43
N CYS A 150 2.81 1.17 12.18
CA CYS A 150 2.41 1.17 13.60
C CYS A 150 3.64 1.47 14.44
N ALA A 151 3.47 1.44 15.74
CA ALA A 151 4.56 1.49 16.66
C ALA A 151 4.79 0.05 17.12
N ALA A 152 5.17 -0.77 16.15
CA ALA A 152 5.31 -2.20 16.35
C ALA A 152 6.60 -2.68 15.75
N GLU A 153 7.60 -1.85 15.85
CA GLU A 153 8.90 -2.16 15.28
C GLU A 153 9.71 -3.03 16.26
N THR A 154 9.08 -3.37 17.35
CA THR A 154 9.60 -4.28 18.34
C THR A 154 8.98 -5.66 18.07
N GLN A 155 9.78 -6.68 18.07
CA GLN A 155 9.31 -8.01 17.77
C GLN A 155 8.82 -8.71 19.04
N GLY A 1 25.00 7.91 23.11
CA GLY A 1 23.99 8.84 22.61
C GLY A 1 22.76 8.86 23.48
N SER A 2 22.11 9.99 23.56
CA SER A 2 20.90 10.18 24.34
C SER A 2 19.74 10.52 23.38
N HIS A 3 19.87 10.04 22.14
CA HIS A 3 18.85 10.24 21.07
C HIS A 3 18.67 11.71 20.74
N MET A 4 19.73 12.49 20.93
CA MET A 4 19.70 13.91 20.59
C MET A 4 19.81 14.05 19.10
N ASN A 5 20.37 13.04 18.49
CA ASN A 5 20.49 12.93 17.06
C ASN A 5 20.35 11.47 16.70
N PRO A 6 19.47 11.14 15.75
CA PRO A 6 19.38 9.79 15.22
C PRO A 6 20.64 9.50 14.42
N LEU A 7 21.43 8.55 14.88
CA LEU A 7 22.73 8.23 14.30
C LEU A 7 22.54 7.88 12.82
N THR A 8 22.86 8.82 11.98
CA THR A 8 22.71 8.68 10.57
C THR A 8 24.01 9.11 9.90
N GLN A 9 24.52 8.28 9.02
CA GLN A 9 25.68 8.62 8.23
C GLN A 9 25.24 9.58 7.14
N ALA A 10 24.72 9.02 6.07
CA ALA A 10 24.13 9.79 4.99
C ALA A 10 23.29 8.91 4.15
N VAL A 11 22.11 8.70 4.63
CA VAL A 11 21.14 7.96 3.97
C VAL A 11 19.89 8.82 3.85
N PRO A 12 19.19 8.74 2.74
CA PRO A 12 17.99 9.56 2.51
C PRO A 12 16.83 9.12 3.37
N LYS A 13 16.09 10.06 3.88
CA LYS A 13 14.95 9.72 4.68
C LYS A 13 13.70 10.08 3.95
N CYS A 14 13.35 9.30 2.98
CA CYS A 14 12.14 9.55 2.27
C CYS A 14 11.19 8.45 2.62
N GLN A 15 10.00 8.83 3.00
CA GLN A 15 8.98 7.89 3.36
C GLN A 15 8.52 7.15 2.09
N ARG A 16 7.66 6.16 2.26
CA ARG A 16 7.17 5.36 1.12
C ARG A 16 6.54 6.23 0.02
N TRP A 17 5.93 7.31 0.44
CA TRP A 17 5.23 8.23 -0.45
C TRP A 17 6.12 9.40 -0.85
N GLU A 18 7.38 9.29 -0.56
CA GLU A 18 8.34 10.31 -0.87
C GLU A 18 9.41 9.76 -1.78
N LYS A 19 10.13 10.62 -2.43
CA LYS A 19 11.14 10.21 -3.37
C LYS A 19 12.36 11.09 -3.26
N LEU A 20 13.48 10.50 -3.49
CA LEU A 20 14.73 11.21 -3.49
C LEU A 20 15.04 11.60 -4.92
N GLN A 21 15.11 12.87 -5.17
CA GLN A 21 15.45 13.36 -6.49
C GLN A 21 16.25 14.59 -6.29
N ASN A 22 17.24 14.82 -7.14
CA ASN A 22 18.04 16.05 -7.14
C ASN A 22 18.82 16.14 -5.82
N SER A 23 19.04 14.97 -5.21
CA SER A 23 19.75 14.81 -3.96
C SER A 23 18.93 15.37 -2.76
N ARG A 24 17.65 15.59 -2.96
CA ARG A 24 16.81 16.08 -1.89
C ARG A 24 15.59 15.18 -1.73
N CYS A 25 14.85 15.40 -0.69
CA CYS A 25 13.73 14.55 -0.36
C CYS A 25 12.43 15.27 -0.65
N VAL A 26 11.66 14.75 -1.56
CA VAL A 26 10.40 15.36 -1.95
C VAL A 26 9.31 14.31 -1.96
N CYS A 27 8.09 14.70 -2.23
CA CYS A 27 7.00 13.77 -2.23
C CYS A 27 6.87 13.13 -3.61
N LYS A 28 6.21 11.99 -3.67
CA LYS A 28 6.00 11.29 -4.92
C LYS A 28 4.79 11.98 -5.62
N MET A 29 4.31 11.40 -6.70
CA MET A 29 3.15 11.95 -7.41
C MET A 29 2.05 10.88 -7.48
N PRO A 30 0.76 11.26 -7.43
CA PRO A 30 -0.37 10.29 -7.40
C PRO A 30 -0.53 9.47 -8.69
N TYR A 31 0.13 9.89 -9.75
CA TYR A 31 0.09 9.16 -11.00
C TYR A 31 1.40 8.40 -11.20
N GLU A 32 2.28 8.56 -10.24
CA GLU A 32 3.61 8.01 -10.28
C GLU A 32 3.65 6.74 -9.44
N CYS A 33 2.54 6.48 -8.81
CA CYS A 33 2.34 5.31 -7.99
C CYS A 33 1.20 4.51 -8.56
N GLY A 34 1.23 3.21 -8.38
CA GLY A 34 0.20 2.37 -8.90
C GLY A 34 -0.05 1.19 -7.97
N PRO A 35 0.77 0.12 -8.05
CA PRO A 35 0.67 -1.06 -7.17
C PRO A 35 0.63 -0.66 -5.68
N SER A 36 -0.53 -0.89 -5.04
CA SER A 36 -0.77 -0.52 -3.69
C SER A 36 -2.11 -1.15 -3.31
N LEU A 37 -2.37 -1.20 -2.03
CA LEU A 37 -3.64 -1.67 -1.52
C LEU A 37 -4.70 -0.65 -1.80
N ASP A 38 -5.78 -1.08 -2.41
CA ASP A 38 -6.89 -0.21 -2.66
C ASP A 38 -7.64 -0.04 -1.36
N VAL A 39 -7.90 1.19 -1.02
CA VAL A 39 -8.58 1.54 0.22
C VAL A 39 -9.67 2.56 -0.08
N CYS A 40 -10.70 2.60 0.72
CA CYS A 40 -11.76 3.54 0.48
C CYS A 40 -11.58 4.74 1.35
N ALA A 41 -11.55 5.87 0.74
CA ALA A 41 -11.28 7.07 1.45
C ALA A 41 -12.40 8.04 1.31
N GLN A 42 -12.35 9.05 2.10
CA GLN A 42 -13.29 10.08 2.07
C GLN A 42 -12.59 11.38 1.77
N ASP A 43 -13.07 12.04 0.79
CA ASP A 43 -12.55 13.32 0.35
C ASP A 43 -12.99 14.39 1.31
N GLU A 44 -12.08 15.10 1.92
CA GLU A 44 -12.44 16.11 2.92
C GLU A 44 -12.89 17.43 2.32
N ARG A 45 -13.09 17.48 1.04
CA ARG A 45 -13.57 18.68 0.41
C ARG A 45 -15.07 18.52 0.14
N SER A 46 -15.46 17.38 -0.41
CA SER A 46 -16.86 17.12 -0.72
C SER A 46 -17.49 16.00 0.15
N LYS A 47 -16.67 15.40 1.02
CA LYS A 47 -17.08 14.30 1.96
C LYS A 47 -17.60 13.06 1.23
N ARG A 48 -17.17 12.92 -0.01
CA ARG A 48 -17.50 11.80 -0.87
C ARG A 48 -16.57 10.64 -0.57
N ILE A 49 -17.09 9.44 -0.62
CA ILE A 49 -16.27 8.27 -0.44
C ILE A 49 -15.77 7.85 -1.82
N LEU A 50 -14.48 7.77 -1.98
CA LEU A 50 -13.90 7.40 -3.25
C LEU A 50 -12.83 6.33 -3.06
N PRO A 51 -12.65 5.49 -4.05
CA PRO A 51 -11.63 4.46 -4.03
C PRO A 51 -10.24 5.05 -4.28
N LEU A 52 -9.36 4.84 -3.35
CA LEU A 52 -7.99 5.29 -3.48
C LEU A 52 -7.06 4.12 -3.24
N THR A 53 -5.82 4.41 -3.21
CA THR A 53 -4.82 3.44 -2.92
C THR A 53 -3.93 4.01 -1.85
N VAL A 54 -3.28 3.13 -1.10
CA VAL A 54 -2.36 3.50 -0.03
C VAL A 54 -1.32 4.50 -0.54
N CYS A 55 -0.72 4.17 -1.65
CA CYS A 55 0.28 4.98 -2.29
C CYS A 55 -0.26 6.37 -2.60
N LYS A 56 -1.28 6.44 -3.47
CA LYS A 56 -1.90 7.69 -3.88
C LYS A 56 -2.34 8.54 -2.72
N MET A 57 -3.11 7.96 -1.81
CA MET A 57 -3.61 8.68 -0.62
C MET A 57 -2.45 9.31 0.16
N HIS A 58 -1.44 8.53 0.46
CA HIS A 58 -0.30 9.06 1.21
C HIS A 58 0.38 10.18 0.47
N VAL A 59 0.53 9.99 -0.82
CA VAL A 59 1.15 10.96 -1.67
C VAL A 59 0.33 12.24 -1.73
N LEU A 60 -0.95 12.12 -2.06
CA LEU A 60 -1.80 13.29 -2.17
C LEU A 60 -1.94 14.00 -0.84
N HIS A 61 -1.90 13.23 0.25
CA HIS A 61 -2.03 13.78 1.59
C HIS A 61 -0.76 14.56 1.90
N CYS A 62 0.35 14.06 1.41
CA CYS A 62 1.64 14.69 1.60
C CYS A 62 1.73 15.93 0.70
N GLN A 63 1.01 15.92 -0.42
CA GLN A 63 0.97 17.07 -1.31
C GLN A 63 0.03 18.16 -0.78
N GLY A 64 -0.74 17.84 0.25
CA GLY A 64 -1.59 18.85 0.87
C GLY A 64 -3.07 18.51 0.84
N ARG A 65 -3.44 17.42 0.22
CA ARG A 65 -4.84 17.02 0.14
C ARG A 65 -5.25 16.35 1.45
N ASN A 66 -6.45 16.63 1.93
CA ASN A 66 -6.93 16.02 3.16
C ASN A 66 -7.96 14.97 2.85
N TYR A 67 -7.75 13.79 3.37
CA TYR A 67 -8.63 12.65 3.17
C TYR A 67 -8.69 11.82 4.43
N THR A 68 -9.80 11.15 4.59
CA THR A 68 -10.03 10.30 5.73
C THR A 68 -10.25 8.85 5.24
N LEU A 69 -9.84 7.85 6.01
CA LEU A 69 -10.11 6.46 5.64
C LEU A 69 -11.44 6.02 6.21
N THR A 70 -12.30 5.47 5.39
CA THR A 70 -13.61 5.06 5.85
C THR A 70 -13.77 3.55 5.93
N GLY A 71 -14.11 2.94 4.84
CA GLY A 71 -14.33 1.50 4.79
C GLY A 71 -14.63 1.04 3.39
N ARG A 72 -14.31 -0.22 3.11
CA ARG A 72 -14.45 -0.80 1.75
C ARG A 72 -15.90 -0.97 1.33
N ASP A 73 -16.79 -0.89 2.27
CA ASP A 73 -18.22 -1.00 2.00
C ASP A 73 -18.77 0.33 1.53
N SER A 74 -18.09 1.40 1.90
CA SER A 74 -18.53 2.75 1.65
C SER A 74 -18.47 3.14 0.16
N CYS A 75 -17.57 2.56 -0.59
CA CYS A 75 -17.54 2.81 -2.01
C CYS A 75 -17.10 1.55 -2.73
N THR A 76 -17.22 1.55 -4.03
CA THR A 76 -16.85 0.41 -4.80
C THR A 76 -15.34 0.40 -5.00
N LEU A 77 -14.72 -0.54 -4.38
CA LEU A 77 -13.32 -0.67 -4.42
C LEU A 77 -12.94 -1.76 -5.41
N PRO A 78 -11.87 -1.55 -6.20
CA PRO A 78 -11.37 -2.58 -7.12
C PRO A 78 -10.90 -3.81 -6.35
N ALA A 79 -10.29 -3.59 -5.21
CA ALA A 79 -9.81 -4.68 -4.41
C ALA A 79 -10.85 -5.12 -3.44
N SER A 80 -11.84 -5.66 -4.00
CA SER A 80 -12.93 -6.23 -3.32
C SER A 80 -13.47 -7.37 -4.18
N ALA A 81 -12.63 -7.83 -5.07
CA ALA A 81 -12.94 -8.90 -5.96
C ALA A 81 -11.69 -9.65 -6.26
N GLU A 82 -11.87 -10.69 -6.97
CA GLU A 82 -10.84 -11.56 -7.39
C GLU A 82 -10.64 -11.39 -8.88
N LYS A 83 -9.45 -11.60 -9.33
CA LYS A 83 -9.15 -11.50 -10.75
C LYS A 83 -8.32 -12.69 -11.11
N ALA A 84 -8.53 -13.23 -12.32
CA ALA A 84 -7.76 -14.36 -12.81
C ALA A 84 -6.29 -13.99 -12.70
N CYS A 85 -5.53 -14.86 -12.16
CA CYS A 85 -4.19 -14.53 -11.79
C CYS A 85 -3.21 -15.56 -12.36
N GLY A 86 -1.93 -15.35 -12.10
CA GLY A 86 -0.87 -16.18 -12.67
C GLY A 86 0.18 -15.25 -13.25
N ALA A 87 -0.27 -14.08 -13.58
CA ALA A 87 0.52 -12.96 -13.99
C ALA A 87 -0.17 -11.77 -13.38
N CYS A 88 0.42 -11.18 -12.38
CA CYS A 88 -0.30 -10.24 -11.58
C CYS A 88 0.65 -9.25 -10.88
N PRO A 89 0.09 -8.22 -10.18
CA PRO A 89 0.87 -7.28 -9.37
C PRO A 89 1.40 -7.90 -8.05
N LEU A 90 1.59 -7.03 -7.06
CA LEU A 90 2.23 -7.29 -5.74
C LEU A 90 2.00 -8.71 -5.18
N TRP A 91 0.77 -9.00 -4.79
CA TRP A 91 0.44 -10.27 -4.13
C TRP A 91 -0.48 -11.12 -4.98
N GLY A 92 -0.74 -10.67 -6.17
CA GLY A 92 -1.73 -11.33 -6.97
C GLY A 92 -3.10 -10.75 -6.71
N LYS A 93 -4.14 -11.57 -6.76
CA LYS A 93 -5.49 -11.12 -6.48
C LYS A 93 -6.41 -12.30 -6.19
N CYS A 94 -7.01 -12.30 -5.01
CA CYS A 94 -7.94 -13.34 -4.64
C CYS A 94 -9.04 -12.78 -3.73
N ASP A 95 -10.23 -13.36 -3.82
CA ASP A 95 -11.34 -12.97 -2.94
C ASP A 95 -12.22 -14.18 -2.73
N ALA A 96 -12.89 -14.62 -3.77
CA ALA A 96 -13.68 -15.83 -3.73
C ALA A 96 -13.34 -16.69 -4.94
N GLU A 97 -13.90 -17.87 -5.00
CA GLU A 97 -13.59 -18.85 -6.05
C GLU A 97 -14.47 -18.62 -7.29
N SER A 98 -14.89 -17.38 -7.46
CA SER A 98 -15.81 -16.95 -8.50
C SER A 98 -15.34 -17.30 -9.92
N SER A 99 -14.06 -17.21 -10.18
CA SER A 99 -13.55 -17.52 -11.49
C SER A 99 -12.14 -18.11 -11.39
N LYS A 100 -11.15 -17.26 -11.31
CA LYS A 100 -9.80 -17.67 -11.13
C LYS A 100 -9.16 -16.65 -10.25
N CYS A 101 -8.34 -17.08 -9.34
CA CYS A 101 -7.70 -16.18 -8.44
C CYS A 101 -6.51 -16.86 -7.83
N VAL A 102 -5.50 -16.08 -7.49
CA VAL A 102 -4.28 -16.61 -6.92
C VAL A 102 -3.75 -15.62 -5.91
N CYS A 103 -3.24 -16.13 -4.83
CA CYS A 103 -2.63 -15.31 -3.83
C CYS A 103 -1.19 -15.74 -3.62
N ARG A 104 -0.28 -14.84 -3.90
CA ARG A 104 1.14 -15.08 -3.73
C ARG A 104 1.49 -15.03 -2.26
N GLU A 105 2.62 -15.58 -1.89
CA GLU A 105 3.12 -15.39 -0.57
C GLU A 105 3.84 -14.05 -0.53
N ALA A 106 4.12 -13.56 0.65
CA ALA A 106 4.70 -12.24 0.84
C ALA A 106 6.07 -12.14 0.19
N SER A 107 6.79 -13.22 0.19
CA SER A 107 8.12 -13.24 -0.35
C SER A 107 8.11 -13.28 -1.89
N GLU A 108 6.94 -13.53 -2.47
CA GLU A 108 6.80 -13.61 -3.92
C GLU A 108 6.28 -12.30 -4.47
N CYS A 109 6.44 -11.26 -3.70
CA CYS A 109 5.94 -9.96 -4.03
C CYS A 109 6.55 -9.41 -5.32
N GLU A 110 5.70 -8.92 -6.19
CA GLU A 110 6.15 -8.21 -7.38
C GLU A 110 6.63 -6.83 -6.94
N GLU A 111 5.97 -6.34 -5.92
CA GLU A 111 6.24 -5.09 -5.30
C GLU A 111 5.92 -5.26 -3.84
N GLU A 112 6.81 -4.80 -2.98
CA GLU A 112 6.60 -4.87 -1.55
C GLU A 112 5.58 -3.84 -1.12
N GLY A 113 5.58 -2.74 -1.86
CA GLY A 113 4.67 -1.67 -1.63
C GLY A 113 5.05 -0.84 -0.45
N PHE A 114 4.06 -0.35 0.21
CA PHE A 114 4.23 0.44 1.40
C PHE A 114 4.29 -0.44 2.63
N SER A 115 4.41 0.20 3.75
CA SER A 115 4.35 -0.42 5.01
C SER A 115 3.13 0.13 5.74
N ILE A 116 2.30 -0.74 6.27
CA ILE A 116 1.07 -0.31 6.92
C ILE A 116 0.92 -0.98 8.26
N CYS A 117 0.13 -0.38 9.12
CA CYS A 117 -0.14 -0.91 10.42
C CYS A 117 -1.40 -1.75 10.37
N VAL A 118 -1.25 -3.02 10.56
CA VAL A 118 -2.40 -3.87 10.57
C VAL A 118 -2.43 -4.67 11.87
N GLU A 119 -3.59 -4.80 12.43
CA GLU A 119 -3.79 -5.53 13.63
C GLU A 119 -4.06 -6.99 13.27
N VAL A 120 -3.12 -7.81 13.62
CA VAL A 120 -3.17 -9.19 13.42
C VAL A 120 -2.76 -9.83 14.73
N ASN A 121 -3.31 -10.97 15.03
CA ASN A 121 -2.92 -11.71 16.24
C ASN A 121 -3.27 -10.97 17.54
N GLY A 122 -4.06 -9.91 17.42
CA GLY A 122 -4.39 -9.09 18.56
C GLY A 122 -3.37 -7.99 18.79
N LYS A 123 -2.38 -7.93 17.92
CA LYS A 123 -1.32 -6.93 18.01
C LYS A 123 -1.27 -6.10 16.74
N GLU A 124 -0.63 -4.98 16.81
CA GLU A 124 -0.48 -4.13 15.66
C GLU A 124 0.90 -4.36 15.12
N GLN A 125 1.00 -4.72 13.89
CA GLN A 125 2.25 -4.96 13.29
C GLN A 125 2.32 -4.30 11.93
N THR A 126 3.46 -3.77 11.61
CA THR A 126 3.67 -3.19 10.33
C THR A 126 4.18 -4.26 9.44
N MET A 127 3.54 -4.44 8.38
CA MET A 127 3.94 -5.37 7.40
C MET A 127 3.92 -4.69 6.08
N SER A 128 4.37 -5.35 5.08
CA SER A 128 4.41 -4.78 3.80
C SER A 128 3.06 -4.88 3.16
N GLU A 129 2.82 -3.98 2.28
CA GLU A 129 1.61 -3.88 1.51
C GLU A 129 1.33 -5.18 0.79
N CYS A 130 2.39 -5.78 0.25
CA CYS A 130 2.28 -7.06 -0.41
C CYS A 130 1.82 -8.15 0.56
N GLU A 131 2.37 -8.15 1.76
CA GLU A 131 2.07 -9.15 2.75
C GLU A 131 0.66 -8.99 3.25
N ALA A 132 0.32 -7.79 3.70
CA ALA A 132 -1.01 -7.49 4.21
C ALA A 132 -2.07 -7.80 3.14
N GLY A 133 -1.76 -7.43 1.90
CA GLY A 133 -2.65 -7.65 0.79
C GLY A 133 -2.89 -9.11 0.53
N ALA A 134 -1.81 -9.89 0.55
CA ALA A 134 -1.89 -11.32 0.33
C ALA A 134 -2.66 -11.97 1.44
N LEU A 135 -2.45 -11.48 2.66
CA LEU A 135 -3.13 -11.99 3.82
C LEU A 135 -4.65 -11.90 3.68
N ARG A 136 -5.13 -10.75 3.19
CA ARG A 136 -6.58 -10.56 2.95
C ARG A 136 -7.05 -11.63 1.98
N CYS A 137 -6.29 -11.72 0.90
CA CYS A 137 -6.56 -12.60 -0.22
C CYS A 137 -6.54 -14.09 0.11
N ARG A 138 -5.78 -14.48 1.11
CA ARG A 138 -5.67 -15.89 1.46
C ARG A 138 -6.68 -16.31 2.51
N GLY A 139 -7.35 -15.34 3.09
CA GLY A 139 -8.31 -15.69 4.13
C GLY A 139 -7.81 -15.36 5.53
N GLN A 140 -6.62 -14.83 5.61
CA GLN A 140 -6.03 -14.45 6.88
C GLN A 140 -6.83 -13.29 7.48
N SER A 141 -7.16 -13.39 8.73
CA SER A 141 -7.93 -12.37 9.39
C SER A 141 -7.01 -11.23 9.81
N ILE A 142 -7.17 -10.09 9.17
CA ILE A 142 -6.35 -8.93 9.41
C ILE A 142 -7.23 -7.68 9.53
N SER A 143 -6.87 -6.80 10.42
CA SER A 143 -7.57 -5.58 10.61
C SER A 143 -6.65 -4.39 10.39
N VAL A 144 -6.69 -3.81 9.21
CA VAL A 144 -5.85 -2.66 8.90
C VAL A 144 -6.34 -1.48 9.71
N THR A 145 -5.55 -1.05 10.66
CA THR A 145 -5.93 0.02 11.53
C THR A 145 -5.73 1.34 10.82
N SER A 146 -4.67 1.43 10.06
CA SER A 146 -4.39 2.57 9.27
C SER A 146 -3.43 2.18 8.19
N ILE A 147 -3.44 2.92 7.12
CA ILE A 147 -2.55 2.74 5.99
C ILE A 147 -1.16 3.29 6.34
N ARG A 148 -1.06 3.85 7.53
CA ARG A 148 0.15 4.40 8.04
C ARG A 148 0.89 3.31 8.79
N PRO A 149 2.21 3.22 8.63
CA PRO A 149 3.00 2.22 9.35
C PRO A 149 3.11 2.55 10.84
N CYS A 150 3.28 1.55 11.65
CA CYS A 150 3.46 1.78 13.06
C CYS A 150 4.95 1.63 13.41
N ALA A 151 5.29 1.70 14.69
CA ALA A 151 6.69 1.55 15.11
C ALA A 151 7.06 0.06 15.20
N ALA A 152 6.18 -0.76 14.66
CA ALA A 152 6.32 -2.18 14.67
C ALA A 152 7.21 -2.65 13.52
N GLU A 153 7.54 -1.74 12.61
CA GLU A 153 8.51 -2.09 11.58
C GLU A 153 9.93 -1.94 12.14
N THR A 154 10.28 -2.87 13.00
CA THR A 154 11.54 -2.89 13.67
C THR A 154 12.09 -4.30 13.69
N GLN A 155 13.30 -4.46 13.25
CA GLN A 155 13.95 -5.73 13.30
C GLN A 155 15.03 -5.73 14.37
N GLY A 1 33.11 0.97 -2.77
CA GLY A 1 32.41 -0.30 -2.68
C GLY A 1 32.23 -0.90 -4.03
N SER A 2 31.14 -1.62 -4.21
CA SER A 2 30.79 -2.28 -5.44
C SER A 2 31.80 -3.40 -5.77
N HIS A 3 31.70 -4.47 -5.01
CA HIS A 3 32.51 -5.65 -5.25
C HIS A 3 31.74 -6.88 -4.79
N MET A 4 31.24 -6.85 -3.55
CA MET A 4 30.44 -7.97 -3.04
C MET A 4 29.08 -7.94 -3.72
N ASN A 5 28.72 -6.77 -4.18
CA ASN A 5 27.55 -6.55 -4.98
C ASN A 5 27.85 -5.35 -5.86
N PRO A 6 27.77 -5.49 -7.20
CA PRO A 6 28.05 -4.39 -8.13
C PRO A 6 26.93 -3.35 -8.17
N LEU A 7 25.73 -3.76 -7.79
CA LEU A 7 24.57 -2.89 -7.81
C LEU A 7 24.62 -1.94 -6.63
N THR A 8 24.82 -0.70 -6.91
CA THR A 8 24.93 0.28 -5.88
C THR A 8 23.98 1.46 -6.10
N GLN A 9 22.74 1.27 -5.75
CA GLN A 9 21.81 2.38 -5.80
C GLN A 9 21.51 2.77 -4.37
N ALA A 10 21.64 1.78 -3.48
CA ALA A 10 21.40 1.89 -2.06
C ALA A 10 19.93 2.18 -1.78
N VAL A 11 19.59 2.42 -0.55
CA VAL A 11 18.24 2.76 -0.23
C VAL A 11 18.09 4.29 -0.28
N PRO A 12 17.10 4.81 -1.02
CA PRO A 12 16.81 6.24 -1.04
C PRO A 12 16.42 6.71 0.35
N LYS A 13 16.86 7.90 0.70
CA LYS A 13 16.68 8.45 2.04
C LYS A 13 15.37 9.21 2.11
N CYS A 14 14.47 8.78 1.30
CA CYS A 14 13.17 9.36 1.16
C CYS A 14 12.17 8.30 1.58
N GLN A 15 11.00 8.72 1.95
CA GLN A 15 9.96 7.79 2.26
C GLN A 15 9.35 7.23 0.99
N ARG A 16 8.44 6.31 1.13
CA ARG A 16 7.91 5.61 -0.04
C ARG A 16 6.94 6.47 -0.84
N TRP A 17 6.47 7.53 -0.24
CA TRP A 17 5.60 8.48 -0.93
C TRP A 17 6.44 9.62 -1.48
N GLU A 18 7.72 9.49 -1.31
CA GLU A 18 8.67 10.45 -1.77
C GLU A 18 9.56 9.80 -2.81
N LYS A 19 10.26 10.59 -3.56
CA LYS A 19 11.20 10.11 -4.53
C LYS A 19 12.49 10.91 -4.41
N LEU A 20 13.58 10.26 -4.73
CA LEU A 20 14.88 10.86 -4.63
C LEU A 20 15.29 11.46 -5.96
N GLN A 21 15.36 12.76 -6.03
CA GLN A 21 15.81 13.46 -7.21
C GLN A 21 16.47 14.69 -6.75
N ASN A 22 17.40 15.22 -7.55
CA ASN A 22 18.05 16.50 -7.27
C ASN A 22 18.79 16.43 -5.92
N SER A 23 19.12 15.18 -5.53
CA SER A 23 19.82 14.86 -4.28
C SER A 23 19.01 15.26 -3.04
N ARG A 24 17.69 15.32 -3.18
CA ARG A 24 16.81 15.69 -2.09
C ARG A 24 15.61 14.76 -2.09
N CYS A 25 14.79 14.86 -1.06
CA CYS A 25 13.60 14.06 -0.98
C CYS A 25 12.42 14.92 -1.40
N VAL A 26 11.78 14.56 -2.47
CA VAL A 26 10.61 15.26 -2.95
C VAL A 26 9.46 14.30 -2.95
N CYS A 27 8.30 14.75 -3.26
CA CYS A 27 7.15 13.88 -3.21
C CYS A 27 6.97 13.17 -4.55
N LYS A 28 6.30 12.05 -4.51
CA LYS A 28 5.99 11.26 -5.69
C LYS A 28 4.74 11.90 -6.33
N MET A 29 4.22 11.34 -7.40
CA MET A 29 2.99 11.85 -7.99
C MET A 29 1.85 10.91 -7.63
N PRO A 30 0.69 11.45 -7.19
CA PRO A 30 -0.44 10.63 -6.72
C PRO A 30 -1.08 9.80 -7.84
N TYR A 31 -0.84 10.20 -9.06
CA TYR A 31 -1.39 9.52 -10.22
C TYR A 31 -0.41 8.48 -10.76
N GLU A 32 0.82 8.55 -10.30
CA GLU A 32 1.89 7.63 -10.66
C GLU A 32 2.34 6.94 -9.41
N CYS A 33 1.36 6.71 -8.60
CA CYS A 33 1.47 6.16 -7.28
C CYS A 33 2.06 4.73 -7.25
N GLY A 34 1.73 3.92 -8.24
CA GLY A 34 2.29 2.59 -8.31
C GLY A 34 1.39 1.52 -7.71
N PRO A 35 1.96 0.34 -7.39
CA PRO A 35 1.24 -0.79 -6.79
C PRO A 35 1.13 -0.67 -5.26
N SER A 36 -0.08 -0.84 -4.73
CA SER A 36 -0.35 -0.63 -3.34
C SER A 36 -1.76 -1.16 -3.03
N LEU A 37 -2.13 -1.25 -1.77
CA LEU A 37 -3.44 -1.75 -1.35
C LEU A 37 -4.56 -0.76 -1.64
N ASP A 38 -5.60 -1.21 -2.31
CA ASP A 38 -6.77 -0.37 -2.58
C ASP A 38 -7.66 -0.30 -1.36
N VAL A 39 -7.90 0.91 -0.91
CA VAL A 39 -8.65 1.16 0.31
C VAL A 39 -9.76 2.18 0.07
N CYS A 40 -10.69 2.25 0.97
CA CYS A 40 -11.78 3.19 0.82
C CYS A 40 -11.46 4.41 1.67
N ALA A 41 -11.61 5.58 1.10
CA ALA A 41 -11.27 6.77 1.81
C ALA A 41 -12.36 7.80 1.66
N GLN A 42 -12.29 8.81 2.47
CA GLN A 42 -13.24 9.86 2.44
C GLN A 42 -12.55 11.18 2.17
N ASP A 43 -13.07 11.89 1.23
CA ASP A 43 -12.57 13.19 0.85
C ASP A 43 -13.02 14.20 1.87
N GLU A 44 -12.11 14.93 2.48
CA GLU A 44 -12.49 15.88 3.53
C GLU A 44 -12.98 17.23 3.00
N ARG A 45 -13.05 17.37 1.71
CA ARG A 45 -13.48 18.60 1.13
C ARG A 45 -14.98 18.51 0.86
N SER A 46 -15.37 17.44 0.21
CA SER A 46 -16.76 17.21 -0.15
C SER A 46 -17.41 16.14 0.76
N LYS A 47 -16.60 15.54 1.63
CA LYS A 47 -17.02 14.49 2.58
C LYS A 47 -17.58 13.24 1.90
N ARG A 48 -17.22 13.02 0.65
CA ARG A 48 -17.71 11.86 -0.04
C ARG A 48 -16.71 10.74 0.09
N ILE A 49 -17.19 9.53 -0.03
CA ILE A 49 -16.34 8.38 0.02
C ILE A 49 -15.82 8.11 -1.38
N LEU A 50 -14.55 7.95 -1.53
CA LEU A 50 -13.99 7.64 -2.82
C LEU A 50 -12.99 6.50 -2.68
N PRO A 51 -12.88 5.69 -3.70
CA PRO A 51 -11.91 4.62 -3.73
C PRO A 51 -10.49 5.17 -3.92
N LEU A 52 -9.59 4.77 -3.08
CA LEU A 52 -8.22 5.18 -3.19
C LEU A 52 -7.32 3.99 -3.04
N THR A 53 -6.07 4.25 -3.00
CA THR A 53 -5.08 3.26 -2.82
C THR A 53 -4.09 3.88 -1.83
N VAL A 54 -3.42 3.05 -1.04
CA VAL A 54 -2.44 3.50 -0.02
C VAL A 54 -1.44 4.49 -0.63
N CYS A 55 -0.87 4.09 -1.74
CA CYS A 55 0.06 4.91 -2.50
C CYS A 55 -0.52 6.30 -2.83
N LYS A 56 -1.74 6.31 -3.38
CA LYS A 56 -2.42 7.55 -3.75
C LYS A 56 -2.58 8.44 -2.54
N MET A 57 -3.27 7.91 -1.53
CA MET A 57 -3.55 8.60 -0.27
C MET A 57 -2.29 9.20 0.36
N HIS A 58 -1.22 8.42 0.43
CA HIS A 58 0.03 8.88 1.05
C HIS A 58 0.63 10.05 0.29
N VAL A 59 0.76 9.90 -1.01
CA VAL A 59 1.34 10.93 -1.84
C VAL A 59 0.46 12.16 -1.87
N LEU A 60 -0.80 11.93 -2.02
CA LEU A 60 -1.79 12.96 -2.03
C LEU A 60 -1.80 13.72 -0.67
N HIS A 61 -1.47 13.01 0.39
CA HIS A 61 -1.42 13.59 1.72
C HIS A 61 -0.13 14.42 1.88
N CYS A 62 0.96 13.98 1.23
CA CYS A 62 2.21 14.71 1.33
C CYS A 62 2.19 15.92 0.41
N GLN A 63 1.35 15.84 -0.63
CA GLN A 63 1.08 16.99 -1.49
C GLN A 63 0.29 18.01 -0.69
N GLY A 64 -0.63 17.52 0.12
CA GLY A 64 -1.35 18.39 1.01
C GLY A 64 -2.85 18.26 0.93
N ARG A 65 -3.34 17.06 0.75
CA ARG A 65 -4.78 16.86 0.72
C ARG A 65 -5.18 16.09 1.97
N ASN A 66 -6.32 16.43 2.52
CA ASN A 66 -6.80 15.80 3.74
C ASN A 66 -7.88 14.80 3.43
N TYR A 67 -7.69 13.58 3.89
CA TYR A 67 -8.63 12.49 3.67
C TYR A 67 -8.71 11.64 4.90
N THR A 68 -9.82 11.00 5.05
CA THR A 68 -10.07 10.09 6.14
C THR A 68 -10.20 8.71 5.53
N LEU A 69 -10.05 7.66 6.28
CA LEU A 69 -10.29 6.36 5.72
C LEU A 69 -11.58 5.80 6.20
N THR A 70 -12.19 5.02 5.39
CA THR A 70 -13.46 4.46 5.71
C THR A 70 -13.48 2.95 5.48
N GLY A 71 -14.59 2.34 5.81
CA GLY A 71 -14.69 0.91 5.77
C GLY A 71 -14.96 0.36 4.39
N ARG A 72 -14.68 -0.90 4.23
CA ARG A 72 -14.85 -1.68 2.98
C ARG A 72 -16.23 -1.58 2.33
N ASP A 73 -17.20 -1.18 3.09
CA ASP A 73 -18.58 -1.06 2.60
C ASP A 73 -18.83 0.31 2.00
N SER A 74 -18.07 1.29 2.44
CA SER A 74 -18.33 2.69 2.07
C SER A 74 -18.22 2.96 0.56
N CYS A 75 -17.27 2.33 -0.11
CA CYS A 75 -17.16 2.49 -1.54
C CYS A 75 -16.64 1.22 -2.15
N THR A 76 -16.67 1.15 -3.43
CA THR A 76 -16.18 0.03 -4.15
C THR A 76 -14.83 0.39 -4.75
N LEU A 77 -13.92 -0.56 -4.76
CA LEU A 77 -12.63 -0.36 -5.30
C LEU A 77 -12.62 -0.85 -6.73
N PRO A 78 -11.64 -0.40 -7.51
CA PRO A 78 -11.41 -0.87 -8.88
C PRO A 78 -11.30 -2.38 -8.93
N ALA A 79 -10.71 -2.94 -7.90
CA ALA A 79 -10.61 -4.35 -7.75
C ALA A 79 -10.73 -4.71 -6.31
N SER A 80 -11.92 -4.98 -5.93
CA SER A 80 -12.19 -5.43 -4.62
C SER A 80 -11.98 -6.94 -4.60
N ALA A 81 -12.65 -7.60 -5.52
CA ALA A 81 -12.58 -9.03 -5.68
C ALA A 81 -11.33 -9.38 -6.52
N GLU A 82 -11.38 -10.53 -7.15
CA GLU A 82 -10.29 -10.98 -7.97
C GLU A 82 -10.27 -10.28 -9.31
N LYS A 83 -9.16 -10.44 -9.97
CA LYS A 83 -8.93 -10.11 -11.34
C LYS A 83 -8.44 -11.37 -11.94
N ALA A 84 -9.24 -11.95 -12.81
CA ALA A 84 -8.97 -13.27 -13.37
C ALA A 84 -7.64 -13.33 -14.06
N CYS A 85 -6.72 -13.93 -13.34
CA CYS A 85 -5.31 -14.12 -13.66
C CYS A 85 -4.61 -14.26 -12.33
N GLY A 86 -5.07 -13.44 -11.38
CA GLY A 86 -4.51 -13.42 -10.05
C GLY A 86 -3.17 -12.74 -9.99
N ALA A 87 -2.96 -11.83 -10.90
CA ALA A 87 -1.74 -11.10 -10.97
C ALA A 87 -2.07 -9.61 -11.06
N CYS A 88 -1.08 -8.83 -11.45
CA CYS A 88 -1.07 -7.35 -11.53
C CYS A 88 -0.44 -6.71 -10.28
N PRO A 89 -1.08 -6.71 -9.06
CA PRO A 89 -0.38 -6.24 -7.87
C PRO A 89 0.67 -7.26 -7.42
N LEU A 90 1.64 -6.75 -6.72
CA LEU A 90 2.78 -7.49 -6.16
C LEU A 90 2.43 -8.82 -5.45
N TRP A 91 1.30 -8.86 -4.76
CA TRP A 91 0.89 -10.07 -4.03
C TRP A 91 -0.13 -10.87 -4.85
N GLY A 92 -0.46 -10.36 -6.01
CA GLY A 92 -1.48 -10.95 -6.82
C GLY A 92 -2.81 -10.38 -6.40
N LYS A 93 -3.86 -11.16 -6.52
CA LYS A 93 -5.18 -10.80 -6.05
C LYS A 93 -6.07 -11.98 -5.90
N CYS A 94 -6.54 -12.16 -4.72
CA CYS A 94 -7.51 -13.14 -4.40
C CYS A 94 -8.39 -12.56 -3.32
N ASP A 95 -9.67 -12.69 -3.52
CA ASP A 95 -10.69 -12.19 -2.62
C ASP A 95 -11.95 -12.75 -3.19
N ALA A 96 -12.21 -14.00 -2.82
CA ALA A 96 -13.23 -14.85 -3.43
C ALA A 96 -12.81 -15.18 -4.86
N GLU A 97 -13.52 -16.06 -5.51
CA GLU A 97 -13.17 -16.41 -6.85
C GLU A 97 -14.34 -16.27 -7.79
N SER A 98 -14.03 -15.83 -8.95
CA SER A 98 -14.96 -15.68 -10.00
C SER A 98 -14.44 -16.42 -11.23
N SER A 99 -13.13 -16.48 -11.37
CA SER A 99 -12.52 -17.22 -12.43
C SER A 99 -11.09 -17.59 -12.06
N LYS A 100 -10.23 -16.61 -11.91
CA LYS A 100 -8.83 -16.88 -11.66
C LYS A 100 -8.23 -15.87 -10.70
N CYS A 101 -7.85 -16.35 -9.58
CA CYS A 101 -7.32 -15.57 -8.50
C CYS A 101 -6.09 -16.27 -7.95
N VAL A 102 -5.07 -15.50 -7.58
CA VAL A 102 -3.77 -16.04 -7.13
C VAL A 102 -3.24 -15.16 -6.01
N CYS A 103 -2.47 -15.74 -5.12
CA CYS A 103 -1.87 -15.02 -4.03
C CYS A 103 -0.42 -15.44 -3.85
N ARG A 104 0.43 -14.51 -3.51
CA ARG A 104 1.83 -14.75 -3.23
C ARG A 104 1.98 -14.83 -1.71
N GLU A 105 3.09 -15.35 -1.21
CA GLU A 105 3.34 -15.27 0.24
C GLU A 105 3.93 -13.87 0.48
N ALA A 106 4.15 -13.51 1.74
CA ALA A 106 4.71 -12.19 2.09
C ALA A 106 6.11 -12.05 1.52
N SER A 107 6.76 -13.17 1.36
CA SER A 107 8.11 -13.23 0.91
C SER A 107 8.20 -13.35 -0.62
N GLU A 108 7.11 -13.69 -1.28
CA GLU A 108 7.20 -13.99 -2.71
C GLU A 108 6.84 -12.79 -3.55
N CYS A 109 6.75 -11.66 -2.95
CA CYS A 109 6.38 -10.46 -3.64
C CYS A 109 7.61 -9.74 -4.17
N GLU A 110 7.52 -9.27 -5.40
CA GLU A 110 8.62 -8.56 -6.07
C GLU A 110 8.60 -7.06 -5.74
N GLU A 111 7.89 -6.70 -4.70
CA GLU A 111 7.75 -5.34 -4.25
C GLU A 111 7.39 -5.37 -2.77
N GLU A 112 7.72 -4.33 -2.06
CA GLU A 112 7.43 -4.22 -0.65
C GLU A 112 6.12 -3.49 -0.50
N GLY A 113 5.99 -2.41 -1.28
CA GLY A 113 4.87 -1.53 -1.18
C GLY A 113 5.10 -0.60 -0.01
N PHE A 114 4.05 -0.11 0.59
CA PHE A 114 4.18 0.73 1.76
C PHE A 114 4.14 -0.09 3.03
N SER A 115 4.16 0.58 4.14
CA SER A 115 4.01 -0.05 5.39
C SER A 115 2.71 0.48 5.99
N ILE A 116 1.81 -0.42 6.29
CA ILE A 116 0.49 -0.08 6.76
C ILE A 116 0.22 -0.74 8.11
N CYS A 117 -0.75 -0.24 8.83
CA CYS A 117 -1.09 -0.78 10.13
C CYS A 117 -2.25 -1.73 9.97
N VAL A 118 -2.05 -2.94 10.36
CA VAL A 118 -3.07 -3.94 10.23
C VAL A 118 -3.32 -4.61 11.56
N GLU A 119 -4.58 -4.75 11.90
CA GLU A 119 -4.97 -5.44 13.07
C GLU A 119 -4.96 -6.93 12.77
N VAL A 120 -4.23 -7.64 13.56
CA VAL A 120 -4.03 -9.03 13.41
C VAL A 120 -3.97 -9.68 14.78
N ASN A 121 -4.78 -10.71 14.97
CA ASN A 121 -4.81 -11.46 16.23
C ASN A 121 -5.20 -10.59 17.40
N GLY A 122 -5.89 -9.51 17.11
CA GLY A 122 -6.34 -8.61 18.12
C GLY A 122 -5.36 -7.48 18.39
N LYS A 123 -4.21 -7.58 17.81
CA LYS A 123 -3.17 -6.58 17.97
C LYS A 123 -3.05 -5.81 16.67
N GLU A 124 -2.34 -4.72 16.67
CA GLU A 124 -2.08 -4.01 15.44
C GLU A 124 -0.60 -4.08 15.16
N GLN A 125 -0.26 -4.45 13.96
CA GLN A 125 1.12 -4.56 13.57
C GLN A 125 1.33 -3.86 12.23
N THR A 126 2.48 -3.22 12.07
CA THR A 126 2.82 -2.62 10.82
C THR A 126 3.27 -3.72 9.87
N MET A 127 2.65 -3.80 8.77
CA MET A 127 2.98 -4.78 7.79
C MET A 127 3.39 -4.08 6.55
N SER A 128 3.94 -4.80 5.67
CA SER A 128 4.31 -4.29 4.41
C SER A 128 3.13 -4.54 3.52
N GLU A 129 2.99 -3.76 2.49
CA GLU A 129 1.88 -3.86 1.54
C GLU A 129 1.75 -5.30 1.03
N CYS A 130 2.91 -5.92 0.80
CA CYS A 130 2.99 -7.26 0.27
C CYS A 130 2.32 -8.25 1.20
N GLU A 131 2.89 -8.41 2.38
CA GLU A 131 2.40 -9.29 3.43
C GLU A 131 0.95 -9.10 3.76
N ALA A 132 0.61 -7.91 4.15
CA ALA A 132 -0.72 -7.55 4.51
C ALA A 132 -1.73 -7.87 3.40
N GLY A 133 -1.37 -7.53 2.16
CA GLY A 133 -2.22 -7.82 1.03
C GLY A 133 -2.27 -9.30 0.74
N ALA A 134 -1.12 -9.94 0.81
CA ALA A 134 -0.98 -11.36 0.58
C ALA A 134 -1.79 -12.15 1.59
N LEU A 135 -1.75 -11.69 2.82
CA LEU A 135 -2.52 -12.30 3.88
C LEU A 135 -4.01 -12.20 3.59
N ARG A 136 -4.44 -11.03 3.13
CA ARG A 136 -5.84 -10.82 2.74
C ARG A 136 -6.21 -11.76 1.60
N CYS A 137 -5.30 -11.85 0.67
CA CYS A 137 -5.42 -12.66 -0.50
C CYS A 137 -5.30 -14.16 -0.26
N ARG A 138 -4.73 -14.58 0.84
CA ARG A 138 -4.57 -16.00 1.06
C ARG A 138 -5.68 -16.55 1.90
N GLY A 139 -6.45 -15.68 2.49
CA GLY A 139 -7.52 -16.13 3.34
C GLY A 139 -7.30 -15.81 4.80
N GLN A 140 -6.13 -15.30 5.12
CA GLN A 140 -5.81 -14.92 6.49
C GLN A 140 -6.70 -13.75 6.90
N SER A 141 -7.18 -13.77 8.11
CA SER A 141 -8.01 -12.69 8.57
C SER A 141 -7.17 -11.63 9.24
N ILE A 142 -7.10 -10.50 8.61
CA ILE A 142 -6.37 -9.35 9.10
C ILE A 142 -7.18 -8.14 8.69
N SER A 143 -7.11 -7.11 9.45
CA SER A 143 -7.86 -5.94 9.18
C SER A 143 -6.96 -4.73 9.03
N VAL A 144 -6.80 -4.21 7.82
CA VAL A 144 -5.99 -3.01 7.67
C VAL A 144 -6.74 -1.81 8.25
N THR A 145 -6.33 -1.42 9.43
CA THR A 145 -6.98 -0.38 10.16
C THR A 145 -6.56 0.99 9.68
N SER A 146 -5.31 1.12 9.33
CA SER A 146 -4.78 2.38 8.90
C SER A 146 -3.74 2.15 7.83
N ILE A 147 -3.69 3.04 6.86
CA ILE A 147 -2.71 2.93 5.80
C ILE A 147 -1.35 3.52 6.21
N ARG A 148 -1.30 3.98 7.44
CA ARG A 148 -0.11 4.55 8.01
C ARG A 148 0.56 3.48 8.81
N PRO A 149 1.88 3.47 8.89
CA PRO A 149 2.58 2.52 9.76
C PRO A 149 2.27 2.85 11.21
N CYS A 150 2.18 1.87 12.06
CA CYS A 150 1.89 2.15 13.44
C CYS A 150 3.18 2.25 14.24
N ALA A 151 3.07 2.35 15.55
CA ALA A 151 4.24 2.36 16.40
C ALA A 151 4.67 0.92 16.67
N ALA A 152 3.84 0.00 16.23
CA ALA A 152 4.10 -1.40 16.34
C ALA A 152 4.86 -1.84 15.09
N GLU A 153 6.11 -1.46 15.07
CA GLU A 153 7.03 -1.78 13.99
C GLU A 153 8.42 -1.97 14.55
N THR A 154 8.43 -2.26 15.83
CA THR A 154 9.62 -2.41 16.62
C THR A 154 10.59 -3.42 15.99
N GLN A 155 11.74 -2.93 15.65
CA GLN A 155 12.79 -3.72 15.09
C GLN A 155 14.09 -3.05 15.46
N GLY A 1 29.04 11.98 2.79
CA GLY A 1 27.71 12.26 2.26
C GLY A 1 27.79 12.59 0.80
N SER A 2 26.63 12.86 0.18
CA SER A 2 26.53 13.15 -1.26
C SER A 2 27.12 14.52 -1.61
N HIS A 3 27.46 15.25 -0.60
CA HIS A 3 28.11 16.54 -0.74
C HIS A 3 29.53 16.32 -1.27
N MET A 4 30.10 15.19 -0.91
CA MET A 4 31.41 14.82 -1.43
C MET A 4 31.23 14.24 -2.80
N ASN A 5 30.45 13.19 -2.85
CA ASN A 5 30.15 12.47 -4.05
C ASN A 5 28.96 11.59 -3.70
N PRO A 6 27.88 11.59 -4.51
CA PRO A 6 26.68 10.78 -4.26
C PRO A 6 27.02 9.32 -4.01
N LEU A 7 26.51 8.79 -2.92
CA LEU A 7 26.81 7.43 -2.54
C LEU A 7 26.17 6.45 -3.50
N THR A 8 27.00 5.75 -4.20
CA THR A 8 26.54 4.76 -5.11
C THR A 8 26.42 3.43 -4.37
N GLN A 9 25.45 2.61 -4.78
CA GLN A 9 25.11 1.35 -4.09
C GLN A 9 24.62 1.66 -2.69
N ALA A 10 23.69 2.60 -2.63
CA ALA A 10 23.09 3.06 -1.41
C ALA A 10 21.63 3.34 -1.65
N VAL A 11 20.81 3.09 -0.66
CA VAL A 11 19.39 3.33 -0.78
C VAL A 11 19.07 4.81 -0.50
N PRO A 12 18.29 5.45 -1.37
CA PRO A 12 17.81 6.82 -1.13
C PRO A 12 16.98 6.89 0.14
N LYS A 13 17.33 7.81 1.00
CA LYS A 13 16.70 7.95 2.29
C LYS A 13 15.45 8.82 2.18
N CYS A 14 14.39 8.23 1.74
CA CYS A 14 13.13 8.92 1.57
C CYS A 14 12.02 8.00 2.05
N GLN A 15 10.89 8.56 2.39
CA GLN A 15 9.76 7.79 2.84
C GLN A 15 9.06 7.06 1.70
N ARG A 16 8.01 6.33 2.06
CA ARG A 16 7.32 5.47 1.10
C ARG A 16 6.43 6.25 0.12
N TRP A 17 6.28 7.53 0.37
CA TRP A 17 5.52 8.39 -0.50
C TRP A 17 6.44 9.41 -1.14
N GLU A 18 7.72 9.19 -0.96
CA GLU A 18 8.70 10.12 -1.42
C GLU A 18 9.66 9.48 -2.38
N LYS A 19 10.40 10.33 -3.05
CA LYS A 19 11.45 9.93 -3.95
C LYS A 19 12.56 10.98 -3.86
N LEU A 20 13.75 10.58 -4.15
CA LEU A 20 14.90 11.44 -4.10
C LEU A 20 15.14 12.10 -5.45
N GLN A 21 14.97 13.39 -5.52
CA GLN A 21 15.27 14.13 -6.73
C GLN A 21 15.73 15.50 -6.30
N ASN A 22 16.62 16.08 -7.08
CA ASN A 22 17.14 17.46 -6.84
C ASN A 22 17.83 17.49 -5.45
N SER A 23 18.41 16.35 -5.10
CA SER A 23 19.15 16.15 -3.85
C SER A 23 18.22 16.27 -2.61
N ARG A 24 16.93 16.18 -2.82
CA ARG A 24 16.01 16.29 -1.73
C ARG A 24 14.96 15.21 -1.80
N CYS A 25 14.21 15.08 -0.76
CA CYS A 25 13.17 14.13 -0.71
C CYS A 25 11.86 14.84 -1.01
N VAL A 26 11.25 14.46 -2.08
CA VAL A 26 10.01 15.07 -2.50
C VAL A 26 8.93 14.03 -2.53
N CYS A 27 7.73 14.43 -2.80
CA CYS A 27 6.65 13.50 -2.86
C CYS A 27 6.59 12.97 -4.29
N LYS A 28 6.30 11.70 -4.43
CA LYS A 28 6.21 11.09 -5.74
C LYS A 28 4.89 11.48 -6.42
N MET A 29 4.57 10.87 -7.52
CA MET A 29 3.33 11.21 -8.19
C MET A 29 2.27 10.17 -7.87
N PRO A 30 1.06 10.59 -7.46
CA PRO A 30 0.00 9.68 -7.01
C PRO A 30 -0.49 8.72 -8.11
N TYR A 31 -0.40 9.14 -9.34
CA TYR A 31 -0.82 8.29 -10.44
C TYR A 31 0.28 7.29 -10.79
N GLU A 32 1.43 7.50 -10.19
CA GLU A 32 2.59 6.63 -10.34
C GLU A 32 2.61 5.72 -9.11
N CYS A 33 1.58 5.84 -8.31
CA CYS A 33 1.45 5.03 -7.15
C CYS A 33 0.61 3.81 -7.49
N GLY A 34 1.28 2.83 -8.05
CA GLY A 34 0.66 1.59 -8.38
C GLY A 34 0.71 0.63 -7.21
N PRO A 35 1.92 0.11 -6.88
CA PRO A 35 2.09 -0.80 -5.74
C PRO A 35 1.75 -0.12 -4.41
N SER A 36 0.50 -0.32 -3.99
CA SER A 36 -0.06 0.21 -2.78
C SER A 36 -1.43 -0.39 -2.53
N LEU A 37 -1.79 -0.55 -1.26
CA LEU A 37 -3.07 -1.05 -0.82
C LEU A 37 -4.20 -0.10 -1.11
N ASP A 38 -5.18 -0.57 -1.84
CA ASP A 38 -6.35 0.24 -2.13
C ASP A 38 -7.27 0.29 -0.94
N VAL A 39 -7.72 1.49 -0.65
CA VAL A 39 -8.51 1.78 0.52
C VAL A 39 -9.63 2.75 0.18
N CYS A 40 -10.61 2.81 1.03
CA CYS A 40 -11.74 3.67 0.82
C CYS A 40 -11.54 4.93 1.64
N ALA A 41 -11.58 6.06 0.99
CA ALA A 41 -11.34 7.29 1.68
C ALA A 41 -12.44 8.29 1.39
N GLN A 42 -12.66 9.16 2.31
CA GLN A 42 -13.60 10.22 2.13
C GLN A 42 -12.85 11.49 1.79
N ASP A 43 -13.23 12.09 0.70
CA ASP A 43 -12.70 13.38 0.31
C ASP A 43 -13.21 14.41 1.26
N GLU A 44 -12.35 15.17 1.90
CA GLU A 44 -12.81 16.14 2.90
C GLU A 44 -13.49 17.35 2.30
N ARG A 45 -13.31 17.55 1.02
CA ARG A 45 -13.92 18.66 0.35
C ARG A 45 -15.36 18.29 -0.06
N SER A 46 -15.50 17.15 -0.68
CA SER A 46 -16.77 16.70 -1.20
C SER A 46 -17.56 15.83 -0.20
N LYS A 47 -16.87 15.28 0.80
CA LYS A 47 -17.46 14.43 1.85
C LYS A 47 -18.06 13.16 1.28
N ARG A 48 -17.43 12.60 0.27
CA ARG A 48 -17.90 11.38 -0.32
C ARG A 48 -16.81 10.35 -0.31
N ILE A 49 -17.20 9.09 -0.30
CA ILE A 49 -16.27 7.99 -0.28
C ILE A 49 -15.79 7.74 -1.68
N LEU A 50 -14.52 7.77 -1.87
CA LEU A 50 -13.95 7.45 -3.13
C LEU A 50 -12.80 6.50 -2.93
N PRO A 51 -12.67 5.58 -3.83
CA PRO A 51 -11.62 4.57 -3.80
C PRO A 51 -10.24 5.17 -4.09
N LEU A 52 -9.38 5.08 -3.13
CA LEU A 52 -8.03 5.55 -3.25
C LEU A 52 -7.08 4.44 -2.95
N THR A 53 -5.84 4.75 -2.90
CA THR A 53 -4.86 3.79 -2.59
C THR A 53 -3.92 4.42 -1.57
N VAL A 54 -3.34 3.64 -0.69
CA VAL A 54 -2.48 4.14 0.38
C VAL A 54 -1.37 5.04 -0.10
N CYS A 55 -0.71 4.70 -1.18
CA CYS A 55 0.36 5.51 -1.64
C CYS A 55 -0.19 6.76 -2.32
N LYS A 56 -1.30 6.61 -3.08
CA LYS A 56 -1.95 7.76 -3.70
C LYS A 56 -2.35 8.74 -2.62
N MET A 57 -3.12 8.24 -1.65
CA MET A 57 -3.55 8.98 -0.49
C MET A 57 -2.37 9.59 0.25
N HIS A 58 -1.36 8.77 0.58
CA HIS A 58 -0.22 9.28 1.31
C HIS A 58 0.49 10.42 0.59
N VAL A 59 0.74 10.21 -0.69
CA VAL A 59 1.38 11.21 -1.55
C VAL A 59 0.56 12.46 -1.62
N LEU A 60 -0.67 12.29 -2.04
CA LEU A 60 -1.63 13.35 -2.17
C LEU A 60 -1.85 14.10 -0.84
N HIS A 61 -1.77 13.38 0.25
CA HIS A 61 -1.93 13.96 1.57
C HIS A 61 -0.73 14.84 1.87
N CYS A 62 0.45 14.35 1.48
CA CYS A 62 1.71 15.03 1.67
C CYS A 62 1.79 16.27 0.78
N GLN A 63 1.15 16.18 -0.39
CA GLN A 63 1.08 17.29 -1.32
C GLN A 63 0.22 18.45 -0.76
N GLY A 64 -0.63 18.13 0.20
CA GLY A 64 -1.47 19.14 0.81
C GLY A 64 -2.93 18.96 0.49
N ARG A 65 -3.36 17.74 0.33
CA ARG A 65 -4.75 17.45 0.10
C ARG A 65 -5.31 16.78 1.36
N ASN A 66 -6.57 17.00 1.64
CA ASN A 66 -7.18 16.44 2.85
C ASN A 66 -8.17 15.36 2.54
N TYR A 67 -7.93 14.20 3.10
CA TYR A 67 -8.79 13.06 2.94
C TYR A 67 -8.88 12.30 4.23
N THR A 68 -9.97 11.67 4.44
CA THR A 68 -10.25 10.93 5.64
C THR A 68 -10.33 9.42 5.34
N LEU A 69 -9.77 8.60 6.20
CA LEU A 69 -9.78 7.16 5.99
C LEU A 69 -11.01 6.54 6.61
N THR A 70 -11.88 6.11 5.75
CA THR A 70 -13.11 5.51 6.14
C THR A 70 -12.98 3.97 6.17
N GLY A 71 -14.10 3.29 6.23
CA GLY A 71 -14.09 1.86 6.30
C GLY A 71 -13.78 1.23 4.97
N ARG A 72 -13.28 0.01 5.00
CA ARG A 72 -12.88 -0.71 3.79
C ARG A 72 -14.07 -1.20 2.98
N ASP A 73 -15.22 -1.13 3.57
CA ASP A 73 -16.42 -1.57 2.90
C ASP A 73 -17.18 -0.35 2.37
N SER A 74 -16.66 0.84 2.69
CA SER A 74 -17.30 2.08 2.27
C SER A 74 -17.34 2.24 0.72
N CYS A 75 -16.45 1.60 0.02
CA CYS A 75 -16.50 1.57 -1.44
C CYS A 75 -15.81 0.30 -1.95
N THR A 76 -15.71 0.15 -3.26
CA THR A 76 -15.07 -0.99 -3.88
C THR A 76 -13.73 -0.51 -4.45
N LEU A 77 -12.75 -1.39 -4.59
CA LEU A 77 -11.46 -0.95 -5.03
C LEU A 77 -11.09 -1.25 -6.49
N PRO A 78 -10.77 -0.17 -7.21
CA PRO A 78 -10.48 -0.13 -8.66
C PRO A 78 -9.31 -0.95 -9.17
N ALA A 79 -8.19 -0.87 -8.46
CA ALA A 79 -6.92 -1.38 -8.95
C ALA A 79 -6.88 -2.85 -9.25
N SER A 80 -5.89 -3.16 -10.10
CA SER A 80 -5.62 -4.42 -10.71
C SER A 80 -6.44 -4.57 -11.96
N ALA A 81 -5.77 -4.87 -13.05
CA ALA A 81 -6.41 -5.08 -14.33
C ALA A 81 -7.46 -6.17 -14.25
N GLU A 82 -8.43 -6.02 -15.09
CA GLU A 82 -9.62 -6.84 -15.18
C GLU A 82 -9.38 -8.11 -15.95
N LYS A 83 -8.17 -8.40 -16.16
CA LYS A 83 -7.79 -9.53 -16.91
C LYS A 83 -7.60 -10.71 -16.03
N ALA A 84 -8.45 -11.67 -16.23
CA ALA A 84 -8.40 -12.93 -15.53
C ALA A 84 -7.35 -13.76 -16.20
N CYS A 85 -6.30 -14.05 -15.47
CA CYS A 85 -5.15 -14.71 -16.04
C CYS A 85 -4.35 -15.43 -14.97
N GLY A 86 -4.19 -14.79 -13.81
CA GLY A 86 -3.41 -15.39 -12.75
C GLY A 86 -2.13 -14.61 -12.46
N ALA A 87 -2.06 -13.38 -12.96
CA ALA A 87 -0.92 -12.54 -12.74
C ALA A 87 -1.38 -11.08 -12.72
N CYS A 88 -0.40 -10.19 -12.81
CA CYS A 88 -0.53 -8.69 -12.87
C CYS A 88 -0.19 -7.91 -11.57
N PRO A 89 -0.97 -8.02 -10.45
CA PRO A 89 -0.77 -7.20 -9.26
C PRO A 89 0.37 -7.69 -8.36
N LEU A 90 0.71 -6.87 -7.39
CA LEU A 90 1.84 -7.14 -6.49
C LEU A 90 1.54 -8.20 -5.41
N TRP A 91 0.31 -8.39 -5.09
CA TRP A 91 -0.05 -9.47 -4.16
C TRP A 91 -1.14 -10.31 -4.77
N GLY A 92 -1.60 -9.86 -5.90
CA GLY A 92 -2.72 -10.47 -6.54
C GLY A 92 -3.98 -9.66 -6.28
N LYS A 93 -5.13 -10.29 -6.41
CA LYS A 93 -6.39 -9.66 -6.12
C LYS A 93 -7.44 -10.73 -5.93
N CYS A 94 -8.22 -10.59 -4.92
CA CYS A 94 -9.36 -11.44 -4.75
C CYS A 94 -10.54 -10.52 -4.85
N ASP A 95 -11.03 -10.33 -6.06
CA ASP A 95 -12.08 -9.37 -6.33
C ASP A 95 -13.39 -9.87 -5.77
N ALA A 96 -13.73 -11.07 -6.18
CA ALA A 96 -14.93 -11.78 -5.85
C ALA A 96 -14.88 -13.02 -6.71
N GLU A 97 -15.99 -13.58 -7.06
CA GLU A 97 -16.00 -14.70 -8.01
C GLU A 97 -16.09 -14.13 -9.43
N SER A 98 -15.99 -12.81 -9.49
CA SER A 98 -16.08 -12.06 -10.69
C SER A 98 -14.73 -11.98 -11.40
N SER A 99 -14.54 -12.83 -12.39
CA SER A 99 -13.41 -12.81 -13.31
C SER A 99 -11.99 -12.98 -12.67
N LYS A 100 -11.46 -11.92 -12.06
CA LYS A 100 -10.07 -11.87 -11.67
C LYS A 100 -9.79 -12.29 -10.23
N CYS A 101 -8.97 -13.32 -10.10
CA CYS A 101 -8.48 -13.78 -8.82
C CYS A 101 -7.05 -14.30 -8.97
N VAL A 102 -6.21 -13.89 -8.07
CA VAL A 102 -4.84 -14.36 -7.97
C VAL A 102 -4.32 -13.95 -6.61
N CYS A 103 -3.43 -14.69 -6.03
CA CYS A 103 -2.83 -14.29 -4.78
C CYS A 103 -1.43 -14.82 -4.65
N ARG A 104 -0.55 -13.98 -4.19
CA ARG A 104 0.79 -14.37 -3.84
C ARG A 104 0.80 -14.62 -2.33
N GLU A 105 1.91 -15.03 -1.79
CA GLU A 105 2.02 -15.18 -0.36
C GLU A 105 2.79 -13.99 0.20
N ALA A 106 2.83 -13.88 1.52
CA ALA A 106 3.46 -12.74 2.16
C ALA A 106 4.97 -12.72 1.94
N SER A 107 5.52 -13.90 1.80
CA SER A 107 6.93 -14.07 1.59
C SER A 107 7.33 -13.81 0.12
N GLU A 108 6.33 -13.62 -0.74
CA GLU A 108 6.58 -13.43 -2.18
C GLU A 108 6.71 -11.94 -2.50
N CYS A 109 6.96 -11.13 -1.49
CA CYS A 109 7.13 -9.70 -1.66
C CYS A 109 8.41 -9.41 -2.44
N GLU A 110 8.28 -8.89 -3.64
CA GLU A 110 9.44 -8.59 -4.47
C GLU A 110 9.55 -7.09 -4.74
N GLU A 111 8.44 -6.42 -4.69
CA GLU A 111 8.37 -5.00 -4.88
C GLU A 111 8.35 -4.28 -3.53
N GLU A 112 8.20 -2.97 -3.57
CA GLU A 112 8.32 -2.14 -2.41
C GLU A 112 7.19 -1.16 -2.33
N GLY A 113 6.17 -1.54 -1.65
CA GLY A 113 5.06 -0.66 -1.39
C GLY A 113 5.23 -0.04 -0.02
N PHE A 114 4.14 0.23 0.64
CA PHE A 114 4.15 0.77 1.97
C PHE A 114 4.31 -0.29 3.03
N SER A 115 4.48 0.19 4.22
CA SER A 115 4.44 -0.61 5.39
C SER A 115 3.28 -0.04 6.21
N ILE A 116 2.19 -0.76 6.23
CA ILE A 116 0.94 -0.29 6.81
C ILE A 116 0.62 -1.06 8.11
N CYS A 117 -0.48 -0.73 8.73
CA CYS A 117 -0.87 -1.33 9.98
C CYS A 117 -2.09 -2.21 9.79
N VAL A 118 -1.94 -3.47 10.14
CA VAL A 118 -3.02 -4.41 10.00
C VAL A 118 -3.18 -5.17 11.31
N GLU A 119 -4.39 -5.28 11.75
CA GLU A 119 -4.70 -6.01 12.94
C GLU A 119 -4.77 -7.47 12.58
N VAL A 120 -4.03 -8.23 13.31
CA VAL A 120 -3.93 -9.65 13.13
C VAL A 120 -3.77 -10.25 14.50
N ASN A 121 -4.43 -11.37 14.74
CA ASN A 121 -4.33 -12.07 16.03
C ASN A 121 -4.96 -11.26 17.18
N GLY A 122 -5.62 -10.17 16.86
CA GLY A 122 -6.21 -9.32 17.86
C GLY A 122 -5.45 -8.03 18.06
N LYS A 123 -4.20 -8.00 17.61
CA LYS A 123 -3.34 -6.83 17.81
C LYS A 123 -2.90 -6.26 16.46
N GLU A 124 -2.36 -5.07 16.46
CA GLU A 124 -1.96 -4.43 15.22
C GLU A 124 -0.49 -4.68 14.92
N GLN A 125 -0.21 -5.23 13.76
CA GLN A 125 1.15 -5.45 13.31
C GLN A 125 1.38 -4.68 12.01
N THR A 126 2.57 -4.16 11.84
CA THR A 126 2.94 -3.51 10.62
C THR A 126 3.31 -4.57 9.59
N MET A 127 2.74 -4.46 8.43
CA MET A 127 2.99 -5.40 7.37
C MET A 127 3.44 -4.66 6.17
N SER A 128 3.98 -5.37 5.23
CA SER A 128 4.37 -4.79 4.01
C SER A 128 3.15 -4.82 3.12
N GLU A 129 3.07 -3.89 2.22
CA GLU A 129 1.96 -3.75 1.29
C GLU A 129 1.59 -5.11 0.66
N CYS A 130 2.60 -5.77 0.13
CA CYS A 130 2.42 -7.04 -0.54
C CYS A 130 1.92 -8.13 0.39
N GLU A 131 2.39 -8.18 1.62
CA GLU A 131 2.00 -9.24 2.52
C GLU A 131 0.60 -9.05 3.00
N ALA A 132 0.33 -7.90 3.54
CA ALA A 132 -0.93 -7.52 4.03
C ALA A 132 -2.03 -7.68 2.97
N GLY A 133 -1.71 -7.25 1.75
CA GLY A 133 -2.64 -7.41 0.66
C GLY A 133 -2.84 -8.87 0.30
N ALA A 134 -1.73 -9.61 0.26
CA ALA A 134 -1.73 -11.02 -0.09
C ALA A 134 -2.54 -11.80 0.91
N LEU A 135 -2.41 -11.44 2.16
CA LEU A 135 -3.11 -12.08 3.24
C LEU A 135 -4.62 -11.95 3.05
N ARG A 136 -5.07 -10.78 2.59
CA ARG A 136 -6.50 -10.58 2.29
C ARG A 136 -6.88 -11.52 1.15
N CYS A 137 -6.04 -11.51 0.16
CA CYS A 137 -6.22 -12.25 -1.06
C CYS A 137 -6.14 -13.77 -0.92
N ARG A 138 -5.44 -14.25 0.09
CA ARG A 138 -5.34 -15.69 0.29
C ARG A 138 -6.37 -16.19 1.27
N GLY A 139 -7.07 -15.29 1.88
CA GLY A 139 -8.09 -15.70 2.80
C GLY A 139 -7.63 -15.70 4.24
N GLN A 140 -6.46 -15.16 4.50
CA GLN A 140 -5.97 -15.04 5.86
C GLN A 140 -6.82 -14.02 6.63
N SER A 141 -6.99 -14.23 7.91
CA SER A 141 -7.79 -13.34 8.70
C SER A 141 -6.95 -12.16 9.19
N ILE A 142 -7.21 -11.00 8.61
CA ILE A 142 -6.52 -9.76 8.95
C ILE A 142 -7.51 -8.62 8.84
N SER A 143 -7.23 -7.54 9.51
CA SER A 143 -8.02 -6.36 9.43
C SER A 143 -7.13 -5.13 9.27
N VAL A 144 -7.11 -4.54 8.09
CA VAL A 144 -6.30 -3.35 7.86
C VAL A 144 -6.89 -2.19 8.64
N THR A 145 -6.17 -1.73 9.63
CA THR A 145 -6.67 -0.69 10.48
C THR A 145 -6.31 0.68 9.95
N SER A 146 -5.12 0.78 9.37
CA SER A 146 -4.65 2.04 8.93
C SER A 146 -3.60 1.93 7.85
N ILE A 147 -3.46 3.01 7.10
CA ILE A 147 -2.52 3.11 5.98
C ILE A 147 -1.16 3.60 6.50
N ARG A 148 -1.12 3.80 7.78
CA ARG A 148 0.06 4.23 8.50
C ARG A 148 0.73 2.98 9.03
N PRO A 149 2.05 2.98 9.21
CA PRO A 149 2.72 1.87 9.84
C PRO A 149 2.41 1.86 11.33
N CYS A 150 2.44 0.72 11.94
CA CYS A 150 2.16 0.60 13.35
C CYS A 150 3.47 0.66 14.08
N ALA A 151 3.42 0.84 15.37
CA ALA A 151 4.61 0.81 16.19
C ALA A 151 5.15 -0.62 16.25
N ALA A 152 4.27 -1.57 15.98
CA ALA A 152 4.62 -2.96 15.96
C ALA A 152 5.27 -3.36 14.62
N GLU A 153 6.37 -2.71 14.31
CA GLU A 153 7.19 -3.07 13.16
C GLU A 153 8.55 -3.53 13.66
N THR A 154 8.82 -3.21 14.88
CA THR A 154 10.02 -3.63 15.54
C THR A 154 9.61 -4.73 16.50
N GLN A 155 9.66 -5.93 16.03
CA GLN A 155 9.22 -7.06 16.80
C GLN A 155 10.43 -7.73 17.40
N GLY A 1 40.15 0.18 -10.89
CA GLY A 1 39.11 1.14 -11.19
C GLY A 1 39.52 2.49 -10.75
N SER A 2 38.55 3.30 -10.37
CA SER A 2 38.74 4.63 -9.87
C SER A 2 39.21 5.65 -10.93
N HIS A 3 38.70 6.83 -10.78
CA HIS A 3 39.07 7.99 -11.55
C HIS A 3 39.18 9.08 -10.52
N MET A 4 39.12 10.32 -10.90
CA MET A 4 39.07 11.38 -9.88
C MET A 4 37.71 11.32 -9.22
N ASN A 5 36.72 11.00 -10.02
CA ASN A 5 35.39 10.73 -9.53
C ASN A 5 35.09 9.26 -9.80
N PRO A 6 34.76 8.48 -8.78
CA PRO A 6 34.46 7.08 -8.95
C PRO A 6 33.00 6.85 -9.34
N LEU A 7 32.65 5.61 -9.57
CA LEU A 7 31.28 5.26 -9.85
C LEU A 7 30.65 4.94 -8.51
N THR A 8 29.83 5.81 -8.03
CA THR A 8 29.25 5.65 -6.74
C THR A 8 27.72 5.88 -6.82
N GLN A 9 26.99 5.37 -5.85
CA GLN A 9 25.55 5.44 -5.89
C GLN A 9 25.05 5.84 -4.50
N ALA A 10 24.38 6.96 -4.43
CA ALA A 10 23.84 7.47 -3.18
C ALA A 10 22.43 6.99 -3.00
N VAL A 11 22.26 6.17 -2.01
CA VAL A 11 21.01 5.61 -1.70
C VAL A 11 20.02 6.67 -1.17
N PRO A 12 18.78 6.65 -1.67
CA PRO A 12 17.78 7.60 -1.25
C PRO A 12 17.10 7.21 0.04
N LYS A 13 16.97 8.16 0.92
CA LYS A 13 16.25 7.92 2.13
C LYS A 13 14.90 8.61 2.05
N CYS A 14 14.03 8.00 1.32
CA CYS A 14 12.72 8.51 1.10
C CYS A 14 11.72 7.54 1.61
N GLN A 15 10.55 8.02 1.90
CA GLN A 15 9.47 7.14 2.18
C GLN A 15 8.96 6.67 0.83
N ARG A 16 8.15 5.68 0.79
CA ARG A 16 7.75 5.09 -0.50
C ARG A 16 6.85 6.00 -1.32
N TRP A 17 6.30 7.00 -0.67
CA TRP A 17 5.50 8.00 -1.34
C TRP A 17 6.35 9.22 -1.69
N GLU A 18 7.65 9.11 -1.47
CA GLU A 18 8.56 10.15 -1.78
C GLU A 18 9.60 9.58 -2.73
N LYS A 19 10.38 10.44 -3.29
CA LYS A 19 11.43 10.05 -4.17
C LYS A 19 12.55 11.03 -4.05
N LEU A 20 13.70 10.66 -4.51
CA LEU A 20 14.81 11.54 -4.55
C LEU A 20 14.98 12.01 -5.96
N GLN A 21 14.95 13.29 -6.14
CA GLN A 21 15.17 13.90 -7.42
C GLN A 21 15.92 15.17 -7.15
N ASN A 22 16.78 15.55 -8.07
CA ASN A 22 17.53 16.80 -8.00
C ASN A 22 18.41 16.80 -6.73
N SER A 23 18.82 15.59 -6.33
CA SER A 23 19.66 15.33 -5.16
C SER A 23 18.94 15.57 -3.82
N ARG A 24 17.62 15.65 -3.84
CA ARG A 24 16.86 15.87 -2.63
C ARG A 24 15.64 14.98 -2.62
N CYS A 25 15.01 14.84 -1.48
CA CYS A 25 13.83 14.02 -1.38
C CYS A 25 12.60 14.90 -1.41
N VAL A 26 11.66 14.54 -2.23
CA VAL A 26 10.40 15.24 -2.38
C VAL A 26 9.31 14.21 -2.46
N CYS A 27 8.08 14.63 -2.46
CA CYS A 27 7.00 13.69 -2.53
C CYS A 27 6.67 13.41 -3.98
N LYS A 28 6.16 12.23 -4.25
CA LYS A 28 5.74 11.86 -5.56
C LYS A 28 4.42 12.57 -5.88
N MET A 29 3.91 12.37 -7.07
CA MET A 29 2.63 12.91 -7.47
C MET A 29 1.65 11.76 -7.67
N PRO A 30 0.31 12.00 -7.59
CA PRO A 30 -0.72 10.92 -7.71
C PRO A 30 -0.65 10.08 -9.03
N TYR A 31 0.06 10.58 -10.02
CA TYR A 31 0.19 9.85 -11.28
C TYR A 31 1.48 9.04 -11.31
N GLU A 32 2.21 9.13 -10.22
CA GLU A 32 3.44 8.38 -10.02
C GLU A 32 3.10 7.16 -9.16
N CYS A 33 1.82 6.89 -9.07
CA CYS A 33 1.30 5.87 -8.23
C CYS A 33 0.87 4.65 -9.02
N GLY A 34 1.21 3.49 -8.52
CA GLY A 34 0.82 2.26 -9.15
C GLY A 34 0.53 1.19 -8.11
N PRO A 35 1.44 0.21 -7.93
CA PRO A 35 1.27 -0.90 -6.97
C PRO A 35 1.01 -0.42 -5.54
N SER A 36 -0.22 -0.66 -5.07
CA SER A 36 -0.67 -0.30 -3.75
C SER A 36 -2.05 -0.91 -3.45
N LEU A 37 -2.35 -1.07 -2.17
CA LEU A 37 -3.65 -1.53 -1.68
C LEU A 37 -4.77 -0.55 -2.03
N ASP A 38 -5.84 -1.02 -2.67
CA ASP A 38 -7.00 -0.16 -2.97
C ASP A 38 -7.81 0.06 -1.72
N VAL A 39 -8.16 1.29 -1.46
CA VAL A 39 -8.86 1.67 -0.25
C VAL A 39 -9.90 2.74 -0.53
N CYS A 40 -10.86 2.82 0.33
CA CYS A 40 -11.91 3.81 0.21
C CYS A 40 -11.57 4.96 1.11
N ALA A 41 -11.46 6.13 0.56
CA ALA A 41 -11.04 7.26 1.31
C ALA A 41 -12.04 8.38 1.23
N GLN A 42 -12.14 9.11 2.29
CA GLN A 42 -13.03 10.21 2.39
C GLN A 42 -12.24 11.48 2.23
N ASP A 43 -12.68 12.36 1.35
CA ASP A 43 -12.05 13.64 1.18
C ASP A 43 -12.45 14.52 2.35
N GLU A 44 -11.51 15.21 2.97
CA GLU A 44 -11.80 16.02 4.14
C GLU A 44 -12.38 17.39 3.85
N ARG A 45 -12.56 17.71 2.60
CA ARG A 45 -13.15 18.99 2.26
C ARG A 45 -14.62 18.78 1.91
N SER A 46 -14.85 17.86 1.02
CA SER A 46 -16.17 17.53 0.55
C SER A 46 -16.84 16.53 1.51
N LYS A 47 -16.00 15.80 2.27
CA LYS A 47 -16.44 14.73 3.19
C LYS A 47 -17.14 13.60 2.45
N ARG A 48 -16.64 13.37 1.26
CA ARG A 48 -17.19 12.41 0.33
C ARG A 48 -16.22 11.29 0.19
N ILE A 49 -16.69 10.13 -0.14
CA ILE A 49 -15.85 9.00 -0.20
C ILE A 49 -15.60 8.55 -1.61
N LEU A 50 -14.35 8.38 -1.92
CA LEU A 50 -13.89 8.05 -3.22
C LEU A 50 -12.90 6.90 -3.15
N PRO A 51 -12.85 6.11 -4.21
CA PRO A 51 -11.89 5.02 -4.32
C PRO A 51 -10.48 5.53 -4.59
N LEU A 52 -9.57 5.18 -3.72
CA LEU A 52 -8.19 5.52 -3.89
C LEU A 52 -7.37 4.29 -3.70
N THR A 53 -6.11 4.45 -3.77
CA THR A 53 -5.22 3.37 -3.56
C THR A 53 -4.15 3.92 -2.62
N VAL A 54 -3.51 3.07 -1.84
CA VAL A 54 -2.58 3.54 -0.82
C VAL A 54 -1.40 4.36 -1.32
N CYS A 55 -0.97 4.15 -2.55
CA CYS A 55 0.10 4.98 -3.09
C CYS A 55 -0.44 6.36 -3.33
N LYS A 56 -1.59 6.40 -4.00
CA LYS A 56 -2.30 7.63 -4.33
C LYS A 56 -2.58 8.41 -3.05
N MET A 57 -3.25 7.75 -2.12
CA MET A 57 -3.57 8.32 -0.82
C MET A 57 -2.32 8.81 -0.11
N HIS A 58 -1.28 7.98 0.00
CA HIS A 58 -0.08 8.37 0.74
C HIS A 58 0.61 9.57 0.12
N VAL A 59 0.72 9.55 -1.18
CA VAL A 59 1.32 10.62 -1.94
C VAL A 59 0.52 11.91 -1.78
N LEU A 60 -0.74 11.80 -2.07
CA LEU A 60 -1.68 12.88 -1.97
C LEU A 60 -1.73 13.43 -0.54
N HIS A 61 -1.65 12.54 0.42
CA HIS A 61 -1.67 12.88 1.83
C HIS A 61 -0.42 13.70 2.15
N CYS A 62 0.70 13.25 1.63
CA CYS A 62 1.98 13.90 1.83
C CYS A 62 2.02 15.24 1.11
N GLN A 63 1.28 15.37 -0.01
CA GLN A 63 1.21 16.63 -0.73
C GLN A 63 0.39 17.68 0.04
N GLY A 64 -0.31 17.24 1.08
CA GLY A 64 -1.07 18.17 1.90
C GLY A 64 -2.56 17.95 1.81
N ARG A 65 -2.94 16.93 1.12
CA ARG A 65 -4.34 16.63 0.95
C ARG A 65 -4.82 15.79 2.12
N ASN A 66 -5.83 16.27 2.79
CA ASN A 66 -6.38 15.58 3.95
C ASN A 66 -7.49 14.67 3.54
N TYR A 67 -7.33 13.43 3.83
CA TYR A 67 -8.29 12.40 3.53
C TYR A 67 -8.37 11.48 4.73
N THR A 68 -9.46 10.82 4.86
CA THR A 68 -9.68 9.87 5.92
C THR A 68 -9.91 8.49 5.30
N LEU A 69 -9.53 7.44 5.97
CA LEU A 69 -9.76 6.12 5.47
C LEU A 69 -11.06 5.60 6.00
N THR A 70 -11.81 5.03 5.14
CA THR A 70 -13.11 4.51 5.47
C THR A 70 -13.18 3.04 5.11
N GLY A 71 -14.31 2.43 5.28
CA GLY A 71 -14.45 1.03 4.99
C GLY A 71 -14.62 0.80 3.52
N ARG A 72 -14.47 -0.43 3.07
CA ARG A 72 -14.57 -0.77 1.65
C ARG A 72 -16.02 -0.58 1.16
N ASP A 73 -16.94 -0.57 2.10
CA ASP A 73 -18.35 -0.40 1.82
C ASP A 73 -18.68 1.04 1.43
N SER A 74 -17.87 1.95 1.90
CA SER A 74 -18.14 3.38 1.78
C SER A 74 -18.19 3.89 0.31
N CYS A 75 -17.53 3.21 -0.58
CA CYS A 75 -17.62 3.56 -1.98
C CYS A 75 -17.46 2.30 -2.81
N THR A 76 -17.45 2.42 -4.10
CA THR A 76 -17.27 1.28 -4.93
C THR A 76 -15.80 1.16 -5.34
N LEU A 77 -15.18 0.16 -4.77
CA LEU A 77 -13.78 -0.10 -4.94
C LEU A 77 -13.59 -1.14 -6.04
N PRO A 78 -12.52 -1.02 -6.86
CA PRO A 78 -12.24 -2.01 -7.91
C PRO A 78 -11.75 -3.35 -7.34
N ALA A 79 -10.85 -3.29 -6.39
CA ALA A 79 -10.31 -4.49 -5.80
C ALA A 79 -10.70 -4.62 -4.35
N SER A 80 -11.71 -5.40 -4.15
CA SER A 80 -12.18 -5.74 -2.84
C SER A 80 -12.56 -7.23 -2.81
N ALA A 81 -13.17 -7.68 -3.89
CA ALA A 81 -13.50 -9.06 -4.09
C ALA A 81 -12.56 -9.63 -5.15
N GLU A 82 -12.72 -10.90 -5.47
CA GLU A 82 -11.81 -11.55 -6.41
C GLU A 82 -12.04 -11.15 -7.86
N LYS A 83 -10.97 -10.73 -8.50
CA LYS A 83 -11.02 -10.35 -9.89
C LYS A 83 -9.99 -11.14 -10.65
N ALA A 84 -10.44 -11.89 -11.61
CA ALA A 84 -9.57 -12.71 -12.40
C ALA A 84 -9.09 -11.93 -13.59
N CYS A 85 -7.83 -11.68 -13.62
CA CYS A 85 -7.21 -10.95 -14.70
C CYS A 85 -5.82 -11.50 -14.93
N GLY A 86 -5.02 -11.48 -13.89
CA GLY A 86 -3.70 -12.00 -13.95
C GLY A 86 -2.69 -11.00 -13.46
N ALA A 87 -3.03 -9.72 -13.56
CA ALA A 87 -2.13 -8.67 -13.13
C ALA A 87 -2.88 -7.43 -12.69
N CYS A 88 -2.99 -7.26 -11.41
CA CYS A 88 -3.55 -6.09 -10.75
C CYS A 88 -2.93 -5.96 -9.35
N PRO A 89 -2.96 -7.04 -8.48
CA PRO A 89 -2.26 -6.99 -7.21
C PRO A 89 -0.79 -7.32 -7.42
N LEU A 90 0.06 -6.83 -6.56
CA LEU A 90 1.49 -7.09 -6.69
C LEU A 90 1.92 -8.30 -5.83
N TRP A 91 1.01 -8.75 -5.00
CA TRP A 91 1.20 -9.91 -4.14
C TRP A 91 0.46 -11.10 -4.73
N GLY A 92 -0.29 -10.83 -5.78
CA GLY A 92 -1.14 -11.81 -6.37
C GLY A 92 -1.12 -11.69 -7.86
N LYS A 93 -0.70 -12.73 -8.50
CA LYS A 93 -0.49 -12.71 -9.94
C LYS A 93 -0.83 -14.06 -10.49
N CYS A 94 -0.78 -14.19 -11.76
CA CYS A 94 -0.78 -15.48 -12.35
C CYS A 94 0.68 -15.74 -12.68
N ASP A 95 1.40 -16.21 -11.68
CA ASP A 95 2.85 -16.37 -11.79
C ASP A 95 3.11 -17.60 -12.58
N ALA A 96 2.30 -18.57 -12.30
CA ALA A 96 2.21 -19.77 -13.04
C ALA A 96 0.90 -19.68 -13.79
N GLU A 97 0.56 -20.64 -14.60
CA GLU A 97 -0.69 -20.53 -15.26
C GLU A 97 -1.79 -21.07 -14.37
N SER A 98 -2.23 -20.22 -13.49
CA SER A 98 -3.21 -20.52 -12.50
C SER A 98 -4.58 -19.97 -12.91
N SER A 99 -4.63 -19.25 -14.05
CA SER A 99 -5.83 -18.58 -14.57
C SER A 99 -6.22 -17.37 -13.67
N LYS A 100 -6.53 -17.62 -12.42
CA LYS A 100 -6.85 -16.57 -11.46
C LYS A 100 -5.55 -16.06 -10.84
N CYS A 101 -5.64 -15.05 -10.00
CA CYS A 101 -4.45 -14.47 -9.43
C CYS A 101 -4.24 -15.09 -8.07
N VAL A 102 -3.09 -15.68 -7.90
CA VAL A 102 -2.72 -16.40 -6.71
C VAL A 102 -1.74 -15.56 -5.94
N CYS A 103 -1.64 -15.80 -4.67
CA CYS A 103 -0.82 -14.99 -3.83
C CYS A 103 0.53 -15.61 -3.61
N ARG A 104 1.54 -14.82 -3.84
CA ARG A 104 2.89 -15.17 -3.55
C ARG A 104 3.18 -14.64 -2.17
N GLU A 105 4.09 -15.24 -1.45
CA GLU A 105 4.32 -14.81 -0.08
C GLU A 105 5.14 -13.53 0.00
N ALA A 106 5.26 -12.98 1.20
CA ALA A 106 5.92 -11.69 1.42
C ALA A 106 7.37 -11.74 1.00
N SER A 107 7.95 -12.91 1.13
CA SER A 107 9.33 -13.13 0.77
C SER A 107 9.51 -13.17 -0.77
N GLU A 108 8.41 -13.29 -1.50
CA GLU A 108 8.44 -13.40 -2.94
C GLU A 108 8.02 -12.11 -3.59
N CYS A 109 7.63 -11.15 -2.79
CA CYS A 109 7.13 -9.89 -3.30
C CYS A 109 8.17 -9.15 -4.12
N GLU A 110 7.89 -9.05 -5.41
CA GLU A 110 8.77 -8.41 -6.40
C GLU A 110 8.59 -6.91 -6.37
N GLU A 111 7.71 -6.47 -5.52
CA GLU A 111 7.37 -5.11 -5.36
C GLU A 111 7.23 -4.87 -3.88
N GLU A 112 7.56 -3.70 -3.44
CA GLU A 112 7.48 -3.37 -2.07
C GLU A 112 6.52 -2.23 -1.88
N GLY A 113 5.32 -2.61 -1.65
CA GLY A 113 4.30 -1.66 -1.34
C GLY A 113 4.50 -1.02 0.03
N PHE A 114 3.58 -0.19 0.42
CA PHE A 114 3.70 0.61 1.63
C PHE A 114 3.58 -0.19 2.88
N SER A 115 4.01 0.36 3.96
CA SER A 115 3.84 -0.27 5.23
C SER A 115 2.55 0.24 5.86
N ILE A 116 1.70 -0.67 6.29
CA ILE A 116 0.41 -0.30 6.83
C ILE A 116 0.19 -0.95 8.20
N CYS A 117 -0.94 -0.69 8.80
CA CYS A 117 -1.29 -1.25 10.09
C CYS A 117 -2.48 -2.15 9.92
N VAL A 118 -2.36 -3.37 10.38
CA VAL A 118 -3.40 -4.35 10.23
C VAL A 118 -3.70 -5.01 11.57
N GLU A 119 -4.95 -5.02 11.95
CA GLU A 119 -5.41 -5.67 13.15
C GLU A 119 -5.57 -7.14 12.85
N VAL A 120 -4.70 -7.91 13.41
CA VAL A 120 -4.66 -9.33 13.22
C VAL A 120 -4.42 -9.95 14.58
N ASN A 121 -5.26 -10.92 14.96
CA ASN A 121 -5.16 -11.60 16.27
C ASN A 121 -5.53 -10.67 17.41
N GLY A 122 -6.17 -9.59 17.05
CA GLY A 122 -6.56 -8.60 18.02
C GLY A 122 -5.51 -7.54 18.17
N LYS A 123 -4.38 -7.73 17.55
CA LYS A 123 -3.28 -6.81 17.64
C LYS A 123 -3.12 -6.05 16.36
N GLU A 124 -2.70 -4.84 16.46
CA GLU A 124 -2.50 -4.03 15.29
C GLU A 124 -1.03 -4.07 14.94
N GLN A 125 -0.72 -4.87 13.96
CA GLN A 125 0.64 -5.10 13.54
C GLN A 125 0.93 -4.33 12.26
N THR A 126 2.12 -3.84 12.16
CA THR A 126 2.55 -3.14 10.98
C THR A 126 3.07 -4.18 10.01
N MET A 127 2.56 -4.18 8.81
CA MET A 127 3.03 -5.11 7.80
C MET A 127 3.34 -4.34 6.56
N SER A 128 3.92 -4.98 5.62
CA SER A 128 4.08 -4.39 4.35
C SER A 128 2.84 -4.70 3.53
N GLU A 129 2.49 -3.83 2.65
CA GLU A 129 1.33 -3.91 1.76
C GLU A 129 1.25 -5.27 1.10
N CYS A 130 2.35 -5.66 0.49
CA CYS A 130 2.47 -6.90 -0.21
C CYS A 130 2.33 -8.11 0.73
N GLU A 131 2.66 -7.90 1.99
CA GLU A 131 2.59 -8.92 2.99
C GLU A 131 1.16 -9.05 3.49
N ALA A 132 0.60 -7.95 3.99
CA ALA A 132 -0.77 -7.91 4.45
C ALA A 132 -1.70 -8.37 3.34
N GLY A 133 -1.39 -7.91 2.12
CA GLY A 133 -2.12 -8.28 0.95
C GLY A 133 -1.98 -9.76 0.65
N ALA A 134 -0.78 -10.32 0.84
CA ALA A 134 -0.57 -11.74 0.63
C ALA A 134 -1.44 -12.54 1.58
N LEU A 135 -1.42 -12.17 2.86
CA LEU A 135 -2.27 -12.82 3.88
C LEU A 135 -3.75 -12.68 3.52
N ARG A 136 -4.11 -11.51 3.02
CA ARG A 136 -5.47 -11.17 2.61
C ARG A 136 -5.89 -11.92 1.34
N CYS A 137 -4.94 -12.29 0.53
CA CYS A 137 -5.24 -12.93 -0.72
C CYS A 137 -5.22 -14.43 -0.49
N ARG A 138 -4.51 -14.81 0.54
CA ARG A 138 -4.42 -16.16 0.95
C ARG A 138 -5.70 -16.56 1.71
N GLY A 139 -6.12 -15.76 2.66
CA GLY A 139 -7.33 -16.08 3.38
C GLY A 139 -7.22 -16.00 4.89
N GLN A 140 -6.10 -15.49 5.36
CA GLN A 140 -5.87 -15.30 6.79
C GLN A 140 -6.82 -14.20 7.33
N SER A 141 -6.99 -14.14 8.63
CA SER A 141 -7.78 -13.11 9.25
C SER A 141 -6.94 -11.91 9.50
N ILE A 142 -7.23 -10.85 8.80
CA ILE A 142 -6.52 -9.61 8.93
C ILE A 142 -7.50 -8.46 8.69
N SER A 143 -7.46 -7.50 9.52
CA SER A 143 -8.28 -6.35 9.37
C SER A 143 -7.42 -5.10 9.21
N VAL A 144 -7.31 -4.60 7.99
CA VAL A 144 -6.48 -3.44 7.73
C VAL A 144 -7.11 -2.20 8.35
N THR A 145 -6.50 -1.71 9.40
CA THR A 145 -7.03 -0.60 10.14
C THR A 145 -6.53 0.73 9.59
N SER A 146 -5.32 0.76 9.11
CA SER A 146 -4.75 1.98 8.62
C SER A 146 -3.78 1.73 7.48
N ILE A 147 -3.79 2.64 6.52
CA ILE A 147 -2.90 2.60 5.36
C ILE A 147 -1.52 3.13 5.71
N ARG A 148 -1.40 3.64 6.90
CA ARG A 148 -0.15 4.14 7.41
C ARG A 148 0.40 3.15 8.42
N PRO A 149 1.73 3.04 8.55
CA PRO A 149 2.34 2.08 9.44
C PRO A 149 2.10 2.41 10.91
N CYS A 150 2.03 1.37 11.71
CA CYS A 150 1.88 1.53 13.13
C CYS A 150 3.27 1.45 13.73
N ALA A 151 3.43 1.79 14.99
CA ALA A 151 4.73 1.70 15.63
C ALA A 151 4.97 0.29 16.18
N ALA A 152 4.05 -0.63 15.86
CA ALA A 152 4.16 -2.04 16.20
C ALA A 152 5.43 -2.61 15.60
N GLU A 153 5.43 -2.65 14.28
CA GLU A 153 6.55 -3.13 13.46
C GLU A 153 7.09 -4.46 13.96
N THR A 154 6.32 -5.49 13.75
CA THR A 154 6.72 -6.79 14.20
C THR A 154 7.69 -7.37 13.18
N GLN A 155 8.92 -7.39 13.56
CA GLN A 155 9.97 -7.91 12.74
C GLN A 155 10.16 -9.35 13.15
N GLY A 1 22.07 -1.15 11.62
CA GLY A 1 23.49 -1.09 11.27
C GLY A 1 23.92 -2.36 10.60
N SER A 2 25.12 -2.38 10.03
CA SER A 2 25.61 -3.54 9.34
C SER A 2 27.13 -3.47 9.26
N HIS A 3 27.77 -4.57 8.90
CA HIS A 3 29.21 -4.56 8.70
C HIS A 3 29.55 -4.88 7.24
N MET A 4 28.54 -5.33 6.48
CA MET A 4 28.77 -5.70 5.08
C MET A 4 28.74 -4.51 4.14
N ASN A 5 28.27 -3.38 4.61
CA ASN A 5 28.28 -2.19 3.78
C ASN A 5 29.63 -1.50 3.93
N PRO A 6 30.34 -1.26 2.81
CA PRO A 6 31.72 -0.74 2.82
C PRO A 6 31.82 0.66 3.41
N LEU A 7 30.79 1.43 3.25
CA LEU A 7 30.76 2.76 3.78
C LEU A 7 29.39 3.12 4.29
N THR A 8 29.31 3.42 5.54
CA THR A 8 28.10 3.83 6.15
C THR A 8 28.01 5.35 6.11
N GLN A 9 27.51 5.85 5.02
CA GLN A 9 27.39 7.27 4.84
C GLN A 9 25.95 7.66 4.76
N ALA A 10 25.68 8.91 4.94
CA ALA A 10 24.33 9.41 4.87
C ALA A 10 23.89 9.52 3.44
N VAL A 11 23.14 8.56 3.06
CA VAL A 11 22.57 8.48 1.79
C VAL A 11 21.09 8.83 1.89
N PRO A 12 20.60 9.71 1.03
CA PRO A 12 19.21 10.13 1.08
C PRO A 12 18.24 9.01 0.75
N LYS A 13 17.36 8.79 1.66
CA LYS A 13 16.33 7.79 1.54
C LYS A 13 15.00 8.46 1.37
N CYS A 14 13.98 7.68 1.26
CA CYS A 14 12.64 8.17 1.18
C CYS A 14 11.74 7.25 1.92
N GLN A 15 10.68 7.78 2.47
CA GLN A 15 9.65 6.94 3.03
C GLN A 15 8.79 6.46 1.89
N ARG A 16 7.83 5.63 2.18
CA ARG A 16 6.98 5.04 1.13
C ARG A 16 6.31 6.09 0.24
N TRP A 17 5.95 7.18 0.84
CA TRP A 17 5.23 8.26 0.18
C TRP A 17 6.17 9.36 -0.31
N GLU A 18 7.46 9.13 -0.20
CA GLU A 18 8.41 10.12 -0.60
C GLU A 18 9.27 9.52 -1.69
N LYS A 19 10.03 10.32 -2.36
CA LYS A 19 10.87 9.82 -3.41
C LYS A 19 12.09 10.73 -3.59
N LEU A 20 13.12 10.17 -4.16
CA LEU A 20 14.37 10.88 -4.37
C LEU A 20 14.38 11.54 -5.75
N GLN A 21 14.55 12.84 -5.77
CA GLN A 21 14.75 13.58 -7.01
C GLN A 21 15.62 14.76 -6.68
N ASN A 22 16.44 15.20 -7.62
CA ASN A 22 17.29 16.40 -7.43
C ASN A 22 18.23 16.20 -6.24
N SER A 23 18.54 14.92 -5.99
CA SER A 23 19.39 14.44 -4.89
C SER A 23 18.81 14.79 -3.50
N ARG A 24 17.52 15.11 -3.45
CA ARG A 24 16.84 15.45 -2.21
C ARG A 24 15.61 14.54 -2.07
N CYS A 25 15.04 14.49 -0.91
CA CYS A 25 13.86 13.69 -0.71
C CYS A 25 12.64 14.60 -0.78
N VAL A 26 11.73 14.27 -1.65
CA VAL A 26 10.51 15.03 -1.80
C VAL A 26 9.35 14.10 -1.64
N CYS A 27 8.18 14.63 -1.68
CA CYS A 27 6.99 13.83 -1.60
C CYS A 27 6.65 13.37 -3.00
N LYS A 28 6.19 12.14 -3.11
CA LYS A 28 5.94 11.47 -4.39
C LYS A 28 4.83 12.20 -5.18
N MET A 29 4.65 11.84 -6.43
CA MET A 29 3.59 12.41 -7.25
C MET A 29 2.31 11.63 -7.00
N PRO A 30 1.22 12.31 -6.57
CA PRO A 30 -0.06 11.63 -6.17
C PRO A 30 -0.74 10.87 -7.31
N TYR A 31 -0.36 11.19 -8.52
CA TYR A 31 -0.91 10.56 -9.70
C TYR A 31 -0.05 9.37 -10.13
N GLU A 32 1.08 9.18 -9.48
CA GLU A 32 2.02 8.13 -9.83
C GLU A 32 1.95 7.05 -8.75
N CYS A 33 0.85 7.05 -8.06
CA CYS A 33 0.63 6.16 -6.96
C CYS A 33 -0.28 5.01 -7.36
N GLY A 34 0.31 3.90 -7.72
CA GLY A 34 -0.46 2.78 -8.18
C GLY A 34 -0.53 1.62 -7.20
N PRO A 35 0.47 0.70 -7.22
CA PRO A 35 0.45 -0.55 -6.43
C PRO A 35 0.44 -0.35 -4.91
N SER A 36 -0.73 -0.57 -4.34
CA SER A 36 -1.00 -0.47 -2.92
C SER A 36 -2.33 -1.12 -2.63
N LEU A 37 -2.69 -1.19 -1.37
CA LEU A 37 -4.01 -1.61 -0.97
C LEU A 37 -5.00 -0.53 -1.34
N ASP A 38 -6.00 -0.86 -2.13
CA ASP A 38 -7.03 0.11 -2.44
C ASP A 38 -7.97 0.25 -1.27
N VAL A 39 -8.19 1.48 -0.88
CA VAL A 39 -8.96 1.79 0.29
C VAL A 39 -10.00 2.87 -0.03
N CYS A 40 -11.06 2.92 0.72
CA CYS A 40 -12.10 3.89 0.46
C CYS A 40 -11.94 5.07 1.37
N ALA A 41 -11.77 6.21 0.80
CA ALA A 41 -11.53 7.39 1.54
C ALA A 41 -12.59 8.40 1.24
N GLN A 42 -12.68 9.39 2.05
CA GLN A 42 -13.61 10.44 1.83
C GLN A 42 -12.88 11.72 1.66
N ASP A 43 -13.18 12.38 0.60
CA ASP A 43 -12.61 13.66 0.30
C ASP A 43 -13.24 14.75 1.17
N GLU A 44 -12.47 15.71 1.58
CA GLU A 44 -12.96 16.78 2.43
C GLU A 44 -13.46 18.00 1.64
N ARG A 45 -13.25 18.00 0.34
CA ARG A 45 -13.69 19.10 -0.48
C ARG A 45 -15.13 18.89 -0.89
N SER A 46 -15.38 17.79 -1.55
CA SER A 46 -16.71 17.47 -2.04
C SER A 46 -17.44 16.54 -1.06
N LYS A 47 -16.69 15.96 -0.11
CA LYS A 47 -17.22 15.01 0.90
C LYS A 47 -17.69 13.70 0.24
N ARG A 48 -17.04 13.36 -0.84
CA ARG A 48 -17.39 12.15 -1.57
C ARG A 48 -16.52 11.00 -1.13
N ILE A 49 -17.10 9.82 -1.07
CA ILE A 49 -16.34 8.64 -0.81
C ILE A 49 -15.73 8.23 -2.12
N LEU A 50 -14.45 8.19 -2.20
CA LEU A 50 -13.80 7.87 -3.42
C LEU A 50 -12.76 6.79 -3.19
N PRO A 51 -12.58 5.94 -4.18
CA PRO A 51 -11.61 4.86 -4.13
C PRO A 51 -10.18 5.37 -4.28
N LEU A 52 -9.42 5.20 -3.26
CA LEU A 52 -8.05 5.58 -3.29
C LEU A 52 -7.21 4.37 -3.03
N THR A 53 -5.97 4.57 -2.94
CA THR A 53 -5.07 3.53 -2.66
C THR A 53 -4.14 4.08 -1.60
N VAL A 54 -3.56 3.22 -0.78
CA VAL A 54 -2.64 3.63 0.30
C VAL A 54 -1.57 4.60 -0.19
N CYS A 55 -0.88 4.22 -1.26
CA CYS A 55 0.13 5.07 -1.89
C CYS A 55 -0.46 6.44 -2.22
N LYS A 56 -1.64 6.44 -2.89
CA LYS A 56 -2.32 7.69 -3.29
C LYS A 56 -2.59 8.55 -2.06
N MET A 57 -3.38 8.01 -1.15
CA MET A 57 -3.81 8.66 0.08
C MET A 57 -2.64 9.27 0.90
N HIS A 58 -1.57 8.53 1.05
CA HIS A 58 -0.42 9.01 1.83
C HIS A 58 0.26 10.18 1.16
N VAL A 59 0.51 10.03 -0.13
CA VAL A 59 1.14 11.06 -0.91
C VAL A 59 0.23 12.27 -0.95
N LEU A 60 -1.00 12.02 -1.18
CA LEU A 60 -2.05 12.99 -1.17
C LEU A 60 -2.06 13.77 0.17
N HIS A 61 -1.92 13.04 1.27
CA HIS A 61 -1.85 13.66 2.58
C HIS A 61 -0.57 14.47 2.76
N CYS A 62 0.55 14.01 2.22
CA CYS A 62 1.81 14.75 2.37
C CYS A 62 1.88 15.90 1.36
N GLN A 63 0.99 15.85 0.37
CA GLN A 63 0.82 16.95 -0.56
C GLN A 63 0.03 18.07 0.11
N GLY A 64 -0.64 17.74 1.20
CA GLY A 64 -1.40 18.72 1.93
C GLY A 64 -2.89 18.58 1.73
N ARG A 65 -3.32 17.50 1.11
CA ARG A 65 -4.72 17.27 0.87
C ARG A 65 -5.37 16.62 2.10
N ASN A 66 -6.52 17.12 2.49
CA ASN A 66 -7.21 16.58 3.66
C ASN A 66 -8.21 15.53 3.21
N TYR A 67 -8.00 14.31 3.61
CA TYR A 67 -8.92 13.21 3.28
C TYR A 67 -9.16 12.35 4.49
N THR A 68 -10.36 11.91 4.62
CA THR A 68 -10.78 11.10 5.71
C THR A 68 -10.83 9.65 5.21
N LEU A 69 -10.77 8.68 6.08
CA LEU A 69 -10.94 7.33 5.65
C LEU A 69 -12.29 6.83 6.05
N THR A 70 -12.80 5.90 5.29
CA THR A 70 -14.11 5.38 5.50
C THR A 70 -14.10 3.86 5.42
N GLY A 71 -15.25 3.24 5.39
CA GLY A 71 -15.32 1.81 5.32
C GLY A 71 -14.92 1.33 3.95
N ARG A 72 -14.45 0.10 3.86
CA ARG A 72 -14.00 -0.47 2.60
C ARG A 72 -15.16 -0.68 1.63
N ASP A 73 -16.36 -0.59 2.14
CA ASP A 73 -17.55 -0.80 1.33
C ASP A 73 -18.32 0.52 1.13
N SER A 74 -17.70 1.63 1.52
CA SER A 74 -18.34 2.95 1.37
C SER A 74 -18.41 3.40 -0.11
N CYS A 75 -17.54 2.88 -0.94
CA CYS A 75 -17.57 3.22 -2.36
C CYS A 75 -17.16 2.02 -3.21
N THR A 76 -17.23 2.20 -4.52
CA THR A 76 -16.87 1.16 -5.46
C THR A 76 -15.37 1.20 -5.66
N LEU A 77 -14.72 0.16 -5.22
CA LEU A 77 -13.30 0.08 -5.26
C LEU A 77 -12.87 -0.56 -6.59
N PRO A 78 -11.72 -0.20 -7.15
CA PRO A 78 -11.24 -0.80 -8.40
C PRO A 78 -10.65 -2.21 -8.23
N ALA A 79 -9.83 -2.41 -7.20
CA ALA A 79 -9.13 -3.70 -7.05
C ALA A 79 -9.71 -4.57 -6.00
N SER A 80 -10.92 -4.33 -5.74
CA SER A 80 -11.67 -5.17 -4.88
C SER A 80 -12.03 -6.46 -5.60
N ALA A 81 -12.47 -6.30 -6.84
CA ALA A 81 -12.90 -7.39 -7.67
C ALA A 81 -11.72 -8.21 -8.16
N GLU A 82 -12.02 -9.28 -8.84
CA GLU A 82 -11.02 -10.20 -9.27
C GLU A 82 -11.37 -10.81 -10.62
N LYS A 83 -10.35 -11.00 -11.45
CA LYS A 83 -10.49 -11.61 -12.77
C LYS A 83 -9.43 -12.71 -12.92
N ALA A 84 -9.84 -13.91 -13.29
CA ALA A 84 -8.91 -15.03 -13.42
C ALA A 84 -7.94 -14.83 -14.56
N CYS A 85 -6.68 -14.73 -14.20
CA CYS A 85 -5.61 -14.52 -15.13
C CYS A 85 -4.28 -14.89 -14.44
N GLY A 86 -4.04 -14.26 -13.31
CA GLY A 86 -2.88 -14.56 -12.50
C GLY A 86 -2.11 -13.33 -12.10
N ALA A 87 -2.22 -12.28 -12.86
CA ALA A 87 -1.55 -11.06 -12.54
C ALA A 87 -2.55 -10.00 -12.10
N CYS A 88 -2.11 -8.75 -12.18
CA CYS A 88 -2.79 -7.52 -11.79
C CYS A 88 -2.45 -7.06 -10.35
N PRO A 89 -3.00 -7.63 -9.23
CA PRO A 89 -2.56 -7.25 -7.90
C PRO A 89 -1.26 -7.99 -7.56
N LEU A 90 -0.29 -7.24 -7.07
CA LEU A 90 1.07 -7.74 -6.82
C LEU A 90 1.19 -8.88 -5.78
N TRP A 91 0.20 -9.05 -4.95
CA TRP A 91 0.19 -10.15 -3.97
C TRP A 91 -0.71 -11.28 -4.48
N GLY A 92 -1.38 -11.02 -5.57
CA GLY A 92 -2.37 -11.92 -6.08
C GLY A 92 -3.74 -11.46 -5.67
N LYS A 93 -4.73 -12.32 -5.69
CA LYS A 93 -6.05 -11.95 -5.27
C LYS A 93 -6.84 -13.20 -4.98
N CYS A 94 -7.23 -13.30 -3.75
CA CYS A 94 -8.12 -14.29 -3.27
C CYS A 94 -8.94 -13.68 -2.14
N ASP A 95 -10.02 -12.98 -2.45
CA ASP A 95 -10.90 -12.47 -1.39
C ASP A 95 -12.36 -12.53 -1.77
N ALA A 96 -12.66 -12.44 -3.05
CA ALA A 96 -14.01 -12.71 -3.48
C ALA A 96 -14.06 -14.19 -3.79
N GLU A 97 -12.90 -14.70 -4.26
CA GLU A 97 -12.60 -16.13 -4.42
C GLU A 97 -13.59 -16.83 -5.35
N SER A 98 -14.22 -16.10 -6.19
CA SER A 98 -15.26 -16.64 -7.01
C SER A 98 -15.02 -16.41 -8.50
N SER A 99 -14.02 -15.63 -8.82
CA SER A 99 -13.74 -15.37 -10.19
C SER A 99 -12.25 -15.44 -10.47
N LYS A 100 -11.43 -15.37 -9.45
CA LYS A 100 -10.00 -15.43 -9.64
C LYS A 100 -9.40 -16.19 -8.49
N CYS A 101 -8.15 -16.57 -8.67
CA CYS A 101 -7.34 -17.02 -7.61
C CYS A 101 -5.89 -17.00 -7.98
N VAL A 102 -5.15 -16.30 -7.20
CA VAL A 102 -3.72 -16.33 -7.27
C VAL A 102 -3.21 -15.71 -6.02
N CYS A 103 -2.20 -16.22 -5.48
CA CYS A 103 -1.61 -15.63 -4.31
C CYS A 103 -0.15 -15.91 -4.25
N ARG A 104 0.60 -14.88 -4.14
CA ARG A 104 2.00 -14.97 -4.04
C ARG A 104 2.33 -14.73 -2.60
N GLU A 105 3.05 -15.66 -1.98
CA GLU A 105 3.40 -15.58 -0.56
C GLU A 105 4.10 -14.26 -0.23
N ALA A 106 4.21 -13.95 1.06
CA ALA A 106 4.69 -12.65 1.53
C ALA A 106 6.12 -12.36 1.12
N SER A 107 6.87 -13.37 0.78
CA SER A 107 8.20 -13.14 0.31
C SER A 107 8.31 -13.29 -1.21
N GLU A 108 7.20 -13.71 -1.82
CA GLU A 108 7.15 -14.04 -3.23
C GLU A 108 6.31 -13.05 -4.03
N CYS A 109 5.65 -12.14 -3.35
CA CYS A 109 4.84 -11.13 -4.00
C CYS A 109 5.73 -10.06 -4.66
N GLU A 110 6.85 -9.77 -3.98
CA GLU A 110 7.97 -8.99 -4.52
C GLU A 110 7.57 -7.62 -5.11
N GLU A 111 7.39 -6.63 -4.25
CA GLU A 111 7.07 -5.27 -4.69
C GLU A 111 7.17 -4.30 -3.51
N GLU A 112 7.54 -3.08 -3.81
CA GLU A 112 7.69 -2.05 -2.85
C GLU A 112 6.45 -1.23 -2.80
N GLY A 113 5.47 -1.76 -2.17
CA GLY A 113 4.31 -0.99 -1.89
C GLY A 113 4.56 -0.19 -0.64
N PHE A 114 3.60 -0.08 0.17
CA PHE A 114 3.72 0.61 1.39
C PHE A 114 3.95 -0.30 2.56
N SER A 115 4.03 0.31 3.69
CA SER A 115 4.10 -0.34 4.94
C SER A 115 2.85 0.11 5.68
N ILE A 116 2.02 -0.81 6.06
CA ILE A 116 0.76 -0.47 6.70
C ILE A 116 0.65 -1.17 8.04
N CYS A 117 -0.25 -0.72 8.86
CA CYS A 117 -0.44 -1.28 10.17
C CYS A 117 -1.63 -2.22 10.14
N VAL A 118 -1.40 -3.46 10.48
CA VAL A 118 -2.44 -4.45 10.43
C VAL A 118 -2.54 -5.16 11.76
N GLU A 119 -3.74 -5.31 12.25
CA GLU A 119 -3.99 -6.01 13.46
C GLU A 119 -4.24 -7.48 13.16
N VAL A 120 -3.30 -8.28 13.54
CA VAL A 120 -3.34 -9.66 13.42
C VAL A 120 -2.96 -10.20 14.76
N ASN A 121 -3.50 -11.31 15.14
CA ASN A 121 -3.17 -11.94 16.42
C ASN A 121 -3.55 -11.09 17.62
N GLY A 122 -4.35 -10.07 17.38
CA GLY A 122 -4.73 -9.17 18.43
C GLY A 122 -3.83 -7.96 18.53
N LYS A 123 -2.78 -7.93 17.74
CA LYS A 123 -1.81 -6.85 17.80
C LYS A 123 -1.61 -6.17 16.46
N GLU A 124 -1.21 -4.93 16.50
CA GLU A 124 -0.97 -4.17 15.31
C GLU A 124 0.49 -4.20 14.94
N GLN A 125 0.77 -4.86 13.85
CA GLN A 125 2.10 -5.02 13.32
C GLN A 125 2.15 -4.37 11.94
N THR A 126 3.27 -3.83 11.61
CA THR A 126 3.48 -3.22 10.34
C THR A 126 3.88 -4.26 9.34
N MET A 127 3.20 -4.30 8.26
CA MET A 127 3.52 -5.24 7.23
C MET A 127 3.77 -4.50 6.00
N SER A 128 4.53 -5.08 5.13
CA SER A 128 4.69 -4.53 3.85
C SER A 128 3.39 -4.83 3.12
N GLU A 129 3.03 -3.97 2.24
CA GLU A 129 1.77 -4.01 1.54
C GLU A 129 1.59 -5.31 0.78
N CYS A 130 2.66 -5.79 0.20
CA CYS A 130 2.64 -7.05 -0.50
C CYS A 130 2.38 -8.22 0.49
N GLU A 131 2.94 -8.08 1.69
CA GLU A 131 2.82 -9.08 2.74
C GLU A 131 1.39 -9.14 3.24
N ALA A 132 0.90 -8.02 3.77
CA ALA A 132 -0.46 -7.92 4.31
C ALA A 132 -1.50 -8.42 3.30
N GLY A 133 -1.33 -8.04 2.04
CA GLY A 133 -2.22 -8.46 0.99
C GLY A 133 -2.21 -9.97 0.80
N ALA A 134 -1.03 -10.55 0.88
CA ALA A 134 -0.88 -11.98 0.74
C ALA A 134 -1.54 -12.72 1.90
N LEU A 135 -1.43 -12.16 3.12
CA LEU A 135 -2.15 -12.75 4.28
C LEU A 135 -3.65 -12.77 4.00
N ARG A 136 -4.13 -11.69 3.40
CA ARG A 136 -5.53 -11.55 3.03
C ARG A 136 -5.94 -12.65 2.06
N CYS A 137 -5.10 -12.84 1.07
CA CYS A 137 -5.31 -13.82 0.03
C CYS A 137 -5.23 -15.27 0.52
N ARG A 138 -4.36 -15.54 1.46
CA ARG A 138 -4.21 -16.91 1.94
C ARG A 138 -5.31 -17.35 2.89
N GLY A 139 -6.06 -16.41 3.40
CA GLY A 139 -7.15 -16.77 4.27
C GLY A 139 -6.93 -16.35 5.70
N GLN A 140 -5.78 -15.77 5.96
CA GLN A 140 -5.44 -15.30 7.29
C GLN A 140 -6.38 -14.16 7.70
N SER A 141 -6.73 -14.10 8.96
CA SER A 141 -7.60 -13.08 9.47
C SER A 141 -6.76 -11.85 9.78
N ILE A 142 -6.96 -10.80 9.03
CA ILE A 142 -6.21 -9.59 9.22
C ILE A 142 -7.12 -8.40 9.21
N SER A 143 -6.84 -7.48 10.05
CA SER A 143 -7.55 -6.27 10.09
C SER A 143 -6.61 -5.12 9.86
N VAL A 144 -6.59 -4.60 8.65
CA VAL A 144 -5.77 -3.45 8.35
C VAL A 144 -6.39 -2.26 9.05
N THR A 145 -5.83 -1.92 10.17
CA THR A 145 -6.38 -0.89 11.00
C THR A 145 -6.12 0.48 10.41
N SER A 146 -4.92 0.68 9.97
CA SER A 146 -4.50 1.92 9.43
C SER A 146 -3.69 1.67 8.19
N ILE A 147 -3.84 2.54 7.18
CA ILE A 147 -3.03 2.36 5.98
C ILE A 147 -1.66 3.02 6.24
N ARG A 148 -1.54 3.59 7.41
CA ARG A 148 -0.32 4.16 7.91
C ARG A 148 0.48 3.09 8.59
N PRO A 149 1.81 3.13 8.51
CA PRO A 149 2.66 2.14 9.16
C PRO A 149 2.73 2.36 10.66
N CYS A 150 3.03 1.33 11.40
CA CYS A 150 3.17 1.45 12.81
C CYS A 150 4.67 1.43 13.15
N ALA A 151 5.01 1.62 14.40
CA ALA A 151 6.38 1.52 14.84
C ALA A 151 6.73 0.05 15.06
N ALA A 152 5.69 -0.75 15.19
CA ALA A 152 5.83 -2.17 15.35
C ALA A 152 6.19 -2.81 14.04
N GLU A 153 7.45 -2.74 13.68
CA GLU A 153 7.92 -3.40 12.48
C GLU A 153 9.15 -4.24 12.77
N THR A 154 9.85 -3.87 13.80
CA THR A 154 11.05 -4.60 14.19
C THR A 154 10.80 -5.31 15.55
N GLN A 155 9.54 -5.37 15.93
CA GLN A 155 9.14 -5.96 17.19
C GLN A 155 8.16 -7.09 16.91
N GLY A 1 30.55 -5.55 1.31
CA GLY A 1 29.29 -4.85 1.51
C GLY A 1 29.36 -3.44 0.98
N SER A 2 28.38 -2.62 1.32
CA SER A 2 28.31 -1.25 0.83
C SER A 2 29.12 -0.29 1.72
N HIS A 3 29.54 -0.80 2.83
CA HIS A 3 30.36 -0.05 3.77
C HIS A 3 31.80 -0.46 3.52
N MET A 4 32.46 0.30 2.71
CA MET A 4 33.82 -0.02 2.31
C MET A 4 34.81 0.44 3.35
N ASN A 5 34.82 1.71 3.60
CA ASN A 5 35.74 2.26 4.55
C ASN A 5 34.94 2.79 5.71
N PRO A 6 35.54 2.91 6.91
CA PRO A 6 34.86 3.46 8.07
C PRO A 6 34.44 4.90 7.81
N LEU A 7 33.20 5.07 7.50
CA LEU A 7 32.63 6.33 7.17
C LEU A 7 31.25 6.37 7.75
N THR A 8 30.89 7.49 8.26
CA THR A 8 29.60 7.70 8.80
C THR A 8 29.08 9.01 8.24
N GLN A 9 28.14 8.90 7.36
CA GLN A 9 27.60 10.06 6.70
C GLN A 9 26.10 9.92 6.63
N ALA A 10 25.42 11.01 6.79
CA ALA A 10 24.00 11.01 6.67
C ALA A 10 23.64 11.10 5.22
N VAL A 11 23.52 9.96 4.66
CA VAL A 11 23.15 9.80 3.32
C VAL A 11 21.65 10.02 3.18
N PRO A 12 21.22 10.68 2.11
CA PRO A 12 19.83 10.93 1.90
C PRO A 12 19.07 9.69 1.45
N LYS A 13 18.06 9.39 2.17
CA LYS A 13 17.18 8.30 1.87
C LYS A 13 15.76 8.75 2.06
N CYS A 14 14.91 8.31 1.18
CA CYS A 14 13.55 8.78 1.16
C CYS A 14 12.60 7.69 1.56
N GLN A 15 11.40 8.06 1.98
CA GLN A 15 10.38 7.08 2.30
C GLN A 15 9.80 6.57 0.98
N ARG A 16 8.86 5.67 1.06
CA ARG A 16 8.39 4.97 -0.15
C ARG A 16 7.46 5.81 -1.03
N TRP A 17 6.99 6.93 -0.52
CA TRP A 17 6.13 7.84 -1.28
C TRP A 17 6.95 8.99 -1.81
N GLU A 18 8.25 8.90 -1.62
CA GLU A 18 9.14 9.98 -1.92
C GLU A 18 10.19 9.62 -2.96
N LYS A 19 10.84 10.64 -3.44
CA LYS A 19 11.94 10.58 -4.36
C LYS A 19 12.95 11.64 -3.89
N LEU A 20 14.18 11.50 -4.27
CA LEU A 20 15.21 12.39 -3.85
C LEU A 20 15.54 13.43 -4.90
N GLN A 21 15.43 14.69 -4.53
CA GLN A 21 15.90 15.77 -5.37
C GLN A 21 16.34 16.84 -4.49
N ASN A 22 17.25 17.64 -4.95
CA ASN A 22 17.67 18.86 -4.24
C ASN A 22 18.15 18.52 -2.81
N SER A 23 18.67 17.28 -2.65
CA SER A 23 19.15 16.75 -1.37
C SER A 23 18.02 16.60 -0.33
N ARG A 24 16.79 16.56 -0.80
CA ARG A 24 15.65 16.44 0.08
C ARG A 24 14.68 15.43 -0.46
N CYS A 25 13.80 14.97 0.36
CA CYS A 25 12.88 13.96 -0.03
C CYS A 25 11.55 14.63 -0.36
N VAL A 26 11.14 14.48 -1.58
CA VAL A 26 9.88 15.05 -2.03
C VAL A 26 9.02 13.92 -2.53
N CYS A 27 7.77 14.15 -2.70
CA CYS A 27 6.88 13.08 -3.08
C CYS A 27 6.79 12.95 -4.58
N LYS A 28 6.38 11.76 -5.03
CA LYS A 28 6.14 11.51 -6.44
C LYS A 28 4.79 12.11 -6.79
N MET A 29 4.32 11.88 -7.97
CA MET A 29 3.02 12.40 -8.32
C MET A 29 1.96 11.32 -8.16
N PRO A 30 0.81 11.64 -7.49
CA PRO A 30 -0.23 10.66 -7.10
C PRO A 30 -0.79 9.82 -8.24
N TYR A 31 -0.74 10.35 -9.45
CA TYR A 31 -1.28 9.65 -10.60
C TYR A 31 -0.33 8.55 -11.06
N GLU A 32 0.92 8.67 -10.68
CA GLU A 32 1.96 7.74 -11.09
C GLU A 32 2.08 6.63 -10.03
N CYS A 33 1.09 6.59 -9.19
CA CYS A 33 0.99 5.66 -8.13
C CYS A 33 -0.13 4.70 -8.45
N GLY A 34 0.08 3.42 -8.23
CA GLY A 34 -0.97 2.48 -8.53
C GLY A 34 -0.95 1.27 -7.62
N PRO A 35 -0.05 0.30 -7.90
CA PRO A 35 0.06 -0.96 -7.14
C PRO A 35 0.12 -0.78 -5.63
N SER A 36 -0.99 -1.07 -4.98
CA SER A 36 -1.16 -0.99 -3.55
C SER A 36 -2.48 -1.61 -3.17
N LEU A 37 -2.75 -1.63 -1.90
CA LEU A 37 -4.05 -2.04 -1.40
C LEU A 37 -5.02 -0.91 -1.66
N ASP A 38 -6.06 -1.18 -2.42
CA ASP A 38 -7.10 -0.21 -2.67
C ASP A 38 -7.93 -0.01 -1.45
N VAL A 39 -8.05 1.23 -1.04
CA VAL A 39 -8.72 1.60 0.18
C VAL A 39 -9.71 2.74 -0.10
N CYS A 40 -10.67 2.90 0.76
CA CYS A 40 -11.66 3.93 0.57
C CYS A 40 -11.30 5.12 1.42
N ALA A 41 -11.22 6.27 0.81
CA ALA A 41 -10.85 7.45 1.51
C ALA A 41 -11.89 8.52 1.32
N GLN A 42 -12.03 9.33 2.30
CA GLN A 42 -12.95 10.41 2.25
C GLN A 42 -12.20 11.70 2.02
N ASP A 43 -12.62 12.41 1.02
CA ASP A 43 -12.05 13.70 0.70
C ASP A 43 -12.49 14.70 1.74
N GLU A 44 -11.59 15.47 2.26
CA GLU A 44 -11.93 16.43 3.29
C GLU A 44 -12.74 17.60 2.77
N ARG A 45 -12.63 17.90 1.50
CA ARG A 45 -13.31 19.06 0.97
C ARG A 45 -14.77 18.75 0.65
N SER A 46 -14.98 17.76 -0.16
CA SER A 46 -16.30 17.39 -0.62
C SER A 46 -16.98 16.40 0.33
N LYS A 47 -16.16 15.73 1.14
CA LYS A 47 -16.59 14.70 2.07
C LYS A 47 -17.14 13.46 1.39
N ARG A 48 -16.74 13.27 0.14
CA ARG A 48 -17.17 12.11 -0.59
C ARG A 48 -16.22 10.97 -0.35
N ILE A 49 -16.70 9.77 -0.46
CA ILE A 49 -15.87 8.63 -0.27
C ILE A 49 -15.37 8.18 -1.64
N LEU A 50 -14.10 8.17 -1.85
CA LEU A 50 -13.57 7.79 -3.12
C LEU A 50 -12.52 6.71 -2.96
N PRO A 51 -12.45 5.82 -3.94
CA PRO A 51 -11.50 4.73 -3.96
C PRO A 51 -10.07 5.21 -4.27
N LEU A 52 -9.20 5.02 -3.34
CA LEU A 52 -7.81 5.33 -3.50
C LEU A 52 -7.03 4.07 -3.29
N THR A 53 -5.75 4.18 -3.30
CA THR A 53 -4.91 3.06 -3.10
C THR A 53 -3.80 3.56 -2.18
N VAL A 54 -3.19 2.67 -1.39
CA VAL A 54 -2.13 3.05 -0.41
C VAL A 54 -1.07 4.01 -1.02
N CYS A 55 -0.44 3.59 -2.11
CA CYS A 55 0.56 4.40 -2.81
C CYS A 55 0.01 5.77 -3.17
N LYS A 56 -1.19 5.77 -3.77
CA LYS A 56 -1.84 7.00 -4.17
C LYS A 56 -2.02 7.91 -2.97
N MET A 57 -2.83 7.44 -2.01
CA MET A 57 -3.18 8.17 -0.76
C MET A 57 -1.93 8.67 0.01
N HIS A 58 -0.88 7.86 0.08
CA HIS A 58 0.35 8.28 0.80
C HIS A 58 0.95 9.51 0.14
N VAL A 59 1.15 9.43 -1.16
CA VAL A 59 1.68 10.54 -1.93
C VAL A 59 0.71 11.72 -1.86
N LEU A 60 -0.52 11.41 -2.13
CA LEU A 60 -1.71 12.28 -2.05
C LEU A 60 -1.68 13.10 -0.73
N HIS A 61 -1.50 12.41 0.38
CA HIS A 61 -1.52 13.02 1.70
C HIS A 61 -0.31 13.91 1.91
N CYS A 62 0.82 13.45 1.44
CA CYS A 62 2.06 14.16 1.64
C CYS A 62 2.23 15.34 0.69
N GLN A 63 1.47 15.32 -0.40
CA GLN A 63 1.40 16.45 -1.30
C GLN A 63 0.62 17.59 -0.66
N GLY A 64 -0.20 17.25 0.30
CA GLY A 64 -0.95 18.25 1.00
C GLY A 64 -2.42 17.97 0.99
N ARG A 65 -2.84 16.91 0.35
CA ARG A 65 -4.24 16.60 0.27
C ARG A 65 -4.70 15.89 1.53
N ASN A 66 -5.63 16.50 2.20
CA ASN A 66 -6.18 15.98 3.43
C ASN A 66 -7.29 15.02 3.10
N TYR A 67 -7.06 13.80 3.41
CA TYR A 67 -8.00 12.73 3.17
C TYR A 67 -8.10 11.89 4.39
N THR A 68 -9.27 11.43 4.64
CA THR A 68 -9.55 10.62 5.78
C THR A 68 -9.77 9.16 5.34
N LEU A 69 -9.27 8.21 6.11
CA LEU A 69 -9.47 6.80 5.78
C LEU A 69 -10.83 6.35 6.22
N THR A 70 -11.49 5.59 5.40
CA THR A 70 -12.81 5.10 5.71
C THR A 70 -12.91 3.61 5.43
N GLY A 71 -14.04 3.02 5.74
CA GLY A 71 -14.26 1.63 5.50
C GLY A 71 -14.42 1.34 4.04
N ARG A 72 -14.14 0.12 3.66
CA ARG A 72 -14.17 -0.27 2.26
C ARG A 72 -15.59 -0.42 1.72
N ASP A 73 -16.54 -0.41 2.60
CA ASP A 73 -17.94 -0.54 2.21
C ASP A 73 -18.53 0.82 1.90
N SER A 74 -17.75 1.85 2.19
CA SER A 74 -18.21 3.21 2.00
C SER A 74 -18.29 3.66 0.52
N CYS A 75 -17.45 3.10 -0.33
CA CYS A 75 -17.53 3.42 -1.75
C CYS A 75 -17.28 2.18 -2.57
N THR A 76 -17.37 2.31 -3.86
CA THR A 76 -17.18 1.21 -4.74
C THR A 76 -15.70 1.05 -5.02
N LEU A 77 -15.15 0.02 -4.45
CA LEU A 77 -13.76 -0.27 -4.55
C LEU A 77 -13.55 -1.20 -5.74
N PRO A 78 -12.38 -1.15 -6.42
CA PRO A 78 -12.08 -2.06 -7.51
C PRO A 78 -11.61 -3.43 -6.99
N ALA A 79 -11.34 -4.31 -7.93
CA ALA A 79 -10.94 -5.72 -7.68
C ALA A 79 -12.01 -6.49 -6.99
N SER A 80 -13.17 -6.04 -7.22
CA SER A 80 -14.33 -6.57 -6.66
C SER A 80 -15.01 -7.58 -7.59
N ALA A 81 -14.48 -7.76 -8.77
CA ALA A 81 -15.03 -8.71 -9.73
C ALA A 81 -14.55 -10.13 -9.39
N GLU A 82 -14.73 -11.04 -10.28
CA GLU A 82 -14.22 -12.39 -10.10
C GLU A 82 -12.95 -12.50 -10.89
N LYS A 83 -11.87 -12.70 -10.20
CA LYS A 83 -10.59 -12.65 -10.82
C LYS A 83 -10.18 -13.93 -11.45
N ALA A 84 -10.05 -13.86 -12.72
CA ALA A 84 -9.54 -14.94 -13.51
C ALA A 84 -8.31 -14.42 -14.16
N CYS A 85 -7.20 -14.83 -13.66
CA CYS A 85 -5.94 -14.31 -14.14
C CYS A 85 -4.75 -15.09 -13.59
N GLY A 86 -4.48 -14.89 -12.33
CA GLY A 86 -3.32 -15.46 -11.71
C GLY A 86 -2.38 -14.38 -11.28
N ALA A 87 -2.48 -13.23 -11.92
CA ALA A 87 -1.67 -12.09 -11.61
C ALA A 87 -2.36 -10.79 -12.05
N CYS A 88 -2.92 -10.09 -11.11
CA CYS A 88 -3.48 -8.78 -11.34
C CYS A 88 -2.93 -7.78 -10.30
N PRO A 89 -3.25 -7.92 -8.99
CA PRO A 89 -2.56 -7.13 -7.97
C PRO A 89 -1.20 -7.80 -7.60
N LEU A 90 -0.44 -7.11 -6.76
CA LEU A 90 0.93 -7.49 -6.32
C LEU A 90 0.97 -8.90 -5.78
N TRP A 91 0.17 -9.10 -4.79
CA TRP A 91 0.06 -10.34 -4.04
C TRP A 91 -0.88 -11.32 -4.76
N GLY A 92 -1.29 -10.97 -5.95
CA GLY A 92 -2.26 -11.73 -6.65
C GLY A 92 -3.63 -11.41 -6.12
N LYS A 93 -4.54 -12.31 -6.24
CA LYS A 93 -5.86 -12.14 -5.71
C LYS A 93 -6.47 -13.50 -5.66
N CYS A 94 -7.10 -13.86 -4.59
CA CYS A 94 -7.66 -15.18 -4.50
C CYS A 94 -9.01 -15.14 -3.82
N ASP A 95 -10.04 -15.12 -4.64
CA ASP A 95 -11.42 -15.12 -4.22
C ASP A 95 -12.23 -15.40 -5.45
N ALA A 96 -13.38 -16.07 -5.25
CA ALA A 96 -14.25 -16.54 -6.32
C ALA A 96 -13.56 -17.64 -7.13
N GLU A 97 -13.20 -18.71 -6.42
CA GLU A 97 -12.49 -19.81 -7.02
C GLU A 97 -13.35 -20.69 -7.90
N SER A 98 -13.45 -20.26 -9.10
CA SER A 98 -14.12 -20.95 -10.17
C SER A 98 -13.33 -20.59 -11.40
N SER A 99 -13.05 -19.32 -11.52
CA SER A 99 -12.13 -18.84 -12.50
C SER A 99 -10.76 -18.83 -11.80
N LYS A 100 -9.66 -18.65 -12.51
CA LYS A 100 -8.41 -18.84 -11.82
C LYS A 100 -7.81 -17.57 -11.24
N CYS A 101 -7.91 -17.48 -9.99
CA CYS A 101 -7.32 -16.46 -9.18
C CYS A 101 -6.14 -17.12 -8.43
N VAL A 102 -5.12 -16.33 -8.11
CA VAL A 102 -3.89 -16.86 -7.50
C VAL A 102 -3.37 -15.90 -6.44
N CYS A 103 -2.91 -16.43 -5.35
CA CYS A 103 -2.35 -15.65 -4.27
C CYS A 103 -0.85 -15.94 -4.13
N ARG A 104 -0.07 -14.90 -4.23
CA ARG A 104 1.37 -14.99 -4.12
C ARG A 104 1.71 -14.66 -2.68
N GLU A 105 2.70 -15.30 -2.11
CA GLU A 105 3.05 -15.03 -0.73
C GLU A 105 3.81 -13.71 -0.61
N ALA A 106 3.99 -13.24 0.61
CA ALA A 106 4.58 -11.94 0.90
C ALA A 106 6.03 -11.87 0.48
N SER A 107 6.69 -12.99 0.45
CA SER A 107 8.07 -13.04 0.11
C SER A 107 8.28 -13.19 -1.42
N GLU A 108 7.20 -13.18 -2.17
CA GLU A 108 7.27 -13.30 -3.61
C GLU A 108 7.03 -11.96 -4.29
N CYS A 109 6.64 -10.97 -3.53
CA CYS A 109 6.28 -9.71 -4.11
C CYS A 109 6.56 -8.58 -3.15
N GLU A 110 6.75 -7.39 -3.69
CA GLU A 110 6.86 -6.17 -2.91
C GLU A 110 6.50 -4.97 -3.79
N GLU A 111 6.93 -5.04 -5.07
CA GLU A 111 6.67 -4.00 -6.08
C GLU A 111 7.26 -2.64 -5.63
N GLU A 112 6.46 -1.83 -4.99
CA GLU A 112 6.89 -0.57 -4.41
C GLU A 112 6.03 -0.27 -3.20
N GLY A 113 5.33 -1.32 -2.75
CA GLY A 113 4.36 -1.20 -1.72
C GLY A 113 4.90 -0.71 -0.40
N PHE A 114 4.02 -0.18 0.39
CA PHE A 114 4.35 0.46 1.64
C PHE A 114 4.25 -0.46 2.82
N SER A 115 4.29 0.13 3.96
CA SER A 115 4.10 -0.56 5.19
C SER A 115 2.82 -0.01 5.79
N ILE A 116 1.93 -0.88 6.21
CA ILE A 116 0.64 -0.44 6.74
C ILE A 116 0.37 -1.13 8.07
N CYS A 117 -0.63 -0.68 8.77
CA CYS A 117 -0.97 -1.20 10.08
C CYS A 117 -2.19 -2.09 9.95
N VAL A 118 -2.04 -3.32 10.38
CA VAL A 118 -3.10 -4.27 10.28
C VAL A 118 -3.33 -4.94 11.62
N GLU A 119 -4.57 -5.03 12.01
CA GLU A 119 -4.95 -5.70 13.20
C GLU A 119 -5.02 -7.19 12.90
N VAL A 120 -4.20 -7.91 13.57
CA VAL A 120 -4.07 -9.32 13.46
C VAL A 120 -3.89 -9.88 14.86
N ASN A 121 -4.73 -10.85 15.23
CA ASN A 121 -4.68 -11.46 16.57
C ASN A 121 -5.06 -10.45 17.65
N GLY A 122 -5.75 -9.40 17.23
CA GLY A 122 -6.19 -8.37 18.13
C GLY A 122 -5.14 -7.29 18.29
N LYS A 123 -3.99 -7.49 17.70
CA LYS A 123 -2.90 -6.56 17.80
C LYS A 123 -2.66 -5.89 16.48
N GLU A 124 -2.24 -4.68 16.51
CA GLU A 124 -1.96 -3.97 15.30
C GLU A 124 -0.49 -4.04 14.97
N GLN A 125 -0.18 -4.81 13.95
CA GLN A 125 1.16 -5.05 13.49
C GLN A 125 1.37 -4.41 12.13
N THR A 126 2.56 -3.85 11.90
CA THR A 126 2.89 -3.28 10.64
C THR A 126 3.24 -4.40 9.68
N MET A 127 2.63 -4.39 8.54
CA MET A 127 2.92 -5.38 7.55
C MET A 127 3.34 -4.69 6.32
N SER A 128 3.97 -5.41 5.46
CA SER A 128 4.27 -4.90 4.18
C SER A 128 2.96 -4.92 3.40
N GLU A 129 2.85 -4.07 2.44
CA GLU A 129 1.66 -3.95 1.62
C GLU A 129 1.42 -5.28 0.90
N CYS A 130 2.48 -5.83 0.37
CA CYS A 130 2.44 -7.11 -0.31
C CYS A 130 2.08 -8.23 0.67
N GLU A 131 2.42 -8.03 1.92
CA GLU A 131 2.25 -8.99 2.96
C GLU A 131 0.81 -9.01 3.43
N ALA A 132 0.32 -7.88 3.89
CA ALA A 132 -1.05 -7.76 4.36
C ALA A 132 -2.02 -8.14 3.26
N GLY A 133 -1.67 -7.76 2.04
CA GLY A 133 -2.46 -8.07 0.89
C GLY A 133 -2.49 -9.55 0.61
N ALA A 134 -1.33 -10.20 0.70
CA ALA A 134 -1.25 -11.62 0.43
C ALA A 134 -1.96 -12.41 1.47
N LEU A 135 -1.88 -11.99 2.72
CA LEU A 135 -2.62 -12.66 3.78
C LEU A 135 -4.11 -12.63 3.51
N ARG A 136 -4.56 -11.54 2.92
CA ARG A 136 -5.97 -11.33 2.59
C ARG A 136 -6.38 -12.16 1.36
N CYS A 137 -5.41 -12.73 0.72
CA CYS A 137 -5.62 -13.55 -0.43
C CYS A 137 -5.34 -15.01 -0.14
N ARG A 138 -4.38 -15.25 0.68
CA ARG A 138 -3.98 -16.57 1.11
C ARG A 138 -5.02 -17.19 2.04
N GLY A 139 -5.69 -16.38 2.80
CA GLY A 139 -6.70 -16.93 3.70
C GLY A 139 -6.46 -16.64 5.16
N GLN A 140 -5.73 -15.60 5.46
CA GLN A 140 -5.55 -15.17 6.81
C GLN A 140 -6.62 -14.12 7.16
N SER A 141 -7.00 -14.05 8.42
CA SER A 141 -7.96 -13.08 8.88
C SER A 141 -7.21 -11.85 9.39
N ILE A 142 -7.37 -10.74 8.68
CA ILE A 142 -6.65 -9.51 8.97
C ILE A 142 -7.58 -8.32 8.81
N SER A 143 -7.32 -7.29 9.53
CA SER A 143 -8.06 -6.08 9.44
C SER A 143 -7.11 -4.89 9.30
N VAL A 144 -6.97 -4.34 8.11
CA VAL A 144 -6.11 -3.18 7.94
C VAL A 144 -6.77 -1.97 8.59
N THR A 145 -6.19 -1.51 9.67
CA THR A 145 -6.76 -0.43 10.41
C THR A 145 -6.44 0.91 9.77
N SER A 146 -5.25 1.04 9.25
CA SER A 146 -4.83 2.26 8.62
C SER A 146 -3.71 1.97 7.64
N ILE A 147 -3.59 2.81 6.63
CA ILE A 147 -2.57 2.65 5.61
C ILE A 147 -1.21 3.21 6.06
N ARG A 148 -1.15 3.58 7.31
CA ARG A 148 0.03 4.10 7.95
C ARG A 148 0.63 2.97 8.76
N PRO A 149 1.96 2.82 8.77
CA PRO A 149 2.61 1.79 9.58
C PRO A 149 2.49 2.13 11.06
N CYS A 150 2.42 1.14 11.91
CA CYS A 150 2.22 1.40 13.32
C CYS A 150 3.54 1.42 14.09
N ALA A 151 3.43 1.69 15.39
CA ALA A 151 4.56 1.70 16.29
C ALA A 151 4.88 0.28 16.78
N ALA A 152 4.53 -0.68 15.96
CA ALA A 152 4.79 -2.08 16.21
C ALA A 152 6.20 -2.42 15.76
N GLU A 153 6.79 -1.49 15.02
CA GLU A 153 8.10 -1.61 14.54
C GLU A 153 9.04 -1.26 15.64
N THR A 154 9.90 -2.18 15.90
CA THR A 154 10.97 -2.10 16.90
C THR A 154 10.40 -2.36 18.33
N GLN A 155 9.14 -2.72 18.39
CA GLN A 155 8.48 -3.05 19.64
C GLN A 155 7.67 -4.33 19.48
N GLY A 1 23.42 -4.34 -14.97
CA GLY A 1 21.99 -4.63 -14.95
C GLY A 1 21.69 -5.73 -13.97
N SER A 2 20.92 -5.43 -12.96
CA SER A 2 20.61 -6.40 -11.96
C SER A 2 19.19 -6.21 -11.46
N HIS A 3 18.33 -7.13 -11.79
CA HIS A 3 16.99 -7.15 -11.22
C HIS A 3 16.86 -8.33 -10.29
N MET A 4 18.03 -8.92 -9.98
CA MET A 4 18.16 -10.00 -9.00
C MET A 4 17.72 -9.46 -7.64
N ASN A 5 18.02 -8.20 -7.46
CA ASN A 5 17.67 -7.45 -6.30
C ASN A 5 17.04 -6.17 -6.82
N PRO A 6 16.20 -5.50 -6.05
CA PRO A 6 15.61 -4.23 -6.48
C PRO A 6 16.66 -3.13 -6.53
N LEU A 7 16.77 -2.44 -7.64
CA LEU A 7 17.70 -1.35 -7.75
C LEU A 7 17.08 -0.08 -7.22
N THR A 8 17.11 0.05 -5.92
CA THR A 8 16.57 1.19 -5.24
C THR A 8 17.73 2.14 -4.92
N GLN A 9 18.93 1.75 -5.39
CA GLN A 9 20.17 2.49 -5.23
C GLN A 9 20.56 2.48 -3.75
N ALA A 10 21.42 3.38 -3.35
CA ALA A 10 21.70 3.53 -1.94
C ALA A 10 20.48 4.13 -1.32
N VAL A 11 19.82 3.32 -0.54
CA VAL A 11 18.56 3.61 0.02
C VAL A 11 18.46 4.97 0.71
N PRO A 12 17.58 5.82 0.21
CA PRO A 12 17.33 7.10 0.80
C PRO A 12 16.33 6.99 1.92
N LYS A 13 16.38 7.92 2.81
CA LYS A 13 15.47 7.98 3.93
C LYS A 13 14.10 8.57 3.50
N CYS A 14 13.65 8.19 2.35
CA CYS A 14 12.41 8.67 1.80
C CYS A 14 11.41 7.58 1.97
N GLN A 15 10.22 7.93 2.31
CA GLN A 15 9.18 6.97 2.51
C GLN A 15 8.58 6.58 1.17
N ARG A 16 7.58 5.74 1.19
CA ARG A 16 7.02 5.16 -0.03
C ARG A 16 6.29 6.16 -0.93
N TRP A 17 5.92 7.27 -0.38
CA TRP A 17 5.25 8.33 -1.14
C TRP A 17 6.26 9.41 -1.49
N GLU A 18 7.50 9.14 -1.18
CA GLU A 18 8.58 10.06 -1.39
C GLU A 18 9.62 9.45 -2.29
N LYS A 19 10.51 10.28 -2.77
CA LYS A 19 11.60 9.84 -3.60
C LYS A 19 12.77 10.78 -3.40
N LEU A 20 13.95 10.29 -3.67
CA LEU A 20 15.16 11.06 -3.48
C LEU A 20 15.49 11.81 -4.74
N GLN A 21 15.58 13.10 -4.64
CA GLN A 21 16.03 13.92 -5.73
C GLN A 21 16.71 15.08 -5.09
N ASN A 22 17.77 15.59 -5.69
CA ASN A 22 18.45 16.81 -5.19
C ASN A 22 18.97 16.54 -3.75
N SER A 23 19.33 15.26 -3.49
CA SER A 23 19.87 14.77 -2.23
C SER A 23 18.85 14.99 -1.06
N ARG A 24 17.59 15.06 -1.40
CA ARG A 24 16.58 15.31 -0.41
C ARG A 24 15.36 14.43 -0.64
N CYS A 25 14.51 14.41 0.32
CA CYS A 25 13.31 13.62 0.27
C CYS A 25 12.16 14.52 -0.14
N VAL A 26 11.56 14.23 -1.26
CA VAL A 26 10.40 14.99 -1.70
C VAL A 26 9.27 14.03 -1.95
N CYS A 27 8.08 14.53 -2.07
CA CYS A 27 6.94 13.69 -2.32
C CYS A 27 6.77 13.54 -3.82
N LYS A 28 6.49 12.33 -4.26
CA LYS A 28 6.34 12.08 -5.66
C LYS A 28 4.93 12.45 -6.11
N MET A 29 4.55 12.08 -7.30
CA MET A 29 3.30 12.58 -7.84
C MET A 29 2.24 11.48 -7.89
N PRO A 30 0.92 11.84 -7.88
CA PRO A 30 -0.21 10.88 -7.88
C PRO A 30 -0.23 9.92 -9.10
N TYR A 31 0.52 10.25 -10.13
CA TYR A 31 0.60 9.40 -11.30
C TYR A 31 1.88 8.56 -11.26
N GLU A 32 2.69 8.81 -10.25
CA GLU A 32 3.91 8.05 -10.01
C GLU A 32 3.56 6.91 -9.06
N CYS A 33 2.31 6.86 -8.66
CA CYS A 33 1.84 5.89 -7.76
C CYS A 33 0.58 5.22 -8.29
N GLY A 34 0.62 3.91 -8.32
CA GLY A 34 -0.50 3.13 -8.75
C GLY A 34 -0.69 1.91 -7.87
N PRO A 35 0.27 0.95 -7.89
CA PRO A 35 0.24 -0.26 -7.03
C PRO A 35 0.24 0.08 -5.54
N SER A 36 -0.86 -0.26 -4.87
CA SER A 36 -0.99 -0.18 -3.43
C SER A 36 -2.30 -0.81 -3.03
N LEU A 37 -2.48 -1.02 -1.74
CA LEU A 37 -3.71 -1.55 -1.21
C LEU A 37 -4.87 -0.62 -1.51
N ASP A 38 -5.94 -1.21 -2.02
CA ASP A 38 -7.15 -0.48 -2.37
C ASP A 38 -7.88 -0.14 -1.10
N VAL A 39 -8.13 1.12 -0.86
CA VAL A 39 -8.77 1.56 0.36
C VAL A 39 -9.86 2.58 0.09
N CYS A 40 -10.83 2.66 0.96
CA CYS A 40 -11.90 3.60 0.79
C CYS A 40 -11.62 4.83 1.62
N ALA A 41 -11.75 5.96 1.01
CA ALA A 41 -11.47 7.18 1.66
C ALA A 41 -12.63 8.12 1.54
N GLN A 42 -12.61 9.13 2.34
CA GLN A 42 -13.61 10.15 2.29
C GLN A 42 -12.93 11.44 1.97
N ASP A 43 -13.44 12.10 0.99
CA ASP A 43 -12.94 13.38 0.55
C ASP A 43 -13.36 14.42 1.56
N GLU A 44 -12.44 15.24 2.01
CA GLU A 44 -12.75 16.24 3.03
C GLU A 44 -13.41 17.48 2.49
N ARG A 45 -13.55 17.58 1.19
CA ARG A 45 -14.16 18.73 0.64
C ARG A 45 -15.59 18.38 0.24
N SER A 46 -15.75 17.35 -0.55
CA SER A 46 -17.05 16.93 -1.03
C SER A 46 -17.72 15.92 -0.08
N LYS A 47 -16.93 15.37 0.85
CA LYS A 47 -17.39 14.40 1.89
C LYS A 47 -17.88 13.08 1.29
N ARG A 48 -17.47 12.86 0.08
CA ARG A 48 -17.83 11.68 -0.69
C ARG A 48 -16.89 10.56 -0.32
N ILE A 49 -17.38 9.35 -0.36
CA ILE A 49 -16.54 8.22 -0.15
C ILE A 49 -16.03 7.79 -1.51
N LEU A 50 -14.75 7.80 -1.68
CA LEU A 50 -14.16 7.45 -2.93
C LEU A 50 -13.10 6.39 -2.74
N PRO A 51 -12.94 5.53 -3.72
CA PRO A 51 -11.93 4.50 -3.69
C PRO A 51 -10.54 5.06 -4.03
N LEU A 52 -9.64 4.92 -3.13
CA LEU A 52 -8.30 5.36 -3.34
C LEU A 52 -7.37 4.21 -3.12
N THR A 53 -6.15 4.48 -3.26
CA THR A 53 -5.14 3.54 -3.00
C THR A 53 -4.21 4.16 -2.00
N VAL A 54 -3.59 3.34 -1.19
CA VAL A 54 -2.64 3.77 -0.15
C VAL A 54 -1.56 4.70 -0.73
N CYS A 55 -1.10 4.37 -1.92
CA CYS A 55 -0.06 5.12 -2.54
C CYS A 55 -0.55 6.52 -2.90
N LYS A 56 -1.66 6.57 -3.65
CA LYS A 56 -2.27 7.83 -4.06
C LYS A 56 -2.66 8.67 -2.87
N MET A 57 -3.33 8.05 -1.90
CA MET A 57 -3.74 8.72 -0.66
C MET A 57 -2.57 9.38 0.05
N HIS A 58 -1.46 8.66 0.19
CA HIS A 58 -0.30 9.23 0.91
C HIS A 58 0.36 10.33 0.11
N VAL A 59 0.51 10.11 -1.19
CA VAL A 59 1.10 11.09 -2.06
C VAL A 59 0.26 12.34 -2.08
N LEU A 60 -0.99 12.18 -2.41
CA LEU A 60 -1.95 13.24 -2.50
C LEU A 60 -2.11 13.98 -1.16
N HIS A 61 -1.98 13.24 -0.06
CA HIS A 61 -2.05 13.82 1.28
C HIS A 61 -0.85 14.73 1.49
N CYS A 62 0.30 14.28 1.06
CA CYS A 62 1.53 15.04 1.21
C CYS A 62 1.61 16.16 0.20
N GLN A 63 0.84 16.04 -0.87
CA GLN A 63 0.71 17.10 -1.85
C GLN A 63 -0.28 18.18 -1.37
N GLY A 64 -0.82 18.00 -0.17
CA GLY A 64 -1.63 19.03 0.43
C GLY A 64 -3.10 18.70 0.50
N ARG A 65 -3.48 17.51 0.10
CA ARG A 65 -4.89 17.16 0.10
C ARG A 65 -5.24 16.41 1.39
N ASN A 66 -6.44 16.62 1.85
CA ASN A 66 -6.89 16.03 3.10
C ASN A 66 -7.97 15.03 2.84
N TYR A 67 -7.83 13.86 3.42
CA TYR A 67 -8.77 12.79 3.25
C TYR A 67 -8.91 12.01 4.53
N THR A 68 -10.03 11.38 4.68
CA THR A 68 -10.28 10.54 5.82
C THR A 68 -10.38 9.12 5.29
N LEU A 69 -10.10 8.13 6.09
CA LEU A 69 -10.30 6.79 5.62
C LEU A 69 -11.54 6.21 6.19
N THR A 70 -12.19 5.43 5.40
CA THR A 70 -13.42 4.84 5.78
C THR A 70 -13.37 3.33 5.55
N GLY A 71 -14.45 2.66 5.87
CA GLY A 71 -14.52 1.25 5.70
C GLY A 71 -14.74 0.88 4.26
N ARG A 72 -14.42 -0.35 3.90
CA ARG A 72 -14.54 -0.83 2.53
C ARG A 72 -16.00 -0.88 2.10
N ASP A 73 -16.88 -0.92 3.09
CA ASP A 73 -18.31 -0.99 2.87
C ASP A 73 -18.88 0.39 2.58
N SER A 74 -18.03 1.39 2.51
CA SER A 74 -18.49 2.76 2.30
C SER A 74 -18.62 3.11 0.81
N CYS A 75 -17.80 2.50 -0.03
CA CYS A 75 -17.87 2.79 -1.47
C CYS A 75 -17.53 1.54 -2.27
N THR A 76 -17.61 1.65 -3.58
CA THR A 76 -17.27 0.58 -4.45
C THR A 76 -15.79 0.69 -4.78
N LEU A 77 -15.05 -0.30 -4.37
CA LEU A 77 -13.63 -0.33 -4.53
C LEU A 77 -13.33 -1.00 -5.90
N PRO A 78 -12.24 -0.58 -6.60
CA PRO A 78 -11.91 -1.10 -7.93
C PRO A 78 -11.78 -2.62 -8.00
N ALA A 79 -10.94 -3.20 -7.16
CA ALA A 79 -10.80 -4.63 -7.17
C ALA A 79 -11.39 -5.25 -5.96
N SER A 80 -12.66 -5.23 -5.94
CA SER A 80 -13.41 -5.80 -4.90
C SER A 80 -13.70 -7.24 -5.23
N ALA A 81 -14.31 -7.44 -6.39
CA ALA A 81 -14.74 -8.74 -6.80
C ALA A 81 -13.60 -9.54 -7.44
N GLU A 82 -13.94 -10.73 -7.86
CA GLU A 82 -13.00 -11.69 -8.38
C GLU A 82 -12.37 -11.28 -9.70
N LYS A 83 -11.08 -11.47 -9.77
CA LYS A 83 -10.29 -11.21 -10.94
C LYS A 83 -9.38 -12.39 -11.14
N ALA A 84 -9.42 -12.98 -12.31
CA ALA A 84 -8.55 -14.09 -12.64
C ALA A 84 -7.13 -13.60 -12.69
N CYS A 85 -6.33 -14.12 -11.81
CA CYS A 85 -4.95 -13.70 -11.68
C CYS A 85 -4.14 -13.89 -12.96
N GLY A 86 -3.14 -13.05 -13.09
CA GLY A 86 -2.30 -12.99 -14.26
C GLY A 86 -2.22 -11.54 -14.68
N ALA A 87 -3.23 -10.84 -14.27
CA ALA A 87 -3.34 -9.42 -14.34
C ALA A 87 -4.17 -9.05 -13.15
N CYS A 88 -3.53 -8.58 -12.13
CA CYS A 88 -4.16 -8.34 -10.85
C CYS A 88 -3.17 -7.54 -10.01
N PRO A 89 -3.54 -7.12 -8.75
CA PRO A 89 -2.60 -6.46 -7.84
C PRO A 89 -1.32 -7.28 -7.61
N LEU A 90 -0.27 -6.63 -7.15
CA LEU A 90 1.05 -7.27 -6.99
C LEU A 90 1.08 -8.47 -6.02
N TRP A 91 0.17 -8.51 -5.07
CA TRP A 91 0.07 -9.63 -4.12
C TRP A 91 -0.85 -10.71 -4.70
N GLY A 92 -1.45 -10.41 -5.82
CA GLY A 92 -2.38 -11.31 -6.43
C GLY A 92 -3.80 -10.90 -6.13
N LYS A 93 -4.68 -11.86 -6.10
CA LYS A 93 -6.08 -11.65 -5.84
C LYS A 93 -6.69 -12.98 -5.43
N CYS A 94 -7.25 -13.02 -4.27
CA CYS A 94 -7.96 -14.19 -3.81
C CYS A 94 -9.10 -13.75 -2.94
N ASP A 95 -10.30 -13.88 -3.44
CA ASP A 95 -11.48 -13.55 -2.66
C ASP A 95 -12.16 -14.84 -2.26
N ALA A 96 -13.37 -14.75 -1.75
CA ALA A 96 -14.09 -15.93 -1.29
C ALA A 96 -14.41 -16.89 -2.44
N GLU A 97 -14.71 -16.35 -3.59
CA GLU A 97 -15.02 -17.14 -4.76
C GLU A 97 -14.44 -16.42 -5.97
N SER A 98 -13.72 -17.13 -6.84
CA SER A 98 -13.05 -16.50 -7.99
C SER A 98 -12.77 -17.54 -9.10
N SER A 99 -12.98 -17.14 -10.36
CA SER A 99 -12.67 -17.99 -11.51
C SER A 99 -11.21 -18.46 -11.45
N LYS A 100 -10.28 -17.52 -11.32
CA LYS A 100 -8.89 -17.84 -11.10
C LYS A 100 -8.32 -16.88 -10.10
N CYS A 101 -7.75 -17.39 -9.08
CA CYS A 101 -7.24 -16.58 -8.04
C CYS A 101 -6.02 -17.23 -7.40
N VAL A 102 -5.10 -16.41 -6.98
CA VAL A 102 -3.89 -16.84 -6.33
C VAL A 102 -3.28 -15.63 -5.65
N CYS A 103 -2.53 -15.85 -4.63
CA CYS A 103 -1.85 -14.78 -3.97
C CYS A 103 -0.40 -15.11 -3.84
N ARG A 104 0.43 -14.14 -4.09
CA ARG A 104 1.84 -14.32 -4.02
C ARG A 104 2.28 -14.14 -2.61
N GLU A 105 2.93 -15.17 -2.08
CA GLU A 105 3.46 -15.18 -0.74
C GLU A 105 4.29 -13.91 -0.48
N ALA A 106 4.38 -13.50 0.78
CA ALA A 106 5.04 -12.26 1.17
C ALA A 106 6.52 -12.29 0.80
N SER A 107 7.07 -13.49 0.74
CA SER A 107 8.45 -13.69 0.38
C SER A 107 8.66 -13.69 -1.15
N GLU A 108 7.58 -13.87 -1.88
CA GLU A 108 7.68 -13.99 -3.33
C GLU A 108 7.38 -12.65 -3.99
N CYS A 109 6.67 -11.80 -3.31
CA CYS A 109 6.38 -10.50 -3.84
C CYS A 109 7.48 -9.55 -3.41
N GLU A 110 8.30 -9.15 -4.36
CA GLU A 110 9.51 -8.41 -4.08
C GLU A 110 9.36 -6.91 -4.29
N GLU A 111 8.16 -6.46 -4.62
CA GLU A 111 7.92 -5.04 -4.84
C GLU A 111 8.20 -4.24 -3.57
N GLU A 112 7.70 -4.73 -2.44
CA GLU A 112 7.79 -4.04 -1.14
C GLU A 112 7.20 -2.65 -1.25
N GLY A 113 5.89 -2.60 -1.25
CA GLY A 113 5.19 -1.36 -1.41
C GLY A 113 5.02 -0.63 -0.10
N PHE A 114 3.89 -0.01 0.05
CA PHE A 114 3.58 0.80 1.20
C PHE A 114 3.50 0.02 2.47
N SER A 115 4.07 0.58 3.49
CA SER A 115 4.02 -0.02 4.77
C SER A 115 2.81 0.53 5.51
N ILE A 116 2.04 -0.37 6.08
CA ILE A 116 0.78 -0.05 6.71
C ILE A 116 0.69 -0.77 8.05
N CYS A 117 -0.27 -0.39 8.86
CA CYS A 117 -0.49 -1.04 10.13
C CYS A 117 -1.65 -2.00 9.99
N VAL A 118 -1.47 -3.22 10.39
CA VAL A 118 -2.52 -4.19 10.33
C VAL A 118 -2.65 -4.88 11.67
N GLU A 119 -3.86 -5.03 12.12
CA GLU A 119 -4.13 -5.76 13.31
C GLU A 119 -4.15 -7.23 12.95
N VAL A 120 -3.23 -7.94 13.50
CA VAL A 120 -3.05 -9.33 13.21
C VAL A 120 -3.03 -10.11 14.48
N ASN A 121 -3.99 -11.01 14.62
CA ASN A 121 -4.07 -11.91 15.77
C ASN A 121 -4.41 -11.13 17.03
N GLY A 122 -4.94 -9.95 16.83
CA GLY A 122 -5.27 -9.09 17.92
C GLY A 122 -4.13 -8.16 18.29
N LYS A 123 -3.02 -8.32 17.60
CA LYS A 123 -1.89 -7.43 17.79
C LYS A 123 -1.92 -6.44 16.67
N GLU A 124 -1.03 -5.52 16.67
CA GLU A 124 -0.90 -4.60 15.56
C GLU A 124 0.50 -4.69 15.03
N GLN A 125 0.62 -5.00 13.79
CA GLN A 125 1.89 -5.19 13.17
C GLN A 125 1.99 -4.35 11.92
N THR A 126 3.12 -3.78 11.73
CA THR A 126 3.38 -3.00 10.58
C THR A 126 3.86 -3.92 9.46
N MET A 127 3.16 -3.93 8.36
CA MET A 127 3.50 -4.82 7.29
C MET A 127 3.77 -4.03 6.05
N SER A 128 4.20 -4.68 5.03
CA SER A 128 4.29 -4.09 3.76
C SER A 128 3.03 -4.48 3.00
N GLU A 129 2.75 -3.70 2.02
CA GLU A 129 1.63 -3.78 1.11
C GLU A 129 1.43 -5.20 0.60
N CYS A 130 2.52 -5.74 0.05
CA CYS A 130 2.56 -7.04 -0.54
C CYS A 130 2.19 -8.10 0.48
N GLU A 131 2.76 -7.96 1.66
CA GLU A 131 2.56 -8.86 2.76
C GLU A 131 1.11 -8.81 3.23
N ALA A 132 0.67 -7.66 3.73
CA ALA A 132 -0.66 -7.47 4.28
C ALA A 132 -1.76 -7.93 3.30
N GLY A 133 -1.59 -7.57 2.03
CA GLY A 133 -2.53 -7.94 1.00
C GLY A 133 -2.63 -9.44 0.85
N ALA A 134 -1.48 -10.09 0.83
CA ALA A 134 -1.41 -11.52 0.67
C ALA A 134 -2.01 -12.25 1.87
N LEU A 135 -1.77 -11.72 3.09
CA LEU A 135 -2.38 -12.32 4.29
C LEU A 135 -3.89 -12.32 4.19
N ARG A 136 -4.46 -11.22 3.66
CA ARG A 136 -5.92 -11.12 3.48
C ARG A 136 -6.37 -12.18 2.49
N CYS A 137 -5.68 -12.21 1.38
CA CYS A 137 -5.95 -13.13 0.30
C CYS A 137 -5.88 -14.61 0.73
N ARG A 138 -4.85 -14.99 1.48
CA ARG A 138 -4.70 -16.39 1.89
C ARG A 138 -5.71 -16.81 2.95
N GLY A 139 -6.32 -15.86 3.61
CA GLY A 139 -7.31 -16.20 4.59
C GLY A 139 -6.83 -16.03 6.00
N GLN A 140 -5.65 -15.44 6.18
CA GLN A 140 -5.16 -15.14 7.51
C GLN A 140 -6.11 -14.12 8.14
N SER A 141 -6.30 -14.18 9.43
CA SER A 141 -7.21 -13.29 10.07
C SER A 141 -6.49 -12.02 10.50
N ILE A 142 -6.76 -10.94 9.79
CA ILE A 142 -6.15 -9.64 10.05
C ILE A 142 -7.16 -8.55 9.79
N SER A 143 -6.89 -7.40 10.32
CA SER A 143 -7.68 -6.24 10.12
C SER A 143 -6.79 -5.04 9.82
N VAL A 144 -6.82 -4.55 8.60
CA VAL A 144 -6.03 -3.38 8.24
C VAL A 144 -6.59 -2.15 8.97
N THR A 145 -5.82 -1.64 9.89
CA THR A 145 -6.26 -0.57 10.75
C THR A 145 -5.92 0.81 10.17
N SER A 146 -4.82 0.91 9.48
CA SER A 146 -4.38 2.16 8.91
C SER A 146 -3.51 1.89 7.69
N ILE A 147 -3.48 2.82 6.73
CA ILE A 147 -2.61 2.63 5.58
C ILE A 147 -1.27 3.32 5.83
N ARG A 148 -1.15 3.81 7.02
CA ARG A 148 0.07 4.33 7.52
C ARG A 148 0.61 3.30 8.49
N PRO A 149 1.91 3.17 8.63
CA PRO A 149 2.50 2.20 9.54
C PRO A 149 2.30 2.57 11.01
N CYS A 150 2.56 1.63 11.88
CA CYS A 150 2.51 1.88 13.29
C CYS A 150 3.84 1.60 13.96
N ALA A 151 3.91 1.79 15.27
CA ALA A 151 5.16 1.64 16.06
C ALA A 151 5.66 0.18 16.13
N ALA A 152 4.99 -0.71 15.43
CA ALA A 152 5.34 -2.11 15.40
C ALA A 152 6.42 -2.38 14.37
N GLU A 153 7.03 -1.33 13.86
CA GLU A 153 8.12 -1.47 12.93
C GLU A 153 9.43 -1.13 13.62
N THR A 154 9.32 -0.60 14.82
CA THR A 154 10.45 -0.12 15.56
C THR A 154 10.64 -0.89 16.86
N GLN A 155 11.41 -1.92 16.79
CA GLN A 155 11.77 -2.69 17.95
C GLN A 155 13.14 -3.28 17.74
N GLY A 1 15.79 -1.17 3.82
CA GLY A 1 15.21 -2.14 2.88
C GLY A 1 16.29 -2.87 2.11
N SER A 2 17.25 -2.15 1.59
CA SER A 2 18.35 -2.72 0.89
C SER A 2 19.40 -3.27 1.87
N HIS A 3 19.30 -4.54 2.14
CA HIS A 3 20.25 -5.21 2.99
C HIS A 3 20.92 -6.32 2.17
N MET A 4 20.12 -7.24 1.66
CA MET A 4 20.64 -8.30 0.80
C MET A 4 20.55 -7.92 -0.68
N ASN A 5 19.97 -6.78 -0.95
CA ASN A 5 19.92 -6.26 -2.32
C ASN A 5 20.79 -5.02 -2.42
N PRO A 6 21.47 -4.81 -3.55
CA PRO A 6 22.27 -3.61 -3.81
C PRO A 6 21.38 -2.40 -4.08
N LEU A 7 21.95 -1.23 -4.09
CA LEU A 7 21.17 -0.03 -4.28
C LEU A 7 21.94 0.97 -5.12
N THR A 8 21.22 1.62 -6.03
CA THR A 8 21.76 2.61 -6.95
C THR A 8 22.44 3.78 -6.20
N GLN A 9 21.74 4.28 -5.23
CA GLN A 9 22.18 5.41 -4.47
C GLN A 9 22.13 5.06 -3.02
N ALA A 10 22.71 5.89 -2.18
CA ALA A 10 22.70 5.67 -0.76
C ALA A 10 21.29 5.82 -0.22
N VAL A 11 20.98 5.11 0.87
CA VAL A 11 19.65 5.09 1.49
C VAL A 11 19.12 6.51 1.75
N PRO A 12 18.07 6.92 1.04
CA PRO A 12 17.45 8.21 1.25
C PRO A 12 16.56 8.18 2.47
N LYS A 13 16.68 9.16 3.33
CA LYS A 13 15.84 9.23 4.50
C LYS A 13 14.52 9.97 4.24
N CYS A 14 13.93 9.63 3.13
CA CYS A 14 12.66 10.18 2.70
C CYS A 14 11.62 9.12 2.95
N GLN A 15 10.38 9.46 2.84
CA GLN A 15 9.35 8.48 3.02
C GLN A 15 9.00 7.74 1.76
N ARG A 16 8.15 6.76 1.92
CA ARG A 16 7.71 5.85 0.83
C ARG A 16 7.02 6.59 -0.30
N TRP A 17 6.45 7.72 0.01
CA TRP A 17 5.73 8.54 -0.94
C TRP A 17 6.62 9.69 -1.46
N GLU A 18 7.89 9.64 -1.06
CA GLU A 18 8.86 10.65 -1.43
C GLU A 18 10.06 9.99 -2.07
N LYS A 19 10.76 10.73 -2.87
CA LYS A 19 11.97 10.29 -3.54
C LYS A 19 13.06 11.31 -3.29
N LEU A 20 14.28 10.94 -3.53
CA LEU A 20 15.39 11.82 -3.32
C LEU A 20 15.99 12.23 -4.65
N GLN A 21 15.90 13.49 -4.96
CA GLN A 21 16.52 14.03 -6.15
C GLN A 21 16.90 15.44 -5.82
N ASN A 22 17.97 15.94 -6.41
CA ASN A 22 18.42 17.35 -6.23
C ASN A 22 18.75 17.58 -4.74
N SER A 23 19.06 16.47 -4.09
CA SER A 23 19.37 16.35 -2.67
C SER A 23 18.20 16.76 -1.76
N ARG A 24 17.00 16.83 -2.33
CA ARG A 24 15.82 17.16 -1.57
C ARG A 24 14.87 15.99 -1.61
N CYS A 25 13.86 16.04 -0.80
CA CYS A 25 12.87 15.01 -0.76
C CYS A 25 11.69 15.49 -1.58
N VAL A 26 11.41 14.80 -2.64
CA VAL A 26 10.31 15.17 -3.51
C VAL A 26 9.20 14.19 -3.39
N CYS A 27 8.02 14.61 -3.64
CA CYS A 27 6.89 13.73 -3.55
C CYS A 27 6.61 13.13 -4.91
N LYS A 28 6.09 11.94 -4.91
CA LYS A 28 5.63 11.26 -6.13
C LYS A 28 4.38 12.00 -6.69
N MET A 29 3.84 11.56 -7.81
CA MET A 29 2.60 12.20 -8.29
C MET A 29 1.45 11.23 -8.12
N PRO A 30 0.28 11.67 -7.62
CA PRO A 30 -0.84 10.77 -7.29
C PRO A 30 -1.43 10.04 -8.50
N TYR A 31 -1.06 10.48 -9.68
CA TYR A 31 -1.55 9.89 -10.89
C TYR A 31 -0.52 8.96 -11.49
N GLU A 32 0.70 9.03 -10.97
CA GLU A 32 1.77 8.22 -11.47
C GLU A 32 1.97 7.03 -10.54
N CYS A 33 1.32 7.13 -9.40
CA CYS A 33 1.31 6.09 -8.43
C CYS A 33 0.15 5.14 -8.70
N GLY A 34 0.39 3.89 -8.54
CA GLY A 34 -0.60 2.89 -8.80
C GLY A 34 -0.37 1.69 -7.92
N PRO A 35 0.75 0.93 -8.17
CA PRO A 35 1.16 -0.23 -7.35
C PRO A 35 1.22 0.11 -5.85
N SER A 36 0.13 -0.20 -5.18
CA SER A 36 -0.09 -0.04 -3.79
C SER A 36 -1.40 -0.72 -3.45
N LEU A 37 -1.74 -0.80 -2.20
CA LEU A 37 -2.92 -1.50 -1.74
C LEU A 37 -4.13 -0.61 -1.87
N ASP A 38 -5.17 -1.12 -2.48
CA ASP A 38 -6.39 -0.33 -2.64
C ASP A 38 -7.18 -0.35 -1.38
N VAL A 39 -7.47 0.83 -0.95
CA VAL A 39 -8.17 1.10 0.29
C VAL A 39 -9.22 2.15 0.02
N CYS A 40 -10.00 2.47 0.97
CA CYS A 40 -10.93 3.52 0.72
C CYS A 40 -10.59 4.73 1.54
N ALA A 41 -10.87 5.89 1.01
CA ALA A 41 -10.59 7.09 1.67
C ALA A 41 -11.70 8.07 1.44
N GLN A 42 -11.86 8.96 2.34
CA GLN A 42 -12.85 9.95 2.24
C GLN A 42 -12.21 11.25 1.90
N ASP A 43 -12.73 11.88 0.89
CA ASP A 43 -12.26 13.20 0.48
C ASP A 43 -12.77 14.16 1.52
N GLU A 44 -11.90 14.88 2.18
CA GLU A 44 -12.33 15.74 3.27
C GLU A 44 -12.96 17.06 2.81
N ARG A 45 -13.01 17.31 1.52
CA ARG A 45 -13.64 18.49 1.03
C ARG A 45 -14.98 18.16 0.40
N SER A 46 -15.00 17.14 -0.42
CA SER A 46 -16.24 16.72 -1.05
C SER A 46 -17.06 15.84 -0.10
N LYS A 47 -16.36 15.19 0.85
CA LYS A 47 -16.94 14.28 1.85
C LYS A 47 -17.43 12.97 1.25
N ARG A 48 -16.99 12.67 0.07
CA ARG A 48 -17.37 11.45 -0.58
C ARG A 48 -16.36 10.38 -0.25
N ILE A 49 -16.83 9.18 -0.23
CA ILE A 49 -16.01 8.05 0.03
C ILE A 49 -15.53 7.52 -1.32
N LEU A 50 -14.25 7.53 -1.53
CA LEU A 50 -13.72 7.09 -2.80
C LEU A 50 -12.57 6.12 -2.63
N PRO A 51 -12.53 5.14 -3.48
CA PRO A 51 -11.49 4.12 -3.48
C PRO A 51 -10.14 4.69 -3.94
N LEU A 52 -9.21 4.69 -3.06
CA LEU A 52 -7.89 5.15 -3.35
C LEU A 52 -6.92 4.04 -3.12
N THR A 53 -5.71 4.32 -3.26
CA THR A 53 -4.73 3.34 -3.08
C THR A 53 -3.69 3.95 -2.13
N VAL A 54 -3.08 3.13 -1.27
CA VAL A 54 -2.13 3.59 -0.22
C VAL A 54 -1.13 4.63 -0.70
N CYS A 55 -0.41 4.32 -1.75
CA CYS A 55 0.60 5.21 -2.26
C CYS A 55 -0.03 6.49 -2.77
N LYS A 56 -1.13 6.36 -3.53
CA LYS A 56 -1.82 7.51 -4.09
C LYS A 56 -2.28 8.45 -2.99
N MET A 57 -2.98 7.89 -2.00
CA MET A 57 -3.57 8.69 -0.93
C MET A 57 -2.48 9.33 -0.08
N HIS A 58 -1.34 8.64 0.13
CA HIS A 58 -0.23 9.21 0.92
C HIS A 58 0.49 10.30 0.16
N VAL A 59 0.72 10.04 -1.11
CA VAL A 59 1.34 11.01 -1.98
C VAL A 59 0.48 12.26 -2.05
N LEU A 60 -0.78 12.05 -2.31
CA LEU A 60 -1.80 13.08 -2.33
C LEU A 60 -1.88 13.80 -0.97
N HIS A 61 -1.76 13.04 0.10
CA HIS A 61 -1.79 13.56 1.46
C HIS A 61 -0.58 14.47 1.69
N CYS A 62 0.55 14.05 1.17
CA CYS A 62 1.80 14.77 1.34
C CYS A 62 1.81 16.02 0.47
N GLN A 63 1.09 15.96 -0.66
CA GLN A 63 0.90 17.13 -1.53
C GLN A 63 0.19 18.25 -0.76
N GLY A 64 -0.64 17.84 0.19
CA GLY A 64 -1.35 18.79 1.00
C GLY A 64 -2.85 18.59 0.91
N ARG A 65 -3.28 17.36 0.79
CA ARG A 65 -4.70 17.03 0.67
C ARG A 65 -5.09 16.14 1.84
N ASN A 66 -6.14 16.52 2.54
CA ASN A 66 -6.59 15.75 3.69
C ASN A 66 -7.60 14.70 3.29
N TYR A 67 -7.29 13.47 3.59
CA TYR A 67 -8.16 12.35 3.30
C TYR A 67 -8.17 11.44 4.49
N THR A 68 -9.32 10.93 4.77
CA THR A 68 -9.51 10.06 5.91
C THR A 68 -9.67 8.61 5.41
N LEU A 69 -9.09 7.65 6.09
CA LEU A 69 -9.21 6.25 5.69
C LEU A 69 -10.53 5.66 6.11
N THR A 70 -11.15 4.96 5.21
CA THR A 70 -12.42 4.32 5.44
C THR A 70 -12.37 2.88 4.92
N GLY A 71 -13.35 2.08 5.29
CA GLY A 71 -13.35 0.70 4.88
C GLY A 71 -14.00 0.48 3.53
N ARG A 72 -13.89 -0.75 3.03
CA ARG A 72 -14.36 -1.12 1.68
C ARG A 72 -15.88 -1.08 1.56
N ASP A 73 -16.58 -1.10 2.69
CA ASP A 73 -18.03 -1.17 2.68
C ASP A 73 -18.65 0.14 2.24
N SER A 74 -17.96 1.22 2.54
CA SER A 74 -18.47 2.53 2.21
C SER A 74 -18.25 2.89 0.73
N CYS A 75 -17.33 2.21 0.08
CA CYS A 75 -17.08 2.43 -1.32
C CYS A 75 -17.37 1.18 -2.14
N THR A 76 -17.01 1.27 -3.38
CA THR A 76 -16.93 0.16 -4.26
C THR A 76 -15.46 0.12 -4.68
N LEU A 77 -14.74 -0.82 -4.13
CA LEU A 77 -13.32 -0.90 -4.33
C LEU A 77 -13.02 -1.56 -5.68
N PRO A 78 -12.02 -1.04 -6.44
CA PRO A 78 -11.67 -1.57 -7.76
C PRO A 78 -11.31 -3.03 -7.71
N ALA A 79 -10.57 -3.40 -6.70
CA ALA A 79 -10.16 -4.77 -6.54
C ALA A 79 -11.14 -5.49 -5.69
N SER A 80 -12.10 -6.06 -6.34
CA SER A 80 -13.14 -6.80 -5.69
C SER A 80 -13.77 -7.88 -6.59
N ALA A 81 -13.59 -7.77 -7.90
CA ALA A 81 -14.20 -8.75 -8.77
C ALA A 81 -13.24 -9.85 -9.11
N GLU A 82 -13.79 -10.91 -9.62
CA GLU A 82 -13.09 -12.10 -9.98
C GLU A 82 -12.54 -12.00 -11.39
N LYS A 83 -11.25 -12.05 -11.51
CA LYS A 83 -10.60 -11.95 -12.78
C LYS A 83 -9.69 -13.12 -12.98
N ALA A 84 -9.89 -13.83 -14.08
CA ALA A 84 -9.08 -14.97 -14.41
C ALA A 84 -7.76 -14.48 -14.96
N CYS A 85 -6.76 -14.56 -14.14
CA CYS A 85 -5.43 -14.11 -14.43
C CYS A 85 -4.53 -14.47 -13.26
N GLY A 86 -4.78 -13.86 -12.12
CA GLY A 86 -4.04 -14.13 -10.93
C GLY A 86 -2.92 -13.15 -10.69
N ALA A 87 -2.44 -12.50 -11.73
CA ALA A 87 -1.36 -11.57 -11.56
C ALA A 87 -1.69 -10.21 -12.12
N CYS A 88 -2.01 -9.30 -11.24
CA CYS A 88 -2.26 -7.90 -11.56
C CYS A 88 -1.73 -7.01 -10.40
N PRO A 89 -2.11 -7.26 -9.12
CA PRO A 89 -1.51 -6.54 -7.99
C PRO A 89 -0.16 -7.18 -7.59
N LEU A 90 0.55 -6.53 -6.68
CA LEU A 90 1.93 -6.94 -6.26
C LEU A 90 1.91 -8.29 -5.56
N TRP A 91 0.79 -8.60 -5.00
CA TRP A 91 0.57 -9.79 -4.22
C TRP A 91 -0.30 -10.78 -4.97
N GLY A 92 -0.52 -10.50 -6.25
CA GLY A 92 -1.38 -11.33 -7.04
C GLY A 92 -2.83 -11.08 -6.69
N LYS A 93 -3.70 -11.93 -7.10
CA LYS A 93 -5.10 -11.78 -6.79
C LYS A 93 -5.75 -13.14 -6.76
N CYS A 94 -6.32 -13.45 -5.65
CA CYS A 94 -7.11 -14.66 -5.50
C CYS A 94 -8.51 -14.18 -5.22
N ASP A 95 -9.52 -14.81 -5.77
CA ASP A 95 -10.85 -14.30 -5.59
C ASP A 95 -11.82 -15.43 -5.31
N ALA A 96 -12.16 -16.18 -6.33
CA ALA A 96 -13.07 -17.28 -6.21
C ALA A 96 -12.35 -18.56 -6.55
N GLU A 97 -12.86 -19.67 -6.03
CA GLU A 97 -12.22 -20.96 -6.24
C GLU A 97 -12.27 -21.40 -7.71
N SER A 98 -13.40 -21.20 -8.36
CA SER A 98 -13.52 -21.53 -9.76
C SER A 98 -13.28 -20.29 -10.64
N SER A 99 -12.01 -19.94 -10.80
CA SER A 99 -11.55 -18.84 -11.62
C SER A 99 -10.04 -18.83 -11.54
N LYS A 100 -9.35 -18.30 -12.55
CA LYS A 100 -7.91 -18.24 -12.48
C LYS A 100 -7.48 -17.05 -11.66
N CYS A 101 -7.00 -17.32 -10.55
CA CYS A 101 -6.57 -16.33 -9.64
C CYS A 101 -5.65 -16.98 -8.62
N VAL A 102 -4.54 -16.33 -8.32
CA VAL A 102 -3.58 -16.84 -7.38
C VAL A 102 -3.08 -15.70 -6.55
N CYS A 103 -2.86 -15.94 -5.32
CA CYS A 103 -2.29 -14.94 -4.48
C CYS A 103 -0.91 -15.38 -4.11
N ARG A 104 0.00 -14.45 -4.02
CA ARG A 104 1.33 -14.75 -3.61
C ARG A 104 1.30 -14.80 -2.09
N GLU A 105 2.22 -15.45 -1.47
CA GLU A 105 2.27 -15.35 -0.04
C GLU A 105 3.13 -14.19 0.38
N ALA A 106 2.96 -13.75 1.62
CA ALA A 106 3.63 -12.59 2.18
C ALA A 106 5.14 -12.79 2.13
N SER A 107 5.55 -14.02 2.30
CA SER A 107 6.92 -14.40 2.29
C SER A 107 7.53 -14.43 0.86
N GLU A 108 6.68 -14.39 -0.16
CA GLU A 108 7.13 -14.51 -1.53
C GLU A 108 7.12 -13.13 -2.21
N CYS A 109 6.75 -12.12 -1.44
CA CYS A 109 6.64 -10.76 -1.94
C CYS A 109 8.00 -10.10 -2.11
N GLU A 110 8.22 -9.50 -3.27
CA GLU A 110 9.48 -8.85 -3.59
C GLU A 110 9.26 -7.37 -3.95
N GLU A 111 8.03 -7.00 -4.28
CA GLU A 111 7.74 -5.62 -4.63
C GLU A 111 7.67 -4.76 -3.36
N GLU A 112 8.16 -3.56 -3.45
CA GLU A 112 8.19 -2.68 -2.33
C GLU A 112 7.12 -1.68 -2.44
N GLY A 113 5.98 -2.06 -1.99
CA GLY A 113 4.93 -1.14 -1.81
C GLY A 113 5.17 -0.36 -0.55
N PHE A 114 4.14 -0.06 0.14
CA PHE A 114 4.27 0.60 1.41
C PHE A 114 4.28 -0.39 2.54
N SER A 115 4.27 0.12 3.72
CA SER A 115 4.16 -0.65 4.90
C SER A 115 2.99 -0.08 5.65
N ILE A 116 2.11 -0.94 6.07
CA ILE A 116 0.87 -0.49 6.67
C ILE A 116 0.68 -1.13 8.02
N CYS A 117 -0.27 -0.63 8.75
CA CYS A 117 -0.58 -1.12 10.06
C CYS A 117 -1.82 -1.96 9.97
N VAL A 118 -1.71 -3.19 10.35
CA VAL A 118 -2.80 -4.08 10.27
C VAL A 118 -3.01 -4.73 11.62
N GLU A 119 -4.23 -4.71 12.07
CA GLU A 119 -4.60 -5.35 13.27
C GLU A 119 -4.81 -6.81 12.95
N VAL A 120 -4.03 -7.61 13.56
CA VAL A 120 -4.02 -9.00 13.38
C VAL A 120 -3.81 -9.62 14.71
N ASN A 121 -4.62 -10.59 15.06
CA ASN A 121 -4.44 -11.32 16.32
C ASN A 121 -4.68 -10.40 17.51
N GLY A 122 -5.48 -9.38 17.28
CA GLY A 122 -5.82 -8.46 18.31
C GLY A 122 -4.85 -7.32 18.43
N LYS A 123 -3.70 -7.48 17.88
CA LYS A 123 -2.66 -6.49 17.98
C LYS A 123 -2.41 -5.86 16.63
N GLU A 124 -1.70 -4.78 16.59
CA GLU A 124 -1.39 -4.17 15.34
C GLU A 124 0.02 -4.50 14.97
N GLN A 125 0.17 -4.99 13.78
CA GLN A 125 1.44 -5.36 13.23
C GLN A 125 1.66 -4.63 11.91
N THR A 126 2.88 -4.27 11.65
CA THR A 126 3.23 -3.62 10.44
C THR A 126 3.63 -4.66 9.41
N MET A 127 2.95 -4.68 8.32
CA MET A 127 3.25 -5.62 7.29
C MET A 127 3.56 -4.85 6.05
N SER A 128 4.16 -5.49 5.12
CA SER A 128 4.37 -4.91 3.85
C SER A 128 3.03 -4.86 3.14
N GLU A 129 2.91 -3.94 2.25
CA GLU A 129 1.69 -3.72 1.48
C GLU A 129 1.27 -4.99 0.72
N CYS A 130 2.25 -5.74 0.33
CA CYS A 130 2.03 -6.92 -0.43
C CYS A 130 1.71 -8.07 0.49
N GLU A 131 2.29 -8.04 1.66
CA GLU A 131 2.04 -9.00 2.71
C GLU A 131 0.56 -8.95 3.12
N ALA A 132 0.15 -7.80 3.64
CA ALA A 132 -1.22 -7.59 4.11
C ALA A 132 -2.21 -7.84 2.98
N GLY A 133 -1.87 -7.36 1.78
CA GLY A 133 -2.72 -7.52 0.61
C GLY A 133 -2.93 -8.97 0.26
N ALA A 134 -1.85 -9.73 0.26
CA ALA A 134 -1.89 -11.15 -0.05
C ALA A 134 -2.69 -11.89 0.98
N LEU A 135 -2.53 -11.47 2.22
CA LEU A 135 -3.26 -12.04 3.31
C LEU A 135 -4.76 -11.83 3.16
N ARG A 136 -5.17 -10.63 2.74
CA ARG A 136 -6.61 -10.37 2.50
C ARG A 136 -7.08 -11.25 1.34
N CYS A 137 -6.22 -11.37 0.34
CA CYS A 137 -6.49 -12.17 -0.84
C CYS A 137 -6.62 -13.66 -0.57
N ARG A 138 -5.87 -14.19 0.38
CA ARG A 138 -5.94 -15.62 0.67
C ARG A 138 -7.06 -15.96 1.63
N GLY A 139 -7.63 -14.96 2.25
CA GLY A 139 -8.69 -15.21 3.19
C GLY A 139 -8.23 -15.21 4.62
N GLN A 140 -6.99 -14.79 4.85
CA GLN A 140 -6.48 -14.64 6.21
C GLN A 140 -7.25 -13.51 6.89
N SER A 141 -7.45 -13.60 8.18
CA SER A 141 -8.17 -12.58 8.88
C SER A 141 -7.22 -11.52 9.41
N ILE A 142 -7.28 -10.37 8.79
CA ILE A 142 -6.47 -9.23 9.13
C ILE A 142 -7.30 -7.97 8.96
N SER A 143 -7.10 -7.02 9.80
CA SER A 143 -7.82 -5.81 9.75
C SER A 143 -6.90 -4.62 9.53
N VAL A 144 -6.81 -4.13 8.31
CA VAL A 144 -5.97 -2.99 8.01
C VAL A 144 -6.53 -1.75 8.70
N THR A 145 -5.84 -1.28 9.72
CA THR A 145 -6.31 -0.17 10.52
C THR A 145 -5.93 1.17 9.92
N SER A 146 -4.78 1.21 9.28
CA SER A 146 -4.31 2.40 8.63
C SER A 146 -3.26 2.00 7.63
N ILE A 147 -3.05 2.83 6.62
CA ILE A 147 -2.09 2.49 5.59
C ILE A 147 -0.71 3.06 5.91
N ARG A 148 -0.57 3.57 7.11
CA ARG A 148 0.70 3.98 7.61
C ARG A 148 1.18 2.90 8.60
N PRO A 149 2.48 2.71 8.80
CA PRO A 149 3.00 1.64 9.67
C PRO A 149 2.72 1.89 11.16
N CYS A 150 2.98 0.90 11.99
CA CYS A 150 2.87 1.10 13.42
C CYS A 150 4.24 0.92 14.05
N ALA A 151 4.35 1.14 15.34
CA ALA A 151 5.60 0.98 16.06
C ALA A 151 5.72 -0.45 16.59
N ALA A 152 5.14 -1.37 15.86
CA ALA A 152 5.12 -2.77 16.22
C ALA A 152 6.50 -3.40 16.04
N GLU A 153 7.13 -2.98 14.96
CA GLU A 153 8.46 -3.43 14.55
C GLU A 153 8.64 -4.94 14.53
N THR A 154 8.30 -5.49 13.40
CA THR A 154 8.37 -6.91 13.18
C THR A 154 9.85 -7.38 13.14
N GLN A 155 10.20 -8.24 14.09
CA GLN A 155 11.55 -8.78 14.27
C GLN A 155 12.53 -7.69 14.61
N GLY A 1 33.73 -5.60 -2.25
CA GLY A 1 35.06 -5.17 -1.78
C GLY A 1 35.01 -4.85 -0.31
N SER A 2 36.17 -4.72 0.28
CA SER A 2 36.31 -4.46 1.69
C SER A 2 35.69 -3.12 2.09
N HIS A 3 34.63 -3.18 2.87
CA HIS A 3 33.99 -1.99 3.37
C HIS A 3 34.52 -1.66 4.73
N MET A 4 34.97 -0.45 4.87
CA MET A 4 35.38 0.04 6.16
C MET A 4 34.16 0.56 6.84
N ASN A 5 33.35 1.25 6.07
CA ASN A 5 32.06 1.70 6.52
C ASN A 5 31.04 1.06 5.60
N PRO A 6 29.95 0.50 6.14
CA PRO A 6 28.88 -0.03 5.30
C PRO A 6 28.26 1.11 4.49
N LEU A 7 28.12 2.22 5.16
CA LEU A 7 27.61 3.42 4.60
C LEU A 7 28.50 4.57 5.03
N THR A 8 29.23 5.12 4.11
CA THR A 8 30.10 6.23 4.40
C THR A 8 29.34 7.54 4.17
N GLN A 9 28.97 7.78 2.92
CA GLN A 9 28.19 8.96 2.58
C GLN A 9 26.72 8.59 2.65
N ALA A 10 26.47 7.29 2.43
CA ALA A 10 25.15 6.67 2.44
C ALA A 10 24.27 7.15 1.31
N VAL A 11 23.12 6.54 1.19
CA VAL A 11 22.13 6.92 0.20
C VAL A 11 20.85 7.24 0.96
N PRO A 12 20.34 8.46 0.86
CA PRO A 12 19.17 8.90 1.61
C PRO A 12 17.95 8.01 1.41
N LYS A 13 17.31 7.66 2.51
CA LYS A 13 16.10 6.89 2.49
C LYS A 13 14.95 7.86 2.37
N CYS A 14 14.04 7.58 1.51
CA CYS A 14 12.91 8.45 1.34
C CYS A 14 11.74 7.78 1.96
N GLN A 15 10.71 8.50 2.26
CA GLN A 15 9.52 7.86 2.72
C GLN A 15 8.80 7.25 1.52
N ARG A 16 7.82 6.43 1.77
CA ARG A 16 7.12 5.69 0.70
C ARG A 16 6.43 6.61 -0.31
N TRP A 17 6.03 7.77 0.15
CA TRP A 17 5.33 8.74 -0.67
C TRP A 17 6.33 9.78 -1.20
N GLU A 18 7.59 9.51 -0.99
CA GLU A 18 8.63 10.40 -1.40
C GLU A 18 9.50 9.76 -2.47
N LYS A 19 10.14 10.59 -3.23
CA LYS A 19 11.04 10.18 -4.26
C LYS A 19 12.33 10.98 -4.12
N LEU A 20 13.43 10.36 -4.44
CA LEU A 20 14.72 11.00 -4.31
C LEU A 20 15.10 11.70 -5.57
N GLN A 21 15.22 12.99 -5.49
CA GLN A 21 15.71 13.79 -6.57
C GLN A 21 16.43 14.96 -5.98
N ASN A 22 17.49 15.37 -6.62
CA ASN A 22 18.21 16.60 -6.26
C ASN A 22 18.80 16.51 -4.84
N SER A 23 19.09 15.27 -4.39
CA SER A 23 19.70 14.99 -3.08
C SER A 23 18.71 15.29 -1.93
N ARG A 24 17.44 15.37 -2.26
CA ARG A 24 16.41 15.64 -1.27
C ARG A 24 15.25 14.69 -1.49
N CYS A 25 14.44 14.55 -0.49
CA CYS A 25 13.29 13.71 -0.60
C CYS A 25 12.08 14.59 -0.84
N VAL A 26 11.48 14.44 -1.98
CA VAL A 26 10.30 15.22 -2.34
C VAL A 26 9.13 14.28 -2.43
N CYS A 27 7.95 14.78 -2.53
CA CYS A 27 6.79 13.92 -2.59
C CYS A 27 6.49 13.53 -4.01
N LYS A 28 6.02 12.30 -4.18
CA LYS A 28 5.64 11.74 -5.47
C LYS A 28 4.35 12.42 -5.96
N MET A 29 3.86 12.00 -7.09
CA MET A 29 2.63 12.56 -7.59
C MET A 29 1.50 11.52 -7.52
N PRO A 30 0.22 11.95 -7.39
CA PRO A 30 -0.92 11.02 -7.23
C PRO A 30 -1.13 10.08 -8.44
N TYR A 31 -0.56 10.45 -9.55
CA TYR A 31 -0.66 9.64 -10.77
C TYR A 31 0.59 8.78 -10.96
N GLU A 32 1.47 8.82 -9.98
CA GLU A 32 2.69 8.03 -9.96
C GLU A 32 2.40 6.78 -9.09
N CYS A 33 1.21 6.80 -8.53
CA CYS A 33 0.76 5.78 -7.63
C CYS A 33 0.27 4.58 -8.42
N GLY A 34 0.73 3.41 -8.04
CA GLY A 34 0.35 2.21 -8.71
C GLY A 34 0.34 1.02 -7.78
N PRO A 35 1.51 0.56 -7.28
CA PRO A 35 1.60 -0.61 -6.43
C PRO A 35 1.27 -0.32 -4.97
N SER A 36 0.00 -0.39 -4.64
CA SER A 36 -0.49 -0.22 -3.30
C SER A 36 -1.84 -0.89 -3.13
N LEU A 37 -2.17 -1.11 -1.89
CA LEU A 37 -3.44 -1.66 -1.47
C LEU A 37 -4.56 -0.67 -1.71
N ASP A 38 -5.71 -1.19 -2.14
CA ASP A 38 -6.89 -0.36 -2.38
C ASP A 38 -7.63 -0.16 -1.09
N VAL A 39 -7.94 1.07 -0.81
CA VAL A 39 -8.65 1.46 0.39
C VAL A 39 -9.73 2.48 0.07
N CYS A 40 -10.54 2.79 1.03
CA CYS A 40 -11.61 3.71 0.84
C CYS A 40 -11.42 4.89 1.78
N ALA A 41 -11.38 6.06 1.22
CA ALA A 41 -11.14 7.24 2.00
C ALA A 41 -12.19 8.27 1.75
N GLN A 42 -12.39 9.12 2.71
CA GLN A 42 -13.36 10.16 2.60
C GLN A 42 -12.69 11.45 2.21
N ASP A 43 -13.13 11.96 1.11
CA ASP A 43 -12.72 13.22 0.58
C ASP A 43 -13.29 14.33 1.42
N GLU A 44 -12.43 15.06 2.12
CA GLU A 44 -12.87 16.14 3.01
C GLU A 44 -13.60 17.26 2.29
N ARG A 45 -13.35 17.39 1.00
CA ARG A 45 -13.94 18.44 0.20
C ARG A 45 -15.45 18.21 0.02
N SER A 46 -15.82 17.11 -0.56
CA SER A 46 -17.22 16.85 -0.82
C SER A 46 -17.84 15.86 0.18
N LYS A 47 -17.01 15.37 1.13
CA LYS A 47 -17.41 14.40 2.16
C LYS A 47 -17.86 13.07 1.55
N ARG A 48 -17.30 12.78 0.41
CA ARG A 48 -17.64 11.60 -0.37
C ARG A 48 -16.61 10.52 -0.12
N ILE A 49 -17.03 9.29 -0.05
CA ILE A 49 -16.09 8.21 0.12
C ILE A 49 -15.66 7.77 -1.26
N LEU A 50 -14.39 7.73 -1.50
CA LEU A 50 -13.90 7.34 -2.79
C LEU A 50 -12.76 6.32 -2.65
N PRO A 51 -12.60 5.45 -3.67
CA PRO A 51 -11.53 4.45 -3.70
C PRO A 51 -10.13 5.06 -3.99
N LEU A 52 -9.21 4.83 -3.09
CA LEU A 52 -7.84 5.30 -3.20
C LEU A 52 -6.91 4.17 -2.90
N THR A 53 -5.65 4.39 -3.06
CA THR A 53 -4.68 3.44 -2.65
C THR A 53 -3.86 4.02 -1.56
N VAL A 54 -3.08 3.17 -0.94
CA VAL A 54 -2.19 3.58 0.10
C VAL A 54 -1.23 4.65 -0.41
N CYS A 55 -0.59 4.38 -1.54
CA CYS A 55 0.32 5.30 -2.18
C CYS A 55 -0.36 6.62 -2.49
N LYS A 56 -1.53 6.54 -3.11
CA LYS A 56 -2.23 7.72 -3.59
C LYS A 56 -2.61 8.62 -2.44
N MET A 57 -3.23 8.02 -1.43
CA MET A 57 -3.63 8.72 -0.21
C MET A 57 -2.44 9.39 0.45
N HIS A 58 -1.33 8.66 0.61
CA HIS A 58 -0.15 9.22 1.31
C HIS A 58 0.43 10.38 0.55
N VAL A 59 0.60 10.20 -0.74
CA VAL A 59 1.13 11.23 -1.62
C VAL A 59 0.26 12.46 -1.57
N LEU A 60 -0.99 12.26 -1.86
CA LEU A 60 -1.98 13.29 -1.89
C LEU A 60 -2.11 13.99 -0.51
N HIS A 61 -1.95 13.21 0.55
CA HIS A 61 -2.01 13.72 1.92
C HIS A 61 -0.86 14.67 2.16
N CYS A 62 0.31 14.28 1.69
CA CYS A 62 1.51 15.06 1.88
C CYS A 62 1.59 16.23 0.93
N GLN A 63 0.85 16.16 -0.18
CA GLN A 63 0.75 17.27 -1.08
C GLN A 63 -0.22 18.35 -0.57
N GLY A 64 -0.86 18.08 0.57
CA GLY A 64 -1.70 19.09 1.20
C GLY A 64 -3.17 18.73 1.25
N ARG A 65 -3.52 17.57 0.78
CA ARG A 65 -4.93 17.17 0.76
C ARG A 65 -5.32 16.46 2.05
N ASN A 66 -6.57 16.60 2.44
CA ASN A 66 -7.07 15.96 3.65
C ASN A 66 -8.06 14.91 3.30
N TYR A 67 -7.80 13.72 3.77
CA TYR A 67 -8.68 12.61 3.59
C TYR A 67 -8.74 11.82 4.84
N THR A 68 -9.90 11.40 5.16
CA THR A 68 -10.15 10.62 6.32
C THR A 68 -10.28 9.15 5.92
N LEU A 69 -9.68 8.25 6.67
CA LEU A 69 -9.79 6.83 6.36
C LEU A 69 -11.11 6.28 6.82
N THR A 70 -11.77 5.59 5.95
CA THR A 70 -13.04 5.00 6.22
C THR A 70 -12.98 3.52 5.92
N GLY A 71 -14.07 2.82 6.15
CA GLY A 71 -14.09 1.40 5.91
C GLY A 71 -14.11 1.10 4.44
N ARG A 72 -13.71 -0.10 4.07
CA ARG A 72 -13.67 -0.47 2.64
C ARG A 72 -15.08 -0.67 2.10
N ASP A 73 -16.03 -0.72 3.00
CA ASP A 73 -17.40 -0.90 2.61
C ASP A 73 -18.07 0.44 2.34
N SER A 74 -17.41 1.50 2.73
CA SER A 74 -17.98 2.84 2.64
C SER A 74 -18.12 3.36 1.17
N CYS A 75 -17.44 2.73 0.23
CA CYS A 75 -17.60 3.06 -1.19
C CYS A 75 -17.41 1.81 -1.99
N THR A 76 -17.35 1.92 -3.28
CA THR A 76 -17.21 0.78 -4.11
C THR A 76 -15.75 0.59 -4.52
N LEU A 77 -15.16 -0.42 -4.00
CA LEU A 77 -13.81 -0.75 -4.30
C LEU A 77 -13.86 -1.78 -5.44
N PRO A 78 -12.86 -1.82 -6.34
CA PRO A 78 -12.86 -2.77 -7.44
C PRO A 78 -12.74 -4.24 -6.98
N ALA A 79 -12.66 -5.13 -7.96
CA ALA A 79 -12.72 -6.57 -7.76
C ALA A 79 -13.99 -6.94 -7.07
N SER A 80 -15.01 -6.92 -7.83
CA SER A 80 -16.32 -7.11 -7.33
C SER A 80 -16.88 -8.50 -7.62
N ALA A 81 -17.07 -8.84 -8.88
CA ALA A 81 -17.68 -10.11 -9.23
C ALA A 81 -16.83 -10.86 -10.23
N GLU A 82 -16.45 -12.08 -9.86
CA GLU A 82 -15.64 -13.01 -10.65
C GLU A 82 -14.29 -12.44 -11.07
N LYS A 83 -13.24 -13.00 -10.54
CA LYS A 83 -11.92 -12.46 -10.76
C LYS A 83 -11.10 -13.48 -11.54
N ALA A 84 -9.83 -13.15 -11.72
CA ALA A 84 -8.85 -14.01 -12.32
C ALA A 84 -7.47 -13.38 -12.10
N CYS A 85 -6.50 -13.95 -12.69
CA CYS A 85 -5.16 -13.44 -12.73
C CYS A 85 -4.74 -13.44 -14.18
N GLY A 86 -3.66 -12.75 -14.46
CA GLY A 86 -3.21 -12.50 -15.81
C GLY A 86 -3.19 -11.01 -15.96
N ALA A 87 -3.99 -10.40 -15.13
CA ALA A 87 -4.08 -9.00 -14.92
C ALA A 87 -4.69 -8.82 -13.55
N CYS A 88 -3.85 -8.52 -12.58
CA CYS A 88 -4.27 -8.31 -11.20
C CYS A 88 -3.04 -7.84 -10.39
N PRO A 89 -3.26 -7.09 -9.27
CA PRO A 89 -2.21 -6.58 -8.34
C PRO A 89 -0.97 -7.47 -8.08
N LEU A 90 0.15 -6.76 -7.93
CA LEU A 90 1.53 -7.24 -7.75
C LEU A 90 1.80 -8.37 -6.72
N TRP A 91 1.02 -8.46 -5.67
CA TRP A 91 1.26 -9.48 -4.63
C TRP A 91 0.56 -10.80 -4.94
N GLY A 92 -0.07 -10.85 -6.08
CA GLY A 92 -0.85 -12.01 -6.41
C GLY A 92 -2.23 -11.79 -5.87
N LYS A 93 -3.19 -11.84 -6.71
CA LYS A 93 -4.49 -11.37 -6.37
C LYS A 93 -5.54 -12.18 -7.09
N CYS A 94 -6.73 -11.95 -6.71
CA CYS A 94 -7.87 -12.41 -7.38
C CYS A 94 -8.57 -11.12 -7.77
N ASP A 95 -8.40 -10.69 -9.01
CA ASP A 95 -8.90 -9.38 -9.39
C ASP A 95 -9.20 -9.39 -10.88
N ALA A 96 -9.48 -8.21 -11.41
CA ALA A 96 -9.74 -7.91 -12.82
C ALA A 96 -10.28 -9.05 -13.70
N GLU A 97 -9.39 -9.74 -14.41
CA GLU A 97 -9.79 -10.73 -15.39
C GLU A 97 -8.57 -11.52 -15.90
N SER A 98 -8.84 -12.36 -16.93
CA SER A 98 -7.91 -13.25 -17.68
C SER A 98 -8.16 -14.77 -17.47
N SER A 99 -7.35 -15.47 -16.67
CA SER A 99 -7.52 -16.92 -16.56
C SER A 99 -8.09 -17.38 -15.22
N LYS A 100 -7.23 -17.60 -14.24
CA LYS A 100 -7.64 -18.07 -12.92
C LYS A 100 -6.98 -17.17 -11.92
N CYS A 101 -7.31 -17.27 -10.68
CA CYS A 101 -6.78 -16.36 -9.68
C CYS A 101 -5.62 -17.02 -8.97
N VAL A 102 -4.69 -16.21 -8.47
CA VAL A 102 -3.53 -16.76 -7.79
C VAL A 102 -2.88 -15.67 -6.97
N CYS A 103 -2.47 -16.03 -5.80
CA CYS A 103 -1.86 -15.11 -4.90
C CYS A 103 -0.49 -15.63 -4.49
N ARG A 104 0.37 -14.75 -4.07
CA ARG A 104 1.66 -15.17 -3.55
C ARG A 104 1.53 -15.31 -2.05
N GLU A 105 2.56 -15.79 -1.43
CA GLU A 105 2.62 -15.76 -0.01
C GLU A 105 3.43 -14.53 0.36
N ALA A 106 3.35 -14.12 1.60
CA ALA A 106 4.02 -12.90 2.05
C ALA A 106 5.53 -13.02 1.97
N SER A 107 6.00 -14.23 1.87
CA SER A 107 7.40 -14.51 1.78
C SER A 107 7.97 -14.14 0.38
N GLU A 108 7.08 -13.92 -0.58
CA GLU A 108 7.46 -13.52 -1.92
C GLU A 108 6.91 -12.12 -2.18
N CYS A 109 7.03 -11.27 -1.16
CA CYS A 109 6.64 -9.87 -1.22
C CYS A 109 7.38 -9.18 -2.37
N GLU A 110 8.72 -9.16 -2.26
CA GLU A 110 9.68 -8.70 -3.27
C GLU A 110 9.62 -7.21 -3.57
N GLU A 111 8.45 -6.71 -3.73
CA GLU A 111 8.24 -5.32 -3.99
C GLU A 111 8.10 -4.64 -2.63
N GLU A 112 8.45 -3.38 -2.58
CA GLU A 112 8.40 -2.68 -1.33
C GLU A 112 6.99 -2.22 -1.02
N GLY A 113 6.32 -1.65 -2.04
CA GLY A 113 5.03 -1.03 -1.83
C GLY A 113 5.13 -0.03 -0.70
N PHE A 114 4.12 0.08 0.07
CA PHE A 114 4.14 0.85 1.27
C PHE A 114 4.20 -0.04 2.48
N SER A 115 4.35 0.56 3.60
CA SER A 115 4.22 -0.14 4.84
C SER A 115 2.93 0.34 5.51
N ILE A 116 2.12 -0.58 5.97
CA ILE A 116 0.80 -0.25 6.52
C ILE A 116 0.59 -0.97 7.86
N CYS A 117 -0.27 -0.42 8.69
CA CYS A 117 -0.58 -1.03 9.96
C CYS A 117 -1.91 -1.79 9.82
N VAL A 118 -1.88 -3.05 10.14
CA VAL A 118 -3.03 -3.90 9.97
C VAL A 118 -3.34 -4.66 11.28
N GLU A 119 -4.61 -4.66 11.66
CA GLU A 119 -5.05 -5.30 12.87
C GLU A 119 -5.27 -6.77 12.61
N VAL A 120 -4.48 -7.58 13.23
CA VAL A 120 -4.55 -8.99 13.09
C VAL A 120 -4.48 -9.57 14.48
N ASN A 121 -5.42 -10.43 14.81
CA ASN A 121 -5.51 -11.08 16.13
C ASN A 121 -5.86 -10.07 17.20
N GLY A 122 -6.36 -8.94 16.78
CA GLY A 122 -6.70 -7.89 17.69
C GLY A 122 -5.58 -6.87 17.82
N LYS A 123 -4.38 -7.26 17.42
CA LYS A 123 -3.22 -6.41 17.53
C LYS A 123 -2.90 -5.77 16.20
N GLU A 124 -2.40 -4.58 16.22
CA GLU A 124 -2.09 -3.88 15.00
C GLU A 124 -0.63 -3.97 14.64
N GLN A 125 -0.31 -4.85 13.74
CA GLN A 125 1.05 -5.07 13.32
C GLN A 125 1.29 -4.36 11.99
N THR A 126 2.49 -3.94 11.76
CA THR A 126 2.84 -3.25 10.55
C THR A 126 3.52 -4.18 9.56
N MET A 127 3.00 -4.21 8.37
CA MET A 127 3.50 -5.11 7.35
C MET A 127 3.82 -4.31 6.11
N SER A 128 4.48 -4.95 5.20
CA SER A 128 4.73 -4.37 3.90
C SER A 128 3.49 -4.63 3.03
N GLU A 129 3.28 -3.78 2.03
CA GLU A 129 2.11 -3.79 1.15
C GLU A 129 1.79 -5.20 0.63
N CYS A 130 2.77 -5.80 -0.04
CA CYS A 130 2.61 -7.10 -0.65
C CYS A 130 2.31 -8.17 0.39
N GLU A 131 2.86 -8.00 1.58
CA GLU A 131 2.63 -8.92 2.68
C GLU A 131 1.18 -8.87 3.11
N ALA A 132 0.75 -7.73 3.65
CA ALA A 132 -0.62 -7.56 4.15
C ALA A 132 -1.66 -7.90 3.07
N GLY A 133 -1.34 -7.49 1.84
CA GLY A 133 -2.20 -7.74 0.71
C GLY A 133 -2.33 -9.20 0.38
N ALA A 134 -1.21 -9.91 0.36
CA ALA A 134 -1.21 -11.32 0.03
C ALA A 134 -1.90 -12.13 1.11
N LEU A 135 -1.81 -11.67 2.36
CA LEU A 135 -2.55 -12.31 3.44
C LEU A 135 -4.05 -12.25 3.17
N ARG A 136 -4.54 -11.10 2.68
CA ARG A 136 -5.97 -10.96 2.36
C ARG A 136 -6.35 -11.88 1.22
N CYS A 137 -5.46 -11.96 0.25
CA CYS A 137 -5.65 -12.77 -0.92
C CYS A 137 -5.68 -14.27 -0.63
N ARG A 138 -4.91 -14.69 0.36
CA ARG A 138 -4.86 -16.10 0.68
C ARG A 138 -5.98 -16.52 1.63
N GLY A 139 -6.74 -15.57 2.12
CA GLY A 139 -7.82 -15.92 2.99
C GLY A 139 -7.54 -15.67 4.44
N GLN A 140 -6.32 -15.25 4.76
CA GLN A 140 -5.96 -14.93 6.14
C GLN A 140 -6.80 -13.75 6.64
N SER A 141 -7.15 -13.77 7.89
CA SER A 141 -7.91 -12.70 8.45
C SER A 141 -6.99 -11.67 9.10
N ILE A 142 -6.90 -10.55 8.45
CA ILE A 142 -6.14 -9.39 8.84
C ILE A 142 -7.02 -8.20 8.49
N SER A 143 -7.06 -7.24 9.31
CA SER A 143 -7.90 -6.11 9.10
C SER A 143 -7.07 -4.85 8.94
N VAL A 144 -6.91 -4.40 7.71
CA VAL A 144 -6.15 -3.17 7.46
C VAL A 144 -6.91 -2.00 8.06
N THR A 145 -6.38 -1.48 9.13
CA THR A 145 -7.03 -0.45 9.87
C THR A 145 -6.46 0.92 9.55
N SER A 146 -5.20 0.93 9.19
CA SER A 146 -4.52 2.16 8.93
C SER A 146 -3.63 2.00 7.73
N ILE A 147 -3.59 2.99 6.88
CA ILE A 147 -2.73 2.93 5.72
C ILE A 147 -1.36 3.48 6.05
N ARG A 148 -1.25 4.00 7.24
CA ARG A 148 0.00 4.49 7.74
C ARG A 148 0.68 3.35 8.47
N PRO A 149 2.00 3.22 8.36
CA PRO A 149 2.72 2.18 9.05
C PRO A 149 2.82 2.48 10.54
N CYS A 150 2.75 1.48 11.37
CA CYS A 150 2.92 1.70 12.75
C CYS A 150 4.30 1.21 13.20
N ALA A 151 4.60 1.29 14.47
CA ALA A 151 5.90 0.86 14.96
C ALA A 151 5.84 -0.55 15.51
N ALA A 152 4.73 -1.20 15.30
CA ALA A 152 4.56 -2.54 15.76
C ALA A 152 5.15 -3.51 14.76
N GLU A 153 6.43 -3.74 14.92
CA GLU A 153 7.19 -4.65 14.09
C GLU A 153 7.59 -5.82 14.96
N THR A 154 6.76 -6.10 15.94
CA THR A 154 6.97 -7.11 16.96
C THR A 154 8.03 -6.63 17.96
N GLN A 155 7.54 -6.03 19.00
CA GLN A 155 8.33 -5.52 20.07
C GLN A 155 7.60 -5.85 21.35
N GLY A 1 25.21 9.35 -8.71
CA GLY A 1 26.47 9.79 -9.32
C GLY A 1 26.87 8.91 -10.46
N SER A 2 26.04 8.88 -11.48
CA SER A 2 26.28 8.03 -12.60
C SER A 2 26.98 8.76 -13.75
N HIS A 3 28.26 8.50 -13.90
CA HIS A 3 29.06 8.99 -15.01
C HIS A 3 29.99 7.88 -15.43
N MET A 4 30.92 7.57 -14.57
CA MET A 4 31.83 6.46 -14.80
C MET A 4 31.22 5.22 -14.20
N ASN A 5 30.68 5.40 -13.02
CA ASN A 5 29.99 4.35 -12.31
C ASN A 5 28.50 4.62 -12.41
N PRO A 6 27.72 3.68 -12.93
CA PRO A 6 26.28 3.83 -13.04
C PRO A 6 25.54 3.20 -11.84
N LEU A 7 26.28 2.60 -10.95
CA LEU A 7 25.70 1.91 -9.82
C LEU A 7 25.78 2.79 -8.57
N THR A 8 25.12 2.38 -7.51
CA THR A 8 25.12 3.17 -6.30
C THR A 8 25.49 2.31 -5.06
N GLN A 9 24.90 1.09 -4.97
CA GLN A 9 25.12 0.16 -3.84
C GLN A 9 24.64 0.74 -2.52
N ALA A 10 23.61 1.53 -2.57
CA ALA A 10 23.08 2.18 -1.39
C ALA A 10 21.57 2.17 -1.42
N VAL A 11 20.98 2.16 -0.27
CA VAL A 11 19.55 2.26 -0.15
C VAL A 11 19.19 3.74 -0.04
N PRO A 12 18.39 4.28 -0.98
CA PRO A 12 17.99 5.67 -0.93
C PRO A 12 16.98 5.94 0.15
N LYS A 13 17.18 7.00 0.89
CA LYS A 13 16.30 7.34 1.98
C LYS A 13 15.17 8.25 1.53
N CYS A 14 14.38 7.72 0.65
CA CYS A 14 13.20 8.39 0.23
C CYS A 14 12.10 7.68 0.92
N GLN A 15 11.08 8.38 1.33
CA GLN A 15 9.96 7.73 1.92
C GLN A 15 9.20 7.01 0.83
N ARG A 16 8.24 6.25 1.17
CA ARG A 16 7.61 5.39 0.18
C ARG A 16 6.63 6.14 -0.73
N TRP A 17 6.32 7.36 -0.35
CA TRP A 17 5.53 8.27 -1.17
C TRP A 17 6.47 9.19 -1.95
N GLU A 18 7.76 8.92 -1.83
CA GLU A 18 8.78 9.70 -2.46
C GLU A 18 9.53 8.87 -3.48
N LYS A 19 10.27 9.55 -4.30
CA LYS A 19 11.06 8.94 -5.33
C LYS A 19 12.36 9.70 -5.46
N LEU A 20 13.39 9.02 -5.89
CA LEU A 20 14.68 9.61 -6.05
C LEU A 20 14.86 10.05 -7.49
N GLN A 21 15.03 11.32 -7.70
CA GLN A 21 15.33 11.86 -9.00
C GLN A 21 16.17 13.06 -8.78
N ASN A 22 17.12 13.32 -9.66
CA ASN A 22 18.01 14.49 -9.55
C ASN A 22 18.87 14.36 -8.29
N SER A 23 18.98 13.09 -7.83
CA SER A 23 19.72 12.71 -6.63
C SER A 23 19.10 13.30 -5.34
N ARG A 24 17.86 13.74 -5.44
CA ARG A 24 17.15 14.28 -4.32
C ARG A 24 15.87 13.49 -4.14
N CYS A 25 15.28 13.59 -3.00
CA CYS A 25 14.09 12.87 -2.72
C CYS A 25 12.90 13.80 -2.88
N VAL A 26 12.06 13.50 -3.83
CA VAL A 26 10.88 14.30 -4.10
C VAL A 26 9.67 13.45 -3.89
N CYS A 27 8.52 14.04 -3.85
CA CYS A 27 7.31 13.29 -3.65
C CYS A 27 6.82 12.88 -5.01
N LYS A 28 6.28 11.70 -5.12
CA LYS A 28 5.84 11.23 -6.39
C LYS A 28 4.47 11.82 -6.72
N MET A 29 3.96 11.43 -7.82
CA MET A 29 2.69 11.91 -8.29
C MET A 29 1.64 10.83 -8.08
N PRO A 30 0.36 11.20 -7.82
CA PRO A 30 -0.72 10.24 -7.50
C PRO A 30 -1.08 9.30 -8.66
N TYR A 31 -0.52 9.54 -9.82
CA TYR A 31 -0.78 8.69 -10.97
C TYR A 31 0.38 7.74 -11.20
N GLU A 32 1.35 7.82 -10.34
CA GLU A 32 2.48 6.89 -10.36
C GLU A 32 2.17 5.75 -9.39
N CYS A 33 1.07 5.93 -8.69
CA CYS A 33 0.59 4.98 -7.73
C CYS A 33 -0.02 3.79 -8.46
N GLY A 34 0.53 2.64 -8.21
CA GLY A 34 0.05 1.43 -8.84
C GLY A 34 0.01 0.29 -7.84
N PRO A 35 1.15 -0.12 -7.29
CA PRO A 35 1.18 -1.16 -6.27
C PRO A 35 0.73 -0.58 -4.92
N SER A 36 -0.44 -1.02 -4.43
CA SER A 36 -0.98 -0.47 -3.20
C SER A 36 -2.22 -1.26 -2.75
N LEU A 37 -2.53 -1.15 -1.45
CA LEU A 37 -3.76 -1.69 -0.90
C LEU A 37 -4.92 -0.77 -1.14
N ASP A 38 -5.99 -1.33 -1.63
CA ASP A 38 -7.23 -0.59 -1.86
C ASP A 38 -7.88 -0.32 -0.52
N VAL A 39 -8.17 0.93 -0.23
CA VAL A 39 -8.75 1.33 1.04
C VAL A 39 -9.90 2.32 0.86
N CYS A 40 -10.60 2.60 1.93
CA CYS A 40 -11.71 3.54 1.90
C CYS A 40 -11.28 4.82 2.57
N ALA A 41 -11.58 5.93 1.96
CA ALA A 41 -11.24 7.19 2.53
C ALA A 41 -12.32 8.19 2.31
N GLN A 42 -12.30 9.21 3.10
CA GLN A 42 -13.22 10.28 2.98
C GLN A 42 -12.47 11.53 2.57
N ASP A 43 -12.97 12.18 1.57
CA ASP A 43 -12.42 13.43 1.06
C ASP A 43 -12.72 14.54 2.09
N GLU A 44 -11.82 15.46 2.28
CA GLU A 44 -12.05 16.54 3.26
C GLU A 44 -12.66 17.77 2.67
N ARG A 45 -12.70 17.85 1.38
CA ARG A 45 -13.27 18.99 0.73
C ARG A 45 -14.63 18.63 0.18
N SER A 46 -14.71 17.45 -0.37
CA SER A 46 -15.93 16.95 -0.95
C SER A 46 -16.73 16.18 0.12
N LYS A 47 -16.01 15.69 1.14
CA LYS A 47 -16.59 14.92 2.27
C LYS A 47 -17.26 13.62 1.85
N ARG A 48 -16.90 13.14 0.68
CA ARG A 48 -17.48 11.90 0.18
C ARG A 48 -16.58 10.76 0.54
N ILE A 49 -17.14 9.59 0.54
CA ILE A 49 -16.40 8.40 0.73
C ILE A 49 -15.97 7.90 -0.63
N LEU A 50 -14.71 7.76 -0.85
CA LEU A 50 -14.22 7.28 -2.10
C LEU A 50 -13.16 6.19 -1.88
N PRO A 51 -13.07 5.26 -2.82
CA PRO A 51 -12.04 4.24 -2.80
C PRO A 51 -10.70 4.86 -3.20
N LEU A 52 -9.70 4.59 -2.41
CA LEU A 52 -8.37 5.05 -2.68
C LEU A 52 -7.43 3.93 -2.46
N THR A 53 -6.21 4.19 -2.67
CA THR A 53 -5.19 3.26 -2.38
C THR A 53 -4.23 3.90 -1.42
N VAL A 54 -3.60 3.10 -0.60
CA VAL A 54 -2.68 3.57 0.40
C VAL A 54 -1.53 4.43 -0.15
N CYS A 55 -1.02 4.05 -1.29
CA CYS A 55 0.01 4.79 -1.97
C CYS A 55 -0.52 6.13 -2.39
N LYS A 56 -1.69 6.10 -3.01
CA LYS A 56 -2.32 7.29 -3.56
C LYS A 56 -2.63 8.27 -2.45
N MET A 57 -3.23 7.76 -1.38
CA MET A 57 -3.53 8.53 -0.18
C MET A 57 -2.25 9.14 0.43
N HIS A 58 -1.18 8.36 0.49
CA HIS A 58 0.07 8.85 1.08
C HIS A 58 0.68 9.96 0.23
N VAL A 59 0.62 9.76 -1.06
CA VAL A 59 1.14 10.71 -2.02
C VAL A 59 0.29 11.98 -2.07
N LEU A 60 -1.01 11.83 -2.17
CA LEU A 60 -1.85 13.02 -2.18
C LEU A 60 -1.74 13.77 -0.86
N HIS A 61 -1.53 13.03 0.22
CA HIS A 61 -1.37 13.62 1.54
C HIS A 61 -0.10 14.45 1.58
N CYS A 62 1.01 13.93 1.03
CA CYS A 62 2.26 14.67 1.04
C CYS A 62 2.22 15.83 0.06
N GLN A 63 1.38 15.72 -0.99
CA GLN A 63 1.21 16.83 -1.91
C GLN A 63 0.38 17.96 -1.29
N GLY A 64 -0.30 17.66 -0.19
CA GLY A 64 -1.05 18.68 0.51
C GLY A 64 -2.55 18.44 0.55
N ARG A 65 -2.99 17.29 0.10
CA ARG A 65 -4.41 16.98 0.09
C ARG A 65 -4.83 16.34 1.40
N ASN A 66 -5.88 16.86 1.99
CA ASN A 66 -6.40 16.32 3.24
C ASN A 66 -7.46 15.28 2.97
N TYR A 67 -7.29 14.12 3.53
CA TYR A 67 -8.24 13.03 3.44
C TYR A 67 -8.27 12.29 4.74
N THR A 68 -9.43 11.85 5.11
CA THR A 68 -9.65 11.14 6.32
C THR A 68 -9.87 9.68 5.95
N LEU A 69 -9.52 8.76 6.81
CA LEU A 69 -9.81 7.39 6.52
C LEU A 69 -11.04 6.95 7.20
N THR A 70 -11.74 6.12 6.51
CA THR A 70 -12.96 5.56 6.97
C THR A 70 -12.83 4.04 6.90
N GLY A 71 -13.93 3.34 6.96
CA GLY A 71 -13.88 1.91 6.93
C GLY A 71 -14.46 1.37 5.66
N ARG A 72 -14.06 0.16 5.30
CA ARG A 72 -14.46 -0.53 4.03
C ARG A 72 -15.98 -0.58 3.82
N ASP A 73 -16.74 -0.45 4.90
CA ASP A 73 -18.20 -0.56 4.85
C ASP A 73 -18.82 0.61 4.09
N SER A 74 -18.16 1.74 4.12
CA SER A 74 -18.72 2.94 3.52
C SER A 74 -18.47 3.04 2.01
N CYS A 75 -17.44 2.38 1.50
CA CYS A 75 -17.14 2.47 0.08
C CYS A 75 -17.47 1.17 -0.64
N THR A 76 -17.30 1.18 -1.93
CA THR A 76 -17.33 0.01 -2.73
C THR A 76 -15.91 -0.19 -3.20
N LEU A 77 -15.25 -1.19 -2.69
CA LEU A 77 -13.86 -1.37 -2.97
C LEU A 77 -13.68 -2.27 -4.20
N PRO A 78 -12.86 -1.84 -5.18
CA PRO A 78 -12.63 -2.59 -6.42
C PRO A 78 -11.90 -3.91 -6.19
N ALA A 79 -10.94 -3.89 -5.30
CA ALA A 79 -10.21 -5.07 -4.97
C ALA A 79 -10.11 -5.22 -3.49
N SER A 80 -10.48 -6.37 -3.03
CA SER A 80 -10.39 -6.71 -1.64
C SER A 80 -9.79 -8.12 -1.50
N ALA A 81 -9.53 -8.74 -2.64
CA ALA A 81 -9.02 -10.09 -2.69
C ALA A 81 -8.25 -10.29 -3.98
N GLU A 82 -7.96 -11.54 -4.32
CA GLU A 82 -7.21 -11.90 -5.50
C GLU A 82 -8.01 -11.62 -6.78
N LYS A 83 -7.30 -11.36 -7.84
CA LYS A 83 -7.89 -10.97 -9.11
C LYS A 83 -7.96 -12.17 -10.06
N ALA A 84 -8.47 -11.94 -11.25
CA ALA A 84 -8.59 -12.97 -12.26
C ALA A 84 -7.39 -12.93 -13.21
N CYS A 85 -7.31 -13.90 -14.12
CA CYS A 85 -6.19 -13.96 -15.06
C CYS A 85 -6.22 -12.73 -15.96
N GLY A 86 -5.13 -12.00 -15.97
CA GLY A 86 -5.05 -10.81 -16.76
C GLY A 86 -5.00 -9.59 -15.89
N ALA A 87 -5.42 -9.74 -14.67
CA ALA A 87 -5.40 -8.67 -13.71
C ALA A 87 -4.52 -9.10 -12.57
N CYS A 88 -3.36 -8.54 -12.51
CA CYS A 88 -2.43 -8.93 -11.50
C CYS A 88 -1.91 -7.71 -10.75
N PRO A 89 -2.08 -7.67 -9.43
CA PRO A 89 -1.42 -6.68 -8.60
C PRO A 89 0.01 -7.13 -8.32
N LEU A 90 0.77 -6.32 -7.60
CA LEU A 90 2.16 -6.65 -7.22
C LEU A 90 2.28 -8.04 -6.55
N TRP A 91 1.30 -8.36 -5.72
CA TRP A 91 1.27 -9.62 -4.98
C TRP A 91 0.54 -10.74 -5.74
N GLY A 92 0.16 -10.47 -6.96
CA GLY A 92 -0.54 -11.46 -7.73
C GLY A 92 0.12 -11.67 -9.06
N LYS A 93 0.03 -12.84 -9.58
CA LYS A 93 0.64 -13.13 -10.83
C LYS A 93 -0.06 -14.33 -11.46
N CYS A 94 -0.22 -14.33 -12.74
CA CYS A 94 -0.73 -15.50 -13.40
C CYS A 94 0.48 -16.32 -13.83
N ASP A 95 0.81 -17.31 -13.04
CA ASP A 95 1.98 -18.12 -13.32
C ASP A 95 1.67 -19.24 -14.25
N ALA A 96 2.18 -19.11 -15.45
CA ALA A 96 2.11 -20.11 -16.52
C ALA A 96 0.72 -20.26 -17.14
N GLU A 97 -0.22 -20.71 -16.35
CA GLU A 97 -1.53 -21.02 -16.84
C GLU A 97 -2.60 -20.73 -15.78
N SER A 98 -3.80 -21.31 -15.99
CA SER A 98 -5.01 -21.15 -15.16
C SER A 98 -5.77 -19.87 -15.54
N SER A 99 -7.06 -19.86 -15.26
CA SER A 99 -7.93 -18.74 -15.60
C SER A 99 -8.00 -17.76 -14.42
N LYS A 100 -7.04 -17.88 -13.53
CA LYS A 100 -7.01 -17.09 -12.35
C LYS A 100 -5.67 -16.40 -12.24
N CYS A 101 -5.59 -15.53 -11.29
CA CYS A 101 -4.37 -14.92 -10.90
C CYS A 101 -4.04 -15.54 -9.58
N VAL A 102 -2.82 -15.93 -9.36
CA VAL A 102 -2.48 -16.56 -8.13
C VAL A 102 -1.76 -15.55 -7.26
N CYS A 103 -1.92 -15.65 -5.99
CA CYS A 103 -1.30 -14.74 -5.09
C CYS A 103 -0.03 -15.31 -4.54
N ARG A 104 1.00 -14.54 -4.62
CA ARG A 104 2.29 -14.93 -4.14
C ARG A 104 2.40 -14.46 -2.71
N GLU A 105 3.27 -15.07 -1.95
CA GLU A 105 3.40 -14.69 -0.55
C GLU A 105 4.20 -13.39 -0.41
N ALA A 106 4.31 -12.91 0.81
CA ALA A 106 4.94 -11.64 1.10
C ALA A 106 6.39 -11.62 0.70
N SER A 107 7.03 -12.74 0.91
CA SER A 107 8.42 -12.91 0.63
C SER A 107 8.71 -12.97 -0.89
N GLU A 108 7.67 -13.17 -1.67
CA GLU A 108 7.82 -13.32 -3.12
C GLU A 108 7.49 -12.01 -3.82
N CYS A 109 7.07 -11.03 -3.07
CA CYS A 109 6.73 -9.75 -3.63
C CYS A 109 7.87 -8.78 -3.40
N GLU A 110 8.69 -8.63 -4.42
CA GLU A 110 9.89 -7.81 -4.38
C GLU A 110 9.60 -6.36 -4.79
N GLU A 111 8.40 -5.92 -4.53
CA GLU A 111 8.03 -4.58 -4.83
C GLU A 111 8.43 -3.67 -3.69
N GLU A 112 8.03 -4.08 -2.50
CA GLU A 112 8.21 -3.33 -1.27
C GLU A 112 7.48 -2.01 -1.30
N GLY A 113 6.26 -2.07 -0.89
CA GLY A 113 5.43 -0.92 -0.80
C GLY A 113 5.47 -0.32 0.58
N PHE A 114 4.36 0.19 1.01
CA PHE A 114 4.24 0.84 2.31
C PHE A 114 4.12 -0.13 3.46
N SER A 115 3.99 0.43 4.62
CA SER A 115 3.76 -0.29 5.83
C SER A 115 2.47 0.27 6.44
N ILE A 116 1.54 -0.60 6.77
CA ILE A 116 0.23 -0.18 7.24
C ILE A 116 -0.17 -0.90 8.51
N CYS A 117 -1.21 -0.42 9.13
CA CYS A 117 -1.74 -1.00 10.33
C CYS A 117 -2.99 -1.79 9.99
N VAL A 118 -2.92 -3.06 10.17
CA VAL A 118 -4.03 -3.91 9.90
C VAL A 118 -4.37 -4.73 11.14
N GLU A 119 -5.63 -4.98 11.38
CA GLU A 119 -6.04 -5.76 12.48
C GLU A 119 -6.13 -7.23 12.07
N VAL A 120 -5.16 -7.99 12.49
CA VAL A 120 -5.11 -9.37 12.29
C VAL A 120 -5.02 -9.99 13.67
N ASN A 121 -5.58 -11.15 13.83
CA ASN A 121 -5.49 -11.91 15.09
C ASN A 121 -6.25 -11.25 16.24
N GLY A 122 -6.96 -10.17 15.96
CA GLY A 122 -7.62 -9.41 17.01
C GLY A 122 -6.69 -8.33 17.54
N LYS A 123 -5.56 -8.21 16.90
CA LYS A 123 -4.55 -7.24 17.24
C LYS A 123 -4.32 -6.35 16.05
N GLU A 124 -3.75 -5.23 16.25
CA GLU A 124 -3.37 -4.39 15.15
C GLU A 124 -1.89 -4.51 14.99
N GLN A 125 -1.47 -4.75 13.78
CA GLN A 125 -0.10 -5.04 13.49
C GLN A 125 0.33 -4.32 12.21
N THR A 126 1.56 -3.92 12.18
CA THR A 126 2.12 -3.27 11.02
C THR A 126 2.79 -4.28 10.15
N MET A 127 2.33 -4.37 8.98
CA MET A 127 2.91 -5.23 8.01
C MET A 127 3.14 -4.47 6.75
N SER A 128 3.81 -5.08 5.83
CA SER A 128 4.12 -4.45 4.59
C SER A 128 2.93 -4.56 3.65
N GLU A 129 2.83 -3.59 2.76
CA GLU A 129 1.77 -3.49 1.76
C GLU A 129 1.69 -4.79 0.98
N CYS A 130 2.86 -5.29 0.59
CA CYS A 130 3.00 -6.54 -0.14
C CYS A 130 2.39 -7.72 0.64
N GLU A 131 2.57 -7.69 1.95
CA GLU A 131 2.13 -8.76 2.81
C GLU A 131 0.64 -8.69 3.04
N ALA A 132 0.17 -7.54 3.53
CA ALA A 132 -1.24 -7.34 3.82
C ALA A 132 -2.10 -7.63 2.57
N GLY A 133 -1.58 -7.23 1.42
CA GLY A 133 -2.27 -7.47 0.18
C GLY A 133 -2.35 -8.91 -0.19
N ALA A 134 -1.23 -9.61 -0.06
CA ALA A 134 -1.18 -11.03 -0.36
C ALA A 134 -2.08 -11.80 0.59
N LEU A 135 -2.18 -11.32 1.82
CA LEU A 135 -3.05 -11.90 2.80
C LEU A 135 -4.50 -11.82 2.34
N ARG A 136 -4.92 -10.62 1.86
CA ARG A 136 -6.31 -10.42 1.34
C ARG A 136 -6.56 -11.43 0.25
N CYS A 137 -5.58 -11.57 -0.58
CA CYS A 137 -5.64 -12.41 -1.71
C CYS A 137 -5.71 -13.90 -1.39
N ARG A 138 -4.85 -14.38 -0.49
CA ARG A 138 -4.79 -15.83 -0.23
C ARG A 138 -6.00 -16.33 0.55
N GLY A 139 -6.67 -15.45 1.24
CA GLY A 139 -7.80 -15.89 2.01
C GLY A 139 -7.67 -15.53 3.45
N GLN A 140 -6.51 -15.02 3.82
CA GLN A 140 -6.28 -14.56 5.18
C GLN A 140 -7.21 -13.40 5.47
N SER A 141 -7.99 -13.54 6.51
CA SER A 141 -8.91 -12.53 6.90
C SER A 141 -8.18 -11.46 7.71
N ILE A 142 -8.19 -10.27 7.19
CA ILE A 142 -7.50 -9.15 7.77
C ILE A 142 -8.43 -7.95 7.74
N SER A 143 -8.25 -7.05 8.64
CA SER A 143 -9.05 -5.87 8.71
C SER A 143 -8.17 -4.62 8.66
N VAL A 144 -8.08 -3.98 7.52
CA VAL A 144 -7.25 -2.78 7.41
C VAL A 144 -7.89 -1.61 8.17
N THR A 145 -7.26 -1.24 9.26
CA THR A 145 -7.75 -0.19 10.10
C THR A 145 -7.19 1.17 9.67
N SER A 146 -5.95 1.17 9.23
CA SER A 146 -5.32 2.40 8.83
C SER A 146 -4.20 2.14 7.82
N ILE A 147 -3.87 3.16 7.07
CA ILE A 147 -2.82 3.12 6.08
C ILE A 147 -1.53 3.68 6.66
N ARG A 148 -1.58 3.97 7.94
CA ARG A 148 -0.44 4.41 8.68
C ARG A 148 0.13 3.21 9.39
N PRO A 149 1.45 3.09 9.52
CA PRO A 149 2.05 2.01 10.27
C PRO A 149 1.80 2.23 11.76
N CYS A 150 1.57 1.19 12.50
CA CYS A 150 1.35 1.36 13.90
C CYS A 150 2.65 1.10 14.65
N ALA A 151 2.66 1.27 15.94
CA ALA A 151 3.85 0.98 16.73
C ALA A 151 3.94 -0.52 17.01
N ALA A 152 2.89 -1.21 16.65
CA ALA A 152 2.83 -2.64 16.80
C ALA A 152 3.60 -3.33 15.70
N GLU A 153 4.86 -3.49 15.93
CA GLU A 153 5.76 -4.19 15.03
C GLU A 153 6.35 -5.41 15.73
N THR A 154 6.36 -5.34 17.04
CA THR A 154 6.89 -6.38 17.90
C THR A 154 5.86 -6.65 19.00
N GLN A 155 4.64 -6.28 18.71
CA GLN A 155 3.58 -6.36 19.68
C GLN A 155 2.54 -7.32 19.18
N GLY A 1 20.42 18.15 -12.03
CA GLY A 1 21.57 17.32 -12.37
C GLY A 1 21.12 15.93 -12.72
N SER A 2 21.24 15.57 -13.96
CA SER A 2 20.75 14.32 -14.45
C SER A 2 21.59 13.14 -13.96
N HIS A 3 20.94 12.20 -13.32
CA HIS A 3 21.58 10.96 -12.92
C HIS A 3 20.86 9.85 -13.62
N MET A 4 21.60 9.04 -14.36
CA MET A 4 21.00 7.96 -15.09
C MET A 4 20.88 6.71 -14.22
N ASN A 5 21.60 6.71 -13.14
CA ASN A 5 21.56 5.60 -12.20
C ASN A 5 20.85 6.05 -10.94
N PRO A 6 19.76 5.32 -10.54
CA PRO A 6 19.02 5.63 -9.32
C PRO A 6 19.92 5.64 -8.09
N LEU A 7 20.69 4.59 -7.93
CA LEU A 7 21.62 4.51 -6.85
C LEU A 7 23.01 4.71 -7.42
N THR A 8 23.66 5.73 -6.97
CA THR A 8 24.96 6.12 -7.40
C THR A 8 25.60 6.76 -6.17
N GLN A 9 26.60 7.62 -6.33
CA GLN A 9 27.18 8.33 -5.18
C GLN A 9 26.26 9.47 -4.75
N ALA A 10 25.11 9.07 -4.29
CA ALA A 10 24.03 9.88 -3.83
C ALA A 10 22.98 8.91 -3.36
N VAL A 11 22.64 8.96 -2.10
CA VAL A 11 21.74 7.99 -1.55
C VAL A 11 20.36 8.60 -1.31
N PRO A 12 19.29 7.96 -1.83
CA PRO A 12 17.95 8.41 -1.58
C PRO A 12 17.60 8.30 -0.10
N LYS A 13 17.12 9.38 0.42
CA LYS A 13 16.74 9.50 1.82
C LYS A 13 15.29 9.92 1.83
N CYS A 14 14.61 9.49 0.82
CA CYS A 14 13.26 9.87 0.56
C CYS A 14 12.39 8.71 0.94
N GLN A 15 11.20 8.99 1.37
CA GLN A 15 10.34 7.93 1.81
C GLN A 15 9.59 7.31 0.63
N ARG A 16 8.71 6.37 0.94
CA ARG A 16 8.00 5.60 -0.09
C ARG A 16 7.00 6.44 -0.89
N TRP A 17 6.66 7.57 -0.37
CA TRP A 17 5.75 8.46 -1.06
C TRP A 17 6.55 9.55 -1.78
N GLU A 18 7.86 9.42 -1.76
CA GLU A 18 8.76 10.39 -2.31
C GLU A 18 9.70 9.76 -3.35
N LYS A 19 10.53 10.59 -3.94
CA LYS A 19 11.59 10.22 -4.87
C LYS A 19 12.76 11.17 -4.62
N LEU A 20 13.88 10.91 -5.27
CA LEU A 20 15.09 11.70 -5.07
C LEU A 20 15.48 12.45 -6.32
N GLN A 21 15.42 13.75 -6.25
CA GLN A 21 15.92 14.61 -7.30
C GLN A 21 16.41 15.87 -6.66
N ASN A 22 17.38 16.51 -7.27
CA ASN A 22 17.91 17.81 -6.80
C ASN A 22 18.45 17.68 -5.37
N SER A 23 18.93 16.48 -5.05
CA SER A 23 19.51 16.13 -3.75
C SER A 23 18.48 16.22 -2.60
N ARG A 24 17.20 16.30 -2.94
CA ARG A 24 16.19 16.40 -1.92
C ARG A 24 15.17 15.30 -2.11
N CYS A 25 14.22 15.28 -1.23
CA CYS A 25 13.14 14.36 -1.28
C CYS A 25 11.98 15.10 -1.89
N VAL A 26 11.45 14.59 -2.94
CA VAL A 26 10.29 15.19 -3.58
C VAL A 26 9.17 14.20 -3.57
N CYS A 27 7.98 14.66 -3.65
CA CYS A 27 6.85 13.75 -3.61
C CYS A 27 6.55 13.28 -5.02
N LYS A 28 6.27 12.00 -5.18
CA LYS A 28 6.01 11.43 -6.51
C LYS A 28 4.64 11.87 -7.07
N MET A 29 4.24 11.31 -8.19
CA MET A 29 2.99 11.69 -8.83
C MET A 29 1.88 10.76 -8.36
N PRO A 30 0.81 11.27 -7.71
CA PRO A 30 -0.25 10.43 -7.10
C PRO A 30 -1.00 9.60 -8.14
N TYR A 31 -1.02 10.07 -9.36
CA TYR A 31 -1.72 9.42 -10.45
C TYR A 31 -0.87 8.31 -11.06
N GLU A 32 0.37 8.23 -10.62
CA GLU A 32 1.30 7.22 -11.06
C GLU A 32 1.40 6.13 -10.01
N CYS A 33 0.67 6.34 -8.95
CA CYS A 33 0.68 5.46 -7.83
C CYS A 33 -0.33 4.34 -8.02
N GLY A 34 0.12 3.27 -8.61
CA GLY A 34 -0.74 2.14 -8.84
C GLY A 34 -0.61 1.07 -7.76
N PRO A 35 0.46 0.24 -7.82
CA PRO A 35 0.68 -0.87 -6.87
C PRO A 35 0.68 -0.46 -5.39
N SER A 36 -0.44 -0.75 -4.72
CA SER A 36 -0.63 -0.52 -3.32
C SER A 36 -1.93 -1.16 -2.88
N LEU A 37 -2.20 -1.13 -1.60
CA LEU A 37 -3.44 -1.65 -1.04
C LEU A 37 -4.59 -0.74 -1.32
N ASP A 38 -5.64 -1.27 -1.89
CA ASP A 38 -6.83 -0.49 -2.13
C ASP A 38 -7.58 -0.31 -0.84
N VAL A 39 -7.83 0.92 -0.51
CA VAL A 39 -8.44 1.29 0.76
C VAL A 39 -9.52 2.33 0.55
N CYS A 40 -10.41 2.45 1.48
CA CYS A 40 -11.47 3.43 1.38
C CYS A 40 -11.13 4.62 2.25
N ALA A 41 -11.18 5.79 1.68
CA ALA A 41 -10.82 6.98 2.39
C ALA A 41 -11.87 8.03 2.20
N GLN A 42 -11.88 9.02 3.03
CA GLN A 42 -12.83 10.07 2.91
C GLN A 42 -12.16 11.33 2.43
N ASP A 43 -12.69 11.85 1.37
CA ASP A 43 -12.23 13.08 0.75
C ASP A 43 -12.63 14.24 1.62
N GLU A 44 -11.69 15.03 2.06
CA GLU A 44 -12.01 16.13 2.97
C GLU A 44 -12.62 17.34 2.29
N ARG A 45 -12.76 17.31 1.00
CA ARG A 45 -13.34 18.42 0.30
C ARG A 45 -14.84 18.21 0.10
N SER A 46 -15.21 17.05 -0.34
CA SER A 46 -16.62 16.76 -0.58
C SER A 46 -17.18 15.83 0.51
N LYS A 47 -16.28 15.37 1.40
CA LYS A 47 -16.59 14.46 2.52
C LYS A 47 -17.16 13.12 2.04
N ARG A 48 -16.77 12.73 0.85
CA ARG A 48 -17.24 11.49 0.26
C ARG A 48 -16.25 10.37 0.54
N ILE A 49 -16.74 9.17 0.63
CA ILE A 49 -15.90 8.03 0.80
C ILE A 49 -15.52 7.53 -0.58
N LEU A 50 -14.27 7.56 -0.89
CA LEU A 50 -13.82 7.09 -2.16
C LEU A 50 -12.96 5.83 -2.02
N PRO A 51 -12.96 4.99 -3.01
CA PRO A 51 -12.02 3.92 -3.07
C PRO A 51 -10.67 4.42 -3.63
N LEU A 52 -9.70 4.46 -2.79
CA LEU A 52 -8.38 4.89 -3.15
C LEU A 52 -7.43 3.72 -3.00
N THR A 53 -6.18 4.00 -3.12
CA THR A 53 -5.17 3.01 -2.96
C THR A 53 -4.06 3.68 -2.12
N VAL A 54 -3.39 2.93 -1.25
CA VAL A 54 -2.38 3.42 -0.29
C VAL A 54 -1.33 4.37 -0.88
N CYS A 55 -0.77 4.00 -2.02
CA CYS A 55 0.28 4.80 -2.63
C CYS A 55 -0.30 6.14 -3.07
N LYS A 56 -1.51 6.09 -3.66
CA LYS A 56 -2.23 7.29 -4.07
C LYS A 56 -2.44 8.19 -2.88
N MET A 57 -3.08 7.64 -1.85
CA MET A 57 -3.38 8.34 -0.60
C MET A 57 -2.13 8.99 0.01
N HIS A 58 -1.05 8.23 0.13
CA HIS A 58 0.16 8.76 0.75
C HIS A 58 0.74 9.91 -0.04
N VAL A 59 0.81 9.73 -1.32
CA VAL A 59 1.39 10.70 -2.18
C VAL A 59 0.50 11.93 -2.30
N LEU A 60 -0.79 11.73 -2.46
CA LEU A 60 -1.70 12.87 -2.53
C LEU A 60 -1.72 13.63 -1.20
N HIS A 61 -1.48 12.89 -0.12
CA HIS A 61 -1.49 13.45 1.21
C HIS A 61 -0.27 14.35 1.38
N CYS A 62 0.84 13.98 0.78
CA CYS A 62 2.05 14.78 0.87
C CYS A 62 2.04 15.88 -0.18
N GLN A 63 1.19 15.71 -1.18
CA GLN A 63 0.91 16.77 -2.15
C GLN A 63 0.12 17.89 -1.48
N GLY A 64 -0.54 17.56 -0.38
CA GLY A 64 -1.27 18.55 0.36
C GLY A 64 -2.74 18.23 0.49
N ARG A 65 -3.17 17.17 -0.17
CA ARG A 65 -4.56 16.78 -0.13
C ARG A 65 -4.88 16.18 1.22
N ASN A 66 -6.05 16.45 1.71
CA ASN A 66 -6.44 15.95 3.01
C ASN A 66 -7.47 14.88 2.85
N TYR A 67 -7.21 13.75 3.46
CA TYR A 67 -8.08 12.59 3.40
C TYR A 67 -8.08 11.86 4.71
N THR A 68 -9.24 11.43 5.09
CA THR A 68 -9.42 10.69 6.31
C THR A 68 -9.48 9.19 5.99
N LEU A 69 -8.97 8.38 6.87
CA LEU A 69 -9.05 6.95 6.69
C LEU A 69 -10.34 6.43 7.26
N THR A 70 -10.98 5.59 6.51
CA THR A 70 -12.22 4.99 6.92
C THR A 70 -12.11 3.48 6.76
N GLY A 71 -13.19 2.77 6.95
CA GLY A 71 -13.16 1.34 6.78
C GLY A 71 -13.44 0.96 5.36
N ARG A 72 -13.34 -0.32 5.04
CA ARG A 72 -13.50 -0.79 3.67
C ARG A 72 -14.97 -0.89 3.28
N ASP A 73 -15.84 -0.94 4.26
CA ASP A 73 -17.26 -1.12 4.01
C ASP A 73 -17.90 0.18 3.52
N SER A 74 -17.26 1.28 3.91
CA SER A 74 -17.72 2.62 3.65
C SER A 74 -18.03 2.91 2.16
N CYS A 75 -17.29 2.30 1.26
CA CYS A 75 -17.56 2.44 -0.15
C CYS A 75 -17.28 1.10 -0.81
N THR A 76 -17.49 1.01 -2.10
CA THR A 76 -17.27 -0.20 -2.80
C THR A 76 -15.91 -0.16 -3.47
N LEU A 77 -15.03 -1.00 -3.01
CA LEU A 77 -13.69 -1.08 -3.49
C LEU A 77 -13.69 -1.89 -4.79
N PRO A 78 -12.87 -1.49 -5.79
CA PRO A 78 -12.80 -2.19 -7.07
C PRO A 78 -12.30 -3.63 -6.92
N ALA A 79 -11.14 -3.79 -6.33
CA ALA A 79 -10.58 -5.10 -6.16
C ALA A 79 -10.10 -5.30 -4.76
N SER A 80 -10.78 -6.14 -4.06
CA SER A 80 -10.43 -6.47 -2.73
C SER A 80 -9.72 -7.83 -2.71
N ALA A 81 -10.48 -8.90 -2.91
CA ALA A 81 -9.93 -10.26 -2.91
C ALA A 81 -10.42 -11.00 -4.14
N GLU A 82 -9.74 -12.12 -4.46
CA GLU A 82 -10.05 -13.03 -5.58
C GLU A 82 -9.79 -12.38 -6.93
N LYS A 83 -8.63 -12.67 -7.49
CA LYS A 83 -8.21 -12.01 -8.71
C LYS A 83 -8.06 -13.01 -9.85
N ALA A 84 -8.10 -12.52 -11.06
CA ALA A 84 -7.98 -13.34 -12.24
C ALA A 84 -6.94 -12.71 -13.14
N CYS A 85 -6.50 -13.44 -14.14
CA CYS A 85 -5.52 -12.94 -15.08
C CYS A 85 -6.10 -11.74 -15.85
N GLY A 86 -5.31 -10.73 -16.05
CA GLY A 86 -5.77 -9.55 -16.72
C GLY A 86 -5.59 -8.35 -15.85
N ALA A 87 -5.54 -8.59 -14.57
CA ALA A 87 -5.30 -7.57 -13.60
C ALA A 87 -4.75 -8.22 -12.34
N CYS A 88 -3.48 -8.11 -12.18
CA CYS A 88 -2.82 -8.73 -11.08
C CYS A 88 -2.09 -7.67 -10.28
N PRO A 89 -2.36 -7.58 -8.97
CA PRO A 89 -1.71 -6.59 -8.11
C PRO A 89 -0.24 -6.95 -7.85
N LEU A 90 0.45 -6.09 -7.18
CA LEU A 90 1.87 -6.26 -6.77
C LEU A 90 2.14 -7.60 -6.01
N TRP A 91 1.13 -8.14 -5.36
CA TRP A 91 1.25 -9.43 -4.66
C TRP A 91 0.46 -10.50 -5.42
N GLY A 92 0.10 -10.19 -6.63
CA GLY A 92 -0.65 -11.11 -7.42
C GLY A 92 0.03 -11.32 -8.74
N LYS A 93 0.03 -12.50 -9.22
CA LYS A 93 0.71 -12.76 -10.44
C LYS A 93 0.00 -13.81 -11.24
N CYS A 94 -0.14 -13.57 -12.51
CA CYS A 94 -0.54 -14.62 -13.38
C CYS A 94 0.72 -15.41 -13.67
N ASP A 95 0.81 -16.54 -13.02
CA ASP A 95 1.95 -17.40 -13.11
C ASP A 95 1.41 -18.79 -13.22
N ALA A 96 1.84 -19.50 -14.27
CA ALA A 96 1.23 -20.74 -14.76
C ALA A 96 -0.02 -20.36 -15.53
N GLU A 97 0.12 -20.37 -16.85
CA GLU A 97 -0.87 -19.87 -17.79
C GLU A 97 -2.24 -20.52 -17.61
N SER A 98 -3.11 -19.78 -16.96
CA SER A 98 -4.47 -20.16 -16.67
C SER A 98 -5.27 -18.87 -16.49
N SER A 99 -6.57 -18.95 -16.30
CA SER A 99 -7.39 -17.75 -16.15
C SER A 99 -7.25 -17.11 -14.76
N LYS A 100 -6.71 -17.85 -13.82
CA LYS A 100 -6.59 -17.38 -12.46
C LYS A 100 -5.37 -16.50 -12.25
N CYS A 101 -5.30 -15.93 -11.08
CA CYS A 101 -4.18 -15.16 -10.63
C CYS A 101 -3.78 -15.76 -9.31
N VAL A 102 -2.51 -15.91 -9.05
CA VAL A 102 -2.08 -16.51 -7.82
C VAL A 102 -1.59 -15.44 -6.87
N CYS A 103 -1.67 -15.74 -5.62
CA CYS A 103 -1.35 -14.81 -4.58
C CYS A 103 0.05 -15.07 -4.10
N ARG A 104 0.89 -14.10 -4.27
CA ARG A 104 2.23 -14.18 -3.80
C ARG A 104 2.25 -13.59 -2.43
N GLU A 105 2.50 -14.43 -1.46
CA GLU A 105 2.45 -14.03 -0.09
C GLU A 105 3.68 -13.26 0.35
N ALA A 106 3.81 -13.05 1.65
CA ALA A 106 4.81 -12.20 2.22
C ALA A 106 6.22 -12.71 1.93
N SER A 107 6.33 -14.02 1.83
CA SER A 107 7.59 -14.67 1.57
C SER A 107 8.07 -14.42 0.11
N GLU A 108 7.15 -13.99 -0.74
CA GLU A 108 7.45 -13.73 -2.14
C GLU A 108 7.27 -12.24 -2.47
N CYS A 109 7.36 -11.42 -1.43
CA CYS A 109 7.21 -9.97 -1.54
C CYS A 109 8.44 -9.36 -2.21
N GLU A 110 8.23 -8.74 -3.36
CA GLU A 110 9.33 -8.13 -4.11
C GLU A 110 8.98 -6.74 -4.64
N GLU A 111 7.94 -6.14 -4.10
CA GLU A 111 7.57 -4.80 -4.51
C GLU A 111 7.84 -3.85 -3.36
N GLU A 112 8.17 -2.61 -3.69
CA GLU A 112 8.54 -1.57 -2.72
C GLU A 112 7.32 -0.95 -2.05
N GLY A 113 6.38 -1.80 -1.69
CA GLY A 113 5.17 -1.35 -1.10
C GLY A 113 5.36 -0.75 0.28
N PHE A 114 4.34 -0.11 0.76
CA PHE A 114 4.35 0.56 2.04
C PHE A 114 4.24 -0.41 3.20
N SER A 115 4.18 0.13 4.37
CA SER A 115 3.94 -0.63 5.54
C SER A 115 2.74 0.00 6.23
N ILE A 116 1.82 -0.81 6.64
CA ILE A 116 0.57 -0.34 7.18
C ILE A 116 0.25 -1.04 8.48
N CYS A 117 -0.76 -0.55 9.14
CA CYS A 117 -1.22 -1.10 10.37
C CYS A 117 -2.53 -1.78 10.11
N VAL A 118 -2.56 -3.04 10.33
CA VAL A 118 -3.72 -3.81 10.07
C VAL A 118 -4.12 -4.64 11.32
N GLU A 119 -5.37 -4.51 11.68
CA GLU A 119 -5.94 -5.20 12.82
C GLU A 119 -6.31 -6.60 12.40
N VAL A 120 -5.58 -7.54 12.92
CA VAL A 120 -5.75 -8.93 12.61
C VAL A 120 -5.53 -9.69 13.90
N ASN A 121 -6.39 -10.67 14.18
CA ASN A 121 -6.27 -11.51 15.40
C ASN A 121 -6.48 -10.72 16.66
N GLY A 122 -7.07 -9.55 16.52
CA GLY A 122 -7.31 -8.69 17.65
C GLY A 122 -6.12 -7.80 17.93
N LYS A 123 -5.13 -7.85 17.07
CA LYS A 123 -3.96 -7.03 17.22
C LYS A 123 -3.72 -6.21 15.98
N GLU A 124 -3.25 -5.01 16.15
CA GLU A 124 -2.92 -4.19 15.01
C GLU A 124 -1.46 -4.37 14.68
N GLN A 125 -1.19 -5.21 13.73
CA GLN A 125 0.14 -5.50 13.35
C GLN A 125 0.54 -4.64 12.18
N THR A 126 1.80 -4.38 12.08
CA THR A 126 2.34 -3.65 11.01
C THR A 126 2.88 -4.62 10.02
N MET A 127 2.37 -4.59 8.83
CA MET A 127 2.79 -5.50 7.83
C MET A 127 3.25 -4.72 6.65
N SER A 128 3.88 -5.38 5.75
CA SER A 128 4.21 -4.80 4.53
C SER A 128 2.98 -4.84 3.63
N GLU A 129 2.93 -3.97 2.68
CA GLU A 129 1.82 -3.84 1.77
C GLU A 129 1.52 -5.15 1.05
N CYS A 130 2.56 -5.80 0.55
CA CYS A 130 2.39 -7.05 -0.17
C CYS A 130 2.04 -8.18 0.78
N GLU A 131 2.36 -7.97 2.04
CA GLU A 131 2.09 -8.93 3.08
C GLU A 131 0.63 -8.87 3.45
N ALA A 132 0.19 -7.71 3.93
CA ALA A 132 -1.20 -7.50 4.32
C ALA A 132 -2.13 -7.78 3.13
N GLY A 133 -1.64 -7.43 1.94
CA GLY A 133 -2.37 -7.67 0.72
C GLY A 133 -2.50 -9.14 0.43
N ALA A 134 -1.47 -9.91 0.71
CA ALA A 134 -1.52 -11.32 0.52
C ALA A 134 -2.49 -11.95 1.51
N LEU A 135 -2.54 -11.40 2.74
CA LEU A 135 -3.54 -11.87 3.71
C LEU A 135 -4.95 -11.66 3.16
N ARG A 136 -5.19 -10.50 2.56
CA ARG A 136 -6.47 -10.19 1.89
C ARG A 136 -6.77 -11.23 0.82
N CYS A 137 -5.79 -11.45 -0.03
CA CYS A 137 -5.90 -12.35 -1.15
C CYS A 137 -6.00 -13.83 -0.77
N ARG A 138 -5.48 -14.24 0.38
CA ARG A 138 -5.61 -15.63 0.78
C ARG A 138 -6.94 -15.89 1.48
N GLY A 139 -7.63 -14.84 1.84
CA GLY A 139 -8.90 -15.02 2.47
C GLY A 139 -8.86 -14.80 3.96
N GLN A 140 -7.71 -14.41 4.48
CA GLN A 140 -7.58 -14.13 5.89
C GLN A 140 -8.38 -12.86 6.24
N SER A 141 -8.89 -12.84 7.43
CA SER A 141 -9.62 -11.75 7.93
C SER A 141 -8.66 -10.76 8.58
N ILE A 142 -8.48 -9.64 7.94
CA ILE A 142 -7.60 -8.59 8.39
C ILE A 142 -8.39 -7.29 8.25
N SER A 143 -8.09 -6.33 9.04
CA SER A 143 -8.75 -5.07 8.96
C SER A 143 -7.74 -3.93 8.93
N VAL A 144 -7.50 -3.38 7.76
CA VAL A 144 -6.56 -2.28 7.64
C VAL A 144 -7.17 -1.04 8.29
N THR A 145 -6.66 -0.73 9.45
CA THR A 145 -7.18 0.35 10.21
C THR A 145 -6.47 1.66 9.85
N SER A 146 -5.19 1.58 9.59
CA SER A 146 -4.41 2.73 9.26
C SER A 146 -3.40 2.37 8.19
N ILE A 147 -3.26 3.22 7.19
CA ILE A 147 -2.33 2.98 6.09
C ILE A 147 -0.92 3.48 6.41
N ARG A 148 -0.67 3.65 7.68
CA ARG A 148 0.58 4.06 8.22
C ARG A 148 1.07 2.93 9.11
N PRO A 149 2.38 2.76 9.30
CA PRO A 149 2.90 1.67 10.13
C PRO A 149 2.65 1.92 11.62
N CYS A 150 2.42 0.86 12.35
CA CYS A 150 2.19 0.95 13.78
C CYS A 150 3.53 0.69 14.49
N ALA A 151 3.54 0.70 15.81
CA ALA A 151 4.73 0.43 16.58
C ALA A 151 4.82 -1.05 16.91
N ALA A 152 4.19 -1.87 16.06
CA ALA A 152 4.21 -3.33 16.21
C ALA A 152 5.62 -3.84 15.98
N GLU A 153 6.38 -3.06 15.25
CA GLU A 153 7.78 -3.28 15.09
C GLU A 153 8.51 -2.31 16.00
N THR A 154 8.85 -2.77 17.15
CA THR A 154 9.53 -1.94 18.10
C THR A 154 11.02 -2.26 18.02
N GLN A 155 11.81 -1.32 17.57
CA GLN A 155 13.23 -1.56 17.44
C GLN A 155 13.93 -0.96 18.64
N GLY A 1 17.66 18.36 9.32
CA GLY A 1 18.46 19.08 10.30
C GLY A 1 19.52 19.91 9.63
N SER A 2 20.26 20.66 10.40
CA SER A 2 21.29 21.52 9.89
C SER A 2 22.46 20.70 9.33
N HIS A 3 22.74 20.85 8.06
CA HIS A 3 23.88 20.18 7.46
C HIS A 3 25.13 20.94 7.84
N MET A 4 26.01 20.29 8.54
CA MET A 4 27.19 20.94 9.06
C MET A 4 28.39 20.69 8.18
N ASN A 5 28.40 19.54 7.54
CA ASN A 5 29.53 19.16 6.71
C ASN A 5 29.30 19.67 5.30
N PRO A 6 30.29 20.37 4.70
CA PRO A 6 30.20 20.85 3.30
C PRO A 6 30.02 19.66 2.36
N LEU A 7 30.87 18.67 2.56
CA LEU A 7 30.71 17.42 1.90
C LEU A 7 29.82 16.64 2.83
N THR A 8 28.54 16.81 2.65
CA THR A 8 27.57 16.25 3.54
C THR A 8 27.42 14.76 3.30
N GLN A 9 27.45 14.38 2.00
CA GLN A 9 27.27 13.01 1.54
C GLN A 9 25.95 12.47 2.10
N ALA A 10 24.99 13.36 2.11
CA ALA A 10 23.72 13.06 2.66
C ALA A 10 22.87 12.39 1.64
N VAL A 11 22.80 11.10 1.71
CA VAL A 11 21.87 10.38 0.92
C VAL A 11 20.62 10.30 1.77
N PRO A 12 19.59 11.06 1.44
CA PRO A 12 18.41 11.09 2.22
C PRO A 12 17.52 9.92 1.96
N LYS A 13 17.11 9.29 3.01
CA LYS A 13 16.16 8.25 2.92
C LYS A 13 14.82 8.88 2.85
N CYS A 14 14.12 8.60 1.83
CA CYS A 14 12.87 9.22 1.58
C CYS A 14 11.80 8.24 1.93
N GLN A 15 10.71 8.73 2.46
CA GLN A 15 9.62 7.89 2.85
C GLN A 15 8.93 7.30 1.65
N ARG A 16 7.97 6.48 1.90
CA ARG A 16 7.32 5.70 0.90
C ARG A 16 6.50 6.56 -0.10
N TRP A 17 6.19 7.77 0.28
CA TRP A 17 5.45 8.70 -0.54
C TRP A 17 6.40 9.81 -1.05
N GLU A 18 7.67 9.62 -0.80
CA GLU A 18 8.67 10.57 -1.19
C GLU A 18 9.64 9.91 -2.14
N LYS A 19 10.45 10.69 -2.79
CA LYS A 19 11.44 10.17 -3.68
C LYS A 19 12.72 10.97 -3.58
N LEU A 20 13.80 10.34 -3.93
CA LEU A 20 15.09 10.95 -3.97
C LEU A 20 15.33 11.49 -5.35
N GLN A 21 15.48 12.78 -5.45
CA GLN A 21 15.80 13.40 -6.70
C GLN A 21 16.66 14.59 -6.37
N ASN A 22 17.56 14.95 -7.25
CA ASN A 22 18.36 16.20 -7.10
C ASN A 22 19.20 16.14 -5.80
N SER A 23 19.50 14.90 -5.36
CA SER A 23 20.24 14.64 -4.12
C SER A 23 19.47 15.09 -2.86
N ARG A 24 18.17 15.23 -2.98
CA ARG A 24 17.33 15.64 -1.87
C ARG A 24 16.07 14.79 -1.84
N CYS A 25 15.22 15.08 -0.92
CA CYS A 25 14.00 14.33 -0.74
C CYS A 25 12.82 15.22 -1.01
N VAL A 26 11.97 14.79 -1.90
CA VAL A 26 10.76 15.50 -2.25
C VAL A 26 9.64 14.49 -2.26
N CYS A 27 8.44 14.93 -2.47
CA CYS A 27 7.34 14.01 -2.52
C CYS A 27 7.21 13.52 -3.95
N LYS A 28 6.65 12.36 -4.14
CA LYS A 28 6.59 11.77 -5.45
C LYS A 28 5.39 12.31 -6.22
N MET A 29 5.21 11.87 -7.43
CA MET A 29 4.16 12.39 -8.25
C MET A 29 2.87 11.62 -8.01
N PRO A 30 1.73 12.33 -7.80
CA PRO A 30 0.42 11.68 -7.55
C PRO A 30 -0.05 10.87 -8.77
N TYR A 31 0.46 11.23 -9.92
CA TYR A 31 0.15 10.57 -11.17
C TYR A 31 1.12 9.42 -11.45
N GLU A 32 2.12 9.30 -10.59
CA GLU A 32 3.13 8.25 -10.69
C GLU A 32 2.70 7.06 -9.82
N CYS A 33 1.83 7.36 -8.87
CA CYS A 33 1.29 6.40 -7.93
C CYS A 33 0.67 5.21 -8.66
N GLY A 34 1.16 4.04 -8.37
CA GLY A 34 0.65 2.88 -9.02
C GLY A 34 0.37 1.76 -8.04
N PRO A 35 1.22 0.73 -8.00
CA PRO A 35 1.04 -0.44 -7.14
C PRO A 35 1.00 -0.07 -5.67
N SER A 36 -0.14 -0.34 -5.06
CA SER A 36 -0.43 -0.14 -3.68
C SER A 36 -1.78 -0.77 -3.36
N LEU A 37 -2.11 -0.86 -2.09
CA LEU A 37 -3.38 -1.40 -1.66
C LEU A 37 -4.50 -0.42 -1.93
N ASP A 38 -5.56 -0.88 -2.53
CA ASP A 38 -6.70 -0.04 -2.78
C ASP A 38 -7.45 0.13 -1.49
N VAL A 39 -7.71 1.36 -1.12
CA VAL A 39 -8.31 1.69 0.15
C VAL A 39 -9.47 2.67 0.02
N CYS A 40 -10.20 2.78 1.07
CA CYS A 40 -11.37 3.64 1.16
C CYS A 40 -11.03 4.92 1.84
N ALA A 41 -11.32 6.00 1.20
CA ALA A 41 -11.09 7.24 1.80
C ALA A 41 -12.24 8.16 1.57
N GLN A 42 -12.35 9.12 2.40
CA GLN A 42 -13.36 10.11 2.33
C GLN A 42 -12.72 11.40 1.91
N ASP A 43 -13.32 12.03 0.96
CA ASP A 43 -12.87 13.31 0.49
C ASP A 43 -13.33 14.39 1.45
N GLU A 44 -12.44 15.27 1.84
CA GLU A 44 -12.81 16.32 2.76
C GLU A 44 -13.62 17.43 2.10
N ARG A 45 -13.62 17.47 0.79
CA ARG A 45 -14.39 18.44 0.06
C ARG A 45 -15.82 17.96 -0.13
N SER A 46 -15.97 16.86 -0.82
CA SER A 46 -17.28 16.32 -1.18
C SER A 46 -17.86 15.46 -0.04
N LYS A 47 -17.02 15.12 0.94
CA LYS A 47 -17.38 14.32 2.11
C LYS A 47 -17.91 12.93 1.73
N ARG A 48 -17.52 12.45 0.57
CA ARG A 48 -17.98 11.17 0.12
C ARG A 48 -16.86 10.17 0.15
N ILE A 49 -17.21 8.92 0.06
CA ILE A 49 -16.26 7.84 0.10
C ILE A 49 -15.84 7.53 -1.32
N LEU A 50 -14.58 7.53 -1.58
CA LEU A 50 -14.07 7.17 -2.87
C LEU A 50 -12.93 6.18 -2.71
N PRO A 51 -12.80 5.29 -3.67
CA PRO A 51 -11.72 4.31 -3.71
C PRO A 51 -10.39 4.96 -4.10
N LEU A 52 -9.43 4.87 -3.24
CA LEU A 52 -8.11 5.36 -3.49
C LEU A 52 -7.16 4.21 -3.38
N THR A 53 -5.92 4.50 -3.46
CA THR A 53 -4.93 3.51 -3.30
C THR A 53 -3.91 4.10 -2.31
N VAL A 54 -3.27 3.25 -1.50
CA VAL A 54 -2.32 3.70 -0.45
C VAL A 54 -1.28 4.69 -0.96
N CYS A 55 -0.73 4.43 -2.12
CA CYS A 55 0.28 5.29 -2.69
C CYS A 55 -0.35 6.65 -3.00
N LYS A 56 -1.48 6.60 -3.72
CA LYS A 56 -2.20 7.79 -4.16
C LYS A 56 -2.56 8.65 -2.93
N MET A 57 -3.17 8.01 -1.94
CA MET A 57 -3.56 8.64 -0.66
C MET A 57 -2.37 9.29 0.04
N HIS A 58 -1.28 8.55 0.21
CA HIS A 58 -0.13 9.11 0.94
C HIS A 58 0.48 10.29 0.23
N VAL A 59 0.60 10.16 -1.06
CA VAL A 59 1.18 11.19 -1.88
C VAL A 59 0.29 12.41 -1.92
N LEU A 60 -1.00 12.22 -2.16
CA LEU A 60 -1.90 13.37 -2.19
C LEU A 60 -1.93 14.06 -0.83
N HIS A 61 -1.75 13.27 0.21
CA HIS A 61 -1.79 13.76 1.57
C HIS A 61 -0.59 14.68 1.80
N CYS A 62 0.60 14.22 1.42
CA CYS A 62 1.82 15.00 1.63
C CYS A 62 1.89 16.19 0.66
N GLN A 63 1.21 16.07 -0.48
CA GLN A 63 1.14 17.13 -1.45
C GLN A 63 0.11 18.19 -1.07
N GLY A 64 -0.58 17.98 0.05
CA GLY A 64 -1.45 19.01 0.55
C GLY A 64 -2.92 18.79 0.27
N ARG A 65 -3.31 17.55 0.04
CA ARG A 65 -4.72 17.23 -0.14
C ARG A 65 -5.26 16.67 1.17
N ASN A 66 -6.54 16.81 1.38
CA ASN A 66 -7.15 16.42 2.64
C ASN A 66 -8.12 15.28 2.44
N TYR A 67 -7.80 14.14 3.03
CA TYR A 67 -8.64 12.96 2.96
C TYR A 67 -8.62 12.26 4.29
N THR A 68 -9.67 11.59 4.57
CA THR A 68 -9.84 10.85 5.79
C THR A 68 -10.08 9.38 5.40
N LEU A 69 -9.74 8.43 6.23
CA LEU A 69 -10.01 7.05 5.86
C LEU A 69 -11.23 6.54 6.54
N THR A 70 -11.93 5.65 5.89
CA THR A 70 -13.20 5.19 6.42
C THR A 70 -13.32 3.65 6.58
N GLY A 71 -14.00 3.02 5.65
CA GLY A 71 -14.28 1.60 5.68
C GLY A 71 -14.47 1.08 4.28
N ARG A 72 -14.04 -0.16 4.02
CA ARG A 72 -13.97 -0.68 2.64
C ARG A 72 -15.36 -0.91 2.06
N ASP A 73 -16.33 -1.07 2.92
CA ASP A 73 -17.69 -1.38 2.49
C ASP A 73 -18.45 -0.12 2.10
N SER A 74 -17.93 1.01 2.54
CA SER A 74 -18.55 2.30 2.33
C SER A 74 -18.45 2.77 0.86
N CYS A 75 -17.73 2.03 0.07
CA CYS A 75 -17.56 2.28 -1.33
C CYS A 75 -17.32 0.95 -1.99
N THR A 76 -17.19 0.93 -3.28
CA THR A 76 -16.84 -0.26 -3.98
C THR A 76 -15.34 -0.22 -4.20
N LEU A 77 -14.63 -1.07 -3.54
CA LEU A 77 -13.22 -1.07 -3.58
C LEU A 77 -12.74 -1.99 -4.70
N PRO A 78 -11.79 -1.52 -5.53
CA PRO A 78 -11.24 -2.32 -6.64
C PRO A 78 -10.58 -3.60 -6.14
N ALA A 79 -10.06 -3.55 -4.96
CA ALA A 79 -9.48 -4.71 -4.35
C ALA A 79 -10.26 -5.09 -3.13
N SER A 80 -11.23 -5.89 -3.36
CA SER A 80 -12.07 -6.40 -2.32
C SER A 80 -11.73 -7.87 -2.09
N ALA A 81 -11.33 -8.53 -3.14
CA ALA A 81 -11.03 -9.94 -3.14
C ALA A 81 -10.01 -10.21 -4.24
N GLU A 82 -9.94 -11.46 -4.65
CA GLU A 82 -9.04 -11.92 -5.72
C GLU A 82 -9.36 -11.24 -7.06
N LYS A 83 -8.41 -11.30 -7.96
CA LYS A 83 -8.57 -10.79 -9.29
C LYS A 83 -8.68 -11.97 -10.26
N ALA A 84 -8.82 -11.71 -11.52
CA ALA A 84 -8.88 -12.76 -12.50
C ALA A 84 -7.79 -12.54 -13.54
N CYS A 85 -7.78 -13.37 -14.57
CA CYS A 85 -6.83 -13.27 -15.69
C CYS A 85 -6.68 -11.84 -16.20
N GLY A 86 -5.44 -11.41 -16.41
CA GLY A 86 -5.19 -10.11 -16.96
C GLY A 86 -5.01 -9.03 -15.89
N ALA A 87 -5.54 -9.27 -14.73
CA ALA A 87 -5.44 -8.32 -13.65
C ALA A 87 -4.63 -8.93 -12.54
N CYS A 88 -3.41 -8.51 -12.44
CA CYS A 88 -2.53 -9.08 -11.45
C CYS A 88 -1.96 -8.00 -10.53
N PRO A 89 -2.34 -8.03 -9.24
CA PRO A 89 -1.82 -7.10 -8.27
C PRO A 89 -0.42 -7.53 -7.81
N LEU A 90 0.26 -6.65 -7.10
CA LEU A 90 1.63 -6.92 -6.62
C LEU A 90 1.74 -8.03 -5.56
N TRP A 91 0.60 -8.51 -5.09
CA TRP A 91 0.53 -9.62 -4.15
C TRP A 91 -0.06 -10.85 -4.83
N GLY A 92 -0.19 -10.76 -6.14
CA GLY A 92 -0.82 -11.80 -6.87
C GLY A 92 0.04 -12.39 -7.94
N LYS A 93 -0.49 -13.41 -8.57
CA LYS A 93 0.13 -14.11 -9.64
C LYS A 93 -0.99 -14.58 -10.57
N CYS A 94 -0.95 -14.16 -11.78
CA CYS A 94 -1.94 -14.52 -12.74
C CYS A 94 -1.43 -15.72 -13.51
N ASP A 95 -1.77 -16.89 -13.05
CA ASP A 95 -1.26 -18.10 -13.65
C ASP A 95 -2.20 -18.57 -14.74
N ALA A 96 -1.63 -19.07 -15.82
CA ALA A 96 -2.39 -19.46 -16.99
C ALA A 96 -3.07 -20.81 -16.82
N GLU A 97 -2.72 -21.56 -15.78
CA GLU A 97 -3.35 -22.87 -15.57
C GLU A 97 -4.78 -22.73 -15.06
N SER A 98 -5.14 -21.52 -14.66
CA SER A 98 -6.44 -21.25 -14.14
C SER A 98 -6.96 -19.90 -14.66
N SER A 99 -8.26 -19.73 -14.60
CA SER A 99 -8.90 -18.51 -15.05
C SER A 99 -9.07 -17.55 -13.86
N LYS A 100 -8.05 -17.49 -13.05
CA LYS A 100 -8.05 -16.79 -11.80
C LYS A 100 -6.70 -16.17 -11.57
N CYS A 101 -6.65 -15.09 -10.85
CA CYS A 101 -5.40 -14.56 -10.39
C CYS A 101 -5.29 -15.00 -8.95
N VAL A 102 -4.24 -15.68 -8.62
CA VAL A 102 -4.10 -16.23 -7.32
C VAL A 102 -3.12 -15.35 -6.53
N CYS A 103 -3.06 -15.52 -5.26
CA CYS A 103 -2.19 -14.73 -4.45
C CYS A 103 -0.93 -15.47 -4.16
N ARG A 104 0.08 -14.75 -3.82
CA ARG A 104 1.32 -15.31 -3.36
C ARG A 104 1.38 -15.06 -1.89
N GLU A 105 2.37 -15.56 -1.22
CA GLU A 105 2.50 -15.24 0.17
C GLU A 105 3.51 -14.12 0.38
N ALA A 106 3.70 -13.73 1.63
CA ALA A 106 4.50 -12.55 1.98
C ALA A 106 5.94 -12.71 1.57
N SER A 107 6.44 -13.92 1.68
CA SER A 107 7.80 -14.18 1.34
C SER A 107 8.03 -14.28 -0.18
N GLU A 108 6.94 -14.39 -0.92
CA GLU A 108 7.02 -14.53 -2.36
C GLU A 108 6.91 -13.20 -3.07
N CYS A 109 6.19 -12.29 -2.46
CA CYS A 109 5.96 -10.99 -3.08
C CYS A 109 7.17 -10.08 -2.86
N GLU A 110 7.97 -9.95 -3.91
CA GLU A 110 9.24 -9.28 -3.85
C GLU A 110 9.14 -7.82 -4.34
N GLU A 111 7.94 -7.39 -4.72
CA GLU A 111 7.67 -6.03 -5.21
C GLU A 111 8.10 -4.96 -4.19
N GLU A 112 7.56 -5.09 -2.98
CA GLU A 112 7.74 -4.13 -1.89
C GLU A 112 7.01 -2.83 -2.15
N GLY A 113 5.77 -2.80 -1.71
CA GLY A 113 4.96 -1.62 -1.82
C GLY A 113 5.12 -0.75 -0.60
N PHE A 114 4.03 -0.30 -0.08
CA PHE A 114 3.98 0.51 1.11
C PHE A 114 4.01 -0.35 2.37
N SER A 115 3.93 0.30 3.49
CA SER A 115 3.89 -0.34 4.76
C SER A 115 2.67 0.15 5.51
N ILE A 116 1.86 -0.77 5.97
CA ILE A 116 0.61 -0.43 6.60
C ILE A 116 0.45 -1.19 7.91
N CYS A 117 -0.49 -0.77 8.70
CA CYS A 117 -0.77 -1.36 9.98
C CYS A 117 -2.05 -2.12 9.90
N VAL A 118 -1.97 -3.35 10.27
CA VAL A 118 -3.09 -4.20 10.19
C VAL A 118 -3.23 -5.03 11.48
N GLU A 119 -4.41 -5.03 12.04
CA GLU A 119 -4.71 -5.71 13.27
C GLU A 119 -4.96 -7.17 12.96
N VAL A 120 -4.04 -7.97 13.38
CA VAL A 120 -4.06 -9.39 13.12
C VAL A 120 -3.58 -10.06 14.38
N ASN A 121 -4.21 -11.18 14.73
CA ASN A 121 -3.85 -11.95 15.95
C ASN A 121 -4.25 -11.19 17.20
N GLY A 122 -4.96 -10.10 17.02
CA GLY A 122 -5.35 -9.29 18.13
C GLY A 122 -4.55 -8.03 18.20
N LYS A 123 -3.43 -8.01 17.52
CA LYS A 123 -2.53 -6.89 17.62
C LYS A 123 -2.27 -6.24 16.27
N GLU A 124 -1.94 -4.99 16.32
CA GLU A 124 -1.60 -4.22 15.15
C GLU A 124 -0.21 -4.57 14.73
N GLN A 125 -0.09 -5.21 13.61
CA GLN A 125 1.18 -5.54 13.09
C GLN A 125 1.40 -4.76 11.81
N THR A 126 2.61 -4.40 11.56
CA THR A 126 2.94 -3.70 10.36
C THR A 126 3.24 -4.74 9.33
N MET A 127 2.68 -4.58 8.19
CA MET A 127 2.96 -5.47 7.11
C MET A 127 3.32 -4.67 5.95
N SER A 128 3.99 -5.27 5.06
CA SER A 128 4.25 -4.65 3.83
C SER A 128 2.98 -4.79 3.02
N GLU A 129 2.77 -3.89 2.12
CA GLU A 129 1.60 -3.86 1.28
C GLU A 129 1.38 -5.20 0.57
N CYS A 130 2.47 -5.77 0.10
CA CYS A 130 2.47 -7.07 -0.55
C CYS A 130 2.00 -8.14 0.42
N GLU A 131 2.42 -8.01 1.67
CA GLU A 131 2.16 -8.98 2.73
C GLU A 131 0.69 -8.92 3.13
N ALA A 132 0.24 -7.74 3.56
CA ALA A 132 -1.14 -7.57 4.01
C ALA A 132 -2.12 -7.93 2.90
N GLY A 133 -1.77 -7.53 1.67
CA GLY A 133 -2.59 -7.83 0.53
C GLY A 133 -2.63 -9.31 0.24
N ALA A 134 -1.50 -9.97 0.41
CA ALA A 134 -1.41 -11.40 0.21
C ALA A 134 -2.28 -12.13 1.19
N LEU A 135 -2.19 -11.75 2.47
CA LEU A 135 -3.04 -12.35 3.50
C LEU A 135 -4.53 -12.08 3.25
N ARG A 136 -4.84 -10.88 2.75
CA ARG A 136 -6.22 -10.52 2.36
C ARG A 136 -6.74 -11.46 1.29
N CYS A 137 -5.92 -11.73 0.30
CA CYS A 137 -6.36 -12.50 -0.85
C CYS A 137 -6.25 -13.99 -0.53
N ARG A 138 -5.46 -14.32 0.47
CA ARG A 138 -5.25 -15.68 0.89
C ARG A 138 -6.44 -16.15 1.71
N GLY A 139 -7.11 -15.21 2.33
CA GLY A 139 -8.28 -15.53 3.10
C GLY A 139 -7.98 -15.59 4.58
N GLN A 140 -6.95 -14.90 5.00
CA GLN A 140 -6.57 -14.83 6.39
C GLN A 140 -7.39 -13.73 7.07
N SER A 141 -7.53 -13.81 8.36
CA SER A 141 -8.22 -12.79 9.07
C SER A 141 -7.19 -11.73 9.50
N ILE A 142 -7.26 -10.60 8.84
CA ILE A 142 -6.42 -9.47 9.09
C ILE A 142 -7.31 -8.26 8.97
N SER A 143 -7.14 -7.28 9.79
CA SER A 143 -7.97 -6.11 9.76
C SER A 143 -7.13 -4.86 9.57
N VAL A 144 -7.09 -4.34 8.35
CA VAL A 144 -6.31 -3.13 8.08
C VAL A 144 -6.92 -1.96 8.82
N THR A 145 -6.17 -1.40 9.72
CA THR A 145 -6.65 -0.32 10.52
C THR A 145 -6.22 1.01 9.92
N SER A 146 -5.01 1.04 9.40
CA SER A 146 -4.45 2.24 8.90
C SER A 146 -3.46 1.99 7.78
N ILE A 147 -3.30 2.98 6.94
CA ILE A 147 -2.41 2.91 5.82
C ILE A 147 -1.00 3.44 6.17
N ARG A 148 -0.71 3.51 7.46
CA ARG A 148 0.60 3.92 7.95
C ARG A 148 1.19 2.73 8.67
N PRO A 149 2.52 2.57 8.73
CA PRO A 149 3.14 1.48 9.49
C PRO A 149 2.94 1.65 11.01
N CYS A 150 3.04 0.58 11.75
CA CYS A 150 2.90 0.62 13.20
C CYS A 150 4.28 0.43 13.83
N ALA A 151 4.40 0.64 15.12
CA ALA A 151 5.64 0.39 15.85
C ALA A 151 5.62 -1.06 16.35
N ALA A 152 5.16 -1.94 15.49
CA ALA A 152 5.02 -3.35 15.81
C ALA A 152 6.26 -4.12 15.40
N GLU A 153 7.32 -3.40 15.13
CA GLU A 153 8.56 -4.00 14.72
C GLU A 153 9.24 -4.59 15.93
N THR A 154 8.81 -4.10 17.09
CA THR A 154 9.34 -4.41 18.40
C THR A 154 10.83 -4.13 18.48
N GLN A 155 11.15 -2.98 17.96
CA GLN A 155 12.49 -2.47 17.90
C GLN A 155 12.45 -1.06 18.43
N GLY A 1 24.74 -8.30 9.10
CA GLY A 1 24.26 -7.23 9.98
C GLY A 1 25.13 -7.10 11.20
N SER A 2 26.33 -6.63 11.01
CA SER A 2 27.24 -6.48 12.12
C SER A 2 26.96 -5.17 12.85
N HIS A 3 26.51 -5.27 14.09
CA HIS A 3 26.18 -4.06 14.87
C HIS A 3 27.39 -3.42 15.50
N MET A 4 28.57 -3.82 15.06
CA MET A 4 29.81 -3.22 15.53
C MET A 4 29.90 -1.80 15.00
N ASN A 5 29.66 -1.66 13.72
CA ASN A 5 29.71 -0.37 13.06
C ASN A 5 28.32 0.19 12.93
N PRO A 6 28.17 1.51 12.88
CA PRO A 6 26.88 2.15 12.67
C PRO A 6 26.62 2.31 11.17
N LEU A 7 25.59 3.06 10.81
CA LEU A 7 25.33 3.34 9.42
C LEU A 7 26.34 4.41 8.98
N THR A 8 27.48 3.94 8.55
CA THR A 8 28.62 4.77 8.19
C THR A 8 28.33 5.77 7.07
N GLN A 9 27.57 5.35 6.09
CA GLN A 9 27.24 6.18 4.95
C GLN A 9 26.23 7.28 5.31
N ALA A 10 25.40 6.99 6.31
CA ALA A 10 24.27 7.84 6.69
C ALA A 10 23.34 8.05 5.51
N VAL A 11 22.56 7.04 5.23
CA VAL A 11 21.71 7.07 4.06
C VAL A 11 20.33 7.61 4.42
N PRO A 12 19.93 8.71 3.79
CA PRO A 12 18.62 9.24 3.97
C PRO A 12 17.61 8.41 3.20
N LYS A 13 16.52 8.12 3.81
CA LYS A 13 15.50 7.33 3.20
C LYS A 13 14.25 8.15 3.09
N CYS A 14 13.48 7.86 2.13
CA CYS A 14 12.22 8.53 1.95
C CYS A 14 11.14 7.63 2.41
N GLN A 15 9.97 8.15 2.59
CA GLN A 15 8.86 7.31 2.91
C GLN A 15 8.38 6.70 1.59
N ARG A 16 7.51 5.72 1.65
CA ARG A 16 7.00 5.05 0.43
C ARG A 16 6.35 6.03 -0.58
N TRP A 17 5.90 7.16 -0.09
CA TRP A 17 5.22 8.15 -0.89
C TRP A 17 6.12 9.35 -1.14
N GLU A 18 7.39 9.21 -0.85
CA GLU A 18 8.33 10.26 -1.05
C GLU A 18 9.44 9.74 -1.94
N LYS A 19 10.23 10.63 -2.46
CA LYS A 19 11.31 10.27 -3.32
C LYS A 19 12.51 11.16 -3.03
N LEU A 20 13.66 10.55 -2.95
CA LEU A 20 14.89 11.27 -2.63
C LEU A 20 15.53 11.81 -3.90
N GLN A 21 15.57 13.12 -4.02
CA GLN A 21 16.21 13.76 -5.14
C GLN A 21 16.76 15.06 -4.65
N ASN A 22 17.82 15.53 -5.28
CA ASN A 22 18.42 16.84 -4.95
C ASN A 22 18.89 16.84 -3.48
N SER A 23 19.29 15.65 -3.01
CA SER A 23 19.76 15.41 -1.64
C SER A 23 18.64 15.66 -0.61
N ARG A 24 17.40 15.68 -1.06
CA ARG A 24 16.30 15.93 -0.18
C ARG A 24 15.16 14.96 -0.46
N CYS A 25 14.28 14.83 0.47
CA CYS A 25 13.16 13.97 0.30
C CYS A 25 11.97 14.81 -0.08
N VAL A 26 11.47 14.59 -1.25
CA VAL A 26 10.30 15.28 -1.72
C VAL A 26 9.20 14.28 -1.85
N CYS A 27 8.04 14.70 -2.19
CA CYS A 27 6.92 13.79 -2.29
C CYS A 27 6.87 13.19 -3.68
N LYS A 28 6.31 12.00 -3.80
CA LYS A 28 6.15 11.40 -5.10
C LYS A 28 5.01 12.04 -5.83
N MET A 29 4.87 11.71 -7.06
CA MET A 29 3.85 12.25 -7.89
C MET A 29 2.78 11.19 -8.11
N PRO A 30 1.50 11.58 -8.24
CA PRO A 30 0.36 10.64 -8.36
C PRO A 30 0.42 9.70 -9.58
N TYR A 31 1.28 10.00 -10.52
CA TYR A 31 1.41 9.19 -11.72
C TYR A 31 2.42 8.09 -11.52
N GLU A 32 3.06 8.14 -10.37
CA GLU A 32 3.98 7.11 -9.93
C GLU A 32 3.20 6.13 -9.06
N CYS A 33 1.93 6.44 -8.91
CA CYS A 33 1.05 5.71 -8.06
C CYS A 33 0.11 4.86 -8.87
N GLY A 34 -0.25 3.74 -8.32
CA GLY A 34 -1.13 2.82 -8.94
C GLY A 34 -1.27 1.61 -8.06
N PRO A 35 -0.30 0.67 -8.13
CA PRO A 35 -0.33 -0.54 -7.34
C PRO A 35 -0.05 -0.28 -5.85
N SER A 36 -1.07 -0.46 -5.06
CA SER A 36 -1.04 -0.34 -3.64
C SER A 36 -2.31 -0.97 -3.10
N LEU A 37 -2.51 -0.92 -1.82
CA LEU A 37 -3.66 -1.53 -1.22
C LEU A 37 -4.88 -0.62 -1.38
N ASP A 38 -5.92 -1.13 -2.00
CA ASP A 38 -7.16 -0.38 -2.14
C ASP A 38 -7.86 -0.22 -0.81
N VAL A 39 -8.16 1.03 -0.50
CA VAL A 39 -8.75 1.43 0.77
C VAL A 39 -9.87 2.46 0.53
N CYS A 40 -10.72 2.65 1.50
CA CYS A 40 -11.81 3.59 1.36
C CYS A 40 -11.44 4.89 2.02
N ALA A 41 -11.61 5.97 1.32
CA ALA A 41 -11.28 7.26 1.85
C ALA A 41 -12.44 8.19 1.70
N GLN A 42 -12.44 9.23 2.47
CA GLN A 42 -13.46 10.19 2.40
C GLN A 42 -12.89 11.49 1.89
N ASP A 43 -13.51 11.99 0.88
CA ASP A 43 -13.18 13.28 0.28
C ASP A 43 -13.57 14.36 1.28
N GLU A 44 -12.63 15.19 1.66
CA GLU A 44 -12.89 16.24 2.63
C GLU A 44 -13.71 17.38 2.08
N ARG A 45 -13.53 17.68 0.83
CA ARG A 45 -14.10 18.82 0.26
C ARG A 45 -15.50 18.55 -0.26
N SER A 46 -15.73 17.36 -0.73
CA SER A 46 -17.04 17.02 -1.22
C SER A 46 -17.84 16.24 -0.16
N LYS A 47 -17.12 15.52 0.71
CA LYS A 47 -17.72 14.59 1.66
C LYS A 47 -18.43 13.47 0.96
N ARG A 48 -17.65 12.49 0.60
CA ARG A 48 -18.08 11.31 -0.09
C ARG A 48 -17.02 10.25 0.13
N ILE A 49 -17.44 9.02 0.32
CA ILE A 49 -16.49 7.96 0.42
C ILE A 49 -16.12 7.54 -0.99
N LEU A 50 -14.87 7.54 -1.29
CA LEU A 50 -14.43 7.11 -2.58
C LEU A 50 -13.30 6.11 -2.43
N PRO A 51 -13.26 5.14 -3.31
CA PRO A 51 -12.24 4.12 -3.33
C PRO A 51 -10.89 4.68 -3.75
N LEU A 52 -9.96 4.61 -2.87
CA LEU A 52 -8.63 5.04 -3.17
C LEU A 52 -7.70 3.91 -2.95
N THR A 53 -6.48 4.15 -3.14
CA THR A 53 -5.48 3.16 -2.99
C THR A 53 -4.37 3.82 -2.19
N VAL A 54 -3.72 3.06 -1.32
CA VAL A 54 -2.69 3.54 -0.38
C VAL A 54 -1.67 4.53 -0.99
N CYS A 55 -1.07 4.17 -2.11
CA CYS A 55 -0.04 5.00 -2.71
C CYS A 55 -0.63 6.30 -3.20
N LYS A 56 -1.81 6.19 -3.81
CA LYS A 56 -2.53 7.31 -4.36
C LYS A 56 -2.94 8.26 -3.26
N MET A 57 -3.63 7.76 -2.26
CA MET A 57 -4.05 8.54 -1.09
C MET A 57 -2.85 9.22 -0.43
N HIS A 58 -1.79 8.46 -0.17
CA HIS A 58 -0.60 9.01 0.48
C HIS A 58 0.03 10.14 -0.28
N VAL A 59 0.28 9.91 -1.55
CA VAL A 59 0.88 10.91 -2.40
C VAL A 59 -0.05 12.11 -2.54
N LEU A 60 -1.31 11.83 -2.74
CA LEU A 60 -2.35 12.83 -2.81
C LEU A 60 -2.38 13.68 -1.50
N HIS A 61 -2.17 13.01 -0.39
CA HIS A 61 -2.22 13.62 0.92
C HIS A 61 -0.99 14.51 1.12
N CYS A 62 0.16 14.06 0.63
CA CYS A 62 1.40 14.83 0.80
C CYS A 62 1.46 15.95 -0.25
N GLN A 63 0.67 15.80 -1.31
CA GLN A 63 0.46 16.85 -2.32
C GLN A 63 -0.43 17.94 -1.72
N GLY A 64 -1.02 17.66 -0.57
CA GLY A 64 -1.78 18.63 0.14
C GLY A 64 -3.26 18.45 0.01
N ARG A 65 -3.69 17.33 -0.53
CA ARG A 65 -5.11 17.13 -0.67
C ARG A 65 -5.63 16.53 0.62
N ASN A 66 -6.59 17.18 1.23
CA ASN A 66 -7.16 16.69 2.47
C ASN A 66 -8.19 15.63 2.20
N TYR A 67 -7.90 14.45 2.68
CA TYR A 67 -8.78 13.31 2.59
C TYR A 67 -8.73 12.60 3.92
N THR A 68 -9.79 11.98 4.28
CA THR A 68 -9.89 11.27 5.51
C THR A 68 -9.92 9.76 5.21
N LEU A 69 -9.41 8.94 6.10
CA LEU A 69 -9.47 7.49 5.91
C LEU A 69 -10.73 6.95 6.55
N THR A 70 -11.30 5.94 5.95
CA THR A 70 -12.51 5.35 6.46
C THR A 70 -12.38 3.82 6.50
N GLY A 71 -13.46 3.13 6.82
CA GLY A 71 -13.40 1.69 6.96
C GLY A 71 -13.41 1.01 5.62
N ARG A 72 -13.04 -0.25 5.58
CA ARG A 72 -12.95 -1.01 4.30
C ARG A 72 -14.35 -1.31 3.76
N ASP A 73 -15.34 -1.02 4.57
CA ASP A 73 -16.71 -1.33 4.26
C ASP A 73 -17.45 -0.07 3.80
N SER A 74 -16.78 1.08 3.88
CA SER A 74 -17.40 2.34 3.53
C SER A 74 -17.76 2.41 2.03
N CYS A 75 -16.89 1.85 1.20
CA CYS A 75 -17.16 1.77 -0.23
C CYS A 75 -16.58 0.47 -0.75
N THR A 76 -16.78 0.18 -2.00
CA THR A 76 -16.28 -1.05 -2.58
C THR A 76 -14.91 -0.79 -3.20
N LEU A 77 -14.03 -1.79 -3.20
CA LEU A 77 -12.74 -1.64 -3.79
C LEU A 77 -12.56 -2.55 -4.99
N PRO A 78 -11.83 -2.04 -5.97
CA PRO A 78 -11.44 -2.79 -7.18
C PRO A 78 -10.65 -4.08 -6.87
N ALA A 79 -9.53 -3.96 -6.17
CA ALA A 79 -8.69 -5.10 -5.90
C ALA A 79 -8.69 -5.46 -4.42
N SER A 80 -8.94 -6.72 -4.16
CA SER A 80 -8.94 -7.25 -2.81
C SER A 80 -8.91 -8.79 -2.88
N ALA A 81 -9.58 -9.36 -3.87
CA ALA A 81 -9.67 -10.79 -4.02
C ALA A 81 -8.94 -11.25 -5.29
N GLU A 82 -9.09 -12.51 -5.59
CA GLU A 82 -8.47 -13.14 -6.75
C GLU A 82 -9.20 -12.73 -8.03
N LYS A 83 -8.44 -12.56 -9.08
CA LYS A 83 -8.98 -12.09 -10.33
C LYS A 83 -8.65 -13.09 -11.42
N ALA A 84 -8.98 -12.76 -12.63
CA ALA A 84 -8.67 -13.61 -13.75
C ALA A 84 -7.61 -12.95 -14.60
N CYS A 85 -7.19 -13.60 -15.67
CA CYS A 85 -6.24 -13.00 -16.59
C CYS A 85 -6.80 -11.70 -17.13
N GLY A 86 -6.03 -10.65 -17.00
CA GLY A 86 -6.47 -9.34 -17.42
C GLY A 86 -6.39 -8.37 -16.27
N ALA A 87 -6.43 -8.91 -15.07
CA ALA A 87 -6.31 -8.14 -13.87
C ALA A 87 -5.46 -8.89 -12.88
N CYS A 88 -4.29 -8.40 -12.63
CA CYS A 88 -3.39 -9.04 -11.71
C CYS A 88 -3.06 -8.13 -10.55
N PRO A 89 -3.64 -8.38 -9.36
CA PRO A 89 -3.31 -7.63 -8.16
C PRO A 89 -1.85 -7.86 -7.79
N LEU A 90 -1.22 -6.86 -7.24
CA LEU A 90 0.21 -6.92 -6.94
C LEU A 90 0.58 -7.93 -5.81
N TRP A 91 -0.44 -8.46 -5.15
CA TRP A 91 -0.27 -9.47 -4.11
C TRP A 91 -0.63 -10.85 -4.66
N GLY A 92 -0.87 -10.88 -5.93
CA GLY A 92 -1.20 -12.08 -6.59
C GLY A 92 -0.32 -12.26 -7.77
N LYS A 93 -0.47 -13.35 -8.45
CA LYS A 93 0.31 -13.61 -9.61
C LYS A 93 -0.38 -14.69 -10.43
N CYS A 94 -0.26 -14.60 -11.72
CA CYS A 94 -0.75 -15.63 -12.54
C CYS A 94 0.46 -16.41 -13.01
N ASP A 95 0.88 -17.34 -12.19
CA ASP A 95 2.07 -18.10 -12.51
C ASP A 95 1.80 -19.59 -12.40
N ALA A 96 1.05 -19.99 -11.38
CA ALA A 96 0.80 -21.39 -11.14
C ALA A 96 -0.21 -21.98 -12.10
N GLU A 97 -1.15 -21.18 -12.52
CA GLU A 97 -2.22 -21.67 -13.35
C GLU A 97 -2.14 -21.21 -14.78
N SER A 98 -2.15 -19.88 -14.96
CA SER A 98 -2.34 -19.26 -16.27
C SER A 98 -3.75 -19.59 -16.74
N SER A 99 -4.68 -18.93 -16.09
CA SER A 99 -6.11 -19.14 -16.25
C SER A 99 -6.79 -18.05 -15.42
N LYS A 100 -6.33 -17.92 -14.18
CA LYS A 100 -6.77 -16.87 -13.31
C LYS A 100 -5.58 -16.41 -12.51
N CYS A 101 -5.74 -15.36 -11.77
CA CYS A 101 -4.70 -14.84 -10.94
C CYS A 101 -4.97 -15.27 -9.52
N VAL A 102 -4.02 -15.93 -8.92
CA VAL A 102 -4.19 -16.45 -7.59
C VAL A 102 -3.37 -15.55 -6.64
N CYS A 103 -3.47 -15.74 -5.36
CA CYS A 103 -2.74 -14.93 -4.44
C CYS A 103 -1.48 -15.64 -4.06
N ARG A 104 -0.42 -14.91 -3.99
CA ARG A 104 0.85 -15.48 -3.68
C ARG A 104 1.24 -15.20 -2.27
N GLU A 105 2.33 -15.77 -1.89
CA GLU A 105 2.89 -15.61 -0.59
C GLU A 105 3.56 -14.23 -0.58
N ALA A 106 3.86 -13.69 0.59
CA ALA A 106 4.39 -12.33 0.68
C ALA A 106 5.72 -12.23 -0.02
N SER A 107 6.51 -13.27 0.13
CA SER A 107 7.81 -13.31 -0.49
C SER A 107 7.72 -13.63 -2.00
N GLU A 108 6.50 -13.90 -2.47
CA GLU A 108 6.27 -14.24 -3.87
C GLU A 108 5.47 -13.15 -4.58
N CYS A 109 5.14 -12.10 -3.87
CA CYS A 109 4.42 -11.00 -4.47
C CYS A 109 5.36 -10.26 -5.41
N GLU A 110 4.84 -9.74 -6.49
CA GLU A 110 5.71 -9.17 -7.49
C GLU A 110 5.85 -7.64 -7.32
N GLU A 111 5.50 -7.17 -6.15
CA GLU A 111 5.58 -5.78 -5.80
C GLU A 111 5.77 -5.71 -4.30
N GLU A 112 6.41 -4.66 -3.86
CA GLU A 112 6.69 -4.41 -2.52
C GLU A 112 5.50 -3.65 -1.89
N GLY A 113 5.01 -2.69 -2.65
CA GLY A 113 4.03 -1.79 -2.21
C GLY A 113 4.52 -0.95 -1.06
N PHE A 114 3.59 -0.39 -0.36
CA PHE A 114 3.88 0.38 0.79
C PHE A 114 4.09 -0.47 2.03
N SER A 115 4.34 0.17 3.11
CA SER A 115 4.43 -0.49 4.36
C SER A 115 3.34 0.10 5.22
N ILE A 116 2.47 -0.72 5.74
CA ILE A 116 1.32 -0.22 6.47
C ILE A 116 1.20 -0.88 7.83
N CYS A 117 0.31 -0.37 8.63
CA CYS A 117 0.05 -0.86 9.95
C CYS A 117 -1.23 -1.65 9.93
N VAL A 118 -1.14 -2.93 10.20
CA VAL A 118 -2.31 -3.75 10.18
C VAL A 118 -2.45 -4.49 11.49
N GLU A 119 -3.63 -4.44 12.04
CA GLU A 119 -3.94 -5.10 13.25
C GLU A 119 -4.25 -6.54 12.92
N VAL A 120 -3.42 -7.40 13.40
CA VAL A 120 -3.49 -8.80 13.18
C VAL A 120 -3.25 -9.51 14.49
N ASN A 121 -4.14 -10.44 14.82
CA ASN A 121 -4.04 -11.23 16.05
C ASN A 121 -4.18 -10.38 17.30
N GLY A 122 -4.66 -9.16 17.13
CA GLY A 122 -4.83 -8.26 18.23
C GLY A 122 -3.68 -7.30 18.36
N LYS A 123 -2.68 -7.46 17.53
CA LYS A 123 -1.53 -6.57 17.55
C LYS A 123 -1.42 -5.83 16.25
N GLU A 124 -0.93 -4.63 16.30
CA GLU A 124 -0.69 -3.90 15.09
C GLU A 124 0.71 -4.23 14.62
N GLN A 125 0.81 -4.80 13.47
CA GLN A 125 2.08 -5.14 12.93
C GLN A 125 2.28 -4.40 11.61
N THR A 126 3.51 -3.98 11.38
CA THR A 126 3.85 -3.34 10.16
C THR A 126 4.13 -4.41 9.15
N MET A 127 3.43 -4.37 8.10
CA MET A 127 3.58 -5.32 7.07
C MET A 127 3.69 -4.63 5.77
N SER A 128 4.15 -5.33 4.80
CA SER A 128 4.29 -4.81 3.50
C SER A 128 2.95 -4.92 2.84
N GLU A 129 2.69 -4.05 1.94
CA GLU A 129 1.44 -3.96 1.26
C GLU A 129 1.14 -5.23 0.51
N CYS A 130 2.16 -5.79 -0.09
CA CYS A 130 2.04 -7.05 -0.79
C CYS A 130 1.56 -8.16 0.17
N GLU A 131 2.15 -8.19 1.36
CA GLU A 131 1.83 -9.15 2.39
C GLU A 131 0.39 -8.96 2.86
N ALA A 132 0.08 -7.74 3.26
CA ALA A 132 -1.25 -7.39 3.74
C ALA A 132 -2.32 -7.72 2.70
N GLY A 133 -2.04 -7.40 1.45
CA GLY A 133 -2.96 -7.66 0.38
C GLY A 133 -3.15 -9.14 0.16
N ALA A 134 -2.06 -9.88 0.22
CA ALA A 134 -2.09 -11.31 0.04
C ALA A 134 -2.92 -11.93 1.15
N LEU A 135 -2.77 -11.41 2.35
CA LEU A 135 -3.54 -11.86 3.49
C LEU A 135 -5.03 -11.61 3.27
N ARG A 136 -5.38 -10.43 2.75
CA ARG A 136 -6.77 -10.09 2.42
C ARG A 136 -7.31 -11.05 1.36
N CYS A 137 -6.49 -11.32 0.37
CA CYS A 137 -6.86 -12.15 -0.75
C CYS A 137 -6.96 -13.64 -0.39
N ARG A 138 -6.14 -14.12 0.54
CA ARG A 138 -6.17 -15.52 0.93
C ARG A 138 -7.31 -15.83 1.90
N GLY A 139 -7.68 -14.86 2.71
CA GLY A 139 -8.75 -15.11 3.66
C GLY A 139 -8.31 -14.91 5.09
N GLN A 140 -7.10 -14.46 5.27
CA GLN A 140 -6.59 -14.15 6.61
C GLN A 140 -7.35 -12.93 7.15
N SER A 141 -7.70 -12.94 8.41
CA SER A 141 -8.40 -11.81 9.00
C SER A 141 -7.39 -10.75 9.44
N ILE A 142 -7.37 -9.64 8.76
CA ILE A 142 -6.45 -8.57 9.07
C ILE A 142 -7.18 -7.24 8.98
N SER A 143 -6.87 -6.36 9.88
CA SER A 143 -7.50 -5.09 9.90
C SER A 143 -6.49 -3.97 9.71
N VAL A 144 -6.45 -3.38 8.53
CA VAL A 144 -5.57 -2.26 8.28
C VAL A 144 -6.04 -1.04 9.08
N THR A 145 -5.26 -0.68 10.06
CA THR A 145 -5.63 0.41 10.93
C THR A 145 -5.08 1.73 10.42
N SER A 146 -3.95 1.67 9.77
CA SER A 146 -3.34 2.85 9.23
C SER A 146 -2.63 2.51 7.94
N ILE A 147 -2.71 3.40 6.97
CA ILE A 147 -2.02 3.23 5.69
C ILE A 147 -0.55 3.65 5.86
N ARG A 148 -0.25 4.05 7.05
CA ARG A 148 1.08 4.39 7.48
C ARG A 148 1.62 3.20 8.25
N PRO A 149 2.93 2.96 8.23
CA PRO A 149 3.51 1.88 9.01
C PRO A 149 3.51 2.25 10.50
N CYS A 150 3.66 1.27 11.34
CA CYS A 150 3.69 1.54 12.76
C CYS A 150 5.10 1.35 13.30
N ALA A 151 5.27 1.48 14.60
CA ALA A 151 6.57 1.29 15.26
C ALA A 151 6.77 -0.19 15.60
N ALA A 152 6.03 -1.03 14.91
CA ALA A 152 6.00 -2.44 15.16
C ALA A 152 6.97 -3.18 14.25
N GLU A 153 8.05 -2.52 13.88
CA GLU A 153 9.10 -3.16 13.09
C GLU A 153 10.09 -3.84 14.03
N THR A 154 9.85 -3.66 15.32
CA THR A 154 10.59 -4.31 16.36
C THR A 154 9.62 -5.17 17.18
N GLN A 155 9.95 -6.42 17.41
CA GLN A 155 9.11 -7.31 18.18
C GLN A 155 9.87 -7.79 19.39
N GLY A 1 32.45 19.99 15.83
CA GLY A 1 31.76 20.64 14.71
C GLY A 1 31.00 21.82 15.21
N SER A 2 30.75 22.75 14.34
CA SER A 2 30.00 23.92 14.68
C SER A 2 28.70 23.91 13.89
N HIS A 3 27.58 24.18 14.57
CA HIS A 3 26.26 24.04 13.97
C HIS A 3 25.93 25.07 12.88
N MET A 4 26.88 25.95 12.60
CA MET A 4 26.76 26.95 11.53
C MET A 4 26.59 26.25 10.19
N ASN A 5 27.13 25.06 10.08
CA ASN A 5 27.00 24.26 8.88
C ASN A 5 26.78 22.83 9.28
N PRO A 6 25.68 22.20 8.85
CA PRO A 6 25.42 20.81 9.15
C PRO A 6 26.22 19.87 8.23
N LEU A 7 27.31 19.36 8.74
CA LEU A 7 28.12 18.47 7.98
C LEU A 7 27.67 17.05 8.27
N THR A 8 27.29 16.34 7.25
CA THR A 8 26.90 14.97 7.40
C THR A 8 27.10 14.28 6.07
N GLN A 9 27.42 13.02 6.11
CA GLN A 9 27.63 12.25 4.91
C GLN A 9 26.58 11.20 4.80
N ALA A 10 25.55 11.33 5.61
CA ALA A 10 24.45 10.40 5.62
C ALA A 10 23.62 10.57 4.36
N VAL A 11 23.30 9.47 3.71
CA VAL A 11 22.45 9.48 2.54
C VAL A 11 21.02 9.85 2.99
N PRO A 12 20.35 10.74 2.29
CA PRO A 12 18.98 11.08 2.62
C PRO A 12 17.98 10.05 2.14
N LYS A 13 17.09 9.71 3.03
CA LYS A 13 16.08 8.75 2.75
C LYS A 13 14.76 9.43 2.55
N CYS A 14 14.08 9.02 1.54
CA CYS A 14 12.81 9.57 1.23
C CYS A 14 11.76 8.57 1.65
N GLN A 15 10.59 9.05 1.99
CA GLN A 15 9.53 8.16 2.44
C GLN A 15 8.92 7.44 1.23
N ARG A 16 7.99 6.52 1.49
CA ARG A 16 7.34 5.69 0.45
C ARG A 16 6.72 6.52 -0.69
N TRP A 17 6.25 7.69 -0.35
CA TRP A 17 5.56 8.56 -1.27
C TRP A 17 6.49 9.62 -1.85
N GLU A 18 7.76 9.48 -1.58
CA GLU A 18 8.74 10.43 -2.04
C GLU A 18 9.78 9.75 -2.91
N LYS A 19 10.62 10.55 -3.52
CA LYS A 19 11.70 10.09 -4.33
C LYS A 19 12.91 10.99 -4.12
N LEU A 20 14.08 10.44 -4.32
CA LEU A 20 15.33 11.15 -4.09
C LEU A 20 15.87 11.72 -5.38
N GLN A 21 15.90 13.03 -5.46
CA GLN A 21 16.47 13.72 -6.60
C GLN A 21 17.06 15.01 -6.08
N ASN A 22 18.11 15.51 -6.73
CA ASN A 22 18.74 16.80 -6.39
C ASN A 22 19.30 16.75 -4.94
N SER A 23 19.56 15.51 -4.50
CA SER A 23 20.06 15.17 -3.17
C SER A 23 19.04 15.52 -2.06
N ARG A 24 17.78 15.66 -2.45
CA ARG A 24 16.74 15.96 -1.49
C ARG A 24 15.57 15.04 -1.70
N CYS A 25 14.59 15.22 -0.87
CA CYS A 25 13.41 14.42 -0.94
C CYS A 25 12.35 15.25 -1.60
N VAL A 26 11.72 14.71 -2.60
CA VAL A 26 10.60 15.37 -3.23
C VAL A 26 9.47 14.38 -3.28
N CYS A 27 8.28 14.86 -3.45
CA CYS A 27 7.13 13.99 -3.41
C CYS A 27 6.83 13.43 -4.78
N LYS A 28 6.35 12.21 -4.82
CA LYS A 28 5.95 11.61 -6.07
C LYS A 28 4.57 12.13 -6.45
N MET A 29 4.00 11.58 -7.49
CA MET A 29 2.75 12.08 -7.99
C MET A 29 1.66 11.03 -7.80
N PRO A 30 0.37 11.42 -7.67
CA PRO A 30 -0.74 10.49 -7.40
C PRO A 30 -0.97 9.49 -8.53
N TYR A 31 -0.40 9.77 -9.67
CA TYR A 31 -0.58 8.94 -10.83
C TYR A 31 0.54 7.94 -10.97
N GLU A 32 1.44 7.97 -10.01
CA GLU A 32 2.50 7.00 -9.89
C GLU A 32 1.96 5.79 -9.14
N CYS A 33 0.72 5.93 -8.71
CA CYS A 33 0.04 4.95 -7.93
C CYS A 33 -0.44 3.81 -8.80
N GLY A 34 0.32 2.75 -8.81
CA GLY A 34 -0.06 1.55 -9.50
C GLY A 34 -0.18 0.43 -8.51
N PRO A 35 0.95 -0.09 -8.00
CA PRO A 35 0.95 -1.11 -6.96
C PRO A 35 0.54 -0.50 -5.62
N SER A 36 -0.66 -0.87 -5.13
CA SER A 36 -1.17 -0.38 -3.84
C SER A 36 -2.47 -1.07 -3.42
N LEU A 37 -2.69 -1.12 -2.13
CA LEU A 37 -3.93 -1.66 -1.57
C LEU A 37 -5.06 -0.65 -1.57
N ASP A 38 -6.20 -1.09 -2.03
CA ASP A 38 -7.41 -0.29 -2.11
C ASP A 38 -7.98 -0.06 -0.73
N VAL A 39 -8.31 1.19 -0.43
CA VAL A 39 -8.89 1.59 0.86
C VAL A 39 -9.99 2.63 0.67
N CYS A 40 -10.84 2.80 1.65
CA CYS A 40 -11.92 3.77 1.58
C CYS A 40 -11.56 4.99 2.41
N ALA A 41 -11.57 6.14 1.80
CA ALA A 41 -11.17 7.33 2.49
C ALA A 41 -12.19 8.42 2.32
N GLN A 42 -12.29 9.26 3.29
CA GLN A 42 -13.18 10.37 3.24
C GLN A 42 -12.44 11.59 2.79
N ASP A 43 -12.98 12.20 1.77
CA ASP A 43 -12.48 13.43 1.23
C ASP A 43 -12.87 14.55 2.18
N GLU A 44 -11.88 15.30 2.65
CA GLU A 44 -12.14 16.37 3.61
C GLU A 44 -12.51 17.70 2.96
N ARG A 45 -12.74 17.68 1.67
CA ARG A 45 -13.10 18.90 0.99
C ARG A 45 -14.60 18.86 0.73
N SER A 46 -15.03 17.80 0.11
CA SER A 46 -16.41 17.59 -0.24
C SER A 46 -17.15 16.89 0.91
N LYS A 47 -16.39 16.18 1.77
CA LYS A 47 -16.95 15.35 2.82
C LYS A 47 -17.77 14.26 2.21
N ARG A 48 -17.08 13.38 1.55
CA ARG A 48 -17.65 12.26 0.86
C ARG A 48 -16.71 11.10 1.03
N ILE A 49 -17.19 9.91 0.93
CA ILE A 49 -16.32 8.76 1.06
C ILE A 49 -15.99 8.30 -0.34
N LEU A 50 -14.73 8.20 -0.65
CA LEU A 50 -14.34 7.80 -1.96
C LEU A 50 -13.26 6.72 -1.89
N PRO A 51 -13.21 5.86 -2.88
CA PRO A 51 -12.20 4.81 -2.95
C PRO A 51 -10.81 5.36 -3.32
N LEU A 52 -9.85 5.06 -2.49
CA LEU A 52 -8.48 5.44 -2.71
C LEU A 52 -7.62 4.21 -2.60
N THR A 53 -6.36 4.41 -2.72
CA THR A 53 -5.43 3.37 -2.62
C THR A 53 -4.31 3.89 -1.73
N VAL A 54 -3.61 3.02 -1.03
CA VAL A 54 -2.55 3.46 -0.10
C VAL A 54 -1.47 4.37 -0.72
N CYS A 55 -0.94 4.00 -1.87
CA CYS A 55 0.04 4.84 -2.55
C CYS A 55 -0.58 6.20 -2.94
N LYS A 56 -1.81 6.14 -3.46
CA LYS A 56 -2.59 7.31 -3.90
C LYS A 56 -2.74 8.28 -2.73
N MET A 57 -3.38 7.80 -1.67
CA MET A 57 -3.63 8.56 -0.44
C MET A 57 -2.34 9.14 0.11
N HIS A 58 -1.27 8.35 0.14
CA HIS A 58 0.00 8.83 0.74
C HIS A 58 0.60 9.99 -0.02
N VAL A 59 0.70 9.82 -1.30
CA VAL A 59 1.23 10.85 -2.16
C VAL A 59 0.36 12.08 -2.08
N LEU A 60 -0.92 11.88 -2.28
CA LEU A 60 -1.91 12.92 -2.24
C LEU A 60 -1.94 13.63 -0.87
N HIS A 61 -1.69 12.89 0.19
CA HIS A 61 -1.69 13.44 1.54
C HIS A 61 -0.51 14.37 1.70
N CYS A 62 0.63 14.01 1.11
CA CYS A 62 1.83 14.79 1.23
C CYS A 62 1.80 15.94 0.21
N GLN A 63 0.97 15.77 -0.81
CA GLN A 63 0.68 16.83 -1.78
C GLN A 63 -0.17 17.94 -1.14
N GLY A 64 -0.57 17.73 0.11
CA GLY A 64 -1.29 18.74 0.82
C GLY A 64 -2.78 18.57 0.73
N ARG A 65 -3.23 17.34 0.64
CA ARG A 65 -4.65 17.05 0.60
C ARG A 65 -5.02 16.25 1.83
N ASN A 66 -6.03 16.67 2.54
CA ASN A 66 -6.47 15.99 3.74
C ASN A 66 -7.55 15.01 3.45
N TYR A 67 -7.37 13.83 3.99
CA TYR A 67 -8.28 12.74 3.86
C TYR A 67 -8.34 11.97 5.14
N THR A 68 -9.44 11.39 5.39
CA THR A 68 -9.65 10.63 6.58
C THR A 68 -9.82 9.16 6.21
N LEU A 69 -9.19 8.29 6.95
CA LEU A 69 -9.35 6.88 6.71
C LEU A 69 -10.65 6.42 7.32
N THR A 70 -11.46 5.80 6.51
CA THR A 70 -12.76 5.38 6.93
C THR A 70 -12.92 3.88 6.78
N GLY A 71 -14.11 3.40 7.08
CA GLY A 71 -14.38 2.00 6.98
C GLY A 71 -14.57 1.57 5.55
N ARG A 72 -14.49 0.28 5.32
CA ARG A 72 -14.61 -0.26 3.98
C ARG A 72 -16.06 -0.22 3.53
N ASP A 73 -16.95 -0.12 4.47
CA ASP A 73 -18.38 -0.11 4.21
C ASP A 73 -18.85 1.26 3.78
N SER A 74 -18.00 2.25 4.00
CA SER A 74 -18.33 3.62 3.75
C SER A 74 -18.45 3.96 2.23
N CYS A 75 -17.78 3.21 1.37
CA CYS A 75 -17.89 3.42 -0.08
C CYS A 75 -17.69 2.10 -0.82
N THR A 76 -17.82 2.15 -2.12
CA THR A 76 -17.65 0.98 -2.93
C THR A 76 -16.18 0.88 -3.36
N LEU A 77 -15.53 -0.19 -3.01
CA LEU A 77 -14.12 -0.34 -3.25
C LEU A 77 -13.91 -0.93 -4.65
N PRO A 78 -12.91 -0.42 -5.42
CA PRO A 78 -12.65 -0.87 -6.77
C PRO A 78 -12.11 -2.30 -6.85
N ALA A 79 -10.97 -2.57 -6.25
CA ALA A 79 -10.39 -3.90 -6.34
C ALA A 79 -10.46 -4.64 -5.03
N SER A 80 -11.20 -5.71 -5.06
CA SER A 80 -11.34 -6.63 -3.95
C SER A 80 -11.74 -8.00 -4.51
N ALA A 81 -11.43 -8.21 -5.77
CA ALA A 81 -11.81 -9.42 -6.42
C ALA A 81 -10.61 -10.24 -6.84
N GLU A 82 -10.91 -11.39 -7.36
CA GLU A 82 -9.95 -12.34 -7.85
C GLU A 82 -9.60 -12.02 -9.29
N LYS A 83 -8.49 -12.54 -9.77
CA LYS A 83 -8.04 -12.25 -11.11
C LYS A 83 -7.59 -13.52 -11.80
N ALA A 84 -7.21 -13.42 -13.03
CA ALA A 84 -6.78 -14.54 -13.81
C ALA A 84 -5.64 -14.10 -14.71
N CYS A 85 -5.10 -15.02 -15.48
CA CYS A 85 -4.00 -14.73 -16.40
C CYS A 85 -4.40 -13.60 -17.36
N GLY A 86 -3.71 -12.48 -17.24
CA GLY A 86 -4.03 -11.31 -18.00
C GLY A 86 -4.11 -10.10 -17.11
N ALA A 87 -4.35 -10.35 -15.84
CA ALA A 87 -4.35 -9.32 -14.81
C ALA A 87 -3.87 -9.98 -13.54
N CYS A 88 -2.64 -9.74 -13.19
CA CYS A 88 -2.08 -10.37 -12.05
C CYS A 88 -1.54 -9.32 -11.06
N PRO A 89 -2.20 -9.17 -9.89
CA PRO A 89 -1.78 -8.21 -8.84
C PRO A 89 -0.40 -8.53 -8.25
N LEU A 90 0.04 -7.71 -7.27
CA LEU A 90 1.39 -7.86 -6.66
C LEU A 90 1.53 -9.26 -6.07
N TRP A 91 0.47 -9.64 -5.40
CA TRP A 91 0.34 -10.88 -4.66
C TRP A 91 -0.27 -11.98 -5.50
N GLY A 92 -0.68 -11.63 -6.69
CA GLY A 92 -1.35 -12.56 -7.53
C GLY A 92 -0.47 -12.96 -8.64
N LYS A 93 0.24 -14.03 -8.46
CA LYS A 93 1.16 -14.50 -9.46
C LYS A 93 0.55 -15.63 -10.21
N CYS A 94 0.86 -15.70 -11.45
CA CYS A 94 0.33 -16.71 -12.28
C CYS A 94 1.31 -17.88 -12.31
N ASP A 95 1.20 -18.71 -11.31
CA ASP A 95 1.99 -19.91 -11.18
C ASP A 95 1.09 -20.97 -10.62
N ALA A 96 0.26 -21.46 -11.50
CA ALA A 96 -0.75 -22.47 -11.26
C ALA A 96 -1.52 -22.57 -12.54
N GLU A 97 -1.46 -23.70 -13.18
CA GLU A 97 -2.11 -23.86 -14.44
C GLU A 97 -3.60 -24.17 -14.21
N SER A 98 -4.33 -23.15 -13.89
CA SER A 98 -5.76 -23.23 -13.69
C SER A 98 -6.40 -21.96 -14.22
N SER A 99 -5.64 -21.26 -15.08
CA SER A 99 -6.03 -20.02 -15.77
C SER A 99 -6.10 -18.79 -14.82
N LYS A 100 -6.16 -19.05 -13.54
CA LYS A 100 -6.26 -18.03 -12.52
C LYS A 100 -4.92 -17.50 -12.11
N CYS A 101 -4.97 -16.47 -11.34
CA CYS A 101 -3.81 -15.98 -10.69
C CYS A 101 -3.95 -16.47 -9.26
N VAL A 102 -2.90 -16.88 -8.66
CA VAL A 102 -3.00 -17.41 -7.34
C VAL A 102 -2.35 -16.42 -6.37
N CYS A 103 -2.68 -16.50 -5.11
CA CYS A 103 -2.19 -15.55 -4.15
C CYS A 103 -0.98 -16.13 -3.47
N ARG A 104 0.11 -15.43 -3.58
CA ARG A 104 1.38 -15.87 -3.11
C ARG A 104 1.77 -15.26 -1.78
N GLU A 105 2.92 -15.65 -1.27
CA GLU A 105 3.43 -15.15 -0.02
C GLU A 105 4.00 -13.77 -0.26
N ALA A 106 4.21 -13.04 0.80
CA ALA A 106 4.64 -11.66 0.73
C ALA A 106 6.01 -11.55 0.08
N SER A 107 6.88 -12.42 0.49
CA SER A 107 8.22 -12.46 0.00
C SER A 107 8.24 -12.95 -1.46
N GLU A 108 7.27 -13.80 -1.78
CA GLU A 108 7.17 -14.41 -3.08
C GLU A 108 6.47 -13.44 -4.07
N CYS A 109 5.96 -12.34 -3.53
CA CYS A 109 5.41 -11.28 -4.35
C CYS A 109 6.55 -10.48 -4.96
N GLU A 110 7.70 -10.44 -4.24
CA GLU A 110 8.92 -9.72 -4.67
C GLU A 110 8.62 -8.25 -5.01
N GLU A 111 7.74 -7.64 -4.25
CA GLU A 111 7.30 -6.30 -4.56
C GLU A 111 7.55 -5.41 -3.35
N GLU A 112 6.81 -5.73 -2.29
CA GLU A 112 6.84 -5.08 -0.96
C GLU A 112 5.95 -3.85 -0.87
N GLY A 113 5.96 -3.04 -1.92
CA GLY A 113 5.26 -1.77 -1.93
C GLY A 113 5.49 -0.90 -0.71
N PHE A 114 4.42 -0.35 -0.23
CA PHE A 114 4.41 0.48 0.96
C PHE A 114 4.36 -0.36 2.23
N SER A 115 4.35 0.31 3.35
CA SER A 115 4.19 -0.35 4.62
C SER A 115 2.94 0.21 5.30
N ILE A 116 2.05 -0.65 5.73
CA ILE A 116 0.78 -0.22 6.32
C ILE A 116 0.55 -0.89 7.67
N CYS A 117 -0.49 -0.47 8.36
CA CYS A 117 -0.86 -1.02 9.65
C CYS A 117 -2.14 -1.80 9.49
N VAL A 118 -2.10 -3.04 9.85
CA VAL A 118 -3.24 -3.89 9.67
C VAL A 118 -3.53 -4.63 10.96
N GLU A 119 -4.78 -4.70 11.32
CA GLU A 119 -5.20 -5.44 12.45
C GLU A 119 -5.29 -6.89 12.04
N VAL A 120 -4.52 -7.69 12.68
CA VAL A 120 -4.45 -9.10 12.43
C VAL A 120 -4.27 -9.78 13.75
N ASN A 121 -5.04 -10.83 13.99
CA ASN A 121 -4.97 -11.59 15.24
C ASN A 121 -5.39 -10.73 16.43
N GLY A 122 -6.13 -9.68 16.13
CA GLY A 122 -6.60 -8.81 17.17
C GLY A 122 -5.74 -7.59 17.37
N LYS A 123 -4.53 -7.66 16.91
CA LYS A 123 -3.58 -6.58 17.10
C LYS A 123 -3.20 -5.93 15.78
N GLU A 124 -2.76 -4.71 15.85
CA GLU A 124 -2.32 -4.01 14.68
C GLU A 124 -0.84 -4.24 14.46
N GLN A 125 -0.53 -4.88 13.36
CA GLN A 125 0.83 -5.20 12.98
C GLN A 125 1.15 -4.47 11.67
N THR A 126 2.39 -4.16 11.44
CA THR A 126 2.79 -3.50 10.23
C THR A 126 3.06 -4.55 9.18
N MET A 127 2.54 -4.35 8.01
CA MET A 127 2.78 -5.26 6.94
C MET A 127 3.24 -4.50 5.76
N SER A 128 3.91 -5.19 4.90
CA SER A 128 4.24 -4.64 3.65
C SER A 128 3.00 -4.73 2.80
N GLU A 129 2.88 -3.84 1.87
CA GLU A 129 1.74 -3.70 1.00
C GLU A 129 1.37 -5.05 0.37
N CYS A 130 2.33 -5.70 -0.26
CA CYS A 130 2.06 -6.98 -0.91
C CYS A 130 1.65 -8.08 0.10
N GLU A 131 2.09 -7.93 1.34
CA GLU A 131 1.82 -8.90 2.39
C GLU A 131 0.39 -8.80 2.83
N ALA A 132 0.00 -7.62 3.28
CA ALA A 132 -1.35 -7.35 3.70
C ALA A 132 -2.33 -7.68 2.57
N GLY A 133 -1.91 -7.37 1.34
CA GLY A 133 -2.70 -7.61 0.17
C GLY A 133 -2.90 -9.09 -0.09
N ALA A 134 -1.81 -9.85 -0.01
CA ALA A 134 -1.87 -11.29 -0.24
C ALA A 134 -2.72 -11.94 0.80
N LEU A 135 -2.56 -11.50 2.04
CA LEU A 135 -3.33 -12.03 3.14
C LEU A 135 -4.82 -11.76 2.93
N ARG A 136 -5.13 -10.56 2.47
CA ARG A 136 -6.52 -10.16 2.22
C ARG A 136 -7.11 -10.98 1.08
N CYS A 137 -6.29 -11.24 0.10
CA CYS A 137 -6.67 -12.02 -1.04
C CYS A 137 -6.81 -13.52 -0.78
N ARG A 138 -5.90 -14.08 -0.01
CA ARG A 138 -5.90 -15.52 0.24
C ARG A 138 -7.01 -15.95 1.19
N GLY A 139 -7.43 -15.06 2.05
CA GLY A 139 -8.48 -15.45 2.96
C GLY A 139 -8.18 -15.08 4.40
N GLN A 140 -6.93 -14.80 4.69
CA GLN A 140 -6.52 -14.40 6.05
C GLN A 140 -7.36 -13.22 6.55
N SER A 141 -7.79 -13.30 7.79
CA SER A 141 -8.63 -12.28 8.39
C SER A 141 -7.76 -11.13 8.88
N ILE A 142 -7.86 -10.02 8.18
CA ILE A 142 -7.11 -8.83 8.50
C ILE A 142 -8.01 -7.63 8.31
N SER A 143 -7.68 -6.58 8.95
CA SER A 143 -8.38 -5.35 8.79
C SER A 143 -7.37 -4.22 8.65
N VAL A 144 -7.28 -3.63 7.47
CA VAL A 144 -6.36 -2.51 7.27
C VAL A 144 -6.88 -1.30 8.04
N THR A 145 -6.27 -1.02 9.15
CA THR A 145 -6.71 0.03 10.00
C THR A 145 -6.12 1.37 9.59
N SER A 146 -4.90 1.32 9.09
CA SER A 146 -4.22 2.53 8.67
C SER A 146 -3.25 2.22 7.54
N ILE A 147 -3.11 3.13 6.60
CA ILE A 147 -2.23 2.92 5.45
C ILE A 147 -0.80 3.35 5.81
N ARG A 148 -0.64 3.76 7.04
CA ARG A 148 0.63 4.15 7.58
C ARG A 148 1.14 3.02 8.46
N PRO A 149 2.46 2.82 8.59
CA PRO A 149 3.02 1.72 9.40
C PRO A 149 2.76 1.90 10.91
N CYS A 150 2.80 0.80 11.62
CA CYS A 150 2.60 0.77 13.06
C CYS A 150 3.98 0.63 13.72
N ALA A 151 4.01 0.43 15.02
CA ALA A 151 5.23 0.22 15.74
C ALA A 151 5.07 -1.00 16.62
N ALA A 152 4.30 -1.95 16.11
CA ALA A 152 3.97 -3.20 16.80
C ALA A 152 5.21 -4.02 17.00
N GLU A 153 6.05 -3.90 16.04
CA GLU A 153 7.29 -4.59 15.93
C GLU A 153 8.45 -3.64 16.21
N THR A 154 8.13 -2.57 16.93
CA THR A 154 9.04 -1.49 17.26
C THR A 154 9.66 -0.85 16.01
N GLN A 155 8.93 0.06 15.42
CA GLN A 155 9.31 0.71 14.19
C GLN A 155 9.50 2.19 14.45
N GLY A 1 29.22 18.63 -17.79
CA GLY A 1 28.34 17.76 -17.03
C GLY A 1 27.67 18.49 -15.88
N SER A 2 26.75 19.35 -16.20
CA SER A 2 26.03 20.12 -15.21
C SER A 2 24.88 19.26 -14.67
N HIS A 3 25.06 18.70 -13.50
CA HIS A 3 24.05 17.83 -12.92
C HIS A 3 23.02 18.65 -12.20
N MET A 4 21.77 18.59 -12.65
CA MET A 4 20.68 19.30 -11.98
C MET A 4 20.46 18.65 -10.62
N ASN A 5 20.60 17.36 -10.59
CA ASN A 5 20.62 16.64 -9.36
C ASN A 5 21.86 15.80 -9.41
N PRO A 6 22.78 15.95 -8.46
CA PRO A 6 24.01 15.15 -8.42
C PRO A 6 23.75 13.78 -7.84
N LEU A 7 24.06 12.77 -8.58
CA LEU A 7 23.91 11.42 -8.11
C LEU A 7 25.25 10.76 -8.28
N THR A 8 26.07 10.88 -7.27
CA THR A 8 27.38 10.31 -7.26
C THR A 8 27.38 8.98 -6.51
N GLN A 9 27.46 9.07 -5.19
CA GLN A 9 27.42 7.94 -4.28
C GLN A 9 26.39 8.25 -3.21
N ALA A 10 25.55 9.20 -3.51
CA ALA A 10 24.57 9.65 -2.58
C ALA A 10 23.28 8.96 -2.82
N VAL A 11 23.04 7.98 -2.01
CA VAL A 11 21.85 7.27 -2.05
C VAL A 11 20.80 8.07 -1.28
N PRO A 12 19.58 8.11 -1.78
CA PRO A 12 18.53 8.88 -1.15
C PRO A 12 17.94 8.18 0.06
N LYS A 13 17.44 8.99 0.97
CA LYS A 13 16.67 8.50 2.05
C LYS A 13 15.33 9.20 2.03
N CYS A 14 14.42 8.65 1.31
CA CYS A 14 13.14 9.25 1.14
C CYS A 14 12.09 8.29 1.60
N GLN A 15 10.93 8.79 1.96
CA GLN A 15 9.86 7.93 2.31
C GLN A 15 9.28 7.29 1.07
N ARG A 16 8.49 6.28 1.28
CA ARG A 16 7.87 5.48 0.22
C ARG A 16 7.09 6.35 -0.80
N TRP A 17 6.55 7.43 -0.31
CA TRP A 17 5.75 8.33 -1.11
C TRP A 17 6.58 9.53 -1.59
N GLU A 18 7.87 9.47 -1.37
CA GLU A 18 8.75 10.55 -1.73
C GLU A 18 9.75 10.08 -2.77
N LYS A 19 10.56 11.00 -3.24
CA LYS A 19 11.61 10.74 -4.20
C LYS A 19 12.66 11.83 -4.09
N LEU A 20 13.82 11.56 -4.60
CA LEU A 20 14.88 12.53 -4.64
C LEU A 20 14.92 13.14 -6.01
N GLN A 21 14.71 14.43 -6.11
CA GLN A 21 14.84 15.13 -7.37
C GLN A 21 15.30 16.50 -7.06
N ASN A 22 16.03 17.12 -7.98
CA ASN A 22 16.48 18.51 -7.81
C ASN A 22 17.32 18.64 -6.56
N SER A 23 18.00 17.53 -6.23
CA SER A 23 18.89 17.38 -5.09
C SER A 23 18.16 17.49 -3.74
N ARG A 24 16.85 17.31 -3.78
CA ARG A 24 16.05 17.37 -2.58
C ARG A 24 15.00 16.26 -2.56
N CYS A 25 14.42 16.03 -1.43
CA CYS A 25 13.41 15.02 -1.28
C CYS A 25 12.04 15.66 -1.32
N VAL A 26 11.25 15.26 -2.27
CA VAL A 26 9.92 15.76 -2.45
C VAL A 26 9.00 14.57 -2.58
N CYS A 27 7.73 14.80 -2.69
CA CYS A 27 6.80 13.73 -2.82
C CYS A 27 6.63 13.37 -4.29
N LYS A 28 6.45 12.07 -4.57
CA LYS A 28 6.33 11.60 -5.95
C LYS A 28 4.99 11.99 -6.58
N MET A 29 4.73 11.56 -7.79
CA MET A 29 3.49 11.90 -8.46
C MET A 29 2.39 10.94 -8.02
N PRO A 30 1.17 11.45 -7.74
CA PRO A 30 0.05 10.61 -7.25
C PRO A 30 -0.54 9.68 -8.33
N TYR A 31 0.04 9.73 -9.51
CA TYR A 31 -0.36 8.88 -10.61
C TYR A 31 0.81 7.97 -11.02
N GLU A 32 1.91 8.13 -10.32
CA GLU A 32 3.16 7.41 -10.60
C GLU A 32 3.27 6.16 -9.71
N CYS A 33 2.25 6.00 -8.89
CA CYS A 33 2.12 4.92 -7.94
C CYS A 33 2.15 3.54 -8.62
N GLY A 34 3.19 2.78 -8.37
CA GLY A 34 3.26 1.44 -8.91
C GLY A 34 2.58 0.45 -7.98
N PRO A 35 3.26 -0.04 -6.94
CA PRO A 35 2.66 -0.93 -5.95
C PRO A 35 1.73 -0.14 -5.03
N SER A 36 0.45 -0.48 -5.02
CA SER A 36 -0.54 0.23 -4.24
C SER A 36 -1.77 -0.66 -3.86
N LEU A 37 -1.99 -0.80 -2.56
CA LEU A 37 -3.12 -1.51 -1.97
C LEU A 37 -4.33 -0.57 -1.89
N ASP A 38 -5.50 -1.05 -2.27
CA ASP A 38 -6.69 -0.20 -2.26
C ASP A 38 -7.34 -0.12 -0.91
N VAL A 39 -7.69 1.10 -0.53
CA VAL A 39 -8.29 1.42 0.77
C VAL A 39 -9.45 2.42 0.61
N CYS A 40 -10.34 2.49 1.57
CA CYS A 40 -11.46 3.40 1.49
C CYS A 40 -11.17 4.65 2.29
N ALA A 41 -11.28 5.79 1.67
CA ALA A 41 -10.96 7.02 2.33
C ALA A 41 -12.12 7.99 2.28
N GLN A 42 -12.12 8.89 3.21
CA GLN A 42 -13.10 9.92 3.23
C GLN A 42 -12.43 11.23 2.91
N ASP A 43 -12.94 11.89 1.92
CA ASP A 43 -12.44 13.18 1.46
C ASP A 43 -12.76 14.23 2.51
N GLU A 44 -11.75 14.91 3.02
CA GLU A 44 -11.96 15.87 4.08
C GLU A 44 -12.65 17.17 3.65
N ARG A 45 -12.85 17.35 2.36
CA ARG A 45 -13.51 18.52 1.87
C ARG A 45 -14.97 18.19 1.57
N SER A 46 -15.15 17.21 0.73
CA SER A 46 -16.44 16.80 0.23
C SER A 46 -17.19 15.95 1.26
N LYS A 47 -16.43 15.36 2.20
CA LYS A 47 -16.95 14.53 3.30
C LYS A 47 -17.52 13.19 2.82
N ARG A 48 -17.24 12.82 1.59
CA ARG A 48 -17.74 11.58 1.04
C ARG A 48 -16.65 10.52 1.07
N ILE A 49 -17.04 9.29 0.89
CA ILE A 49 -16.12 8.19 0.90
C ILE A 49 -15.73 7.88 -0.54
N LEU A 50 -14.48 7.80 -0.81
CA LEU A 50 -14.01 7.45 -2.11
C LEU A 50 -12.93 6.38 -2.02
N PRO A 51 -12.87 5.51 -3.00
CA PRO A 51 -11.85 4.49 -3.07
C PRO A 51 -10.49 5.09 -3.45
N LEU A 52 -9.54 4.91 -2.61
CA LEU A 52 -8.20 5.36 -2.85
C LEU A 52 -7.28 4.21 -2.74
N THR A 53 -6.05 4.47 -2.95
CA THR A 53 -5.08 3.48 -2.88
C THR A 53 -3.95 4.06 -2.01
N VAL A 54 -3.30 3.23 -1.20
CA VAL A 54 -2.27 3.68 -0.21
C VAL A 54 -1.18 4.63 -0.72
N CYS A 55 -0.49 4.29 -1.81
CA CYS A 55 0.53 5.19 -2.35
C CYS A 55 -0.09 6.52 -2.72
N LYS A 56 -1.25 6.48 -3.40
CA LYS A 56 -1.95 7.68 -3.83
C LYS A 56 -2.25 8.56 -2.65
N MET A 57 -2.93 7.98 -1.65
CA MET A 57 -3.26 8.66 -0.39
C MET A 57 -2.01 9.27 0.27
N HIS A 58 -0.95 8.50 0.37
CA HIS A 58 0.27 8.99 1.03
C HIS A 58 0.88 10.13 0.25
N VAL A 59 0.96 9.94 -1.03
CA VAL A 59 1.50 10.92 -1.93
C VAL A 59 0.67 12.18 -1.89
N LEU A 60 -0.64 12.06 -2.03
CA LEU A 60 -1.51 13.21 -2.02
C LEU A 60 -1.52 13.88 -0.64
N HIS A 61 -1.36 13.10 0.41
CA HIS A 61 -1.35 13.65 1.77
C HIS A 61 -0.05 14.42 1.95
N CYS A 62 0.96 14.01 1.24
CA CYS A 62 2.25 14.65 1.31
C CYS A 62 2.26 15.87 0.38
N GLN A 63 1.44 15.79 -0.69
CA GLN A 63 1.23 16.94 -1.59
C GLN A 63 0.56 18.07 -0.82
N GLY A 64 -0.30 17.70 0.10
CA GLY A 64 -1.01 18.67 0.91
C GLY A 64 -2.51 18.44 0.92
N ARG A 65 -2.93 17.21 0.67
CA ARG A 65 -4.34 16.84 0.66
C ARG A 65 -4.66 16.05 1.93
N ASN A 66 -5.85 16.21 2.47
CA ASN A 66 -6.23 15.46 3.66
C ASN A 66 -7.35 14.52 3.37
N TYR A 67 -7.15 13.28 3.75
CA TYR A 67 -8.13 12.25 3.61
C TYR A 67 -8.14 11.40 4.84
N THR A 68 -9.28 10.95 5.21
CA THR A 68 -9.46 10.15 6.38
C THR A 68 -9.60 8.67 5.98
N LEU A 69 -9.09 7.77 6.78
CA LEU A 69 -9.23 6.34 6.51
C LEU A 69 -10.53 5.85 7.07
N THR A 70 -11.26 5.11 6.26
CA THR A 70 -12.55 4.61 6.66
C THR A 70 -12.64 3.10 6.45
N GLY A 71 -13.80 2.55 6.77
CA GLY A 71 -14.02 1.13 6.63
C GLY A 71 -14.13 0.71 5.19
N ARG A 72 -13.85 -0.55 4.94
CA ARG A 72 -13.77 -1.11 3.59
C ARG A 72 -15.13 -1.17 2.89
N ASP A 73 -16.20 -1.09 3.65
CA ASP A 73 -17.52 -1.22 3.07
C ASP A 73 -18.17 0.15 2.88
N SER A 74 -17.46 1.20 3.29
CA SER A 74 -17.96 2.55 3.20
C SER A 74 -18.12 3.01 1.73
N CYS A 75 -17.35 2.41 0.85
CA CYS A 75 -17.47 2.67 -0.57
C CYS A 75 -17.30 1.35 -1.30
N THR A 76 -17.35 1.38 -2.61
CA THR A 76 -17.15 0.20 -3.38
C THR A 76 -15.70 0.16 -3.81
N LEU A 77 -14.95 -0.66 -3.15
CA LEU A 77 -13.54 -0.71 -3.33
C LEU A 77 -13.19 -1.60 -4.52
N PRO A 78 -12.19 -1.18 -5.32
CA PRO A 78 -11.67 -1.97 -6.42
C PRO A 78 -10.59 -2.93 -5.94
N ALA A 79 -10.08 -3.73 -6.86
CA ALA A 79 -9.07 -4.77 -6.61
C ALA A 79 -9.40 -5.61 -5.43
N SER A 80 -8.69 -5.40 -4.33
CA SER A 80 -8.96 -6.06 -3.07
C SER A 80 -8.67 -7.59 -3.05
N ALA A 81 -9.20 -8.30 -4.00
CA ALA A 81 -9.10 -9.72 -4.04
C ALA A 81 -8.22 -10.17 -5.22
N GLU A 82 -8.29 -11.45 -5.50
CA GLU A 82 -7.56 -12.10 -6.57
C GLU A 82 -7.95 -11.60 -7.94
N LYS A 83 -7.00 -11.68 -8.82
CA LYS A 83 -7.15 -11.27 -10.17
C LYS A 83 -7.44 -12.43 -11.07
N ALA A 84 -7.83 -12.10 -12.23
CA ALA A 84 -8.09 -13.05 -13.26
C ALA A 84 -6.84 -13.17 -14.11
N CYS A 85 -6.86 -13.98 -15.13
CA CYS A 85 -5.71 -14.11 -15.99
C CYS A 85 -5.60 -12.84 -16.84
N GLY A 86 -4.43 -12.24 -16.85
CA GLY A 86 -4.26 -11.03 -17.62
C GLY A 86 -3.61 -9.91 -16.83
N ALA A 87 -3.70 -9.98 -15.53
CA ALA A 87 -3.14 -8.97 -14.66
C ALA A 87 -2.75 -9.61 -13.36
N CYS A 88 -1.62 -9.23 -12.86
CA CYS A 88 -1.12 -9.76 -11.61
C CYS A 88 -0.83 -8.62 -10.63
N PRO A 89 -1.36 -8.70 -9.40
CA PRO A 89 -1.08 -7.72 -8.38
C PRO A 89 0.27 -8.00 -7.71
N LEU A 90 0.69 -7.15 -6.81
CA LEU A 90 1.98 -7.30 -6.11
C LEU A 90 1.94 -8.45 -5.09
N TRP A 91 0.76 -8.94 -4.85
CA TRP A 91 0.55 -10.08 -4.00
C TRP A 91 0.12 -11.28 -4.81
N GLY A 92 0.22 -11.20 -6.13
CA GLY A 92 -0.24 -12.29 -6.95
C GLY A 92 0.64 -12.55 -8.14
N LYS A 93 0.47 -13.73 -8.73
CA LYS A 93 1.24 -14.14 -9.88
C LYS A 93 0.45 -15.18 -10.67
N CYS A 94 0.48 -15.07 -11.98
CA CYS A 94 -0.29 -15.92 -12.85
C CYS A 94 0.62 -16.81 -13.68
N ASP A 95 0.78 -18.03 -13.26
CA ASP A 95 1.58 -19.03 -13.97
C ASP A 95 0.91 -20.36 -13.84
N ALA A 96 0.49 -20.67 -12.63
CA ALA A 96 -0.27 -21.84 -12.39
C ALA A 96 -1.68 -21.58 -12.86
N GLU A 97 -2.08 -22.29 -13.90
CA GLU A 97 -3.38 -22.20 -14.51
C GLU A 97 -3.52 -20.96 -15.40
N SER A 98 -4.33 -21.09 -16.41
CA SER A 98 -4.58 -20.01 -17.31
C SER A 98 -5.97 -19.43 -16.98
N SER A 99 -6.50 -19.84 -15.84
CA SER A 99 -7.78 -19.38 -15.40
C SER A 99 -7.67 -17.99 -14.73
N LYS A 100 -6.85 -17.91 -13.71
CA LYS A 100 -6.80 -16.72 -12.90
C LYS A 100 -5.40 -16.44 -12.44
N CYS A 101 -5.25 -15.32 -11.80
CA CYS A 101 -4.03 -14.95 -11.21
C CYS A 101 -4.17 -15.27 -9.74
N VAL A 102 -3.22 -15.98 -9.21
CA VAL A 102 -3.33 -16.47 -7.87
C VAL A 102 -2.48 -15.61 -6.97
N CYS A 103 -2.85 -15.54 -5.73
CA CYS A 103 -2.14 -14.76 -4.78
C CYS A 103 -1.16 -15.59 -4.02
N ARG A 104 -0.03 -15.01 -3.77
CA ARG A 104 1.11 -15.68 -3.20
C ARG A 104 1.05 -15.56 -1.68
N GLU A 105 1.88 -16.30 -1.00
CA GLU A 105 1.97 -16.17 0.43
C GLU A 105 2.65 -14.86 0.76
N ALA A 106 2.40 -14.35 1.94
CA ALA A 106 2.86 -13.05 2.33
C ALA A 106 4.37 -12.96 2.41
N SER A 107 5.01 -14.07 2.66
CA SER A 107 6.43 -14.08 2.73
C SER A 107 7.02 -14.49 1.34
N GLU A 108 6.15 -14.76 0.38
CA GLU A 108 6.56 -15.22 -0.92
C GLU A 108 6.30 -14.10 -1.97
N CYS A 109 5.41 -13.14 -1.64
CA CYS A 109 5.11 -11.98 -2.50
C CYS A 109 6.38 -11.26 -2.94
N GLU A 110 6.34 -10.59 -4.06
CA GLU A 110 7.55 -10.15 -4.69
C GLU A 110 7.39 -8.74 -5.28
N GLU A 111 7.56 -7.76 -4.42
CA GLU A 111 7.55 -6.34 -4.77
C GLU A 111 7.78 -5.56 -3.46
N GLU A 112 8.21 -4.34 -3.58
CA GLU A 112 8.43 -3.50 -2.45
C GLU A 112 7.37 -2.43 -2.40
N GLY A 113 6.19 -2.83 -1.98
CA GLY A 113 5.15 -1.91 -1.80
C GLY A 113 5.32 -1.15 -0.52
N PHE A 114 4.28 -0.58 -0.05
CA PHE A 114 4.34 0.20 1.17
C PHE A 114 4.22 -0.68 2.41
N SER A 115 4.14 -0.06 3.54
CA SER A 115 3.92 -0.72 4.77
C SER A 115 2.73 -0.05 5.41
N ILE A 116 1.77 -0.84 5.83
CA ILE A 116 0.53 -0.31 6.36
C ILE A 116 0.20 -0.96 7.69
N CYS A 117 -0.78 -0.43 8.35
CA CYS A 117 -1.21 -0.92 9.62
C CYS A 117 -2.49 -1.68 9.44
N VAL A 118 -2.47 -2.92 9.83
CA VAL A 118 -3.61 -3.78 9.65
C VAL A 118 -3.96 -4.43 10.97
N GLU A 119 -5.20 -4.38 11.32
CA GLU A 119 -5.68 -5.01 12.50
C GLU A 119 -5.90 -6.47 12.21
N VAL A 120 -5.15 -7.26 12.88
CA VAL A 120 -5.19 -8.68 12.77
C VAL A 120 -5.20 -9.20 14.18
N ASN A 121 -6.11 -10.11 14.46
CA ASN A 121 -6.23 -10.72 15.81
C ASN A 121 -6.65 -9.68 16.85
N GLY A 122 -7.18 -8.56 16.37
CA GLY A 122 -7.57 -7.49 17.26
C GLY A 122 -6.43 -6.52 17.51
N LYS A 123 -5.29 -6.81 16.94
CA LYS A 123 -4.11 -5.99 17.11
C LYS A 123 -3.72 -5.33 15.83
N GLU A 124 -3.25 -4.13 15.91
CA GLU A 124 -2.78 -3.45 14.74
C GLU A 124 -1.34 -3.80 14.48
N GLN A 125 -1.14 -4.60 13.50
CA GLN A 125 0.16 -5.04 13.14
C GLN A 125 0.56 -4.47 11.80
N THR A 126 1.78 -4.01 11.71
CA THR A 126 2.30 -3.46 10.49
C THR A 126 2.59 -4.59 9.53
N MET A 127 2.10 -4.48 8.34
CA MET A 127 2.36 -5.46 7.33
C MET A 127 2.89 -4.75 6.14
N SER A 128 3.59 -5.45 5.31
CA SER A 128 3.97 -4.89 4.07
C SER A 128 2.76 -4.99 3.17
N GLU A 129 2.67 -4.10 2.23
CA GLU A 129 1.56 -3.98 1.33
C GLU A 129 1.24 -5.30 0.63
N CYS A 130 2.27 -5.92 0.10
CA CYS A 130 2.14 -7.19 -0.59
C CYS A 130 1.62 -8.27 0.38
N GLU A 131 2.04 -8.16 1.62
CA GLU A 131 1.64 -9.08 2.67
C GLU A 131 0.17 -8.93 2.97
N ALA A 132 -0.22 -7.74 3.43
CA ALA A 132 -1.60 -7.45 3.78
C ALA A 132 -2.55 -7.84 2.64
N GLY A 133 -2.15 -7.47 1.41
CA GLY A 133 -2.95 -7.77 0.24
C GLY A 133 -3.12 -9.25 0.00
N ALA A 134 -2.05 -10.00 0.21
CA ALA A 134 -2.07 -11.44 0.03
C ALA A 134 -3.06 -12.06 0.97
N LEU A 135 -3.04 -11.64 2.23
CA LEU A 135 -3.97 -12.15 3.23
C LEU A 135 -5.42 -11.80 2.86
N ARG A 136 -5.64 -10.61 2.28
CA ARG A 136 -6.99 -10.16 1.87
C ARG A 136 -7.54 -11.02 0.74
N CYS A 137 -6.66 -11.67 0.01
CA CYS A 137 -7.09 -12.53 -1.06
C CYS A 137 -7.25 -13.91 -0.51
N ARG A 138 -6.23 -14.31 0.22
CA ARG A 138 -6.06 -15.61 0.77
C ARG A 138 -7.29 -16.11 1.53
N GLY A 139 -7.79 -15.33 2.45
CA GLY A 139 -8.88 -15.81 3.27
C GLY A 139 -8.65 -15.55 4.72
N GLN A 140 -7.49 -15.02 5.03
CA GLN A 140 -7.16 -14.67 6.38
C GLN A 140 -7.92 -13.41 6.78
N SER A 141 -8.31 -13.32 8.02
CA SER A 141 -9.06 -12.19 8.50
C SER A 141 -8.10 -11.08 8.92
N ILE A 142 -8.09 -9.99 8.17
CA ILE A 142 -7.27 -8.84 8.46
C ILE A 142 -8.06 -7.58 8.11
N SER A 143 -7.89 -6.55 8.89
CA SER A 143 -8.57 -5.32 8.68
C SER A 143 -7.60 -4.14 8.58
N VAL A 144 -7.33 -3.67 7.37
CA VAL A 144 -6.44 -2.51 7.21
C VAL A 144 -7.07 -1.28 7.87
N THR A 145 -6.39 -0.79 8.88
CA THR A 145 -6.88 0.32 9.62
C THR A 145 -6.34 1.63 9.06
N SER A 146 -5.10 1.61 8.64
CA SER A 146 -4.50 2.79 8.12
C SER A 146 -3.45 2.42 7.10
N ILE A 147 -3.13 3.37 6.24
CA ILE A 147 -2.17 3.13 5.18
C ILE A 147 -0.75 3.42 5.66
N ARG A 148 -0.61 3.79 6.90
CA ARG A 148 0.68 4.10 7.43
C ARG A 148 1.15 2.96 8.28
N PRO A 149 2.45 2.76 8.41
CA PRO A 149 2.96 1.69 9.25
C PRO A 149 2.69 2.00 10.72
N CYS A 150 2.53 0.99 11.50
CA CYS A 150 2.29 1.13 12.90
C CYS A 150 3.61 0.90 13.63
N ALA A 151 3.62 1.10 14.94
CA ALA A 151 4.81 0.87 15.75
C ALA A 151 5.07 -0.63 15.91
N ALA A 152 4.19 -1.43 15.34
CA ALA A 152 4.28 -2.88 15.38
C ALA A 152 5.15 -3.41 14.24
N GLU A 153 6.06 -2.57 13.74
CA GLU A 153 7.01 -3.01 12.74
C GLU A 153 8.28 -3.49 13.43
N THR A 154 8.28 -3.31 14.72
CA THR A 154 9.34 -3.72 15.58
C THR A 154 8.68 -4.45 16.74
N GLN A 155 9.33 -5.44 17.26
CA GLN A 155 8.78 -6.20 18.35
C GLN A 155 9.49 -5.79 19.62
N GLY A 1 25.84 3.17 -8.08
CA GLY A 1 26.61 1.93 -8.05
C GLY A 1 25.71 0.75 -8.28
N SER A 2 25.91 -0.30 -7.52
CA SER A 2 25.08 -1.48 -7.61
C SER A 2 23.70 -1.16 -7.01
N HIS A 3 22.65 -1.73 -7.62
CA HIS A 3 21.24 -1.54 -7.20
C HIS A 3 20.73 -0.15 -7.53
N MET A 4 19.48 0.09 -7.20
CA MET A 4 18.87 1.39 -7.41
C MET A 4 19.26 2.29 -6.26
N ASN A 5 19.40 1.70 -5.11
CA ASN A 5 19.80 2.39 -3.92
C ASN A 5 21.15 1.86 -3.48
N PRO A 6 22.01 2.69 -2.87
CA PRO A 6 23.32 2.27 -2.42
C PRO A 6 23.24 1.26 -1.28
N LEU A 7 24.20 0.38 -1.22
CA LEU A 7 24.25 -0.60 -0.17
C LEU A 7 25.04 -0.02 0.96
N THR A 8 24.43 0.03 2.14
CA THR A 8 24.99 0.63 3.36
C THR A 8 25.35 2.11 3.12
N GLN A 9 26.21 2.66 3.97
CA GLN A 9 26.75 4.01 3.87
C GLN A 9 25.71 5.06 4.26
N ALA A 10 26.12 6.31 4.23
CA ALA A 10 25.25 7.39 4.61
C ALA A 10 24.32 7.75 3.45
N VAL A 11 23.08 7.43 3.60
CA VAL A 11 22.08 7.72 2.62
C VAL A 11 20.74 7.99 3.32
N PRO A 12 20.12 9.16 3.08
CA PRO A 12 18.85 9.49 3.69
C PRO A 12 17.76 8.53 3.24
N LYS A 13 17.04 7.99 4.19
CA LYS A 13 15.95 7.10 3.89
C LYS A 13 14.72 7.91 3.59
N CYS A 14 14.01 7.52 2.58
CA CYS A 14 12.82 8.24 2.21
C CYS A 14 11.65 7.45 2.69
N GLN A 15 10.55 8.13 2.94
CA GLN A 15 9.37 7.45 3.37
C GLN A 15 8.73 6.75 2.18
N ARG A 16 7.72 5.95 2.42
CA ARG A 16 7.11 5.16 1.35
C ARG A 16 6.40 5.98 0.28
N TRP A 17 6.14 7.22 0.58
CA TRP A 17 5.50 8.13 -0.36
C TRP A 17 6.52 9.12 -0.90
N GLU A 18 7.79 8.88 -0.59
CA GLU A 18 8.86 9.77 -0.97
C GLU A 18 9.94 9.10 -1.79
N LYS A 19 10.71 9.92 -2.45
CA LYS A 19 11.84 9.52 -3.27
C LYS A 19 12.90 10.60 -3.16
N LEU A 20 14.15 10.25 -3.33
CA LEU A 20 15.21 11.22 -3.19
C LEU A 20 15.64 11.77 -4.53
N GLN A 21 15.62 13.08 -4.61
CA GLN A 21 16.11 13.82 -5.75
C GLN A 21 16.61 15.14 -5.22
N ASN A 22 17.56 15.75 -5.89
CA ASN A 22 18.03 17.11 -5.52
C ASN A 22 18.66 17.09 -4.12
N SER A 23 19.14 15.91 -3.74
CA SER A 23 19.76 15.64 -2.46
C SER A 23 18.74 15.76 -1.29
N ARG A 24 17.45 15.65 -1.61
CA ARG A 24 16.40 15.72 -0.60
C ARG A 24 15.34 14.67 -0.88
N CYS A 25 14.48 14.45 0.06
CA CYS A 25 13.41 13.52 -0.10
C CYS A 25 12.15 14.30 -0.45
N VAL A 26 11.63 14.05 -1.60
CA VAL A 26 10.42 14.69 -2.05
C VAL A 26 9.37 13.64 -2.18
N CYS A 27 8.17 14.03 -2.44
CA CYS A 27 7.10 13.09 -2.56
C CYS A 27 7.02 12.61 -3.99
N LYS A 28 6.58 11.38 -4.17
CA LYS A 28 6.39 10.81 -5.48
C LYS A 28 5.11 11.37 -6.05
N MET A 29 4.76 11.01 -7.24
CA MET A 29 3.51 11.41 -7.80
C MET A 29 2.48 10.30 -7.69
N PRO A 30 1.18 10.66 -7.52
CA PRO A 30 0.10 9.67 -7.34
C PRO A 30 -0.05 8.72 -8.54
N TYR A 31 0.50 9.10 -9.67
CA TYR A 31 0.45 8.28 -10.88
C TYR A 31 1.71 7.43 -11.02
N GLU A 32 2.65 7.66 -10.14
CA GLU A 32 3.92 6.93 -10.12
C GLU A 32 3.78 5.73 -9.17
N CYS A 33 2.70 5.74 -8.44
CA CYS A 33 2.39 4.71 -7.50
C CYS A 33 1.88 3.48 -8.25
N GLY A 34 2.73 2.49 -8.36
CA GLY A 34 2.33 1.26 -8.98
C GLY A 34 1.62 0.37 -7.99
N PRO A 35 2.34 -0.17 -6.99
CA PRO A 35 1.74 -0.98 -5.96
C PRO A 35 0.96 -0.14 -4.95
N SER A 36 -0.24 -0.58 -4.59
CA SER A 36 -1.07 0.09 -3.62
C SER A 36 -2.21 -0.85 -3.17
N LEU A 37 -2.47 -0.86 -1.87
CA LEU A 37 -3.64 -1.56 -1.32
C LEU A 37 -4.89 -0.71 -1.44
N ASP A 38 -5.97 -1.33 -1.80
CA ASP A 38 -7.26 -0.67 -1.96
C ASP A 38 -7.81 -0.29 -0.61
N VAL A 39 -8.11 0.98 -0.42
CA VAL A 39 -8.68 1.47 0.84
C VAL A 39 -9.83 2.44 0.57
N CYS A 40 -10.61 2.70 1.59
CA CYS A 40 -11.74 3.58 1.49
C CYS A 40 -11.38 4.91 2.09
N ALA A 41 -11.68 5.97 1.39
CA ALA A 41 -11.39 7.25 1.88
C ALA A 41 -12.52 8.20 1.62
N GLN A 42 -12.55 9.22 2.40
CA GLN A 42 -13.48 10.27 2.26
C GLN A 42 -12.77 11.47 1.72
N ASP A 43 -13.33 12.07 0.73
CA ASP A 43 -12.80 13.28 0.15
C ASP A 43 -13.12 14.43 1.09
N GLU A 44 -12.16 15.27 1.38
CA GLU A 44 -12.38 16.37 2.33
C GLU A 44 -13.09 17.58 1.74
N ARG A 45 -13.21 17.62 0.44
CA ARG A 45 -13.81 18.76 -0.20
C ARG A 45 -15.23 18.41 -0.66
N SER A 46 -15.39 17.21 -1.14
CA SER A 46 -16.67 16.74 -1.59
C SER A 46 -17.39 15.97 -0.47
N LYS A 47 -16.62 15.46 0.50
CA LYS A 47 -17.13 14.68 1.64
C LYS A 47 -17.75 13.35 1.23
N ARG A 48 -17.40 12.91 0.04
CA ARG A 48 -17.91 11.67 -0.51
C ARG A 48 -16.94 10.55 -0.20
N ILE A 49 -17.44 9.36 -0.18
CA ILE A 49 -16.65 8.19 0.04
C ILE A 49 -16.20 7.61 -1.31
N LEU A 50 -14.92 7.55 -1.52
CA LEU A 50 -14.38 7.04 -2.77
C LEU A 50 -13.26 6.04 -2.49
N PRO A 51 -13.01 5.13 -3.44
CA PRO A 51 -11.93 4.17 -3.34
C PRO A 51 -10.56 4.78 -3.70
N LEU A 52 -9.67 4.75 -2.77
CA LEU A 52 -8.32 5.19 -2.96
C LEU A 52 -7.41 4.05 -2.69
N THR A 53 -6.20 4.24 -2.95
CA THR A 53 -5.25 3.22 -2.76
C THR A 53 -4.17 3.74 -1.84
N VAL A 54 -3.60 2.86 -1.00
CA VAL A 54 -2.59 3.23 0.02
C VAL A 54 -1.50 4.15 -0.49
N CYS A 55 -0.67 3.63 -1.38
CA CYS A 55 0.44 4.38 -1.93
C CYS A 55 -0.06 5.65 -2.61
N LYS A 56 -1.16 5.53 -3.34
CA LYS A 56 -1.74 6.62 -4.06
C LYS A 56 -2.20 7.72 -3.12
N MET A 57 -3.15 7.40 -2.24
CA MET A 57 -3.76 8.35 -1.29
C MET A 57 -2.69 8.95 -0.36
N HIS A 58 -1.66 8.16 0.05
CA HIS A 58 -0.56 8.73 0.87
C HIS A 58 0.18 9.82 0.12
N VAL A 59 0.56 9.52 -1.10
CA VAL A 59 1.25 10.48 -1.95
C VAL A 59 0.33 11.66 -2.23
N LEU A 60 -0.84 11.33 -2.66
CA LEU A 60 -1.96 12.23 -2.92
C LEU A 60 -2.17 13.18 -1.71
N HIS A 61 -2.06 12.62 -0.52
CA HIS A 61 -2.22 13.34 0.73
C HIS A 61 -1.05 14.32 0.92
N CYS A 62 0.15 13.84 0.68
CA CYS A 62 1.34 14.65 0.89
C CYS A 62 1.54 15.69 -0.21
N GLN A 63 0.93 15.47 -1.36
CA GLN A 63 0.95 16.43 -2.43
C GLN A 63 -0.01 17.59 -2.21
N GLY A 64 -0.72 17.58 -1.10
CA GLY A 64 -1.56 18.71 -0.77
C GLY A 64 -3.03 18.42 -0.87
N ARG A 65 -3.39 17.18 -1.11
CA ARG A 65 -4.78 16.83 -1.17
C ARG A 65 -5.20 16.29 0.19
N ASN A 66 -6.39 16.63 0.61
CA ASN A 66 -6.85 16.24 1.94
C ASN A 66 -7.86 15.14 1.84
N TYR A 67 -7.60 14.05 2.53
CA TYR A 67 -8.45 12.88 2.53
C TYR A 67 -8.45 12.23 3.87
N THR A 68 -9.58 11.71 4.23
CA THR A 68 -9.76 11.04 5.47
C THR A 68 -10.01 9.57 5.16
N LEU A 69 -9.62 8.67 6.04
CA LEU A 69 -9.88 7.29 5.78
C LEU A 69 -11.09 6.79 6.51
N THR A 70 -11.81 5.99 5.83
CA THR A 70 -13.04 5.46 6.32
C THR A 70 -13.00 3.91 6.26
N GLY A 71 -14.14 3.27 6.41
CA GLY A 71 -14.21 1.82 6.39
C GLY A 71 -14.60 1.31 5.02
N ARG A 72 -14.19 0.10 4.68
CA ARG A 72 -14.41 -0.48 3.34
C ARG A 72 -15.88 -0.60 3.00
N ASP A 73 -16.70 -0.71 4.03
CA ASP A 73 -18.15 -0.85 3.90
C ASP A 73 -18.76 0.32 3.17
N SER A 74 -18.24 1.50 3.44
CA SER A 74 -18.77 2.71 2.88
C SER A 74 -18.49 2.83 1.37
N CYS A 75 -17.39 2.30 0.92
CA CYS A 75 -17.06 2.44 -0.48
C CYS A 75 -17.35 1.17 -1.23
N THR A 76 -17.28 1.27 -2.52
CA THR A 76 -17.28 0.13 -3.37
C THR A 76 -15.84 -0.06 -3.79
N LEU A 77 -15.17 -0.95 -3.11
CA LEU A 77 -13.77 -1.14 -3.30
C LEU A 77 -13.55 -2.18 -4.40
N PRO A 78 -12.62 -1.92 -5.34
CA PRO A 78 -12.38 -2.81 -6.46
C PRO A 78 -11.73 -4.15 -6.06
N ALA A 79 -10.68 -4.11 -5.28
CA ALA A 79 -10.04 -5.32 -4.85
C ALA A 79 -10.01 -5.41 -3.35
N SER A 80 -10.31 -6.56 -2.85
CA SER A 80 -10.29 -6.85 -1.44
C SER A 80 -10.14 -8.34 -1.28
N ALA A 81 -10.97 -9.05 -2.01
CA ALA A 81 -10.93 -10.48 -2.04
C ALA A 81 -10.11 -10.91 -3.24
N GLU A 82 -10.29 -12.13 -3.67
CA GLU A 82 -9.57 -12.67 -4.80
C GLU A 82 -9.95 -11.95 -6.09
N LYS A 83 -9.06 -11.98 -7.03
CA LYS A 83 -9.31 -11.41 -8.32
C LYS A 83 -9.28 -12.52 -9.33
N ALA A 84 -10.01 -12.38 -10.40
CA ALA A 84 -10.07 -13.41 -11.41
C ALA A 84 -8.97 -13.22 -12.42
N CYS A 85 -8.59 -14.30 -13.06
CA CYS A 85 -7.54 -14.28 -14.07
C CYS A 85 -7.93 -13.30 -15.18
N GLY A 86 -7.16 -12.24 -15.30
CA GLY A 86 -7.44 -11.21 -16.27
C GLY A 86 -7.42 -9.86 -15.61
N ALA A 87 -7.63 -9.83 -14.32
CA ALA A 87 -7.54 -8.63 -13.53
C ALA A 87 -6.62 -8.94 -12.39
N CYS A 88 -5.42 -8.48 -12.47
CA CYS A 88 -4.40 -8.85 -11.53
C CYS A 88 -3.76 -7.60 -10.88
N PRO A 89 -3.81 -7.49 -9.54
CA PRO A 89 -3.14 -6.41 -8.80
C PRO A 89 -1.63 -6.73 -8.58
N LEU A 90 -0.98 -6.01 -7.68
CA LEU A 90 0.45 -6.24 -7.44
C LEU A 90 0.76 -7.52 -6.66
N TRP A 91 -0.10 -7.88 -5.74
CA TRP A 91 0.09 -9.14 -5.01
C TRP A 91 -0.40 -10.30 -5.84
N GLY A 92 -1.28 -10.02 -6.76
CA GLY A 92 -1.92 -11.05 -7.52
C GLY A 92 -1.56 -10.97 -8.96
N LYS A 93 -0.77 -11.88 -9.40
CA LYS A 93 -0.34 -11.89 -10.77
C LYS A 93 -0.95 -13.10 -11.45
N CYS A 94 -0.66 -13.33 -12.68
CA CYS A 94 -1.27 -14.43 -13.36
C CYS A 94 -0.47 -15.72 -13.22
N ASP A 95 -1.18 -16.81 -13.08
CA ASP A 95 -0.59 -18.14 -13.00
C ASP A 95 -0.40 -18.69 -14.40
N ALA A 96 -1.51 -18.90 -15.06
CA ALA A 96 -1.59 -19.35 -16.44
C ALA A 96 -3.02 -19.19 -16.85
N GLU A 97 -3.90 -19.81 -16.08
CA GLU A 97 -5.32 -19.62 -16.23
C GLU A 97 -6.03 -19.78 -14.90
N SER A 98 -5.99 -20.99 -14.35
CA SER A 98 -6.75 -21.38 -13.18
C SER A 98 -8.21 -20.88 -13.25
N SER A 99 -8.49 -19.79 -12.57
CA SER A 99 -9.78 -19.12 -12.53
C SER A 99 -9.56 -17.78 -11.84
N LYS A 100 -8.86 -17.87 -10.76
CA LYS A 100 -8.44 -16.77 -9.94
C LYS A 100 -7.05 -16.33 -10.44
N CYS A 101 -6.52 -15.29 -9.91
CA CYS A 101 -5.17 -14.92 -10.20
C CYS A 101 -4.36 -15.43 -9.02
N VAL A 102 -3.07 -15.51 -9.14
CA VAL A 102 -2.32 -16.09 -8.08
C VAL A 102 -1.65 -15.02 -7.29
N CYS A 103 -1.77 -15.12 -6.02
CA CYS A 103 -1.21 -14.13 -5.18
C CYS A 103 0.10 -14.55 -4.67
N ARG A 104 1.06 -13.80 -5.06
CA ARG A 104 2.40 -13.97 -4.71
C ARG A 104 2.54 -13.62 -3.26
N GLU A 105 3.22 -14.47 -2.54
CA GLU A 105 3.42 -14.27 -1.14
C GLU A 105 4.33 -13.06 -0.89
N ALA A 106 4.53 -12.71 0.37
CA ALA A 106 5.23 -11.49 0.75
C ALA A 106 6.64 -11.48 0.25
N SER A 107 7.22 -12.63 0.20
CA SER A 107 8.57 -12.80 -0.23
C SER A 107 8.69 -12.82 -1.77
N GLU A 108 7.58 -12.98 -2.45
CA GLU A 108 7.58 -13.20 -3.88
C GLU A 108 7.37 -11.91 -4.68
N CYS A 109 7.01 -10.83 -4.01
CA CYS A 109 6.78 -9.56 -4.70
C CYS A 109 8.09 -8.77 -4.83
N GLU A 110 8.18 -7.91 -5.85
CA GLU A 110 9.42 -7.17 -6.11
C GLU A 110 9.18 -5.66 -6.08
N GLU A 111 7.97 -5.23 -6.38
CA GLU A 111 7.61 -3.83 -6.39
C GLU A 111 7.69 -3.26 -4.98
N GLU A 112 7.76 -1.92 -4.86
CA GLU A 112 8.04 -1.26 -3.58
C GLU A 112 7.20 -1.76 -2.41
N GLY A 113 5.88 -1.60 -2.49
CA GLY A 113 5.02 -2.07 -1.44
C GLY A 113 5.14 -1.26 -0.16
N PHE A 114 4.12 -0.48 0.10
CA PHE A 114 4.03 0.33 1.30
C PHE A 114 4.14 -0.48 2.59
N SER A 115 4.41 0.19 3.64
CA SER A 115 4.39 -0.40 4.94
C SER A 115 3.22 0.23 5.70
N ILE A 116 2.30 -0.59 6.18
CA ILE A 116 1.08 -0.09 6.81
C ILE A 116 0.83 -0.80 8.14
N CYS A 117 -0.18 -0.34 8.88
CA CYS A 117 -0.54 -0.91 10.17
C CYS A 117 -1.80 -1.75 10.01
N VAL A 118 -1.67 -3.04 10.18
CA VAL A 118 -2.79 -3.93 10.03
C VAL A 118 -2.96 -4.77 11.26
N GLU A 119 -4.18 -4.91 11.71
CA GLU A 119 -4.48 -5.75 12.81
C GLU A 119 -4.55 -7.17 12.30
N VAL A 120 -3.69 -7.96 12.82
CA VAL A 120 -3.51 -9.31 12.44
C VAL A 120 -3.32 -10.12 13.69
N ASN A 121 -3.98 -11.25 13.76
CA ASN A 121 -3.89 -12.16 14.90
C ASN A 121 -4.43 -11.54 16.18
N GLY A 122 -5.10 -10.43 16.05
CA GLY A 122 -5.63 -9.75 17.18
C GLY A 122 -4.82 -8.54 17.56
N LYS A 123 -3.64 -8.41 17.00
CA LYS A 123 -2.76 -7.30 17.32
C LYS A 123 -2.41 -6.47 16.08
N GLU A 124 -2.15 -5.21 16.25
CA GLU A 124 -1.78 -4.36 15.14
C GLU A 124 -0.29 -4.47 14.88
N GLN A 125 0.05 -4.82 13.67
CA GLN A 125 1.40 -5.02 13.28
C GLN A 125 1.69 -4.33 11.93
N THR A 126 2.91 -3.87 11.75
CA THR A 126 3.32 -3.28 10.50
C THR A 126 3.79 -4.36 9.55
N MET A 127 3.16 -4.41 8.44
CA MET A 127 3.45 -5.35 7.41
C MET A 127 3.58 -4.62 6.11
N SER A 128 4.03 -5.30 5.11
CA SER A 128 4.19 -4.71 3.81
C SER A 128 2.88 -4.84 3.02
N GLU A 129 2.66 -3.90 2.13
CA GLU A 129 1.49 -3.80 1.26
C GLU A 129 1.31 -5.07 0.44
N CYS A 130 2.38 -5.57 -0.11
CA CYS A 130 2.36 -6.79 -0.89
C CYS A 130 1.99 -7.97 0.02
N GLU A 131 2.45 -7.90 1.26
CA GLU A 131 2.19 -8.93 2.25
C GLU A 131 0.74 -8.91 2.67
N ALA A 132 0.28 -7.75 3.13
CA ALA A 132 -1.07 -7.56 3.58
C ALA A 132 -2.06 -7.87 2.45
N GLY A 133 -1.68 -7.50 1.23
CA GLY A 133 -2.49 -7.77 0.07
C GLY A 133 -2.59 -9.26 -0.21
N ALA A 134 -1.46 -9.94 -0.13
CA ALA A 134 -1.42 -11.38 -0.32
C ALA A 134 -2.25 -12.05 0.77
N LEU A 135 -2.16 -11.50 1.98
CA LEU A 135 -2.90 -11.98 3.12
C LEU A 135 -4.41 -11.89 2.87
N ARG A 136 -4.84 -10.77 2.27
CA ARG A 136 -6.26 -10.57 1.98
C ARG A 136 -6.77 -11.65 1.03
N CYS A 137 -5.96 -12.02 0.04
CA CYS A 137 -6.38 -13.01 -0.93
C CYS A 137 -6.39 -14.42 -0.33
N ARG A 138 -5.33 -14.76 0.43
CA ARG A 138 -5.17 -16.12 0.96
C ARG A 138 -6.17 -16.52 2.04
N GLY A 139 -6.93 -15.57 2.53
CA GLY A 139 -7.90 -15.90 3.54
C GLY A 139 -7.39 -15.64 4.92
N GLN A 140 -6.30 -14.91 5.01
CA GLN A 140 -5.79 -14.48 6.29
C GLN A 140 -6.76 -13.44 6.84
N SER A 141 -6.99 -13.47 8.12
CA SER A 141 -7.88 -12.52 8.71
C SER A 141 -7.10 -11.26 9.06
N ILE A 142 -7.36 -10.18 8.36
CA ILE A 142 -6.64 -8.95 8.55
C ILE A 142 -7.60 -7.78 8.60
N SER A 143 -7.24 -6.81 9.35
CA SER A 143 -7.96 -5.62 9.44
C SER A 143 -7.03 -4.44 9.35
N VAL A 144 -6.96 -3.83 8.19
CA VAL A 144 -6.13 -2.66 7.99
C VAL A 144 -6.69 -1.54 8.85
N THR A 145 -6.01 -1.22 9.93
CA THR A 145 -6.49 -0.22 10.84
C THR A 145 -6.04 1.15 10.39
N SER A 146 -4.87 1.22 9.80
CA SER A 146 -4.36 2.43 9.28
C SER A 146 -3.36 2.17 8.17
N ILE A 147 -3.36 3.03 7.17
CA ILE A 147 -2.45 2.89 6.04
C ILE A 147 -1.12 3.53 6.39
N ARG A 148 -1.07 4.06 7.55
CA ARG A 148 0.12 4.59 8.10
C ARG A 148 0.81 3.47 8.84
N PRO A 149 2.11 3.27 8.62
CA PRO A 149 2.86 2.21 9.31
C PRO A 149 2.88 2.46 10.80
N CYS A 150 2.95 1.44 11.59
CA CYS A 150 3.00 1.65 13.00
C CYS A 150 4.41 1.38 13.49
N ALA A 151 4.63 1.47 14.78
CA ALA A 151 5.91 1.17 15.35
C ALA A 151 5.96 -0.31 15.72
N ALA A 152 4.84 -0.96 15.55
CA ALA A 152 4.67 -2.34 15.90
C ALA A 152 5.25 -3.27 14.84
N GLU A 153 6.53 -3.41 14.87
CA GLU A 153 7.19 -4.40 14.08
C GLU A 153 7.69 -5.45 15.02
N THR A 154 6.76 -6.16 15.60
CA THR A 154 7.03 -7.19 16.55
C THR A 154 5.89 -8.21 16.46
N GLN A 155 6.22 -9.37 15.95
CA GLN A 155 5.25 -10.43 15.77
C GLN A 155 5.05 -11.14 17.08
N GLY A 1 25.46 -11.60 5.51
CA GLY A 1 24.44 -11.09 6.43
C GLY A 1 23.76 -9.88 5.86
N SER A 2 23.23 -10.03 4.64
CA SER A 2 22.57 -8.95 3.91
C SER A 2 23.57 -7.82 3.58
N HIS A 3 23.06 -6.69 3.12
CA HIS A 3 23.87 -5.53 2.72
C HIS A 3 24.82 -5.87 1.60
N MET A 4 24.30 -5.84 0.41
CA MET A 4 25.10 -6.12 -0.77
C MET A 4 25.76 -4.83 -1.22
N ASN A 5 24.99 -3.76 -1.14
CA ASN A 5 25.47 -2.43 -1.47
C ASN A 5 25.63 -1.63 -0.20
N PRO A 6 26.81 -1.11 0.08
CA PRO A 6 27.02 -0.24 1.20
C PRO A 6 26.62 1.20 0.85
N LEU A 7 26.12 1.93 1.81
CA LEU A 7 25.76 3.30 1.58
C LEU A 7 27.01 4.15 1.82
N THR A 8 27.74 4.38 0.74
CA THR A 8 29.00 5.09 0.76
C THR A 8 28.84 6.50 1.30
N GLN A 9 28.08 7.31 0.60
CA GLN A 9 27.89 8.69 0.98
C GLN A 9 26.80 8.80 2.02
N ALA A 10 26.46 10.02 2.40
CA ALA A 10 25.34 10.24 3.28
C ALA A 10 24.09 10.04 2.43
N VAL A 11 23.63 8.83 2.42
CA VAL A 11 22.52 8.44 1.61
C VAL A 11 21.26 8.48 2.43
N PRO A 12 20.34 9.36 2.09
CA PRO A 12 19.08 9.45 2.76
C PRO A 12 18.07 8.49 2.16
N LYS A 13 17.16 8.06 2.98
CA LYS A 13 16.13 7.18 2.53
C LYS A 13 14.84 7.91 2.64
N CYS A 14 13.99 7.75 1.69
CA CYS A 14 12.75 8.46 1.67
C CYS A 14 11.64 7.54 2.08
N GLN A 15 10.49 8.10 2.36
CA GLN A 15 9.35 7.30 2.75
C GLN A 15 8.71 6.75 1.48
N ARG A 16 7.72 5.90 1.65
CA ARG A 16 7.06 5.22 0.51
C ARG A 16 6.42 6.20 -0.47
N TRP A 17 6.01 7.32 0.02
CA TRP A 17 5.31 8.31 -0.78
C TRP A 17 6.23 9.47 -1.13
N GLU A 18 7.48 9.30 -0.84
CA GLU A 18 8.46 10.30 -1.12
C GLU A 18 9.51 9.74 -2.07
N LYS A 19 10.11 10.61 -2.82
CA LYS A 19 11.16 10.24 -3.75
C LYS A 19 12.42 10.97 -3.41
N LEU A 20 13.51 10.52 -3.98
CA LEU A 20 14.80 11.07 -3.72
C LEU A 20 15.27 11.95 -4.88
N GLN A 21 15.38 13.21 -4.61
CA GLN A 21 15.97 14.16 -5.54
C GLN A 21 16.62 15.19 -4.69
N ASN A 22 17.62 15.87 -5.22
CA ASN A 22 18.24 17.01 -4.52
C ASN A 22 18.92 16.54 -3.20
N SER A 23 19.13 15.23 -3.12
CA SER A 23 19.69 14.55 -1.96
C SER A 23 18.73 14.68 -0.75
N ARG A 24 17.45 14.83 -1.05
CA ARG A 24 16.44 14.92 -0.02
C ARG A 24 15.23 14.12 -0.43
N CYS A 25 14.27 14.10 0.44
CA CYS A 25 13.03 13.47 0.16
C CYS A 25 12.04 14.52 -0.26
N VAL A 26 11.33 14.25 -1.31
CA VAL A 26 10.27 15.11 -1.79
C VAL A 26 9.06 14.22 -1.99
N CYS A 27 7.93 14.76 -2.33
CA CYS A 27 6.75 13.91 -2.45
C CYS A 27 6.65 13.36 -3.87
N LYS A 28 6.21 12.13 -3.97
CA LYS A 28 6.09 11.45 -5.25
C LYS A 28 4.88 12.03 -6.05
N MET A 29 4.74 11.64 -7.29
CA MET A 29 3.67 12.14 -8.12
C MET A 29 2.45 11.26 -7.97
N PRO A 30 1.27 11.85 -7.65
CA PRO A 30 0.04 11.08 -7.39
C PRO A 30 -0.46 10.31 -8.61
N TYR A 31 -0.17 10.83 -9.78
CA TYR A 31 -0.58 10.21 -11.04
C TYR A 31 0.40 9.09 -11.42
N GLU A 32 1.42 8.92 -10.62
CA GLU A 32 2.44 7.93 -10.83
C GLU A 32 2.34 6.88 -9.69
N CYS A 33 1.27 6.98 -8.95
CA CYS A 33 1.00 6.09 -7.83
C CYS A 33 0.13 4.93 -8.28
N GLY A 34 0.62 3.73 -8.08
CA GLY A 34 -0.15 2.57 -8.47
C GLY A 34 -0.05 1.43 -7.46
N PRO A 35 1.08 0.69 -7.45
CA PRO A 35 1.28 -0.48 -6.56
C PRO A 35 1.11 -0.16 -5.08
N SER A 36 -0.07 -0.46 -4.57
CA SER A 36 -0.44 -0.29 -3.20
C SER A 36 -1.78 -0.91 -2.94
N LEU A 37 -2.17 -0.99 -1.70
CA LEU A 37 -3.45 -1.50 -1.31
C LEU A 37 -4.52 -0.52 -1.60
N ASP A 38 -5.61 -1.02 -2.01
CA ASP A 38 -6.78 -0.23 -2.22
C ASP A 38 -7.47 -0.01 -0.92
N VAL A 39 -7.70 1.24 -0.64
CA VAL A 39 -8.31 1.67 0.57
C VAL A 39 -9.45 2.65 0.25
N CYS A 40 -10.41 2.75 1.13
CA CYS A 40 -11.55 3.60 0.87
C CYS A 40 -11.34 4.92 1.57
N ALA A 41 -11.32 5.96 0.81
CA ALA A 41 -11.10 7.25 1.36
C ALA A 41 -12.25 8.14 1.04
N GLN A 42 -12.43 9.12 1.84
CA GLN A 42 -13.48 10.03 1.66
C GLN A 42 -12.93 11.38 1.33
N ASP A 43 -13.45 11.93 0.28
CA ASP A 43 -13.10 13.26 -0.19
C ASP A 43 -13.72 14.27 0.79
N GLU A 44 -12.94 15.18 1.32
CA GLU A 44 -13.46 16.15 2.30
C GLU A 44 -14.35 17.23 1.68
N ARG A 45 -14.35 17.36 0.39
CA ARG A 45 -15.16 18.34 -0.25
C ARG A 45 -16.40 17.72 -0.84
N SER A 46 -16.21 16.72 -1.64
CA SER A 46 -17.30 16.05 -2.30
C SER A 46 -17.99 15.03 -1.38
N LYS A 47 -17.30 14.66 -0.29
CA LYS A 47 -17.81 13.72 0.74
C LYS A 47 -18.09 12.33 0.18
N ARG A 48 -17.52 12.07 -0.95
CA ARG A 48 -17.67 10.82 -1.64
C ARG A 48 -16.63 9.84 -1.13
N ILE A 49 -17.02 8.61 -1.02
CA ILE A 49 -16.11 7.57 -0.66
C ILE A 49 -15.55 7.05 -1.97
N LEU A 50 -14.27 7.16 -2.13
CA LEU A 50 -13.64 6.70 -3.32
C LEU A 50 -12.49 5.79 -2.99
N PRO A 51 -12.31 4.78 -3.80
CA PRO A 51 -11.22 3.84 -3.68
C PRO A 51 -9.89 4.44 -4.12
N LEU A 52 -9.07 4.70 -3.18
CA LEU A 52 -7.76 5.19 -3.45
C LEU A 52 -6.82 4.09 -3.12
N THR A 53 -5.61 4.24 -3.43
CA THR A 53 -4.66 3.30 -3.00
C THR A 53 -3.80 3.92 -1.95
N VAL A 54 -3.08 3.11 -1.24
CA VAL A 54 -2.21 3.57 -0.20
C VAL A 54 -1.14 4.51 -0.76
N CYS A 55 -0.65 4.18 -1.95
CA CYS A 55 0.34 5.00 -2.62
C CYS A 55 -0.30 6.29 -3.03
N LYS A 56 -1.52 6.17 -3.56
CA LYS A 56 -2.27 7.32 -4.03
C LYS A 56 -2.53 8.24 -2.87
N MET A 57 -3.33 7.77 -1.91
CA MET A 57 -3.74 8.51 -0.72
C MET A 57 -2.56 9.12 0.04
N HIS A 58 -1.48 8.37 0.25
CA HIS A 58 -0.32 8.94 0.97
C HIS A 58 0.27 10.13 0.24
N VAL A 59 0.47 9.98 -1.05
CA VAL A 59 0.98 11.06 -1.86
C VAL A 59 -0.04 12.17 -1.93
N LEU A 60 -1.26 11.79 -2.21
CA LEU A 60 -2.49 12.61 -2.22
C LEU A 60 -2.53 13.49 -0.97
N HIS A 61 -2.28 12.86 0.15
CA HIS A 61 -2.31 13.46 1.46
C HIS A 61 -1.18 14.47 1.57
N CYS A 62 0.01 14.05 1.17
CA CYS A 62 1.22 14.86 1.28
C CYS A 62 1.24 16.00 0.25
N GLN A 63 0.46 15.85 -0.82
CA GLN A 63 0.31 16.89 -1.84
C GLN A 63 -0.49 18.07 -1.27
N GLY A 64 -1.22 17.82 -0.19
CA GLY A 64 -1.98 18.86 0.45
C GLY A 64 -3.47 18.70 0.25
N ARG A 65 -3.92 17.49 -0.03
CA ARG A 65 -5.34 17.24 -0.20
C ARG A 65 -5.90 16.66 1.08
N ASN A 66 -7.06 17.12 1.46
CA ASN A 66 -7.73 16.65 2.67
C ASN A 66 -8.63 15.48 2.37
N TYR A 67 -8.23 14.32 2.81
CA TYR A 67 -9.00 13.12 2.65
C TYR A 67 -9.03 12.37 3.95
N THR A 68 -10.16 11.80 4.23
CA THR A 68 -10.36 11.01 5.42
C THR A 68 -10.41 9.54 5.00
N LEU A 69 -10.06 8.62 5.85
CA LEU A 69 -10.18 7.23 5.48
C LEU A 69 -11.43 6.65 6.03
N THR A 70 -11.98 5.71 5.32
CA THR A 70 -13.25 5.13 5.65
C THR A 70 -13.21 3.61 5.52
N GLY A 71 -14.31 2.97 5.88
CA GLY A 71 -14.41 1.53 5.88
C GLY A 71 -14.43 0.93 4.49
N ARG A 72 -14.08 -0.33 4.44
CA ARG A 72 -13.97 -1.14 3.22
C ARG A 72 -15.23 -1.11 2.38
N ASP A 73 -16.30 -1.29 3.02
CA ASP A 73 -17.58 -1.40 2.36
C ASP A 73 -18.30 -0.09 2.23
N SER A 74 -17.57 1.00 2.40
CA SER A 74 -18.15 2.32 2.20
C SER A 74 -18.15 2.67 0.69
N CYS A 75 -17.36 1.94 -0.09
CA CYS A 75 -17.34 2.06 -1.54
C CYS A 75 -16.95 0.71 -2.11
N THR A 76 -16.83 0.61 -3.40
CA THR A 76 -16.41 -0.63 -4.00
C THR A 76 -14.89 -0.71 -4.03
N LEU A 77 -14.35 -1.60 -3.26
CA LEU A 77 -12.94 -1.77 -3.19
C LEU A 77 -12.56 -2.92 -4.13
N PRO A 78 -11.57 -2.71 -5.00
CA PRO A 78 -11.16 -3.67 -6.01
C PRO A 78 -10.69 -5.06 -5.53
N ALA A 79 -9.54 -5.15 -4.85
CA ALA A 79 -8.95 -6.49 -4.65
C ALA A 79 -8.88 -6.99 -3.24
N SER A 80 -9.85 -7.79 -2.91
CA SER A 80 -9.90 -8.48 -1.65
C SER A 80 -10.00 -9.99 -1.90
N ALA A 81 -9.90 -10.38 -3.16
CA ALA A 81 -10.01 -11.77 -3.59
C ALA A 81 -9.34 -11.92 -4.95
N GLU A 82 -9.42 -13.14 -5.50
CA GLU A 82 -8.81 -13.49 -6.79
C GLU A 82 -9.40 -12.67 -7.95
N LYS A 83 -8.61 -12.56 -9.02
CA LYS A 83 -8.96 -11.76 -10.19
C LYS A 83 -8.59 -12.50 -11.44
N ALA A 84 -8.96 -11.97 -12.58
CA ALA A 84 -8.62 -12.54 -13.85
C ALA A 84 -7.67 -11.58 -14.54
N CYS A 85 -6.78 -12.10 -15.38
CA CYS A 85 -5.78 -11.29 -16.07
C CYS A 85 -6.40 -10.10 -16.79
N GLY A 86 -5.80 -8.94 -16.57
CA GLY A 86 -6.32 -7.69 -17.08
C GLY A 86 -6.49 -6.74 -15.91
N ALA A 87 -6.63 -7.33 -14.76
CA ALA A 87 -6.70 -6.65 -13.50
C ALA A 87 -5.87 -7.47 -12.56
N CYS A 88 -4.68 -7.04 -12.29
CA CYS A 88 -3.77 -7.83 -11.55
C CYS A 88 -3.13 -7.01 -10.43
N PRO A 89 -3.36 -7.40 -9.17
CA PRO A 89 -2.75 -6.74 -8.02
C PRO A 89 -1.34 -7.32 -7.75
N LEU A 90 -0.69 -6.87 -6.69
CA LEU A 90 0.70 -7.30 -6.41
C LEU A 90 0.69 -8.74 -5.88
N TRP A 91 -0.11 -8.91 -4.88
CA TRP A 91 -0.32 -10.15 -4.13
C TRP A 91 -1.06 -11.20 -4.95
N GLY A 92 -1.64 -10.77 -6.05
CA GLY A 92 -2.37 -11.64 -6.91
C GLY A 92 -1.66 -11.78 -8.22
N LYS A 93 -1.17 -12.95 -8.49
CA LYS A 93 -0.43 -13.19 -9.72
C LYS A 93 -1.03 -14.34 -10.45
N CYS A 94 -0.87 -14.35 -11.74
CA CYS A 94 -1.30 -15.47 -12.53
C CYS A 94 -0.15 -16.44 -12.51
N ASP A 95 -0.14 -17.21 -11.47
CA ASP A 95 0.96 -18.09 -11.14
C ASP A 95 0.43 -19.51 -11.07
N ALA A 96 -0.82 -19.66 -11.43
CA ALA A 96 -1.50 -20.91 -11.31
C ALA A 96 -2.34 -21.19 -12.54
N GLU A 97 -3.13 -22.25 -12.45
CA GLU A 97 -3.99 -22.74 -13.52
C GLU A 97 -4.96 -21.68 -14.05
N SER A 98 -5.09 -21.67 -15.39
CA SER A 98 -5.93 -20.73 -16.14
C SER A 98 -5.30 -19.33 -16.10
N SER A 99 -5.89 -18.39 -16.78
CA SER A 99 -5.39 -17.06 -16.77
C SER A 99 -6.13 -16.23 -15.73
N LYS A 100 -5.82 -16.52 -14.51
CA LYS A 100 -6.39 -15.84 -13.41
C LYS A 100 -5.32 -15.57 -12.40
N CYS A 101 -5.54 -14.60 -11.60
CA CYS A 101 -4.61 -14.24 -10.61
C CYS A 101 -5.07 -14.79 -9.31
N VAL A 102 -4.22 -15.57 -8.72
CA VAL A 102 -4.49 -16.23 -7.49
C VAL A 102 -3.77 -15.50 -6.40
N CYS A 103 -3.96 -15.90 -5.19
CA CYS A 103 -3.38 -15.21 -4.11
C CYS A 103 -2.09 -15.89 -3.74
N ARG A 104 -1.03 -15.14 -3.74
CA ARG A 104 0.26 -15.66 -3.43
C ARG A 104 0.60 -15.35 -2.03
N GLU A 105 1.64 -15.93 -1.55
CA GLU A 105 2.01 -15.75 -0.19
C GLU A 105 2.62 -14.39 0.02
N ALA A 106 2.47 -13.92 1.24
CA ALA A 106 2.76 -12.57 1.68
C ALA A 106 4.14 -12.10 1.29
N SER A 107 5.11 -12.94 1.46
CA SER A 107 6.43 -12.50 1.17
C SER A 107 6.97 -13.15 -0.11
N GLU A 108 6.10 -13.86 -0.81
CA GLU A 108 6.48 -14.50 -2.06
C GLU A 108 6.15 -13.57 -3.21
N CYS A 109 5.11 -12.77 -3.03
CA CYS A 109 4.80 -11.73 -3.97
C CYS A 109 5.81 -10.60 -3.78
N GLU A 110 6.67 -10.44 -4.76
CA GLU A 110 7.81 -9.59 -4.64
C GLU A 110 7.63 -8.21 -5.20
N GLU A 111 6.85 -7.49 -4.48
CA GLU A 111 6.69 -6.08 -4.64
C GLU A 111 6.44 -5.52 -3.27
N GLU A 112 7.01 -4.41 -2.98
CA GLU A 112 6.94 -3.83 -1.67
C GLU A 112 5.62 -3.16 -1.48
N GLY A 113 5.32 -2.28 -2.43
CA GLY A 113 4.19 -1.41 -2.28
C GLY A 113 4.50 -0.44 -1.18
N PHE A 114 3.63 -0.36 -0.23
CA PHE A 114 3.87 0.43 0.94
C PHE A 114 4.09 -0.44 2.16
N SER A 115 4.49 0.19 3.21
CA SER A 115 4.66 -0.45 4.46
C SER A 115 3.61 0.11 5.41
N ILE A 116 2.56 -0.65 5.55
CA ILE A 116 1.41 -0.21 6.30
C ILE A 116 1.34 -0.91 7.66
N CYS A 117 0.49 -0.43 8.53
CA CYS A 117 0.35 -0.99 9.86
C CYS A 117 -0.96 -1.73 9.94
N VAL A 118 -0.90 -3.00 10.22
CA VAL A 118 -2.11 -3.79 10.30
C VAL A 118 -2.19 -4.56 11.60
N GLU A 119 -3.35 -4.52 12.22
CA GLU A 119 -3.58 -5.27 13.40
C GLU A 119 -3.94 -6.68 12.98
N VAL A 120 -3.12 -7.58 13.39
CA VAL A 120 -3.24 -8.95 13.06
C VAL A 120 -2.91 -9.76 14.27
N ASN A 121 -3.79 -10.71 14.60
CA ASN A 121 -3.59 -11.63 15.72
C ASN A 121 -3.70 -10.93 17.07
N GLY A 122 -3.98 -9.65 17.02
CA GLY A 122 -4.07 -8.86 18.20
C GLY A 122 -3.01 -7.80 18.24
N LYS A 123 -1.98 -8.01 17.47
CA LYS A 123 -0.84 -7.12 17.42
C LYS A 123 -0.95 -6.18 16.24
N GLU A 124 0.01 -5.31 16.12
CA GLU A 124 0.08 -4.38 15.01
C GLU A 124 1.42 -4.52 14.37
N GLN A 125 1.44 -5.10 13.22
CA GLN A 125 2.66 -5.34 12.54
C GLN A 125 2.74 -4.49 11.29
N THR A 126 3.90 -3.95 11.07
CA THR A 126 4.19 -3.24 9.87
C THR A 126 4.48 -4.28 8.85
N MET A 127 3.73 -4.30 7.85
CA MET A 127 3.88 -5.29 6.87
C MET A 127 3.93 -4.64 5.53
N SER A 128 4.31 -5.38 4.58
CA SER A 128 4.41 -4.91 3.25
C SER A 128 3.05 -4.98 2.63
N GLU A 129 2.87 -4.27 1.56
CA GLU A 129 1.62 -4.18 0.88
C GLU A 129 1.25 -5.54 0.28
N CYS A 130 2.28 -6.27 -0.12
CA CYS A 130 2.10 -7.57 -0.73
C CYS A 130 1.57 -8.53 0.32
N GLU A 131 2.18 -8.42 1.46
CA GLU A 131 1.88 -9.16 2.64
C GLU A 131 0.44 -8.92 3.08
N ALA A 132 0.12 -7.67 3.38
CA ALA A 132 -1.22 -7.31 3.83
C ALA A 132 -2.28 -7.62 2.79
N GLY A 133 -1.95 -7.36 1.53
CA GLY A 133 -2.88 -7.61 0.45
C GLY A 133 -3.21 -9.07 0.32
N ALA A 134 -2.20 -9.91 0.37
CA ALA A 134 -2.39 -11.33 0.27
C ALA A 134 -3.19 -11.83 1.45
N LEU A 135 -2.92 -11.25 2.60
CA LEU A 135 -3.65 -11.59 3.80
C LEU A 135 -5.13 -11.28 3.64
N ARG A 136 -5.46 -10.12 3.05
CA ARG A 136 -6.87 -9.78 2.81
C ARG A 136 -7.43 -10.80 1.83
N CYS A 137 -6.69 -11.02 0.76
CA CYS A 137 -7.09 -11.91 -0.31
C CYS A 137 -7.28 -13.37 0.10
N ARG A 138 -6.44 -13.88 0.99
CA ARG A 138 -6.58 -15.27 1.43
C ARG A 138 -7.72 -15.44 2.41
N GLY A 139 -8.15 -14.36 2.99
CA GLY A 139 -9.22 -14.44 3.95
C GLY A 139 -8.71 -14.40 5.35
N GLN A 140 -7.44 -14.04 5.52
CA GLN A 140 -6.88 -13.86 6.83
C GLN A 140 -7.59 -12.68 7.48
N SER A 141 -7.75 -12.74 8.76
CA SER A 141 -8.45 -11.71 9.45
C SER A 141 -7.45 -10.67 9.83
N ILE A 142 -7.49 -9.56 9.16
CA ILE A 142 -6.58 -8.50 9.46
C ILE A 142 -7.32 -7.19 9.49
N SER A 143 -6.87 -6.31 10.31
CA SER A 143 -7.45 -5.03 10.45
C SER A 143 -6.41 -3.94 10.20
N VAL A 144 -6.44 -3.34 9.04
CA VAL A 144 -5.53 -2.26 8.76
C VAL A 144 -5.87 -1.06 9.65
N THR A 145 -4.98 -0.76 10.57
CA THR A 145 -5.22 0.30 11.51
C THR A 145 -4.82 1.63 10.91
N SER A 146 -3.81 1.60 10.06
CA SER A 146 -3.39 2.76 9.37
C SER A 146 -2.58 2.37 8.16
N ILE A 147 -2.58 3.23 7.20
CA ILE A 147 -1.82 3.08 5.99
C ILE A 147 -0.37 3.53 6.24
N ARG A 148 -0.14 4.03 7.44
CA ARG A 148 1.16 4.51 7.85
C ARG A 148 1.92 3.36 8.51
N PRO A 149 3.24 3.30 8.36
CA PRO A 149 4.04 2.22 8.95
C PRO A 149 4.12 2.31 10.47
N CYS A 150 4.14 1.18 11.12
CA CYS A 150 4.29 1.14 12.56
C CYS A 150 5.78 0.96 12.88
N ALA A 151 6.16 1.10 14.13
CA ALA A 151 7.54 0.95 14.55
C ALA A 151 7.87 -0.53 14.83
N ALA A 152 6.99 -1.42 14.38
CA ALA A 152 7.15 -2.86 14.56
C ALA A 152 8.43 -3.37 13.92
N GLU A 153 8.51 -3.23 12.61
CA GLU A 153 9.69 -3.61 11.77
C GLU A 153 10.11 -5.08 11.92
N THR A 154 9.28 -5.89 12.52
CA THR A 154 9.59 -7.27 12.71
C THR A 154 8.90 -8.09 11.63
N GLN A 155 9.62 -9.04 11.08
CA GLN A 155 9.10 -9.90 10.05
C GLN A 155 9.16 -11.33 10.54
N GLY A 1 18.31 17.28 22.48
CA GLY A 1 19.49 17.80 21.79
C GLY A 1 20.51 16.71 21.58
N SER A 2 21.68 16.86 22.23
CA SER A 2 22.78 15.89 22.17
C SER A 2 23.33 15.71 20.73
N HIS A 3 24.25 14.78 20.56
CA HIS A 3 24.74 14.46 19.25
C HIS A 3 23.73 13.51 18.64
N MET A 4 23.05 13.98 17.61
CA MET A 4 21.94 13.25 17.02
C MET A 4 22.40 11.97 16.34
N ASN A 5 23.17 12.11 15.31
CA ASN A 5 23.61 10.98 14.54
C ASN A 5 24.95 11.28 13.88
N PRO A 6 25.86 10.30 13.81
CA PRO A 6 27.09 10.42 13.05
C PRO A 6 26.81 10.15 11.58
N LEU A 7 27.26 11.01 10.71
CA LEU A 7 27.00 10.80 9.31
C LEU A 7 28.06 9.90 8.68
N THR A 8 27.73 8.65 8.65
CA THR A 8 28.54 7.63 8.04
C THR A 8 27.82 7.17 6.76
N GLN A 9 27.69 8.12 5.82
CA GLN A 9 26.85 7.98 4.63
C GLN A 9 25.41 7.96 5.10
N ALA A 10 24.80 9.15 5.12
CA ALA A 10 23.46 9.34 5.67
C ALA A 10 22.46 8.38 5.06
N VAL A 11 21.82 7.59 5.90
CA VAL A 11 20.82 6.66 5.46
C VAL A 11 19.57 7.46 5.10
N PRO A 12 19.19 7.48 3.81
CA PRO A 12 18.06 8.27 3.33
C PRO A 12 16.78 7.90 4.04
N LYS A 13 16.12 8.90 4.50
CA LYS A 13 14.90 8.73 5.19
C LYS A 13 13.78 9.39 4.41
N CYS A 14 13.16 8.62 3.58
CA CYS A 14 12.04 9.09 2.82
C CYS A 14 10.95 8.09 3.03
N GLN A 15 9.77 8.57 3.24
CA GLN A 15 8.64 7.70 3.42
C GLN A 15 8.30 7.06 2.07
N ARG A 16 7.37 6.14 2.05
CA ARG A 16 6.98 5.45 0.81
C ARG A 16 6.38 6.41 -0.24
N TRP A 17 5.90 7.54 0.23
CA TRP A 17 5.31 8.56 -0.62
C TRP A 17 6.32 9.67 -0.95
N GLU A 18 7.54 9.48 -0.48
CA GLU A 18 8.61 10.43 -0.69
C GLU A 18 9.75 9.72 -1.37
N LYS A 19 10.55 10.45 -2.07
CA LYS A 19 11.68 9.89 -2.77
C LYS A 19 12.86 10.83 -2.70
N LEU A 20 14.04 10.30 -2.89
CA LEU A 20 15.24 11.06 -2.82
C LEU A 20 15.66 11.48 -4.22
N GLN A 21 15.64 12.74 -4.49
CA GLN A 21 16.09 13.25 -5.75
C GLN A 21 16.67 14.60 -5.52
N ASN A 22 17.68 14.96 -6.28
CA ASN A 22 18.33 16.28 -6.21
C ASN A 22 19.01 16.42 -4.82
N SER A 23 19.35 15.25 -4.23
CA SER A 23 19.99 15.11 -2.92
C SER A 23 19.04 15.60 -1.79
N ARG A 24 17.75 15.62 -2.06
CA ARG A 24 16.77 16.05 -1.09
C ARG A 24 15.58 15.09 -1.13
N CYS A 25 14.74 15.16 -0.14
CA CYS A 25 13.58 14.31 -0.07
C CYS A 25 12.36 15.07 -0.55
N VAL A 26 11.68 14.53 -1.54
CA VAL A 26 10.50 15.19 -2.10
C VAL A 26 9.34 14.22 -2.16
N CYS A 27 8.17 14.75 -2.41
CA CYS A 27 6.99 13.94 -2.55
C CYS A 27 6.86 13.54 -4.02
N LYS A 28 6.42 12.33 -4.27
CA LYS A 28 6.28 11.81 -5.63
C LYS A 28 4.90 12.19 -6.24
N MET A 29 4.50 11.57 -7.35
CA MET A 29 3.19 11.85 -7.96
C MET A 29 2.19 10.74 -7.60
N PRO A 30 0.96 11.11 -7.17
CA PRO A 30 -0.03 10.12 -6.69
C PRO A 30 -0.54 9.19 -7.79
N TYR A 31 -0.68 9.72 -8.98
CA TYR A 31 -1.18 8.95 -10.11
C TYR A 31 -0.07 8.15 -10.77
N GLU A 32 1.14 8.36 -10.29
CA GLU A 32 2.32 7.73 -10.83
C GLU A 32 3.08 7.05 -9.73
N CYS A 33 2.38 6.68 -8.70
CA CYS A 33 3.03 6.13 -7.55
C CYS A 33 3.27 4.63 -7.70
N GLY A 34 2.31 3.94 -8.30
CA GLY A 34 2.47 2.52 -8.53
C GLY A 34 1.38 1.71 -7.87
N PRO A 35 1.70 0.49 -7.42
CA PRO A 35 0.72 -0.40 -6.78
C PRO A 35 0.65 -0.19 -5.25
N SER A 36 -0.52 -0.51 -4.63
CA SER A 36 -0.70 -0.37 -3.20
C SER A 36 -2.04 -0.99 -2.73
N LEU A 37 -2.29 -0.97 -1.42
CA LEU A 37 -3.54 -1.47 -0.85
C LEU A 37 -4.73 -0.64 -1.27
N ASP A 38 -5.77 -1.32 -1.68
CA ASP A 38 -7.04 -0.71 -2.03
C ASP A 38 -7.71 -0.21 -0.79
N VAL A 39 -7.91 1.09 -0.74
CA VAL A 39 -8.54 1.70 0.39
C VAL A 39 -9.50 2.75 -0.10
N CYS A 40 -10.39 3.17 0.72
CA CYS A 40 -11.33 4.17 0.35
C CYS A 40 -11.40 5.23 1.38
N ALA A 41 -11.61 6.42 0.94
CA ALA A 41 -11.62 7.52 1.81
C ALA A 41 -12.62 8.52 1.38
N GLN A 42 -12.88 9.39 2.25
CA GLN A 42 -13.76 10.46 2.05
C GLN A 42 -12.98 11.68 1.64
N ASP A 43 -13.40 12.23 0.56
CA ASP A 43 -12.87 13.46 0.03
C ASP A 43 -13.38 14.60 0.91
N GLU A 44 -12.49 15.36 1.52
CA GLU A 44 -12.90 16.45 2.44
C GLU A 44 -13.52 17.63 1.73
N ARG A 45 -13.32 17.72 0.45
CA ARG A 45 -13.84 18.81 -0.31
C ARG A 45 -15.25 18.48 -0.79
N SER A 46 -15.36 17.40 -1.46
CA SER A 46 -16.59 17.01 -2.11
C SER A 46 -17.49 16.17 -1.21
N LYS A 47 -16.93 15.67 -0.09
CA LYS A 47 -17.61 14.78 0.84
C LYS A 47 -18.25 13.60 0.12
N ARG A 48 -17.40 12.71 -0.31
CA ARG A 48 -17.78 11.53 -1.06
C ARG A 48 -16.79 10.46 -0.71
N ILE A 49 -17.20 9.23 -0.74
CA ILE A 49 -16.33 8.14 -0.44
C ILE A 49 -15.81 7.59 -1.76
N LEU A 50 -14.55 7.69 -1.99
CA LEU A 50 -14.00 7.26 -3.25
C LEU A 50 -12.90 6.24 -3.07
N PRO A 51 -12.81 5.32 -4.04
CA PRO A 51 -11.76 4.32 -4.11
C PRO A 51 -10.40 4.97 -4.37
N LEU A 52 -9.50 4.75 -3.48
CA LEU A 52 -8.17 5.22 -3.56
C LEU A 52 -7.25 4.05 -3.38
N THR A 53 -6.02 4.31 -3.29
CA THR A 53 -5.06 3.31 -3.01
C THR A 53 -4.08 3.93 -2.04
N VAL A 54 -3.41 3.14 -1.25
CA VAL A 54 -2.45 3.63 -0.25
C VAL A 54 -1.39 4.54 -0.87
N CYS A 55 -0.90 4.15 -2.03
CA CYS A 55 0.12 4.91 -2.72
C CYS A 55 -0.43 6.26 -3.11
N LYS A 56 -1.62 6.25 -3.74
CA LYS A 56 -2.28 7.46 -4.16
C LYS A 56 -2.55 8.32 -2.98
N MET A 57 -3.42 7.85 -2.06
CA MET A 57 -3.87 8.59 -0.86
C MET A 57 -2.71 9.21 -0.06
N HIS A 58 -1.63 8.48 0.14
CA HIS A 58 -0.50 9.04 0.87
C HIS A 58 0.14 10.21 0.14
N VAL A 59 0.39 10.04 -1.14
CA VAL A 59 0.98 11.11 -1.91
C VAL A 59 -0.03 12.25 -2.05
N LEU A 60 -1.24 11.85 -2.31
CA LEU A 60 -2.44 12.68 -2.34
C LEU A 60 -2.46 13.56 -1.07
N HIS A 61 -2.19 12.92 0.05
CA HIS A 61 -2.20 13.54 1.36
C HIS A 61 -1.03 14.52 1.51
N CYS A 62 0.17 14.12 1.07
CA CYS A 62 1.36 14.96 1.27
C CYS A 62 1.39 16.11 0.28
N GLN A 63 0.65 15.96 -0.81
CA GLN A 63 0.49 17.02 -1.80
C GLN A 63 -0.41 18.14 -1.28
N GLY A 64 -1.07 17.90 -0.16
CA GLY A 64 -1.90 18.93 0.44
C GLY A 64 -3.39 18.70 0.21
N ARG A 65 -3.77 17.46 0.01
CA ARG A 65 -5.18 17.13 -0.14
C ARG A 65 -5.65 16.49 1.16
N ASN A 66 -6.67 17.07 1.77
CA ASN A 66 -7.18 16.51 3.01
C ASN A 66 -8.21 15.46 2.70
N TYR A 67 -7.96 14.26 3.15
CA TYR A 67 -8.84 13.13 2.95
C TYR A 67 -8.98 12.38 4.25
N THR A 68 -10.10 11.77 4.44
CA THR A 68 -10.39 11.05 5.65
C THR A 68 -10.77 9.62 5.31
N LEU A 69 -10.09 8.66 5.85
CA LEU A 69 -10.43 7.28 5.55
C LEU A 69 -11.66 6.83 6.27
N THR A 70 -12.41 6.01 5.60
CA THR A 70 -13.65 5.49 6.10
C THR A 70 -13.64 3.97 6.02
N GLY A 71 -14.75 3.34 6.35
CA GLY A 71 -14.84 1.90 6.29
C GLY A 71 -15.14 1.43 4.89
N ARG A 72 -14.82 0.19 4.59
CA ARG A 72 -15.01 -0.37 3.24
C ARG A 72 -16.49 -0.52 2.88
N ASP A 73 -17.34 -0.36 3.86
CA ASP A 73 -18.78 -0.47 3.69
C ASP A 73 -19.35 0.79 3.04
N SER A 74 -18.58 1.87 3.10
CA SER A 74 -19.05 3.15 2.56
C SER A 74 -18.74 3.29 1.07
N CYS A 75 -17.85 2.47 0.59
CA CYS A 75 -17.39 2.49 -0.77
C CYS A 75 -17.44 1.09 -1.40
N THR A 76 -17.07 1.02 -2.65
CA THR A 76 -16.88 -0.21 -3.33
C THR A 76 -15.44 -0.27 -3.89
N LEU A 77 -14.73 -1.31 -3.58
CA LEU A 77 -13.44 -1.55 -4.16
C LEU A 77 -13.57 -2.48 -5.34
N PRO A 78 -12.63 -2.39 -6.28
CA PRO A 78 -12.55 -3.26 -7.48
C PRO A 78 -12.37 -4.76 -7.15
N ALA A 79 -12.02 -5.53 -8.19
CA ALA A 79 -11.85 -6.99 -8.15
C ALA A 79 -13.16 -7.74 -7.88
N SER A 80 -13.15 -9.05 -8.09
CA SER A 80 -14.33 -9.86 -7.90
C SER A 80 -13.91 -11.33 -7.88
N ALA A 81 -14.11 -11.95 -6.74
CA ALA A 81 -13.84 -13.37 -6.47
C ALA A 81 -12.37 -13.71 -6.57
N GLU A 82 -11.99 -14.37 -7.62
CA GLU A 82 -10.62 -14.70 -7.84
C GLU A 82 -10.08 -13.75 -8.86
N LYS A 83 -8.80 -13.53 -8.84
CA LYS A 83 -8.24 -12.54 -9.72
C LYS A 83 -8.05 -13.12 -11.11
N ALA A 84 -8.14 -12.30 -12.11
CA ALA A 84 -8.01 -12.74 -13.48
C ALA A 84 -7.12 -11.81 -14.26
N CYS A 85 -6.52 -12.32 -15.32
CA CYS A 85 -5.65 -11.56 -16.19
C CYS A 85 -6.40 -10.34 -16.75
N GLY A 86 -5.85 -9.17 -16.51
CA GLY A 86 -6.49 -7.94 -16.91
C GLY A 86 -6.57 -7.00 -15.74
N ALA A 87 -6.54 -7.57 -14.57
CA ALA A 87 -6.49 -6.82 -13.34
C ALA A 87 -5.81 -7.68 -12.32
N CYS A 88 -4.57 -7.41 -12.09
CA CYS A 88 -3.78 -8.21 -11.21
C CYS A 88 -3.16 -7.34 -10.13
N PRO A 89 -3.45 -7.64 -8.86
CA PRO A 89 -2.92 -6.88 -7.74
C PRO A 89 -1.44 -7.21 -7.50
N LEU A 90 -0.84 -6.51 -6.57
CA LEU A 90 0.57 -6.68 -6.24
C LEU A 90 0.85 -7.93 -5.39
N TRP A 91 -0.21 -8.55 -4.96
CA TRP A 91 -0.15 -9.83 -4.26
C TRP A 91 -0.71 -10.92 -5.12
N GLY A 92 -0.86 -10.61 -6.38
CA GLY A 92 -1.45 -11.49 -7.29
C GLY A 92 -0.53 -11.69 -8.43
N LYS A 93 -0.29 -12.90 -8.74
CA LYS A 93 0.56 -13.23 -9.82
C LYS A 93 -0.26 -13.93 -10.83
N CYS A 94 -0.08 -13.55 -12.01
CA CYS A 94 -0.89 -14.04 -13.10
C CYS A 94 -0.33 -15.36 -13.62
N ASP A 95 -1.19 -16.19 -14.14
CA ASP A 95 -0.80 -17.47 -14.66
C ASP A 95 -1.44 -17.66 -16.02
N ALA A 96 -0.75 -18.37 -16.90
CA ALA A 96 -1.21 -18.56 -18.26
C ALA A 96 -2.40 -19.52 -18.35
N GLU A 97 -2.53 -20.39 -17.37
CA GLU A 97 -3.63 -21.31 -17.35
C GLU A 97 -4.87 -20.60 -16.86
N SER A 98 -5.96 -20.77 -17.61
CA SER A 98 -7.29 -20.19 -17.33
C SER A 98 -7.29 -18.64 -17.29
N SER A 99 -6.15 -18.01 -17.63
CA SER A 99 -5.98 -16.56 -17.59
C SER A 99 -6.27 -16.05 -16.17
N LYS A 100 -5.88 -16.85 -15.23
CA LYS A 100 -6.14 -16.64 -13.84
C LYS A 100 -5.02 -15.82 -13.20
N CYS A 101 -5.32 -15.19 -12.13
CA CYS A 101 -4.34 -14.52 -11.33
C CYS A 101 -4.51 -15.03 -9.91
N VAL A 102 -3.46 -15.55 -9.37
CA VAL A 102 -3.52 -16.18 -8.07
C VAL A 102 -2.78 -15.33 -7.04
N CYS A 103 -3.21 -15.38 -5.82
CA CYS A 103 -2.60 -14.58 -4.80
C CYS A 103 -1.59 -15.37 -4.03
N ARG A 104 -0.46 -14.75 -3.86
CA ARG A 104 0.69 -15.33 -3.22
C ARG A 104 0.66 -15.10 -1.73
N GLU A 105 1.66 -15.61 -1.06
CA GLU A 105 1.78 -15.45 0.35
C GLU A 105 2.54 -14.17 0.66
N ALA A 106 2.60 -13.79 1.93
CA ALA A 106 3.23 -12.55 2.35
C ALA A 106 4.72 -12.60 2.13
N SER A 107 5.28 -13.77 2.32
CA SER A 107 6.70 -13.98 2.17
C SER A 107 7.13 -13.98 0.68
N GLU A 108 6.16 -13.81 -0.23
CA GLU A 108 6.41 -13.75 -1.65
C GLU A 108 6.47 -12.29 -2.11
N CYS A 109 6.67 -11.41 -1.17
CA CYS A 109 6.74 -9.98 -1.43
C CYS A 109 7.91 -9.63 -2.38
N GLU A 110 7.57 -9.43 -3.62
CA GLU A 110 8.55 -9.10 -4.63
C GLU A 110 8.26 -7.74 -5.29
N GLU A 111 7.02 -7.32 -5.20
CA GLU A 111 6.55 -6.14 -5.94
C GLU A 111 7.05 -4.81 -5.36
N GLU A 112 7.19 -4.74 -4.05
CA GLU A 112 7.49 -3.48 -3.37
C GLU A 112 6.43 -2.42 -3.51
N GLY A 113 5.47 -2.55 -2.66
CA GLY A 113 4.46 -1.53 -2.45
C GLY A 113 4.90 -0.61 -1.32
N PHE A 114 3.98 -0.30 -0.46
CA PHE A 114 4.22 0.48 0.71
C PHE A 114 4.46 -0.40 1.94
N SER A 115 4.51 0.23 3.08
CA SER A 115 4.63 -0.42 4.34
C SER A 115 3.50 0.15 5.20
N ILE A 116 2.70 -0.71 5.80
CA ILE A 116 1.49 -0.26 6.52
C ILE A 116 1.37 -0.96 7.87
N CYS A 117 0.51 -0.42 8.72
CA CYS A 117 0.24 -0.97 10.03
C CYS A 117 -1.02 -1.82 9.95
N VAL A 118 -0.88 -3.11 10.13
CA VAL A 118 -2.02 -3.98 10.08
C VAL A 118 -2.09 -4.85 11.32
N GLU A 119 -3.28 -5.04 11.82
CA GLU A 119 -3.53 -5.83 12.96
C GLU A 119 -3.67 -7.29 12.53
N VAL A 120 -2.69 -8.09 12.88
CA VAL A 120 -2.66 -9.45 12.64
C VAL A 120 -2.39 -10.11 13.97
N ASN A 121 -2.94 -11.28 14.19
CA ASN A 121 -2.73 -12.03 15.44
C ASN A 121 -3.30 -11.29 16.65
N GLY A 122 -4.07 -10.24 16.38
CA GLY A 122 -4.61 -9.41 17.42
C GLY A 122 -3.71 -8.20 17.71
N LYS A 123 -2.55 -8.16 17.09
CA LYS A 123 -1.57 -7.09 17.33
C LYS A 123 -1.37 -6.26 16.08
N GLU A 124 -0.99 -5.03 16.26
CA GLU A 124 -0.70 -4.17 15.13
C GLU A 124 0.77 -4.25 14.81
N GLN A 125 1.06 -4.61 13.59
CA GLN A 125 2.40 -4.81 13.11
C GLN A 125 2.55 -4.19 11.74
N THR A 126 3.71 -3.69 11.45
CA THR A 126 3.98 -3.14 10.16
C THR A 126 4.56 -4.21 9.29
N MET A 127 3.96 -4.39 8.18
CA MET A 127 4.46 -5.28 7.20
C MET A 127 4.44 -4.59 5.87
N SER A 128 4.87 -5.27 4.88
CA SER A 128 4.89 -4.75 3.57
C SER A 128 3.49 -4.81 3.00
N GLU A 129 3.23 -3.98 2.05
CA GLU A 129 1.94 -3.91 1.43
C GLU A 129 1.61 -5.19 0.68
N CYS A 130 2.63 -5.85 0.16
CA CYS A 130 2.43 -7.03 -0.64
C CYS A 130 2.11 -8.15 0.30
N GLU A 131 2.70 -8.03 1.48
CA GLU A 131 2.50 -8.94 2.55
C GLU A 131 1.06 -8.88 3.04
N ALA A 132 0.72 -7.76 3.69
CA ALA A 132 -0.61 -7.57 4.29
C ALA A 132 -1.73 -7.79 3.27
N GLY A 133 -1.49 -7.34 2.05
CA GLY A 133 -2.46 -7.48 1.01
C GLY A 133 -2.70 -8.93 0.64
N ALA A 134 -1.63 -9.70 0.60
CA ALA A 134 -1.72 -11.11 0.24
C ALA A 134 -2.58 -11.86 1.24
N LEU A 135 -2.37 -11.56 2.53
CA LEU A 135 -3.15 -12.19 3.60
C LEU A 135 -4.65 -12.05 3.39
N ARG A 136 -5.08 -10.89 2.87
CA ARG A 136 -6.48 -10.59 2.61
C ARG A 136 -7.10 -11.53 1.60
N CYS A 137 -6.36 -11.88 0.56
CA CYS A 137 -6.95 -12.67 -0.51
C CYS A 137 -6.81 -14.12 -0.15
N ARG A 138 -5.80 -14.37 0.63
CA ARG A 138 -5.48 -15.64 1.10
C ARG A 138 -6.57 -16.15 2.03
N GLY A 139 -6.90 -15.37 3.04
CA GLY A 139 -7.88 -15.83 4.00
C GLY A 139 -7.44 -15.66 5.42
N GLN A 140 -6.29 -15.06 5.62
CA GLN A 140 -5.81 -14.77 6.94
C GLN A 140 -6.57 -13.58 7.47
N SER A 141 -6.97 -13.64 8.71
CA SER A 141 -7.74 -12.57 9.30
C SER A 141 -6.80 -11.44 9.72
N ILE A 142 -6.86 -10.34 9.00
CA ILE A 142 -6.03 -9.17 9.27
C ILE A 142 -6.90 -7.93 9.20
N SER A 143 -6.54 -6.93 9.92
CA SER A 143 -7.26 -5.69 9.91
C SER A 143 -6.30 -4.55 9.67
N VAL A 144 -6.39 -3.93 8.52
CA VAL A 144 -5.52 -2.81 8.22
C VAL A 144 -6.02 -1.60 9.00
N THR A 145 -5.38 -1.32 10.09
CA THR A 145 -5.76 -0.26 10.95
C THR A 145 -5.34 1.07 10.37
N SER A 146 -4.15 1.11 9.85
CA SER A 146 -3.62 2.32 9.30
C SER A 146 -2.84 2.04 8.03
N ILE A 147 -2.96 2.95 7.09
CA ILE A 147 -2.22 2.87 5.85
C ILE A 147 -0.80 3.42 6.10
N ARG A 148 -0.63 3.97 7.28
CA ARG A 148 0.65 4.43 7.78
C ARG A 148 1.35 3.28 8.45
N PRO A 149 2.67 3.17 8.32
CA PRO A 149 3.43 2.13 9.01
C PRO A 149 3.59 2.51 10.49
N CYS A 150 3.54 1.54 11.39
CA CYS A 150 3.69 1.83 12.79
C CYS A 150 5.17 1.63 13.17
N ALA A 151 5.50 1.77 14.44
CA ALA A 151 6.86 1.54 14.91
C ALA A 151 7.04 0.08 15.26
N ALA A 152 5.95 -0.66 15.19
CA ALA A 152 5.94 -2.06 15.47
C ALA A 152 6.44 -2.82 14.26
N GLU A 153 7.73 -3.00 14.22
CA GLU A 153 8.37 -3.79 13.18
C GLU A 153 8.45 -5.24 13.64
N THR A 154 8.39 -5.39 14.93
CA THR A 154 8.49 -6.66 15.60
C THR A 154 7.17 -7.45 15.52
N GLN A 155 7.31 -8.75 15.52
CA GLN A 155 6.18 -9.65 15.42
C GLN A 155 5.72 -10.01 16.81
N GLY A 1 25.54 27.31 5.00
CA GLY A 1 25.36 28.41 5.94
C GLY A 1 24.29 28.08 6.94
N SER A 2 23.43 29.04 7.25
CA SER A 2 22.38 28.80 8.19
C SER A 2 21.17 28.17 7.50
N HIS A 3 20.86 26.95 7.87
CA HIS A 3 19.73 26.21 7.34
C HIS A 3 19.10 25.41 8.45
N MET A 4 17.78 25.27 8.41
CA MET A 4 17.04 24.68 9.50
C MET A 4 17.23 23.16 9.61
N ASN A 5 17.09 22.46 8.52
CA ASN A 5 17.33 21.02 8.53
C ASN A 5 18.79 20.80 8.25
N PRO A 6 19.46 19.87 8.95
CA PRO A 6 20.88 19.59 8.73
C PRO A 6 21.14 18.98 7.35
N LEU A 7 22.33 19.15 6.85
CA LEU A 7 22.68 18.59 5.56
C LEU A 7 23.20 17.18 5.77
N THR A 8 23.29 16.43 4.73
CA THR A 8 23.80 15.10 4.79
C THR A 8 24.56 14.81 3.51
N GLN A 9 25.71 14.19 3.65
CA GLN A 9 26.54 13.88 2.50
C GLN A 9 26.14 12.52 1.97
N ALA A 10 25.75 11.68 2.88
CA ALA A 10 25.22 10.39 2.56
C ALA A 10 23.79 10.57 2.18
N VAL A 11 23.32 9.67 1.38
CA VAL A 11 22.02 9.74 0.85
C VAL A 11 20.95 9.68 1.95
N PRO A 12 20.09 10.70 2.03
CA PRO A 12 19.03 10.72 2.98
C PRO A 12 17.92 9.79 2.58
N LYS A 13 17.47 9.00 3.50
CA LYS A 13 16.41 8.09 3.22
C LYS A 13 15.10 8.79 3.48
N CYS A 14 14.24 8.72 2.53
CA CYS A 14 13.00 9.44 2.59
C CYS A 14 11.91 8.47 2.93
N GLN A 15 10.73 8.98 3.18
CA GLN A 15 9.60 8.16 3.47
C GLN A 15 9.13 7.46 2.22
N ARG A 16 8.21 6.55 2.39
CA ARG A 16 7.74 5.70 1.31
C ARG A 16 6.98 6.48 0.22
N TRP A 17 6.42 7.61 0.60
CA TRP A 17 5.68 8.47 -0.31
C TRP A 17 6.54 9.65 -0.75
N GLU A 18 7.82 9.56 -0.48
CA GLU A 18 8.74 10.59 -0.83
C GLU A 18 9.77 10.05 -1.81
N LYS A 19 10.55 10.92 -2.38
CA LYS A 19 11.60 10.56 -3.28
C LYS A 19 12.81 11.44 -3.02
N LEU A 20 13.97 10.94 -3.34
CA LEU A 20 15.20 11.65 -3.16
C LEU A 20 15.63 12.32 -4.45
N GLN A 21 15.66 13.64 -4.46
CA GLN A 21 16.15 14.37 -5.60
C GLN A 21 16.78 15.65 -5.12
N ASN A 22 17.77 16.13 -5.84
CA ASN A 22 18.44 17.41 -5.57
C ASN A 22 19.05 17.39 -4.15
N SER A 23 19.42 16.18 -3.69
CA SER A 23 20.03 15.93 -2.39
C SER A 23 19.07 16.26 -1.23
N ARG A 24 17.78 16.26 -1.51
CA ARG A 24 16.78 16.55 -0.51
C ARG A 24 15.63 15.57 -0.62
N CYS A 25 14.82 15.53 0.39
CA CYS A 25 13.72 14.63 0.43
C CYS A 25 12.47 15.37 0.01
N VAL A 26 11.89 14.98 -1.07
CA VAL A 26 10.68 15.61 -1.56
C VAL A 26 9.61 14.55 -1.69
N CYS A 27 8.42 14.93 -2.03
CA CYS A 27 7.34 13.96 -2.14
C CYS A 27 7.28 13.37 -3.54
N LYS A 28 6.67 12.20 -3.69
CA LYS A 28 6.47 11.61 -5.00
C LYS A 28 5.34 12.39 -5.68
N MET A 29 5.15 12.17 -6.94
CA MET A 29 4.07 12.80 -7.65
C MET A 29 2.88 11.85 -7.67
N PRO A 30 1.63 12.37 -7.56
CA PRO A 30 0.41 11.52 -7.45
C PRO A 30 0.11 10.67 -8.68
N TYR A 31 0.88 10.85 -9.72
CA TYR A 31 0.68 10.10 -10.94
C TYR A 31 1.71 8.98 -11.06
N GLU A 32 2.61 8.92 -10.09
CA GLU A 32 3.62 7.88 -10.05
C GLU A 32 3.11 6.72 -9.22
N CYS A 33 1.91 6.88 -8.75
CA CYS A 33 1.27 5.94 -7.88
C CYS A 33 0.60 4.84 -8.70
N GLY A 34 0.94 3.62 -8.41
CA GLY A 34 0.35 2.50 -9.09
C GLY A 34 0.08 1.36 -8.13
N PRO A 35 1.03 0.43 -7.97
CA PRO A 35 0.91 -0.72 -7.05
C PRO A 35 0.79 -0.28 -5.58
N SER A 36 -0.35 -0.62 -4.99
CA SER A 36 -0.72 -0.34 -3.61
C SER A 36 -2.00 -1.07 -3.27
N LEU A 37 -2.28 -1.18 -1.99
CA LEU A 37 -3.55 -1.69 -1.49
C LEU A 37 -4.62 -0.65 -1.75
N ASP A 38 -5.70 -1.07 -2.39
CA ASP A 38 -6.83 -0.18 -2.64
C ASP A 38 -7.63 -0.02 -1.39
N VAL A 39 -7.95 1.19 -1.05
CA VAL A 39 -8.64 1.51 0.19
C VAL A 39 -9.77 2.50 -0.05
N CYS A 40 -10.66 2.59 0.87
CA CYS A 40 -11.78 3.50 0.77
C CYS A 40 -11.44 4.75 1.57
N ALA A 41 -11.59 5.89 0.96
CA ALA A 41 -11.29 7.12 1.63
C ALA A 41 -12.34 8.16 1.34
N GLN A 42 -12.46 9.09 2.21
CA GLN A 42 -13.39 10.16 2.07
C GLN A 42 -12.65 11.42 1.71
N ASP A 43 -13.17 12.09 0.72
CA ASP A 43 -12.62 13.35 0.25
C ASP A 43 -13.01 14.45 1.20
N GLU A 44 -12.10 15.30 1.58
CA GLU A 44 -12.43 16.35 2.54
C GLU A 44 -13.11 17.58 1.93
N ARG A 45 -13.01 17.75 0.64
CA ARG A 45 -13.64 18.88 0.01
C ARG A 45 -15.09 18.57 -0.27
N SER A 46 -15.31 17.42 -0.84
CA SER A 46 -16.61 16.99 -1.29
C SER A 46 -17.33 16.20 -0.19
N LYS A 47 -16.55 15.53 0.67
CA LYS A 47 -17.05 14.64 1.72
C LYS A 47 -17.68 13.36 1.16
N ARG A 48 -17.34 13.01 -0.08
CA ARG A 48 -17.81 11.78 -0.67
C ARG A 48 -16.80 10.69 -0.40
N ILE A 49 -17.22 9.45 -0.54
CA ILE A 49 -16.31 8.34 -0.34
C ILE A 49 -15.85 7.85 -1.70
N LEU A 50 -14.58 7.77 -1.88
CA LEU A 50 -14.02 7.34 -3.13
C LEU A 50 -12.93 6.29 -2.90
N PRO A 51 -12.79 5.39 -3.85
CA PRO A 51 -11.75 4.38 -3.81
C PRO A 51 -10.40 5.00 -4.12
N LEU A 52 -9.47 4.80 -3.24
CA LEU A 52 -8.12 5.24 -3.41
C LEU A 52 -7.20 4.07 -3.27
N THR A 53 -5.94 4.31 -3.27
CA THR A 53 -4.98 3.28 -3.14
C THR A 53 -3.88 3.87 -2.22
N VAL A 54 -3.24 3.05 -1.37
CA VAL A 54 -2.26 3.54 -0.37
C VAL A 54 -1.18 4.52 -0.86
N CYS A 55 -0.48 4.21 -1.94
CA CYS A 55 0.53 5.16 -2.50
C CYS A 55 -0.12 6.50 -2.80
N LYS A 56 -1.28 6.44 -3.46
CA LYS A 56 -2.00 7.63 -3.92
C LYS A 56 -2.36 8.50 -2.76
N MET A 57 -3.05 7.91 -1.79
CA MET A 57 -3.45 8.61 -0.56
C MET A 57 -2.25 9.25 0.14
N HIS A 58 -1.16 8.51 0.25
CA HIS A 58 0.02 9.03 0.92
C HIS A 58 0.65 10.17 0.17
N VAL A 59 0.93 9.94 -1.08
CA VAL A 59 1.57 10.92 -1.92
C VAL A 59 0.71 12.17 -2.05
N LEU A 60 -0.55 11.98 -2.33
CA LEU A 60 -1.51 13.04 -2.43
C LEU A 60 -1.65 13.81 -1.10
N HIS A 61 -1.53 13.10 0.01
CA HIS A 61 -1.62 13.71 1.33
C HIS A 61 -0.39 14.59 1.55
N CYS A 62 0.74 14.14 1.05
CA CYS A 62 2.00 14.86 1.23
C CYS A 62 2.04 16.05 0.27
N GLN A 63 1.37 15.91 -0.88
CA GLN A 63 1.20 17.00 -1.84
C GLN A 63 0.41 18.13 -1.18
N GLY A 64 -0.47 17.77 -0.26
CA GLY A 64 -1.23 18.75 0.46
C GLY A 64 -2.72 18.55 0.35
N ARG A 65 -3.16 17.33 0.12
CA ARG A 65 -4.59 17.06 0.02
C ARG A 65 -5.02 16.31 1.27
N ASN A 66 -6.13 16.69 1.83
CA ASN A 66 -6.62 16.07 3.05
C ASN A 66 -7.68 15.04 2.72
N TYR A 67 -7.52 13.86 3.25
CA TYR A 67 -8.47 12.79 3.07
C TYR A 67 -8.63 12.03 4.36
N THR A 68 -9.78 11.50 4.55
CA THR A 68 -10.09 10.76 5.73
C THR A 68 -10.32 9.31 5.35
N LEU A 69 -9.79 8.37 6.09
CA LEU A 69 -10.04 7.01 5.76
C LEU A 69 -11.29 6.48 6.40
N THR A 70 -11.99 5.69 5.65
CA THR A 70 -13.24 5.13 6.07
C THR A 70 -13.15 3.59 6.03
N GLY A 71 -14.28 2.92 6.17
CA GLY A 71 -14.29 1.48 6.14
C GLY A 71 -14.50 0.97 4.74
N ARG A 72 -14.43 -0.34 4.54
CA ARG A 72 -14.54 -0.95 3.21
C ARG A 72 -15.97 -0.86 2.69
N ASP A 73 -16.87 -0.66 3.63
CA ASP A 73 -18.29 -0.66 3.35
C ASP A 73 -18.75 0.65 2.73
N SER A 74 -17.91 1.66 2.82
CA SER A 74 -18.29 2.98 2.37
C SER A 74 -18.36 3.14 0.83
N CYS A 75 -17.43 2.55 0.09
CA CYS A 75 -17.47 2.72 -1.37
C CYS A 75 -17.30 1.37 -2.07
N THR A 76 -17.20 1.40 -3.39
CA THR A 76 -17.02 0.20 -4.17
C THR A 76 -15.54 0.02 -4.47
N LEU A 77 -14.93 -0.98 -3.89
CA LEU A 77 -13.53 -1.19 -4.07
C LEU A 77 -13.30 -2.12 -5.27
N PRO A 78 -12.29 -1.83 -6.11
CA PRO A 78 -11.96 -2.64 -7.31
C PRO A 78 -11.63 -4.08 -6.97
N ALA A 79 -11.21 -4.29 -5.76
CA ALA A 79 -10.92 -5.59 -5.26
C ALA A 79 -11.68 -5.81 -4.01
N SER A 80 -12.86 -6.27 -4.18
CA SER A 80 -13.73 -6.59 -3.10
C SER A 80 -13.86 -8.10 -3.01
N ALA A 81 -13.29 -8.78 -3.98
CA ALA A 81 -13.30 -10.22 -4.06
C ALA A 81 -12.06 -10.66 -4.81
N GLU A 82 -11.97 -11.95 -5.09
CA GLU A 82 -10.85 -12.54 -5.78
C GLU A 82 -10.90 -12.15 -7.25
N LYS A 83 -9.79 -12.30 -7.96
CA LYS A 83 -9.80 -11.89 -9.34
C LYS A 83 -9.71 -13.10 -10.23
N ALA A 84 -10.14 -12.93 -11.44
CA ALA A 84 -10.06 -13.99 -12.42
C ALA A 84 -8.74 -13.88 -13.15
N CYS A 85 -8.43 -14.84 -13.98
CA CYS A 85 -7.17 -14.83 -14.71
C CYS A 85 -7.17 -13.67 -15.73
N GLY A 86 -6.00 -13.14 -16.00
CA GLY A 86 -5.89 -12.04 -16.94
C GLY A 86 -5.86 -10.71 -16.23
N ALA A 87 -6.01 -10.74 -14.92
CA ALA A 87 -5.97 -9.58 -14.08
C ALA A 87 -5.35 -9.96 -12.78
N CYS A 88 -4.26 -9.35 -12.44
CA CYS A 88 -3.57 -9.71 -11.24
C CYS A 88 -3.14 -8.50 -10.42
N PRO A 89 -3.32 -8.56 -9.09
CA PRO A 89 -2.74 -7.57 -8.19
C PRO A 89 -1.23 -7.84 -8.08
N LEU A 90 -0.49 -6.95 -7.47
CA LEU A 90 0.96 -7.12 -7.36
C LEU A 90 1.39 -8.25 -6.38
N TRP A 91 0.44 -8.72 -5.58
CA TRP A 91 0.64 -9.86 -4.68
C TRP A 91 -0.02 -11.12 -5.25
N GLY A 92 -0.49 -10.98 -6.46
CA GLY A 92 -1.12 -12.06 -7.14
C GLY A 92 -0.38 -12.32 -8.40
N LYS A 93 -0.72 -13.35 -9.08
CA LYS A 93 -0.03 -13.69 -10.28
C LYS A 93 -1.01 -14.43 -11.17
N CYS A 94 -0.94 -14.22 -12.44
CA CYS A 94 -1.75 -15.01 -13.33
C CYS A 94 -0.92 -16.18 -13.77
N ASP A 95 -1.51 -17.33 -13.82
CA ASP A 95 -0.81 -18.54 -14.17
C ASP A 95 -1.84 -19.51 -14.67
N ALA A 96 -1.43 -20.65 -15.14
CA ALA A 96 -2.32 -21.63 -15.71
C ALA A 96 -2.83 -22.59 -14.64
N GLU A 97 -2.93 -22.09 -13.42
CA GLU A 97 -3.42 -22.86 -12.29
C GLU A 97 -4.90 -23.14 -12.51
N SER A 98 -5.65 -22.10 -12.75
CA SER A 98 -7.06 -22.18 -12.95
C SER A 98 -7.53 -20.98 -13.74
N SER A 99 -8.83 -20.77 -13.81
CA SER A 99 -9.42 -19.65 -14.50
C SER A 99 -9.37 -18.37 -13.66
N LYS A 100 -8.79 -18.48 -12.49
CA LYS A 100 -8.68 -17.38 -11.59
C LYS A 100 -7.25 -16.92 -11.51
N CYS A 101 -7.04 -15.89 -10.78
CA CYS A 101 -5.73 -15.37 -10.61
C CYS A 101 -5.25 -15.95 -9.33
N VAL A 102 -4.00 -16.32 -9.28
CA VAL A 102 -3.53 -17.06 -8.15
C VAL A 102 -2.77 -16.14 -7.24
N CYS A 103 -3.00 -16.30 -6.00
CA CYS A 103 -2.44 -15.45 -5.02
C CYS A 103 -1.22 -16.11 -4.45
N ARG A 104 -0.17 -15.35 -4.33
CA ARG A 104 1.06 -15.84 -3.80
C ARG A 104 1.17 -15.55 -2.34
N GLU A 105 2.24 -15.97 -1.75
CA GLU A 105 2.46 -15.77 -0.35
C GLU A 105 3.28 -14.51 -0.15
N ALA A 106 3.47 -14.13 1.09
CA ALA A 106 4.21 -12.92 1.45
C ALA A 106 5.65 -13.00 0.99
N SER A 107 6.12 -14.21 0.81
CA SER A 107 7.47 -14.46 0.40
C SER A 107 7.69 -14.15 -1.10
N GLU A 108 6.61 -13.99 -1.86
CA GLU A 108 6.72 -13.66 -3.28
C GLU A 108 6.43 -12.18 -3.51
N CYS A 109 6.84 -11.40 -2.55
CA CYS A 109 6.71 -9.97 -2.61
C CYS A 109 7.69 -9.42 -3.67
N GLU A 110 7.17 -9.21 -4.87
CA GLU A 110 7.97 -8.77 -6.03
C GLU A 110 7.91 -7.26 -6.23
N GLU A 111 7.39 -6.60 -5.26
CA GLU A 111 7.27 -5.17 -5.23
C GLU A 111 7.67 -4.78 -3.82
N GLU A 112 7.99 -3.55 -3.58
CA GLU A 112 8.37 -3.15 -2.26
C GLU A 112 7.14 -2.98 -1.39
N GLY A 113 6.13 -2.32 -1.95
CA GLY A 113 4.92 -2.07 -1.24
C GLY A 113 5.03 -1.06 -0.13
N PHE A 114 3.93 -0.49 0.23
CA PHE A 114 3.88 0.36 1.37
C PHE A 114 3.69 -0.45 2.60
N SER A 115 4.37 -0.09 3.64
CA SER A 115 4.21 -0.75 4.89
C SER A 115 3.05 -0.10 5.59
N ILE A 116 2.09 -0.89 5.92
CA ILE A 116 0.87 -0.39 6.49
C ILE A 116 0.63 -1.01 7.85
N CYS A 117 -0.29 -0.49 8.59
CA CYS A 117 -0.57 -0.97 9.91
C CYS A 117 -1.79 -1.86 9.86
N VAL A 118 -1.61 -3.12 10.16
CA VAL A 118 -2.71 -4.07 10.10
C VAL A 118 -2.78 -4.87 11.38
N GLU A 119 -3.94 -4.96 11.93
CA GLU A 119 -4.14 -5.69 13.11
C GLU A 119 -4.29 -7.15 12.75
N VAL A 120 -3.46 -7.94 13.35
CA VAL A 120 -3.40 -9.36 13.16
C VAL A 120 -3.03 -9.95 14.51
N ASN A 121 -3.61 -11.07 14.88
CA ASN A 121 -3.28 -11.73 16.17
C ASN A 121 -3.69 -10.89 17.38
N GLY A 122 -4.44 -9.84 17.15
CA GLY A 122 -4.86 -8.98 18.21
C GLY A 122 -4.02 -7.74 18.29
N LYS A 123 -2.95 -7.69 17.53
CA LYS A 123 -2.02 -6.57 17.59
C LYS A 123 -1.85 -5.92 16.24
N GLU A 124 -1.58 -4.64 16.25
CA GLU A 124 -1.36 -3.89 15.03
C GLU A 124 0.08 -4.07 14.57
N GLN A 125 0.26 -4.96 13.66
CA GLN A 125 1.55 -5.23 13.15
C GLN A 125 1.75 -4.49 11.84
N THR A 126 2.93 -4.04 11.62
CA THR A 126 3.25 -3.37 10.41
C THR A 126 3.70 -4.40 9.43
N MET A 127 3.02 -4.46 8.36
CA MET A 127 3.29 -5.46 7.39
C MET A 127 3.42 -4.84 6.05
N SER A 128 3.90 -5.60 5.13
CA SER A 128 4.12 -5.15 3.81
C SER A 128 2.83 -5.21 3.01
N GLU A 129 2.74 -4.36 2.02
CA GLU A 129 1.63 -4.26 1.10
C GLU A 129 1.30 -5.61 0.46
N CYS A 130 2.30 -6.23 -0.14
CA CYS A 130 2.13 -7.54 -0.78
C CYS A 130 1.69 -8.57 0.24
N GLU A 131 2.26 -8.48 1.42
CA GLU A 131 2.00 -9.38 2.53
C GLU A 131 0.53 -9.29 2.95
N ALA A 132 0.13 -8.08 3.32
CA ALA A 132 -1.24 -7.82 3.78
C ALA A 132 -2.27 -8.14 2.69
N GLY A 133 -1.89 -7.88 1.46
CA GLY A 133 -2.76 -8.18 0.35
C GLY A 133 -2.91 -9.66 0.12
N ALA A 134 -1.79 -10.36 0.06
CA ALA A 134 -1.77 -11.80 -0.16
C ALA A 134 -2.51 -12.53 0.94
N LEU A 135 -2.35 -12.05 2.16
CA LEU A 135 -3.05 -12.60 3.30
C LEU A 135 -4.56 -12.48 3.14
N ARG A 136 -5.00 -11.37 2.62
CA ARG A 136 -6.42 -11.12 2.43
C ARG A 136 -6.93 -11.99 1.30
N CYS A 137 -6.09 -12.16 0.31
CA CYS A 137 -6.35 -12.99 -0.82
C CYS A 137 -6.49 -14.47 -0.46
N ARG A 138 -5.60 -14.96 0.42
CA ARG A 138 -5.69 -16.35 0.85
C ARG A 138 -6.89 -16.60 1.75
N GLY A 139 -7.23 -15.62 2.53
CA GLY A 139 -8.33 -15.78 3.44
C GLY A 139 -7.91 -15.64 4.89
N GLN A 140 -6.75 -15.07 5.10
CA GLN A 140 -6.28 -14.76 6.45
C GLN A 140 -7.12 -13.61 7.03
N SER A 141 -7.33 -13.63 8.33
CA SER A 141 -8.10 -12.60 8.98
C SER A 141 -7.18 -11.44 9.39
N ILE A 142 -7.32 -10.33 8.69
CA ILE A 142 -6.50 -9.15 8.93
C ILE A 142 -7.41 -7.93 8.95
N SER A 143 -7.03 -6.96 9.71
CA SER A 143 -7.77 -5.75 9.80
C SER A 143 -6.84 -4.55 9.63
N VAL A 144 -6.86 -3.97 8.44
CA VAL A 144 -6.04 -2.81 8.14
C VAL A 144 -6.54 -1.62 8.93
N THR A 145 -5.78 -1.25 9.94
CA THR A 145 -6.17 -0.18 10.78
C THR A 145 -5.82 1.17 10.16
N SER A 146 -4.70 1.21 9.44
CA SER A 146 -4.26 2.42 8.78
C SER A 146 -3.33 2.08 7.60
N ILE A 147 -3.28 2.97 6.60
CA ILE A 147 -2.44 2.81 5.42
C ILE A 147 -1.04 3.34 5.67
N ARG A 148 -0.83 3.83 6.86
CA ARG A 148 0.47 4.23 7.32
C ARG A 148 1.00 3.15 8.25
N PRO A 149 2.31 2.97 8.37
CA PRO A 149 2.87 1.92 9.21
C PRO A 149 2.75 2.23 10.71
N CYS A 150 3.01 1.24 11.51
CA CYS A 150 3.03 1.41 12.95
C CYS A 150 4.50 1.30 13.37
N ALA A 151 4.79 1.49 14.65
CA ALA A 151 6.15 1.34 15.14
C ALA A 151 6.46 -0.12 15.48
N ALA A 152 5.59 -1.02 15.02
CA ALA A 152 5.75 -2.45 15.20
C ALA A 152 7.02 -2.91 14.52
N GLU A 153 7.20 -2.41 13.29
CA GLU A 153 8.36 -2.69 12.40
C GLU A 153 8.85 -4.13 12.52
N THR A 154 8.22 -4.98 11.77
CA THR A 154 8.45 -6.40 11.83
C THR A 154 9.82 -6.77 11.26
N GLN A 155 10.54 -7.55 12.02
CA GLN A 155 11.81 -8.05 11.61
C GLN A 155 11.94 -9.45 12.18
N GLY A 1 25.57 -4.43 3.53
CA GLY A 1 24.67 -5.43 2.98
C GLY A 1 25.19 -6.01 1.69
N SER A 2 25.72 -7.20 1.75
CA SER A 2 26.27 -7.81 0.57
C SER A 2 25.17 -8.56 -0.21
N HIS A 3 24.55 -7.84 -1.14
CA HIS A 3 23.51 -8.37 -2.06
C HIS A 3 22.20 -8.73 -1.37
N MET A 4 22.06 -8.34 -0.13
CA MET A 4 20.80 -8.57 0.59
C MET A 4 19.89 -7.35 0.41
N ASN A 5 20.53 -6.24 0.16
CA ASN A 5 19.88 -4.98 -0.08
C ASN A 5 20.87 -4.12 -0.84
N PRO A 6 20.41 -3.24 -1.72
CA PRO A 6 21.30 -2.40 -2.51
C PRO A 6 21.79 -1.16 -1.72
N LEU A 7 23.08 -1.09 -1.50
CA LEU A 7 23.66 0.05 -0.83
C LEU A 7 24.11 1.06 -1.86
N THR A 8 23.25 1.96 -2.19
CA THR A 8 23.55 2.95 -3.17
C THR A 8 24.38 4.08 -2.52
N GLN A 9 25.34 4.59 -3.28
CA GLN A 9 26.23 5.63 -2.81
C GLN A 9 25.49 6.90 -2.51
N ALA A 10 24.63 7.26 -3.40
CA ALA A 10 23.80 8.40 -3.20
C ALA A 10 22.47 7.94 -2.65
N VAL A 11 22.46 7.76 -1.34
CA VAL A 11 21.28 7.32 -0.65
C VAL A 11 20.36 8.52 -0.36
N PRO A 12 19.16 8.52 -0.92
CA PRO A 12 18.23 9.62 -0.77
C PRO A 12 17.47 9.60 0.56
N LYS A 13 17.20 10.77 1.06
CA LYS A 13 16.47 10.96 2.30
C LYS A 13 14.98 11.13 2.00
N CYS A 14 14.47 10.27 1.17
CA CYS A 14 13.08 10.33 0.79
C CYS A 14 12.29 9.27 1.48
N GLN A 15 11.09 9.63 1.83
CA GLN A 15 10.16 8.69 2.39
C GLN A 15 9.57 7.88 1.24
N ARG A 16 8.70 6.94 1.52
CA ARG A 16 8.21 6.03 0.49
C ARG A 16 7.24 6.68 -0.50
N TRP A 17 6.74 7.85 -0.12
CA TRP A 17 5.88 8.65 -0.98
C TRP A 17 6.70 9.76 -1.64
N GLU A 18 8.00 9.75 -1.39
CA GLU A 18 8.85 10.72 -1.97
C GLU A 18 9.79 10.01 -2.92
N LYS A 19 10.56 10.76 -3.64
CA LYS A 19 11.44 10.20 -4.60
C LYS A 19 12.68 11.07 -4.70
N LEU A 20 13.64 10.60 -5.44
CA LEU A 20 14.85 11.33 -5.67
C LEU A 20 14.82 11.83 -7.10
N GLN A 21 14.97 13.11 -7.27
CA GLN A 21 15.10 13.65 -8.58
C GLN A 21 16.03 14.81 -8.51
N ASN A 22 16.82 15.05 -9.55
CA ASN A 22 17.64 16.29 -9.66
C ASN A 22 18.56 16.48 -8.43
N SER A 23 18.90 15.34 -7.81
CA SER A 23 19.70 15.27 -6.60
C SER A 23 18.96 15.83 -5.35
N ARG A 24 17.66 16.06 -5.47
CA ARG A 24 16.85 16.52 -4.35
C ARG A 24 15.80 15.46 -4.05
N CYS A 25 15.19 15.54 -2.90
CA CYS A 25 14.15 14.60 -2.57
C CYS A 25 12.84 15.32 -2.47
N VAL A 26 11.94 14.98 -3.35
CA VAL A 26 10.64 15.61 -3.41
C VAL A 26 9.59 14.56 -3.30
N CYS A 27 8.35 14.95 -3.28
CA CYS A 27 7.27 14.01 -3.18
C CYS A 27 6.91 13.59 -4.60
N LYS A 28 6.59 12.32 -4.78
CA LYS A 28 6.29 11.82 -6.11
C LYS A 28 4.91 12.31 -6.56
N MET A 29 4.54 11.99 -7.78
CA MET A 29 3.29 12.50 -8.32
C MET A 29 2.20 11.41 -8.26
N PRO A 30 0.91 11.80 -8.09
CA PRO A 30 -0.24 10.86 -7.94
C PRO A 30 -0.39 9.83 -9.09
N TYR A 31 0.17 10.14 -10.24
CA TYR A 31 0.10 9.23 -11.38
C TYR A 31 1.31 8.32 -11.45
N GLU A 32 2.26 8.57 -10.57
CA GLU A 32 3.45 7.76 -10.50
C GLU A 32 3.23 6.69 -9.42
N CYS A 33 2.04 6.75 -8.85
CA CYS A 33 1.58 5.83 -7.87
C CYS A 33 1.02 4.62 -8.59
N GLY A 34 1.43 3.45 -8.21
CA GLY A 34 0.92 2.27 -8.85
C GLY A 34 0.55 1.20 -7.85
N PRO A 35 1.40 0.18 -7.69
CA PRO A 35 1.15 -0.95 -6.81
C PRO A 35 0.97 -0.54 -5.35
N SER A 36 -0.26 -0.69 -4.84
CA SER A 36 -0.59 -0.34 -3.50
C SER A 36 -1.95 -0.95 -3.11
N LEU A 37 -2.26 -0.90 -1.83
CA LEU A 37 -3.51 -1.45 -1.30
C LEU A 37 -4.69 -0.53 -1.53
N ASP A 38 -5.75 -1.11 -2.00
CA ASP A 38 -7.03 -0.45 -2.18
C ASP A 38 -7.70 -0.23 -0.85
N VAL A 39 -8.03 1.02 -0.58
CA VAL A 39 -8.64 1.39 0.68
C VAL A 39 -9.75 2.43 0.49
N CYS A 40 -10.62 2.54 1.45
CA CYS A 40 -11.72 3.48 1.38
C CYS A 40 -11.33 4.71 2.16
N ALA A 41 -11.56 5.87 1.59
CA ALA A 41 -11.19 7.08 2.25
C ALA A 41 -12.28 8.13 2.09
N GLN A 42 -12.42 8.94 3.08
CA GLN A 42 -13.36 10.01 3.04
C GLN A 42 -12.63 11.28 2.73
N ASP A 43 -13.09 11.97 1.73
CA ASP A 43 -12.54 13.23 1.34
C ASP A 43 -12.93 14.26 2.38
N GLU A 44 -11.94 14.85 3.05
CA GLU A 44 -12.22 15.81 4.12
C GLU A 44 -12.92 17.08 3.66
N ARG A 45 -12.82 17.41 2.40
CA ARG A 45 -13.38 18.66 1.95
C ARG A 45 -14.81 18.44 1.44
N SER A 46 -14.97 17.45 0.61
CA SER A 46 -16.23 17.16 -0.04
C SER A 46 -17.12 16.27 0.82
N LYS A 47 -16.51 15.62 1.82
CA LYS A 47 -17.20 14.75 2.79
C LYS A 47 -17.79 13.48 2.15
N ARG A 48 -17.26 13.08 1.02
CA ARG A 48 -17.71 11.87 0.37
C ARG A 48 -16.70 10.76 0.57
N ILE A 49 -17.18 9.53 0.58
CA ILE A 49 -16.32 8.39 0.67
C ILE A 49 -15.91 8.05 -0.75
N LEU A 50 -14.65 7.97 -1.00
CA LEU A 50 -14.19 7.62 -2.29
C LEU A 50 -13.12 6.54 -2.19
N PRO A 51 -13.05 5.69 -3.19
CA PRO A 51 -12.07 4.63 -3.22
C PRO A 51 -10.67 5.14 -3.58
N LEU A 52 -9.74 4.92 -2.70
CA LEU A 52 -8.37 5.30 -2.89
C LEU A 52 -7.48 4.10 -2.82
N THR A 53 -6.22 4.35 -2.87
CA THR A 53 -5.25 3.34 -2.80
C THR A 53 -4.12 3.95 -1.96
N VAL A 54 -3.41 3.13 -1.20
CA VAL A 54 -2.37 3.59 -0.24
C VAL A 54 -1.37 4.57 -0.85
N CYS A 55 -0.84 4.24 -2.01
CA CYS A 55 0.15 5.10 -2.65
C CYS A 55 -0.48 6.43 -3.02
N LYS A 56 -1.69 6.38 -3.64
CA LYS A 56 -2.45 7.59 -3.96
C LYS A 56 -2.60 8.44 -2.71
N MET A 57 -3.17 7.84 -1.68
CA MET A 57 -3.45 8.50 -0.42
C MET A 57 -2.21 9.14 0.22
N HIS A 58 -1.11 8.43 0.26
CA HIS A 58 0.12 8.97 0.87
C HIS A 58 0.71 10.11 0.05
N VAL A 59 0.81 9.88 -1.24
CA VAL A 59 1.36 10.87 -2.17
C VAL A 59 0.46 12.09 -2.26
N LEU A 60 -0.80 11.85 -2.41
CA LEU A 60 -1.78 12.91 -2.46
C LEU A 60 -1.84 13.67 -1.11
N HIS A 61 -1.49 12.98 -0.04
CA HIS A 61 -1.44 13.58 1.28
C HIS A 61 -0.25 14.52 1.38
N CYS A 62 0.89 14.12 0.80
CA CYS A 62 2.08 14.95 0.88
C CYS A 62 2.01 16.07 -0.15
N GLN A 63 1.14 15.88 -1.14
CA GLN A 63 0.82 16.94 -2.08
C GLN A 63 -0.01 18.03 -1.37
N GLY A 64 -0.65 17.64 -0.26
CA GLY A 64 -1.37 18.60 0.54
C GLY A 64 -2.84 18.29 0.72
N ARG A 65 -3.28 17.13 0.27
CA ARG A 65 -4.70 16.79 0.38
C ARG A 65 -4.95 16.06 1.70
N ASN A 66 -6.14 16.19 2.22
CA ASN A 66 -6.51 15.59 3.51
C ASN A 66 -7.61 14.56 3.32
N TYR A 67 -7.39 13.37 3.83
CA TYR A 67 -8.33 12.27 3.69
C TYR A 67 -8.37 11.41 4.93
N THR A 68 -9.52 10.92 5.22
CA THR A 68 -9.76 10.10 6.38
C THR A 68 -9.94 8.65 5.94
N LEU A 69 -9.32 7.72 6.64
CA LEU A 69 -9.51 6.31 6.35
C LEU A 69 -10.79 5.83 6.98
N THR A 70 -11.64 5.26 6.17
CA THR A 70 -12.93 4.84 6.61
C THR A 70 -13.05 3.32 6.63
N GLY A 71 -14.26 2.85 6.85
CA GLY A 71 -14.50 1.44 6.87
C GLY A 71 -14.54 0.86 5.48
N ARG A 72 -14.32 -0.44 5.38
CA ARG A 72 -14.27 -1.19 4.12
C ARG A 72 -15.65 -1.23 3.45
N ASP A 73 -16.67 -0.96 4.21
CA ASP A 73 -18.05 -1.04 3.72
C ASP A 73 -18.50 0.28 3.10
N SER A 74 -17.75 1.32 3.33
CA SER A 74 -18.15 2.65 2.91
C SER A 74 -18.08 2.87 1.37
N CYS A 75 -17.11 2.27 0.69
CA CYS A 75 -17.07 2.41 -0.75
C CYS A 75 -16.57 1.13 -1.40
N THR A 76 -16.77 1.04 -2.68
CA THR A 76 -16.35 -0.11 -3.44
C THR A 76 -14.98 0.15 -4.05
N LEU A 77 -14.09 -0.79 -3.88
CA LEU A 77 -12.75 -0.66 -4.39
C LEU A 77 -12.59 -1.29 -5.74
N PRO A 78 -11.60 -0.82 -6.49
CA PRO A 78 -11.16 -1.43 -7.73
C PRO A 78 -10.47 -2.77 -7.45
N ALA A 79 -9.95 -3.37 -8.50
CA ALA A 79 -9.28 -4.67 -8.46
C ALA A 79 -10.17 -5.77 -7.91
N SER A 80 -10.13 -5.95 -6.61
CA SER A 80 -10.85 -6.97 -5.84
C SER A 80 -10.18 -8.31 -5.87
N ALA A 81 -9.21 -8.44 -5.01
CA ALA A 81 -8.52 -9.68 -4.66
C ALA A 81 -8.00 -10.54 -5.84
N GLU A 82 -8.83 -11.48 -6.24
CA GLU A 82 -8.48 -12.49 -7.22
C GLU A 82 -8.83 -12.06 -8.62
N LYS A 83 -7.84 -11.96 -9.45
CA LYS A 83 -8.01 -11.52 -10.82
C LYS A 83 -7.73 -12.63 -11.78
N ALA A 84 -8.12 -12.43 -13.03
CA ALA A 84 -7.95 -13.44 -14.04
C ALA A 84 -6.62 -13.27 -14.73
N CYS A 85 -6.16 -14.36 -15.36
CA CYS A 85 -4.85 -14.45 -16.03
C CYS A 85 -4.54 -13.22 -16.90
N GLY A 86 -3.61 -12.40 -16.43
CA GLY A 86 -3.21 -11.21 -17.15
C GLY A 86 -3.35 -9.98 -16.32
N ALA A 87 -4.17 -10.05 -15.30
CA ALA A 87 -4.36 -8.97 -14.38
C ALA A 87 -3.71 -9.37 -13.08
N CYS A 88 -2.56 -8.83 -12.83
CA CYS A 88 -1.82 -9.19 -11.67
C CYS A 88 -1.49 -7.99 -10.79
N PRO A 89 -2.04 -7.95 -9.57
CA PRO A 89 -1.67 -6.94 -8.58
C PRO A 89 -0.32 -7.30 -7.89
N LEU A 90 -0.14 -6.90 -6.64
CA LEU A 90 1.12 -7.16 -5.92
C LEU A 90 1.11 -8.59 -5.35
N TRP A 91 -0.03 -8.96 -4.89
CA TRP A 91 -0.27 -10.24 -4.22
C TRP A 91 -0.78 -11.30 -5.18
N GLY A 92 -1.38 -10.88 -6.25
CA GLY A 92 -1.90 -11.80 -7.22
C GLY A 92 -0.94 -11.93 -8.34
N LYS A 93 -0.51 -13.12 -8.58
CA LYS A 93 0.51 -13.34 -9.55
C LYS A 93 0.08 -14.46 -10.47
N CYS A 94 0.39 -14.35 -11.73
CA CYS A 94 0.14 -15.40 -12.64
C CYS A 94 1.44 -16.07 -12.94
N ASP A 95 1.82 -16.98 -12.08
CA ASP A 95 3.02 -17.79 -12.25
C ASP A 95 2.61 -19.23 -12.16
N ALA A 96 1.33 -19.40 -11.99
CA ALA A 96 0.64 -20.63 -11.88
C ALA A 96 -0.77 -20.29 -12.27
N GLU A 97 -1.59 -21.31 -12.52
CA GLU A 97 -2.99 -21.15 -12.94
C GLU A 97 -3.07 -20.70 -14.41
N SER A 98 -4.17 -20.97 -15.02
CA SER A 98 -4.35 -20.72 -16.41
C SER A 98 -5.58 -19.84 -16.65
N SER A 99 -6.53 -19.89 -15.74
CA SER A 99 -7.72 -19.10 -15.89
C SER A 99 -7.65 -17.86 -14.99
N LYS A 100 -7.44 -18.10 -13.74
CA LYS A 100 -7.36 -17.06 -12.75
C LYS A 100 -5.87 -16.87 -12.39
N CYS A 101 -5.55 -15.87 -11.64
CA CYS A 101 -4.22 -15.70 -11.11
C CYS A 101 -4.23 -16.20 -9.67
N VAL A 102 -3.11 -16.58 -9.13
CA VAL A 102 -3.09 -17.09 -7.78
C VAL A 102 -2.55 -16.05 -6.85
N CYS A 103 -2.77 -16.25 -5.60
CA CYS A 103 -2.32 -15.34 -4.62
C CYS A 103 -1.04 -15.88 -4.04
N ARG A 104 0.00 -15.10 -4.14
CA ARG A 104 1.28 -15.45 -3.59
C ARG A 104 1.24 -15.29 -2.09
N GLU A 105 2.11 -15.99 -1.40
CA GLU A 105 2.25 -15.83 0.03
C GLU A 105 2.67 -14.43 0.35
N ALA A 106 2.31 -14.01 1.51
CA ALA A 106 2.56 -12.67 1.98
C ALA A 106 4.05 -12.45 2.21
N SER A 107 4.75 -13.53 2.32
CA SER A 107 6.17 -13.54 2.52
C SER A 107 6.92 -13.74 1.19
N GLU A 108 6.19 -13.84 0.08
CA GLU A 108 6.83 -14.12 -1.21
C GLU A 108 6.40 -13.16 -2.31
N CYS A 109 5.79 -12.08 -1.95
CA CYS A 109 5.38 -11.09 -2.92
C CYS A 109 6.47 -10.03 -3.09
N GLU A 110 7.14 -10.10 -4.23
CA GLU A 110 8.38 -9.33 -4.56
C GLU A 110 8.21 -7.81 -4.72
N GLU A 111 7.16 -7.22 -4.20
CA GLU A 111 6.92 -5.82 -4.49
C GLU A 111 7.22 -4.90 -3.28
N GLU A 112 7.87 -3.78 -3.54
CA GLU A 112 8.25 -2.83 -2.51
C GLU A 112 7.19 -1.75 -2.35
N GLY A 113 6.13 -2.15 -1.74
CA GLY A 113 5.05 -1.23 -1.42
C GLY A 113 5.28 -0.53 -0.09
N PHE A 114 4.25 0.03 0.46
CA PHE A 114 4.33 0.72 1.75
C PHE A 114 4.19 -0.26 2.91
N SER A 115 4.05 0.28 4.08
CA SER A 115 3.82 -0.47 5.26
C SER A 115 2.56 0.08 5.90
N ILE A 116 1.69 -0.80 6.30
CA ILE A 116 0.41 -0.39 6.86
C ILE A 116 0.17 -1.11 8.16
N CYS A 117 -0.83 -0.70 8.88
CA CYS A 117 -1.16 -1.29 10.15
C CYS A 117 -2.41 -2.10 10.01
N VAL A 118 -2.30 -3.36 10.31
CA VAL A 118 -3.43 -4.25 10.19
C VAL A 118 -3.67 -4.92 11.53
N GLU A 119 -4.91 -4.90 11.96
CA GLU A 119 -5.30 -5.55 13.17
C GLU A 119 -5.55 -7.00 12.87
N VAL A 120 -4.70 -7.82 13.37
CA VAL A 120 -4.73 -9.24 13.18
C VAL A 120 -4.31 -9.84 14.50
N ASN A 121 -4.93 -10.95 14.87
CA ASN A 121 -4.66 -11.65 16.15
C ASN A 121 -5.16 -10.83 17.33
N GLY A 122 -5.83 -9.74 17.03
CA GLY A 122 -6.28 -8.82 18.04
C GLY A 122 -5.25 -7.71 18.25
N LYS A 123 -4.13 -7.85 17.57
CA LYS A 123 -3.05 -6.91 17.66
C LYS A 123 -3.05 -6.06 16.44
N GLU A 124 -2.28 -5.04 16.46
CA GLU A 124 -2.12 -4.20 15.29
C GLU A 124 -0.70 -4.26 14.85
N GLN A 125 -0.46 -5.07 13.86
CA GLN A 125 0.84 -5.35 13.37
C GLN A 125 1.07 -4.65 12.05
N THR A 126 2.26 -4.16 11.87
CA THR A 126 2.63 -3.53 10.63
C THR A 126 3.01 -4.60 9.63
N MET A 127 2.49 -4.50 8.45
CA MET A 127 2.84 -5.43 7.42
C MET A 127 3.24 -4.66 6.23
N SER A 128 3.83 -5.32 5.30
CA SER A 128 4.10 -4.72 4.05
C SER A 128 2.81 -4.73 3.26
N GLU A 129 2.66 -3.77 2.43
CA GLU A 129 1.50 -3.59 1.59
C GLU A 129 1.14 -4.85 0.81
N CYS A 130 2.13 -5.42 0.16
CA CYS A 130 1.96 -6.63 -0.61
C CYS A 130 1.58 -7.81 0.29
N GLU A 131 2.15 -7.81 1.48
CA GLU A 131 1.97 -8.83 2.50
C GLU A 131 0.53 -8.84 2.99
N ALA A 132 0.09 -7.71 3.56
CA ALA A 132 -1.27 -7.58 4.09
C ALA A 132 -2.30 -7.87 3.01
N GLY A 133 -2.00 -7.42 1.80
CA GLY A 133 -2.86 -7.66 0.67
C GLY A 133 -3.05 -9.12 0.39
N ALA A 134 -1.97 -9.87 0.46
CA ALA A 134 -2.00 -11.29 0.23
C ALA A 134 -2.80 -12.00 1.30
N LEU A 135 -2.71 -11.53 2.56
CA LEU A 135 -3.54 -12.10 3.63
C LEU A 135 -5.03 -11.97 3.31
N ARG A 136 -5.42 -10.82 2.77
CA ARG A 136 -6.83 -10.59 2.40
C ARG A 136 -7.23 -11.59 1.33
N CYS A 137 -6.38 -11.68 0.34
CA CYS A 137 -6.59 -12.51 -0.83
C CYS A 137 -6.66 -14.00 -0.54
N ARG A 138 -5.80 -14.50 0.34
CA ARG A 138 -5.81 -15.92 0.70
C ARG A 138 -7.05 -16.29 1.49
N GLY A 139 -7.60 -15.34 2.18
CA GLY A 139 -8.76 -15.61 2.99
C GLY A 139 -8.45 -15.60 4.46
N GLN A 140 -7.32 -15.03 4.82
CA GLN A 140 -6.94 -14.91 6.21
C GLN A 140 -7.73 -13.77 6.86
N SER A 141 -7.99 -13.87 8.15
CA SER A 141 -8.73 -12.84 8.86
C SER A 141 -7.76 -11.76 9.38
N ILE A 142 -7.82 -10.59 8.76
CA ILE A 142 -6.99 -9.43 9.07
C ILE A 142 -7.89 -8.21 8.91
N SER A 143 -7.63 -7.19 9.65
CA SER A 143 -8.40 -5.99 9.56
C SER A 143 -7.51 -4.78 9.36
N VAL A 144 -7.40 -4.27 8.15
CA VAL A 144 -6.58 -3.08 7.89
C VAL A 144 -7.18 -1.87 8.61
N THR A 145 -6.55 -1.47 9.69
CA THR A 145 -7.05 -0.39 10.47
C THR A 145 -6.58 0.95 9.95
N SER A 146 -5.38 0.97 9.42
CA SER A 146 -4.78 2.19 8.97
C SER A 146 -3.71 1.94 7.91
N ILE A 147 -3.53 2.91 7.03
CA ILE A 147 -2.55 2.79 5.95
C ILE A 147 -1.20 3.38 6.33
N ARG A 148 -1.10 3.68 7.59
CA ARG A 148 0.11 4.15 8.20
C ARG A 148 0.73 2.98 8.93
N PRO A 149 2.05 2.92 9.04
CA PRO A 149 2.68 1.84 9.77
C PRO A 149 2.49 1.99 11.27
N CYS A 150 2.41 0.90 11.98
CA CYS A 150 2.26 0.92 13.40
C CYS A 150 3.65 0.82 14.02
N ALA A 151 3.74 0.92 15.32
CA ALA A 151 5.00 0.77 16.01
C ALA A 151 5.40 -0.70 16.12
N ALA A 152 4.51 -1.57 15.65
CA ALA A 152 4.74 -2.99 15.64
C ALA A 152 5.38 -3.44 14.33
N GLU A 153 6.64 -3.11 14.15
CA GLU A 153 7.39 -3.56 12.99
C GLU A 153 8.39 -4.61 13.45
N THR A 154 7.91 -5.82 13.62
CA THR A 154 8.63 -6.95 14.20
C THR A 154 9.07 -6.69 15.66
N GLN A 155 9.34 -7.71 16.38
CA GLN A 155 9.74 -7.58 17.74
C GLN A 155 11.04 -8.32 17.94
N GLY A 1 30.10 22.48 3.68
CA GLY A 1 31.46 22.85 3.32
C GLY A 1 31.92 22.05 2.16
N SER A 2 33.12 22.31 1.69
CA SER A 2 33.66 21.54 0.61
C SER A 2 34.45 20.39 1.23
N HIS A 3 33.92 19.20 1.13
CA HIS A 3 34.49 18.05 1.76
C HIS A 3 35.13 17.17 0.69
N MET A 4 36.34 16.67 0.97
CA MET A 4 37.10 15.84 0.00
C MET A 4 36.33 14.58 -0.35
N ASN A 5 36.02 13.80 0.64
CA ASN A 5 35.28 12.56 0.45
C ASN A 5 33.83 12.89 0.24
N PRO A 6 33.10 12.12 -0.58
CA PRO A 6 31.67 12.32 -0.76
C PRO A 6 30.95 12.20 0.58
N LEU A 7 30.02 13.10 0.86
CA LEU A 7 29.35 13.07 2.13
C LEU A 7 28.30 11.97 2.18
N THR A 8 28.76 10.78 2.46
CA THR A 8 27.94 9.62 2.53
C THR A 8 27.28 9.51 3.92
N GLN A 9 27.55 10.50 4.76
CA GLN A 9 26.93 10.58 6.08
C GLN A 9 25.55 11.17 5.93
N ALA A 10 25.42 12.02 4.95
CA ALA A 10 24.20 12.70 4.69
C ALA A 10 23.31 11.87 3.80
N VAL A 11 22.57 11.00 4.42
CA VAL A 11 21.61 10.19 3.70
C VAL A 11 20.25 10.75 4.04
N PRO A 12 19.62 11.45 3.09
CA PRO A 12 18.33 12.10 3.32
C PRO A 12 17.24 11.14 3.73
N LYS A 13 17.05 10.13 2.90
CA LYS A 13 15.99 9.13 3.09
C LYS A 13 14.63 9.75 2.95
N CYS A 14 13.98 9.44 1.92
CA CYS A 14 12.68 9.95 1.67
C CYS A 14 11.69 8.86 1.95
N GLN A 15 10.47 9.23 2.26
CA GLN A 15 9.42 8.28 2.45
C GLN A 15 9.09 7.68 1.11
N ARG A 16 8.38 6.59 1.10
CA ARG A 16 8.15 5.84 -0.14
C ARG A 16 7.27 6.62 -1.13
N TRP A 17 6.51 7.56 -0.62
CA TRP A 17 5.64 8.40 -1.43
C TRP A 17 6.37 9.68 -1.83
N GLU A 18 7.64 9.70 -1.55
CA GLU A 18 8.49 10.79 -1.85
C GLU A 18 9.65 10.29 -2.69
N LYS A 19 10.42 11.20 -3.19
CA LYS A 19 11.60 10.91 -3.96
C LYS A 19 12.63 11.97 -3.67
N LEU A 20 13.85 11.70 -4.00
CA LEU A 20 14.94 12.59 -3.68
C LEU A 20 15.39 13.40 -4.88
N GLN A 21 15.38 14.72 -4.74
CA GLN A 21 15.97 15.60 -5.71
C GLN A 21 16.45 16.80 -4.96
N ASN A 22 17.49 17.46 -5.46
CA ASN A 22 17.98 18.73 -4.87
C ASN A 22 18.59 18.50 -3.47
N SER A 23 18.80 17.21 -3.12
CA SER A 23 19.29 16.75 -1.82
C SER A 23 18.17 16.93 -0.75
N ARG A 24 16.92 16.98 -1.22
CA ARG A 24 15.77 17.10 -0.33
C ARG A 24 14.69 16.10 -0.71
N CYS A 25 13.67 16.02 0.10
CA CYS A 25 12.61 15.09 -0.13
C CYS A 25 11.45 15.80 -0.79
N VAL A 26 11.11 15.36 -1.97
CA VAL A 26 9.99 15.89 -2.71
C VAL A 26 9.02 14.75 -2.96
N CYS A 27 7.91 15.01 -3.56
CA CYS A 27 6.87 14.00 -3.66
C CYS A 27 7.01 13.13 -4.92
N LYS A 28 6.41 11.96 -4.88
CA LYS A 28 6.26 11.08 -6.03
C LYS A 28 5.13 11.70 -6.88
N MET A 29 5.02 11.31 -8.13
CA MET A 29 3.92 11.83 -8.95
C MET A 29 2.69 10.96 -8.78
N PRO A 30 1.50 11.55 -8.48
CA PRO A 30 0.25 10.81 -8.17
C PRO A 30 -0.22 9.85 -9.27
N TYR A 31 0.13 10.14 -10.50
CA TYR A 31 -0.27 9.30 -11.63
C TYR A 31 0.77 8.21 -11.89
N GLU A 32 1.85 8.26 -11.15
CA GLU A 32 2.95 7.34 -11.31
C GLU A 32 2.86 6.31 -10.16
N CYS A 33 1.76 6.38 -9.47
CA CYS A 33 1.48 5.53 -8.35
C CYS A 33 0.72 4.29 -8.82
N GLY A 34 1.46 3.27 -9.18
CA GLY A 34 0.85 2.04 -9.63
C GLY A 34 0.62 1.04 -8.50
N PRO A 35 1.64 0.21 -8.18
CA PRO A 35 1.56 -0.80 -7.11
C PRO A 35 1.16 -0.17 -5.77
N SER A 36 0.03 -0.61 -5.25
CA SER A 36 -0.48 -0.15 -3.98
C SER A 36 -1.69 -0.96 -3.51
N LEU A 37 -1.79 -1.09 -2.20
CA LEU A 37 -2.89 -1.75 -1.53
C LEU A 37 -4.10 -0.83 -1.56
N ASP A 38 -5.22 -1.35 -2.02
CA ASP A 38 -6.47 -0.59 -2.08
C ASP A 38 -7.10 -0.44 -0.74
N VAL A 39 -7.50 0.77 -0.45
CA VAL A 39 -8.14 1.12 0.81
C VAL A 39 -9.30 2.11 0.57
N CYS A 40 -10.15 2.28 1.53
CA CYS A 40 -11.27 3.19 1.41
C CYS A 40 -10.96 4.48 2.12
N ALA A 41 -11.06 5.58 1.42
CA ALA A 41 -10.72 6.84 1.99
C ALA A 41 -11.82 7.83 1.78
N GLN A 42 -11.74 8.90 2.49
CA GLN A 42 -12.70 9.95 2.39
C GLN A 42 -12.04 11.21 1.90
N ASP A 43 -12.59 11.74 0.87
CA ASP A 43 -12.14 12.97 0.27
C ASP A 43 -12.62 14.11 1.14
N GLU A 44 -11.71 14.91 1.66
CA GLU A 44 -12.08 15.99 2.58
C GLU A 44 -12.62 17.24 1.88
N ARG A 45 -12.79 17.19 0.59
CA ARG A 45 -13.35 18.28 -0.14
C ARG A 45 -14.84 18.10 -0.27
N SER A 46 -15.23 16.98 -0.82
CA SER A 46 -16.62 16.69 -1.06
C SER A 46 -17.19 15.74 -0.01
N LYS A 47 -16.31 15.20 0.85
CA LYS A 47 -16.68 14.26 1.94
C LYS A 47 -17.24 12.94 1.41
N ARG A 48 -16.81 12.61 0.22
CA ARG A 48 -17.20 11.41 -0.48
C ARG A 48 -16.22 10.29 -0.13
N ILE A 49 -16.71 9.08 -0.03
CA ILE A 49 -15.85 7.96 0.24
C ILE A 49 -15.43 7.38 -1.09
N LEU A 50 -14.17 7.30 -1.33
CA LEU A 50 -13.68 6.78 -2.59
C LEU A 50 -12.60 5.75 -2.35
N PRO A 51 -12.51 4.77 -3.24
CA PRO A 51 -11.48 3.76 -3.19
C PRO A 51 -10.13 4.33 -3.62
N LEU A 52 -9.22 4.36 -2.70
CA LEU A 52 -7.91 4.84 -2.95
C LEU A 52 -6.93 3.74 -2.73
N THR A 53 -5.70 4.07 -2.81
CA THR A 53 -4.67 3.13 -2.64
C THR A 53 -3.59 3.78 -1.81
N VAL A 54 -2.90 2.98 -1.03
CA VAL A 54 -1.84 3.47 -0.12
C VAL A 54 -0.80 4.39 -0.80
N CYS A 55 -0.31 4.01 -1.96
CA CYS A 55 0.63 4.83 -2.68
C CYS A 55 -0.02 6.16 -3.06
N LYS A 56 -1.19 6.06 -3.73
CA LYS A 56 -1.91 7.24 -4.21
C LYS A 56 -2.24 8.20 -3.08
N MET A 57 -2.93 7.69 -2.06
CA MET A 57 -3.31 8.47 -0.86
C MET A 57 -2.11 9.19 -0.24
N HIS A 58 -1.00 8.48 -0.09
CA HIS A 58 0.18 9.08 0.55
C HIS A 58 0.78 10.16 -0.31
N VAL A 59 0.93 9.89 -1.59
CA VAL A 59 1.47 10.84 -2.54
C VAL A 59 0.57 12.05 -2.59
N LEU A 60 -0.70 11.79 -2.72
CA LEU A 60 -1.76 12.76 -2.72
C LEU A 60 -1.71 13.62 -1.44
N HIS A 61 -1.50 12.97 -0.32
CA HIS A 61 -1.43 13.65 0.96
C HIS A 61 -0.19 14.52 1.03
N CYS A 62 0.88 14.04 0.43
CA CYS A 62 2.15 14.73 0.44
C CYS A 62 2.12 15.89 -0.56
N GLN A 63 1.25 15.75 -1.56
CA GLN A 63 0.98 16.83 -2.50
C GLN A 63 0.35 18.01 -1.75
N GLY A 64 -0.45 17.69 -0.76
CA GLY A 64 -1.13 18.70 0.03
C GLY A 64 -2.63 18.48 0.08
N ARG A 65 -3.04 17.24 -0.06
CA ARG A 65 -4.44 16.89 -0.05
C ARG A 65 -4.79 16.25 1.29
N ASN A 66 -5.89 16.68 1.87
CA ASN A 66 -6.32 16.13 3.15
C ASN A 66 -7.32 15.05 2.89
N TYR A 67 -7.00 13.85 3.30
CA TYR A 67 -7.91 12.71 3.14
C TYR A 67 -7.93 11.92 4.40
N THR A 68 -9.09 11.45 4.72
CA THR A 68 -9.33 10.68 5.88
C THR A 68 -9.51 9.24 5.42
N LEU A 69 -9.33 8.28 6.29
CA LEU A 69 -9.64 6.92 5.93
C LEU A 69 -10.90 6.51 6.60
N THR A 70 -11.59 5.61 5.99
CA THR A 70 -12.88 5.19 6.48
C THR A 70 -13.01 3.66 6.48
N GLY A 71 -14.21 3.17 6.70
CA GLY A 71 -14.44 1.74 6.79
C GLY A 71 -14.44 1.07 5.43
N ARG A 72 -14.25 -0.24 5.46
CA ARG A 72 -14.17 -1.07 4.25
C ARG A 72 -15.37 -0.94 3.32
N ASP A 73 -16.55 -0.89 3.84
CA ASP A 73 -17.65 -0.91 2.92
C ASP A 73 -18.35 0.43 2.86
N SER A 74 -17.61 1.49 3.18
CA SER A 74 -18.12 2.84 3.04
C SER A 74 -18.11 3.21 1.55
N CYS A 75 -17.33 2.47 0.80
CA CYS A 75 -17.30 2.55 -0.63
C CYS A 75 -17.13 1.13 -1.15
N THR A 76 -17.16 0.98 -2.43
CA THR A 76 -16.95 -0.31 -3.02
C THR A 76 -15.47 -0.49 -3.34
N LEU A 77 -14.84 -1.36 -2.61
CA LEU A 77 -13.46 -1.64 -2.82
C LEU A 77 -13.37 -2.81 -3.80
N PRO A 78 -12.47 -2.73 -4.80
CA PRO A 78 -12.35 -3.72 -5.91
C PRO A 78 -12.31 -5.18 -5.45
N ALA A 79 -11.27 -5.56 -4.73
CA ALA A 79 -11.12 -6.93 -4.29
C ALA A 79 -12.12 -7.27 -3.23
N SER A 80 -13.15 -7.95 -3.64
CA SER A 80 -14.19 -8.34 -2.76
C SER A 80 -14.16 -9.85 -2.54
N ALA A 81 -14.45 -10.61 -3.58
CA ALA A 81 -14.48 -12.04 -3.48
C ALA A 81 -13.27 -12.64 -4.11
N GLU A 82 -13.38 -13.02 -5.33
CA GLU A 82 -12.29 -13.64 -6.00
C GLU A 82 -11.44 -12.66 -6.74
N LYS A 83 -10.36 -13.16 -7.30
CA LYS A 83 -9.33 -12.32 -7.86
C LYS A 83 -9.46 -12.31 -9.37
N ALA A 84 -9.53 -11.15 -9.94
CA ALA A 84 -9.77 -11.02 -11.37
C ALA A 84 -8.48 -10.87 -12.17
N CYS A 85 -8.59 -11.18 -13.45
CA CYS A 85 -7.51 -10.99 -14.42
C CYS A 85 -7.04 -9.54 -14.43
N GLY A 86 -5.73 -9.37 -14.48
CA GLY A 86 -5.14 -8.05 -14.54
C GLY A 86 -5.30 -7.29 -13.25
N ALA A 87 -5.31 -7.99 -12.16
CA ALA A 87 -5.45 -7.40 -10.89
C ALA A 87 -4.58 -8.14 -9.95
N CYS A 88 -4.21 -7.47 -8.90
CA CYS A 88 -3.37 -8.02 -7.82
C CYS A 88 -1.98 -8.52 -8.33
N PRO A 89 -1.23 -7.75 -9.19
CA PRO A 89 0.04 -8.25 -9.78
C PRO A 89 1.17 -8.40 -8.76
N LEU A 90 0.99 -7.81 -7.60
CA LEU A 90 1.98 -7.85 -6.58
C LEU A 90 1.76 -8.97 -5.56
N TRP A 91 0.62 -8.98 -4.87
CA TRP A 91 0.35 -10.02 -3.87
C TRP A 91 -0.22 -11.29 -4.47
N GLY A 92 -0.55 -11.19 -5.72
CA GLY A 92 -1.04 -12.29 -6.45
C GLY A 92 -0.27 -12.38 -7.73
N LYS A 93 -0.79 -13.07 -8.69
CA LYS A 93 -0.14 -13.16 -9.96
C LYS A 93 -1.17 -13.57 -10.99
N CYS A 94 -1.09 -12.96 -12.14
CA CYS A 94 -1.99 -13.25 -13.22
C CYS A 94 -1.17 -13.88 -14.35
N ASP A 95 -1.63 -14.99 -14.89
CA ASP A 95 -0.85 -15.74 -15.88
C ASP A 95 -1.21 -15.39 -17.32
N ALA A 96 -2.26 -16.04 -17.83
CA ALA A 96 -2.74 -15.95 -19.22
C ALA A 96 -3.71 -17.12 -19.42
N GLU A 97 -3.23 -18.30 -19.04
CA GLU A 97 -4.04 -19.49 -19.07
C GLU A 97 -4.83 -19.50 -17.82
N SER A 98 -4.16 -19.21 -16.72
CA SER A 98 -4.84 -18.92 -15.51
C SER A 98 -5.30 -17.47 -15.66
N SER A 99 -6.53 -17.32 -16.10
CA SER A 99 -7.12 -16.04 -16.38
C SER A 99 -7.60 -15.41 -15.08
N LYS A 100 -7.73 -16.22 -14.07
CA LYS A 100 -8.02 -15.72 -12.76
C LYS A 100 -6.69 -15.31 -12.14
N CYS A 101 -6.74 -14.56 -11.10
CA CYS A 101 -5.51 -14.23 -10.41
C CYS A 101 -5.39 -15.13 -9.20
N VAL A 102 -4.20 -15.62 -8.96
CA VAL A 102 -3.96 -16.50 -7.85
C VAL A 102 -3.26 -15.73 -6.74
N CYS A 103 -3.39 -16.18 -5.53
CA CYS A 103 -2.81 -15.49 -4.41
C CYS A 103 -1.49 -16.13 -4.03
N ARG A 104 -0.48 -15.32 -3.83
CA ARG A 104 0.83 -15.82 -3.53
C ARG A 104 1.17 -15.60 -2.07
N GLU A 105 2.33 -16.06 -1.65
CA GLU A 105 2.78 -15.82 -0.30
C GLU A 105 3.55 -14.52 -0.25
N ALA A 106 3.65 -13.95 0.94
CA ALA A 106 4.25 -12.65 1.13
C ALA A 106 5.70 -12.65 0.71
N SER A 107 6.39 -13.73 1.00
CA SER A 107 7.79 -13.81 0.68
C SER A 107 8.01 -14.35 -0.74
N GLU A 108 6.95 -14.56 -1.47
CA GLU A 108 7.06 -15.00 -2.83
C GLU A 108 6.77 -13.81 -3.74
N CYS A 109 5.89 -12.93 -3.25
CA CYS A 109 5.61 -11.67 -3.91
C CYS A 109 6.92 -10.88 -4.03
N GLU A 110 7.22 -10.40 -5.20
CA GLU A 110 8.50 -9.81 -5.50
C GLU A 110 8.44 -8.29 -5.60
N GLU A 111 7.29 -7.74 -5.31
CA GLU A 111 7.10 -6.31 -5.45
C GLU A 111 7.41 -5.57 -4.15
N GLU A 112 7.85 -4.33 -4.28
CA GLU A 112 8.20 -3.50 -3.17
C GLU A 112 7.14 -2.43 -2.95
N GLY A 113 6.03 -2.84 -2.44
CA GLY A 113 4.97 -1.93 -2.12
C GLY A 113 5.25 -1.19 -0.83
N PHE A 114 4.27 -0.51 -0.32
CA PHE A 114 4.44 0.28 0.90
C PHE A 114 4.36 -0.60 2.15
N SER A 115 4.47 0.03 3.29
CA SER A 115 4.33 -0.65 4.54
C SER A 115 3.09 -0.09 5.23
N ILE A 116 2.20 -0.96 5.63
CA ILE A 116 0.93 -0.52 6.20
C ILE A 116 0.69 -1.19 7.54
N CYS A 117 -0.18 -0.61 8.30
CA CYS A 117 -0.56 -1.09 9.60
C CYS A 117 -1.86 -1.81 9.49
N VAL A 118 -1.85 -3.03 9.88
CA VAL A 118 -3.02 -3.80 9.80
C VAL A 118 -3.27 -4.53 11.12
N GLU A 119 -4.49 -4.42 11.60
CA GLU A 119 -4.90 -5.00 12.83
C GLU A 119 -5.22 -6.46 12.59
N VAL A 120 -4.37 -7.28 13.07
CA VAL A 120 -4.46 -8.69 12.93
C VAL A 120 -4.18 -9.29 14.28
N ASN A 121 -5.01 -10.22 14.71
CA ASN A 121 -4.91 -10.86 16.03
C ASN A 121 -5.25 -9.85 17.12
N GLY A 122 -5.85 -8.74 16.70
CA GLY A 122 -6.17 -7.67 17.61
C GLY A 122 -5.07 -6.64 17.66
N LYS A 123 -3.92 -7.03 17.20
CA LYS A 123 -2.75 -6.20 17.24
C LYS A 123 -2.55 -5.49 15.95
N GLU A 124 -1.98 -4.33 16.02
CA GLU A 124 -1.62 -3.61 14.83
C GLU A 124 -0.23 -4.04 14.46
N GLN A 125 -0.10 -4.69 13.33
CA GLN A 125 1.19 -5.09 12.86
C GLN A 125 1.44 -4.51 11.48
N THR A 126 2.67 -4.07 11.27
CA THR A 126 3.04 -3.52 9.98
C THR A 126 3.37 -4.64 9.07
N MET A 127 2.79 -4.63 7.92
CA MET A 127 3.07 -5.61 6.93
C MET A 127 3.46 -4.91 5.70
N SER A 128 4.13 -5.59 4.86
CA SER A 128 4.42 -5.09 3.58
C SER A 128 3.12 -5.14 2.79
N GLU A 129 2.99 -4.28 1.84
CA GLU A 129 1.80 -4.15 1.03
C GLU A 129 1.41 -5.50 0.41
N CYS A 130 2.39 -6.20 -0.15
CA CYS A 130 2.17 -7.51 -0.74
C CYS A 130 1.78 -8.53 0.32
N GLU A 131 2.27 -8.33 1.54
CA GLU A 131 2.01 -9.25 2.62
C GLU A 131 0.57 -9.10 3.07
N ALA A 132 0.19 -7.92 3.51
CA ALA A 132 -1.17 -7.66 3.98
C ALA A 132 -2.19 -7.97 2.88
N GLY A 133 -1.79 -7.67 1.65
CA GLY A 133 -2.63 -7.93 0.50
C GLY A 133 -2.85 -9.40 0.29
N ALA A 134 -1.80 -10.19 0.44
CA ALA A 134 -1.91 -11.62 0.26
C ALA A 134 -2.75 -12.22 1.37
N LEU A 135 -2.58 -11.72 2.60
CA LEU A 135 -3.43 -12.18 3.70
C LEU A 135 -4.91 -11.88 3.42
N ARG A 136 -5.20 -10.68 2.88
CA ARG A 136 -6.56 -10.32 2.46
C ARG A 136 -7.06 -11.30 1.44
N CYS A 137 -6.24 -11.50 0.44
CA CYS A 137 -6.54 -12.35 -0.67
C CYS A 137 -6.69 -13.83 -0.34
N ARG A 138 -6.14 -14.27 0.76
CA ARG A 138 -6.28 -15.67 1.11
C ARG A 138 -7.42 -15.91 2.07
N GLY A 139 -8.07 -14.85 2.50
CA GLY A 139 -9.17 -15.00 3.42
C GLY A 139 -8.75 -14.99 4.87
N GLN A 140 -7.53 -14.58 5.12
CA GLN A 140 -7.04 -14.44 6.49
C GLN A 140 -7.79 -13.27 7.15
N SER A 141 -7.93 -13.30 8.45
CA SER A 141 -8.63 -12.24 9.13
C SER A 141 -7.63 -11.15 9.54
N ILE A 142 -7.71 -10.03 8.86
CA ILE A 142 -6.84 -8.88 9.06
C ILE A 142 -7.73 -7.66 8.89
N SER A 143 -7.39 -6.56 9.49
CA SER A 143 -8.12 -5.35 9.33
C SER A 143 -7.18 -4.18 9.11
N VAL A 144 -7.11 -3.68 7.90
CA VAL A 144 -6.20 -2.58 7.62
C VAL A 144 -6.71 -1.31 8.29
N THR A 145 -5.94 -0.80 9.21
CA THR A 145 -6.36 0.36 9.96
C THR A 145 -5.91 1.60 9.27
N SER A 146 -4.78 1.50 8.61
CA SER A 146 -4.20 2.63 7.98
C SER A 146 -3.15 2.20 6.98
N ILE A 147 -2.79 3.12 6.14
CA ILE A 147 -1.81 2.92 5.09
C ILE A 147 -0.41 3.36 5.58
N ARG A 148 -0.29 3.56 6.87
CA ARG A 148 0.98 3.97 7.48
C ARG A 148 1.52 2.82 8.31
N PRO A 149 2.83 2.70 8.50
CA PRO A 149 3.41 1.65 9.33
C PRO A 149 3.12 1.87 10.82
N CYS A 150 3.14 0.84 11.62
CA CYS A 150 2.92 1.00 13.03
C CYS A 150 4.18 0.74 13.83
N ALA A 151 4.15 1.16 15.07
CA ALA A 151 5.20 0.90 16.02
C ALA A 151 4.92 -0.46 16.68
N ALA A 152 4.61 -1.44 15.84
CA ALA A 152 4.33 -2.80 16.26
C ALA A 152 5.57 -3.43 16.87
N GLU A 153 6.70 -2.90 16.49
CA GLU A 153 7.97 -3.34 16.95
C GLU A 153 8.33 -2.64 18.26
N THR A 154 7.61 -3.01 19.25
CA THR A 154 7.80 -2.55 20.59
C THR A 154 7.62 -3.76 21.47
N GLN A 155 8.63 -4.56 21.47
CA GLN A 155 8.61 -5.83 22.12
C GLN A 155 9.89 -6.03 22.89
N GLY A 1 14.71 -3.26 -2.48
CA GLY A 1 14.90 -4.69 -2.34
C GLY A 1 16.18 -4.99 -1.60
N SER A 2 16.84 -6.04 -1.99
CA SER A 2 18.08 -6.42 -1.38
C SER A 2 19.26 -5.86 -2.20
N HIS A 3 20.15 -5.17 -1.52
CA HIS A 3 21.32 -4.57 -2.15
C HIS A 3 22.52 -5.51 -2.06
N MET A 4 23.66 -5.10 -2.60
CA MET A 4 24.87 -5.94 -2.65
C MET A 4 25.36 -6.27 -1.26
N ASN A 5 25.37 -5.28 -0.41
CA ASN A 5 25.76 -5.39 0.97
C ASN A 5 25.40 -4.07 1.61
N PRO A 6 25.34 -4.00 2.95
CA PRO A 6 25.14 -2.72 3.62
C PRO A 6 26.33 -1.80 3.34
N LEU A 7 26.12 -0.83 2.51
CA LEU A 7 27.18 0.03 2.07
C LEU A 7 26.70 1.46 2.22
N THR A 8 27.51 2.31 2.79
CA THR A 8 27.18 3.69 2.91
C THR A 8 27.46 4.39 1.57
N GLN A 9 26.44 4.44 0.74
CA GLN A 9 26.53 5.09 -0.56
C GLN A 9 26.09 6.53 -0.43
N ALA A 10 25.47 6.80 0.70
CA ALA A 10 24.87 8.08 1.06
C ALA A 10 23.61 8.29 0.30
N VAL A 11 22.74 7.37 0.54
CA VAL A 11 21.47 7.37 0.01
C VAL A 11 20.46 7.68 1.11
N PRO A 12 19.83 8.85 1.06
CA PRO A 12 18.87 9.24 2.07
C PRO A 12 17.61 8.39 2.01
N LYS A 13 17.06 8.13 3.17
CA LYS A 13 15.87 7.34 3.30
C LYS A 13 14.65 8.17 2.96
N CYS A 14 13.80 7.65 2.15
CA CYS A 14 12.60 8.35 1.77
C CYS A 14 11.43 7.56 2.30
N GLN A 15 10.34 8.23 2.63
CA GLN A 15 9.16 7.52 3.04
C GLN A 15 8.53 6.89 1.80
N ARG A 16 7.51 6.11 1.96
CA ARG A 16 6.96 5.35 0.82
C ARG A 16 6.32 6.21 -0.27
N TRP A 17 5.86 7.36 0.11
CA TRP A 17 5.23 8.31 -0.80
C TRP A 17 6.26 9.30 -1.31
N GLU A 18 7.48 9.05 -0.92
CA GLU A 18 8.59 9.82 -1.30
C GLU A 18 9.51 8.92 -2.08
N LYS A 19 10.40 9.48 -2.84
CA LYS A 19 11.33 8.69 -3.59
C LYS A 19 12.62 9.43 -3.81
N LEU A 20 13.68 8.69 -3.99
CA LEU A 20 14.99 9.24 -4.14
C LEU A 20 15.28 9.58 -5.60
N GLN A 21 15.45 10.85 -5.87
CA GLN A 21 15.85 11.30 -7.18
C GLN A 21 16.69 12.52 -7.00
N ASN A 22 17.68 12.70 -7.85
CA ASN A 22 18.52 13.92 -7.88
C ASN A 22 19.26 14.06 -6.54
N SER A 23 19.49 12.90 -5.87
CA SER A 23 20.16 12.79 -4.59
C SER A 23 19.35 13.41 -3.43
N ARG A 24 18.05 13.54 -3.61
CA ARG A 24 17.18 14.10 -2.59
C ARG A 24 15.92 13.29 -2.43
N CYS A 25 15.22 13.55 -1.35
CA CYS A 25 13.98 12.88 -1.06
C CYS A 25 12.86 13.81 -1.49
N VAL A 26 12.10 13.37 -2.45
CA VAL A 26 10.99 14.15 -2.96
C VAL A 26 9.73 13.35 -2.83
N CYS A 27 8.60 13.95 -3.03
CA CYS A 27 7.36 13.21 -2.99
C CYS A 27 7.11 12.70 -4.39
N LYS A 28 6.68 11.46 -4.52
CA LYS A 28 6.42 10.93 -5.83
C LYS A 28 5.11 11.50 -6.37
N MET A 29 4.73 11.11 -7.54
CA MET A 29 3.56 11.71 -8.15
C MET A 29 2.38 10.74 -8.16
N PRO A 30 1.12 11.27 -8.04
CA PRO A 30 -0.11 10.43 -7.88
C PRO A 30 -0.41 9.55 -9.09
N TYR A 31 0.16 9.87 -10.21
CA TYR A 31 -0.08 9.14 -11.44
C TYR A 31 0.88 7.97 -11.57
N GLU A 32 1.80 7.90 -10.65
CA GLU A 32 2.78 6.84 -10.59
C GLU A 32 2.34 5.81 -9.55
N CYS A 33 1.17 6.05 -8.99
CA CYS A 33 0.66 5.23 -7.93
C CYS A 33 -0.19 4.08 -8.47
N GLY A 34 0.46 3.02 -8.86
CA GLY A 34 -0.24 1.86 -9.36
C GLY A 34 -0.35 0.78 -8.29
N PRO A 35 0.70 -0.04 -8.12
CA PRO A 35 0.74 -1.11 -7.10
C PRO A 35 0.55 -0.57 -5.69
N SER A 36 -0.61 -0.85 -5.11
CA SER A 36 -0.96 -0.42 -3.80
C SER A 36 -2.25 -1.09 -3.35
N LEU A 37 -2.46 -1.14 -2.05
CA LEU A 37 -3.68 -1.70 -1.49
C LEU A 37 -4.83 -0.73 -1.56
N ASP A 38 -5.96 -1.21 -1.99
CA ASP A 38 -7.16 -0.40 -2.07
C ASP A 38 -7.75 -0.20 -0.70
N VAL A 39 -8.15 1.04 -0.43
CA VAL A 39 -8.76 1.45 0.83
C VAL A 39 -9.84 2.52 0.60
N CYS A 40 -10.72 2.68 1.55
CA CYS A 40 -11.81 3.64 1.44
C CYS A 40 -11.43 4.91 2.17
N ALA A 41 -11.50 6.02 1.51
CA ALA A 41 -11.12 7.28 2.09
C ALA A 41 -12.20 8.30 1.87
N GLN A 42 -12.25 9.26 2.72
CA GLN A 42 -13.19 10.33 2.63
C GLN A 42 -12.48 11.58 2.17
N ASP A 43 -13.09 12.23 1.23
CA ASP A 43 -12.59 13.47 0.69
C ASP A 43 -13.02 14.60 1.60
N GLU A 44 -12.09 15.39 2.09
CA GLU A 44 -12.43 16.48 3.01
C GLU A 44 -13.10 17.67 2.33
N ARG A 45 -13.14 17.67 1.01
CA ARG A 45 -13.71 18.77 0.30
C ARG A 45 -15.20 18.52 0.03
N SER A 46 -15.53 17.33 -0.41
CA SER A 46 -16.91 16.97 -0.73
C SER A 46 -17.55 16.15 0.39
N LYS A 47 -16.71 15.60 1.28
CA LYS A 47 -17.11 14.73 2.37
C LYS A 47 -17.62 13.38 1.90
N ARG A 48 -17.31 13.01 0.67
CA ARG A 48 -17.76 11.74 0.14
C ARG A 48 -16.72 10.69 0.41
N ILE A 49 -17.14 9.46 0.38
CA ILE A 49 -16.23 8.34 0.51
C ILE A 49 -15.86 7.90 -0.89
N LEU A 50 -14.61 7.81 -1.16
CA LEU A 50 -14.14 7.34 -2.43
C LEU A 50 -13.06 6.29 -2.24
N PRO A 51 -13.01 5.35 -3.15
CA PRO A 51 -11.98 4.32 -3.17
C PRO A 51 -10.62 4.89 -3.65
N LEU A 52 -9.61 4.69 -2.85
CA LEU A 52 -8.25 5.08 -3.13
C LEU A 52 -7.34 3.92 -2.85
N THR A 53 -6.10 4.10 -3.05
CA THR A 53 -5.13 3.10 -2.72
C THR A 53 -4.12 3.70 -1.78
N VAL A 54 -3.36 2.86 -1.10
CA VAL A 54 -2.36 3.31 -0.14
C VAL A 54 -1.39 4.31 -0.75
N CYS A 55 -0.71 3.87 -1.79
CA CYS A 55 0.25 4.68 -2.50
C CYS A 55 -0.42 5.94 -3.02
N LYS A 56 -1.59 5.77 -3.64
CA LYS A 56 -2.29 6.86 -4.25
C LYS A 56 -2.69 7.89 -3.22
N MET A 57 -3.41 7.45 -2.17
CA MET A 57 -3.94 8.34 -1.12
C MET A 57 -2.81 8.97 -0.30
N HIS A 58 -1.67 8.30 -0.19
CA HIS A 58 -0.53 8.86 0.55
C HIS A 58 0.11 9.99 -0.21
N VAL A 59 0.36 9.76 -1.48
CA VAL A 59 0.94 10.77 -2.34
C VAL A 59 -0.04 11.92 -2.47
N LEU A 60 -1.27 11.56 -2.69
CA LEU A 60 -2.43 12.43 -2.68
C LEU A 60 -2.37 13.34 -1.42
N HIS A 61 -2.10 12.71 -0.29
CA HIS A 61 -2.06 13.33 1.00
C HIS A 61 -0.85 14.27 1.15
N CYS A 62 0.31 13.87 0.64
CA CYS A 62 1.53 14.67 0.79
C CYS A 62 1.61 15.78 -0.24
N GLN A 63 0.90 15.61 -1.36
CA GLN A 63 0.84 16.62 -2.41
C GLN A 63 0.07 17.86 -1.92
N GLY A 64 -0.74 17.65 -0.90
CA GLY A 64 -1.49 18.74 -0.34
C GLY A 64 -2.98 18.55 -0.49
N ARG A 65 -3.43 17.32 -0.39
CA ARG A 65 -4.85 17.03 -0.43
C ARG A 65 -5.24 16.36 0.87
N ASN A 66 -6.31 16.82 1.46
CA ASN A 66 -6.75 16.30 2.74
C ASN A 66 -7.80 15.26 2.57
N TYR A 67 -7.46 14.07 2.95
CA TYR A 67 -8.34 12.93 2.90
C TYR A 67 -8.23 12.19 4.19
N THR A 68 -9.34 11.74 4.63
CA THR A 68 -9.48 11.03 5.86
C THR A 68 -9.77 9.57 5.52
N LEU A 69 -9.42 8.65 6.38
CA LEU A 69 -9.80 7.29 6.12
C LEU A 69 -11.03 6.93 6.88
N THR A 70 -11.83 6.12 6.30
CA THR A 70 -13.06 5.71 6.89
C THR A 70 -13.08 4.20 7.02
N GLY A 71 -14.24 3.65 7.26
CA GLY A 71 -14.38 2.23 7.35
C GLY A 71 -14.28 1.58 6.00
N ARG A 72 -14.09 0.28 5.97
CA ARG A 72 -13.93 -0.44 4.72
C ARG A 72 -15.30 -0.61 4.05
N ASP A 73 -16.35 -0.47 4.83
CA ASP A 73 -17.73 -0.60 4.34
C ASP A 73 -18.26 0.74 3.89
N SER A 74 -17.43 1.76 3.88
CA SER A 74 -17.87 3.08 3.54
C SER A 74 -18.07 3.29 2.02
N CYS A 75 -17.40 2.50 1.19
CA CYS A 75 -17.61 2.59 -0.24
C CYS A 75 -17.33 1.25 -0.89
N THR A 76 -17.55 1.15 -2.18
CA THR A 76 -17.31 -0.06 -2.91
C THR A 76 -15.86 -0.11 -3.35
N LEU A 77 -15.12 -0.94 -2.71
CA LEU A 77 -13.72 -1.05 -2.94
C LEU A 77 -13.45 -2.14 -3.98
N PRO A 78 -12.52 -1.89 -4.93
CA PRO A 78 -12.17 -2.86 -5.94
C PRO A 78 -11.54 -4.13 -5.34
N ALA A 79 -10.43 -3.97 -4.64
CA ALA A 79 -9.79 -5.12 -4.02
C ALA A 79 -10.39 -5.43 -2.70
N SER A 80 -11.41 -6.20 -2.77
CA SER A 80 -12.11 -6.72 -1.65
C SER A 80 -12.70 -8.05 -2.07
N ALA A 81 -13.30 -8.06 -3.24
CA ALA A 81 -13.79 -9.26 -3.80
C ALA A 81 -12.94 -9.66 -4.96
N GLU A 82 -12.66 -10.93 -5.01
CA GLU A 82 -12.01 -11.63 -6.09
C GLU A 82 -10.66 -11.10 -6.55
N LYS A 83 -9.70 -11.96 -6.44
CA LYS A 83 -8.37 -11.60 -6.83
C LYS A 83 -8.20 -12.13 -8.22
N ALA A 84 -7.86 -11.28 -9.12
CA ALA A 84 -7.80 -11.65 -10.49
C ALA A 84 -6.65 -10.98 -11.18
N CYS A 85 -6.35 -11.46 -12.35
CA CYS A 85 -5.28 -10.94 -13.15
C CYS A 85 -5.68 -9.58 -13.69
N GLY A 86 -4.78 -8.65 -13.63
CA GLY A 86 -4.99 -7.33 -14.14
C GLY A 86 -4.63 -6.28 -13.13
N ALA A 87 -4.67 -6.65 -11.86
CA ALA A 87 -4.24 -5.76 -10.80
C ALA A 87 -3.94 -6.56 -9.53
N CYS A 88 -2.65 -6.80 -9.30
CA CYS A 88 -2.11 -7.45 -8.08
C CYS A 88 -0.60 -7.82 -8.21
N PRO A 89 0.27 -7.09 -9.02
CA PRO A 89 1.63 -7.58 -9.39
C PRO A 89 2.63 -7.62 -8.23
N LEU A 90 2.27 -7.03 -7.13
CA LEU A 90 3.18 -6.94 -6.01
C LEU A 90 2.98 -8.05 -4.99
N TRP A 91 1.80 -8.59 -4.91
CA TRP A 91 1.51 -9.66 -3.96
C TRP A 91 1.02 -10.90 -4.65
N GLY A 92 0.89 -10.78 -5.93
CA GLY A 92 0.37 -11.84 -6.70
C GLY A 92 1.10 -11.94 -7.99
N LYS A 93 1.20 -13.12 -8.49
CA LYS A 93 1.87 -13.35 -9.71
C LYS A 93 0.85 -13.88 -10.68
N CYS A 94 0.73 -13.23 -11.80
CA CYS A 94 -0.24 -13.64 -12.76
C CYS A 94 0.39 -14.43 -13.89
N ASP A 95 0.55 -15.70 -13.67
CA ASP A 95 1.08 -16.59 -14.68
C ASP A 95 0.60 -17.99 -14.41
N ALA A 96 -0.66 -18.16 -14.73
CA ALA A 96 -1.45 -19.37 -14.58
C ALA A 96 -2.89 -18.98 -14.90
N GLU A 97 -3.41 -19.47 -16.02
CA GLU A 97 -4.80 -19.24 -16.47
C GLU A 97 -5.07 -17.83 -17.04
N SER A 98 -4.40 -16.81 -16.49
CA SER A 98 -4.53 -15.38 -16.91
C SER A 98 -5.87 -14.75 -16.51
N SER A 99 -6.74 -15.53 -15.93
CA SER A 99 -7.98 -15.05 -15.41
C SER A 99 -7.78 -14.74 -13.93
N LYS A 100 -7.39 -15.76 -13.23
CA LYS A 100 -7.07 -15.71 -11.83
C LYS A 100 -5.65 -15.22 -11.65
N CYS A 101 -5.29 -15.01 -10.44
CA CYS A 101 -3.95 -14.71 -10.11
C CYS A 101 -3.51 -15.69 -9.05
N VAL A 102 -2.25 -15.93 -8.96
CA VAL A 102 -1.74 -16.81 -7.96
C VAL A 102 -1.15 -15.96 -6.87
N CYS A 103 -1.40 -16.32 -5.66
CA CYS A 103 -1.01 -15.52 -4.54
C CYS A 103 0.27 -16.02 -4.00
N ARG A 104 1.18 -15.13 -3.86
CA ARG A 104 2.48 -15.44 -3.40
C ARG A 104 2.68 -14.97 -1.99
N GLU A 105 3.85 -15.21 -1.46
CA GLU A 105 4.14 -14.89 -0.09
C GLU A 105 4.77 -13.51 0.01
N ALA A 106 5.20 -13.17 1.20
CA ALA A 106 5.80 -11.89 1.47
C ALA A 106 7.27 -11.87 1.01
N SER A 107 7.75 -13.02 0.61
CA SER A 107 9.10 -13.17 0.13
C SER A 107 9.28 -12.37 -1.16
N GLU A 108 8.27 -12.41 -1.99
CA GLU A 108 8.31 -11.71 -3.25
C GLU A 108 7.73 -10.31 -3.13
N CYS A 109 8.19 -9.61 -2.14
CA CYS A 109 7.82 -8.23 -1.96
C CYS A 109 8.79 -7.39 -2.82
N GLU A 110 8.66 -7.64 -4.11
CA GLU A 110 9.52 -7.10 -5.16
C GLU A 110 9.25 -5.64 -5.47
N GLU A 111 8.00 -5.24 -5.38
CA GLU A 111 7.63 -3.87 -5.66
C GLU A 111 7.92 -3.03 -4.40
N GLU A 112 7.83 -1.70 -4.51
CA GLU A 112 8.11 -0.83 -3.37
C GLU A 112 7.32 -1.23 -2.13
N GLY A 113 6.00 -1.15 -2.20
CA GLY A 113 5.17 -1.56 -1.10
C GLY A 113 5.24 -0.62 0.09
N PHE A 114 4.13 -0.09 0.45
CA PHE A 114 4.04 0.75 1.60
C PHE A 114 3.98 -0.05 2.87
N SER A 115 4.05 0.63 3.98
CA SER A 115 3.93 0.01 5.23
C SER A 115 2.62 0.49 5.86
N ILE A 116 1.67 -0.40 6.01
CA ILE A 116 0.37 -0.07 6.54
C ILE A 116 0.15 -0.79 7.85
N CYS A 117 -0.83 -0.38 8.58
CA CYS A 117 -1.16 -1.01 9.82
C CYS A 117 -2.37 -1.86 9.63
N VAL A 118 -2.23 -3.11 9.94
CA VAL A 118 -3.28 -4.02 9.74
C VAL A 118 -3.52 -4.86 11.00
N GLU A 119 -4.76 -4.89 11.41
CA GLU A 119 -5.19 -5.67 12.54
C GLU A 119 -5.38 -7.08 12.07
N VAL A 120 -4.57 -7.93 12.54
CA VAL A 120 -4.61 -9.31 12.21
C VAL A 120 -4.47 -10.04 13.51
N ASN A 121 -5.36 -11.01 13.75
CA ASN A 121 -5.36 -11.81 15.00
C ASN A 121 -5.80 -10.96 16.18
N GLY A 122 -6.36 -9.81 15.89
CA GLY A 122 -6.77 -8.88 16.91
C GLY A 122 -5.63 -8.01 17.35
N LYS A 123 -4.54 -8.06 16.60
CA LYS A 123 -3.36 -7.26 16.88
C LYS A 123 -3.01 -6.44 15.68
N GLU A 124 -2.52 -5.27 15.88
CA GLU A 124 -2.18 -4.42 14.78
C GLU A 124 -0.71 -4.49 14.47
N GLN A 125 -0.40 -5.10 13.36
CA GLN A 125 0.97 -5.20 12.91
C GLN A 125 1.16 -4.38 11.65
N THR A 126 2.30 -3.74 11.55
CA THR A 126 2.64 -3.03 10.36
C THR A 126 3.07 -4.05 9.32
N MET A 127 2.56 -3.97 8.14
CA MET A 127 2.98 -4.87 7.09
C MET A 127 3.31 -4.10 5.89
N SER A 128 4.07 -4.70 5.07
CA SER A 128 4.37 -4.16 3.81
C SER A 128 3.19 -4.49 2.88
N GLU A 129 2.91 -3.62 1.92
CA GLU A 129 1.82 -3.80 0.96
C GLU A 129 1.78 -5.15 0.31
N CYS A 130 2.92 -5.65 -0.09
CA CYS A 130 2.99 -6.95 -0.74
C CYS A 130 2.65 -8.07 0.25
N GLU A 131 2.81 -7.81 1.55
CA GLU A 131 2.56 -8.81 2.58
C GLU A 131 1.09 -8.80 2.95
N ALA A 132 0.61 -7.65 3.41
CA ALA A 132 -0.79 -7.47 3.79
C ALA A 132 -1.70 -7.81 2.60
N GLY A 133 -1.20 -7.47 1.41
CA GLY A 133 -1.91 -7.74 0.19
C GLY A 133 -1.87 -9.18 -0.19
N ALA A 134 -0.73 -9.85 0.03
CA ALA A 134 -0.62 -11.28 -0.26
C ALA A 134 -1.57 -12.03 0.61
N LEU A 135 -1.69 -11.56 1.82
CA LEU A 135 -2.60 -12.09 2.77
C LEU A 135 -4.06 -11.87 2.30
N ARG A 136 -4.39 -10.66 1.82
CA ARG A 136 -5.73 -10.41 1.24
C ARG A 136 -5.96 -11.30 0.02
N CYS A 137 -4.91 -11.54 -0.72
CA CYS A 137 -4.99 -12.32 -1.93
C CYS A 137 -5.26 -13.80 -1.61
N ARG A 138 -4.58 -14.34 -0.59
CA ARG A 138 -4.74 -15.76 -0.23
C ARG A 138 -6.04 -16.05 0.50
N GLY A 139 -6.66 -15.03 1.06
CA GLY A 139 -7.87 -15.24 1.80
C GLY A 139 -7.62 -15.28 3.29
N GLN A 140 -6.48 -14.74 3.67
CA GLN A 140 -6.08 -14.60 5.07
C GLN A 140 -7.00 -13.56 5.72
N SER A 141 -7.24 -13.67 6.98
CA SER A 141 -8.04 -12.70 7.66
C SER A 141 -7.13 -11.60 8.23
N ILE A 142 -7.21 -10.43 7.63
CA ILE A 142 -6.44 -9.25 7.98
C ILE A 142 -7.37 -8.03 7.87
N SER A 143 -7.27 -7.13 8.78
CA SER A 143 -8.11 -5.97 8.78
C SER A 143 -7.27 -4.68 8.80
N VAL A 144 -7.08 -4.08 7.64
CA VAL A 144 -6.30 -2.85 7.56
C VAL A 144 -7.01 -1.72 8.30
N THR A 145 -6.39 -1.24 9.37
CA THR A 145 -6.97 -0.20 10.17
C THR A 145 -6.63 1.16 9.60
N SER A 146 -5.42 1.31 9.11
CA SER A 146 -5.00 2.54 8.52
C SER A 146 -3.87 2.27 7.56
N ILE A 147 -3.64 3.20 6.67
CA ILE A 147 -2.64 3.07 5.66
C ILE A 147 -1.32 3.67 6.08
N ARG A 148 -1.26 4.10 7.29
CA ARG A 148 -0.06 4.58 7.88
C ARG A 148 0.48 3.55 8.84
N PRO A 149 1.80 3.41 8.94
CA PRO A 149 2.43 2.38 9.76
C PRO A 149 2.10 2.48 11.24
N CYS A 150 2.18 1.35 11.90
CA CYS A 150 1.95 1.25 13.31
C CYS A 150 3.32 1.31 14.00
N ALA A 151 3.34 1.38 15.30
CA ALA A 151 4.58 1.35 16.05
C ALA A 151 4.89 -0.10 16.43
N ALA A 152 4.42 -1.01 15.59
CA ALA A 152 4.60 -2.45 15.76
C ALA A 152 5.91 -2.89 15.13
N GLU A 153 6.85 -1.96 15.08
CA GLU A 153 8.14 -2.17 14.51
C GLU A 153 8.96 -2.85 15.55
N THR A 154 9.10 -4.09 15.40
CA THR A 154 9.81 -4.90 16.35
C THR A 154 10.59 -5.99 15.63
N GLN A 155 10.78 -5.78 14.37
CA GLN A 155 11.55 -6.65 13.56
C GLN A 155 12.56 -5.82 12.80
N GLY A 1 15.01 11.33 16.18
CA GLY A 1 14.19 12.38 15.57
C GLY A 1 14.88 12.94 14.37
N SER A 2 14.16 13.69 13.57
CA SER A 2 14.72 14.27 12.39
C SER A 2 15.42 15.59 12.72
N HIS A 3 16.71 15.52 12.98
CA HIS A 3 17.49 16.73 13.20
C HIS A 3 17.69 17.38 11.84
N MET A 4 17.11 18.54 11.66
CA MET A 4 17.08 19.18 10.34
C MET A 4 18.21 20.17 10.13
N ASN A 5 18.99 20.43 11.16
CA ASN A 5 20.12 21.33 10.99
C ASN A 5 21.22 20.57 10.29
N PRO A 6 21.73 21.13 9.16
CA PRO A 6 22.72 20.48 8.27
C PRO A 6 23.78 19.59 8.92
N LEU A 7 23.66 18.30 8.67
CA LEU A 7 24.67 17.35 9.11
C LEU A 7 25.56 17.07 7.92
N THR A 8 26.72 16.56 8.16
CA THR A 8 27.59 16.13 7.10
C THR A 8 27.14 14.76 6.65
N GLN A 9 27.24 13.83 7.56
CA GLN A 9 26.76 12.52 7.36
C GLN A 9 25.28 12.44 7.67
N ALA A 10 24.49 12.65 6.66
CA ALA A 10 23.07 12.60 6.79
C ALA A 10 22.55 11.49 5.92
N VAL A 11 21.92 10.54 6.54
CA VAL A 11 21.32 9.44 5.83
C VAL A 11 19.89 9.81 5.47
N PRO A 12 19.58 10.06 4.19
CA PRO A 12 18.25 10.43 3.78
C PRO A 12 17.36 9.22 3.73
N LYS A 13 16.32 9.28 4.47
CA LYS A 13 15.41 8.21 4.59
C LYS A 13 14.09 8.63 4.03
N CYS A 14 13.72 8.01 2.98
CA CYS A 14 12.50 8.39 2.32
C CYS A 14 11.48 7.32 2.59
N GLN A 15 10.30 7.74 2.93
CA GLN A 15 9.22 6.82 3.17
C GLN A 15 8.71 6.34 1.83
N ARG A 16 7.77 5.45 1.83
CA ARG A 16 7.26 4.83 0.61
C ARG A 16 6.63 5.82 -0.38
N TRP A 17 6.22 6.95 0.13
CA TRP A 17 5.60 7.98 -0.69
C TRP A 17 6.59 9.11 -0.99
N GLU A 18 7.84 8.89 -0.61
CA GLU A 18 8.87 9.88 -0.77
C GLU A 18 10.03 9.36 -1.59
N LYS A 19 10.70 10.27 -2.25
CA LYS A 19 11.85 9.97 -3.07
C LYS A 19 12.93 11.02 -2.84
N LEU A 20 14.15 10.68 -3.13
CA LEU A 20 15.29 11.53 -2.86
C LEU A 20 15.67 12.39 -4.06
N GLN A 21 15.56 13.69 -3.90
CA GLN A 21 16.01 14.63 -4.91
C GLN A 21 16.54 15.82 -4.17
N ASN A 22 17.57 16.46 -4.71
CA ASN A 22 18.16 17.69 -4.13
C ASN A 22 18.67 17.42 -2.71
N SER A 23 19.03 16.15 -2.46
CA SER A 23 19.51 15.68 -1.16
C SER A 23 18.44 15.78 -0.05
N ARG A 24 17.18 15.86 -0.47
CA ARG A 24 16.07 15.90 0.46
C ARG A 24 15.03 14.88 0.05
N CYS A 25 14.13 14.61 0.93
CA CYS A 25 13.08 13.65 0.68
C CYS A 25 11.82 14.41 0.30
N VAL A 26 11.36 14.20 -0.90
CA VAL A 26 10.17 14.86 -1.39
C VAL A 26 9.12 13.83 -1.68
N CYS A 27 7.91 14.24 -1.77
CA CYS A 27 6.84 13.31 -2.03
C CYS A 27 6.64 13.16 -3.53
N LYS A 28 6.23 11.98 -3.94
CA LYS A 28 5.94 11.64 -5.33
C LYS A 28 4.67 12.39 -5.80
N MET A 29 4.28 12.21 -7.03
CA MET A 29 3.02 12.76 -7.49
C MET A 29 1.97 11.64 -7.59
N PRO A 30 0.69 11.93 -7.24
CA PRO A 30 -0.40 10.92 -7.15
C PRO A 30 -0.61 10.03 -8.40
N TYR A 31 -0.16 10.49 -9.55
CA TYR A 31 -0.34 9.73 -10.78
C TYR A 31 0.77 8.70 -10.94
N GLU A 32 1.75 8.80 -10.07
CA GLU A 32 2.91 7.91 -10.04
C GLU A 32 2.69 6.84 -8.98
N CYS A 33 1.45 6.56 -8.72
CA CYS A 33 1.08 5.64 -7.69
C CYS A 33 0.19 4.56 -8.26
N GLY A 34 0.67 3.33 -8.28
CA GLY A 34 -0.09 2.25 -8.84
C GLY A 34 -0.32 1.11 -7.84
N PRO A 35 0.50 0.04 -7.91
CA PRO A 35 0.35 -1.16 -7.07
C PRO A 35 0.45 -0.90 -5.55
N SER A 36 -0.71 -0.93 -4.91
CA SER A 36 -0.91 -0.73 -3.52
C SER A 36 -2.27 -1.28 -3.14
N LEU A 37 -2.56 -1.28 -1.86
CA LEU A 37 -3.83 -1.70 -1.34
C LEU A 37 -4.88 -0.66 -1.68
N ASP A 38 -5.94 -1.06 -2.33
CA ASP A 38 -7.00 -0.13 -2.62
C ASP A 38 -7.78 0.14 -1.37
N VAL A 39 -7.92 1.39 -1.07
CA VAL A 39 -8.60 1.84 0.12
C VAL A 39 -9.54 2.94 -0.27
N CYS A 40 -10.53 3.21 0.50
CA CYS A 40 -11.41 4.24 0.11
C CYS A 40 -11.27 5.42 1.01
N ALA A 41 -11.44 6.58 0.45
CA ALA A 41 -11.26 7.77 1.16
C ALA A 41 -12.35 8.74 0.86
N GLN A 42 -12.59 9.58 1.79
CA GLN A 42 -13.53 10.60 1.65
C GLN A 42 -12.80 11.87 1.30
N ASP A 43 -13.17 12.44 0.20
CA ASP A 43 -12.62 13.68 -0.27
C ASP A 43 -13.09 14.78 0.67
N GLU A 44 -12.17 15.50 1.27
CA GLU A 44 -12.54 16.51 2.25
C GLU A 44 -13.14 17.78 1.64
N ARG A 45 -13.09 17.91 0.33
CA ARG A 45 -13.67 19.06 -0.31
C ARG A 45 -15.10 18.72 -0.74
N SER A 46 -15.23 17.67 -1.49
CA SER A 46 -16.50 17.25 -2.07
C SER A 46 -17.32 16.38 -1.10
N LYS A 47 -16.66 15.83 -0.08
CA LYS A 47 -17.26 14.95 0.93
C LYS A 47 -17.69 13.59 0.41
N ARG A 48 -17.27 13.26 -0.78
CA ARG A 48 -17.66 12.01 -1.38
C ARG A 48 -16.68 10.91 -1.02
N ILE A 49 -17.18 9.72 -1.03
CA ILE A 49 -16.40 8.55 -0.76
C ILE A 49 -15.87 8.05 -2.12
N LEU A 50 -14.60 8.27 -2.39
CA LEU A 50 -14.06 7.93 -3.68
C LEU A 50 -12.93 6.90 -3.58
N PRO A 51 -12.81 6.04 -4.58
CA PRO A 51 -11.81 4.99 -4.61
C PRO A 51 -10.37 5.51 -4.82
N LEU A 52 -9.50 5.19 -3.87
CA LEU A 52 -8.10 5.54 -3.93
C LEU A 52 -7.27 4.31 -3.63
N THR A 53 -5.99 4.47 -3.55
CA THR A 53 -5.12 3.38 -3.29
C THR A 53 -4.05 3.92 -2.32
N VAL A 54 -3.51 3.07 -1.44
CA VAL A 54 -2.52 3.46 -0.39
C VAL A 54 -1.46 4.43 -0.90
N CYS A 55 -0.70 4.02 -1.91
CA CYS A 55 0.35 4.87 -2.47
C CYS A 55 -0.20 6.22 -2.91
N LYS A 56 -1.33 6.19 -3.60
CA LYS A 56 -1.93 7.39 -4.18
C LYS A 56 -2.40 8.32 -3.09
N MET A 57 -3.19 7.78 -2.17
CA MET A 57 -3.71 8.50 -1.01
C MET A 57 -2.58 9.11 -0.20
N HIS A 58 -1.53 8.31 0.08
CA HIS A 58 -0.40 8.80 0.87
C HIS A 58 0.28 9.96 0.21
N VAL A 59 0.66 9.75 -1.02
CA VAL A 59 1.33 10.75 -1.81
C VAL A 59 0.50 12.03 -1.90
N LEU A 60 -0.71 11.88 -2.32
CA LEU A 60 -1.64 12.97 -2.47
C LEU A 60 -1.91 13.69 -1.13
N HIS A 61 -1.90 12.93 -0.04
CA HIS A 61 -2.11 13.44 1.31
C HIS A 61 -0.93 14.33 1.69
N CYS A 62 0.26 13.87 1.33
CA CYS A 62 1.48 14.56 1.67
C CYS A 62 1.76 15.74 0.75
N GLN A 63 1.24 15.69 -0.47
CA GLN A 63 1.33 16.81 -1.39
C GLN A 63 0.38 17.96 -1.00
N GLY A 64 -0.57 17.68 -0.13
CA GLY A 64 -1.43 18.73 0.34
C GLY A 64 -2.87 18.59 -0.10
N ARG A 65 -3.33 17.38 -0.28
CA ARG A 65 -4.74 17.16 -0.57
C ARG A 65 -5.31 16.46 0.64
N ASN A 66 -6.45 16.89 1.12
CA ASN A 66 -6.98 16.33 2.35
C ASN A 66 -8.02 15.27 2.09
N TYR A 67 -7.81 14.15 2.74
CA TYR A 67 -8.68 13.01 2.63
C TYR A 67 -8.78 12.31 3.95
N THR A 68 -9.93 11.81 4.21
CA THR A 68 -10.22 11.05 5.39
C THR A 68 -10.45 9.63 4.92
N LEU A 69 -10.06 8.63 5.68
CA LEU A 69 -10.33 7.29 5.23
C LEU A 69 -11.61 6.76 5.79
N THR A 70 -12.28 5.97 5.00
CA THR A 70 -13.54 5.42 5.40
C THR A 70 -13.50 3.90 5.33
N GLY A 71 -13.63 3.37 4.16
CA GLY A 71 -13.57 1.95 3.98
C GLY A 71 -14.20 1.51 2.69
N ARG A 72 -14.07 0.23 2.39
CA ARG A 72 -14.54 -0.33 1.10
C ARG A 72 -16.07 -0.46 1.05
N ASP A 73 -16.69 -0.35 2.21
CA ASP A 73 -18.13 -0.52 2.30
C ASP A 73 -18.86 0.70 1.76
N SER A 74 -18.25 1.83 1.91
CA SER A 74 -18.85 3.10 1.56
C SER A 74 -18.69 3.41 0.05
N CYS A 75 -17.82 2.70 -0.61
CA CYS A 75 -17.55 2.95 -2.01
C CYS A 75 -17.77 1.73 -2.86
N THR A 76 -17.48 1.90 -4.13
CA THR A 76 -17.36 0.81 -5.02
C THR A 76 -15.90 0.72 -5.38
N LEU A 77 -15.20 -0.08 -4.65
CA LEU A 77 -13.80 -0.20 -4.79
C LEU A 77 -13.52 -1.38 -5.68
N PRO A 78 -12.58 -1.24 -6.63
CA PRO A 78 -12.25 -2.31 -7.56
C PRO A 78 -11.75 -3.55 -6.81
N ALA A 79 -10.65 -3.40 -6.10
CA ALA A 79 -10.14 -4.50 -5.34
C ALA A 79 -10.76 -4.55 -3.99
N SER A 80 -11.92 -5.12 -4.01
CA SER A 80 -12.78 -5.39 -2.88
C SER A 80 -14.06 -6.07 -3.37
N ALA A 81 -14.47 -5.75 -4.61
CA ALA A 81 -15.71 -6.28 -5.14
C ALA A 81 -15.52 -7.08 -6.43
N GLU A 82 -16.17 -8.23 -6.47
CA GLU A 82 -16.30 -9.15 -7.61
C GLU A 82 -15.00 -9.65 -8.21
N LYS A 83 -13.95 -9.59 -7.45
CA LYS A 83 -12.67 -10.05 -7.88
C LYS A 83 -12.36 -11.37 -7.17
N ALA A 84 -11.24 -11.98 -7.49
CA ALA A 84 -10.79 -13.20 -6.84
C ALA A 84 -10.51 -12.88 -5.38
N CYS A 85 -11.18 -13.60 -4.47
CA CYS A 85 -11.22 -13.35 -3.00
C CYS A 85 -11.70 -11.93 -2.66
N GLY A 86 -12.17 -11.25 -3.68
CA GLY A 86 -12.63 -9.91 -3.61
C GLY A 86 -11.55 -8.91 -3.97
N ALA A 87 -10.30 -9.28 -3.80
CA ALA A 87 -9.20 -8.36 -4.05
C ALA A 87 -7.90 -9.10 -4.28
N CYS A 88 -7.48 -9.22 -5.53
CA CYS A 88 -6.23 -9.89 -5.81
C CYS A 88 -5.54 -9.33 -7.06
N PRO A 89 -4.85 -8.17 -6.95
CA PRO A 89 -4.07 -7.61 -8.04
C PRO A 89 -2.55 -7.94 -7.94
N LEU A 90 -1.82 -7.26 -7.04
CA LEU A 90 -0.36 -7.43 -6.95
C LEU A 90 0.10 -8.47 -5.93
N TRP A 91 -0.78 -8.93 -5.09
CA TRP A 91 -0.40 -9.92 -4.08
C TRP A 91 -0.86 -11.29 -4.48
N GLY A 92 -1.25 -11.41 -5.70
CA GLY A 92 -1.74 -12.65 -6.17
C GLY A 92 -1.69 -12.75 -7.65
N LYS A 93 -2.10 -13.86 -8.13
CA LYS A 93 -2.16 -14.15 -9.53
C LYS A 93 -3.48 -14.81 -9.77
N CYS A 94 -4.21 -14.35 -10.71
CA CYS A 94 -5.49 -14.91 -10.97
C CYS A 94 -5.49 -15.65 -12.29
N ASP A 95 -6.18 -16.76 -12.33
CA ASP A 95 -6.32 -17.50 -13.57
C ASP A 95 -7.57 -17.03 -14.28
N ALA A 96 -7.83 -17.55 -15.45
CA ALA A 96 -8.97 -17.13 -16.21
C ALA A 96 -10.11 -18.13 -16.15
N GLU A 97 -9.76 -19.41 -16.11
CA GLU A 97 -10.74 -20.48 -16.18
C GLU A 97 -11.64 -20.54 -14.95
N SER A 98 -11.08 -20.34 -13.78
CA SER A 98 -11.84 -20.33 -12.57
C SER A 98 -11.97 -18.89 -12.11
N SER A 99 -10.96 -18.07 -12.49
CA SER A 99 -10.88 -16.65 -12.19
C SER A 99 -10.64 -16.45 -10.70
N LYS A 100 -9.99 -17.43 -10.09
CA LYS A 100 -9.71 -17.41 -8.68
C LYS A 100 -8.34 -16.80 -8.42
N CYS A 101 -8.05 -16.61 -7.17
CA CYS A 101 -6.81 -16.03 -6.75
C CYS A 101 -5.85 -17.07 -6.25
N VAL A 102 -4.65 -16.99 -6.72
CA VAL A 102 -3.54 -17.71 -6.20
C VAL A 102 -2.70 -16.64 -5.56
N CYS A 103 -2.09 -16.91 -4.47
CA CYS A 103 -1.38 -15.86 -3.77
C CYS A 103 0.09 -15.89 -4.08
N ARG A 104 0.67 -14.72 -4.19
CA ARG A 104 2.07 -14.60 -4.45
C ARG A 104 2.81 -14.65 -3.15
N GLU A 105 4.09 -14.86 -3.22
CA GLU A 105 4.89 -14.90 -2.04
C GLU A 105 5.23 -13.49 -1.61
N ALA A 106 5.39 -13.33 -0.33
CA ALA A 106 5.70 -12.05 0.27
C ALA A 106 7.14 -11.63 0.00
N SER A 107 7.89 -12.55 -0.56
CA SER A 107 9.26 -12.31 -0.91
C SER A 107 9.38 -12.15 -2.45
N GLU A 108 8.26 -12.28 -3.16
CA GLU A 108 8.27 -12.19 -4.61
C GLU A 108 7.96 -10.76 -5.04
N CYS A 109 7.70 -9.94 -4.05
CA CYS A 109 7.33 -8.56 -4.25
C CYS A 109 8.44 -7.76 -4.94
N GLU A 110 8.08 -7.11 -6.01
CA GLU A 110 9.00 -6.30 -6.78
C GLU A 110 8.34 -5.05 -7.36
N GLU A 111 7.18 -4.75 -6.85
CA GLU A 111 6.44 -3.58 -7.23
C GLU A 111 6.68 -2.49 -6.19
N GLU A 112 5.87 -1.44 -6.19
CA GLU A 112 6.02 -0.35 -5.25
C GLU A 112 5.88 -0.86 -3.80
N GLY A 113 4.66 -1.18 -3.38
CA GLY A 113 4.44 -1.81 -2.09
C GLY A 113 4.82 -0.98 -0.87
N PHE A 114 3.83 -0.55 -0.16
CA PHE A 114 4.02 0.20 1.06
C PHE A 114 4.18 -0.70 2.28
N SER A 115 4.26 -0.09 3.42
CA SER A 115 4.31 -0.76 4.67
C SER A 115 3.12 -0.25 5.47
N ILE A 116 2.25 -1.13 5.88
CA ILE A 116 1.04 -0.72 6.58
C ILE A 116 0.93 -1.45 7.90
N CYS A 117 0.06 -0.99 8.74
CA CYS A 117 -0.19 -1.58 10.04
C CYS A 117 -1.39 -2.47 9.94
N VAL A 118 -1.22 -3.69 10.31
CA VAL A 118 -2.32 -4.60 10.28
C VAL A 118 -2.43 -5.32 11.62
N GLU A 119 -3.65 -5.46 12.09
CA GLU A 119 -3.90 -6.13 13.33
C GLU A 119 -3.92 -7.62 13.07
N VAL A 120 -3.01 -8.28 13.72
CA VAL A 120 -2.80 -9.69 13.59
C VAL A 120 -2.58 -10.25 14.98
N ASN A 121 -3.22 -11.37 15.29
CA ASN A 121 -3.08 -12.02 16.61
C ASN A 121 -3.71 -11.22 17.74
N GLY A 122 -4.29 -10.09 17.41
CA GLY A 122 -4.89 -9.23 18.41
C GLY A 122 -4.04 -8.00 18.66
N LYS A 123 -2.88 -7.96 18.05
CA LYS A 123 -1.96 -6.85 18.20
C LYS A 123 -1.64 -6.31 16.82
N GLU A 124 -0.87 -5.27 16.73
CA GLU A 124 -0.62 -4.67 15.43
C GLU A 124 0.81 -4.87 15.01
N GLN A 125 1.00 -5.17 13.75
CA GLN A 125 2.32 -5.33 13.20
C GLN A 125 2.37 -4.70 11.81
N THR A 126 3.51 -4.16 11.46
CA THR A 126 3.69 -3.57 10.16
C THR A 126 4.15 -4.64 9.18
N MET A 127 3.47 -4.72 8.05
CA MET A 127 3.85 -5.67 7.03
C MET A 127 3.95 -4.92 5.75
N SER A 128 4.51 -5.54 4.76
CA SER A 128 4.55 -4.97 3.46
C SER A 128 3.13 -5.08 2.88
N GLU A 129 2.80 -4.17 2.03
CA GLU A 129 1.50 -4.10 1.39
C GLU A 129 1.17 -5.38 0.66
N CYS A 130 2.12 -5.83 -0.12
CA CYS A 130 2.02 -7.05 -0.89
C CYS A 130 1.99 -8.26 0.04
N GLU A 131 2.54 -8.10 1.23
CA GLU A 131 2.64 -9.16 2.22
C GLU A 131 1.31 -9.32 2.94
N ALA A 132 0.85 -8.24 3.58
CA ALA A 132 -0.43 -8.23 4.26
C ALA A 132 -1.54 -8.67 3.30
N GLY A 133 -1.45 -8.18 2.07
CA GLY A 133 -2.39 -8.53 1.04
C GLY A 133 -2.29 -9.99 0.65
N ALA A 134 -1.06 -10.51 0.54
CA ALA A 134 -0.84 -11.90 0.17
C ALA A 134 -1.49 -12.81 1.18
N LEU A 135 -1.35 -12.47 2.45
CA LEU A 135 -2.00 -13.21 3.49
C LEU A 135 -3.54 -13.15 3.38
N ARG A 136 -4.08 -12.00 2.98
CA ARG A 136 -5.53 -11.87 2.78
C ARG A 136 -6.00 -12.85 1.70
N CYS A 137 -5.17 -13.06 0.71
CA CYS A 137 -5.48 -13.91 -0.41
C CYS A 137 -5.24 -15.37 -0.02
N ARG A 138 -4.34 -15.55 0.92
CA ARG A 138 -3.93 -16.84 1.39
C ARG A 138 -5.00 -17.46 2.27
N GLY A 139 -5.82 -16.61 2.84
CA GLY A 139 -6.87 -17.07 3.73
C GLY A 139 -6.54 -16.77 5.17
N GLN A 140 -5.64 -15.84 5.38
CA GLN A 140 -5.24 -15.44 6.70
C GLN A 140 -6.23 -14.41 7.21
N SER A 141 -6.46 -14.39 8.50
CA SER A 141 -7.27 -13.37 9.06
C SER A 141 -6.42 -12.28 9.66
N ILE A 142 -6.43 -11.15 8.99
CA ILE A 142 -5.66 -9.99 9.35
C ILE A 142 -6.53 -8.78 9.12
N SER A 143 -6.42 -7.82 9.96
CA SER A 143 -7.24 -6.66 9.86
C SER A 143 -6.42 -5.39 9.67
N VAL A 144 -6.40 -4.87 8.46
CA VAL A 144 -5.64 -3.65 8.18
C VAL A 144 -6.24 -2.46 8.96
N THR A 145 -5.46 -1.93 9.88
CA THR A 145 -5.93 -0.88 10.75
C THR A 145 -5.60 0.49 10.22
N SER A 146 -4.56 0.59 9.42
CA SER A 146 -4.18 1.82 8.81
C SER A 146 -3.24 1.58 7.66
N ILE A 147 -3.19 2.57 6.80
CA ILE A 147 -2.31 2.57 5.66
C ILE A 147 -0.93 3.09 6.11
N ARG A 148 -0.88 3.51 7.36
CA ARG A 148 0.33 3.93 8.02
C ARG A 148 1.00 2.75 8.65
N PRO A 149 2.32 2.66 8.54
CA PRO A 149 3.07 1.64 9.25
C PRO A 149 3.04 1.97 10.74
N CYS A 150 3.10 0.99 11.57
CA CYS A 150 3.10 1.26 12.97
C CYS A 150 4.52 1.24 13.50
N ALA A 151 4.69 1.47 14.78
CA ALA A 151 6.01 1.41 15.42
C ALA A 151 6.46 -0.03 15.55
N ALA A 152 5.60 -0.94 15.12
CA ALA A 152 5.85 -2.34 15.16
C ALA A 152 6.51 -2.80 13.86
N GLU A 153 7.36 -1.93 13.27
CA GLU A 153 8.18 -2.35 12.15
C GLU A 153 9.26 -3.26 12.69
N THR A 154 9.62 -2.97 13.89
CA THR A 154 10.49 -3.79 14.65
C THR A 154 9.62 -4.87 15.28
N GLN A 155 9.92 -6.10 15.02
CA GLN A 155 9.12 -7.16 15.52
C GLN A 155 9.77 -7.76 16.75
#